data_6Z46
#
_entry.id   6Z46
#
_cell.length_a   108.287
_cell.length_b   193.654
_cell.length_c   323.671
_cell.angle_alpha   90.000
_cell.angle_beta   90.000
_cell.angle_gamma   90.000
#
_symmetry.space_group_name_H-M   'P 21 21 21'
#
loop_
_entity.id
_entity.type
_entity.pdbx_description
1 polymer 'Proteasome subunit alpha'
2 polymer 'Proteasome subunit beta'
#
loop_
_entity_poly.entity_id
_entity_poly.type
_entity_poly.pdbx_seq_one_letter_code
_entity_poly.pdbx_strand_id
1 'polypeptide(L)'
;MALGPAAMGYDRAITIFSPDGSLYQVDYAFEAVKRGWTTLGVKTKSGVVLLAEKRKATQLLDVDGIEKIFMLDDHVGCTF
AGLASDGRILIDYARSQALQHRLIYDEPISIEYLTKVISDVKQAYTQHGGVRPFGVALIVGGIDKGKQPKLLMTEPSGQF
MPYYAVAIGQGGYTATEYLEKNYKEDLDIQSTILLALRALMATLKPGEKLNYSSVEIGYADVDSGTFKKLTTEERSDLLQ
KI
;
A,B,C,D,E,F,G,O,P,Q,R,S,T,U
2 'polypeptide(L)'
;MTAIGIKTKDGVVLAAERRLSYGDFVLSKSARKVFKLGRFGIAGAGIVGDIQTLTRIMNVEIKYYEMYNSRKISARAAAK
LLSVILYQNKVLPYISELLFGGVDEDGPKLFILDPIGSLIEDSYAAVGSGARVAIGVLEAEYNESLTSEAAKELAIKSMK
SAVERDVMSGDGIDILIINKNNIYEDFIKILEHHHHHH
;
H,I,J,K,L,M,N,V,W,X,Y,Z,a,b
#
# COMPACT_ATOMS: atom_id res chain seq x y z
N ALA A 6 41.35 37.64 61.60
CA ALA A 6 40.36 36.85 60.88
C ALA A 6 39.02 36.84 61.61
N ALA A 7 37.96 37.16 60.89
CA ALA A 7 36.65 37.45 61.48
C ALA A 7 35.75 36.24 61.27
N MET A 8 35.20 35.71 62.36
CA MET A 8 34.60 34.38 62.37
C MET A 8 33.12 34.42 62.72
N GLY A 9 32.45 35.51 62.35
CA GLY A 9 31.00 35.52 62.35
C GLY A 9 30.36 34.95 61.10
N TYR A 10 31.17 34.69 60.09
CA TYR A 10 30.71 34.26 58.76
C TYR A 10 30.76 32.74 58.60
N ASP A 11 30.18 32.00 59.54
CA ASP A 11 30.15 30.55 59.47
C ASP A 11 28.78 30.02 59.07
N ARG A 12 27.88 30.90 58.64
CA ARG A 12 26.55 30.49 58.24
C ARG A 12 26.55 29.82 56.88
N ALA A 13 25.77 28.76 56.74
CA ALA A 13 25.65 27.95 55.52
C ALA A 13 27.06 27.58 55.06
N ILE A 14 27.43 27.80 53.80
CA ILE A 14 28.76 27.46 53.29
C ILE A 14 29.08 28.41 52.14
N THR A 15 28.04 28.92 51.47
CA THR A 15 28.19 29.82 50.33
C THR A 15 28.32 31.27 50.81
N ILE A 16 29.44 31.55 51.48
CA ILE A 16 29.68 32.88 52.02
C ILE A 16 31.16 33.08 52.36
N PHE A 17 31.77 34.09 51.74
CA PHE A 17 33.18 34.38 51.97
C PHE A 17 33.36 35.16 53.26
N SER A 18 34.35 34.76 54.04
CA SER A 18 34.81 35.55 55.17
C SER A 18 35.62 36.74 54.67
N PRO A 19 35.74 37.79 55.48
CA PRO A 19 36.41 39.01 54.99
C PRO A 19 37.87 38.81 54.63
N ASP A 20 38.55 37.81 55.20
CA ASP A 20 39.88 37.46 54.70
C ASP A 20 39.81 36.81 53.33
N GLY A 21 38.68 36.16 53.01
CA GLY A 21 38.51 35.46 51.75
C GLY A 21 38.44 33.95 51.86
N SER A 22 38.63 33.40 53.05
CA SER A 22 38.62 31.95 53.25
C SER A 22 37.19 31.46 53.51
N LEU A 23 36.86 30.31 52.96
CA LEU A 23 35.60 29.64 53.29
C LEU A 23 35.82 28.80 54.55
N TYR A 24 35.11 29.15 55.62
CA TYR A 24 35.35 28.51 56.91
C TYR A 24 34.81 27.09 56.95
N GLN A 25 33.70 26.83 56.25
CA GLN A 25 33.12 25.49 56.28
C GLN A 25 34.01 24.48 55.57
N VAL A 26 34.77 24.92 54.56
CA VAL A 26 35.70 24.03 53.91
C VAL A 26 36.82 23.67 54.86
N ASP A 27 37.35 24.66 55.58
CA ASP A 27 38.38 24.41 56.58
C ASP A 27 37.83 23.59 57.74
N TYR A 28 36.55 23.75 58.05
CA TYR A 28 35.92 22.92 59.08
C TYR A 28 35.77 21.48 58.60
N ALA A 29 35.50 21.29 57.30
CA ALA A 29 35.46 19.94 56.75
C ALA A 29 36.84 19.30 56.75
N PHE A 30 37.90 20.11 56.57
CA PHE A 30 39.25 19.59 56.67
C PHE A 30 39.62 19.25 58.11
N GLU A 31 38.98 19.87 59.09
CA GLU A 31 39.11 19.41 60.47
C GLU A 31 38.42 18.07 60.67
N ALA A 32 37.39 17.77 59.88
CA ALA A 32 36.72 16.48 59.99
C ALA A 32 37.60 15.34 59.48
N VAL A 33 38.44 15.60 58.49
CA VAL A 33 39.38 14.56 58.04
C VAL A 33 40.59 14.47 58.95
N LYS A 34 40.92 15.55 59.69
CA LYS A 34 41.94 15.43 60.72
C LYS A 34 41.49 14.52 61.85
N ARG A 35 40.19 14.41 62.10
CA ARG A 35 39.64 13.47 63.08
C ARG A 35 39.41 12.08 62.50
N GLY A 36 39.79 11.84 61.24
CA GLY A 36 39.63 10.53 60.65
C GLY A 36 40.75 9.60 61.06
N TRP A 37 40.65 8.35 60.60
CA TRP A 37 41.72 7.41 60.85
C TRP A 37 42.93 7.76 59.97
N THR A 38 44.09 7.23 60.35
CA THR A 38 45.32 7.54 59.64
C THR A 38 45.40 6.67 58.39
N THR A 39 45.52 7.33 57.24
CA THR A 39 45.73 6.65 55.97
C THR A 39 47.02 7.16 55.34
N LEU A 40 47.69 6.27 54.62
CA LEU A 40 49.04 6.53 54.13
C LEU A 40 49.12 6.19 52.65
N GLY A 41 49.90 6.96 51.91
CA GLY A 41 50.18 6.66 50.53
C GLY A 41 51.60 7.06 50.15
N VAL A 42 52.37 6.12 49.60
CA VAL A 42 53.75 6.37 49.19
C VAL A 42 53.93 5.90 47.76
N LYS A 43 54.70 6.67 46.99
CA LYS A 43 55.12 6.28 45.65
C LYS A 43 56.58 6.68 45.47
N THR A 44 57.36 5.81 44.85
CA THR A 44 58.80 6.01 44.84
C THR A 44 59.34 6.09 43.42
N LYS A 45 59.68 4.94 42.84
CA LYS A 45 59.89 4.79 41.40
C LYS A 45 59.44 3.40 40.98
N SER A 46 59.59 2.43 41.88
CA SER A 46 59.31 1.04 41.59
C SER A 46 57.84 0.69 41.69
N GLY A 47 57.02 1.56 42.30
CA GLY A 47 55.59 1.38 42.28
C GLY A 47 54.87 2.12 43.38
N VAL A 48 53.81 1.51 43.91
CA VAL A 48 52.76 2.21 44.64
C VAL A 48 52.44 1.42 45.89
N VAL A 49 52.47 2.09 47.04
CA VAL A 49 51.97 1.52 48.28
C VAL A 49 51.09 2.56 48.96
N LEU A 50 49.86 2.17 49.31
CA LEU A 50 48.99 2.98 50.13
C LEU A 50 48.26 2.09 51.12
N LEU A 51 48.15 2.55 52.36
CA LEU A 51 47.58 1.73 53.42
C LEU A 51 46.81 2.63 54.38
N ALA A 52 46.11 2.00 55.32
CA ALA A 52 45.20 2.69 56.21
C ALA A 52 45.13 1.96 57.53
N GLU A 53 45.12 2.72 58.62
CA GLU A 53 45.00 2.13 59.96
C GLU A 53 43.57 1.66 60.19
N LYS A 54 43.43 0.56 60.94
CA LYS A 54 42.12 -0.02 61.24
C LYS A 54 42.01 -0.19 62.75
N ARG A 55 41.63 0.89 63.44
CA ARG A 55 41.53 0.89 64.88
C ARG A 55 40.26 0.19 65.34
N LYS A 56 40.35 -0.47 66.49
CA LYS A 56 39.28 -1.33 67.00
C LYS A 56 38.67 -0.62 68.21
N ALA A 57 37.49 -0.03 68.00
CA ALA A 57 36.84 0.71 69.08
C ALA A 57 36.07 -0.21 70.02
N THR A 58 35.62 -1.36 69.52
CA THR A 58 34.86 -2.33 70.30
C THR A 58 35.40 -3.72 70.01
N GLN A 59 35.59 -4.51 71.07
CA GLN A 59 36.10 -5.87 70.90
C GLN A 59 35.27 -6.70 69.94
N LEU A 60 34.00 -6.32 69.73
CA LEU A 60 33.09 -7.00 68.83
C LEU A 60 33.00 -6.32 67.47
N LEU A 61 34.15 -5.93 66.92
CA LEU A 61 34.26 -5.25 65.64
C LEU A 61 35.01 -6.11 64.64
N ASP A 62 34.55 -6.08 63.39
CA ASP A 62 35.17 -6.86 62.32
C ASP A 62 36.30 -6.02 61.74
N VAL A 63 37.47 -6.09 62.41
CA VAL A 63 38.62 -5.35 61.92
C VAL A 63 39.08 -5.91 60.59
N ASP A 64 39.01 -7.22 60.42
CA ASP A 64 39.39 -7.84 59.16
C ASP A 64 38.25 -7.85 58.15
N GLY A 65 37.03 -7.57 58.59
CA GLY A 65 35.88 -7.54 57.71
C GLY A 65 35.53 -6.15 57.19
N ILE A 66 36.02 -5.11 57.87
CA ILE A 66 35.75 -3.73 57.44
C ILE A 66 36.64 -3.41 56.26
N GLU A 67 36.17 -2.52 55.38
CA GLU A 67 36.90 -2.14 54.18
C GLU A 67 37.18 -0.65 54.16
N LYS A 68 38.41 -0.28 53.85
CA LYS A 68 38.80 1.10 53.62
C LYS A 68 39.63 1.29 52.36
N ILE A 69 40.29 0.25 51.86
CA ILE A 69 40.97 0.30 50.57
C ILE A 69 39.97 -0.14 49.51
N PHE A 70 39.70 0.75 48.55
CA PHE A 70 38.76 0.47 47.47
C PHE A 70 39.48 0.48 46.13
N MET A 71 39.05 -0.43 45.25
CA MET A 71 39.67 -0.62 43.94
C MET A 71 38.80 0.05 42.90
N LEU A 72 39.23 1.22 42.44
CA LEU A 72 38.43 1.97 41.46
C LEU A 72 38.41 1.23 40.13
N ASP A 73 39.58 0.80 39.66
CA ASP A 73 39.69 -0.04 38.48
C ASP A 73 40.79 -1.05 38.76
N ASP A 74 40.95 -2.02 37.85
CA ASP A 74 42.01 -3.02 37.99
C ASP A 74 43.40 -2.39 38.11
N HIS A 75 43.53 -1.11 37.81
CA HIS A 75 44.81 -0.42 37.85
C HIS A 75 44.90 0.74 38.83
N VAL A 76 43.80 1.13 39.48
CA VAL A 76 43.81 2.25 40.40
C VAL A 76 43.06 1.88 41.67
N GLY A 77 43.71 2.02 42.82
CA GLY A 77 43.04 1.94 44.09
C GLY A 77 43.21 3.24 44.85
N CYS A 78 42.39 3.47 45.87
CA CYS A 78 42.54 4.67 46.68
C CYS A 78 41.92 4.41 48.05
N THR A 79 42.26 5.27 49.00
CA THR A 79 41.66 5.25 50.33
C THR A 79 41.20 6.64 50.72
N PHE A 80 40.32 6.68 51.72
CA PHE A 80 39.75 7.91 52.22
C PHE A 80 40.03 8.04 53.70
N ALA A 81 39.89 9.26 54.22
CA ALA A 81 39.87 9.50 55.65
C ALA A 81 38.87 10.59 55.95
N GLY A 82 38.43 10.66 57.20
CA GLY A 82 37.36 11.57 57.58
C GLY A 82 36.09 10.80 57.82
N LEU A 83 35.00 11.25 57.22
CA LEU A 83 33.76 10.49 57.26
C LEU A 83 33.88 9.27 56.36
N ALA A 84 32.94 8.34 56.51
CA ALA A 84 32.89 7.18 55.62
C ALA A 84 31.98 7.44 54.43
N SER A 85 30.76 7.92 54.69
CA SER A 85 29.72 7.93 53.68
C SER A 85 29.97 8.95 52.58
N ASP A 86 30.61 10.08 52.92
CA ASP A 86 30.87 11.10 51.90
C ASP A 86 31.89 10.61 50.89
N GLY A 87 33.00 10.03 51.36
CA GLY A 87 33.98 9.48 50.44
C GLY A 87 33.54 8.19 49.79
N ARG A 88 32.48 7.57 50.32
CA ARG A 88 31.94 6.34 49.76
C ARG A 88 31.00 6.61 48.60
N ILE A 89 30.12 7.61 48.73
CA ILE A 89 29.32 8.00 47.58
C ILE A 89 30.21 8.66 46.53
N LEU A 90 31.31 9.28 46.96
CA LEU A 90 32.31 9.78 46.04
C LEU A 90 33.10 8.65 45.39
N ILE A 91 33.19 7.49 46.04
CA ILE A 91 33.87 6.36 45.43
C ILE A 91 32.96 5.71 44.38
N ASP A 92 31.64 5.79 44.56
CA ASP A 92 30.72 5.27 43.56
C ASP A 92 30.76 6.09 42.29
N TYR A 93 30.90 7.42 42.43
CA TYR A 93 31.02 8.28 41.26
C TYR A 93 32.33 8.03 40.53
N ALA A 94 33.40 7.73 41.27
CA ALA A 94 34.70 7.50 40.64
C ALA A 94 34.69 6.22 39.82
N ARG A 95 34.13 5.13 40.36
CA ARG A 95 34.07 3.88 39.63
C ARG A 95 33.16 4.00 38.40
N SER A 96 32.07 4.76 38.52
CA SER A 96 31.17 4.92 37.39
C SER A 96 31.83 5.72 36.27
N GLN A 97 32.58 6.76 36.62
CA GLN A 97 33.26 7.55 35.60
C GLN A 97 34.40 6.76 34.95
N ALA A 98 35.08 5.91 35.72
CA ALA A 98 36.17 5.12 35.16
C ALA A 98 35.63 4.10 34.16
N LEU A 99 34.57 3.39 34.51
CA LEU A 99 34.02 2.38 33.61
C LEU A 99 33.36 3.02 32.40
N GLN A 100 32.89 4.26 32.54
CA GLN A 100 32.36 4.98 31.39
C GLN A 100 33.46 5.36 30.40
N HIS A 101 34.62 5.79 30.91
CA HIS A 101 35.74 6.08 30.02
C HIS A 101 36.25 4.81 29.35
N ARG A 102 36.22 3.68 30.05
CA ARG A 102 36.68 2.43 29.47
C ARG A 102 35.66 1.83 28.51
N LEU A 103 34.39 2.18 28.66
CA LEU A 103 33.38 1.77 27.68
C LEU A 103 33.50 2.58 26.39
N ILE A 104 33.86 3.86 26.49
CA ILE A 104 33.94 4.71 25.30
C ILE A 104 35.20 4.41 24.50
N TYR A 105 36.36 4.49 25.16
CA TYR A 105 37.64 4.45 24.46
C TYR A 105 38.29 3.07 24.48
N ASP A 106 37.76 2.13 25.26
CA ASP A 106 38.39 0.82 25.47
C ASP A 106 39.86 0.98 25.86
N GLU A 107 40.07 1.84 26.87
CA GLU A 107 41.40 2.27 27.24
C GLU A 107 41.41 2.52 28.75
N PRO A 108 42.52 2.24 29.43
CA PRO A 108 42.65 2.66 30.83
C PRO A 108 42.64 4.17 30.96
N ILE A 109 42.29 4.63 32.15
CA ILE A 109 41.96 6.02 32.39
C ILE A 109 43.16 6.71 33.00
N SER A 110 43.47 7.91 32.51
CA SER A 110 44.48 8.74 33.15
C SER A 110 44.01 9.18 34.53
N ILE A 111 44.94 9.27 35.48
CA ILE A 111 44.56 9.55 36.85
C ILE A 111 44.30 11.04 37.05
N GLU A 112 44.88 11.89 36.21
CA GLU A 112 44.57 13.30 36.26
C GLU A 112 43.11 13.56 35.91
N TYR A 113 42.52 12.70 35.08
CA TYR A 113 41.12 12.86 34.68
C TYR A 113 40.16 12.28 35.71
N LEU A 114 40.55 11.16 36.35
CA LEU A 114 39.75 10.61 37.43
C LEU A 114 39.65 11.60 38.59
N THR A 115 40.81 12.03 39.10
CA THR A 115 40.82 13.00 40.18
C THR A 115 40.23 14.34 39.75
N LYS A 116 40.31 14.65 38.46
CA LYS A 116 39.68 15.87 37.94
C LYS A 116 38.18 15.86 38.20
N VAL A 117 37.50 14.81 37.74
CA VAL A 117 36.04 14.80 37.79
C VAL A 117 35.55 14.57 39.21
N ILE A 118 36.30 13.79 40.00
CA ILE A 118 36.01 13.68 41.43
C ILE A 118 36.10 15.05 42.10
N SER A 119 37.21 15.75 41.85
CA SER A 119 37.43 17.05 42.49
C SER A 119 36.45 18.11 41.99
N ASP A 120 35.98 17.98 40.74
CA ASP A 120 34.97 18.90 40.24
C ASP A 120 33.63 18.71 40.94
N VAL A 121 33.33 17.47 41.34
CA VAL A 121 32.13 17.22 42.14
C VAL A 121 32.26 17.89 43.51
N LYS A 122 33.45 17.81 44.11
CA LYS A 122 33.66 18.48 45.39
C LYS A 122 33.47 20.00 45.27
N GLN A 123 33.95 20.58 44.17
CA GLN A 123 33.73 22.01 43.94
C GLN A 123 32.24 22.32 43.80
N ALA A 124 31.51 21.50 43.06
CA ALA A 124 30.09 21.76 42.83
C ALA A 124 29.28 21.71 44.11
N TYR A 125 29.72 20.93 45.09
CA TYR A 125 29.07 20.93 46.40
C TYR A 125 29.66 21.95 47.36
N THR A 126 30.67 22.72 46.95
CA THR A 126 31.15 23.85 47.71
C THR A 126 30.79 25.18 47.05
N GLN A 127 29.78 25.20 46.18
CA GLN A 127 29.36 26.43 45.53
C GLN A 127 27.85 26.61 45.50
N HIS A 128 27.07 25.63 45.94
CA HIS A 128 25.62 25.70 45.89
C HIS A 128 25.06 25.72 47.31
N GLY A 129 23.90 26.38 47.46
CA GLY A 129 23.43 26.80 48.75
C GLY A 129 23.04 25.67 49.69
N GLY A 130 22.01 24.92 49.34
CA GLY A 130 21.48 23.89 50.22
C GLY A 130 22.18 22.56 50.12
N VAL A 131 23.51 22.58 50.02
CA VAL A 131 24.30 21.35 49.95
C VAL A 131 25.49 21.47 50.89
N ARG A 132 25.64 20.50 51.77
CA ARG A 132 26.83 20.42 52.62
C ARG A 132 28.03 19.96 51.80
N PRO A 133 29.21 20.52 52.07
CA PRO A 133 30.43 20.04 51.40
C PRO A 133 30.82 18.66 51.92
N PHE A 134 31.71 18.00 51.18
CA PHE A 134 32.22 16.71 51.61
C PHE A 134 33.23 16.89 52.75
N GLY A 135 33.16 15.99 53.73
CA GLY A 135 34.10 16.04 54.83
C GLY A 135 35.10 14.92 54.75
N VAL A 136 35.56 14.62 53.53
CA VAL A 136 36.42 13.47 53.26
C VAL A 136 37.53 13.92 52.32
N ALA A 137 38.77 13.56 52.64
CA ALA A 137 39.90 13.70 51.73
C ALA A 137 40.28 12.34 51.17
N LEU A 138 40.66 12.31 49.90
CA LEU A 138 41.04 11.09 49.20
C LEU A 138 42.51 11.13 48.83
N ILE A 139 43.12 9.95 48.76
CA ILE A 139 44.46 9.78 48.22
C ILE A 139 44.41 8.65 47.21
N VAL A 140 44.80 8.94 45.97
CA VAL A 140 44.55 8.06 44.83
C VAL A 140 45.88 7.60 44.25
N GLY A 141 46.02 6.29 44.04
CA GLY A 141 47.24 5.71 43.51
C GLY A 141 47.01 4.72 42.38
N GLY A 142 47.68 4.94 41.25
CA GLY A 142 47.54 4.07 40.10
C GLY A 142 48.77 4.11 39.23
N ILE A 143 48.93 3.06 38.41
CA ILE A 143 50.06 2.94 37.50
C ILE A 143 49.71 2.38 36.12
N ASP A 144 48.57 2.77 35.55
CA ASP A 144 48.24 2.26 34.24
C ASP A 144 48.70 3.19 33.12
N LYS A 145 49.40 4.26 33.47
CA LYS A 145 49.89 5.19 32.47
C LYS A 145 51.17 4.65 31.86
N GLY A 146 51.58 5.26 30.76
CA GLY A 146 52.80 4.80 30.10
C GLY A 146 54.07 5.26 30.78
N LYS A 147 53.97 6.26 31.67
CA LYS A 147 55.14 6.77 32.37
C LYS A 147 55.48 5.94 33.60
N GLN A 148 55.16 6.45 34.79
CA GLN A 148 55.45 5.76 36.05
C GLN A 148 54.26 5.94 37.01
N PRO A 149 54.40 5.94 38.35
CA PRO A 149 53.22 6.15 39.19
C PRO A 149 52.77 7.61 39.24
N LYS A 150 51.53 7.80 39.71
CA LYS A 150 50.93 9.12 39.80
C LYS A 150 50.01 9.14 41.02
N LEU A 151 50.44 9.83 42.08
CA LEU A 151 49.66 9.97 43.32
C LEU A 151 49.03 11.35 43.35
N LEU A 152 47.75 11.41 43.70
CA LEU A 152 47.07 12.68 43.91
C LEU A 152 46.30 12.62 45.22
N MET A 153 45.98 13.80 45.74
CA MET A 153 45.16 13.95 46.94
C MET A 153 44.06 14.96 46.67
N THR A 154 42.83 14.62 47.06
CA THR A 154 41.68 15.49 46.89
C THR A 154 41.36 16.16 48.22
N GLU A 155 41.32 17.50 48.23
CA GLU A 155 40.92 18.31 49.36
C GLU A 155 39.47 18.75 49.21
N PRO A 156 38.74 18.93 50.32
CA PRO A 156 37.32 19.26 50.21
C PRO A 156 37.04 20.62 49.57
N SER A 157 38.06 21.48 49.45
CA SER A 157 37.93 22.66 48.59
C SER A 157 37.88 22.29 47.11
N GLY A 158 38.38 21.12 46.74
CA GLY A 158 38.48 20.73 45.35
C GLY A 158 39.85 20.86 44.73
N GLN A 159 40.90 21.02 45.54
CA GLN A 159 42.25 21.24 45.04
C GLN A 159 42.97 19.92 44.80
N PHE A 160 43.81 19.89 43.78
CA PHE A 160 44.78 18.80 43.63
C PHE A 160 46.05 19.15 44.38
N MET A 161 46.64 18.14 45.00
CA MET A 161 48.07 18.17 45.26
C MET A 161 48.67 16.80 44.95
N PRO A 162 49.48 16.67 43.90
CA PRO A 162 50.22 15.43 43.69
C PRO A 162 51.40 15.33 44.64
N TYR A 163 51.56 14.17 45.27
CA TYR A 163 52.54 13.98 46.32
C TYR A 163 53.41 12.77 46.02
N TYR A 164 54.66 12.82 46.49
CA TYR A 164 55.49 11.62 46.51
C TYR A 164 55.01 10.66 47.60
N ALA A 165 54.63 11.20 48.75
CA ALA A 165 54.21 10.41 49.90
C ALA A 165 53.54 11.31 50.93
N VAL A 166 52.30 11.03 51.32
CA VAL A 166 51.63 11.77 52.38
C VAL A 166 50.82 10.82 53.26
N ALA A 167 50.26 11.40 54.33
CA ALA A 167 49.43 10.70 55.29
C ALA A 167 48.60 11.73 56.03
N ILE A 168 47.30 11.47 56.16
CA ILE A 168 46.39 12.40 56.81
C ILE A 168 45.44 11.63 57.71
N GLY A 169 45.01 12.27 58.79
CA GLY A 169 44.27 11.63 59.85
C GLY A 169 44.73 12.15 61.19
N GLN A 170 44.47 11.36 62.24
CA GLN A 170 44.80 11.79 63.59
C GLN A 170 46.31 11.86 63.78
N GLY A 171 47.03 10.82 63.37
CA GLY A 171 48.47 10.81 63.45
C GLY A 171 49.10 11.19 62.12
N GLY A 172 48.39 12.02 61.35
CA GLY A 172 48.87 12.37 60.03
C GLY A 172 50.14 13.21 60.06
N TYR A 173 50.24 14.13 61.02
CA TYR A 173 51.41 15.00 61.08
C TYR A 173 52.64 14.25 61.57
N THR A 174 52.45 13.25 62.43
CA THR A 174 53.59 12.47 62.91
C THR A 174 54.18 11.62 61.78
N ALA A 175 53.32 10.97 61.00
CA ALA A 175 53.78 10.23 59.84
C ALA A 175 54.32 11.16 58.76
N THR A 176 53.78 12.38 58.68
CA THR A 176 54.29 13.35 57.72
C THR A 176 55.74 13.73 58.02
N GLU A 177 56.07 13.88 59.31
CA GLU A 177 57.42 14.24 59.68
C GLU A 177 58.37 13.04 59.63
N TYR A 178 57.86 11.83 59.83
CA TYR A 178 58.69 10.64 59.69
C TYR A 178 59.07 10.41 58.22
N LEU A 179 58.10 10.57 57.31
CA LEU A 179 58.40 10.45 55.89
C LEU A 179 59.23 11.62 55.38
N GLU A 180 59.19 12.76 56.07
CA GLU A 180 60.13 13.84 55.78
C GLU A 180 61.55 13.46 56.16
N LYS A 181 61.71 12.63 57.19
CA LYS A 181 63.04 12.25 57.65
C LYS A 181 63.73 11.31 56.66
N ASN A 182 63.14 10.15 56.40
CA ASN A 182 63.83 9.10 55.66
C ASN A 182 63.04 8.63 54.44
N TYR A 183 62.85 9.53 53.47
CA TYR A 183 62.32 9.16 52.16
C TYR A 183 63.41 9.34 51.11
N LYS A 184 63.34 8.52 50.06
CA LYS A 184 64.24 8.65 48.92
C LYS A 184 63.69 7.85 47.75
N GLU A 185 64.02 8.28 46.54
CA GLU A 185 63.39 7.76 45.32
C GLU A 185 64.01 6.43 44.89
N ASP A 186 65.31 6.26 45.07
CA ASP A 186 66.02 5.09 44.54
C ASP A 186 65.81 3.92 45.47
N LEU A 187 64.63 3.30 45.35
CA LEU A 187 64.13 2.37 46.36
C LEU A 187 63.08 1.49 45.71
N ASP A 188 62.87 0.31 46.29
CA ASP A 188 62.05 -0.72 45.66
C ASP A 188 60.81 -1.00 46.51
N ILE A 189 60.07 -2.04 46.14
CA ILE A 189 58.68 -2.18 46.58
C ILE A 189 58.59 -2.85 47.94
N GLN A 190 59.44 -3.84 48.23
CA GLN A 190 59.52 -4.39 49.58
C GLN A 190 59.97 -3.33 50.59
N SER A 191 60.80 -2.39 50.16
CA SER A 191 61.30 -1.35 51.06
C SER A 191 60.34 -0.16 51.19
N THR A 192 59.47 0.06 50.21
CA THR A 192 58.53 1.17 50.34
C THR A 192 57.27 0.76 51.12
N ILE A 193 56.92 -0.53 51.10
CA ILE A 193 55.88 -1.00 51.99
C ILE A 193 56.40 -1.07 53.42
N LEU A 194 57.70 -1.37 53.58
CA LEU A 194 58.34 -1.22 54.90
C LEU A 194 58.28 0.22 55.38
N LEU A 195 58.49 1.18 54.47
CA LEU A 195 58.53 2.58 54.88
C LEU A 195 57.17 3.08 55.33
N ALA A 196 56.10 2.61 54.69
CA ALA A 196 54.77 3.03 55.09
C ALA A 196 54.38 2.40 56.42
N LEU A 197 54.77 1.15 56.65
CA LEU A 197 54.53 0.53 57.95
C LEU A 197 55.29 1.24 59.06
N ARG A 198 56.53 1.66 58.78
CA ARG A 198 57.27 2.44 59.76
C ARG A 198 56.68 3.82 59.98
N ALA A 199 56.05 4.40 58.95
CA ALA A 199 55.44 5.71 59.14
C ALA A 199 54.14 5.64 59.91
N LEU A 200 53.51 4.46 59.98
CA LEU A 200 52.34 4.26 60.80
C LEU A 200 52.70 3.85 62.22
N MET A 201 53.92 3.36 62.42
CA MET A 201 54.35 2.88 63.73
C MET A 201 54.76 4.02 64.65
N ALA A 202 55.27 5.13 64.08
CA ALA A 202 55.62 6.29 64.88
C ALA A 202 54.39 6.90 65.56
N THR A 203 53.21 6.72 64.97
CA THR A 203 51.98 7.20 65.57
C THR A 203 51.60 6.37 66.79
N ASN A 211 51.16 -3.94 64.97
CA ASN A 211 49.81 -4.39 65.29
C ASN A 211 49.39 -5.62 64.48
N TYR A 212 48.73 -6.56 65.18
CA TYR A 212 48.71 -7.97 64.80
C TYR A 212 48.30 -8.18 63.34
N SER A 213 47.06 -7.86 62.98
CA SER A 213 46.65 -7.81 61.58
C SER A 213 45.59 -6.74 61.37
N SER A 214 45.80 -5.56 61.96
CA SER A 214 44.78 -4.53 61.96
C SER A 214 45.17 -3.36 61.05
N VAL A 215 45.64 -3.67 59.85
CA VAL A 215 45.93 -2.65 58.85
C VAL A 215 45.63 -3.21 57.47
N GLU A 216 44.99 -2.41 56.64
CA GLU A 216 44.81 -2.72 55.22
C GLU A 216 45.94 -2.12 54.41
N ILE A 217 46.55 -2.94 53.57
CA ILE A 217 47.67 -2.51 52.73
C ILE A 217 47.33 -2.88 51.29
N GLY A 218 47.57 -1.95 50.37
CA GLY A 218 47.41 -2.23 48.96
C GLY A 218 48.55 -1.65 48.16
N TYR A 219 49.01 -2.37 47.15
CA TYR A 219 50.13 -1.92 46.34
C TYR A 219 49.84 -2.11 44.86
N ALA A 220 50.39 -1.21 44.06
CA ALA A 220 50.41 -1.32 42.61
C ALA A 220 51.85 -1.32 42.14
N ASP A 221 52.19 -2.26 41.25
CA ASP A 221 53.57 -2.44 40.81
C ASP A 221 53.67 -2.21 39.31
N VAL A 222 54.82 -1.69 38.88
CA VAL A 222 54.95 -1.20 37.50
C VAL A 222 55.27 -2.30 36.51
N ASP A 223 55.66 -3.49 36.97
CA ASP A 223 56.03 -4.56 36.06
C ASP A 223 54.80 -5.19 35.42
N SER A 224 53.87 -5.69 36.25
CA SER A 224 52.54 -6.08 35.81
C SER A 224 51.56 -4.99 36.24
N GLY A 225 51.03 -4.25 35.27
CA GLY A 225 50.35 -3.00 35.55
C GLY A 225 48.99 -3.16 36.22
N THR A 226 48.99 -3.58 37.48
CA THR A 226 47.75 -3.89 38.20
C THR A 226 47.89 -3.48 39.66
N PHE A 227 46.76 -3.49 40.36
CA PHE A 227 46.68 -3.10 41.76
C PHE A 227 46.06 -4.24 42.56
N LYS A 228 46.65 -4.53 43.73
CA LYS A 228 46.23 -5.65 44.54
C LYS A 228 46.22 -5.25 46.01
N LYS A 229 45.64 -6.10 46.83
CA LYS A 229 45.45 -5.86 48.26
C LYS A 229 46.09 -6.97 49.07
N LEU A 230 46.11 -6.79 50.39
CA LEU A 230 46.78 -7.72 51.30
C LEU A 230 45.86 -8.07 52.46
N THR B 2 26.95 -17.98 11.77
CA THR B 2 27.24 -19.34 12.23
C THR B 2 28.11 -19.33 13.49
N ALA B 3 27.63 -20.04 14.52
CA ALA B 3 28.34 -20.16 15.78
C ALA B 3 27.84 -21.41 16.49
N ILE B 4 28.76 -22.19 17.06
CA ILE B 4 28.44 -23.51 17.60
C ILE B 4 28.98 -23.61 19.02
N GLY B 5 28.12 -24.04 19.93
CA GLY B 5 28.54 -24.41 21.27
C GLY B 5 28.26 -25.87 21.56
N ILE B 6 29.22 -26.55 22.19
CA ILE B 6 29.11 -27.96 22.53
C ILE B 6 29.41 -28.12 24.02
N LYS B 7 28.48 -28.75 24.73
CA LYS B 7 28.62 -28.95 26.18
C LYS B 7 29.23 -30.33 26.45
N THR B 8 30.39 -30.34 27.08
CA THR B 8 31.04 -31.57 27.52
C THR B 8 31.03 -31.66 29.05
N LYS B 9 31.31 -32.86 29.54
CA LYS B 9 31.51 -33.04 30.98
C LYS B 9 32.68 -32.22 31.50
N ASP B 10 33.70 -32.00 30.68
CA ASP B 10 34.88 -31.26 31.10
C ASP B 10 34.75 -29.75 30.92
N GLY B 11 33.84 -29.30 30.07
CA GLY B 11 33.70 -27.87 29.85
C GLY B 11 32.87 -27.59 28.61
N VAL B 12 32.96 -26.36 28.14
CA VAL B 12 32.12 -25.84 27.07
C VAL B 12 33.02 -25.35 25.95
N VAL B 13 32.69 -25.73 24.71
CA VAL B 13 33.47 -25.37 23.54
C VAL B 13 32.60 -24.46 22.66
N LEU B 14 33.13 -23.31 22.29
CA LEU B 14 32.47 -22.38 21.39
C LEU B 14 33.31 -22.16 20.15
N ALA B 15 32.63 -21.94 19.03
CA ALA B 15 33.31 -21.72 17.76
C ALA B 15 32.35 -20.98 16.83
N ALA B 16 32.91 -20.07 16.02
CA ALA B 16 32.10 -19.31 15.08
C ALA B 16 32.95 -18.88 13.89
N GLU B 17 32.29 -18.30 12.91
CA GLU B 17 32.92 -17.87 11.67
C GLU B 17 33.80 -16.64 11.90
N ARG B 18 34.46 -16.21 10.82
CA ARG B 18 35.19 -14.95 10.79
C ARG B 18 34.94 -14.26 9.45
N ARG B 19 33.68 -14.22 9.03
CA ARG B 19 33.31 -13.71 7.72
C ARG B 19 32.12 -12.77 7.86
N LEU B 20 32.21 -11.59 7.26
CA LEU B 20 31.10 -10.63 7.21
C LEU B 20 30.84 -10.24 5.77
N SER B 21 29.58 -10.38 5.35
CA SER B 21 29.18 -10.01 3.99
C SER B 21 27.86 -9.26 4.08
N TYR B 22 27.85 -8.03 3.57
CA TYR B 22 26.61 -7.27 3.40
C TYR B 22 26.09 -7.48 1.99
N GLY B 23 24.84 -7.91 1.88
CA GLY B 23 24.26 -8.15 0.57
C GLY B 23 24.79 -9.43 -0.01
N ASP B 24 25.32 -9.35 -1.24
CA ASP B 24 25.98 -10.48 -1.87
C ASP B 24 27.49 -10.30 -1.93
N PHE B 25 28.05 -9.37 -1.15
CA PHE B 25 29.44 -8.96 -1.29
C PHE B 25 30.15 -9.05 0.05
N VAL B 26 31.31 -9.70 0.06
CA VAL B 26 32.10 -9.85 1.27
C VAL B 26 32.90 -8.57 1.51
N LEU B 27 32.66 -7.91 2.64
CA LEU B 27 33.45 -6.74 3.01
C LEU B 27 34.76 -7.11 3.70
N SER B 28 34.79 -8.21 4.47
CA SER B 28 35.95 -8.53 5.28
C SER B 28 36.09 -10.02 5.44
N LYS B 29 37.30 -10.54 5.25
CA LYS B 29 37.63 -11.92 5.52
C LYS B 29 38.02 -12.18 6.97
N SER B 30 38.13 -11.14 7.79
CA SER B 30 38.56 -11.28 9.18
C SER B 30 37.67 -10.40 10.06
N ALA B 31 36.54 -10.95 10.48
CA ALA B 31 35.63 -10.28 11.41
C ALA B 31 35.39 -11.20 12.60
N ARG B 32 35.92 -10.82 13.76
CA ARG B 32 35.83 -11.66 14.94
C ARG B 32 34.40 -11.71 15.46
N LYS B 33 33.86 -12.93 15.58
CA LYS B 33 32.53 -13.14 16.15
C LYS B 33 32.58 -13.98 17.41
N VAL B 34 33.77 -14.29 17.92
CA VAL B 34 33.95 -14.99 19.19
C VAL B 34 34.74 -14.07 20.10
N PHE B 35 34.25 -13.88 21.34
CA PHE B 35 34.88 -12.96 22.26
C PHE B 35 35.04 -13.60 23.64
N LYS B 36 36.15 -13.28 24.30
CA LYS B 36 36.46 -13.78 25.63
C LYS B 36 36.40 -12.60 26.60
N LEU B 37 35.49 -12.66 27.57
CA LEU B 37 35.25 -11.54 28.48
C LEU B 37 36.07 -11.70 29.75
N GLY B 38 35.68 -12.64 30.60
CA GLY B 38 36.40 -12.91 31.84
C GLY B 38 36.78 -14.37 31.97
N ARG B 39 36.07 -15.09 32.84
CA ARG B 39 36.30 -16.50 33.07
C ARG B 39 35.59 -17.37 32.05
N PHE B 40 35.01 -16.77 31.01
CA PHE B 40 34.17 -17.47 30.06
C PHE B 40 34.11 -16.65 28.77
N GLY B 41 33.26 -17.04 27.85
CA GLY B 41 33.22 -16.43 26.53
C GLY B 41 31.82 -16.47 25.95
N ILE B 42 31.55 -15.51 25.05
CA ILE B 42 30.31 -15.48 24.29
C ILE B 42 30.65 -15.42 22.80
N ALA B 43 29.67 -15.82 21.98
CA ALA B 43 29.81 -15.76 20.53
C ALA B 43 28.43 -15.84 19.91
N GLY B 44 28.17 -14.96 18.94
CA GLY B 44 26.87 -14.90 18.31
C GLY B 44 26.98 -14.53 16.85
N ALA B 45 25.83 -14.39 16.21
CA ALA B 45 25.75 -14.05 14.79
C ALA B 45 24.66 -13.00 14.60
N GLY B 46 24.77 -12.27 13.49
CA GLY B 46 23.87 -11.17 13.22
C GLY B 46 24.61 -9.92 12.81
N ILE B 47 24.08 -8.75 13.19
CA ILE B 47 24.81 -7.51 12.95
C ILE B 47 26.00 -7.44 13.90
N VAL B 48 27.14 -7.02 13.36
CA VAL B 48 28.39 -7.07 14.13
C VAL B 48 28.39 -6.00 15.21
N GLY B 49 27.80 -4.84 14.94
CA GLY B 49 27.86 -3.74 15.89
C GLY B 49 27.05 -4.03 17.15
N ASP B 50 25.91 -4.71 17.00
CA ASP B 50 25.14 -5.11 18.18
C ASP B 50 25.92 -6.12 19.02
N ILE B 51 26.60 -7.06 18.38
CA ILE B 51 27.37 -8.07 19.12
C ILE B 51 28.56 -7.41 19.83
N GLN B 52 29.24 -6.48 19.15
CA GLN B 52 30.41 -5.84 19.74
C GLN B 52 30.02 -4.98 20.93
N THR B 53 28.94 -4.20 20.82
CA THR B 53 28.50 -3.39 21.93
C THR B 53 27.94 -4.21 23.09
N LEU B 54 27.46 -5.43 22.80
CA LEU B 54 27.02 -6.31 23.88
C LEU B 54 28.19 -6.97 24.58
N THR B 55 29.28 -7.24 23.86
CA THR B 55 30.50 -7.70 24.53
C THR B 55 31.05 -6.62 25.45
N ARG B 56 30.96 -5.36 25.03
CA ARG B 56 31.54 -4.27 25.80
C ARG B 56 30.67 -3.91 27.00
N ILE B 57 29.35 -3.86 26.80
CA ILE B 57 28.43 -3.59 27.91
C ILE B 57 28.52 -4.70 28.96
N MET B 58 28.52 -5.95 28.51
CA MET B 58 28.60 -7.08 29.45
C MET B 58 29.94 -7.12 30.15
N ASN B 59 31.02 -6.72 29.47
CA ASN B 59 32.33 -6.66 30.13
C ASN B 59 32.34 -5.63 31.25
N VAL B 60 31.69 -4.49 31.02
CA VAL B 60 31.64 -3.45 32.04
C VAL B 60 30.85 -3.92 33.26
N GLU B 61 29.67 -4.51 33.03
CA GLU B 61 28.82 -4.90 34.15
C GLU B 61 29.27 -6.19 34.82
N ILE B 62 30.05 -7.03 34.13
CA ILE B 62 30.72 -8.12 34.83
C ILE B 62 31.72 -7.56 35.83
N LYS B 63 32.47 -6.53 35.43
CA LYS B 63 33.36 -5.86 36.36
C LYS B 63 32.57 -5.10 37.43
N TYR B 64 31.38 -4.61 37.09
CA TYR B 64 30.51 -3.98 38.07
C TYR B 64 30.14 -4.96 39.17
N TYR B 65 29.62 -6.13 38.80
CA TYR B 65 29.23 -7.13 39.78
C TYR B 65 30.44 -7.64 40.56
N GLU B 66 31.59 -7.78 39.88
CA GLU B 66 32.77 -8.35 40.51
C GLU B 66 33.41 -7.40 41.51
N MET B 67 33.30 -6.08 41.28
CA MET B 67 33.85 -5.12 42.23
C MET B 67 32.92 -4.88 43.43
N TYR B 68 31.62 -4.77 43.20
CA TYR B 68 30.72 -4.28 44.24
C TYR B 68 30.18 -5.36 45.15
N ASN B 69 30.23 -6.63 44.74
CA ASN B 69 29.75 -7.73 45.57
C ASN B 69 30.86 -8.65 46.05
N SER B 70 32.13 -8.28 45.80
CA SER B 70 33.29 -8.87 46.44
C SER B 70 33.54 -10.32 46.03
N ARG B 71 32.61 -10.91 45.31
CA ARG B 71 32.76 -12.27 44.78
C ARG B 71 32.80 -12.23 43.25
N LYS B 72 33.15 -13.37 42.68
CA LYS B 72 33.08 -13.52 41.23
C LYS B 72 31.65 -13.89 40.82
N ILE B 73 31.43 -14.01 39.51
CA ILE B 73 30.09 -14.02 38.95
C ILE B 73 29.81 -15.39 38.36
N SER B 74 28.54 -15.79 38.43
CA SER B 74 28.08 -17.07 37.93
C SER B 74 27.50 -16.89 36.53
N ALA B 75 27.34 -18.01 35.82
CA ALA B 75 26.93 -17.92 34.43
C ALA B 75 25.42 -17.75 34.30
N ARG B 76 24.64 -18.33 35.22
CA ARG B 76 23.21 -18.09 35.22
C ARG B 76 22.91 -16.62 35.52
N ALA B 77 23.70 -16.01 36.40
CA ALA B 77 23.47 -14.61 36.76
C ALA B 77 23.81 -13.69 35.60
N ALA B 78 24.92 -13.95 34.89
CA ALA B 78 25.27 -13.14 33.74
C ALA B 78 24.30 -13.39 32.58
N ALA B 79 23.70 -14.58 32.52
CA ALA B 79 22.72 -14.86 31.48
C ALA B 79 21.43 -14.12 31.74
N LYS B 80 20.95 -14.15 32.99
CA LYS B 80 19.74 -13.42 33.34
C LYS B 80 19.95 -11.91 33.20
N LEU B 81 21.16 -11.44 33.52
CA LEU B 81 21.50 -10.04 33.27
C LEU B 81 21.43 -9.72 31.78
N LEU B 82 22.01 -10.59 30.94
CA LEU B 82 22.05 -10.31 29.52
C LEU B 82 20.67 -10.47 28.89
N SER B 83 19.81 -11.31 29.49
CA SER B 83 18.43 -11.42 29.02
C SER B 83 17.65 -10.14 29.32
N VAL B 84 17.92 -9.51 30.46
CA VAL B 84 17.24 -8.27 30.80
C VAL B 84 17.77 -7.12 29.95
N ILE B 85 19.08 -7.13 29.66
CA ILE B 85 19.66 -6.09 28.82
C ILE B 85 19.08 -6.16 27.41
N LEU B 86 18.91 -7.37 26.89
CA LEU B 86 18.25 -7.53 25.60
C LEU B 86 16.78 -7.18 25.66
N TYR B 87 16.14 -7.36 26.82
CA TYR B 87 14.69 -7.25 26.90
C TYR B 87 14.21 -5.83 27.13
N GLN B 88 15.02 -5.00 27.80
CA GLN B 88 14.63 -3.61 28.01
C GLN B 88 14.53 -2.84 26.70
N ASN B 89 15.34 -3.19 25.72
CA ASN B 89 15.31 -2.58 24.40
C ASN B 89 14.50 -3.40 23.42
N LYS B 90 13.25 -3.73 23.78
CA LYS B 90 12.39 -4.49 22.88
C LYS B 90 11.90 -3.62 21.72
N VAL B 91 11.76 -2.32 21.95
CA VAL B 91 11.27 -1.43 20.90
C VAL B 91 12.30 -1.34 19.78
N LEU B 92 13.58 -1.23 20.13
CA LEU B 92 14.68 -1.19 19.18
C LEU B 92 15.60 -2.37 19.52
N PRO B 93 15.28 -3.56 19.02
CA PRO B 93 15.98 -4.76 19.50
C PRO B 93 17.41 -4.84 18.97
N TYR B 94 18.32 -5.27 19.84
CA TYR B 94 19.66 -5.64 19.44
C TYR B 94 19.59 -6.83 18.48
N ILE B 95 19.83 -6.59 17.19
CA ILE B 95 19.57 -7.62 16.19
C ILE B 95 20.73 -8.59 16.19
N SER B 96 20.65 -9.61 17.07
CA SER B 96 21.74 -10.55 17.28
C SER B 96 21.27 -11.74 18.10
N GLU B 97 21.51 -12.94 17.61
CA GLU B 97 21.28 -14.16 18.38
C GLU B 97 22.62 -14.63 18.94
N LEU B 98 22.63 -14.98 20.21
CA LEU B 98 23.88 -15.16 20.97
C LEU B 98 23.96 -16.54 21.59
N LEU B 99 25.19 -17.00 21.79
CA LEU B 99 25.49 -18.21 22.53
C LEU B 99 26.36 -17.83 23.73
N PHE B 100 25.90 -18.19 24.93
CA PHE B 100 26.59 -17.85 26.16
C PHE B 100 27.11 -19.13 26.81
N GLY B 101 28.42 -19.18 27.04
CA GLY B 101 29.06 -20.39 27.54
C GLY B 101 30.00 -20.14 28.69
N GLY B 102 29.87 -20.92 29.75
CA GLY B 102 30.75 -20.79 30.91
C GLY B 102 30.70 -22.04 31.75
N VAL B 103 31.51 -22.03 32.81
CA VAL B 103 31.57 -23.12 33.78
C VAL B 103 31.42 -22.54 35.18
N ASP B 104 30.45 -23.05 35.92
CA ASP B 104 30.23 -22.69 37.32
C ASP B 104 30.49 -23.90 38.21
N GLU B 105 30.30 -23.70 39.52
CA GLU B 105 30.41 -24.81 40.46
C GLU B 105 29.29 -25.82 40.28
N ASP B 106 28.14 -25.40 39.74
CA ASP B 106 27.09 -26.34 39.40
C ASP B 106 27.49 -27.22 38.22
N GLY B 107 28.38 -26.73 37.36
CA GLY B 107 28.86 -27.51 36.24
C GLY B 107 28.98 -26.66 34.99
N PRO B 108 29.21 -27.30 33.85
CA PRO B 108 29.26 -26.56 32.58
C PRO B 108 27.88 -26.10 32.16
N LYS B 109 27.80 -24.87 31.68
CA LYS B 109 26.52 -24.27 31.31
C LYS B 109 26.65 -23.58 29.97
N LEU B 110 25.68 -23.83 29.08
CA LEU B 110 25.62 -23.22 27.77
C LEU B 110 24.23 -22.64 27.57
N PHE B 111 24.15 -21.49 26.91
CA PHE B 111 22.96 -20.67 26.93
C PHE B 111 22.69 -20.09 25.56
N ILE B 112 21.41 -20.00 25.19
CA ILE B 112 20.98 -19.42 23.93
C ILE B 112 20.14 -18.20 24.24
N LEU B 113 20.42 -17.09 23.56
CA LEU B 113 19.73 -15.84 23.78
C LEU B 113 19.17 -15.33 22.47
N ASP B 114 17.94 -14.82 22.51
CA ASP B 114 17.26 -14.23 21.37
C ASP B 114 17.33 -12.71 21.46
N PRO B 115 17.11 -12.00 20.34
CA PRO B 115 17.12 -10.54 20.40
C PRO B 115 16.05 -9.97 21.32
N ILE B 116 14.96 -10.71 21.57
CA ILE B 116 14.01 -10.29 22.59
C ILE B 116 14.57 -10.52 23.99
N GLY B 117 15.31 -11.62 24.18
CA GLY B 117 15.95 -11.87 25.45
C GLY B 117 15.56 -13.17 26.13
N SER B 118 15.12 -14.16 25.35
CA SER B 118 14.72 -15.43 25.92
C SER B 118 15.95 -16.29 26.21
N LEU B 119 16.02 -16.84 27.42
CA LEU B 119 17.15 -17.64 27.86
C LEU B 119 16.81 -19.13 27.75
N ILE B 120 17.68 -19.88 27.06
CA ILE B 120 17.52 -21.31 26.87
C ILE B 120 18.81 -22.00 27.26
N GLU B 121 18.72 -23.05 28.06
CA GLU B 121 19.87 -23.87 28.42
C GLU B 121 19.80 -25.20 27.68
N ASP B 122 20.79 -25.43 26.82
CA ASP B 122 20.88 -26.68 26.06
C ASP B 122 22.24 -27.34 26.25
N SER B 123 22.50 -28.41 25.51
CA SER B 123 23.83 -29.00 25.43
C SER B 123 24.58 -28.49 24.20
N TYR B 124 24.01 -28.70 23.02
CA TYR B 124 24.65 -28.33 21.76
C TYR B 124 23.72 -27.40 21.01
N ALA B 125 24.30 -26.43 20.31
CA ALA B 125 23.49 -25.42 19.65
C ALA B 125 24.29 -24.78 18.52
N ALA B 126 23.56 -24.22 17.56
CA ALA B 126 24.15 -23.38 16.54
C ALA B 126 23.22 -22.20 16.27
N VAL B 127 23.80 -21.13 15.75
CA VAL B 127 23.12 -19.84 15.64
C VAL B 127 23.58 -19.17 14.34
N GLY B 128 22.62 -18.75 13.52
CA GLY B 128 22.95 -17.93 12.38
C GLY B 128 22.44 -18.48 11.06
N SER B 129 23.15 -18.17 9.97
CA SER B 129 22.72 -18.57 8.64
C SER B 129 22.83 -20.07 8.45
N GLY B 130 24.04 -20.61 8.57
CA GLY B 130 24.27 -22.03 8.38
C GLY B 130 23.99 -22.89 9.58
N ALA B 131 23.28 -22.36 10.59
CA ALA B 131 23.03 -23.13 11.80
C ALA B 131 22.22 -24.37 11.49
N ARG B 132 21.25 -24.26 10.58
CA ARG B 132 20.52 -25.42 10.10
C ARG B 132 21.46 -26.55 9.68
N VAL B 133 22.42 -26.23 8.81
CA VAL B 133 23.38 -27.21 8.32
C VAL B 133 24.23 -27.75 9.46
N ALA B 134 24.74 -26.84 10.31
CA ALA B 134 25.70 -27.24 11.33
C ALA B 134 25.06 -28.10 12.41
N ILE B 135 23.82 -27.77 12.81
CA ILE B 135 23.14 -28.58 13.80
C ILE B 135 22.85 -29.98 13.25
N GLY B 136 22.67 -30.10 11.94
CA GLY B 136 22.56 -31.42 11.33
C GLY B 136 23.74 -32.31 11.62
N VAL B 137 24.95 -31.77 11.46
CA VAL B 137 26.16 -32.52 11.78
C VAL B 137 26.21 -32.86 13.26
N LEU B 138 25.82 -31.91 14.11
CA LEU B 138 25.83 -32.15 15.55
C LEU B 138 24.81 -33.20 15.94
N GLU B 139 23.65 -33.22 15.27
CA GLU B 139 22.61 -34.19 15.60
C GLU B 139 22.98 -35.60 15.16
N ALA B 140 24.03 -35.76 14.36
CA ALA B 140 24.47 -37.08 13.94
C ALA B 140 25.37 -37.76 14.97
N GLU B 141 26.45 -37.08 15.36
CA GLU B 141 27.59 -37.72 16.01
C GLU B 141 27.67 -37.41 17.51
N TYR B 142 26.77 -36.58 18.04
CA TYR B 142 26.94 -36.09 19.40
CA TYR B 142 26.92 -36.09 19.40
C TYR B 142 26.69 -37.21 20.41
N ASN B 143 27.36 -37.07 21.56
CA ASN B 143 27.11 -37.90 22.74
C ASN B 143 27.22 -37.00 23.97
N GLU B 144 26.55 -37.41 25.05
CA GLU B 144 26.71 -36.71 26.32
C GLU B 144 28.11 -36.90 26.90
N SER B 145 28.78 -38.01 26.56
CA SER B 145 30.10 -38.32 27.10
C SER B 145 31.15 -38.03 26.04
N LEU B 146 31.64 -36.78 26.02
CA LEU B 146 32.68 -36.35 25.12
C LEU B 146 33.89 -35.85 25.92
N THR B 147 35.01 -35.68 25.22
CA THR B 147 36.14 -34.94 25.74
C THR B 147 36.22 -33.57 25.09
N SER B 148 37.07 -32.71 25.67
CA SER B 148 37.13 -31.32 25.22
C SER B 148 37.70 -31.22 23.81
N GLU B 149 38.76 -31.96 23.51
CA GLU B 149 39.40 -31.85 22.20
C GLU B 149 38.70 -32.69 21.13
N ALA B 150 37.97 -33.73 21.52
CA ALA B 150 37.10 -34.41 20.56
C ALA B 150 35.92 -33.53 20.16
N ALA B 151 35.41 -32.74 21.10
CA ALA B 151 34.35 -31.80 20.77
C ALA B 151 34.86 -30.66 19.91
N LYS B 152 36.14 -30.32 20.04
CA LYS B 152 36.76 -29.37 19.11
C LYS B 152 36.69 -29.90 17.68
N GLU B 153 37.03 -31.18 17.49
CA GLU B 153 37.00 -31.76 16.15
C GLU B 153 35.58 -31.88 15.64
N LEU B 154 34.61 -32.12 16.51
CA LEU B 154 33.21 -32.11 16.10
C LEU B 154 32.78 -30.72 15.64
N ALA B 155 33.27 -29.68 16.34
CA ALA B 155 32.94 -28.31 15.93
C ALA B 155 33.62 -27.95 14.63
N ILE B 156 34.81 -28.50 14.37
CA ILE B 156 35.48 -28.24 13.10
C ILE B 156 34.76 -28.94 11.96
N LYS B 157 34.30 -30.17 12.20
CA LYS B 157 33.56 -30.89 11.16
C LYS B 157 32.23 -30.22 10.85
N SER B 158 31.51 -29.80 11.88
CA SER B 158 30.20 -29.20 11.67
C SER B 158 30.31 -27.82 11.04
N MET B 159 31.27 -27.01 11.49
CA MET B 159 31.48 -25.70 10.87
C MET B 159 31.98 -25.85 9.43
N LYS B 160 32.75 -26.89 9.14
CA LYS B 160 33.23 -27.09 7.78
C LYS B 160 32.09 -27.47 6.85
N SER B 161 31.12 -28.24 7.34
CA SER B 161 29.91 -28.50 6.57
C SER B 161 29.14 -27.22 6.30
N ALA B 162 29.07 -26.34 7.30
CA ALA B 162 28.38 -25.06 7.13
C ALA B 162 29.16 -24.13 6.20
N VAL B 163 30.47 -24.31 6.10
CA VAL B 163 31.26 -23.53 5.16
C VAL B 163 30.94 -23.92 3.73
N GLU B 164 30.83 -25.23 3.47
CA GLU B 164 30.59 -25.72 2.12
C GLU B 164 29.16 -25.52 1.63
N ARG B 165 28.19 -25.31 2.53
CA ARG B 165 26.79 -25.30 2.13
C ARG B 165 26.02 -24.05 2.56
N ASP B 166 26.68 -23.04 3.10
CA ASP B 166 26.01 -21.78 3.41
C ASP B 166 26.80 -20.63 2.78
N VAL B 167 26.10 -19.76 2.05
CA VAL B 167 26.75 -18.65 1.35
C VAL B 167 26.93 -17.43 2.26
N MET B 168 27.06 -17.66 3.56
CA MET B 168 27.25 -16.58 4.51
C MET B 168 28.44 -16.82 5.42
N SER B 169 28.84 -18.08 5.60
CA SER B 169 29.96 -18.47 6.44
C SER B 169 31.09 -19.01 5.58
N GLY B 170 32.21 -19.27 6.25
CA GLY B 170 33.39 -19.80 5.61
C GLY B 170 34.69 -19.24 6.13
N ASP B 171 35.72 -19.22 5.28
CA ASP B 171 37.05 -18.72 5.61
C ASP B 171 37.52 -19.42 6.88
N GLY B 172 37.99 -18.69 7.90
CA GLY B 172 38.45 -19.31 9.13
C GLY B 172 37.38 -19.37 10.20
N ILE B 173 37.67 -20.12 11.26
CA ILE B 173 36.73 -20.31 12.36
C ILE B 173 37.51 -20.30 13.68
N ASP B 174 37.14 -19.40 14.58
CA ASP B 174 37.77 -19.30 15.88
C ASP B 174 37.18 -20.35 16.83
N ILE B 175 37.89 -20.63 17.91
CA ILE B 175 37.46 -21.62 18.89
C ILE B 175 37.89 -21.16 20.27
N LEU B 176 36.94 -21.15 21.22
CA LEU B 176 37.22 -21.02 22.65
C LEU B 176 36.78 -22.29 23.34
N ILE B 177 37.71 -22.95 24.02
CA ILE B 177 37.39 -24.03 24.95
C ILE B 177 37.48 -23.49 26.37
N ILE B 178 36.55 -23.91 27.22
CA ILE B 178 36.47 -23.38 28.58
C ILE B 178 36.64 -24.49 29.61
N ILE B 183 41.05 -21.38 30.07
CA ILE B 183 40.52 -21.16 28.73
C ILE B 183 41.64 -21.13 27.71
N TYR B 184 41.58 -22.03 26.73
CA TYR B 184 42.49 -22.03 25.60
C TYR B 184 41.75 -21.56 24.35
N GLU B 185 42.50 -20.96 23.43
CA GLU B 185 41.99 -20.60 22.11
C GLU B 185 43.04 -20.94 21.06
N ASP B 186 42.68 -21.80 20.12
CA ASP B 186 43.61 -22.29 19.10
C ASP B 186 42.91 -22.25 17.75
N PHE B 187 43.43 -21.42 16.84
CA PHE B 187 42.78 -21.19 15.56
C PHE B 187 43.35 -22.16 14.54
N ILE B 188 42.56 -23.17 14.17
CA ILE B 188 42.90 -24.05 13.07
C ILE B 188 41.72 -24.16 12.11
N ILE C 14 26.86 38.37 50.66
CA ILE C 14 25.50 38.10 50.21
C ILE C 14 25.27 38.93 48.96
N THR C 15 24.30 38.53 48.15
CA THR C 15 23.94 39.22 46.91
C THR C 15 23.01 40.37 47.25
N ILE C 16 23.56 41.32 47.98
CA ILE C 16 22.86 42.49 48.50
C ILE C 16 23.79 43.69 48.35
N PHE C 17 23.21 44.86 48.08
CA PHE C 17 23.98 46.04 47.74
C PHE C 17 24.17 46.96 48.94
N SER C 18 25.44 47.27 49.22
CA SER C 18 25.81 48.17 50.29
C SER C 18 25.35 49.59 49.93
N PRO C 19 25.19 50.46 50.93
CA PRO C 19 24.63 51.79 50.63
C PRO C 19 25.51 52.64 49.74
N ASP C 20 26.83 52.39 49.69
CA ASP C 20 27.66 53.02 48.68
C ASP C 20 27.40 52.45 47.28
N GLY C 21 26.94 51.20 47.20
CA GLY C 21 26.69 50.54 45.94
C GLY C 21 27.62 49.40 45.61
N SER C 22 28.63 49.14 46.43
CA SER C 22 29.60 48.08 46.18
C SER C 22 29.12 46.75 46.73
N LEU C 23 29.38 45.68 45.98
CA LEU C 23 29.15 44.32 46.45
C LEU C 23 30.36 43.84 47.24
N TYR C 24 30.16 43.55 48.53
CA TYR C 24 31.29 43.26 49.40
C TYR C 24 31.89 41.87 49.13
N GLN C 25 31.05 40.90 48.74
CA GLN C 25 31.58 39.56 48.49
C GLN C 25 32.47 39.52 47.25
N VAL C 26 32.20 40.37 46.28
CA VAL C 26 33.08 40.43 45.11
C VAL C 26 34.44 40.95 45.52
N ASP C 27 34.47 42.01 46.33
CA ASP C 27 35.74 42.53 46.81
C ASP C 27 36.41 41.53 47.74
N TYR C 28 35.64 40.74 48.48
CA TYR C 28 36.21 39.69 49.31
C TYR C 28 36.76 38.55 48.46
N ALA C 29 36.08 38.23 47.35
CA ALA C 29 36.61 37.23 46.43
C ALA C 29 37.86 37.72 45.73
N PHE C 30 37.95 39.03 45.47
CA PHE C 30 39.16 39.59 44.91
C PHE C 30 40.29 39.63 45.93
N GLU C 31 39.96 39.66 47.23
CA GLU C 31 40.98 39.45 48.25
C GLU C 31 41.44 38.00 48.28
N ALA C 32 40.56 37.07 47.89
CA ALA C 32 40.96 35.65 47.85
C ALA C 32 41.94 35.37 46.72
N VAL C 33 41.84 36.10 45.60
CA VAL C 33 42.83 35.94 44.55
C VAL C 33 44.11 36.72 44.86
N LYS C 34 44.03 37.75 45.69
CA LYS C 34 45.23 38.39 46.21
C LYS C 34 46.05 37.43 47.07
N ARG C 35 45.38 36.47 47.71
CA ARG C 35 46.07 35.44 48.48
C ARG C 35 46.50 34.27 47.63
N GLY C 36 46.33 34.33 46.31
CA GLY C 36 46.75 33.27 45.43
C GLY C 36 48.22 33.34 45.10
N TRP C 37 48.68 32.35 44.35
CA TRP C 37 50.06 32.36 43.89
C TRP C 37 50.23 33.41 42.80
N THR C 38 51.49 33.78 42.53
CA THR C 38 51.77 34.81 41.55
C THR C 38 51.72 34.22 40.16
N THR C 39 50.86 34.77 39.31
CA THR C 39 50.77 34.40 37.91
C THR C 39 50.98 35.64 37.06
N LEU C 40 51.58 35.44 35.88
CA LEU C 40 52.05 36.55 35.07
C LEU C 40 51.55 36.38 33.64
N GLY C 41 51.24 37.50 33.01
CA GLY C 41 50.88 37.53 31.61
C GLY C 41 51.38 38.79 30.95
N VAL C 42 52.14 38.65 29.86
CA VAL C 42 52.67 39.79 29.13
C VAL C 42 52.30 39.65 27.66
N LYS C 43 51.91 40.77 27.05
CA LYS C 43 51.46 40.82 25.67
C LYS C 43 52.22 41.93 24.98
N THR C 44 53.06 41.56 24.01
CA THR C 44 53.90 42.53 23.34
C THR C 44 53.87 42.21 21.86
N LYS C 45 54.44 43.09 21.04
CA LYS C 45 54.07 43.21 19.64
C LYS C 45 54.30 42.01 18.72
N SER C 46 54.90 40.92 19.19
CA SER C 46 54.98 39.74 18.32
C SER C 46 54.73 38.43 19.08
N GLY C 47 53.84 38.43 20.06
CA GLY C 47 53.44 37.17 20.66
C GLY C 47 53.10 37.28 22.14
N VAL C 48 52.96 36.11 22.76
CA VAL C 48 52.30 35.93 24.05
C VAL C 48 53.18 35.06 24.93
N VAL C 49 53.45 35.53 26.15
CA VAL C 49 54.08 34.72 27.18
C VAL C 49 53.29 34.90 28.47
N LEU C 50 52.89 33.79 29.09
CA LEU C 50 52.30 33.80 30.41
C LEU C 50 52.83 32.62 31.22
N LEU C 51 53.10 32.88 32.49
CA LEU C 51 53.71 31.89 33.36
C LEU C 51 53.15 32.05 34.77
N ALA C 52 53.51 31.10 35.64
CA ALA C 52 52.93 31.06 36.98
C ALA C 52 53.95 30.47 37.94
N GLU C 53 54.01 31.05 39.13
CA GLU C 53 54.90 30.54 40.17
C GLU C 53 54.34 29.26 40.76
N LYS C 54 55.24 28.36 41.14
CA LYS C 54 54.88 27.05 41.71
C LYS C 54 55.64 26.91 43.04
N ARG C 55 55.08 27.49 44.09
CA ARG C 55 55.73 27.47 45.40
C ARG C 55 55.54 26.11 46.05
N LYS C 56 56.55 25.70 46.81
CA LYS C 56 56.63 24.36 47.37
C LYS C 56 56.40 24.46 48.87
N ALA C 57 55.18 24.10 49.30
CA ALA C 57 54.83 24.20 50.72
C ALA C 57 55.32 23.00 51.51
N THR C 58 55.48 21.86 50.85
CA THR C 58 55.94 20.63 51.49
C THR C 58 57.00 20.00 50.61
N GLN C 59 58.01 19.39 51.24
CA GLN C 59 59.06 18.72 50.49
C GLN C 59 58.52 17.57 49.65
N LEU C 60 57.40 16.99 50.07
CA LEU C 60 56.81 15.83 49.41
C LEU C 60 55.86 16.20 48.28
N LEU C 61 55.80 17.48 47.90
CA LEU C 61 55.00 17.87 46.75
C LEU C 61 55.65 17.45 45.45
N ASP C 62 54.83 16.91 44.54
CA ASP C 62 55.26 16.61 43.17
C ASP C 62 55.07 17.88 42.35
N VAL C 63 56.00 18.82 42.53
CA VAL C 63 55.81 20.17 42.02
C VAL C 63 55.86 20.19 40.50
N ASP C 64 56.79 19.45 39.90
CA ASP C 64 56.92 19.44 38.44
C ASP C 64 55.82 18.63 37.76
N GLY C 65 54.88 18.08 38.52
CA GLY C 65 53.72 17.43 37.93
C GLY C 65 52.40 18.13 38.19
N ILE C 66 52.41 19.11 39.09
CA ILE C 66 51.22 19.93 39.32
C ILE C 66 51.08 20.91 38.17
N GLU C 67 49.84 21.23 37.83
CA GLU C 67 49.52 21.98 36.61
C GLU C 67 48.76 23.25 36.97
N LYS C 68 49.19 24.36 36.38
CA LYS C 68 48.48 25.63 36.48
C LYS C 68 48.31 26.32 35.14
N ILE C 69 49.11 26.00 34.14
CA ILE C 69 48.91 26.47 32.78
C ILE C 69 48.01 25.47 32.06
N PHE C 70 46.85 25.94 31.59
CA PHE C 70 45.90 25.10 30.89
C PHE C 70 45.71 25.59 29.47
N MET C 71 45.55 24.64 28.55
CA MET C 71 45.47 24.92 27.12
C MET C 71 44.00 24.86 26.70
N LEU C 72 43.40 26.02 26.45
CA LEU C 72 41.99 26.06 26.07
C LEU C 72 41.80 25.58 24.64
N ASP C 73 42.58 26.12 23.71
CA ASP C 73 42.56 25.68 22.33
C ASP C 73 44.01 25.57 21.84
N ASP C 74 44.19 25.18 20.57
CA ASP C 74 45.51 25.14 19.99
C ASP C 74 46.22 26.49 20.06
N HIS C 75 45.46 27.59 20.09
CA HIS C 75 46.04 28.91 20.08
C HIS C 75 45.73 29.73 21.33
N VAL C 76 45.01 29.18 22.30
CA VAL C 76 44.63 29.90 23.51
C VAL C 76 45.10 29.13 24.73
N GLY C 77 45.95 29.76 25.52
CA GLY C 77 46.31 29.22 26.82
C GLY C 77 46.11 30.29 27.88
N CYS C 78 45.71 29.83 29.07
CA CYS C 78 45.49 30.76 30.17
C CYS C 78 45.88 30.11 31.49
N THR C 79 46.04 30.95 32.51
CA THR C 79 46.29 30.52 33.87
C THR C 79 45.33 31.21 34.83
N PHE C 80 45.21 30.64 36.03
CA PHE C 80 44.32 31.17 37.05
C PHE C 80 45.11 31.49 38.31
N ALA C 81 44.51 32.29 39.18
CA ALA C 81 45.00 32.49 40.53
C ALA C 81 43.81 32.60 41.47
N GLY C 82 44.08 32.38 42.75
CA GLY C 82 43.01 32.31 43.74
C GLY C 82 42.80 30.88 44.19
N LEU C 83 41.55 30.42 44.18
CA LEU C 83 41.29 29.03 44.43
C LEU C 83 41.70 28.19 43.22
N ALA C 84 41.76 26.87 43.41
CA ALA C 84 42.04 25.99 42.30
C ALA C 84 40.75 25.51 41.63
N SER C 85 39.80 25.02 42.44
CA SER C 85 38.66 24.29 41.92
C SER C 85 37.68 25.20 41.19
N ASP C 86 37.54 26.46 41.64
CA ASP C 86 36.61 27.38 40.99
C ASP C 86 37.07 27.73 39.58
N GLY C 87 38.35 28.09 39.43
CA GLY C 87 38.88 28.36 38.11
C GLY C 87 39.10 27.12 37.26
N ARG C 88 39.09 25.94 37.88
CA ARG C 88 39.26 24.69 37.15
C ARG C 88 37.96 24.21 36.52
N ILE C 89 36.84 24.29 37.25
CA ILE C 89 35.56 23.99 36.62
C ILE C 89 35.23 25.07 35.60
N LEU C 90 35.74 26.28 35.81
CA LEU C 90 35.61 27.33 34.81
C LEU C 90 36.49 27.07 33.59
N ILE C 91 37.57 26.29 33.75
CA ILE C 91 38.39 25.96 32.60
C ILE C 91 37.72 24.88 31.76
N ASP C 92 36.94 24.00 32.38
CA ASP C 92 36.20 22.98 31.62
C ASP C 92 35.09 23.62 30.80
N TYR C 93 34.43 24.63 31.35
CA TYR C 93 33.39 25.33 30.60
C TYR C 93 33.99 26.11 29.43
N ALA C 94 35.18 26.67 29.63
CA ALA C 94 35.83 27.42 28.56
C ALA C 94 36.22 26.51 27.41
N ARG C 95 36.80 25.35 27.73
CA ARG C 95 37.18 24.40 26.70
C ARG C 95 35.95 23.85 25.98
N SER C 96 34.85 23.65 26.70
CA SER C 96 33.63 23.17 26.07
C SER C 96 33.04 24.20 25.12
N GLN C 97 33.08 25.48 25.50
CA GLN C 97 32.57 26.53 24.63
C GLN C 97 33.45 26.71 23.40
N ALA C 98 34.76 26.55 23.58
CA ALA C 98 35.68 26.68 22.45
C ALA C 98 35.48 25.56 21.44
N LEU C 99 35.40 24.31 21.91
CA LEU C 99 35.24 23.20 21.00
C LEU C 99 33.85 23.17 20.38
N GLN C 100 32.86 23.75 21.05
CA GLN C 100 31.53 23.88 20.45
C GLN C 100 31.54 24.90 19.32
N HIS C 101 32.26 26.01 19.50
CA HIS C 101 32.39 26.99 18.43
C HIS C 101 33.16 26.43 17.24
N ARG C 102 34.15 25.57 17.49
CA ARG C 102 34.92 24.99 16.40
C ARG C 102 34.15 23.88 15.69
N LEU C 103 33.19 23.25 16.38
CA LEU C 103 32.31 22.29 15.70
C LEU C 103 31.30 23.00 14.82
N ILE C 104 30.85 24.18 15.21
CA ILE C 104 29.86 24.91 14.42
C ILE C 104 30.49 25.56 13.21
N TYR C 105 31.51 26.39 13.42
CA TYR C 105 32.06 27.23 12.37
C TYR C 105 33.32 26.66 11.71
N ASP C 106 33.89 25.58 12.27
CA ASP C 106 35.17 25.04 11.81
C ASP C 106 36.23 26.14 11.72
N GLU C 107 36.35 26.89 12.83
CA GLU C 107 37.17 28.10 12.86
C GLU C 107 37.75 28.25 14.26
N PRO C 108 38.98 28.76 14.39
CA PRO C 108 39.48 29.13 15.71
C PRO C 108 38.64 30.25 16.33
N ILE C 109 38.69 30.33 17.65
CA ILE C 109 37.76 31.16 18.42
C ILE C 109 38.43 32.45 18.81
N SER C 110 37.73 33.56 18.64
CA SER C 110 38.17 34.84 19.17
C SER C 110 38.13 34.84 20.70
N ILE C 111 39.09 35.55 21.30
CA ILE C 111 39.21 35.50 22.76
C ILE C 111 38.20 36.43 23.43
N GLU C 112 37.70 37.44 22.73
CA GLU C 112 36.64 38.25 23.31
C GLU C 112 35.37 37.44 23.53
N TYR C 113 35.14 36.41 22.72
CA TYR C 113 33.95 35.59 22.91
C TYR C 113 34.17 34.52 23.96
N LEU C 114 35.38 33.95 24.02
CA LEU C 114 35.69 33.00 25.08
C LEU C 114 35.60 33.66 26.44
N THR C 115 36.33 34.76 26.62
CA THR C 115 36.30 35.49 27.88
C THR C 115 34.92 36.07 28.14
N LYS C 116 34.15 36.35 27.08
CA LYS C 116 32.77 36.81 27.25
C LYS C 116 31.94 35.79 28.00
N VAL C 117 31.91 34.54 27.51
CA VAL C 117 31.02 33.55 28.08
C VAL C 117 31.54 33.09 29.43
N ILE C 118 32.86 33.06 29.60
CA ILE C 118 33.45 32.85 30.92
C ILE C 118 32.98 33.94 31.88
N SER C 119 33.11 35.20 31.46
CA SER C 119 32.74 36.33 32.33
C SER C 119 31.24 36.40 32.56
N ASP C 120 30.44 35.94 31.60
CA ASP C 120 28.99 35.93 31.81
C ASP C 120 28.60 34.87 32.84
N VAL C 121 29.34 33.76 32.90
CA VAL C 121 29.11 32.78 33.96
C VAL C 121 29.46 33.36 35.32
N LYS C 122 30.56 34.12 35.39
CA LYS C 122 30.93 34.77 36.65
C LYS C 122 29.87 35.76 37.09
N GLN C 123 29.31 36.52 36.14
CA GLN C 123 28.24 37.46 36.48
C GLN C 123 27.00 36.72 37.00
N ALA C 124 26.64 35.61 36.33
CA ALA C 124 25.43 34.88 36.73
C ALA C 124 25.55 34.30 38.13
N TYR C 125 26.77 34.00 38.59
CA TYR C 125 26.98 33.57 39.96
C TYR C 125 27.21 34.73 40.93
N THR C 126 27.22 35.97 40.45
CA THR C 126 27.23 37.14 41.33
C THR C 126 25.90 37.88 41.34
N GLN C 127 24.81 37.21 40.93
CA GLN C 127 23.50 37.85 40.94
C GLN C 127 22.39 36.96 41.49
N HIS C 128 22.67 35.70 41.80
CA HIS C 128 21.65 34.77 42.28
C HIS C 128 21.94 34.36 43.71
N GLY C 129 20.88 34.08 44.46
CA GLY C 129 20.95 34.03 45.91
C GLY C 129 21.79 32.90 46.48
N GLY C 130 21.35 31.66 46.27
CA GLY C 130 22.01 30.52 46.88
C GLY C 130 23.19 29.99 46.11
N VAL C 131 24.01 30.87 45.55
CA VAL C 131 25.21 30.47 44.81
C VAL C 131 26.37 31.36 45.23
N ARG C 132 27.46 30.75 45.65
CA ARG C 132 28.68 31.51 45.94
C ARG C 132 29.33 31.97 44.63
N PRO C 133 29.86 33.19 44.60
CA PRO C 133 30.61 33.65 43.42
C PRO C 133 31.94 32.92 43.31
N PHE C 134 32.56 33.04 42.13
CA PHE C 134 33.88 32.47 41.92
C PHE C 134 34.94 33.30 42.63
N GLY C 135 35.90 32.63 43.25
CA GLY C 135 36.98 33.32 43.92
C GLY C 135 38.29 33.19 43.16
N VAL C 136 38.21 33.28 41.83
CA VAL C 136 39.35 33.02 40.96
C VAL C 136 39.39 34.10 39.88
N ALA C 137 40.56 34.67 39.65
CA ALA C 137 40.80 35.53 38.51
C ALA C 137 41.62 34.80 37.46
N LEU C 138 41.28 35.04 36.19
CA LEU C 138 41.93 34.38 35.06
C LEU C 138 42.67 35.42 34.24
N ILE C 139 43.74 34.98 33.58
CA ILE C 139 44.44 35.79 32.59
C ILE C 139 44.57 34.94 31.33
N VAL C 140 44.03 35.43 30.22
CA VAL C 140 43.81 34.64 29.01
C VAL C 140 44.64 35.24 27.89
N GLY C 141 45.40 34.38 27.19
CA GLY C 141 46.22 34.83 26.10
C GLY C 141 45.98 33.96 24.87
N GLY C 142 46.37 34.48 23.72
CA GLY C 142 46.18 33.75 22.48
C GLY C 142 46.53 34.49 21.22
N ILE C 143 46.67 33.74 20.12
CA ILE C 143 47.05 34.29 18.83
C ILE C 143 45.85 34.59 17.93
N ASP C 144 44.65 34.23 18.35
CA ASP C 144 43.45 34.44 17.55
C ASP C 144 43.60 33.89 16.13
N LYS C 145 43.46 34.77 15.15
CA LYS C 145 43.59 34.42 13.74
C LYS C 145 44.34 35.58 13.07
N GLY C 146 45.66 35.43 12.94
CA GLY C 146 46.44 36.48 12.32
C GLY C 146 46.56 37.71 13.20
N LYS C 147 46.61 38.87 12.55
CA LYS C 147 46.74 40.16 13.21
C LYS C 147 47.89 40.20 14.20
N GLN C 148 47.57 40.40 15.48
CA GLN C 148 48.59 40.46 16.53
C GLN C 148 48.10 39.65 17.74
N PRO C 149 48.80 39.65 18.87
CA PRO C 149 48.30 38.89 20.03
C PRO C 149 47.24 39.64 20.82
N LYS C 150 46.62 38.93 21.75
CA LYS C 150 45.57 39.49 22.59
C LYS C 150 45.65 38.87 23.98
N LEU C 151 45.43 39.71 24.99
CA LEU C 151 45.47 39.27 26.39
C LEU C 151 44.30 39.91 27.13
N LEU C 152 43.59 39.10 27.92
CA LEU C 152 42.51 39.60 28.78
C LEU C 152 42.67 39.04 30.18
N MET C 153 42.00 39.69 31.13
CA MET C 153 41.93 39.25 32.51
C MET C 153 40.48 39.24 32.96
N THR C 154 40.08 38.15 33.63
CA THR C 154 38.72 38.01 34.15
C THR C 154 38.73 38.29 35.65
N GLU C 155 37.90 39.24 36.07
CA GLU C 155 37.69 39.56 37.47
C GLU C 155 36.42 38.88 37.99
N PRO C 156 36.37 38.51 39.28
CA PRO C 156 35.21 37.78 39.79
C PRO C 156 33.92 38.59 39.78
N SER C 157 33.99 39.91 39.59
CA SER C 157 32.79 40.68 39.28
C SER C 157 32.26 40.39 37.89
N GLY C 158 33.11 39.88 37.00
CA GLY C 158 32.73 39.65 35.63
C GLY C 158 33.21 40.70 34.64
N GLN C 159 34.16 41.54 35.03
CA GLN C 159 34.62 42.63 34.18
C GLN C 159 35.77 42.16 33.28
N PHE C 160 35.81 42.70 32.06
CA PHE C 160 37.00 42.57 31.24
C PHE C 160 37.94 43.74 31.53
N MET C 161 39.23 43.43 31.55
CA MET C 161 40.23 44.45 31.24
C MET C 161 41.30 43.83 30.36
N PRO C 162 41.39 44.24 29.09
CA PRO C 162 42.53 43.81 28.26
C PRO C 162 43.78 44.57 28.66
N TYR C 163 44.88 43.85 28.82
CA TYR C 163 46.11 44.42 29.34
C TYR C 163 47.26 44.15 28.39
N TYR C 164 48.23 45.07 28.39
CA TYR C 164 49.51 44.80 27.74
C TYR C 164 50.33 43.80 28.55
N ALA C 165 50.31 43.95 29.88
CA ALA C 165 51.08 43.10 30.78
C ALA C 165 50.58 43.30 32.20
N VAL C 166 50.14 42.23 32.87
CA VAL C 166 49.76 42.28 34.27
C VAL C 166 50.24 41.03 34.99
N ALA C 167 50.04 41.02 36.30
CA ALA C 167 50.40 39.90 37.16
C ALA C 167 49.60 40.04 38.44
N ILE C 168 49.00 38.95 38.91
CA ILE C 168 48.17 38.97 40.11
C ILE C 168 48.48 37.75 40.96
N GLY C 169 48.34 37.93 42.27
CA GLY C 169 48.79 36.98 43.27
C GLY C 169 49.37 37.72 44.44
N GLN C 170 50.20 37.03 45.22
CA GLN C 170 50.79 37.65 46.41
C GLN C 170 51.76 38.76 46.03
N GLY C 171 52.64 38.49 45.07
CA GLY C 171 53.57 39.50 44.60
C GLY C 171 53.07 40.18 43.33
N GLY C 172 51.75 40.27 43.21
CA GLY C 172 51.17 40.84 42.00
C GLY C 172 51.46 42.32 41.85
N TYR C 173 51.45 43.07 42.95
CA TYR C 173 51.69 44.50 42.88
C TYR C 173 53.15 44.81 42.58
N THR C 174 54.08 43.97 43.05
CA THR C 174 55.49 44.18 42.76
C THR C 174 55.78 43.90 41.29
N ALA C 175 55.21 42.81 40.75
CA ALA C 175 55.37 42.54 39.33
C ALA C 175 54.64 43.57 38.49
N THR C 176 53.55 44.13 38.99
CA THR C 176 52.85 45.20 38.28
C THR C 176 53.74 46.44 38.18
N GLU C 177 54.47 46.75 39.25
CA GLU C 177 55.33 47.93 39.24
C GLU C 177 56.65 47.67 38.51
N TYR C 178 57.13 46.43 38.49
CA TYR C 178 58.32 46.13 37.69
C TYR C 178 58.02 46.21 36.21
N LEU C 179 56.88 45.66 35.77
CA LEU C 179 56.49 45.77 34.37
C LEU C 179 56.06 47.18 34.02
N GLU C 180 55.68 47.98 35.02
CA GLU C 180 55.49 49.41 34.80
C GLU C 180 56.81 50.11 34.52
N LYS C 181 57.92 49.61 35.08
CA LYS C 181 59.21 50.25 34.90
C LYS C 181 59.74 50.05 33.48
N ASN C 182 59.93 48.79 33.07
CA ASN C 182 60.64 48.47 31.83
C ASN C 182 59.77 47.60 30.92
N TYR C 183 58.79 48.24 30.28
CA TYR C 183 57.94 47.55 29.31
C TYR C 183 58.41 47.98 27.92
N LYS C 184 59.34 47.22 27.35
CA LYS C 184 59.87 47.53 26.03
C LYS C 184 58.86 47.19 24.95
N GLU C 185 58.54 48.18 24.11
CA GLU C 185 57.59 47.98 23.02
C GLU C 185 58.01 46.81 22.12
N ASP C 186 59.19 46.91 21.52
CA ASP C 186 59.72 45.84 20.68
C ASP C 186 59.74 44.50 21.40
N LEU C 187 59.12 43.48 20.78
CA LEU C 187 59.07 42.13 21.33
C LEU C 187 60.03 41.24 20.55
N ASP C 188 60.66 40.32 21.27
CA ASP C 188 61.57 39.35 20.68
C ASP C 188 61.10 37.95 21.09
N ILE C 189 61.82 36.92 20.62
CA ILE C 189 61.44 35.56 20.95
C ILE C 189 62.17 35.08 22.20
N GLN C 190 63.14 35.85 22.68
CA GLN C 190 63.88 35.54 23.88
C GLN C 190 63.84 36.67 24.90
N SER C 191 63.30 37.84 24.51
CA SER C 191 63.19 38.99 25.40
C SER C 191 61.80 39.11 26.03
N THR C 192 60.77 38.54 25.39
CA THR C 192 59.43 38.57 25.95
C THR C 192 59.24 37.52 27.03
N ILE C 193 60.06 36.47 27.01
CA ILE C 193 60.04 35.46 28.04
C ILE C 193 61.02 35.86 29.13
N LEU C 194 62.03 36.64 28.76
CA LEU C 194 63.00 37.18 29.71
C LEU C 194 62.37 38.21 30.62
N LEU C 195 61.48 39.06 30.08
CA LEU C 195 60.84 40.08 30.89
C LEU C 195 59.95 39.46 31.96
N ALA C 196 59.24 38.39 31.61
CA ALA C 196 58.38 37.72 32.58
C ALA C 196 59.21 37.01 33.64
N LEU C 197 60.40 36.51 33.27
CA LEU C 197 61.28 35.85 34.22
C LEU C 197 61.91 36.85 35.18
N ARG C 198 62.04 38.11 34.75
CA ARG C 198 62.58 39.17 35.59
C ARG C 198 61.50 39.92 36.35
N ALA C 199 60.24 39.59 36.12
CA ALA C 199 59.11 40.22 36.79
C ALA C 199 58.51 39.33 37.87
N LEU C 200 59.17 38.22 38.21
CA LEU C 200 58.68 37.35 39.26
C LEU C 200 59.11 37.80 40.65
N MET C 201 60.26 38.47 40.76
CA MET C 201 60.78 38.95 42.04
C MET C 201 61.59 40.22 41.80
N GLU C 208 63.12 32.02 48.84
CA GLU C 208 63.69 30.88 48.12
C GLU C 208 64.24 31.31 46.77
N LYS C 209 65.46 30.84 46.47
CA LYS C 209 66.02 31.06 45.15
C LYS C 209 65.25 30.26 44.10
N LEU C 210 65.33 30.73 42.86
CA LEU C 210 64.50 30.15 41.81
C LEU C 210 65.04 28.79 41.37
N ASN C 211 64.18 27.79 41.39
CA ASN C 211 64.52 26.45 40.93
C ASN C 211 64.28 26.34 39.43
N TYR C 212 64.99 25.42 38.80
CA TYR C 212 64.88 25.23 37.35
C TYR C 212 63.82 24.19 36.99
N SER C 213 63.12 23.63 37.97
CA SER C 213 62.02 22.70 37.72
C SER C 213 60.89 22.95 38.71
N SER C 214 60.61 24.22 39.00
CA SER C 214 59.52 24.57 39.90
C SER C 214 58.82 25.85 39.46
N VAL C 215 58.77 26.09 38.15
CA VAL C 215 58.00 27.20 37.58
C VAL C 215 57.55 26.79 36.19
N GLU C 216 56.34 27.19 35.82
CA GLU C 216 55.65 26.63 34.65
C GLU C 216 55.41 27.76 33.67
N ILE C 217 55.90 27.60 32.44
CA ILE C 217 55.93 28.66 31.45
C ILE C 217 55.26 28.15 30.17
N GLY C 218 54.42 28.98 29.58
CA GLY C 218 53.83 28.69 28.28
C GLY C 218 53.82 29.93 27.41
N TYR C 219 54.10 29.76 26.12
CA TYR C 219 54.16 30.89 25.20
C TYR C 219 53.42 30.57 23.91
N ALA C 220 52.84 31.62 23.32
CA ALA C 220 52.25 31.55 21.99
C ALA C 220 52.96 32.57 21.11
N ASP C 221 53.36 32.14 19.91
CA ASP C 221 54.14 32.96 19.01
C ASP C 221 53.40 33.19 17.71
N VAL C 222 53.60 34.36 17.11
CA VAL C 222 52.75 34.79 15.99
C VAL C 222 53.18 34.20 14.66
N ASP C 223 54.36 33.61 14.58
CA ASP C 223 54.83 33.07 13.31
C ASP C 223 54.11 31.77 12.98
N SER C 224 54.19 30.79 13.87
CA SER C 224 53.33 29.61 13.82
C SER C 224 52.26 29.74 14.90
N GLY C 225 51.02 29.96 14.48
CA GLY C 225 49.97 30.40 15.38
C GLY C 225 49.50 29.32 16.33
N THR C 226 50.34 28.97 17.31
CA THR C 226 50.05 27.86 18.21
C THR C 226 50.53 28.18 19.61
N PHE C 227 50.20 27.31 20.55
CA PHE C 227 50.52 27.48 21.97
C PHE C 227 51.04 26.16 22.51
N LYS C 228 52.14 26.21 23.25
CA LYS C 228 52.70 25.02 23.87
C LYS C 228 53.49 25.40 25.11
N LYS C 229 53.34 24.61 26.17
CA LYS C 229 54.13 24.78 27.37
C LYS C 229 55.57 24.38 27.11
N LEU C 230 56.49 25.01 27.84
CA LEU C 230 57.90 24.69 27.69
C LEU C 230 58.23 23.36 28.35
N THR C 231 59.08 22.58 27.70
CA THR C 231 59.51 21.32 28.25
C THR C 231 60.45 21.53 29.44
N THR C 232 60.65 20.45 30.21
CA THR C 232 61.43 20.59 31.44
C THR C 232 62.89 20.90 31.14
N GLU C 233 63.37 20.50 29.96
CA GLU C 233 64.71 20.89 29.54
C GLU C 233 64.76 22.36 29.14
N GLU C 234 63.68 22.87 28.53
CA GLU C 234 63.64 24.25 28.09
C GLU C 234 63.55 25.20 29.28
N ARG C 235 62.95 24.73 30.38
CA ARG C 235 62.92 25.53 31.61
C ARG C 235 64.32 25.76 32.15
N SER C 236 65.14 24.71 32.16
CA SER C 236 66.51 24.81 32.69
C SER C 236 67.38 25.69 31.81
N ASP C 237 67.27 25.57 30.49
CA ASP C 237 68.13 26.33 29.60
C ASP C 237 67.79 27.81 29.59
N LEU C 238 66.52 28.15 29.85
CA LEU C 238 66.11 29.55 29.84
C LEU C 238 66.31 30.23 31.18
N LEU C 239 66.11 29.51 32.29
CA LEU C 239 66.28 30.08 33.62
C LEU C 239 67.74 30.21 34.04
N GLN C 240 68.69 29.81 33.21
CA GLN C 240 70.10 29.88 33.58
C GLN C 240 70.78 31.15 33.08
N LYS C 241 70.13 31.93 32.23
CA LYS C 241 70.73 33.15 31.71
C LYS C 241 70.59 34.32 32.68
N ILE C 242 69.79 34.16 33.74
CA ILE C 242 69.31 35.27 34.55
C ILE C 242 70.45 36.06 35.17
N THR D 15 13.73 42.66 48.39
CA THR D 15 12.37 42.74 47.85
C THR D 15 11.36 43.10 48.93
N ILE D 16 11.66 44.15 49.68
CA ILE D 16 10.85 44.56 50.82
C ILE D 16 10.69 46.08 50.77
N PHE D 17 9.47 46.55 51.03
CA PHE D 17 9.18 47.98 51.02
C PHE D 17 9.50 48.59 52.37
N SER D 18 10.17 49.74 52.33
CA SER D 18 10.32 50.58 53.50
C SER D 18 9.02 51.31 53.80
N PRO D 19 8.83 51.76 55.04
CA PRO D 19 7.53 52.36 55.40
C PRO D 19 7.19 53.61 54.64
N ASP D 20 8.18 54.33 54.10
CA ASP D 20 7.87 55.42 53.16
C ASP D 20 7.37 54.88 51.83
N GLY D 21 7.78 53.67 51.45
CA GLY D 21 7.41 53.06 50.19
C GLY D 21 8.54 52.91 49.20
N SER D 22 9.74 53.39 49.51
CA SER D 22 10.87 53.32 48.59
C SER D 22 11.60 51.99 48.75
N LEU D 23 12.06 51.44 47.62
CA LEU D 23 12.92 50.27 47.64
C LEU D 23 14.37 50.71 47.83
N TYR D 24 14.97 50.30 48.94
CA TYR D 24 16.31 50.79 49.27
C TYR D 24 17.39 50.16 48.40
N GLN D 25 17.21 48.90 48.01
CA GLN D 25 18.23 48.23 47.20
C GLN D 25 18.33 48.83 45.81
N VAL D 26 17.21 49.32 45.27
CA VAL D 26 17.24 49.97 43.97
C VAL D 26 18.01 51.28 44.04
N ASP D 27 17.75 52.07 45.09
CA ASP D 27 18.47 53.33 45.26
C ASP D 27 19.95 53.11 45.52
N TYR D 28 20.32 51.99 46.14
CA TYR D 28 21.73 51.67 46.33
C TYR D 28 22.40 51.34 45.00
N ALA D 29 21.67 50.68 44.10
CA ALA D 29 22.21 50.41 42.77
C ALA D 29 22.36 51.69 41.95
N PHE D 30 21.48 52.67 42.16
CA PHE D 30 21.63 53.96 41.49
C PHE D 30 22.81 54.74 42.05
N GLU D 31 23.17 54.50 43.31
CA GLU D 31 24.43 55.02 43.82
C GLU D 31 25.63 54.31 43.21
N ALA D 32 25.46 53.05 42.80
CA ALA D 32 26.56 52.33 42.17
C ALA D 32 26.86 52.88 40.77
N VAL D 33 25.85 53.37 40.06
CA VAL D 33 26.09 54.01 38.77
C VAL D 33 26.58 55.43 38.95
N LYS D 34 26.28 56.07 40.09
CA LYS D 34 26.88 57.36 40.40
C LYS D 34 28.39 57.24 40.58
N ARG D 35 28.86 56.07 41.02
CA ARG D 35 30.29 55.80 41.12
C ARG D 35 30.90 55.30 39.81
N GLY D 36 30.11 55.24 38.75
CA GLY D 36 30.61 54.79 37.46
C GLY D 36 31.35 55.89 36.73
N TRP D 37 31.88 55.53 35.57
CA TRP D 37 32.53 56.51 34.72
C TRP D 37 31.49 57.41 34.07
N THR D 38 31.95 58.56 33.58
CA THR D 38 31.03 59.53 32.98
C THR D 38 30.72 59.11 31.55
N THR D 39 29.43 58.92 31.26
CA THR D 39 28.96 58.63 29.92
C THR D 39 27.96 59.68 29.50
N LEU D 40 27.93 59.98 28.20
CA LEU D 40 27.18 61.12 27.68
C LEU D 40 26.35 60.70 26.49
N GLY D 41 25.16 61.31 26.39
CA GLY D 41 24.30 61.13 25.23
C GLY D 41 23.57 62.42 24.93
N VAL D 42 23.68 62.91 23.70
CA VAL D 42 23.02 64.15 23.29
C VAL D 42 22.21 63.89 22.02
N LYS D 43 21.07 64.56 21.92
CA LYS D 43 20.23 64.49 20.73
C LYS D 43 19.92 65.89 20.23
N THR D 44 20.29 66.17 18.99
CA THR D 44 19.87 67.36 18.28
C THR D 44 19.12 66.95 17.03
N LYS D 45 18.54 67.94 16.34
CA LYS D 45 17.87 67.69 15.08
C LYS D 45 18.85 67.27 13.99
N SER D 46 20.12 67.60 14.14
CA SER D 46 21.13 67.11 13.20
C SER D 46 21.33 65.60 13.33
N GLY D 47 21.35 65.07 14.55
CA GLY D 47 21.43 63.63 14.70
C GLY D 47 21.80 63.20 16.11
N VAL D 48 22.39 62.01 16.19
CA VAL D 48 22.63 61.30 17.44
C VAL D 48 24.13 61.29 17.72
N VAL D 49 24.52 61.73 18.92
CA VAL D 49 25.88 61.58 19.40
C VAL D 49 25.84 61.06 20.84
N LEU D 50 26.58 59.99 21.11
CA LEU D 50 26.80 59.51 22.47
C LEU D 50 28.24 59.04 22.63
N LEU D 51 28.84 59.35 23.76
CA LEU D 51 30.24 59.06 24.01
C LEU D 51 30.43 58.70 25.48
N ALA D 52 31.64 58.25 25.81
CA ALA D 52 31.92 57.74 27.14
C ALA D 52 33.39 57.99 27.49
N GLU D 53 33.62 58.39 28.74
CA GLU D 53 34.97 58.61 29.23
C GLU D 53 35.67 57.28 29.47
N LYS D 54 36.99 57.26 29.24
CA LYS D 54 37.82 56.06 29.40
C LYS D 54 39.00 56.42 30.30
N ARG D 55 38.77 56.37 31.61
CA ARG D 55 39.82 56.75 32.55
C ARG D 55 40.82 55.61 32.70
N LYS D 56 42.08 55.99 32.89
CA LYS D 56 43.21 55.05 32.88
C LYS D 56 43.74 54.90 34.30
N ALA D 57 43.40 53.77 34.94
CA ALA D 57 43.82 53.55 36.31
C ALA D 57 45.24 53.00 36.42
N THR D 58 45.73 52.32 35.39
CA THR D 58 47.07 51.75 35.40
C THR D 58 47.75 52.05 34.07
N GLN D 59 49.08 52.18 34.12
CA GLN D 59 49.86 52.42 32.91
C GLN D 59 49.82 51.24 31.94
N LEU D 60 49.55 50.04 32.44
CA LEU D 60 49.60 48.83 31.63
C LEU D 60 48.24 48.42 31.10
N LEU D 61 47.19 49.20 31.39
CA LEU D 61 45.86 48.90 30.87
C LEU D 61 45.81 49.24 29.38
N ASP D 62 45.29 48.29 28.59
CA ASP D 62 45.07 48.52 27.16
C ASP D 62 43.77 49.30 26.99
N VAL D 63 43.83 50.60 27.27
CA VAL D 63 42.68 51.46 27.09
C VAL D 63 42.38 51.66 25.61
N ASP D 64 43.33 51.36 24.73
CA ASP D 64 43.06 51.32 23.30
C ASP D 64 42.17 50.15 22.91
N GLY D 65 42.07 49.13 23.75
CA GLY D 65 41.33 47.94 23.43
C GLY D 65 40.08 47.74 24.28
N ILE D 66 39.89 48.58 25.28
CA ILE D 66 38.71 48.47 26.14
C ILE D 66 37.54 49.15 25.46
N GLU D 67 36.33 48.67 25.74
CA GLU D 67 35.14 49.04 25.00
C GLU D 67 34.01 49.40 25.95
N LYS D 68 33.35 50.52 25.68
CA LYS D 68 32.14 50.90 26.40
C LYS D 68 31.00 51.32 25.48
N ILE D 69 31.29 51.71 24.24
CA ILE D 69 30.26 51.96 23.24
C ILE D 69 29.97 50.64 22.53
N PHE D 70 28.73 50.18 22.60
CA PHE D 70 28.33 48.93 21.95
C PHE D 70 27.25 49.21 20.91
N MET D 71 27.34 48.48 19.80
CA MET D 71 26.46 48.67 18.65
C MET D 71 25.39 47.58 18.67
N LEU D 72 24.17 47.95 19.06
CA LEU D 72 23.08 46.99 19.10
C LEU D 72 22.68 46.56 17.69
N ASP D 73 22.32 47.51 16.84
CA ASP D 73 22.11 47.22 15.41
C ASP D 73 22.82 48.25 14.55
N ASP D 74 22.59 48.19 13.24
CA ASP D 74 23.19 49.15 12.33
C ASP D 74 22.70 50.57 12.57
N HIS D 75 21.63 50.76 13.34
CA HIS D 75 21.06 52.07 13.58
C HIS D 75 20.83 52.36 15.05
N VAL D 76 21.26 51.49 15.96
CA VAL D 76 21.08 51.68 17.39
C VAL D 76 22.38 51.36 18.10
N GLY D 77 22.91 52.34 18.84
CA GLY D 77 24.05 52.10 19.71
C GLY D 77 23.78 52.70 21.08
N CYS D 78 24.46 52.15 22.08
CA CYS D 78 24.23 52.60 23.45
C CYS D 78 25.50 52.40 24.27
N THR D 79 25.54 53.06 25.42
CA THR D 79 26.61 52.89 26.40
C THR D 79 26.00 52.66 27.78
N PHE D 80 26.83 52.14 28.68
CA PHE D 80 26.42 51.83 30.04
C PHE D 80 27.30 52.59 31.02
N ALA D 81 26.83 52.69 32.26
CA ALA D 81 27.66 53.14 33.37
C ALA D 81 27.27 52.34 34.61
N GLY D 82 28.18 52.33 35.58
CA GLY D 82 27.99 51.50 36.75
C GLY D 82 28.93 50.31 36.70
N LEU D 83 28.39 49.12 36.93
CA LEU D 83 29.18 47.91 36.74
C LEU D 83 29.35 47.63 35.25
N ALA D 84 30.27 46.73 34.94
CA ALA D 84 30.46 46.32 33.55
C ALA D 84 29.62 45.09 33.21
N SER D 85 29.68 44.06 34.04
CA SER D 85 29.15 42.75 33.66
C SER D 85 27.63 42.73 33.64
N ASP D 86 26.97 43.51 34.49
CA ASP D 86 25.51 43.52 34.52
C ASP D 86 24.94 44.15 33.25
N GLY D 87 25.48 45.30 32.85
CA GLY D 87 25.04 45.92 31.61
C GLY D 87 25.53 45.21 30.37
N ARG D 88 26.54 44.34 30.51
CA ARG D 88 27.07 43.59 29.38
C ARG D 88 26.23 42.35 29.07
N ILE D 89 25.80 41.61 30.11
CA ILE D 89 24.86 40.53 29.87
C ILE D 89 23.52 41.12 29.47
N LEU D 90 23.23 42.35 29.90
CA LEU D 90 22.04 43.05 29.44
C LEU D 90 22.19 43.49 27.99
N ILE D 91 23.43 43.68 27.52
CA ILE D 91 23.63 44.03 26.11
C ILE D 91 23.46 42.80 25.23
N ASP D 92 23.76 41.61 25.75
CA ASP D 92 23.54 40.39 24.97
C ASP D 92 22.06 40.13 24.80
N TYR D 93 21.27 40.41 25.84
CA TYR D 93 19.83 40.26 25.74
C TYR D 93 19.23 41.28 24.77
N ALA D 94 19.79 42.49 24.75
CA ALA D 94 19.29 43.53 23.85
C ALA D 94 19.56 43.17 22.39
N ARG D 95 20.77 42.70 22.09
CA ARG D 95 21.08 42.29 20.73
C ARG D 95 20.26 41.09 20.30
N SER D 96 19.99 40.17 21.24
CA SER D 96 19.18 39.00 20.90
C SER D 96 17.74 39.39 20.60
N GLN D 97 17.20 40.34 21.37
CA GLN D 97 15.84 40.79 21.12
C GLN D 97 15.75 41.58 19.83
N ALA D 98 16.79 42.36 19.51
CA ALA D 98 16.79 43.14 18.29
C ALA D 98 16.87 42.24 17.06
N LEU D 99 17.78 41.27 17.06
CA LEU D 99 17.93 40.39 15.91
C LEU D 99 16.73 39.45 15.77
N GLN D 100 16.05 39.16 16.88
CA GLN D 100 14.83 38.37 16.81
C GLN D 100 13.70 39.15 16.15
N HIS D 101 13.57 40.44 16.48
CA HIS D 101 12.59 41.28 15.82
C HIS D 101 12.89 41.48 14.35
N ARG D 102 14.18 41.55 13.99
CA ARG D 102 14.55 41.72 12.59
C ARG D 102 14.41 40.43 11.79
N LEU D 103 14.48 39.28 12.45
CA LEU D 103 14.18 38.02 11.77
C LEU D 103 12.69 37.85 11.53
N ILE D 104 11.85 38.34 12.45
CA ILE D 104 10.41 38.18 12.33
C ILE D 104 9.85 39.15 11.29
N TYR D 105 10.10 40.44 11.46
CA TYR D 105 9.46 41.47 10.65
C TYR D 105 10.30 41.93 9.47
N ASP D 106 11.57 41.53 9.40
CA ASP D 106 12.52 42.04 8.41
C ASP D 106 12.47 43.57 8.37
N GLU D 107 12.58 44.16 9.56
CA GLU D 107 12.36 45.58 9.77
C GLU D 107 13.27 46.02 10.91
N PRO D 108 13.78 47.26 10.86
CA PRO D 108 14.46 47.81 12.03
C PRO D 108 13.51 47.93 13.21
N ILE D 109 14.10 47.95 14.41
CA ILE D 109 13.36 47.78 15.65
C ILE D 109 13.10 49.14 16.26
N SER D 110 11.89 49.35 16.76
CA SER D 110 11.60 50.56 17.51
C SER D 110 12.38 50.58 18.81
N ILE D 111 12.82 51.78 19.21
CA ILE D 111 13.69 51.90 20.36
C ILE D 111 12.89 51.85 21.65
N GLU D 112 11.61 52.22 21.60
CA GLU D 112 10.76 52.06 22.77
C GLU D 112 10.55 50.60 23.11
N TYR D 113 10.63 49.72 22.11
CA TYR D 113 10.45 48.29 22.35
C TYR D 113 11.74 47.64 22.84
N LEU D 114 12.89 48.10 22.32
CA LEU D 114 14.17 47.62 22.83
C LEU D 114 14.33 47.99 24.30
N THR D 115 14.19 49.27 24.60
CA THR D 115 14.29 49.73 25.99
C THR D 115 13.16 49.15 26.84
N LYS D 116 12.01 48.85 26.22
CA LYS D 116 10.92 48.19 26.95
C LYS D 116 11.37 46.85 27.53
N VAL D 117 11.89 45.98 26.67
CA VAL D 117 12.17 44.62 27.11
C VAL D 117 13.41 44.58 27.98
N ILE D 118 14.38 45.47 27.72
CA ILE D 118 15.50 45.65 28.64
C ILE D 118 14.99 46.08 30.02
N SER D 119 14.14 47.11 30.04
CA SER D 119 13.65 47.63 31.31
C SER D 119 12.71 46.64 32.00
N ASP D 120 12.00 45.81 31.24
CA ASP D 120 11.17 44.78 31.86
C ASP D 120 12.02 43.70 32.52
N VAL D 121 13.19 43.40 31.96
CA VAL D 121 14.11 42.48 32.61
C VAL D 121 14.63 43.09 33.91
N LYS D 122 14.93 44.39 33.90
CA LYS D 122 15.35 45.05 35.13
C LYS D 122 14.26 44.99 36.19
N GLN D 123 13.01 45.16 35.78
CA GLN D 123 11.89 45.04 36.72
C GLN D 123 11.82 43.62 37.29
N ALA D 124 11.97 42.61 36.45
CA ALA D 124 11.84 41.23 36.90
C ALA D 124 12.93 40.86 37.91
N TYR D 125 14.10 41.49 37.83
CA TYR D 125 15.14 41.31 38.83
C TYR D 125 15.03 42.27 40.00
N THR D 126 14.05 43.17 40.00
CA THR D 126 13.75 43.98 41.17
C THR D 126 12.43 43.58 41.84
N GLN D 127 11.97 42.36 41.59
CA GLN D 127 10.73 41.90 42.21
C GLN D 127 10.80 40.47 42.74
N HIS D 128 11.90 39.75 42.52
CA HIS D 128 12.02 38.36 42.95
C HIS D 128 13.11 38.24 44.00
N GLY D 129 12.94 37.28 44.90
CA GLY D 129 13.68 37.24 46.15
C GLY D 129 15.16 37.02 46.02
N GLY D 130 15.55 35.84 45.54
CA GLY D 130 16.95 35.48 45.49
C GLY D 130 17.67 35.96 44.25
N VAL D 131 17.39 37.20 43.83
CA VAL D 131 18.05 37.78 42.67
C VAL D 131 18.44 39.22 43.00
N ARG D 132 19.72 39.54 42.82
CA ARG D 132 20.19 40.91 42.96
C ARG D 132 19.73 41.75 41.77
N PRO D 133 19.33 43.01 42.00
CA PRO D 133 19.01 43.90 40.88
C PRO D 133 20.25 44.31 40.11
N PHE D 134 20.02 44.86 38.92
CA PHE D 134 21.12 45.37 38.10
C PHE D 134 21.65 46.67 38.68
N GLY D 135 22.97 46.83 38.66
CA GLY D 135 23.59 48.05 39.13
C GLY D 135 24.16 48.87 37.99
N VAL D 136 23.42 48.93 36.88
CA VAL D 136 23.89 49.56 35.65
C VAL D 136 22.77 50.40 35.07
N ALA D 137 23.08 51.64 34.69
CA ALA D 137 22.18 52.47 33.91
C ALA D 137 22.65 52.54 32.47
N LEU D 138 21.69 52.53 31.55
CA LEU D 138 21.96 52.56 30.12
C LEU D 138 21.43 53.85 29.51
N ILE D 139 22.09 54.30 28.45
CA ILE D 139 21.60 55.39 27.61
C ILE D 139 21.66 54.93 26.16
N VAL D 140 20.52 54.94 25.48
CA VAL D 140 20.37 54.29 24.19
C VAL D 140 20.04 55.36 23.15
N GLY D 141 20.76 55.33 22.04
CA GLY D 141 20.54 56.30 20.97
C GLY D 141 20.45 55.63 19.62
N GLY D 142 19.59 56.18 18.76
CA GLY D 142 19.42 55.62 17.44
C GLY D 142 18.60 56.55 16.56
N ILE D 143 18.33 56.08 15.35
CA ILE D 143 17.56 56.85 14.39
C ILE D 143 16.15 56.28 14.20
N ASP D 144 15.96 54.97 14.45
CA ASP D 144 14.67 54.31 14.29
C ASP D 144 14.01 54.55 12.94
N LYS D 145 12.97 55.38 12.92
CA LYS D 145 12.25 55.70 11.70
C LYS D 145 12.75 57.05 11.23
N GLY D 146 11.87 58.05 11.15
CA GLY D 146 12.26 59.38 10.72
C GLY D 146 11.72 60.45 11.64
N LYS D 147 11.49 60.10 12.90
CA LYS D 147 10.97 61.05 13.88
C LYS D 147 12.12 61.75 14.62
N GLN D 148 12.95 62.44 13.84
CA GLN D 148 14.09 63.22 14.32
C GLN D 148 14.95 62.35 15.25
N PRO D 149 15.45 62.77 16.48
CA PRO D 149 16.22 61.80 17.26
C PRO D 149 15.35 60.97 18.18
N LYS D 150 15.97 60.07 18.97
CA LYS D 150 15.26 59.16 19.88
C LYS D 150 16.28 58.65 20.91
N LEU D 151 16.21 59.20 22.12
CA LEU D 151 17.10 58.83 23.22
C LEU D 151 16.27 58.40 24.42
N LEU D 152 16.69 57.29 25.04
CA LEU D 152 16.08 56.83 26.28
C LEU D 152 17.18 56.51 27.29
N MET D 153 16.80 56.47 28.57
CA MET D 153 17.69 56.09 29.65
C MET D 153 17.01 55.05 30.52
N THR D 154 17.74 53.99 30.86
CA THR D 154 17.22 52.91 31.70
C THR D 154 17.76 53.07 33.12
N GLU D 155 16.83 53.16 34.09
CA GLU D 155 17.16 53.18 35.51
C GLU D 155 16.98 51.79 36.12
N PRO D 156 17.77 51.43 37.14
CA PRO D 156 17.69 50.07 37.70
C PRO D 156 16.36 49.76 38.37
N SER D 157 15.52 50.76 38.66
CA SER D 157 14.15 50.50 39.03
C SER D 157 13.32 49.97 37.86
N GLY D 158 13.75 50.23 36.62
CA GLY D 158 13.00 49.85 35.46
C GLY D 158 12.22 50.97 34.80
N GLN D 159 12.51 52.23 35.15
CA GLN D 159 11.77 53.37 34.63
C GLN D 159 12.40 53.86 33.32
N PHE D 160 11.56 54.34 32.42
CA PHE D 160 12.04 55.11 31.28
C PHE D 160 12.13 56.57 31.66
N MET D 161 13.18 57.23 31.18
CA MET D 161 13.12 58.66 30.97
C MET D 161 13.77 59.00 29.64
N PRO D 162 12.99 59.44 28.65
CA PRO D 162 13.56 59.95 27.40
C PRO D 162 14.14 61.34 27.62
N TYR D 163 15.35 61.57 27.11
CA TYR D 163 16.06 62.82 27.36
C TYR D 163 16.50 63.42 26.04
N TYR D 164 16.59 64.75 26.01
CA TYR D 164 17.26 65.42 24.89
C TYR D 164 18.76 65.21 24.98
N ALA D 165 19.31 65.30 26.19
CA ALA D 165 20.74 65.17 26.44
C ALA D 165 20.96 64.99 27.93
N VAL D 166 21.62 63.91 28.35
CA VAL D 166 21.98 63.69 29.74
C VAL D 166 23.38 63.10 29.83
N ALA D 167 23.84 62.94 31.07
CA ALA D 167 25.15 62.37 31.38
C ALA D 167 25.11 61.90 32.83
N ILE D 168 25.59 60.69 33.07
CA ILE D 168 25.56 60.11 34.41
C ILE D 168 26.89 59.40 34.67
N GLY D 169 27.28 59.39 35.94
CA GLY D 169 28.60 58.97 36.36
C GLY D 169 29.09 59.87 37.47
N GLN D 170 30.41 59.90 37.66
CA GLN D 170 30.97 60.69 38.75
C GLN D 170 30.78 62.18 38.50
N GLY D 171 31.09 62.65 37.29
CA GLY D 171 30.88 64.03 36.93
C GLY D 171 29.57 64.23 36.18
N GLY D 172 28.59 63.39 36.48
CA GLY D 172 27.33 63.45 35.76
C GLY D 172 26.56 64.73 36.01
N TYR D 173 26.57 65.21 37.26
CA TYR D 173 25.80 66.41 37.58
C TYR D 173 26.45 67.66 37.00
N THR D 174 27.78 67.68 36.88
CA THR D 174 28.44 68.83 36.29
C THR D 174 28.14 68.94 34.80
N ALA D 175 28.19 67.82 34.09
CA ALA D 175 27.80 67.83 32.69
C ALA D 175 26.31 68.07 32.52
N THR D 176 25.51 67.62 33.50
CA THR D 176 24.06 67.87 33.44
C THR D 176 23.77 69.36 33.54
N GLU D 177 24.51 70.07 34.39
CA GLU D 177 24.28 71.50 34.54
C GLU D 177 24.94 72.30 33.42
N TYR D 178 26.02 71.77 32.83
CA TYR D 178 26.60 72.42 31.66
C TYR D 178 25.66 72.31 30.46
N LEU D 179 25.07 71.13 30.25
CA LEU D 179 24.09 70.97 29.19
C LEU D 179 22.78 71.70 29.51
N GLU D 180 22.52 71.97 30.78
CA GLU D 180 21.42 72.86 31.13
C GLU D 180 21.71 74.29 30.71
N LYS D 181 22.99 74.69 30.71
CA LYS D 181 23.35 76.05 30.34
C LYS D 181 23.17 76.28 28.83
N ASN D 182 23.89 75.51 28.01
CA ASN D 182 23.95 75.83 26.59
C ASN D 182 23.51 74.68 25.70
N TYR D 183 22.32 74.13 25.94
CA TYR D 183 21.72 73.16 25.01
C TYR D 183 20.89 73.93 24.01
N LYS D 184 21.25 73.81 22.73
CA LYS D 184 20.61 74.59 21.68
C LYS D 184 20.08 73.67 20.60
N GLU D 185 18.94 74.06 20.02
CA GLU D 185 18.26 73.22 19.05
C GLU D 185 18.92 73.26 17.67
N ASP D 186 19.43 74.41 17.26
CA ASP D 186 19.93 74.59 15.90
C ASP D 186 21.43 74.29 15.84
N LEU D 187 21.77 73.05 16.16
CA LEU D 187 23.15 72.59 16.16
C LEU D 187 23.45 71.76 14.93
N ASP D 188 24.71 71.83 14.48
CA ASP D 188 25.24 70.87 13.52
C ASP D 188 25.54 69.54 14.22
N ILE D 189 25.66 68.48 13.41
CA ILE D 189 26.20 67.23 13.93
C ILE D 189 27.63 67.43 14.40
N GLN D 190 28.39 68.26 13.68
CA GLN D 190 29.71 68.67 14.15
C GLN D 190 29.61 69.52 15.41
N SER D 191 28.51 70.26 15.56
CA SER D 191 28.33 71.12 16.73
C SER D 191 27.77 70.37 17.93
N THR D 192 27.08 69.25 17.73
CA THR D 192 26.56 68.49 18.86
C THR D 192 27.61 67.53 19.41
N ILE D 193 28.55 67.07 18.58
CA ILE D 193 29.69 66.32 19.09
C ILE D 193 30.65 67.27 19.77
N LEU D 194 30.74 68.52 19.29
CA LEU D 194 31.46 69.57 20.02
C LEU D 194 30.83 69.79 21.39
N LEU D 195 29.51 69.77 21.48
CA LEU D 195 28.84 70.06 22.75
C LEU D 195 29.09 68.96 23.78
N ALA D 196 29.14 67.70 23.32
CA ALA D 196 29.40 66.61 24.25
C ALA D 196 30.84 66.62 24.74
N LEU D 197 31.78 66.96 23.86
CA LEU D 197 33.18 67.10 24.29
C LEU D 197 33.32 68.25 25.28
N ARG D 198 32.61 69.35 25.05
CA ARG D 198 32.63 70.45 26.01
C ARG D 198 31.95 70.07 27.32
N ALA D 199 30.96 69.19 27.26
CA ALA D 199 30.28 68.76 28.49
C ALA D 199 31.10 67.78 29.30
N LEU D 200 32.09 67.13 28.71
CA LEU D 200 32.99 66.25 29.42
C LEU D 200 34.20 66.99 30.01
N MET D 201 34.30 68.29 29.74
CA MET D 201 35.34 69.15 30.32
C MET D 201 36.74 68.64 29.98
N TYR D 212 43.92 62.76 25.39
CA TYR D 212 44.00 63.05 23.96
C TYR D 212 43.17 62.04 23.17
N SER D 213 43.24 60.77 23.58
CA SER D 213 42.46 59.71 22.97
C SER D 213 42.00 58.69 24.00
N SER D 214 41.72 59.14 25.23
CA SER D 214 41.11 58.30 26.24
C SER D 214 39.61 58.58 26.37
N VAL D 215 38.97 58.89 25.24
CA VAL D 215 37.52 59.00 25.12
C VAL D 215 37.13 58.34 23.81
N GLU D 216 36.05 57.57 23.81
CA GLU D 216 35.56 56.95 22.59
C GLU D 216 34.14 57.43 22.31
N ILE D 217 33.90 57.72 21.04
CA ILE D 217 32.76 58.52 20.60
C ILE D 217 32.04 57.76 19.49
N GLY D 218 30.72 57.75 19.55
CA GLY D 218 29.92 57.16 18.48
C GLY D 218 28.74 58.04 18.13
N TYR D 219 28.43 58.15 16.84
CA TYR D 219 27.34 59.00 16.40
C TYR D 219 26.47 58.28 15.39
N ALA D 220 25.18 58.61 15.40
CA ALA D 220 24.24 58.17 14.38
C ALA D 220 23.65 59.41 13.72
N ASP D 221 23.61 59.40 12.39
CA ASP D 221 23.19 60.56 11.62
C ASP D 221 21.96 60.24 10.79
N VAL D 222 21.12 61.25 10.60
CA VAL D 222 19.79 61.04 10.01
C VAL D 222 19.82 61.00 8.49
N ASP D 223 20.92 61.42 7.87
CA ASP D 223 20.98 61.45 6.41
C ASP D 223 21.17 60.05 5.85
N SER D 224 22.22 59.35 6.27
CA SER D 224 22.37 57.92 6.05
C SER D 224 22.06 57.22 7.37
N GLY D 225 20.92 56.53 7.41
CA GLY D 225 20.37 56.06 8.66
C GLY D 225 21.13 54.92 9.31
N THR D 226 22.33 55.21 9.81
CA THR D 226 23.20 54.17 10.34
C THR D 226 23.94 54.70 11.56
N PHE D 227 24.59 53.78 12.26
CA PHE D 227 25.44 54.10 13.41
C PHE D 227 26.90 54.06 12.98
N LYS D 228 27.70 54.97 13.50
CA LYS D 228 29.14 54.93 13.30
C LYS D 228 29.87 55.30 14.57
N LYS D 229 30.91 54.52 14.89
CA LYS D 229 31.84 54.84 15.97
C LYS D 229 33.08 55.49 15.38
N LEU D 230 33.61 56.49 16.09
CA LEU D 230 34.71 57.29 15.57
C LEU D 230 36.01 56.50 15.63
N THR D 231 36.75 56.51 14.52
CA THR D 231 38.08 55.92 14.49
C THR D 231 39.08 56.80 15.22
N THR D 232 40.35 56.39 15.21
CA THR D 232 41.36 57.06 16.02
C THR D 232 41.65 58.46 15.47
N GLU D 233 41.83 58.58 14.15
CA GLU D 233 42.16 59.88 13.57
C GLU D 233 40.96 60.82 13.58
N GLU D 234 39.74 60.27 13.54
CA GLU D 234 38.54 61.11 13.51
C GLU D 234 38.39 61.89 14.82
N ARG D 235 38.29 61.18 15.94
CA ARG D 235 38.18 61.85 17.24
C ARG D 235 39.44 62.61 17.61
N SER D 236 40.59 62.23 17.05
CA SER D 236 41.83 62.96 17.35
C SER D 236 41.78 64.37 16.77
N ASP D 237 41.41 64.49 15.48
CA ASP D 237 41.33 65.81 14.86
C ASP D 237 40.21 66.65 15.46
N LEU D 238 39.08 66.01 15.80
CA LEU D 238 37.96 66.75 16.38
C LEU D 238 38.28 67.23 17.77
N LEU D 239 39.15 66.52 18.49
CA LEU D 239 39.61 67.01 19.80
C LEU D 239 40.61 68.15 19.63
N GLN D 240 41.45 68.08 18.60
CA GLN D 240 42.42 69.15 18.35
C GLN D 240 41.76 70.43 17.87
N LYS D 241 40.53 70.35 17.35
CA LYS D 241 39.75 71.54 17.03
C LYS D 241 39.40 72.32 18.29
N ILE D 242 38.59 71.72 19.16
CA ILE D 242 38.08 72.42 20.33
C ILE D 242 38.46 71.67 21.60
N THR E 15 4.73 38.36 53.67
CA THR E 15 3.58 37.45 53.67
C THR E 15 3.27 36.94 55.07
N ILE E 16 3.17 37.88 56.01
CA ILE E 16 2.98 37.56 57.43
C ILE E 16 1.90 38.50 57.97
N PHE E 17 0.99 37.96 58.76
CA PHE E 17 -0.10 38.74 59.33
C PHE E 17 0.33 39.42 60.63
N SER E 18 -0.02 40.70 60.74
CA SER E 18 0.05 41.42 61.99
C SER E 18 -1.11 41.00 62.90
N PRO E 19 -0.98 41.21 64.22
CA PRO E 19 -2.02 40.71 65.13
C PRO E 19 -3.38 41.33 64.92
N ASP E 20 -3.46 42.55 64.35
CA ASP E 20 -4.76 43.07 63.93
C ASP E 20 -5.30 42.34 62.71
N GLY E 21 -4.41 41.79 61.88
CA GLY E 21 -4.80 41.10 60.66
C GLY E 21 -4.39 41.80 59.39
N SER E 22 -3.79 42.99 59.46
CA SER E 22 -3.40 43.74 58.28
C SER E 22 -2.02 43.32 57.79
N LEU E 23 -1.86 43.25 56.47
CA LEU E 23 -0.56 43.04 55.85
C LEU E 23 0.16 44.37 55.70
N TYR E 24 1.30 44.51 56.37
CA TYR E 24 1.98 45.81 56.40
C TYR E 24 2.64 46.14 55.07
N GLN E 25 3.12 45.13 54.34
CA GLN E 25 3.80 45.41 53.07
C GLN E 25 2.83 45.93 52.03
N VAL E 26 1.56 45.53 52.10
CA VAL E 26 0.56 46.05 51.17
C VAL E 26 0.32 47.53 51.44
N ASP E 27 0.18 47.91 52.71
CA ASP E 27 -0.01 49.32 53.04
C ASP E 27 1.23 50.14 52.73
N TYR E 28 2.41 49.52 52.81
CA TYR E 28 3.64 50.23 52.43
C TYR E 28 3.68 50.44 50.92
N ALA E 29 3.17 49.48 50.15
CA ALA E 29 3.08 49.67 48.71
C ALA E 29 2.04 50.73 48.35
N PHE E 30 0.99 50.84 49.15
CA PHE E 30 0.00 51.91 48.95
C PHE E 30 0.56 53.26 49.32
N GLU E 31 1.54 53.32 50.23
CA GLU E 31 2.27 54.55 50.45
C GLU E 31 3.17 54.89 49.28
N ALA E 32 3.64 53.88 48.53
CA ALA E 32 4.47 54.13 47.36
C ALA E 32 3.66 54.74 46.21
N VAL E 33 2.38 54.39 46.10
CA VAL E 33 1.55 55.02 45.08
C VAL E 33 1.05 56.39 45.54
N LYS E 34 0.99 56.64 46.84
CA LYS E 34 0.73 57.99 47.33
C LYS E 34 1.86 58.94 46.95
N ARG E 35 3.08 58.44 46.81
CA ARG E 35 4.21 59.24 46.35
C ARG E 35 4.32 59.32 44.84
N GLY E 36 3.36 58.76 44.11
CA GLY E 36 3.38 58.81 42.66
C GLY E 36 2.84 60.12 42.13
N TRP E 37 2.89 60.25 40.81
CA TRP E 37 2.34 61.43 40.16
C TRP E 37 0.81 61.36 40.21
N THR E 38 0.18 62.51 40.00
CA THR E 38 -1.28 62.58 40.07
C THR E 38 -1.88 62.08 38.76
N THR E 39 -2.73 61.06 38.85
CA THR E 39 -3.46 60.54 37.71
C THR E 39 -4.95 60.61 38.02
N LEU E 40 -5.76 60.83 36.99
CA LEU E 40 -7.16 61.13 37.16
C LEU E 40 -8.01 60.25 36.26
N GLY E 41 -9.18 59.87 36.76
CA GLY E 41 -10.17 59.15 35.98
C GLY E 41 -11.56 59.57 36.37
N VAL E 42 -12.37 60.01 35.41
CA VAL E 42 -13.74 60.44 35.68
C VAL E 42 -14.67 59.71 34.73
N LYS E 43 -15.81 59.26 35.26
CA LYS E 43 -16.83 58.55 34.49
C LYS E 43 -18.14 59.30 34.60
N THR E 44 -18.74 59.61 33.45
CA THR E 44 -20.06 60.20 33.36
C THR E 44 -20.97 59.23 32.63
N LYS E 45 -22.25 59.56 32.55
CA LYS E 45 -23.17 58.74 31.76
C LYS E 45 -23.07 59.00 30.26
N SER E 46 -22.11 59.82 29.82
CA SER E 46 -21.89 59.98 28.39
C SER E 46 -20.41 60.02 27.99
N GLY E 47 -19.48 59.76 28.91
CA GLY E 47 -18.08 59.74 28.52
C GLY E 47 -17.07 59.28 29.56
N VAL E 48 -15.96 58.74 29.08
CA VAL E 48 -14.78 58.45 29.89
C VAL E 48 -13.68 59.44 29.53
N VAL E 49 -13.11 60.08 30.55
CA VAL E 49 -11.91 60.88 30.41
C VAL E 49 -10.97 60.49 31.53
N LEU E 50 -9.73 60.16 31.17
CA LEU E 50 -8.68 59.92 32.16
C LEU E 50 -7.39 60.55 31.67
N LEU E 51 -6.66 61.16 32.60
CA LEU E 51 -5.46 61.92 32.28
C LEU E 51 -4.46 61.76 33.42
N ALA E 52 -3.26 62.28 33.19
CA ALA E 52 -2.16 62.07 34.12
C ALA E 52 -1.22 63.28 34.06
N GLU E 53 -0.75 63.71 35.22
CA GLU E 53 0.20 64.80 35.29
C GLU E 53 1.57 64.34 34.82
N LYS E 54 2.31 65.26 34.18
CA LYS E 54 3.64 64.97 33.65
C LYS E 54 4.61 66.02 34.19
N ARG E 55 5.12 65.78 35.40
CA ARG E 55 6.05 66.72 36.02
C ARG E 55 7.40 66.68 35.32
N LYS E 56 8.07 67.84 35.28
CA LYS E 56 9.36 67.98 34.62
C LYS E 56 10.42 68.19 35.70
N ALA E 57 11.13 67.12 36.04
CA ALA E 57 12.16 67.20 37.06
C ALA E 57 13.39 67.94 36.55
N THR E 58 13.83 67.60 35.35
CA THR E 58 15.01 68.21 34.72
C THR E 58 14.56 68.94 33.46
N GLN E 59 15.36 69.91 33.02
CA GLN E 59 15.02 70.66 31.82
C GLN E 59 15.39 69.90 30.56
N LEU E 60 16.24 68.87 30.68
CA LEU E 60 16.65 68.05 29.55
C LEU E 60 15.67 66.94 29.26
N LEU E 61 14.74 66.67 30.17
CA LEU E 61 13.72 65.64 30.00
C LEU E 61 12.61 66.16 29.10
N ASP E 62 12.28 65.40 28.04
CA ASP E 62 11.22 65.81 27.12
C ASP E 62 9.89 65.28 27.67
N VAL E 63 9.19 66.13 28.43
CA VAL E 63 7.90 65.74 28.99
C VAL E 63 6.96 65.29 27.89
N ASP E 64 7.00 65.94 26.73
CA ASP E 64 6.14 65.60 25.62
C ASP E 64 6.54 64.27 24.96
N GLY E 65 7.55 63.57 25.47
CA GLY E 65 7.92 62.28 24.94
C GLY E 65 7.71 61.11 25.89
N ILE E 66 7.38 61.40 27.15
CA ILE E 66 7.22 60.35 28.16
C ILE E 66 5.77 59.92 28.20
N GLU E 67 5.54 58.62 28.36
CA GLU E 67 4.23 58.03 28.22
C GLU E 67 3.73 57.51 29.56
N LYS E 68 2.47 57.83 29.89
CA LYS E 68 1.80 57.27 31.06
C LYS E 68 0.40 56.77 30.76
N ILE E 69 -0.23 57.25 29.69
CA ILE E 69 -1.52 56.72 29.24
C ILE E 69 -1.23 55.58 28.27
N PHE E 70 -1.71 54.38 28.60
CA PHE E 70 -1.51 53.21 27.76
C PHE E 70 -2.85 52.66 27.29
N MET E 71 -2.88 52.19 26.05
CA MET E 71 -4.10 51.71 25.40
C MET E 71 -4.10 50.19 25.43
N LEU E 72 -4.99 49.61 26.23
CA LEU E 72 -5.04 48.16 26.36
C LEU E 72 -5.65 47.53 25.11
N ASP E 73 -6.80 48.02 24.68
CA ASP E 73 -7.47 47.52 23.49
C ASP E 73 -8.00 48.71 22.71
N ASP E 74 -8.47 48.42 21.50
CA ASP E 74 -9.26 49.33 20.68
C ASP E 74 -10.22 50.19 21.50
N HIS E 75 -10.75 49.62 22.59
CA HIS E 75 -11.75 50.27 23.41
C HIS E 75 -11.34 50.60 24.84
N VAL E 76 -10.16 50.18 25.30
CA VAL E 76 -9.81 50.34 26.71
C VAL E 76 -8.43 50.99 26.81
N GLY E 77 -8.36 52.07 27.58
CA GLY E 77 -7.09 52.63 28.02
C GLY E 77 -7.06 52.70 29.53
N CYS E 78 -5.86 52.81 30.12
CA CYS E 78 -5.76 52.98 31.57
C CYS E 78 -4.46 53.71 31.87
N THR E 79 -4.37 54.21 33.10
CA THR E 79 -3.15 54.82 33.58
C THR E 79 -2.78 54.24 34.94
N PHE E 80 -1.51 54.43 35.31
CA PHE E 80 -0.96 53.92 36.55
C PHE E 80 -0.39 55.07 37.36
N ALA E 81 -0.18 54.81 38.65
CA ALA E 81 0.60 55.69 39.50
C ALA E 81 1.41 54.84 40.48
N GLY E 82 2.45 55.45 41.04
CA GLY E 82 3.38 54.72 41.86
C GLY E 82 4.69 54.51 41.12
N LEU E 83 5.18 53.28 41.12
CA LEU E 83 6.32 52.97 40.29
C LEU E 83 5.91 52.92 38.81
N ALA E 84 6.90 52.92 37.93
CA ALA E 84 6.63 52.77 36.51
C ALA E 84 6.69 51.31 36.07
N SER E 85 7.76 50.62 36.45
CA SER E 85 8.06 49.32 35.87
C SER E 85 7.09 48.23 36.32
N ASP E 86 6.58 48.33 37.55
CA ASP E 86 5.65 47.31 38.05
C ASP E 86 4.33 47.35 37.28
N GLY E 87 3.76 48.53 37.11
CA GLY E 87 2.53 48.67 36.33
C GLY E 87 2.74 48.52 34.84
N ARG E 88 3.98 48.59 34.37
CA ARG E 88 4.29 48.45 32.95
C ARG E 88 4.36 46.98 32.54
N ILE E 89 5.01 46.13 33.35
CA ILE E 89 4.96 44.71 33.06
C ILE E 89 3.55 44.19 33.30
N LEU E 90 2.80 44.84 34.18
CA LEU E 90 1.38 44.53 34.37
C LEU E 90 0.54 45.01 33.19
N ILE E 91 1.01 46.01 32.45
CA ILE E 91 0.27 46.45 31.27
C ILE E 91 0.50 45.48 30.11
N ASP E 92 1.66 44.83 30.06
CA ASP E 92 1.89 43.83 29.03
C ASP E 92 1.03 42.60 29.26
N TYR E 93 0.86 42.23 30.54
CA TYR E 93 -0.03 41.12 30.86
C TYR E 93 -1.48 41.47 30.54
N ALA E 94 -1.86 42.73 30.76
CA ALA E 94 -3.22 43.16 30.49
C ALA E 94 -3.50 43.14 28.98
N ARG E 95 -2.57 43.66 28.18
CA ARG E 95 -2.74 43.64 26.73
C ARG E 95 -2.72 42.21 26.20
N SER E 96 -1.88 41.34 26.80
CA SER E 96 -1.82 39.96 26.35
C SER E 96 -3.11 39.22 26.69
N GLN E 97 -3.67 39.47 27.87
CA GLN E 97 -4.92 38.82 28.24
C GLN E 97 -6.08 39.33 27.39
N ALA E 98 -6.05 40.62 27.04
CA ALA E 98 -7.12 41.18 26.22
C ALA E 98 -7.09 40.60 24.82
N LEU E 99 -5.90 40.55 24.20
CA LEU E 99 -5.81 40.03 22.84
C LEU E 99 -6.05 38.52 22.80
N GLN E 100 -5.78 37.83 23.90
CA GLN E 100 -6.10 36.40 23.95
C GLN E 100 -7.61 36.19 24.02
N HIS E 101 -8.32 37.02 24.79
CA HIS E 101 -9.78 36.94 24.82
C HIS E 101 -10.38 37.32 23.48
N ARG E 102 -9.77 38.28 22.79
CA ARG E 102 -10.26 38.71 21.49
C ARG E 102 -9.90 37.73 20.37
N LEU E 103 -8.84 36.95 20.57
CA LEU E 103 -8.52 35.88 19.62
C LEU E 103 -9.47 34.70 19.76
N ILE E 104 -9.92 34.41 20.99
CA ILE E 104 -10.78 33.26 21.22
C ILE E 104 -12.22 33.57 20.77
N TYR E 105 -12.79 34.66 21.28
CA TYR E 105 -14.21 34.92 21.11
C TYR E 105 -14.51 35.89 19.96
N ASP E 106 -13.48 36.52 19.39
CA ASP E 106 -13.65 37.58 18.39
C ASP E 106 -14.65 38.61 18.91
N GLU E 107 -14.41 39.07 20.13
CA GLU E 107 -15.34 39.90 20.88
C GLU E 107 -14.53 40.85 21.73
N PRO E 108 -15.02 42.08 21.94
CA PRO E 108 -14.39 42.95 22.94
C PRO E 108 -14.53 42.36 24.34
N ILE E 109 -13.65 42.79 25.22
CA ILE E 109 -13.45 42.15 26.51
C ILE E 109 -14.22 42.94 27.56
N SER E 110 -14.92 42.24 28.43
CA SER E 110 -15.53 42.89 29.58
C SER E 110 -14.46 43.42 30.51
N ILE E 111 -14.75 44.57 31.13
CA ILE E 111 -13.74 45.24 31.92
C ILE E 111 -13.60 44.61 33.29
N GLU E 112 -14.67 43.93 33.76
CA GLU E 112 -14.57 43.20 35.01
C GLU E 112 -13.60 42.03 34.89
N TYR E 113 -13.43 41.48 33.69
CA TYR E 113 -12.52 40.36 33.49
C TYR E 113 -11.08 40.81 33.32
N LEU E 114 -10.86 41.94 32.66
CA LEU E 114 -9.51 42.49 32.56
C LEU E 114 -8.98 42.85 33.94
N THR E 115 -9.73 43.66 34.68
CA THR E 115 -9.34 44.04 36.03
C THR E 115 -9.32 42.83 36.95
N LYS E 116 -10.14 41.81 36.67
CA LYS E 116 -10.09 40.58 37.45
C LYS E 116 -8.72 39.93 37.38
N VAL E 117 -8.25 39.65 36.16
CA VAL E 117 -7.03 38.86 36.02
C VAL E 117 -5.81 39.70 36.37
N ILE E 118 -5.86 41.01 36.10
CA ILE E 118 -4.83 41.92 36.61
C ILE E 118 -4.77 41.86 38.13
N SER E 119 -5.93 42.00 38.77
CA SER E 119 -5.97 42.00 40.23
C SER E 119 -5.62 40.64 40.82
N ASP E 120 -5.90 39.56 40.10
CA ASP E 120 -5.51 38.24 40.57
C ASP E 120 -3.99 38.06 40.53
N VAL E 121 -3.33 38.68 39.55
CA VAL E 121 -1.87 38.67 39.53
C VAL E 121 -1.32 39.44 40.72
N LYS E 122 -1.94 40.57 41.07
CA LYS E 122 -1.52 41.31 42.25
C LYS E 122 -1.69 40.48 43.51
N GLN E 123 -2.78 39.71 43.58
CA GLN E 123 -2.99 38.80 44.71
C GLN E 123 -1.90 37.75 44.77
N ALA E 124 -1.53 37.16 43.63
CA ALA E 124 -0.54 36.10 43.62
C ALA E 124 0.83 36.60 44.07
N TYR E 125 1.14 37.87 43.86
CA TYR E 125 2.36 38.45 44.38
C TYR E 125 2.22 39.02 45.80
N THR E 126 1.03 38.97 46.39
CA THR E 126 0.86 39.29 47.80
C THR E 126 0.57 38.06 48.66
N GLN E 127 0.93 36.87 48.18
CA GLN E 127 0.71 35.66 48.97
C GLN E 127 1.88 34.69 48.96
N HIS E 128 2.94 34.94 48.18
CA HIS E 128 4.05 34.02 48.07
C HIS E 128 5.32 34.68 48.62
N GLY E 129 6.22 33.85 49.15
CA GLY E 129 7.27 34.33 50.02
C GLY E 129 8.31 35.21 49.35
N GLY E 130 9.08 34.65 48.42
CA GLY E 130 10.18 35.37 47.81
C GLY E 130 9.77 36.25 46.64
N VAL E 131 8.64 36.94 46.75
CA VAL E 131 8.18 37.84 45.70
C VAL E 131 7.69 39.13 46.36
N ARG E 132 8.23 40.26 45.89
CA ARG E 132 7.73 41.56 46.33
C ARG E 132 6.37 41.86 45.69
N PRO E 133 5.45 42.46 46.43
CA PRO E 133 4.17 42.88 45.83
C PRO E 133 4.36 44.06 44.88
N PHE E 134 3.32 44.31 44.09
CA PHE E 134 3.33 45.45 43.19
C PHE E 134 3.12 46.75 43.95
N GLY E 135 3.86 47.78 43.56
CA GLY E 135 3.70 49.08 44.19
C GLY E 135 3.02 50.07 43.26
N VAL E 136 2.02 49.59 42.52
CA VAL E 136 1.36 50.38 41.48
C VAL E 136 -0.15 50.17 41.59
N ALA E 137 -0.90 51.27 41.56
CA ALA E 137 -2.34 51.22 41.41
C ALA E 137 -2.74 51.63 40.00
N LEU E 138 -3.76 50.95 39.46
CA LEU E 138 -4.26 51.19 38.11
C LEU E 138 -5.67 51.74 38.16
N ILE E 139 -6.01 52.56 37.17
CA ILE E 139 -7.39 53.01 36.94
C ILE E 139 -7.72 52.79 35.46
N VAL E 140 -8.77 52.01 35.21
CA VAL E 140 -9.06 51.47 33.88
C VAL E 140 -10.38 52.03 33.39
N GLY E 141 -10.41 52.54 32.16
CA GLY E 141 -11.62 53.09 31.57
C GLY E 141 -11.94 52.56 30.20
N GLY E 142 -13.01 51.77 30.10
CA GLY E 142 -13.43 51.18 28.84
C GLY E 142 -14.89 51.45 28.55
N ILE E 143 -15.20 51.65 27.27
CA ILE E 143 -16.57 51.91 26.84
C ILE E 143 -17.06 51.04 25.69
N ASP E 144 -16.68 49.77 25.66
CA ASP E 144 -17.14 48.90 24.59
C ASP E 144 -18.35 48.08 24.99
N LYS E 145 -18.85 48.28 26.20
CA LYS E 145 -20.02 47.54 26.68
C LYS E 145 -21.27 48.12 26.03
N GLY E 146 -22.33 47.32 26.03
CA GLY E 146 -23.56 47.81 25.42
C GLY E 146 -24.33 48.77 26.28
N LYS E 147 -23.99 48.85 27.57
CA LYS E 147 -24.65 49.76 28.49
C LYS E 147 -24.02 51.15 28.40
N GLN E 148 -23.30 51.55 29.44
CA GLN E 148 -22.66 52.86 29.48
C GLN E 148 -21.17 52.67 29.76
N PRO E 149 -20.41 53.63 30.28
CA PRO E 149 -18.99 53.38 30.57
C PRO E 149 -18.79 52.62 31.88
N LYS E 150 -17.55 52.15 32.06
CA LYS E 150 -17.17 51.39 33.24
C LYS E 150 -15.76 51.77 33.66
N LEU E 151 -15.60 52.19 34.91
CA LEU E 151 -14.31 52.58 35.47
C LEU E 151 -14.03 51.74 36.71
N LEU E 152 -12.81 51.20 36.80
CA LEU E 152 -12.37 50.47 37.98
C LEU E 152 -10.99 50.96 38.40
N MET E 153 -10.64 50.64 39.65
CA MET E 153 -9.32 50.93 40.21
C MET E 153 -8.77 49.67 40.86
N THR E 154 -7.49 49.38 40.58
CA THR E 154 -6.81 48.23 41.15
C THR E 154 -5.90 48.69 42.27
N GLU E 155 -6.09 48.11 43.47
CA GLU E 155 -5.22 48.35 44.60
C GLU E 155 -4.22 47.22 44.76
N PRO E 156 -3.02 47.50 45.28
CA PRO E 156 -1.98 46.46 45.35
C PRO E 156 -2.33 45.30 46.28
N SER E 157 -3.35 45.44 47.14
CA SER E 157 -3.90 44.28 47.83
C SER E 157 -4.65 43.35 46.89
N GLY E 158 -5.09 43.84 45.74
CA GLY E 158 -5.91 43.06 44.83
C GLY E 158 -7.38 43.33 44.87
N GLN E 159 -7.81 44.43 45.48
CA GLN E 159 -9.22 44.74 45.64
C GLN E 159 -9.74 45.54 44.45
N PHE E 160 -11.00 45.29 44.10
CA PHE E 160 -11.72 46.18 43.18
C PHE E 160 -12.41 47.28 43.97
N MET E 161 -12.40 48.47 43.42
CA MET E 161 -13.45 49.45 43.71
C MET E 161 -13.85 50.14 42.42
N PRO E 162 -15.06 49.91 41.91
CA PRO E 162 -15.54 50.68 40.77
C PRO E 162 -15.94 52.08 41.23
N TYR E 163 -15.51 53.09 40.48
CA TYR E 163 -15.67 54.48 40.90
C TYR E 163 -16.35 55.28 39.79
N TYR E 164 -17.10 56.30 40.21
CA TYR E 164 -17.57 57.30 39.26
C TYR E 164 -16.42 58.21 38.83
N ALA E 165 -15.56 58.58 39.77
CA ALA E 165 -14.44 59.48 39.52
C ALA E 165 -13.47 59.45 40.69
N VAL E 166 -12.20 59.12 40.45
CA VAL E 166 -11.16 59.17 41.47
C VAL E 166 -9.87 59.73 40.89
N ALA E 167 -8.90 59.91 41.79
CA ALA E 167 -7.58 60.42 41.44
C ALA E 167 -6.64 60.06 42.57
N ILE E 168 -5.46 59.53 42.23
CA ILE E 168 -4.49 59.09 43.22
C ILE E 168 -3.09 59.53 42.81
N GLY E 169 -2.26 59.78 43.80
CA GLY E 169 -0.96 60.39 43.66
C GLY E 169 -0.71 61.36 44.80
N GLN E 170 0.21 62.29 44.60
CA GLN E 170 0.56 63.22 45.67
C GLN E 170 -0.60 64.17 45.96
N GLY E 171 -1.19 64.75 44.92
CA GLY E 171 -2.33 65.61 45.10
C GLY E 171 -3.63 64.85 44.90
N GLY E 172 -3.61 63.56 45.22
CA GLY E 172 -4.78 62.73 44.99
C GLY E 172 -5.94 63.10 45.89
N TYR E 173 -5.65 63.44 47.14
CA TYR E 173 -6.72 63.77 48.08
C TYR E 173 -7.35 65.13 47.77
N THR E 174 -6.57 66.06 47.22
CA THR E 174 -7.12 67.36 46.86
C THR E 174 -8.07 67.24 45.67
N ALA E 175 -7.67 66.47 44.66
CA ALA E 175 -8.57 66.22 43.54
C ALA E 175 -9.75 65.34 43.95
N THR E 176 -9.55 64.47 44.94
CA THR E 176 -10.65 63.63 45.42
C THR E 176 -11.73 64.49 46.07
N GLU E 177 -11.33 65.51 46.81
CA GLU E 177 -12.30 66.38 47.47
C GLU E 177 -12.89 67.40 46.51
N TYR E 178 -12.15 67.78 45.46
CA TYR E 178 -12.71 68.67 44.45
C TYR E 178 -13.80 67.98 43.64
N LEU E 179 -13.57 66.72 43.26
CA LEU E 179 -14.62 65.96 42.55
C LEU E 179 -15.77 65.61 43.48
N GLU E 180 -15.54 65.58 44.78
CA GLU E 180 -16.63 65.49 45.74
C GLU E 180 -17.47 66.75 45.76
N LYS E 181 -16.86 67.91 45.48
CA LYS E 181 -17.59 69.17 45.51
C LYS E 181 -18.55 69.28 44.33
N ASN E 182 -18.04 69.24 43.10
CA ASN E 182 -18.83 69.56 41.91
C ASN E 182 -18.81 68.39 40.94
N TYR E 183 -19.64 67.39 41.23
CA TYR E 183 -19.87 66.26 40.34
C TYR E 183 -21.13 66.50 39.51
N LYS E 184 -21.33 65.66 38.50
CA LYS E 184 -22.59 65.63 37.80
C LYS E 184 -22.68 64.34 36.98
N GLU E 185 -23.91 63.82 36.85
CA GLU E 185 -24.13 62.59 36.11
C GLU E 185 -24.13 62.81 34.60
N ASP E 186 -24.60 63.98 34.15
CA ASP E 186 -24.85 64.24 32.74
C ASP E 186 -23.95 65.38 32.29
N LEU E 187 -22.85 65.06 31.61
CA LEU E 187 -21.97 66.05 31.03
C LEU E 187 -21.66 65.67 29.59
N ASP E 188 -21.07 66.64 28.87
CA ASP E 188 -20.50 66.37 27.56
C ASP E 188 -19.22 65.55 27.71
N ILE E 189 -18.62 65.19 26.58
CA ILE E 189 -17.19 64.89 26.59
C ILE E 189 -16.41 66.12 27.01
N GLN E 190 -16.89 67.30 26.61
CA GLN E 190 -16.13 68.53 26.77
C GLN E 190 -16.24 69.06 28.20
N SER E 191 -17.35 68.80 28.88
CA SER E 191 -17.56 69.25 30.24
C SER E 191 -16.93 68.32 31.26
N THR E 192 -16.73 67.05 30.93
CA THR E 192 -16.08 66.12 31.84
C THR E 192 -14.57 66.17 31.72
N ILE E 193 -14.04 66.52 30.54
CA ILE E 193 -12.62 66.78 30.42
C ILE E 193 -12.28 68.13 31.05
N LEU E 194 -13.20 69.09 30.99
CA LEU E 194 -13.06 70.32 31.77
C LEU E 194 -12.99 70.03 33.26
N LEU E 195 -13.82 69.08 33.73
CA LEU E 195 -13.86 68.79 35.16
C LEU E 195 -12.57 68.13 35.64
N ALA E 196 -11.98 67.28 34.81
CA ALA E 196 -10.73 66.63 35.20
C ALA E 196 -9.57 67.61 35.19
N LEU E 197 -9.56 68.53 34.22
CA LEU E 197 -8.52 69.57 34.20
C LEU E 197 -8.63 70.49 35.41
N ARG E 198 -9.86 70.82 35.82
CA ARG E 198 -10.04 71.63 37.01
C ARG E 198 -9.62 70.89 38.28
N ALA E 199 -9.74 69.56 38.29
CA ALA E 199 -9.35 68.79 39.46
C ALA E 199 -7.83 68.68 39.59
N LEU E 200 -7.09 68.92 38.51
CA LEU E 200 -5.63 68.94 38.55
C LEU E 200 -5.13 70.33 38.92
N ILE E 217 -3.61 63.42 28.09
CA ILE E 217 -5.04 63.25 28.25
C ILE E 217 -5.57 62.25 27.23
N GLY E 218 -6.44 61.35 27.68
CA GLY E 218 -7.12 60.42 26.80
C GLY E 218 -8.58 60.28 27.16
N TYR E 219 -9.45 60.18 26.15
CA TYR E 219 -10.88 60.08 26.39
C TYR E 219 -11.48 58.96 25.55
N ALA E 220 -12.51 58.32 26.10
CA ALA E 220 -13.33 57.37 25.38
C ALA E 220 -14.78 57.84 25.39
N ASP E 221 -15.42 57.82 24.23
CA ASP E 221 -16.77 58.33 24.08
C ASP E 221 -17.72 57.24 23.62
N VAL E 222 -18.98 57.33 24.05
CA VAL E 222 -19.92 56.22 23.89
C VAL E 222 -20.57 56.19 22.52
N ASP E 223 -20.47 57.28 21.75
CA ASP E 223 -21.13 57.34 20.45
C ASP E 223 -20.39 56.50 19.42
N SER E 224 -19.10 56.76 19.22
CA SER E 224 -18.20 55.87 18.48
C SER E 224 -17.35 55.11 19.48
N GLY E 225 -17.61 53.81 19.61
CA GLY E 225 -17.09 53.03 20.71
C GLY E 225 -15.60 52.76 20.68
N THR E 226 -14.80 53.82 20.89
CA THR E 226 -13.35 53.71 20.77
C THR E 226 -12.69 54.62 21.81
N PHE E 227 -11.40 54.39 22.02
CA PHE E 227 -10.60 55.14 22.97
C PHE E 227 -9.61 55.98 22.18
N LYS E 228 -9.92 57.27 22.03
CA LYS E 228 -9.09 58.17 21.24
C LYS E 228 -8.06 58.86 22.14
N LYS E 229 -6.85 59.00 21.61
CA LYS E 229 -5.80 59.80 22.23
C LYS E 229 -5.69 61.14 21.53
N LEU E 230 -5.65 62.21 22.31
CA LEU E 230 -5.51 63.54 21.74
C LEU E 230 -4.08 63.75 21.24
N THR E 231 -3.95 64.39 20.09
CA THR E 231 -2.64 64.71 19.53
C THR E 231 -2.08 65.96 20.20
N THR E 232 -0.94 66.42 19.70
CA THR E 232 -0.20 67.46 20.38
C THR E 232 -0.80 68.85 20.20
N GLU E 233 -1.74 69.01 19.26
CA GLU E 233 -2.34 70.31 19.02
C GLU E 233 -3.48 70.57 19.99
N GLU E 234 -4.30 69.55 20.28
CA GLU E 234 -5.55 69.78 20.99
C GLU E 234 -5.34 70.18 22.44
N ARG E 235 -4.21 69.80 23.03
CA ARG E 235 -3.91 70.25 24.39
C ARG E 235 -3.71 71.76 24.45
N SER E 236 -3.28 72.37 23.34
CA SER E 236 -3.19 73.83 23.29
C SER E 236 -4.54 74.52 23.33
N ASP E 237 -5.62 73.79 23.01
CA ASP E 237 -6.96 74.35 23.18
C ASP E 237 -7.28 74.54 24.66
N LEU E 238 -6.83 73.63 25.52
CA LEU E 238 -7.40 73.48 26.85
C LEU E 238 -6.78 74.43 27.86
N LEU E 239 -5.50 74.78 27.69
CA LEU E 239 -4.95 75.90 28.45
C LEU E 239 -5.58 77.22 28.02
N GLN E 240 -5.99 77.31 26.76
CA GLN E 240 -6.63 78.52 26.26
C GLN E 240 -8.12 78.56 26.62
N LYS E 241 -8.82 77.44 26.40
CA LYS E 241 -10.22 77.34 26.76
C LYS E 241 -10.38 76.68 28.14
N ILE F 14 4.96 30.89 60.65
CA ILE F 14 4.07 30.55 59.54
C ILE F 14 3.59 29.11 59.69
N THR F 15 4.54 28.17 59.66
CA THR F 15 4.23 26.75 59.67
C THR F 15 4.84 26.08 60.90
N ILE F 16 4.59 26.66 62.08
CA ILE F 16 5.20 26.22 63.32
C ILE F 16 4.13 26.16 64.39
N PHE F 17 4.16 25.09 65.19
CA PHE F 17 3.20 24.91 66.27
C PHE F 17 3.67 25.63 67.51
N SER F 18 2.75 26.35 68.15
CA SER F 18 2.98 26.88 69.49
C SER F 18 2.88 25.74 70.50
N PRO F 19 3.49 25.89 71.68
CA PRO F 19 3.51 24.78 72.65
C PRO F 19 2.14 24.36 73.14
N ASP F 20 1.14 25.25 73.11
CA ASP F 20 -0.23 24.82 73.39
C ASP F 20 -0.78 23.98 72.23
N GLY F 21 -0.27 24.18 71.02
CA GLY F 21 -0.74 23.48 69.85
C GLY F 21 -1.48 24.32 68.83
N SER F 22 -1.71 25.60 69.12
CA SER F 22 -2.46 26.47 68.21
C SER F 22 -1.52 27.10 67.19
N LEU F 23 -2.00 27.22 65.96
CA LEU F 23 -1.30 27.97 64.92
C LEU F 23 -1.69 29.43 65.01
N TYR F 24 -0.71 30.29 65.30
CA TYR F 24 -1.03 31.70 65.55
C TYR F 24 -1.40 32.45 64.28
N GLN F 25 -0.80 32.08 63.14
CA GLN F 25 -1.09 32.79 61.90
C GLN F 25 -2.50 32.53 61.42
N VAL F 26 -3.04 31.34 61.70
CA VAL F 26 -4.43 31.05 61.34
C VAL F 26 -5.38 31.90 62.17
N ASP F 27 -5.13 31.99 63.47
CA ASP F 27 -5.96 32.83 64.33
C ASP F 27 -5.81 34.30 63.99
N TYR F 28 -4.64 34.71 63.51
CA TYR F 28 -4.46 36.08 63.06
C TYR F 28 -5.23 36.35 61.77
N ALA F 29 -5.31 35.34 60.89
CA ALA F 29 -6.12 35.47 59.68
C ALA F 29 -7.60 35.51 60.02
N PHE F 30 -8.01 34.80 61.08
CA PHE F 30 -9.40 34.87 61.53
C PHE F 30 -9.70 36.21 62.20
N GLU F 31 -8.68 36.88 62.74
CA GLU F 31 -8.86 38.27 63.16
C GLU F 31 -9.00 39.20 61.96
N ALA F 32 -8.41 38.83 60.82
CA ALA F 32 -8.53 39.66 59.63
C ALA F 32 -9.94 39.60 59.04
N VAL F 33 -10.64 38.48 59.19
CA VAL F 33 -12.03 38.43 58.74
C VAL F 33 -12.96 39.06 59.76
N LYS F 34 -12.55 39.14 61.03
CA LYS F 34 -13.29 39.94 62.00
C LYS F 34 -13.28 41.42 61.65
N ARG F 35 -12.25 41.89 60.96
CA ARG F 35 -12.20 43.26 60.47
C ARG F 35 -12.89 43.43 59.12
N GLY F 36 -13.53 42.39 58.60
CA GLY F 36 -14.23 42.49 57.34
C GLY F 36 -15.60 43.11 57.49
N TRP F 37 -16.27 43.29 56.35
CA TRP F 37 -17.63 43.79 56.38
C TRP F 37 -18.57 42.71 56.89
N THR F 38 -19.76 43.13 57.30
CA THR F 38 -20.71 42.19 57.87
C THR F 38 -21.43 41.47 56.73
N THR F 39 -21.34 40.14 56.75
CA THR F 39 -22.05 39.29 55.80
C THR F 39 -22.91 38.32 56.57
N LEU F 40 -24.05 37.96 55.99
CA LEU F 40 -25.08 37.21 56.68
C LEU F 40 -25.53 36.03 55.84
N GLY F 41 -25.84 34.93 56.52
CA GLY F 41 -26.42 33.76 55.87
C GLY F 41 -27.41 33.08 56.79
N VAL F 42 -28.64 32.88 56.31
CA VAL F 42 -29.68 32.25 57.10
C VAL F 42 -30.29 31.12 56.27
N LYS F 43 -30.67 30.06 56.98
CA LYS F 43 -31.07 28.80 56.35
C LYS F 43 -32.27 28.26 57.12
N THR F 44 -33.44 28.31 56.50
CA THR F 44 -34.65 27.81 57.11
C THR F 44 -35.20 26.64 56.31
N LYS F 45 -36.21 25.97 56.87
CA LYS F 45 -36.80 24.79 56.26
C LYS F 45 -37.52 25.11 54.96
N SER F 46 -37.71 26.39 54.63
CA SER F 46 -38.32 26.77 53.36
C SER F 46 -37.33 27.26 52.31
N GLY F 47 -36.10 27.60 52.68
CA GLY F 47 -35.13 27.99 51.68
C GLY F 47 -33.96 28.76 52.30
N VAL F 48 -33.30 29.53 51.43
CA VAL F 48 -31.94 30.04 51.66
C VAL F 48 -31.94 31.53 51.37
N VAL F 49 -31.46 32.33 52.31
CA VAL F 49 -31.21 33.75 52.10
C VAL F 49 -29.83 34.09 52.66
N LEU F 50 -29.01 34.74 51.83
CA LEU F 50 -27.74 35.31 52.28
C LEU F 50 -27.52 36.67 51.65
N LEU F 51 -26.99 37.60 52.45
CA LEU F 51 -26.82 38.98 52.02
C LEU F 51 -25.55 39.55 52.65
N ALA F 52 -25.20 40.76 52.23
CA ALA F 52 -23.92 41.35 52.64
C ALA F 52 -24.05 42.86 52.69
N GLU F 53 -23.45 43.46 53.72
CA GLU F 53 -23.43 44.90 53.87
C GLU F 53 -22.45 45.53 52.87
N LYS F 54 -22.80 46.73 52.40
CA LYS F 54 -21.99 47.47 51.43
C LYS F 54 -21.74 48.87 51.98
N ARG F 55 -20.74 49.01 52.84
CA ARG F 55 -20.44 50.29 53.46
C ARG F 55 -19.70 51.19 52.48
N LYS F 56 -19.97 52.49 52.59
CA LYS F 56 -19.49 53.47 51.63
C LYS F 56 -18.42 54.33 52.32
N ALA F 57 -17.16 54.05 52.01
CA ALA F 57 -16.05 54.78 52.65
C ALA F 57 -15.79 56.12 51.98
N THR F 58 -16.11 56.25 50.70
CA THR F 58 -15.89 57.48 49.95
C THR F 58 -17.14 57.78 49.14
N GLN F 59 -17.38 59.07 48.90
CA GLN F 59 -18.61 59.52 48.25
C GLN F 59 -18.55 59.40 46.74
N LEU F 60 -17.65 58.57 46.22
CA LEU F 60 -17.46 58.43 44.78
C LEU F 60 -17.51 56.97 44.32
N LEU F 61 -17.77 56.03 45.23
CA LEU F 61 -17.93 54.64 44.87
C LEU F 61 -19.19 54.43 44.05
N ASP F 62 -19.11 53.54 43.06
CA ASP F 62 -20.32 52.98 42.43
C ASP F 62 -20.73 51.79 43.30
N VAL F 63 -21.47 52.09 44.37
CA VAL F 63 -21.88 51.06 45.31
C VAL F 63 -22.91 50.14 44.68
N ASP F 64 -23.66 50.62 43.70
CA ASP F 64 -24.60 49.78 42.98
C ASP F 64 -23.91 48.84 41.99
N GLY F 65 -22.60 48.95 41.82
CA GLY F 65 -21.88 48.11 40.90
C GLY F 65 -20.84 47.22 41.56
N ILE F 66 -20.50 47.52 42.82
CA ILE F 66 -19.52 46.74 43.55
C ILE F 66 -20.17 45.46 44.06
N GLU F 67 -19.44 44.35 43.97
CA GLU F 67 -20.02 43.02 44.07
C GLU F 67 -19.40 42.26 45.22
N LYS F 68 -20.24 41.63 46.03
CA LYS F 68 -19.79 40.70 47.07
C LYS F 68 -20.56 39.39 47.07
N ILE F 69 -21.76 39.34 46.50
CA ILE F 69 -22.49 38.10 46.30
C ILE F 69 -22.06 37.50 44.95
N PHE F 70 -21.50 36.31 44.98
CA PHE F 70 -21.05 35.62 43.78
C PHE F 70 -21.81 34.32 43.57
N MET F 71 -22.07 34.01 42.29
CA MET F 71 -22.87 32.87 41.89
C MET F 71 -21.94 31.75 41.43
N LEU F 72 -21.88 30.66 42.21
CA LEU F 72 -20.95 29.58 41.90
C LEU F 72 -21.52 28.65 40.84
N ASP F 73 -22.74 28.17 41.04
CA ASP F 73 -23.47 27.49 39.99
C ASP F 73 -24.90 28.04 39.92
N ASP F 74 -25.74 27.44 39.08
CA ASP F 74 -27.15 27.83 39.03
C ASP F 74 -27.93 27.41 40.27
N HIS F 75 -27.28 26.76 41.24
CA HIS F 75 -27.95 26.27 42.42
C HIS F 75 -27.13 26.41 43.69
N VAL F 76 -25.88 26.89 43.60
CA VAL F 76 -25.02 27.10 44.76
C VAL F 76 -24.31 28.43 44.59
N GLY F 77 -24.28 29.22 45.66
CA GLY F 77 -23.55 30.48 45.66
C GLY F 77 -23.37 30.98 47.08
N CYS F 78 -22.58 32.03 47.20
CA CYS F 78 -21.91 32.29 48.48
C CYS F 78 -21.37 33.71 48.50
N THR F 79 -21.03 34.15 49.71
CA THR F 79 -20.39 35.45 49.93
C THR F 79 -19.16 35.27 50.80
N PHE F 80 -18.30 36.28 50.79
CA PHE F 80 -17.05 36.24 51.53
C PHE F 80 -16.99 37.43 52.49
N ALA F 81 -16.09 37.31 53.47
CA ALA F 81 -15.71 38.43 54.31
C ALA F 81 -14.22 38.34 54.61
N GLY F 82 -13.64 39.47 55.01
CA GLY F 82 -12.21 39.53 55.21
C GLY F 82 -11.55 40.32 54.10
N LEU F 83 -10.50 39.77 53.52
CA LEU F 83 -9.91 40.38 52.33
C LEU F 83 -10.82 40.13 51.13
N ALA F 84 -10.56 40.85 50.04
CA ALA F 84 -11.30 40.63 48.81
C ALA F 84 -10.60 39.62 47.90
N SER F 85 -9.30 39.81 47.67
CA SER F 85 -8.61 39.09 46.61
C SER F 85 -8.40 37.62 46.96
N ASP F 86 -8.21 37.30 48.24
CA ASP F 86 -8.00 35.91 48.62
C ASP F 86 -9.25 35.08 48.40
N GLY F 87 -10.40 35.57 48.84
CA GLY F 87 -11.65 34.86 48.59
C GLY F 87 -12.13 34.96 47.16
N ARG F 88 -11.55 35.87 46.38
CA ARG F 88 -11.93 36.03 44.98
C ARG F 88 -11.21 35.02 44.09
N ILE F 89 -9.91 34.81 44.31
CA ILE F 89 -9.24 33.74 43.59
C ILE F 89 -9.76 32.39 44.07
N LEU F 90 -10.21 32.33 45.32
CA LEU F 90 -10.87 31.14 45.83
C LEU F 90 -12.26 30.96 45.23
N ILE F 91 -12.89 32.04 44.77
CA ILE F 91 -14.19 31.90 44.11
C ILE F 91 -14.01 31.38 42.69
N ASP F 92 -12.88 31.71 42.04
CA ASP F 92 -12.63 31.17 40.71
C ASP F 92 -12.33 29.67 40.78
N TYR F 93 -11.62 29.25 41.84
CA TYR F 93 -11.36 27.83 42.02
C TYR F 93 -12.64 27.07 42.31
N ALA F 94 -13.56 27.69 43.05
CA ALA F 94 -14.83 27.03 43.38
C ALA F 94 -15.69 26.86 42.13
N ARG F 95 -15.76 27.89 41.29
CA ARG F 95 -16.52 27.79 40.05
C ARG F 95 -15.89 26.79 39.10
N SER F 96 -14.56 26.70 39.09
CA SER F 96 -13.88 25.75 38.22
C SER F 96 -14.14 24.32 38.68
N GLN F 97 -14.14 24.09 39.99
CA GLN F 97 -14.41 22.75 40.51
C GLN F 97 -15.86 22.36 40.28
N ALA F 98 -16.79 23.32 40.37
CA ALA F 98 -18.20 23.02 40.15
C ALA F 98 -18.45 22.67 38.69
N LEU F 99 -17.92 23.47 37.76
CA LEU F 99 -18.16 23.21 36.35
C LEU F 99 -17.42 21.96 35.88
N GLN F 100 -16.32 21.59 36.55
CA GLN F 100 -15.64 20.35 36.22
C GLN F 100 -16.46 19.14 36.63
N HIS F 101 -17.10 19.20 37.81
CA HIS F 101 -17.98 18.11 38.22
C HIS F 101 -19.21 18.02 37.32
N ARG F 102 -19.73 19.15 36.85
CA ARG F 102 -20.88 19.13 35.97
C ARG F 102 -20.53 18.71 34.54
N LEU F 103 -19.27 18.88 34.13
CA LEU F 103 -18.85 18.36 32.84
C LEU F 103 -18.71 16.85 32.88
N ILE F 104 -18.30 16.28 34.01
CA ILE F 104 -18.11 14.84 34.11
C ILE F 104 -19.46 14.12 34.25
N TYR F 105 -20.25 14.51 35.24
CA TYR F 105 -21.45 13.77 35.61
C TYR F 105 -22.73 14.34 35.02
N ASP F 106 -22.68 15.53 34.41
CA ASP F 106 -23.89 16.22 33.94
C ASP F 106 -24.94 16.29 35.05
N GLU F 107 -24.50 16.75 36.22
CA GLU F 107 -25.30 16.71 37.44
C GLU F 107 -24.93 17.91 38.29
N PRO F 108 -25.88 18.49 39.01
CA PRO F 108 -25.52 19.51 40.01
C PRO F 108 -24.64 18.93 41.09
N ILE F 109 -23.89 19.80 41.74
CA ILE F 109 -22.79 19.41 42.62
C ILE F 109 -23.26 19.46 44.06
N SER F 110 -22.91 18.42 44.83
CA SER F 110 -23.16 18.46 46.27
C SER F 110 -22.31 19.53 46.93
N ILE F 111 -22.86 20.17 47.95
CA ILE F 111 -22.20 21.31 48.57
C ILE F 111 -21.13 20.84 49.55
N GLU F 112 -21.23 19.62 50.07
CA GLU F 112 -20.16 19.09 50.89
C GLU F 112 -18.89 18.91 50.08
N TYR F 113 -19.03 18.69 48.77
CA TYR F 113 -17.86 18.51 47.91
C TYR F 113 -17.27 19.84 47.46
N LEU F 114 -18.12 20.84 47.21
CA LEU F 114 -17.61 22.18 46.90
C LEU F 114 -16.84 22.74 48.08
N THR F 115 -17.47 22.78 49.25
CA THR F 115 -16.78 23.28 50.44
C THR F 115 -15.62 22.38 50.83
N LYS F 116 -15.68 21.10 50.46
CA LYS F 116 -14.55 20.19 50.69
C LYS F 116 -13.31 20.68 49.97
N VAL F 117 -13.41 20.90 48.66
CA VAL F 117 -12.22 21.20 47.88
C VAL F 117 -11.75 22.63 48.12
N ILE F 118 -12.69 23.54 48.39
CA ILE F 118 -12.31 24.88 48.86
C ILE F 118 -11.53 24.79 50.15
N SER F 119 -12.07 24.05 51.13
CA SER F 119 -11.42 23.95 52.44
C SER F 119 -10.12 23.18 52.38
N ASP F 120 -9.99 22.22 51.45
CA ASP F 120 -8.74 21.51 51.30
C ASP F 120 -7.64 22.41 50.73
N VAL F 121 -8.01 23.36 49.87
CA VAL F 121 -7.05 24.34 49.38
C VAL F 121 -6.58 25.24 50.53
N LYS F 122 -7.51 25.62 51.42
CA LYS F 122 -7.12 26.42 52.58
C LYS F 122 -6.17 25.65 53.47
N GLN F 123 -6.40 24.35 53.64
CA GLN F 123 -5.47 23.52 54.40
C GLN F 123 -4.09 23.47 53.74
N ALA F 124 -4.05 23.30 52.42
CA ALA F 124 -2.77 23.19 51.72
C ALA F 124 -1.94 24.47 51.83
N TYR F 125 -2.59 25.63 51.96
CA TYR F 125 -1.87 26.87 52.21
C TYR F 125 -1.66 27.15 53.70
N THR F 126 -2.13 26.29 54.59
CA THR F 126 -1.79 26.36 56.01
C THR F 126 -0.85 25.23 56.43
N GLN F 127 -0.13 24.63 55.48
CA GLN F 127 0.81 23.56 55.79
C GLN F 127 2.13 23.69 55.06
N HIS F 128 2.29 24.64 54.15
CA HIS F 128 3.51 24.79 53.37
C HIS F 128 4.19 26.11 53.70
N GLY F 129 5.51 26.13 53.60
CA GLY F 129 6.32 27.16 54.21
C GLY F 129 6.15 28.55 53.64
N GLY F 130 6.55 28.73 52.37
CA GLY F 130 6.55 30.04 51.76
C GLY F 130 5.23 30.47 51.15
N VAL F 131 4.12 30.19 51.84
CA VAL F 131 2.79 30.57 51.37
C VAL F 131 2.01 31.18 52.54
N ARG F 132 1.48 32.37 52.33
CA ARG F 132 0.59 32.98 53.30
C ARG F 132 -0.76 32.28 53.29
N PRO F 133 -1.39 32.07 54.46
CA PRO F 133 -2.73 31.50 54.48
C PRO F 133 -3.77 32.50 53.97
N PHE F 134 -4.96 31.98 53.68
CA PHE F 134 -6.06 32.84 53.25
C PHE F 134 -6.62 33.62 54.43
N GLY F 135 -6.93 34.89 54.18
CA GLY F 135 -7.52 35.73 55.20
C GLY F 135 -8.99 36.00 54.95
N VAL F 136 -9.71 34.97 54.48
CA VAL F 136 -11.09 35.11 54.06
C VAL F 136 -11.89 33.93 54.60
N ALA F 137 -13.04 34.23 55.19
CA ALA F 137 -14.03 33.21 55.53
C ALA F 137 -15.19 33.27 54.54
N LEU F 138 -15.70 32.09 54.18
CA LEU F 138 -16.79 31.96 53.22
C LEU F 138 -18.02 31.40 53.90
N ILE F 139 -19.19 31.77 53.39
CA ILE F 139 -20.45 31.18 53.77
C ILE F 139 -21.19 30.80 52.49
N VAL F 140 -21.52 29.51 52.35
CA VAL F 140 -21.97 28.95 51.09
C VAL F 140 -23.40 28.44 51.26
N GLY F 141 -24.27 28.82 50.33
CA GLY F 141 -25.66 28.40 50.38
C GLY F 141 -26.21 27.88 49.06
N GLY F 142 -26.70 26.65 49.06
CA GLY F 142 -27.26 26.05 47.86
C GLY F 142 -28.51 25.22 48.13
N ILE F 143 -28.93 24.42 47.15
CA ILE F 143 -30.13 23.60 47.31
C ILE F 143 -29.89 22.17 46.84
N ASP F 144 -28.99 22.01 45.87
CA ASP F 144 -28.65 20.69 45.30
C ASP F 144 -29.90 19.93 44.86
N LYS F 145 -30.21 18.82 45.55
CA LYS F 145 -31.39 18.03 45.20
C LYS F 145 -31.81 17.17 46.40
N GLY F 146 -32.80 17.66 47.14
CA GLY F 146 -33.31 16.94 48.29
C GLY F 146 -33.05 17.63 49.60
N LYS F 147 -31.85 18.18 49.76
CA LYS F 147 -31.48 18.90 50.97
C LYS F 147 -31.63 20.40 50.68
N GLN F 148 -32.89 20.82 50.67
CA GLN F 148 -33.29 22.19 50.40
C GLN F 148 -32.54 23.17 51.31
N PRO F 149 -32.68 23.10 52.66
CA PRO F 149 -31.93 24.05 53.49
C PRO F 149 -30.47 23.65 53.64
N LYS F 150 -29.56 24.29 52.89
CA LYS F 150 -28.15 23.94 52.99
C LYS F 150 -27.30 25.21 53.14
N LEU F 151 -26.37 25.17 54.09
CA LEU F 151 -25.47 26.29 54.35
C LEU F 151 -24.21 25.76 55.01
N LEU F 152 -23.05 26.20 54.54
CA LEU F 152 -21.78 25.87 55.17
C LEU F 152 -20.94 27.13 55.33
N MET F 153 -19.95 27.05 56.22
CA MET F 153 -19.00 28.13 56.45
C MET F 153 -17.59 27.58 56.42
N THR F 154 -16.70 28.26 55.69
CA THR F 154 -15.30 27.87 55.59
C THR F 154 -14.46 28.75 56.49
N GLU F 155 -13.68 28.13 57.39
CA GLU F 155 -12.74 28.86 58.22
C GLU F 155 -11.34 28.75 57.63
N PRO F 156 -10.50 29.78 57.80
CA PRO F 156 -9.16 29.74 57.19
C PRO F 156 -8.25 28.64 57.72
N SER F 157 -8.61 28.02 58.85
CA SER F 157 -7.96 26.79 59.25
C SER F 157 -8.32 25.61 58.34
N GLY F 158 -9.45 25.69 57.64
CA GLY F 158 -9.92 24.61 56.82
C GLY F 158 -11.04 23.78 57.42
N GLN F 159 -11.69 24.26 58.48
CA GLN F 159 -12.72 23.50 59.16
C GLN F 159 -14.09 23.76 58.54
N PHE F 160 -14.94 22.73 58.54
CA PHE F 160 -16.35 22.93 58.24
C PHE F 160 -17.10 23.24 59.54
N MET F 161 -18.06 24.14 59.44
CA MET F 161 -19.19 24.14 60.36
C MET F 161 -20.48 24.41 59.60
N PRO F 162 -21.37 23.43 59.49
CA PRO F 162 -22.70 23.69 58.92
C PRO F 162 -23.57 24.45 59.92
N TYR F 163 -24.23 25.50 59.45
CA TYR F 163 -24.98 26.38 60.33
C TYR F 163 -26.41 26.55 59.84
N TYR F 164 -27.32 26.75 60.79
CA TYR F 164 -28.67 27.19 60.45
C TYR F 164 -28.67 28.65 60.02
N ALA F 165 -27.89 29.49 60.72
CA ALA F 165 -27.84 30.93 60.44
C ALA F 165 -26.65 31.52 61.17
N VAL F 166 -25.73 32.18 60.46
CA VAL F 166 -24.62 32.89 61.07
C VAL F 166 -24.38 34.20 60.36
N ALA F 167 -23.44 34.98 60.91
CA ALA F 167 -23.04 36.27 60.38
C ALA F 167 -21.68 36.59 60.97
N ILE F 168 -20.75 37.03 60.11
CA ILE F 168 -19.39 37.33 60.55
C ILE F 168 -18.92 38.61 59.89
N GLY F 169 -18.06 39.34 60.59
CA GLY F 169 -17.67 40.68 60.24
C GLY F 169 -17.54 41.54 61.47
N GLN F 170 -17.62 42.86 61.27
CA GLN F 170 -17.46 43.78 62.39
C GLN F 170 -18.62 43.66 63.37
N GLY F 171 -19.84 43.66 62.86
CA GLY F 171 -21.02 43.48 63.69
C GLY F 171 -21.48 42.03 63.68
N GLY F 172 -20.52 41.12 63.50
CA GLY F 172 -20.88 39.71 63.38
C GLY F 172 -21.43 39.13 64.67
N TYR F 173 -20.86 39.52 65.81
CA TYR F 173 -21.35 38.99 67.08
C TYR F 173 -22.69 39.57 67.46
N THR F 174 -22.97 40.81 67.06
CA THR F 174 -24.26 41.41 67.36
C THR F 174 -25.36 40.74 66.56
N ALA F 175 -25.12 40.49 65.27
CA ALA F 175 -26.08 39.74 64.47
C ALA F 175 -26.15 38.29 64.91
N THR F 176 -25.04 37.74 65.42
CA THR F 176 -25.06 36.37 65.92
C THR F 176 -25.98 36.24 67.13
N GLU F 177 -25.96 37.25 68.01
CA GLU F 177 -26.82 37.19 69.19
C GLU F 177 -28.25 37.58 68.86
N TYR F 178 -28.45 38.42 67.84
CA TYR F 178 -29.81 38.70 67.38
C TYR F 178 -30.42 37.46 66.72
N LEU F 179 -29.64 36.77 65.90
CA LEU F 179 -30.10 35.52 65.31
C LEU F 179 -30.16 34.40 66.34
N GLU F 180 -29.44 34.54 67.46
CA GLU F 180 -29.62 33.63 68.59
C GLU F 180 -30.97 33.81 69.27
N LYS F 181 -31.52 35.03 69.25
CA LYS F 181 -32.78 35.40 69.89
C LYS F 181 -33.97 34.50 69.52
N ASN F 182 -34.98 35.07 68.87
CA ASN F 182 -36.20 34.34 68.55
C ASN F 182 -36.20 33.98 67.07
N TYR F 183 -36.29 32.69 66.78
CA TYR F 183 -36.27 32.17 65.43
C TYR F 183 -36.64 30.70 65.42
N LYS F 184 -37.66 30.31 64.65
CA LYS F 184 -38.05 28.92 64.63
C LYS F 184 -37.62 28.28 63.31
N GLU F 185 -38.03 27.03 63.10
CA GLU F 185 -37.44 26.23 62.04
C GLU F 185 -37.90 26.69 60.65
N ASP F 186 -39.20 26.69 60.41
CA ASP F 186 -39.75 26.99 59.10
C ASP F 186 -40.58 28.27 59.11
N LEU F 187 -40.51 28.98 57.98
CA LEU F 187 -41.28 30.19 57.72
C LEU F 187 -41.05 30.56 56.26
N ASP F 188 -41.93 31.40 55.73
CA ASP F 188 -41.86 31.79 54.33
C ASP F 188 -40.59 32.59 54.04
N ILE F 189 -40.22 32.61 52.76
CA ILE F 189 -38.93 33.20 52.37
C ILE F 189 -38.97 34.71 52.59
N GLN F 190 -40.15 35.31 52.50
CA GLN F 190 -40.30 36.73 52.82
C GLN F 190 -39.97 37.00 54.29
N SER F 191 -40.23 36.03 55.17
CA SER F 191 -39.95 36.20 56.58
C SER F 191 -38.51 35.90 56.96
N THR F 192 -37.80 35.09 56.18
CA THR F 192 -36.38 34.83 56.47
C THR F 192 -35.48 35.89 55.87
N ILE F 193 -35.90 36.52 54.77
CA ILE F 193 -35.17 37.68 54.26
C ILE F 193 -35.46 38.88 55.16
N LEU F 194 -36.66 38.95 55.74
CA LEU F 194 -36.93 39.92 56.80
C LEU F 194 -36.01 39.70 57.99
N LEU F 195 -35.75 38.44 58.34
CA LEU F 195 -34.93 38.14 59.50
C LEU F 195 -33.48 38.54 59.27
N ALA F 196 -32.98 38.39 58.04
CA ALA F 196 -31.61 38.77 57.75
C ALA F 196 -31.47 40.30 57.71
N LEU F 197 -32.48 41.00 57.18
CA LEU F 197 -32.45 42.46 57.21
C LEU F 197 -32.48 42.99 58.64
N ARG F 198 -33.30 42.38 59.50
CA ARG F 198 -33.32 42.77 60.90
C ARG F 198 -32.02 42.42 61.61
N ALA F 199 -31.35 41.35 61.19
CA ALA F 199 -30.10 40.98 61.85
C ALA F 199 -28.96 41.91 61.45
N LEU F 200 -29.10 42.64 60.35
CA LEU F 200 -28.13 43.65 59.96
C LEU F 200 -28.45 45.01 60.58
N MET F 201 -29.54 45.10 61.32
CA MET F 201 -30.01 46.35 61.93
C MET F 201 -30.34 47.38 60.85
N ASN F 211 -29.30 51.86 53.81
CA ASN F 211 -30.58 52.36 53.31
C ASN F 211 -31.25 51.36 52.37
N TYR F 212 -31.43 51.76 51.11
CA TYR F 212 -32.02 50.88 50.11
C TYR F 212 -30.99 50.04 49.38
N SER F 213 -29.80 50.58 49.13
CA SER F 213 -28.76 49.88 48.39
C SER F 213 -27.46 49.79 49.16
N SER F 214 -27.50 50.01 50.48
CA SER F 214 -26.35 49.67 51.31
C SER F 214 -26.25 48.17 51.56
N VAL F 215 -27.32 47.43 51.31
CA VAL F 215 -27.35 45.98 51.41
C VAL F 215 -27.53 45.43 50.00
N GLU F 216 -26.92 44.28 49.74
CA GLU F 216 -27.20 43.51 48.53
C GLU F 216 -27.49 42.08 48.92
N ILE F 217 -28.53 41.52 48.30
CA ILE F 217 -29.26 40.39 48.86
C ILE F 217 -29.46 39.35 47.78
N GLY F 218 -29.27 38.09 48.13
CA GLY F 218 -29.54 36.99 47.23
C GLY F 218 -30.25 35.88 47.97
N TYR F 219 -31.22 35.24 47.32
CA TYR F 219 -32.00 34.19 47.95
C TYR F 219 -32.11 33.01 47.01
N ALA F 220 -32.18 31.81 47.59
CA ALA F 220 -32.46 30.59 46.86
C ALA F 220 -33.73 29.98 47.43
N ASP F 221 -34.63 29.57 46.54
CA ASP F 221 -35.93 29.08 46.94
C ASP F 221 -36.11 27.64 46.48
N VAL F 222 -36.85 26.88 47.29
CA VAL F 222 -36.91 25.42 47.13
C VAL F 222 -37.91 24.97 46.08
N ASP F 223 -38.81 25.85 45.65
CA ASP F 223 -39.84 25.48 44.68
C ASP F 223 -39.24 25.35 43.29
N SER F 224 -38.61 26.42 42.79
CA SER F 224 -37.77 26.36 41.60
C SER F 224 -36.31 26.36 42.04
N GLY F 225 -35.63 25.22 41.86
CA GLY F 225 -34.36 25.00 42.51
C GLY F 225 -33.22 25.81 41.91
N THR F 226 -33.26 27.12 42.15
CA THR F 226 -32.32 28.06 41.58
C THR F 226 -32.06 29.16 42.61
N PHE F 227 -31.24 30.14 42.24
CA PHE F 227 -31.26 31.43 42.93
C PHE F 227 -31.01 32.54 41.91
N LYS F 228 -32.09 33.21 41.50
CA LYS F 228 -31.99 34.58 41.04
C LYS F 228 -31.52 35.48 42.17
N LYS F 229 -30.84 36.57 41.81
CA LYS F 229 -30.57 37.61 42.80
C LYS F 229 -31.74 38.57 42.88
N LEU F 230 -31.85 39.25 44.02
CA LEU F 230 -32.74 40.40 44.11
C LEU F 230 -32.28 41.49 43.17
N THR F 231 -33.17 41.91 42.27
CA THR F 231 -33.02 43.21 41.65
C THR F 231 -33.32 44.31 42.67
N THR F 232 -32.76 45.49 42.44
CA THR F 232 -32.89 46.56 43.42
C THR F 232 -34.33 47.05 43.57
N GLU F 233 -35.20 46.72 42.61
CA GLU F 233 -36.60 47.10 42.72
C GLU F 233 -37.30 46.32 43.83
N GLU F 234 -37.03 45.01 43.94
CA GLU F 234 -37.60 44.24 45.02
C GLU F 234 -36.98 44.59 46.37
N ARG F 235 -35.72 45.05 46.36
CA ARG F 235 -35.13 45.58 47.59
C ARG F 235 -35.88 46.82 48.07
N SER F 236 -36.22 47.71 47.14
CA SER F 236 -37.00 48.89 47.49
C SER F 236 -38.39 48.52 47.99
N ASP F 237 -38.92 47.37 47.55
CA ASP F 237 -40.18 46.87 48.09
C ASP F 237 -40.01 46.29 49.50
N LEU F 238 -38.81 45.83 49.85
CA LEU F 238 -38.58 45.24 51.16
C LEU F 238 -38.14 46.25 52.21
N LEU F 239 -37.78 47.47 51.81
CA LEU F 239 -37.47 48.52 52.78
C LEU F 239 -38.75 48.99 53.46
N GLN F 240 -39.64 49.64 52.70
CA GLN F 240 -40.86 50.21 53.24
C GLN F 240 -41.95 49.14 53.22
N LYS F 241 -42.50 48.84 54.39
CA LYS F 241 -43.62 47.91 54.51
C LYS F 241 -44.43 48.17 55.78
N ILE G 14 11.73 23.07 63.33
CA ILE G 14 10.74 22.36 62.54
C ILE G 14 11.30 21.02 62.06
N THR G 15 12.52 21.05 61.53
CA THR G 15 13.25 19.86 61.12
C THR G 15 14.62 19.82 61.79
N ILE G 16 14.62 20.00 63.12
CA ILE G 16 15.85 20.10 63.89
C ILE G 16 15.70 19.26 65.16
N PHE G 17 16.75 18.52 65.49
CA PHE G 17 16.75 17.66 66.67
C PHE G 17 17.17 18.47 67.90
N SER G 18 16.45 18.29 68.99
CA SER G 18 16.89 18.78 70.28
C SER G 18 18.01 17.87 70.81
N PRO G 19 18.85 18.39 71.72
CA PRO G 19 20.01 17.60 72.15
C PRO G 19 19.66 16.31 72.88
N ASP G 20 18.46 16.22 73.50
CA ASP G 20 18.02 14.93 74.01
C ASP G 20 17.64 13.97 72.88
N GLY G 21 17.26 14.51 71.72
CA GLY G 21 16.86 13.70 70.59
C GLY G 21 15.39 13.77 70.22
N SER G 22 14.57 14.49 70.99
CA SER G 22 13.15 14.58 70.72
C SER G 22 12.88 15.73 69.74
N LEU G 23 11.94 15.50 68.82
CA LEU G 23 11.46 16.55 67.94
C LEU G 23 10.34 17.31 68.64
N TYR G 24 10.55 18.61 68.88
CA TYR G 24 9.60 19.38 69.67
C TYR G 24 8.33 19.69 68.90
N GLN G 25 8.43 19.87 67.58
CA GLN G 25 7.24 20.20 66.80
C GLN G 25 6.27 19.03 66.74
N VAL G 26 6.78 17.80 66.79
CA VAL G 26 5.91 16.64 66.82
C VAL G 26 5.13 16.58 68.12
N ASP G 27 5.82 16.81 69.25
CA ASP G 27 5.14 16.82 70.54
C ASP G 27 4.16 17.97 70.64
N TYR G 28 4.44 19.10 69.98
CA TYR G 28 3.49 20.20 69.96
C TYR G 28 2.26 19.85 69.15
N ALA G 29 2.44 19.10 68.06
CA ALA G 29 1.29 18.62 67.30
C ALA G 29 0.50 17.59 68.08
N PHE G 30 1.16 16.81 68.93
CA PHE G 30 0.46 15.88 69.81
C PHE G 30 -0.26 16.61 70.93
N GLU G 31 0.21 17.80 71.30
CA GLU G 31 -0.58 18.65 72.19
C GLU G 31 -1.81 19.21 71.49
N ALA G 32 -1.74 19.38 70.16
CA ALA G 32 -2.88 19.87 69.41
C ALA G 32 -3.99 18.83 69.33
N VAL G 33 -3.64 17.53 69.30
CA VAL G 33 -4.67 16.50 69.31
C VAL G 33 -5.19 16.26 70.73
N LYS G 34 -4.40 16.59 71.76
CA LYS G 34 -4.92 16.58 73.12
C LYS G 34 -6.01 17.64 73.30
N ARG G 35 -5.95 18.71 72.52
CA ARG G 35 -7.01 19.73 72.52
C ARG G 35 -8.16 19.40 71.60
N GLY G 36 -8.15 18.22 70.97
CA GLY G 36 -9.24 17.83 70.10
C GLY G 36 -10.41 17.26 70.86
N TRP G 37 -11.46 16.94 70.11
CA TRP G 37 -12.62 16.29 70.71
C TRP G 37 -12.29 14.84 71.07
N THR G 38 -13.11 14.26 71.93
CA THR G 38 -12.87 12.91 72.39
C THR G 38 -13.38 11.92 71.35
N THR G 39 -12.51 11.06 70.86
CA THR G 39 -12.86 9.98 69.95
C THR G 39 -12.43 8.66 70.55
N LEU G 40 -13.20 7.61 70.27
CA LEU G 40 -13.05 6.33 70.94
C LEU G 40 -13.02 5.21 69.90
N GLY G 41 -12.23 4.18 70.20
CA GLY G 41 -12.21 2.99 69.38
C GLY G 41 -11.98 1.74 70.21
N VAL G 42 -12.88 0.77 70.10
CA VAL G 42 -12.79 -0.48 70.84
C VAL G 42 -12.93 -1.65 69.87
N LYS G 43 -12.09 -2.67 70.04
CA LYS G 43 -12.15 -3.89 69.26
C LYS G 43 -12.31 -5.08 70.20
N THR G 44 -13.19 -6.01 69.82
CA THR G 44 -13.44 -7.21 70.59
C THR G 44 -13.60 -8.37 69.63
N LYS G 45 -13.82 -9.57 70.19
CA LYS G 45 -14.02 -10.76 69.36
C LYS G 45 -15.23 -10.61 68.46
N SER G 46 -16.26 -9.90 68.93
CA SER G 46 -17.45 -9.69 68.10
C SER G 46 -17.20 -8.73 66.96
N GLY G 47 -16.24 -7.82 67.09
CA GLY G 47 -15.97 -6.86 66.03
C GLY G 47 -15.40 -5.53 66.51
N VAL G 48 -16.00 -4.44 66.02
CA VAL G 48 -15.40 -3.11 65.99
C VAL G 48 -16.46 -2.08 66.35
N VAL G 49 -16.14 -1.24 67.33
CA VAL G 49 -16.96 -0.08 67.62
C VAL G 49 -16.00 1.09 67.79
N LEU G 50 -16.26 2.16 67.06
CA LEU G 50 -15.54 3.41 67.27
C LEU G 50 -16.52 4.57 67.15
N LEU G 51 -16.37 5.56 68.03
CA LEU G 51 -17.30 6.65 68.10
C LEU G 51 -16.57 7.93 68.45
N ALA G 52 -17.29 9.06 68.39
CA ALA G 52 -16.69 10.37 68.56
C ALA G 52 -17.71 11.32 69.17
N GLU G 53 -17.25 12.14 70.10
CA GLU G 53 -18.11 13.13 70.72
C GLU G 53 -18.35 14.30 69.77
N LYS G 54 -19.55 14.89 69.84
CA LYS G 54 -19.94 16.01 69.00
C LYS G 54 -20.43 17.14 69.90
N ARG G 55 -19.49 17.92 70.42
CA ARG G 55 -19.83 19.01 71.32
C ARG G 55 -20.39 20.20 70.56
N LYS G 56 -21.33 20.90 71.18
CA LYS G 56 -22.09 21.96 70.51
C LYS G 56 -21.64 23.30 71.09
N ALA G 57 -20.82 24.03 70.33
CA ALA G 57 -20.31 25.31 70.80
C ALA G 57 -21.30 26.43 70.58
N THR G 58 -22.18 26.31 69.58
CA THR G 58 -23.17 27.33 69.28
C THR G 58 -24.50 26.63 69.01
N GLN G 59 -25.59 27.32 69.36
CA GLN G 59 -26.91 26.79 69.05
C GLN G 59 -27.24 26.86 67.56
N LEU G 60 -26.37 27.47 66.76
CA LEU G 60 -26.55 27.55 65.32
C LEU G 60 -25.98 26.34 64.59
N LEU G 61 -25.31 25.43 65.31
CA LEU G 61 -24.64 24.29 64.70
C LEU G 61 -25.63 23.19 64.38
N ASP G 62 -25.57 22.67 63.16
CA ASP G 62 -26.30 21.46 62.78
C ASP G 62 -25.43 20.27 63.20
N VAL G 63 -25.61 19.82 64.44
CA VAL G 63 -24.88 18.66 64.92
C VAL G 63 -25.25 17.42 64.12
N ASP G 64 -26.50 17.33 63.66
CA ASP G 64 -26.89 16.25 62.75
C ASP G 64 -26.12 16.32 61.43
N GLY G 65 -25.61 17.49 61.06
CA GLY G 65 -24.92 17.64 59.79
C GLY G 65 -23.41 17.49 59.88
N ILE G 66 -22.85 17.68 61.07
CA ILE G 66 -21.41 17.57 61.23
C ILE G 66 -21.00 16.11 61.13
N GLU G 67 -19.90 15.85 60.43
CA GLU G 67 -19.41 14.50 60.23
C GLU G 67 -18.00 14.36 60.80
N LYS G 68 -17.77 13.29 61.56
CA LYS G 68 -16.44 12.94 62.04
C LYS G 68 -16.09 11.47 61.83
N ILE G 69 -17.07 10.58 61.68
CA ILE G 69 -16.82 9.20 61.30
C ILE G 69 -16.81 9.13 59.78
N PHE G 70 -15.69 8.69 59.21
CA PHE G 70 -15.55 8.57 57.77
C PHE G 70 -15.30 7.12 57.39
N MET G 71 -15.91 6.71 56.27
CA MET G 71 -15.86 5.33 55.80
C MET G 71 -14.84 5.24 54.68
N LEU G 72 -13.69 4.63 54.96
CA LEU G 72 -12.64 4.52 53.96
C LEU G 72 -13.01 3.50 52.89
N ASP G 73 -13.41 2.30 53.33
CA ASP G 73 -13.98 1.29 52.45
C ASP G 73 -15.16 0.67 53.20
N ASP G 74 -15.89 -0.22 52.54
CA ASP G 74 -17.06 -0.80 53.19
C ASP G 74 -16.71 -1.70 54.37
N HIS G 75 -15.44 -2.11 54.50
CA HIS G 75 -14.97 -2.85 55.66
C HIS G 75 -14.00 -2.07 56.53
N VAL G 76 -13.73 -0.80 56.23
CA VAL G 76 -12.76 0.00 56.97
C VAL G 76 -13.34 1.36 57.26
N GLY G 77 -13.45 1.71 58.55
CA GLY G 77 -13.83 3.04 58.96
C GLY G 77 -12.87 3.57 60.00
N CYS G 78 -12.78 4.90 60.09
CA CYS G 78 -11.89 5.52 61.06
C CYS G 78 -12.39 6.91 61.42
N THR G 79 -11.87 7.43 62.52
CA THR G 79 -12.14 8.80 62.96
C THR G 79 -10.83 9.50 63.28
N PHE G 80 -10.89 10.83 63.34
CA PHE G 80 -9.73 11.66 63.63
C PHE G 80 -10.01 12.53 64.86
N ALA G 81 -8.93 13.05 65.43
CA ALA G 81 -9.04 14.09 66.45
C ALA G 81 -7.90 15.09 66.26
N GLY G 82 -8.09 16.28 66.81
CA GLY G 82 -7.15 17.36 66.59
C GLY G 82 -7.75 18.40 65.67
N LEU G 83 -7.02 18.79 64.63
CA LEU G 83 -7.60 19.65 63.61
C LEU G 83 -8.56 18.85 62.74
N ALA G 84 -9.35 19.57 61.95
CA ALA G 84 -10.25 18.91 61.01
C ALA G 84 -9.59 18.72 59.64
N SER G 85 -9.01 19.80 59.11
CA SER G 85 -8.60 19.81 57.70
C SER G 85 -7.38 18.92 57.45
N ASP G 86 -6.48 18.80 58.43
CA ASP G 86 -5.29 17.98 58.23
C ASP G 86 -5.66 16.49 58.13
N GLY G 87 -6.49 16.02 59.05
CA GLY G 87 -6.95 14.64 58.96
C GLY G 87 -7.95 14.39 57.87
N ARG G 88 -8.52 15.46 57.31
CA ARG G 88 -9.49 15.35 56.22
C ARG G 88 -8.79 15.19 54.87
N ILE G 89 -7.73 15.96 54.63
CA ILE G 89 -6.93 15.72 53.42
C ILE G 89 -6.18 14.41 53.57
N LEU G 90 -5.88 14.01 54.80
CA LEU G 90 -5.31 12.69 55.04
C LEU G 90 -6.32 11.58 54.83
N ILE G 91 -7.62 11.90 54.98
CA ILE G 91 -8.65 10.89 54.72
C ILE G 91 -8.86 10.71 53.22
N ASP G 92 -8.64 11.77 52.43
CA ASP G 92 -8.77 11.65 50.98
C ASP G 92 -7.64 10.79 50.41
N TYR G 93 -6.43 10.93 50.95
CA TYR G 93 -5.31 10.11 50.50
C TYR G 93 -5.52 8.65 50.89
N ALA G 94 -6.13 8.39 52.05
CA ALA G 94 -6.37 7.02 52.48
C ALA G 94 -7.41 6.34 51.58
N ARG G 95 -8.48 7.06 51.25
CA ARG G 95 -9.51 6.50 50.38
C ARG G 95 -8.96 6.24 48.98
N SER G 96 -8.08 7.10 48.50
CA SER G 96 -7.50 6.90 47.17
C SER G 96 -6.58 5.69 47.14
N GLN G 97 -5.79 5.48 48.20
CA GLN G 97 -4.90 4.33 48.24
C GLN G 97 -5.68 3.04 48.38
N ALA G 98 -6.79 3.06 49.12
CA ALA G 98 -7.61 1.87 49.29
C ALA G 98 -8.27 1.47 47.97
N LEU G 99 -8.87 2.43 47.27
CA LEU G 99 -9.55 2.12 46.01
C LEU G 99 -8.55 1.76 44.92
N GLN G 100 -7.31 2.25 45.01
CA GLN G 100 -6.29 1.84 44.05
C GLN G 100 -5.88 0.39 44.27
N HIS G 101 -5.76 -0.03 45.53
CA HIS G 101 -5.45 -1.43 45.81
C HIS G 101 -6.60 -2.34 45.39
N ARG G 102 -7.83 -1.88 45.53
CA ARG G 102 -8.98 -2.68 45.11
C ARG G 102 -9.17 -2.67 43.60
N LEU G 103 -8.65 -1.63 42.93
CA LEU G 103 -8.64 -1.63 41.47
C LEU G 103 -7.58 -2.59 40.92
N ILE G 104 -6.46 -2.71 41.62
CA ILE G 104 -5.37 -3.57 41.15
C ILE G 104 -5.69 -5.03 41.44
N TYR G 105 -5.96 -5.35 42.71
CA TYR G 105 -6.07 -6.73 43.16
C TYR G 105 -7.50 -7.25 43.21
N ASP G 106 -8.49 -6.38 43.07
CA ASP G 106 -9.90 -6.74 43.26
C ASP G 106 -10.11 -7.47 44.59
N GLU G 107 -9.58 -6.87 45.65
CA GLU G 107 -9.51 -7.49 46.96
C GLU G 107 -9.63 -6.39 48.02
N PRO G 108 -10.27 -6.67 49.15
CA PRO G 108 -10.20 -5.72 50.27
C PRO G 108 -8.77 -5.58 50.77
N ILE G 109 -8.52 -4.45 51.42
CA ILE G 109 -7.16 -4.01 51.72
C ILE G 109 -6.85 -4.33 53.17
N SER G 110 -5.64 -4.85 53.40
CA SER G 110 -5.14 -5.03 54.76
C SER G 110 -4.91 -3.67 55.41
N ILE G 111 -5.16 -3.60 56.72
CA ILE G 111 -5.11 -2.32 57.42
C ILE G 111 -3.69 -1.91 57.77
N GLU G 112 -2.79 -2.89 57.87
CA GLU G 112 -1.40 -2.55 58.08
C GLU G 112 -0.85 -1.79 56.89
N TYR G 113 -1.38 -2.04 55.69
CA TYR G 113 -0.89 -1.32 54.52
C TYR G 113 -1.54 0.05 54.37
N LEU G 114 -2.84 0.16 54.70
CA LEU G 114 -3.49 1.46 54.69
C LEU G 114 -2.86 2.40 55.71
N THR G 115 -2.78 1.95 56.96
CA THR G 115 -2.15 2.75 58.00
C THR G 115 -0.66 2.94 57.72
N LYS G 116 -0.05 2.00 56.99
CA LYS G 116 1.34 2.16 56.56
C LYS G 116 1.52 3.41 55.72
N VAL G 117 0.73 3.53 54.65
CA VAL G 117 0.94 4.60 53.69
C VAL G 117 0.47 5.93 54.27
N ILE G 118 -0.58 5.89 55.11
CA ILE G 118 -0.97 7.07 55.88
C ILE G 118 0.19 7.52 56.76
N SER G 119 0.76 6.57 57.52
CA SER G 119 1.84 6.91 58.44
C SER G 119 3.11 7.32 57.71
N ASP G 120 3.33 6.79 56.50
CA ASP G 120 4.49 7.22 55.72
C ASP G 120 4.33 8.66 55.23
N VAL G 121 3.10 9.08 54.95
CA VAL G 121 2.86 10.47 54.59
C VAL G 121 3.15 11.38 55.79
N LYS G 122 2.75 10.95 56.99
CA LYS G 122 3.04 11.74 58.18
C LYS G 122 4.55 11.87 58.41
N GLN G 123 5.29 10.78 58.17
CA GLN G 123 6.74 10.85 58.28
C GLN G 123 7.34 11.81 57.26
N ALA G 124 6.86 11.75 56.01
CA ALA G 124 7.42 12.60 54.97
C ALA G 124 7.22 14.08 55.24
N TYR G 125 6.16 14.44 55.96
CA TYR G 125 5.97 15.82 56.40
C TYR G 125 6.63 16.13 57.73
N THR G 126 7.28 15.15 58.37
CA THR G 126 8.11 15.40 59.54
C THR G 126 9.60 15.27 59.23
N GLN G 127 9.99 15.36 57.95
CA GLN G 127 11.39 15.28 57.58
C GLN G 127 11.82 16.31 56.55
N HIS G 128 10.90 17.11 56.01
CA HIS G 128 11.22 18.09 54.97
C HIS G 128 10.97 19.49 55.52
N GLY G 129 11.75 20.44 55.02
CA GLY G 129 11.89 21.73 55.67
C GLY G 129 10.66 22.61 55.71
N GLY G 130 10.19 23.06 54.54
CA GLY G 130 9.11 24.01 54.48
C GLY G 130 7.72 23.41 54.52
N VAL G 131 7.53 22.40 55.37
CA VAL G 131 6.23 21.74 55.51
C VAL G 131 5.94 21.55 57.00
N ARG G 132 4.77 22.02 57.43
CA ARG G 132 4.31 21.75 58.79
C ARG G 132 3.87 20.29 58.91
N PRO G 133 4.15 19.63 60.03
CA PRO G 133 3.64 18.27 60.25
C PRO G 133 2.13 18.28 60.47
N PHE G 134 1.55 17.09 60.37
CA PHE G 134 0.12 16.94 60.61
C PHE G 134 -0.20 17.05 62.11
N GLY G 135 -1.29 17.73 62.43
CA GLY G 135 -1.70 17.86 63.81
C GLY G 135 -2.93 17.03 64.12
N VAL G 136 -2.99 15.82 63.56
CA VAL G 136 -4.16 14.97 63.65
C VAL G 136 -3.71 13.55 63.95
N ALA G 137 -4.37 12.91 64.92
CA ALA G 137 -4.24 11.49 65.16
C ALA G 137 -5.47 10.74 64.67
N LEU G 138 -5.25 9.55 64.09
CA LEU G 138 -6.31 8.73 63.55
C LEU G 138 -6.44 7.43 64.34
N ILE G 139 -7.66 6.90 64.40
CA ILE G 139 -7.93 5.57 64.93
C ILE G 139 -8.78 4.79 63.92
N VAL G 140 -8.27 3.66 63.46
CA VAL G 140 -8.83 2.96 62.30
C VAL G 140 -9.34 1.59 62.73
N GLY G 141 -10.57 1.26 62.34
CA GLY G 141 -11.11 -0.06 62.65
C GLY G 141 -11.43 -0.85 61.40
N GLY G 142 -10.75 -2.00 61.24
CA GLY G 142 -10.89 -2.91 60.12
C GLY G 142 -11.04 -4.40 60.39
N ILE G 143 -12.03 -5.05 59.76
CA ILE G 143 -12.20 -6.49 59.95
C ILE G 143 -11.37 -7.32 58.98
N ASP G 144 -10.78 -6.70 57.96
CA ASP G 144 -9.97 -7.36 56.92
C ASP G 144 -10.83 -8.43 56.25
N LYS G 145 -10.29 -9.61 55.97
CA LYS G 145 -11.04 -10.70 55.36
C LYS G 145 -10.83 -11.96 56.17
N GLY G 146 -11.91 -12.53 56.67
CA GLY G 146 -11.82 -13.77 57.44
C GLY G 146 -10.85 -13.73 58.59
N LYS G 147 -10.82 -12.62 59.32
CA LYS G 147 -9.90 -12.49 60.44
C LYS G 147 -10.51 -11.59 61.50
N GLN G 148 -9.99 -11.72 62.71
CA GLN G 148 -10.49 -10.89 63.79
C GLN G 148 -10.17 -9.42 63.50
N PRO G 149 -11.06 -8.50 63.84
CA PRO G 149 -10.82 -7.08 63.57
C PRO G 149 -9.61 -6.53 64.31
N LYS G 150 -8.85 -5.69 63.61
CA LYS G 150 -7.64 -5.06 64.15
C LYS G 150 -7.79 -3.54 64.13
N LEU G 151 -7.44 -2.89 65.24
CA LEU G 151 -7.51 -1.43 65.36
C LEU G 151 -6.12 -0.86 65.49
N LEU G 152 -5.82 0.18 64.69
CA LEU G 152 -4.53 0.85 64.71
C LEU G 152 -4.71 2.35 64.87
N MET G 153 -3.79 2.98 65.59
CA MET G 153 -3.81 4.42 65.84
C MET G 153 -2.57 5.07 65.24
N THR G 154 -2.77 6.16 64.50
CA THR G 154 -1.68 6.90 63.85
C THR G 154 -1.32 8.13 64.68
N GLU G 155 -0.03 8.24 65.06
CA GLU G 155 0.48 9.43 65.73
C GLU G 155 1.17 10.35 64.72
N PRO G 156 1.17 11.66 64.95
CA PRO G 156 1.74 12.58 63.96
C PRO G 156 3.24 12.43 63.76
N SER G 157 3.94 11.72 64.64
CA SER G 157 5.30 11.30 64.35
C SER G 157 5.36 10.24 63.26
N GLY G 158 4.27 9.52 63.03
CA GLY G 158 4.25 8.43 62.08
C GLY G 158 4.35 7.04 62.69
N GLN G 159 4.13 6.91 64.00
CA GLN G 159 4.28 5.64 64.69
C GLN G 159 2.96 4.87 64.65
N PHE G 160 3.06 3.55 64.55
CA PHE G 160 1.90 2.68 64.80
C PHE G 160 1.85 2.31 66.27
N MET G 161 0.63 2.27 66.81
CA MET G 161 0.35 1.41 67.95
C MET G 161 -1.00 0.73 67.75
N PRO G 162 -1.02 -0.58 67.56
CA PRO G 162 -2.30 -1.31 67.54
C PRO G 162 -2.82 -1.46 68.97
N TYR G 163 -4.11 -1.17 69.15
CA TYR G 163 -4.71 -1.13 70.48
C TYR G 163 -5.93 -2.02 70.54
N TYR G 164 -6.19 -2.57 71.73
CA TYR G 164 -7.47 -3.21 72.00
C TYR G 164 -8.57 -2.16 72.15
N ALA G 165 -8.27 -1.06 72.82
CA ALA G 165 -9.23 0.00 73.09
C ALA G 165 -8.50 1.25 73.58
N VAL G 166 -8.67 2.38 72.90
CA VAL G 166 -8.12 3.66 73.31
C VAL G 166 -9.12 4.77 73.07
N ALA G 167 -8.75 5.96 73.51
CA ALA G 167 -9.56 7.17 73.36
C ALA G 167 -8.63 8.36 73.53
N ILE G 168 -8.72 9.33 72.63
CA ILE G 168 -7.85 10.49 72.66
C ILE G 168 -8.65 11.75 72.37
N GLY G 169 -8.23 12.85 72.96
CA GLY G 169 -8.95 14.09 72.99
C GLY G 169 -8.82 14.74 74.35
N GLN G 170 -9.75 15.63 74.67
CA GLN G 170 -9.69 16.34 75.94
C GLN G 170 -9.92 15.39 77.11
N GLY G 171 -10.95 14.55 77.02
CA GLY G 171 -11.22 13.56 78.04
C GLY G 171 -10.65 12.21 77.67
N GLY G 172 -9.55 12.21 76.92
CA GLY G 172 -8.98 10.97 76.45
C GLY G 172 -8.40 10.12 77.57
N TYR G 173 -7.77 10.77 78.55
CA TYR G 173 -7.16 10.02 79.65
C TYR G 173 -8.20 9.44 80.58
N THR G 174 -9.35 10.11 80.73
CA THR G 174 -10.41 9.59 81.60
C THR G 174 -11.03 8.34 80.99
N ALA G 175 -11.31 8.36 79.68
CA ALA G 175 -11.80 7.17 79.01
C ALA G 175 -10.74 6.08 78.94
N THR G 176 -9.46 6.48 78.86
CA THR G 176 -8.38 5.50 78.85
C THR G 176 -8.32 4.74 80.17
N GLU G 177 -8.53 5.44 81.29
CA GLU G 177 -8.49 4.78 82.58
C GLU G 177 -9.78 4.03 82.89
N TYR G 178 -10.90 4.48 82.31
CA TYR G 178 -12.15 3.73 82.46
C TYR G 178 -12.07 2.40 81.70
N LEU G 179 -11.53 2.43 80.48
CA LEU G 179 -11.35 1.18 79.74
C LEU G 179 -10.23 0.34 80.34
N GLU G 180 -9.33 0.94 81.11
CA GLU G 180 -8.40 0.15 81.91
C GLU G 180 -9.11 -0.60 83.02
N LYS G 181 -10.20 -0.03 83.54
CA LYS G 181 -10.94 -0.66 84.62
C LYS G 181 -11.71 -1.89 84.14
N ASN G 182 -12.65 -1.70 83.20
CA ASN G 182 -13.59 -2.76 82.86
C ASN G 182 -13.60 -3.11 81.38
N TYR G 183 -12.45 -3.50 80.83
CA TYR G 183 -12.37 -4.03 79.48
C TYR G 183 -11.82 -5.45 79.49
N LYS G 184 -12.42 -6.31 78.68
CA LYS G 184 -11.94 -7.68 78.48
C LYS G 184 -11.98 -8.00 77.00
N GLU G 185 -11.81 -9.28 76.66
CA GLU G 185 -11.55 -9.71 75.30
C GLU G 185 -12.80 -10.19 74.58
N ASP G 186 -13.69 -10.90 75.27
CA ASP G 186 -14.85 -11.54 74.66
C ASP G 186 -16.11 -10.93 75.23
N LEU G 187 -16.92 -10.33 74.35
CA LEU G 187 -18.26 -9.87 74.68
C LEU G 187 -18.97 -9.47 73.37
N ASP G 188 -20.21 -9.00 73.50
CA ASP G 188 -21.10 -8.79 72.38
C ASP G 188 -20.75 -7.51 71.62
N ILE G 189 -21.44 -7.30 70.49
CA ILE G 189 -21.40 -5.99 69.85
C ILE G 189 -22.24 -5.00 70.64
N GLN G 190 -23.36 -5.45 71.21
CA GLN G 190 -24.22 -4.57 71.99
C GLN G 190 -23.53 -4.16 73.30
N SER G 191 -22.68 -5.02 73.85
CA SER G 191 -21.99 -4.71 75.08
C SER G 191 -20.73 -3.88 74.87
N THR G 192 -20.13 -3.93 73.69
CA THR G 192 -18.96 -3.09 73.41
C THR G 192 -19.36 -1.69 72.96
N ILE G 193 -20.53 -1.55 72.35
CA ILE G 193 -21.05 -0.21 72.09
C ILE G 193 -21.57 0.39 73.39
N LEU G 194 -22.09 -0.45 74.29
CA LEU G 194 -22.38 -0.02 75.65
C LEU G 194 -21.10 0.43 76.36
N LEU G 195 -20.01 -0.31 76.16
CA LEU G 195 -18.76 0.00 76.85
C LEU G 195 -18.15 1.31 76.36
N ALA G 196 -18.28 1.59 75.07
CA ALA G 196 -17.73 2.84 74.53
C ALA G 196 -18.56 4.04 74.95
N LEU G 197 -19.89 3.88 75.03
CA LEU G 197 -20.74 4.95 75.53
C LEU G 197 -20.46 5.25 76.99
N ARG G 198 -20.22 4.21 77.80
CA ARG G 198 -19.86 4.43 79.20
C ARG G 198 -18.50 5.10 79.34
N ALA G 199 -17.58 4.86 78.41
CA ALA G 199 -16.27 5.46 78.49
C ALA G 199 -16.27 6.93 78.10
N LEU G 200 -17.31 7.39 77.40
CA LEU G 200 -17.45 8.81 77.07
C LEU G 200 -18.14 9.60 78.16
N MET G 201 -18.51 8.94 79.27
CA MET G 201 -18.76 9.45 80.64
C MET G 201 -19.78 8.53 81.31
N ASN G 211 -25.69 14.52 78.75
CA ASN G 211 -25.54 13.64 77.61
C ASN G 211 -26.88 12.99 77.25
N TYR G 212 -27.51 13.49 76.18
CA TYR G 212 -28.73 12.88 75.65
C TYR G 212 -28.56 12.41 74.21
N SER G 213 -28.18 13.28 73.28
CA SER G 213 -27.86 12.84 71.92
C SER G 213 -26.92 13.87 71.28
N SER G 214 -25.61 13.63 71.43
CA SER G 214 -24.61 14.36 70.65
C SER G 214 -23.39 13.45 70.51
N VAL G 215 -23.41 12.62 69.48
CA VAL G 215 -22.39 11.60 69.28
C VAL G 215 -22.55 10.97 67.89
N GLU G 216 -21.45 10.52 67.31
CA GLU G 216 -21.47 9.66 66.14
C GLU G 216 -20.90 8.30 66.51
N ILE G 217 -21.62 7.24 66.16
CA ILE G 217 -21.21 5.88 66.46
C ILE G 217 -21.14 5.08 65.17
N GLY G 218 -20.08 4.31 65.00
CA GLY G 218 -19.97 3.41 63.88
C GLY G 218 -19.40 2.07 64.33
N TYR G 219 -19.92 0.98 63.78
CA TYR G 219 -19.48 -0.34 64.21
C TYR G 219 -19.24 -1.23 62.99
N ALA G 220 -18.27 -2.12 63.12
CA ALA G 220 -18.04 -3.19 62.17
C ALA G 220 -18.15 -4.53 62.89
N ASP G 221 -18.90 -5.46 62.30
CA ASP G 221 -19.18 -6.75 62.91
C ASP G 221 -18.67 -7.89 62.05
N VAL G 222 -18.27 -8.99 62.70
CA VAL G 222 -17.53 -10.04 62.02
C VAL G 222 -18.42 -11.02 61.26
N ASP G 223 -19.73 -11.02 61.52
CA ASP G 223 -20.61 -11.98 60.85
C ASP G 223 -20.84 -11.58 59.39
N SER G 224 -21.33 -10.36 59.17
CA SER G 224 -21.32 -9.73 57.85
C SER G 224 -20.22 -8.69 57.84
N GLY G 225 -19.15 -8.96 57.11
CA GLY G 225 -17.91 -8.21 57.23
C GLY G 225 -18.00 -6.80 56.66
N THR G 226 -18.74 -5.92 57.32
CA THR G 226 -18.99 -4.59 56.79
C THR G 226 -19.02 -3.58 57.93
N PHE G 227 -18.92 -2.30 57.55
CA PHE G 227 -18.89 -1.19 58.49
C PHE G 227 -20.05 -0.25 58.17
N LYS G 228 -20.82 0.12 59.20
CA LYS G 228 -22.00 0.92 59.02
C LYS G 228 -21.91 2.19 59.87
N LYS G 229 -23.02 2.93 59.93
CA LYS G 229 -23.03 4.28 60.48
C LYS G 229 -24.27 4.46 61.34
N LEU G 230 -24.65 5.71 61.57
CA LEU G 230 -25.75 6.04 62.46
C LEU G 230 -27.07 5.48 61.91
N THR G 231 -27.86 4.89 62.81
CA THR G 231 -29.26 4.57 62.54
C THR G 231 -30.23 5.51 63.23
N THR G 232 -29.85 6.08 64.38
CA THR G 232 -30.65 7.00 65.17
C THR G 232 -31.84 6.28 65.80
N GLU G 233 -32.07 5.04 65.40
CA GLU G 233 -33.04 4.16 66.05
C GLU G 233 -32.36 3.34 67.14
N GLU G 234 -31.34 2.55 66.75
CA GLU G 234 -30.53 1.82 67.70
C GLU G 234 -29.59 2.73 68.47
N ARG G 235 -29.40 3.98 68.03
CA ARG G 235 -28.56 4.90 68.77
C ARG G 235 -29.27 5.40 70.03
N SER G 236 -30.54 5.74 69.91
CA SER G 236 -31.33 6.07 71.10
C SER G 236 -31.54 4.83 71.97
N ASP G 237 -31.88 3.70 71.36
CA ASP G 237 -32.18 2.49 72.13
C ASP G 237 -30.98 2.01 72.92
N LEU G 238 -29.80 1.96 72.29
CA LEU G 238 -28.60 1.55 72.99
C LEU G 238 -28.02 2.63 73.89
N LEU G 239 -28.43 3.89 73.70
CA LEU G 239 -27.97 4.94 74.60
C LEU G 239 -28.66 4.86 75.95
N GLN G 240 -29.88 4.31 75.97
CA GLN G 240 -30.65 4.25 77.21
C GLN G 240 -30.11 3.22 78.18
N LYS G 241 -29.30 2.27 77.69
CA LYS G 241 -28.71 1.25 78.56
C LYS G 241 -27.35 1.70 79.07
N THR H 15 23.13 20.99 57.97
CA THR H 15 24.17 20.72 56.99
C THR H 15 25.33 21.70 57.15
N ILE H 16 25.64 22.03 58.40
CA ILE H 16 26.70 22.97 58.73
C ILE H 16 27.81 22.24 59.47
N PHE H 17 29.05 22.53 59.10
CA PHE H 17 30.20 21.89 59.74
C PHE H 17 30.63 22.72 60.94
N SER H 18 30.87 22.04 62.05
CA SER H 18 31.37 22.68 63.26
C SER H 18 32.87 22.90 63.16
N PRO H 19 33.42 23.82 63.96
CA PRO H 19 34.87 24.09 63.90
C PRO H 19 35.73 22.84 64.04
N ASP H 20 35.39 21.96 64.98
CA ASP H 20 36.12 20.70 65.13
C ASP H 20 35.93 19.78 63.93
N GLY H 21 34.83 19.92 63.19
CA GLY H 21 34.55 19.08 62.04
C GLY H 21 33.38 18.13 62.20
N SER H 22 32.78 18.07 63.38
CA SER H 22 31.68 17.15 63.63
C SER H 22 30.35 17.78 63.22
N LEU H 23 29.48 16.96 62.64
CA LEU H 23 28.11 17.37 62.36
C LEU H 23 27.26 17.13 63.61
N TYR H 24 26.72 18.22 64.17
CA TYR H 24 26.03 18.12 65.45
C TYR H 24 24.68 17.42 65.32
N GLN H 25 23.99 17.63 64.19
CA GLN H 25 22.67 17.01 64.01
C GLN H 25 22.78 15.50 63.88
N VAL H 26 23.88 15.01 63.31
CA VAL H 26 24.07 13.57 63.21
C VAL H 26 24.27 12.95 64.60
N ASP H 27 25.08 13.60 65.43
CA ASP H 27 25.28 13.12 66.79
C ASP H 27 24.00 13.22 67.61
N TYR H 28 23.16 14.21 67.33
CA TYR H 28 21.87 14.30 68.01
C TYR H 28 20.94 13.18 67.56
N ALA H 29 21.01 12.81 66.28
CA ALA H 29 20.22 11.67 65.81
C ALA H 29 20.73 10.36 66.40
N PHE H 30 22.03 10.25 66.65
CA PHE H 30 22.56 9.07 67.32
C PHE H 30 22.18 9.05 68.81
N GLU H 31 21.94 10.23 69.39
CA GLU H 31 21.33 10.28 70.71
C GLU H 31 19.86 9.84 70.68
N ALA H 32 19.19 10.06 69.54
CA ALA H 32 17.80 9.63 69.41
C ALA H 32 17.68 8.11 69.34
N VAL H 33 18.67 7.43 68.75
CA VAL H 33 18.65 5.98 68.75
C VAL H 33 19.15 5.40 70.07
N LYS H 34 19.93 6.16 70.83
CA LYS H 34 20.27 5.75 72.19
C LYS H 34 19.02 5.73 73.09
N ARG H 35 18.03 6.56 72.78
CA ARG H 35 16.76 6.53 73.50
C ARG H 35 15.78 5.50 72.95
N GLY H 36 16.20 4.69 71.99
CA GLY H 36 15.34 3.67 71.44
C GLY H 36 15.29 2.43 72.30
N TRP H 37 14.47 1.48 71.87
CA TRP H 37 14.41 0.21 72.57
C TRP H 37 15.67 -0.61 72.28
N THR H 38 15.92 -1.60 73.12
CA THR H 38 17.13 -2.40 72.98
C THR H 38 16.93 -3.44 71.88
N THR H 39 17.78 -3.41 70.87
CA THR H 39 17.78 -4.40 69.81
C THR H 39 19.16 -5.05 69.74
N LEU H 40 19.18 -6.32 69.36
CA LEU H 40 20.38 -7.14 69.45
C LEU H 40 20.62 -7.87 68.14
N GLY H 41 21.89 -8.04 67.79
CA GLY H 41 22.31 -8.83 66.65
C GLY H 41 23.62 -9.52 66.95
N VAL H 42 23.66 -10.84 66.81
CA VAL H 42 24.86 -11.62 67.07
C VAL H 42 25.17 -12.50 65.87
N LYS H 43 26.43 -12.53 65.46
CA LYS H 43 26.90 -13.33 64.34
C LYS H 43 28.09 -14.15 64.81
N THR H 44 27.93 -15.48 64.80
CA THR H 44 28.96 -16.38 65.28
C THR H 44 29.46 -17.25 64.13
N LYS H 45 30.27 -18.25 64.47
CA LYS H 45 30.60 -19.31 63.52
C LYS H 45 29.40 -20.18 63.22
N SER H 46 28.35 -20.13 64.04
CA SER H 46 27.20 -21.00 63.89
C SER H 46 26.15 -20.41 62.95
N GLY H 47 25.88 -19.11 63.07
CA GLY H 47 24.84 -18.49 62.27
C GLY H 47 24.55 -17.09 62.76
N VAL H 48 23.34 -16.63 62.43
CA VAL H 48 22.89 -15.27 62.71
C VAL H 48 21.64 -15.32 63.56
N VAL H 49 21.65 -14.59 64.66
CA VAL H 49 20.47 -14.37 65.49
C VAL H 49 20.38 -12.88 65.79
N LEU H 50 19.22 -12.30 65.55
CA LEU H 50 18.95 -10.92 65.94
C LEU H 50 17.55 -10.82 66.50
N LEU H 51 17.41 -10.02 67.57
CA LEU H 51 16.17 -9.91 68.30
C LEU H 51 16.01 -8.49 68.80
N ALA H 52 14.83 -8.21 69.36
CA ALA H 52 14.48 -6.84 69.74
C ALA H 52 13.54 -6.88 70.94
N GLU H 53 13.77 -5.97 71.87
CA GLU H 53 12.91 -5.86 73.04
C GLU H 53 11.58 -5.20 72.65
N LYS H 54 10.50 -5.63 73.33
CA LYS H 54 9.16 -5.11 73.08
C LYS H 54 8.56 -4.64 74.41
N ARG H 55 8.92 -3.43 74.82
CA ARG H 55 8.43 -2.92 76.09
C ARG H 55 6.99 -2.44 75.95
N LYS H 56 6.22 -2.63 77.02
CA LYS H 56 4.78 -2.41 77.02
C LYS H 56 4.48 -1.17 77.86
N ALA H 57 4.20 -0.05 77.18
CA ALA H 57 3.95 1.21 77.88
C ALA H 57 2.53 1.30 78.41
N THR H 58 1.59 0.61 77.76
CA THR H 58 0.19 0.62 78.16
C THR H 58 -0.33 -0.79 78.14
N GLN H 59 -1.25 -1.10 79.06
CA GLN H 59 -1.78 -2.45 79.20
C GLN H 59 -2.92 -2.74 78.24
N LEU H 60 -3.07 -1.92 77.20
CA LEU H 60 -4.03 -2.16 76.14
C LEU H 60 -3.37 -2.17 74.76
N LEU H 61 -2.04 -2.13 74.72
CA LEU H 61 -1.32 -2.28 73.46
C LEU H 61 -1.52 -3.68 72.90
N ASP H 62 -1.64 -3.77 71.57
CA ASP H 62 -1.47 -5.04 70.87
C ASP H 62 0.01 -5.24 70.55
N VAL H 63 0.77 -5.48 71.63
CA VAL H 63 2.20 -5.71 71.47
C VAL H 63 2.48 -7.07 70.85
N ASP H 64 1.52 -8.00 70.91
CA ASP H 64 1.61 -9.21 70.10
C ASP H 64 1.39 -8.95 68.62
N GLY H 65 0.87 -7.77 68.26
CA GLY H 65 0.68 -7.43 66.86
C GLY H 65 1.68 -6.41 66.35
N ILE H 66 2.41 -5.77 67.27
CA ILE H 66 3.43 -4.82 66.86
C ILE H 66 4.63 -5.57 66.30
N GLU H 67 5.38 -4.91 65.42
CA GLU H 67 6.44 -5.56 64.66
C GLU H 67 7.70 -4.69 64.69
N LYS H 68 8.84 -5.33 64.97
CA LYS H 68 10.14 -4.69 64.86
C LYS H 68 11.16 -5.50 64.09
N ILE H 69 10.96 -6.81 63.95
CA ILE H 69 11.78 -7.64 63.07
C ILE H 69 11.15 -7.63 61.69
N PHE H 70 11.89 -7.15 60.70
CA PHE H 70 11.42 -7.10 59.33
C PHE H 70 12.28 -7.98 58.44
N MET H 71 11.64 -8.65 57.49
CA MET H 71 12.31 -9.63 56.62
C MET H 71 12.54 -8.97 55.27
N LEU H 72 13.80 -8.59 55.01
CA LEU H 72 14.14 -7.96 53.74
C LEU H 72 13.96 -8.95 52.60
N ASP H 73 14.49 -10.16 52.77
CA ASP H 73 14.32 -11.23 51.79
C ASP H 73 14.28 -12.55 52.56
N ASP H 74 13.97 -13.63 51.83
CA ASP H 74 13.93 -14.96 52.43
C ASP H 74 15.26 -15.39 53.04
N HIS H 75 16.35 -14.64 52.81
CA HIS H 75 17.62 -14.92 53.43
C HIS H 75 18.11 -13.87 54.42
N VAL H 76 17.54 -12.67 54.42
CA VAL H 76 18.11 -11.57 55.19
C VAL H 76 17.00 -10.83 55.93
N GLY H 77 17.20 -10.60 57.23
CA GLY H 77 16.30 -9.82 58.02
C GLY H 77 17.07 -8.81 58.86
N CYS H 78 16.35 -7.84 59.40
CA CYS H 78 17.00 -6.81 60.20
C CYS H 78 15.98 -6.18 61.14
N THR H 79 16.51 -5.46 62.13
CA THR H 79 15.69 -4.69 63.06
C THR H 79 16.25 -3.29 63.17
N PHE H 80 15.43 -2.37 63.68
CA PHE H 80 15.80 -0.98 63.84
C PHE H 80 15.66 -0.59 65.30
N ALA H 81 16.30 0.53 65.65
CA ALA H 81 16.07 1.18 66.93
C ALA H 81 16.09 2.69 66.73
N GLY H 82 15.50 3.39 67.69
CA GLY H 82 15.33 4.83 67.55
C GLY H 82 13.89 5.17 67.29
N LEU H 83 13.65 5.99 66.27
CA LEU H 83 12.28 6.25 65.84
C LEU H 83 11.75 5.02 65.08
N ALA H 84 10.43 5.01 64.87
CA ALA H 84 9.80 3.95 64.10
C ALA H 84 9.69 4.31 62.63
N SER H 85 9.17 5.51 62.33
CA SER H 85 8.75 5.84 60.98
C SER H 85 9.95 6.04 60.04
N ASP H 86 11.06 6.55 60.55
CA ASP H 86 12.23 6.78 59.70
C ASP H 86 12.83 5.46 59.22
N GLY H 87 13.02 4.51 60.13
CA GLY H 87 13.51 3.19 59.75
C GLY H 87 12.51 2.35 59.01
N ARG H 88 11.24 2.75 59.02
CA ARG H 88 10.19 2.02 58.33
C ARG H 88 10.14 2.38 56.85
N ILE H 89 10.25 3.66 56.53
CA ILE H 89 10.37 4.04 55.12
C ILE H 89 11.72 3.60 54.58
N LEU H 90 12.73 3.52 55.46
CA LEU H 90 14.02 2.96 55.06
C LEU H 90 13.94 1.45 54.85
N ILE H 91 12.99 0.78 55.50
CA ILE H 91 12.82 -0.65 55.28
C ILE H 91 12.11 -0.89 53.95
N ASP H 92 11.25 0.04 53.52
CA ASP H 92 10.60 -0.09 52.22
C ASP H 92 11.59 0.08 51.08
N TYR H 93 12.54 1.00 51.24
CA TYR H 93 13.57 1.19 50.22
C TYR H 93 14.49 -0.03 50.14
N ALA H 94 14.78 -0.65 51.28
CA ALA H 94 15.66 -1.81 51.29
C ALA H 94 15.01 -3.00 50.59
N ARG H 95 13.73 -3.23 50.87
CA ARG H 95 13.02 -4.34 50.23
C ARG H 95 12.88 -4.10 48.74
N SER H 96 12.69 -2.84 48.33
CA SER H 96 12.58 -2.52 46.91
C SER H 96 13.91 -2.72 46.20
N GLN H 97 15.01 -2.34 46.85
CA GLN H 97 16.33 -2.51 46.24
C GLN H 97 16.71 -3.99 46.15
N ALA H 98 16.32 -4.78 47.16
CA ALA H 98 16.63 -6.20 47.14
C ALA H 98 15.86 -6.91 46.04
N LEU H 99 14.55 -6.65 45.93
CA LEU H 99 13.75 -7.33 44.92
C LEU H 99 14.09 -6.83 43.52
N GLN H 100 14.61 -5.60 43.40
CA GLN H 100 15.07 -5.12 42.11
C GLN H 100 16.33 -5.86 41.65
N HIS H 101 17.24 -6.14 42.58
CA HIS H 101 18.41 -6.92 42.24
C HIS H 101 18.05 -8.35 41.89
N ARG H 102 17.03 -8.92 42.54
CA ARG H 102 16.60 -10.27 42.23
C ARG H 102 15.78 -10.34 40.94
N LEU H 103 15.16 -9.23 40.53
CA LEU H 103 14.51 -9.19 39.23
C LEU H 103 15.52 -9.10 38.10
N ILE H 104 16.63 -8.40 38.32
CA ILE H 104 17.63 -8.23 37.26
C ILE H 104 18.47 -9.49 37.10
N TYR H 105 19.08 -9.96 38.19
CA TYR H 105 20.06 -11.03 38.12
C TYR H 105 19.47 -12.40 38.45
N ASP H 106 18.24 -12.47 38.94
CA ASP H 106 17.65 -13.71 39.43
C ASP H 106 18.59 -14.39 40.41
N GLU H 107 19.06 -13.61 41.38
CA GLU H 107 20.12 -14.02 42.28
C GLU H 107 19.89 -13.36 43.63
N PRO H 108 20.22 -14.04 44.72
CA PRO H 108 20.22 -13.36 46.02
C PRO H 108 21.25 -12.25 46.08
N ILE H 109 21.01 -11.31 47.00
CA ILE H 109 21.70 -10.03 47.01
C ILE H 109 22.80 -10.09 48.06
N SER H 110 23.98 -9.58 47.70
CA SER H 110 25.03 -9.41 48.70
C SER H 110 24.63 -8.35 49.71
N ILE H 111 25.03 -8.56 50.96
CA ILE H 111 24.57 -7.70 52.04
C ILE H 111 25.35 -6.40 52.10
N GLU H 112 26.59 -6.38 51.58
CA GLU H 112 27.30 -5.11 51.50
C GLU H 112 26.62 -4.14 50.54
N TYR H 113 25.90 -4.66 49.54
CA TYR H 113 25.23 -3.78 48.57
C TYR H 113 23.89 -3.29 49.09
N LEU H 114 23.16 -4.13 49.83
CA LEU H 114 21.93 -3.67 50.47
C LEU H 114 22.24 -2.57 51.48
N THR H 115 23.14 -2.84 52.41
CA THR H 115 23.54 -1.84 53.38
C THR H 115 24.23 -0.65 52.72
N LYS H 116 24.87 -0.88 51.56
CA LYS H 116 25.46 0.22 50.81
C LYS H 116 24.43 1.26 50.41
N VAL H 117 23.37 0.81 49.74
CA VAL H 117 22.43 1.76 49.17
C VAL H 117 21.54 2.36 50.25
N ILE H 118 21.25 1.58 51.30
CA ILE H 118 20.60 2.13 52.49
C ILE H 118 21.44 3.24 53.08
N SER H 119 22.72 2.96 53.31
CA SER H 119 23.62 3.94 53.92
C SER H 119 23.87 5.12 53.00
N ASP H 120 23.83 4.92 51.68
CA ASP H 120 23.96 6.05 50.77
C ASP H 120 22.74 6.94 50.82
N VAL H 121 21.56 6.38 51.07
CA VAL H 121 20.37 7.20 51.28
C VAL H 121 20.51 8.02 52.55
N LYS H 122 21.05 7.42 53.61
CA LYS H 122 21.29 8.16 54.84
C LYS H 122 22.28 9.31 54.60
N GLN H 123 23.31 9.07 53.81
CA GLN H 123 24.25 10.14 53.46
C GLN H 123 23.55 11.26 52.70
N ALA H 124 22.72 10.89 51.72
CA ALA H 124 22.07 11.91 50.88
C ALA H 124 21.14 12.79 51.69
N TYR H 125 20.56 12.28 52.78
CA TYR H 125 19.77 13.10 53.68
C TYR H 125 20.60 13.75 54.79
N THR H 126 21.90 13.52 54.84
CA THR H 126 22.79 14.26 55.72
C THR H 126 23.69 15.22 54.95
N GLN H 127 23.30 15.60 53.74
CA GLN H 127 24.09 16.55 52.96
C GLN H 127 23.26 17.63 52.28
N HIS H 128 21.93 17.58 52.35
CA HIS H 128 21.07 18.53 51.68
C HIS H 128 20.30 19.34 52.72
N GLY H 129 19.99 20.59 52.37
CA GLY H 129 19.59 21.59 53.34
C GLY H 129 18.26 21.32 54.02
N GLY H 130 17.17 21.36 53.27
CA GLY H 130 15.85 21.24 53.84
C GLY H 130 15.40 19.81 54.09
N VAL H 131 16.30 18.96 54.58
CA VAL H 131 15.99 17.57 54.87
C VAL H 131 16.58 17.21 56.22
N ARG H 132 15.74 16.70 57.11
CA ARG H 132 16.21 16.17 58.38
C ARG H 132 16.92 14.83 58.17
N PRO H 133 18.00 14.57 58.89
CA PRO H 133 18.65 13.26 58.81
C PRO H 133 17.79 12.17 59.46
N PHE H 134 18.15 10.92 59.17
CA PHE H 134 17.46 9.80 59.77
C PHE H 134 17.87 9.62 61.23
N GLY H 135 16.89 9.32 62.08
CA GLY H 135 17.17 9.10 63.49
C GLY H 135 17.03 7.63 63.86
N VAL H 136 17.49 6.74 62.98
CA VAL H 136 17.31 5.30 63.14
C VAL H 136 18.61 4.61 62.79
N ALA H 137 19.04 3.68 63.65
CA ALA H 137 20.13 2.76 63.34
C ALA H 137 19.58 1.37 63.03
N LEU H 138 20.20 0.72 62.05
CA LEU H 138 19.80 -0.61 61.59
C LEU H 138 20.89 -1.62 61.90
N ILE H 139 20.49 -2.88 62.11
CA ILE H 139 21.43 -3.96 62.33
C ILE H 139 21.08 -5.15 61.43
N VAL H 140 21.47 -5.06 60.16
CA VAL H 140 21.13 -6.08 59.17
C VAL H 140 21.97 -7.33 59.39
N GLY H 141 21.46 -8.47 58.92
CA GLY H 141 22.17 -9.73 59.04
C GLY H 141 21.54 -10.89 58.29
N GLY H 142 22.16 -11.27 57.16
CA GLY H 142 21.68 -12.37 56.34
C GLY H 142 22.76 -13.43 56.20
N ILE H 143 22.36 -14.58 55.65
CA ILE H 143 23.28 -15.70 55.45
C ILE H 143 23.18 -16.35 54.08
N ASP H 144 22.84 -15.57 53.05
CA ASP H 144 22.72 -16.19 51.74
C ASP H 144 24.08 -16.44 51.07
N LYS H 145 25.12 -15.72 51.49
CA LYS H 145 26.43 -15.92 50.90
C LYS H 145 26.89 -17.35 51.14
N GLY H 146 27.55 -17.93 50.14
CA GLY H 146 28.02 -19.30 50.26
C GLY H 146 29.21 -19.45 51.19
N LYS H 147 29.93 -18.37 51.45
CA LYS H 147 31.09 -18.43 52.33
C LYS H 147 30.69 -18.53 53.79
N GLN H 148 30.46 -17.39 54.45
CA GLN H 148 30.08 -17.38 55.86
C GLN H 148 28.91 -16.43 56.09
N PRO H 149 28.44 -16.23 57.32
CA PRO H 149 27.35 -15.28 57.55
C PRO H 149 27.83 -13.84 57.60
N LYS H 150 26.88 -12.93 57.54
CA LYS H 150 27.15 -11.49 57.54
C LYS H 150 26.24 -10.78 58.54
N LEU H 151 26.72 -9.62 59.01
CA LEU H 151 25.98 -8.78 59.95
C LEU H 151 26.64 -7.40 59.97
N LEU H 152 25.87 -6.36 59.63
CA LEU H 152 26.37 -4.99 59.62
C LEU H 152 25.40 -4.07 60.36
N MET H 153 25.89 -2.88 60.69
CA MET H 153 25.11 -1.85 61.36
C MET H 153 25.22 -0.54 60.62
N THR H 154 24.08 0.13 60.43
CA THR H 154 24.03 1.42 59.75
C THR H 154 23.91 2.53 60.78
N GLU H 155 24.84 3.49 60.72
CA GLU H 155 24.81 4.69 61.55
C GLU H 155 24.22 5.86 60.78
N PRO H 156 23.54 6.79 61.46
CA PRO H 156 22.87 7.89 60.76
C PRO H 156 23.82 8.84 60.05
N SER H 157 25.13 8.80 60.34
CA SER H 157 26.10 9.46 59.49
C SER H 157 26.25 8.78 58.14
N GLY H 158 25.87 7.52 58.04
CA GLY H 158 26.07 6.73 56.84
C GLY H 158 27.24 5.78 56.87
N GLN H 159 27.79 5.51 58.04
CA GLN H 159 28.98 4.67 58.17
C GLN H 159 28.58 3.20 58.31
N PHE H 160 29.41 2.33 57.74
CA PHE H 160 29.34 0.91 58.06
C PHE H 160 30.21 0.60 59.26
N MET H 161 29.72 -0.30 60.10
CA MET H 161 30.62 -1.08 60.95
C MET H 161 30.15 -2.53 60.95
N PRO H 162 30.92 -3.45 60.36
CA PRO H 162 30.60 -4.87 60.50
C PRO H 162 30.98 -5.36 61.90
N TYR H 163 30.07 -6.09 62.52
CA TYR H 163 30.22 -6.49 63.91
C TYR H 163 30.07 -7.99 64.04
N TYR H 164 30.76 -8.57 65.02
CA TYR H 164 30.47 -9.95 65.40
C TYR H 164 29.16 -10.02 66.17
N ALA H 165 28.92 -9.06 67.07
CA ALA H 165 27.74 -9.00 67.92
C ALA H 165 27.63 -7.63 68.56
N VAL H 166 26.51 -6.93 68.38
CA VAL H 166 26.28 -5.66 69.04
C VAL H 166 24.83 -5.57 69.49
N ALA H 167 24.53 -4.47 70.19
CA ALA H 167 23.21 -4.16 70.71
C ALA H 167 23.18 -2.66 70.99
N ILE H 168 22.11 -2.00 70.55
CA ILE H 168 21.99 -0.55 70.71
C ILE H 168 20.58 -0.21 71.13
N GLY H 169 20.45 0.87 71.90
CA GLY H 169 19.23 1.24 72.56
C GLY H 169 19.54 1.78 73.94
N GLN H 170 18.54 1.75 74.81
CA GLN H 170 18.71 2.30 76.16
C GLN H 170 19.69 1.45 76.96
N GLY H 171 19.52 0.13 76.94
CA GLY H 171 20.42 -0.77 77.61
C GLY H 171 21.46 -1.33 76.67
N GLY H 172 21.81 -0.54 75.65
CA GLY H 172 22.74 -1.02 74.64
C GLY H 172 24.15 -1.23 75.18
N TYR H 173 24.60 -0.35 76.07
CA TYR H 173 25.96 -0.47 76.59
C TYR H 173 26.09 -1.64 77.56
N THR H 174 25.01 -1.95 78.29
CA THR H 174 25.06 -3.08 79.22
C THR H 174 25.16 -4.41 78.47
N ALA H 175 24.36 -4.57 77.41
CA ALA H 175 24.47 -5.76 76.58
C ALA H 175 25.77 -5.79 75.80
N THR H 176 26.31 -4.62 75.45
CA THR H 176 27.59 -4.57 74.75
C THR H 176 28.72 -5.10 75.62
N GLU H 177 28.69 -4.78 76.92
CA GLU H 177 29.73 -5.25 77.83
C GLU H 177 29.51 -6.70 78.24
N TYR H 178 28.26 -7.17 78.25
CA TYR H 178 28.00 -8.58 78.51
C TYR H 178 28.49 -9.46 77.37
N LEU H 179 28.25 -9.04 76.12
CA LEU H 179 28.75 -9.80 74.98
C LEU H 179 30.27 -9.67 74.84
N GLU H 180 30.86 -8.60 75.39
CA GLU H 180 32.31 -8.54 75.51
C GLU H 180 32.84 -9.55 76.51
N LYS H 181 32.05 -9.88 77.54
CA LYS H 181 32.50 -10.81 78.57
C LYS H 181 32.60 -12.24 78.03
N ASN H 182 31.48 -12.79 77.56
CA ASN H 182 31.40 -14.20 77.21
C ASN H 182 30.99 -14.36 75.75
N TYR H 183 31.92 -14.05 74.86
CA TYR H 183 31.76 -14.35 73.45
C TYR H 183 32.42 -15.70 73.17
N LYS H 184 31.71 -16.58 72.47
CA LYS H 184 32.33 -17.72 71.81
C LYS H 184 32.12 -17.59 70.31
N GLU H 185 33.24 -17.56 69.57
CA GLU H 185 33.14 -17.42 68.12
C GLU H 185 32.51 -18.66 67.50
N ASP H 186 33.03 -19.84 67.82
CA ASP H 186 32.33 -21.09 67.54
C ASP H 186 31.29 -21.32 68.63
N LEU H 187 30.09 -21.68 68.22
CA LEU H 187 28.98 -21.79 69.16
C LEU H 187 27.90 -22.66 68.50
N ASP H 188 26.84 -22.92 69.26
CA ASP H 188 25.64 -23.53 68.73
C ASP H 188 24.60 -22.45 68.42
N ILE H 189 23.73 -22.74 67.45
CA ILE H 189 22.68 -21.78 67.13
C ILE H 189 21.66 -21.71 68.25
N GLN H 190 21.41 -22.83 68.92
CA GLN H 190 20.69 -22.80 70.20
C GLN H 190 21.46 -22.04 71.26
N SER H 191 22.79 -22.06 71.20
CA SER H 191 23.62 -21.38 72.19
C SER H 191 23.82 -19.90 71.88
N THR H 192 23.72 -19.49 70.61
CA THR H 192 23.87 -18.08 70.30
C THR H 192 22.56 -17.32 70.48
N ILE H 193 21.43 -18.00 70.32
CA ILE H 193 20.14 -17.40 70.69
C ILE H 193 20.03 -17.38 72.22
N LEU H 194 20.62 -18.37 72.88
CA LEU H 194 20.77 -18.35 74.33
C LEU H 194 21.58 -17.13 74.79
N LEU H 195 22.65 -16.82 74.06
CA LEU H 195 23.53 -15.71 74.46
C LEU H 195 22.84 -14.36 74.32
N ALA H 196 22.02 -14.19 73.28
CA ALA H 196 21.33 -12.92 73.08
C ALA H 196 20.23 -12.71 74.12
N LEU H 197 19.54 -13.79 74.50
CA LEU H 197 18.55 -13.69 75.57
C LEU H 197 19.21 -13.33 76.90
N ARG H 198 20.38 -13.90 77.17
CA ARG H 198 21.12 -13.54 78.37
C ARG H 198 21.63 -12.11 78.29
N ALA H 199 21.92 -11.62 77.09
CA ALA H 199 22.41 -10.25 76.94
C ALA H 199 21.29 -9.22 77.11
N LEU H 200 20.04 -9.63 76.98
CA LEU H 200 18.92 -8.73 77.23
C LEU H 200 18.48 -8.75 78.69
N MET H 201 18.87 -9.77 79.44
CA MET H 201 18.65 -9.90 80.89
C MET H 201 19.32 -11.18 81.40
N LEU H 210 11.60 -9.56 81.47
CA LEU H 210 10.82 -9.90 80.28
C LEU H 210 9.65 -10.82 80.64
N ASN H 211 8.80 -11.10 79.66
CA ASN H 211 7.80 -12.15 79.81
C ASN H 211 7.56 -12.81 78.46
N TYR H 212 6.47 -13.58 78.39
CA TYR H 212 6.04 -14.23 77.16
C TYR H 212 5.94 -13.25 75.98
N SER H 213 5.42 -12.05 76.22
CA SER H 213 5.08 -11.10 75.16
C SER H 213 5.97 -9.87 75.17
N SER H 214 7.29 -10.04 75.35
CA SER H 214 8.19 -8.89 75.47
C SER H 214 9.43 -9.03 74.60
N VAL H 215 9.39 -9.86 73.56
CA VAL H 215 10.57 -10.04 72.71
C VAL H 215 10.11 -10.62 71.38
N GLU H 216 10.73 -10.13 70.30
CA GLU H 216 10.67 -10.75 68.99
C GLU H 216 12.05 -11.30 68.66
N ILE H 217 12.11 -12.56 68.23
CA ILE H 217 13.38 -13.21 67.92
C ILE H 217 13.32 -13.75 66.49
N GLY H 218 14.40 -13.53 65.75
CA GLY H 218 14.54 -14.09 64.42
C GLY H 218 15.94 -14.62 64.22
N TYR H 219 16.07 -15.75 63.52
CA TYR H 219 17.37 -16.37 63.31
C TYR H 219 17.52 -16.78 61.85
N ALA H 220 18.76 -16.73 61.38
CA ALA H 220 19.13 -17.26 60.08
C ALA H 220 20.20 -18.33 60.29
N ASP H 221 20.02 -19.48 59.65
CA ASP H 221 20.89 -20.63 59.84
C ASP H 221 21.56 -21.02 58.52
N VAL H 222 22.79 -21.52 58.63
CA VAL H 222 23.63 -21.73 57.46
C VAL H 222 23.35 -23.03 56.73
N ASP H 223 22.64 -23.97 57.36
CA ASP H 223 22.38 -25.27 56.75
C ASP H 223 21.32 -25.17 55.66
N SER H 224 20.13 -24.67 56.01
CA SER H 224 19.12 -24.29 55.04
C SER H 224 19.11 -22.77 54.94
N GLY H 225 19.56 -22.24 53.80
CA GLY H 225 19.89 -20.84 53.70
C GLY H 225 18.71 -19.89 53.68
N THR H 226 18.05 -19.75 54.83
CA THR H 226 16.82 -18.96 54.91
C THR H 226 16.76 -18.25 56.26
N PHE H 227 15.82 -17.31 56.36
CA PHE H 227 15.61 -16.51 57.55
C PHE H 227 14.16 -16.67 58.00
N LYS H 228 13.94 -16.62 59.32
CA LYS H 228 12.59 -16.76 59.85
C LYS H 228 12.53 -16.15 61.25
N LYS H 229 11.44 -15.45 61.53
CA LYS H 229 11.13 -15.01 62.88
C LYS H 229 10.35 -16.10 63.61
N LEU H 230 10.50 -16.12 64.94
CA LEU H 230 10.00 -17.24 65.72
C LEU H 230 8.51 -17.08 66.04
N THR H 231 7.85 -18.22 66.22
CA THR H 231 6.44 -18.26 66.58
C THR H 231 6.27 -18.14 68.09
N THR H 232 5.02 -17.92 68.51
CA THR H 232 4.75 -17.51 69.88
C THR H 232 4.95 -18.65 70.87
N GLU H 233 4.77 -19.89 70.43
CA GLU H 233 4.99 -21.06 71.28
C GLU H 233 6.24 -21.83 70.87
N GLU H 234 7.15 -21.18 70.17
CA GLU H 234 8.49 -21.69 69.90
C GLU H 234 9.55 -20.84 70.57
N ARG H 235 9.47 -19.52 70.41
CA ARG H 235 10.36 -18.62 71.14
C ARG H 235 10.09 -18.67 72.64
N SER H 236 8.86 -19.00 73.04
CA SER H 236 8.55 -19.10 74.46
C SER H 236 9.17 -20.34 75.08
N ASP H 237 9.10 -21.48 74.39
CA ASP H 237 9.69 -22.71 74.91
C ASP H 237 11.21 -22.60 75.02
N LEU H 238 11.86 -21.84 74.13
CA LEU H 238 13.29 -21.60 74.29
C LEU H 238 13.59 -20.47 75.26
N LEU H 239 12.67 -19.51 75.46
CA LEU H 239 12.99 -18.39 76.34
C LEU H 239 12.79 -18.74 77.81
N GLN H 240 12.09 -19.83 78.10
CA GLN H 240 12.03 -20.31 79.47
C GLN H 240 13.41 -20.73 79.96
N LYS H 241 14.22 -21.31 79.08
CA LYS H 241 15.46 -21.96 79.49
C LYS H 241 16.46 -20.96 80.08
N ILE H 242 16.68 -19.84 79.39
CA ILE H 242 17.53 -18.75 79.86
C ILE H 242 18.96 -19.23 80.12
N THR I 2 33.50 5.23 -3.43
CA THR I 2 34.72 4.45 -3.60
C THR I 2 35.85 5.00 -2.73
N ALA I 3 36.46 4.14 -1.92
CA ALA I 3 37.58 4.51 -1.07
C ALA I 3 38.34 3.25 -0.72
N ILE I 4 39.67 3.34 -0.75
CA ILE I 4 40.54 2.17 -0.64
C ILE I 4 41.58 2.42 0.43
N GLY I 5 41.73 1.48 1.34
CA GLY I 5 42.83 1.48 2.30
C GLY I 5 43.70 0.24 2.12
N ILE I 6 45.01 0.43 2.17
CA ILE I 6 45.97 -0.65 2.02
C ILE I 6 46.94 -0.61 3.21
N LYS I 7 47.07 -1.74 3.90
CA LYS I 7 47.94 -1.83 5.07
C LYS I 7 49.29 -2.38 4.65
N THR I 8 50.34 -1.59 4.87
CA THR I 8 51.72 -2.02 4.64
C THR I 8 52.43 -2.17 5.97
N LYS I 9 53.52 -2.96 5.95
CA LYS I 9 54.40 -3.03 7.10
C LYS I 9 54.95 -1.67 7.48
N ASP I 10 55.12 -0.78 6.50
CA ASP I 10 55.55 0.59 6.78
C ASP I 10 54.39 1.45 7.30
N GLY I 11 53.37 1.65 6.48
CA GLY I 11 52.30 2.57 6.85
C GLY I 11 51.05 2.38 6.00
N VAL I 12 49.96 2.95 6.49
CA VAL I 12 48.64 2.75 5.90
C VAL I 12 48.42 3.79 4.81
N VAL I 13 47.93 3.34 3.66
CA VAL I 13 47.70 4.19 2.49
C VAL I 13 46.19 4.26 2.24
N LEU I 14 45.67 5.48 2.13
CA LEU I 14 44.27 5.71 1.82
C LEU I 14 44.14 6.49 0.51
N ALA I 15 43.07 6.19 -0.23
CA ALA I 15 42.79 6.85 -1.49
C ALA I 15 41.29 6.71 -1.78
N ALA I 16 40.70 7.75 -2.36
CA ALA I 16 39.29 7.70 -2.70
C ALA I 16 39.00 8.64 -3.87
N GLU I 17 37.75 8.59 -4.33
CA GLU I 17 37.30 9.37 -5.47
C GLU I 17 37.18 10.84 -5.10
N ARG I 18 36.82 11.66 -6.09
CA ARG I 18 36.47 13.06 -5.88
C ARG I 18 35.27 13.41 -6.76
N ARG I 19 34.26 12.55 -6.77
CA ARG I 19 33.11 12.71 -7.64
C ARG I 19 31.83 12.51 -6.85
N LEU I 20 30.88 13.43 -7.01
CA LEU I 20 29.56 13.33 -6.39
C LEU I 20 28.48 13.44 -7.46
N SER I 21 27.59 12.46 -7.50
CA SER I 21 26.48 12.45 -8.45
C SER I 21 25.22 12.04 -7.69
N TYR I 22 24.21 12.90 -7.70
CA TYR I 22 22.89 12.55 -7.20
C TYR I 22 22.01 12.10 -8.36
N GLY I 23 21.44 10.91 -8.22
CA GLY I 23 20.60 10.38 -9.29
C GLY I 23 21.46 9.86 -10.42
N ASP I 24 21.19 10.35 -11.63
CA ASP I 24 22.00 10.05 -12.80
C ASP I 24 22.84 11.24 -13.25
N PHE I 25 22.98 12.25 -12.41
CA PHE I 25 23.57 13.53 -12.81
C PHE I 25 24.70 13.91 -11.85
N VAL I 26 25.85 14.27 -12.40
CA VAL I 26 27.00 14.69 -11.61
C VAL I 26 26.82 16.15 -11.23
N LEU I 27 26.76 16.41 -9.92
CA LEU I 27 26.73 17.79 -9.43
C LEU I 27 28.11 18.42 -9.32
N SER I 28 29.14 17.62 -9.01
CA SER I 28 30.46 18.20 -8.75
C SER I 28 31.55 17.22 -9.15
N LYS I 29 32.56 17.73 -9.85
CA LYS I 29 33.76 16.98 -10.18
C LYS I 29 34.83 17.05 -9.10
N SER I 30 34.61 17.85 -8.05
CA SER I 30 35.60 18.04 -6.99
C SER I 30 34.87 18.01 -5.65
N ALA I 31 34.67 16.81 -5.10
CA ALA I 31 34.09 16.63 -3.78
C ALA I 31 35.05 15.80 -2.94
N ARG I 32 35.65 16.43 -1.94
CA ARG I 32 36.67 15.78 -1.12
C ARG I 32 36.03 14.71 -0.25
N LYS I 33 36.51 13.47 -0.37
CA LYS I 33 36.04 12.37 0.46
C LYS I 33 37.15 11.77 1.31
N VAL I 34 38.34 12.38 1.32
CA VAL I 34 39.43 11.97 2.19
C VAL I 34 39.79 13.15 3.08
N PHE I 35 39.90 12.91 4.38
CA PHE I 35 40.15 13.97 5.34
C PHE I 35 41.26 13.58 6.30
N LYS I 36 41.99 14.58 6.79
CA LYS I 36 43.08 14.39 7.72
C LYS I 36 42.63 14.73 9.13
N LEU I 37 43.09 13.96 10.11
CA LEU I 37 42.86 14.23 11.53
C LEU I 37 44.19 14.08 12.26
N GLY I 38 45.00 15.13 12.23
CA GLY I 38 46.27 15.11 12.93
C GLY I 38 47.22 14.09 12.33
N ARG I 39 47.56 13.06 13.09
CA ARG I 39 48.31 11.94 12.55
C ARG I 39 47.42 10.99 11.77
N PHE I 40 46.14 10.95 12.11
CA PHE I 40 45.22 9.98 11.53
C PHE I 40 44.60 10.54 10.25
N GLY I 41 43.87 9.67 9.56
CA GLY I 41 43.14 10.06 8.37
C GLY I 41 41.99 9.11 8.10
N ILE I 42 40.84 9.65 7.69
CA ILE I 42 39.67 8.85 7.39
C ILE I 42 39.19 9.18 5.99
N ALA I 43 38.43 8.25 5.41
CA ALA I 43 37.83 8.43 4.11
C ALA I 43 36.70 7.42 3.96
N GLY I 44 35.55 7.88 3.48
CA GLY I 44 34.39 7.02 3.37
C GLY I 44 33.55 7.39 2.16
N ALA I 45 32.42 6.69 2.02
CA ALA I 45 31.51 6.90 0.91
C ALA I 45 30.09 6.90 1.44
N GLY I 46 29.19 7.50 0.68
CA GLY I 46 27.81 7.66 1.10
C GLY I 46 27.34 9.09 0.91
N ILE I 47 26.47 9.56 1.81
CA ILE I 47 26.08 10.97 1.77
C ILE I 47 27.25 11.83 2.23
N VAL I 48 27.47 12.93 1.52
CA VAL I 48 28.66 13.75 1.79
C VAL I 48 28.50 14.50 3.10
N GLY I 49 27.28 14.93 3.41
CA GLY I 49 27.07 15.75 4.60
C GLY I 49 27.29 14.95 5.87
N ASP I 50 26.90 13.67 5.87
CA ASP I 50 27.17 12.81 7.01
C ASP I 50 28.67 12.60 7.21
N ILE I 51 29.40 12.43 6.10
CA ILE I 51 30.85 12.22 6.19
C ILE I 51 31.54 13.49 6.68
N GLN I 52 31.11 14.66 6.19
CA GLN I 52 31.75 15.91 6.57
C GLN I 52 31.53 16.22 8.05
N THR I 53 30.31 16.01 8.55
CA THR I 53 30.03 16.27 9.96
C THR I 53 30.71 15.26 10.87
N LEU I 54 31.02 14.05 10.38
CA LEU I 54 31.76 13.09 11.19
C LEU I 54 33.24 13.41 11.23
N THR I 55 33.79 13.99 10.15
CA THR I 55 35.16 14.49 10.22
C THR I 55 35.28 15.64 11.21
N ARG I 56 34.26 16.49 11.28
CA ARG I 56 34.31 17.66 12.15
C ARG I 56 34.06 17.27 13.61
N ILE I 57 33.10 16.39 13.86
CA ILE I 57 32.84 15.93 15.22
C ILE I 57 34.04 15.18 15.77
N MET I 58 34.61 14.28 14.96
CA MET I 58 35.78 13.51 15.42
C MET I 58 37.00 14.41 15.60
N ASN I 59 37.13 15.46 14.79
CA ASN I 59 38.21 16.41 14.99
C ASN I 59 38.07 17.14 16.32
N VAL I 60 36.84 17.50 16.68
CA VAL I 60 36.60 18.18 17.95
C VAL I 60 36.92 17.25 19.12
N GLU I 61 36.43 16.01 19.07
CA GLU I 61 36.60 15.11 20.21
C GLU I 61 37.99 14.48 20.27
N ILE I 62 38.73 14.46 19.16
CA ILE I 62 40.15 14.16 19.24
C ILE I 62 40.86 15.25 20.03
N LYS I 63 40.50 16.51 19.77
CA LYS I 63 41.04 17.62 20.54
C LYS I 63 40.55 17.57 21.99
N TYR I 64 39.35 17.05 22.21
CA TYR I 64 38.83 16.87 23.56
C TYR I 64 39.72 15.93 24.37
N TYR I 65 39.98 14.74 23.82
CA TYR I 65 40.81 13.76 24.51
C TYR I 65 42.25 14.25 24.65
N GLU I 66 42.77 14.95 23.65
CA GLU I 66 44.16 15.38 23.65
C GLU I 66 44.40 16.52 24.63
N MET I 67 43.40 17.37 24.89
CA MET I 67 43.58 18.45 25.84
C MET I 67 43.44 18.01 27.29
N TYR I 68 42.63 16.99 27.58
CA TYR I 68 42.40 16.60 28.96
C TYR I 68 43.47 15.62 29.44
N ASN I 69 43.54 14.45 28.84
CA ASN I 69 44.60 13.51 29.16
C ASN I 69 45.91 13.94 28.52
N SER I 70 47.01 13.55 29.15
CA SER I 70 48.34 13.99 28.74
C SER I 70 48.96 13.07 27.69
N ARG I 71 48.15 12.24 27.05
CA ARG I 71 48.62 11.28 26.06
C ARG I 71 47.88 11.52 24.75
N LYS I 72 48.60 11.37 23.63
CA LYS I 72 47.99 11.50 22.33
C LYS I 72 47.18 10.26 21.99
N ILE I 73 46.22 10.42 21.08
CA ILE I 73 45.17 9.42 20.91
C ILE I 73 45.72 8.20 20.18
N SER I 74 45.27 7.03 20.59
CA SER I 74 45.51 5.79 19.87
C SER I 74 44.37 5.53 18.88
N ALA I 75 44.69 4.81 17.81
CA ALA I 75 43.71 4.64 16.74
C ALA I 75 42.58 3.71 17.14
N ARG I 76 42.87 2.71 17.99
CA ARG I 76 41.80 1.85 18.50
C ARG I 76 40.82 2.65 19.35
N ALA I 77 41.33 3.61 20.12
CA ALA I 77 40.46 4.41 20.98
C ALA I 77 39.57 5.33 20.15
N ALA I 78 40.14 5.97 19.12
CA ALA I 78 39.33 6.82 18.25
C ALA I 78 38.37 6.00 17.41
N ALA I 79 38.70 4.74 17.12
CA ALA I 79 37.79 3.88 16.38
C ALA I 79 36.59 3.48 17.23
N LYS I 80 36.85 3.08 18.47
CA LYS I 80 35.75 2.74 19.37
C LYS I 80 34.90 3.96 19.68
N LEU I 81 35.53 5.14 19.79
CA LEU I 81 34.77 6.37 19.92
C LEU I 81 33.88 6.59 18.71
N LEU I 82 34.41 6.39 17.50
CA LEU I 82 33.63 6.63 16.30
C LEU I 82 32.55 5.57 16.12
N SER I 83 32.79 4.37 16.64
CA SER I 83 31.76 3.34 16.62
C SER I 83 30.61 3.68 17.56
N VAL I 84 30.92 4.29 18.71
CA VAL I 84 29.86 4.68 19.64
C VAL I 84 29.10 5.89 19.10
N ILE I 85 29.80 6.81 18.43
CA ILE I 85 29.12 7.96 17.85
C ILE I 85 28.16 7.51 16.75
N LEU I 86 28.57 6.53 15.96
CA LEU I 86 27.67 5.95 14.96
C LEU I 86 26.55 5.15 15.61
N TYR I 87 26.80 4.58 16.79
CA TYR I 87 25.86 3.63 17.37
C TYR I 87 24.77 4.30 18.20
N GLN I 88 25.05 5.46 18.79
CA GLN I 88 24.02 6.17 19.55
C GLN I 88 22.88 6.61 18.65
N ASN I 89 23.17 6.95 17.41
CA ASN I 89 22.15 7.36 16.43
C ASN I 89 21.75 6.19 15.54
N LYS I 90 21.35 5.08 16.15
CA LYS I 90 20.89 3.94 15.35
C LYS I 90 19.52 4.20 14.75
N VAL I 91 18.69 5.01 15.41
CA VAL I 91 17.35 5.29 14.89
C VAL I 91 17.43 6.07 13.59
N LEU I 92 18.32 7.07 13.53
CA LEU I 92 18.57 7.87 12.34
C LEU I 92 20.05 7.73 12.01
N PRO I 93 20.43 6.66 11.30
CA PRO I 93 21.85 6.35 11.15
C PRO I 93 22.55 7.32 10.21
N TYR I 94 23.77 7.68 10.58
CA TYR I 94 24.67 8.40 9.68
C TYR I 94 24.95 7.53 8.47
N ILE I 95 24.36 7.86 7.32
CA ILE I 95 24.39 6.95 6.18
C ILE I 95 25.75 7.08 5.50
N SER I 96 26.72 6.31 5.98
CA SER I 96 28.10 6.41 5.52
C SER I 96 28.91 5.21 6.00
N GLU I 97 29.60 4.54 5.08
CA GLU I 97 30.56 3.51 5.44
C GLU I 97 31.95 4.13 5.40
N LEU I 98 32.75 3.87 6.43
CA LEU I 98 33.96 4.64 6.68
C LEU I 98 35.18 3.73 6.77
N LEU I 99 36.33 4.29 6.41
CA LEU I 99 37.63 3.65 6.58
C LEU I 99 38.47 4.53 7.50
N PHE I 100 38.96 3.95 8.59
CA PHE I 100 39.75 4.67 9.58
C PHE I 100 41.18 4.14 9.57
N GLY I 101 42.14 5.03 9.32
CA GLY I 101 43.52 4.62 9.16
C GLY I 101 44.49 5.44 9.97
N GLY I 102 45.38 4.78 10.69
CA GLY I 102 46.38 5.45 11.49
C GLY I 102 47.51 4.51 11.83
N VAL I 103 48.51 5.04 12.51
CA VAL I 103 49.65 4.26 12.98
C VAL I 103 49.85 4.54 14.47
N ASP I 104 49.87 3.49 15.27
CA ASP I 104 50.14 3.57 16.70
C ASP I 104 51.46 2.89 17.01
N GLU I 105 51.82 2.88 18.30
CA GLU I 105 53.01 2.16 18.73
C GLU I 105 52.83 0.66 18.61
N ASP I 106 51.59 0.17 18.63
CA ASP I 106 51.34 -1.24 18.35
C ASP I 106 51.60 -1.58 16.90
N GLY I 107 51.49 -0.60 16.01
CA GLY I 107 51.77 -0.81 14.61
C GLY I 107 50.76 -0.11 13.71
N PRO I 108 50.80 -0.39 12.41
CA PRO I 108 49.81 0.18 11.50
C PRO I 108 48.44 -0.47 11.70
N LYS I 109 47.41 0.37 11.68
CA LYS I 109 46.05 -0.10 11.94
C LYS I 109 45.09 0.49 10.91
N LEU I 110 44.24 -0.37 10.35
CA LEU I 110 43.23 0.03 9.38
C LEU I 110 41.89 -0.54 9.84
N PHE I 111 40.83 0.24 9.66
CA PHE I 111 39.56 -0.04 10.32
C PHE I 111 38.41 0.23 9.38
N ILE I 112 37.37 -0.61 9.48
CA ILE I 112 36.15 -0.47 8.69
C ILE I 112 35.00 -0.20 9.64
N LEU I 113 34.20 0.82 9.32
CA LEU I 113 33.08 1.21 10.17
C LEU I 113 31.80 1.22 9.33
N ASP I 114 30.73 0.71 9.91
CA ASP I 114 29.40 0.70 9.30
C ASP I 114 28.54 1.80 9.87
N PRO I 115 27.47 2.19 9.19
CA PRO I 115 26.56 3.20 9.75
C PRO I 115 25.93 2.79 11.07
N ILE I 116 25.82 1.48 11.33
CA ILE I 116 25.40 1.04 12.66
C ILE I 116 26.52 1.24 13.67
N GLY I 117 27.77 0.99 13.26
CA GLY I 117 28.90 1.24 14.13
C GLY I 117 29.77 0.02 14.40
N SER I 118 29.76 -0.94 13.49
CA SER I 118 30.57 -2.14 13.65
C SER I 118 32.01 -1.87 13.24
N LEU I 119 32.95 -2.25 14.11
CA LEU I 119 34.37 -2.02 13.89
C LEU I 119 35.02 -3.31 13.41
N ILE I 120 35.74 -3.23 12.29
CA ILE I 120 36.44 -4.38 11.70
C ILE I 120 37.88 -3.99 11.46
N GLU I 121 38.80 -4.85 11.87
CA GLU I 121 40.21 -4.73 11.48
C GLU I 121 40.46 -5.62 10.27
N ASP I 122 41.03 -5.03 9.23
CA ASP I 122 41.48 -5.79 8.07
C ASP I 122 42.69 -5.10 7.45
N SER I 123 43.42 -5.86 6.64
CA SER I 123 44.59 -5.31 5.97
C SER I 123 44.19 -4.37 4.85
N TYR I 124 43.40 -4.88 3.90
CA TYR I 124 43.01 -4.12 2.72
C TYR I 124 41.49 -4.09 2.64
N ALA I 125 40.95 -2.96 2.18
CA ALA I 125 39.51 -2.77 2.18
C ALA I 125 39.13 -1.74 1.13
N ALA I 126 37.88 -1.83 0.68
CA ALA I 126 37.28 -0.79 -0.13
C ALA I 126 35.83 -0.59 0.31
N VAL I 127 35.31 0.60 0.00
CA VAL I 127 34.03 1.05 0.55
C VAL I 127 33.31 1.87 -0.51
N GLY I 128 32.07 1.52 -0.80
CA GLY I 128 31.22 2.35 -1.64
C GLY I 128 30.62 1.63 -2.83
N SER I 129 30.38 2.38 -3.91
CA SER I 129 29.73 1.81 -5.08
C SER I 129 30.64 0.83 -5.80
N GLY I 130 31.79 1.30 -6.27
CA GLY I 130 32.73 0.48 -7.00
C GLY I 130 33.66 -0.34 -6.13
N ALA I 131 33.38 -0.48 -4.84
CA ALA I 131 34.26 -1.20 -3.94
C ALA I 131 34.42 -2.66 -4.37
N ARG I 132 33.31 -3.27 -4.81
CA ARG I 132 33.36 -4.62 -5.37
C ARG I 132 34.45 -4.74 -6.42
N VAL I 133 34.45 -3.83 -7.40
CA VAL I 133 35.45 -3.87 -8.46
C VAL I 133 36.85 -3.68 -7.89
N ALA I 134 37.01 -2.71 -6.98
CA ALA I 134 38.35 -2.36 -6.51
C ALA I 134 38.96 -3.45 -5.65
N ILE I 135 38.15 -4.11 -4.82
CA ILE I 135 38.67 -5.21 -4.01
C ILE I 135 39.11 -6.37 -4.89
N GLY I 136 38.47 -6.53 -6.06
CA GLY I 136 38.94 -7.51 -7.02
C GLY I 136 40.40 -7.27 -7.40
N VAL I 137 40.75 -6.03 -7.70
CA VAL I 137 42.15 -5.70 -8.00
C VAL I 137 43.02 -5.96 -6.78
N LEU I 138 42.53 -5.61 -5.59
CA LEU I 138 43.30 -5.84 -4.37
C LEU I 138 43.46 -7.33 -4.08
N GLU I 139 42.43 -8.13 -4.40
CA GLU I 139 42.51 -9.56 -4.16
C GLU I 139 43.45 -10.25 -5.13
N ALA I 140 43.73 -9.64 -6.29
CA ALA I 140 44.70 -10.20 -7.22
C ALA I 140 46.14 -10.00 -6.76
N GLU I 141 46.46 -8.83 -6.19
CA GLU I 141 47.85 -8.39 -6.12
C GLU I 141 48.25 -7.87 -4.74
N TYR I 142 47.58 -8.29 -3.67
CA TYR I 142 47.97 -7.87 -2.33
C TYR I 142 48.95 -8.87 -1.74
N ASN I 143 50.03 -8.37 -1.15
CA ASN I 143 50.91 -9.15 -0.30
C ASN I 143 51.15 -8.39 1.00
N GLU I 144 51.52 -9.15 2.04
CA GLU I 144 51.78 -8.53 3.34
C GLU I 144 53.06 -7.70 3.32
N SER I 145 54.00 -8.04 2.44
CA SER I 145 55.29 -7.35 2.37
C SER I 145 55.27 -6.41 1.17
N LEU I 146 54.80 -5.19 1.39
CA LEU I 146 54.77 -4.14 0.40
C LEU I 146 55.59 -2.95 0.89
N THR I 147 55.85 -2.01 -0.01
CA THR I 147 56.35 -0.70 0.35
C THR I 147 55.24 0.32 0.25
N SER I 148 55.50 1.51 0.81
CA SER I 148 54.45 2.53 0.88
C SER I 148 54.08 3.04 -0.51
N GLU I 149 55.08 3.29 -1.35
CA GLU I 149 54.83 3.85 -2.68
C GLU I 149 54.40 2.80 -3.70
N ALA I 150 54.74 1.52 -3.47
CA ALA I 150 54.16 0.46 -4.28
C ALA I 150 52.67 0.28 -3.98
N ALA I 151 52.29 0.47 -2.71
CA ALA I 151 50.87 0.41 -2.38
C ALA I 151 50.13 1.63 -2.92
N LYS I 152 50.84 2.76 -3.08
CA LYS I 152 50.27 3.90 -3.78
C LYS I 152 49.91 3.52 -5.22
N GLU I 153 50.83 2.82 -5.91
CA GLU I 153 50.57 2.41 -7.28
C GLU I 153 49.47 1.36 -7.36
N LEU I 154 49.37 0.48 -6.36
CA LEU I 154 48.26 -0.46 -6.30
C LEU I 154 46.94 0.26 -6.09
N ALA I 155 46.94 1.32 -5.28
CA ALA I 155 45.72 2.07 -5.07
C ALA I 155 45.30 2.85 -6.32
N ILE I 156 46.28 3.30 -7.11
CA ILE I 156 45.95 3.97 -8.36
C ILE I 156 45.42 2.98 -9.38
N LYS I 157 45.98 1.77 -9.42
CA LYS I 157 45.51 0.75 -10.34
C LYS I 157 44.10 0.29 -9.98
N SER I 158 43.84 0.09 -8.68
CA SER I 158 42.53 -0.38 -8.26
C SER I 158 41.47 0.71 -8.40
N MET I 159 41.80 1.95 -8.02
CA MET I 159 40.86 3.05 -8.20
C MET I 159 40.61 3.35 -9.67
N LYS I 160 41.61 3.18 -10.53
CA LYS I 160 41.41 3.42 -11.95
C LYS I 160 40.50 2.36 -12.57
N SER I 161 40.61 1.12 -12.09
CA SER I 161 39.68 0.08 -12.51
C SER I 161 38.25 0.43 -12.09
N ALA I 162 38.08 0.97 -10.87
CA ALA I 162 36.76 1.34 -10.41
C ALA I 162 36.21 2.56 -11.17
N VAL I 163 37.09 3.41 -11.68
CA VAL I 163 36.62 4.55 -12.49
C VAL I 163 36.06 4.06 -13.82
N GLU I 164 36.75 3.09 -14.45
CA GLU I 164 36.34 2.62 -15.77
C GLU I 164 35.11 1.72 -15.72
N ARG I 165 34.77 1.15 -14.56
CA ARG I 165 33.71 0.15 -14.49
C ARG I 165 32.62 0.46 -13.47
N ASP I 166 32.63 1.64 -12.86
CA ASP I 166 31.55 2.05 -11.96
C ASP I 166 31.01 3.40 -12.38
N VAL I 167 29.68 3.50 -12.49
CA VAL I 167 29.05 4.71 -12.98
C VAL I 167 29.03 5.81 -11.93
N MET I 168 29.14 5.46 -10.65
CA MET I 168 29.03 6.42 -9.56
C MET I 168 30.37 7.02 -9.19
N SER I 169 31.46 6.41 -9.63
CA SER I 169 32.81 6.91 -9.42
C SER I 169 33.32 7.60 -10.68
N GLY I 170 34.50 8.20 -10.58
CA GLY I 170 35.09 8.85 -11.72
C GLY I 170 36.34 9.61 -11.33
N ASP I 171 36.71 10.57 -12.19
CA ASP I 171 38.06 11.11 -12.20
C ASP I 171 38.27 12.08 -11.06
N GLY I 172 39.51 12.12 -10.57
CA GLY I 172 39.87 12.87 -9.38
C GLY I 172 40.27 11.96 -8.25
N ILE I 173 41.57 11.78 -8.05
CA ILE I 173 42.10 10.86 -7.05
C ILE I 173 43.07 11.62 -6.15
N ASP I 174 42.83 11.56 -4.85
CA ASP I 174 43.79 12.00 -3.85
C ASP I 174 44.27 10.79 -3.04
N ILE I 175 45.52 10.84 -2.59
CA ILE I 175 46.16 9.74 -1.89
C ILE I 175 46.81 10.27 -0.63
N LEU I 176 46.53 9.62 0.50
CA LEU I 176 47.09 10.00 1.79
C LEU I 176 48.04 8.92 2.27
N ILE I 177 49.33 9.23 2.28
CA ILE I 177 50.37 8.28 2.65
C ILE I 177 50.71 8.55 4.11
N ILE I 178 50.42 7.60 4.99
CA ILE I 178 50.73 7.76 6.40
C ILE I 178 51.84 6.82 6.83
N ASN I 179 53.09 7.28 6.73
CA ASN I 179 54.16 6.80 7.57
C ASN I 179 54.26 7.69 8.81
N LYS I 180 55.06 7.25 9.79
CA LYS I 180 55.02 7.92 11.09
C LYS I 180 55.64 9.30 11.03
N ASN I 181 56.62 9.50 10.14
CA ASN I 181 57.35 10.77 10.12
C ASN I 181 56.55 11.88 9.44
N ASN I 182 55.88 11.57 8.34
CA ASN I 182 55.16 12.56 7.54
C ASN I 182 53.73 12.11 7.33
N ILE I 183 52.81 13.07 7.31
CA ILE I 183 51.42 12.78 7.00
C ILE I 183 51.10 13.16 5.57
N THR J 2 16.77 26.84 -11.24
CA THR J 2 17.96 27.17 -12.02
C THR J 2 18.74 28.31 -11.38
N ALA J 3 20.03 28.09 -11.14
CA ALA J 3 20.91 29.09 -10.58
C ALA J 3 22.34 28.72 -10.95
N ILE J 4 23.14 29.72 -11.33
CA ILE J 4 24.45 29.49 -11.91
C ILE J 4 25.48 30.35 -11.18
N GLY J 5 26.56 29.73 -10.76
CA GLY J 5 27.72 30.45 -10.25
C GLY J 5 28.94 30.18 -11.11
N ILE J 6 29.70 31.23 -11.39
CA ILE J 6 30.91 31.15 -12.19
C ILE J 6 32.06 31.79 -11.43
N LYS J 7 33.15 31.03 -11.26
CA LYS J 7 34.31 31.48 -10.52
C LYS J 7 35.34 32.04 -11.49
N THR J 8 35.66 33.32 -11.33
CA THR J 8 36.71 33.98 -12.09
C THR J 8 37.88 34.30 -11.17
N LYS J 9 39.05 34.53 -11.77
CA LYS J 9 40.24 34.77 -10.98
C LYS J 9 40.16 36.06 -10.18
N ASP J 10 39.35 37.02 -10.62
CA ASP J 10 39.10 38.23 -9.85
C ASP J 10 37.89 38.10 -8.92
N GLY J 11 36.79 37.53 -9.40
CA GLY J 11 35.59 37.49 -8.60
C GLY J 11 34.65 36.33 -8.90
N VAL J 12 33.43 36.40 -8.36
CA VAL J 12 32.44 35.35 -8.48
C VAL J 12 31.17 35.95 -9.07
N VAL J 13 30.58 35.28 -10.05
CA VAL J 13 29.39 35.73 -10.74
C VAL J 13 28.26 34.76 -10.43
N LEU J 14 27.13 35.28 -9.95
CA LEU J 14 25.94 34.48 -9.67
C LEU J 14 24.77 34.97 -10.53
N ALA J 15 23.93 34.03 -10.94
CA ALA J 15 22.76 34.34 -11.75
C ALA J 15 21.74 33.22 -11.60
N ALA J 16 20.46 33.59 -11.59
CA ALA J 16 19.39 32.61 -11.49
C ALA J 16 18.11 33.16 -12.13
N GLU J 17 17.11 32.29 -12.19
CA GLU J 17 15.82 32.59 -12.80
C GLU J 17 15.02 33.58 -11.95
N ARG J 18 13.85 33.95 -12.44
CA ARG J 18 12.87 34.73 -11.69
C ARG J 18 11.47 34.17 -11.97
N ARG J 19 11.33 32.85 -11.96
CA ARG J 19 10.07 32.21 -12.30
C ARG J 19 9.74 31.14 -11.27
N LEU J 20 8.50 31.15 -10.78
CA LEU J 20 8.01 30.14 -9.86
C LEU J 20 6.74 29.52 -10.40
N SER J 21 6.73 28.19 -10.50
CA SER J 21 5.57 27.45 -10.98
C SER J 21 5.33 26.26 -10.07
N TYR J 22 4.14 26.20 -9.46
CA TYR J 22 3.71 25.01 -8.73
C TYR J 22 2.88 24.13 -9.65
N GLY J 23 3.28 22.87 -9.77
CA GLY J 23 2.56 21.96 -10.65
C GLY J 23 2.90 22.24 -12.09
N ASP J 24 1.87 22.44 -12.90
CA ASP J 24 2.02 22.83 -14.29
C ASP J 24 1.66 24.29 -14.55
N PHE J 25 1.52 25.10 -13.52
CA PHE J 25 0.95 26.44 -13.64
C PHE J 25 1.89 27.47 -13.01
N VAL J 26 2.15 28.55 -13.75
CA VAL J 26 3.01 29.63 -13.29
C VAL J 26 2.20 30.55 -12.39
N LEU J 27 2.62 30.68 -11.13
CA LEU J 27 1.98 31.63 -10.23
C LEU J 27 2.54 33.05 -10.37
N SER J 28 3.82 33.19 -10.68
CA SER J 28 4.44 34.52 -10.67
C SER J 28 5.56 34.60 -11.70
N LYS J 29 5.59 35.68 -12.46
CA LYS J 29 6.69 35.97 -13.37
C LYS J 29 7.84 36.71 -12.70
N SER J 30 7.68 37.10 -11.42
CA SER J 30 8.71 37.86 -10.71
C SER J 30 8.83 37.29 -9.30
N ALA J 31 9.65 36.26 -9.16
CA ALA J 31 9.95 35.65 -7.86
C ALA J 31 11.47 35.66 -7.68
N ARG J 32 11.96 36.47 -6.76
CA ARG J 32 13.40 36.61 -6.56
C ARG J 32 13.96 35.34 -5.93
N LYS J 33 14.94 34.74 -6.61
CA LYS J 33 15.65 33.58 -6.10
C LYS J 33 17.13 33.87 -5.91
N VAL J 34 17.54 35.13 -6.09
CA VAL J 34 18.91 35.57 -5.84
C VAL J 34 18.86 36.65 -4.77
N PHE J 35 19.70 36.54 -3.75
CA PHE J 35 19.69 37.45 -2.62
C PHE J 35 21.09 37.95 -2.27
N LYS J 36 21.16 39.23 -1.91
CA LYS J 36 22.39 39.89 -1.52
C LYS J 36 22.43 40.01 0.00
N LEU J 37 23.57 39.66 0.60
CA LEU J 37 23.68 39.53 2.04
C LEU J 37 24.57 40.59 2.68
N GLY J 38 25.45 41.23 1.90
CA GLY J 38 26.51 42.05 2.46
C GLY J 38 27.68 42.15 1.52
N ARG J 39 28.87 41.75 1.99
CA ARG J 39 30.03 41.67 1.11
C ARG J 39 29.82 40.62 0.02
N PHE J 40 28.95 39.64 0.25
CA PHE J 40 28.76 38.52 -0.65
C PHE J 40 27.26 38.25 -0.78
N GLY J 41 26.93 37.16 -1.46
CA GLY J 41 25.54 36.85 -1.74
C GLY J 41 25.34 35.37 -1.97
N ILE J 42 24.08 34.94 -1.82
CA ILE J 42 23.71 33.55 -2.04
C ILE J 42 22.54 33.49 -3.02
N ALA J 43 22.37 32.31 -3.61
CA ALA J 43 21.25 32.06 -4.53
C ALA J 43 21.09 30.56 -4.69
N GLY J 44 19.84 30.09 -4.60
CA GLY J 44 19.57 28.67 -4.66
C GLY J 44 18.26 28.39 -5.36
N ALA J 45 17.90 27.11 -5.39
CA ALA J 45 16.68 26.66 -6.04
C ALA J 45 15.99 25.64 -5.15
N GLY J 46 14.69 25.47 -5.37
CA GLY J 46 13.88 24.60 -4.55
C GLY J 46 12.61 25.29 -4.11
N ILE J 47 12.15 24.98 -2.89
CA ILE J 47 11.00 25.70 -2.34
C ILE J 47 11.44 27.12 -1.97
N VAL J 48 10.58 28.09 -2.30
CA VAL J 48 10.98 29.49 -2.14
C VAL J 48 11.02 29.87 -0.66
N GLY J 49 10.11 29.30 0.14
CA GLY J 49 10.04 29.69 1.53
C GLY J 49 11.25 29.22 2.32
N ASP J 50 11.78 28.06 1.98
CA ASP J 50 13.02 27.59 2.61
C ASP J 50 14.18 28.49 2.23
N ILE J 51 14.24 28.92 0.97
CA ILE J 51 15.32 29.81 0.53
C ILE J 51 15.20 31.18 1.19
N GLN J 52 13.98 31.70 1.30
CA GLN J 52 13.78 33.02 1.89
C GLN J 52 14.13 33.03 3.37
N THR J 53 13.70 32.00 4.11
CA THR J 53 14.03 31.94 5.52
C THR J 53 15.51 31.64 5.77
N LEU J 54 16.19 31.01 4.81
CA LEU J 54 17.62 30.80 4.94
C LEU J 54 18.42 32.05 4.62
N THR J 55 17.94 32.89 3.70
CA THR J 55 18.57 34.19 3.48
C THR J 55 18.41 35.07 4.72
N ARG J 56 17.27 34.99 5.39
CA ARG J 56 17.01 35.85 6.53
C ARG J 56 17.74 35.36 7.78
N ILE J 57 17.77 34.04 8.00
CA ILE J 57 18.50 33.48 9.13
C ILE J 57 20.00 33.75 8.96
N MET J 58 20.53 33.52 7.76
CA MET J 58 21.95 33.75 7.52
C MET J 58 22.29 35.22 7.62
N ASN J 59 21.37 36.11 7.22
CA ASN J 59 21.60 37.54 7.39
C ASN J 59 21.68 37.91 8.88
N VAL J 60 20.82 37.31 9.69
CA VAL J 60 20.82 37.60 11.13
C VAL J 60 22.13 37.13 11.76
N GLU J 61 22.56 35.90 11.44
CA GLU J 61 23.74 35.35 12.08
C GLU J 61 25.04 35.89 11.50
N ILE J 62 25.00 36.43 10.28
CA ILE J 62 26.14 37.22 9.80
C ILE J 62 26.32 38.45 10.65
N LYS J 63 25.21 39.12 10.99
CA LYS J 63 25.29 40.27 11.90
C LYS J 63 25.67 39.83 13.30
N TYR J 64 25.28 38.61 13.70
CA TYR J 64 25.70 38.07 14.98
C TYR J 64 27.22 37.93 15.06
N TYR J 65 27.81 37.25 14.07
CA TYR J 65 29.26 37.04 14.06
C TYR J 65 30.00 38.36 13.88
N GLU J 66 29.47 39.26 13.05
CA GLU J 66 30.16 40.50 12.73
C GLU J 66 30.17 41.49 13.90
N MET J 67 29.14 41.46 14.75
CA MET J 67 29.11 42.36 15.89
C MET J 67 29.95 41.86 17.07
N TYR J 68 30.11 40.55 17.22
CA TYR J 68 30.89 40.02 18.33
C TYR J 68 32.37 39.86 18.02
N ASN J 69 32.79 39.94 16.75
CA ASN J 69 34.17 39.62 16.40
C ASN J 69 34.79 40.64 15.46
N SER J 70 34.15 41.81 15.26
CA SER J 70 34.76 42.97 14.62
C SER J 70 35.19 42.72 13.18
N ARG J 71 34.99 41.51 12.67
CA ARG J 71 35.51 41.11 11.38
C ARG J 71 34.40 40.53 10.51
N LYS J 72 34.37 40.95 9.24
CA LYS J 72 33.44 40.36 8.30
C LYS J 72 33.83 38.91 8.02
N ILE J 73 32.84 38.10 7.68
CA ILE J 73 33.00 36.66 7.75
C ILE J 73 33.74 36.18 6.51
N SER J 74 34.71 35.29 6.72
CA SER J 74 35.26 34.50 5.63
C SER J 74 34.20 33.57 5.07
N ALA J 75 34.17 33.46 3.74
CA ALA J 75 33.11 32.69 3.09
C ALA J 75 33.12 31.24 3.53
N ARG J 76 34.30 30.70 3.86
CA ARG J 76 34.36 29.34 4.40
C ARG J 76 33.64 29.23 5.74
N ALA J 77 33.73 30.28 6.57
CA ALA J 77 33.08 30.23 7.88
C ALA J 77 31.57 30.30 7.75
N ALA J 78 31.07 31.18 6.88
CA ALA J 78 29.63 31.26 6.66
C ALA J 78 29.10 30.03 5.96
N ALA J 79 29.92 29.36 5.15
CA ALA J 79 29.49 28.14 4.48
C ALA J 79 29.38 26.99 5.47
N LYS J 80 30.36 26.83 6.35
CA LYS J 80 30.29 25.79 7.37
C LYS J 80 29.14 26.06 8.33
N LEU J 81 28.87 27.33 8.63
CA LEU J 81 27.69 27.67 9.42
C LEU J 81 26.42 27.23 8.73
N LEU J 82 26.31 27.52 7.42
CA LEU J 82 25.08 27.19 6.70
C LEU J 82 24.95 25.68 6.51
N SER J 83 26.09 24.96 6.47
CA SER J 83 26.04 23.51 6.40
C SER J 83 25.52 22.91 7.70
N VAL J 84 25.86 23.53 8.84
CA VAL J 84 25.36 23.05 10.12
C VAL J 84 23.89 23.42 10.28
N ILE J 85 23.50 24.59 9.79
CA ILE J 85 22.09 25.00 9.86
C ILE J 85 21.22 24.06 9.03
N LEU J 86 21.71 23.67 7.84
CA LEU J 86 20.99 22.69 7.05
C LEU J 86 21.01 21.32 7.69
N TYR J 87 22.05 20.99 8.45
CA TYR J 87 22.23 19.62 8.93
C TYR J 87 21.49 19.36 10.23
N GLN J 88 21.31 20.38 11.07
CA GLN J 88 20.58 20.21 12.31
C GLN J 88 19.13 19.81 12.04
N ASN J 89 18.55 20.32 10.96
CA ASN J 89 17.18 19.98 10.56
C ASN J 89 17.19 18.88 9.51
N LYS J 90 17.85 17.76 9.80
CA LYS J 90 17.84 16.63 8.88
C LYS J 90 16.50 15.91 8.90
N VAL J 91 15.81 15.92 10.05
CA VAL J 91 14.52 15.25 10.16
C VAL J 91 13.49 15.93 9.27
N LEU J 92 13.48 17.26 9.26
CA LEU J 92 12.60 18.05 8.42
C LEU J 92 13.50 18.94 7.56
N PRO J 93 14.00 18.40 6.44
CA PRO J 93 15.05 19.12 5.71
C PRO J 93 14.52 20.33 4.97
N TYR J 94 15.31 21.41 5.00
CA TYR J 94 15.07 22.56 4.14
C TYR J 94 15.23 22.14 2.68
N ILE J 95 14.11 22.01 1.97
CA ILE J 95 14.16 21.40 0.64
C ILE J 95 14.66 22.44 -0.34
N SER J 96 15.99 22.54 -0.46
CA SER J 96 16.63 23.58 -1.26
C SER J 96 18.11 23.28 -1.44
N GLU J 97 18.58 23.30 -2.69
CA GLU J 97 20.01 23.24 -2.99
C GLU J 97 20.49 24.66 -3.26
N LEU J 98 21.64 25.01 -2.69
CA LEU J 98 22.05 26.40 -2.58
C LEU J 98 23.43 26.60 -3.20
N LEU J 99 23.67 27.81 -3.68
CA LEU J 99 24.97 28.26 -4.17
C LEU J 99 25.43 29.42 -3.31
N PHE J 100 26.62 29.30 -2.72
CA PHE J 100 27.16 30.31 -1.83
C PHE J 100 28.40 30.91 -2.49
N GLY J 101 28.39 32.22 -2.70
CA GLY J 101 29.46 32.88 -3.42
C GLY J 101 29.98 34.13 -2.74
N GLY J 102 31.30 34.22 -2.62
CA GLY J 102 31.92 35.38 -2.00
C GLY J 102 33.39 35.45 -2.39
N VAL J 103 34.04 36.51 -1.91
CA VAL J 103 35.46 36.70 -2.12
C VAL J 103 36.11 37.00 -0.77
N ASP J 104 37.13 36.22 -0.42
CA ASP J 104 37.93 36.42 0.78
C ASP J 104 39.35 36.80 0.40
N GLU J 105 40.19 36.99 1.43
CA GLU J 105 41.60 37.26 1.17
C GLU J 105 42.32 36.04 0.60
N ASP J 106 41.80 34.84 0.84
CA ASP J 106 42.34 33.65 0.20
C ASP J 106 42.03 33.63 -1.29
N GLY J 107 40.95 34.30 -1.70
CA GLY J 107 40.60 34.40 -3.10
C GLY J 107 39.11 34.23 -3.31
N PRO J 108 38.70 34.10 -4.57
CA PRO J 108 37.28 33.86 -4.85
C PRO J 108 36.88 32.45 -4.46
N LYS J 109 35.69 32.32 -3.86
CA LYS J 109 35.21 31.05 -3.35
C LYS J 109 33.76 30.85 -3.76
N LEU J 110 33.46 29.66 -4.29
CA LEU J 110 32.11 29.29 -4.69
C LEU J 110 31.77 27.95 -4.07
N PHE J 111 30.52 27.79 -3.65
CA PHE J 111 30.13 26.69 -2.79
C PHE J 111 28.78 26.12 -3.19
N ILE J 112 28.65 24.81 -3.07
CA ILE J 112 27.40 24.09 -3.35
C ILE J 112 26.91 23.46 -2.06
N LEU J 113 25.63 23.64 -1.76
CA LEU J 113 25.03 23.12 -0.54
C LEU J 113 23.82 22.26 -0.88
N ASP J 114 23.70 21.14 -0.19
CA ASP J 114 22.57 20.22 -0.33
C ASP J 114 21.60 20.41 0.81
N PRO J 115 20.36 19.94 0.66
CA PRO J 115 19.39 20.04 1.77
C PRO J 115 19.84 19.30 3.02
N ILE J 116 20.69 18.27 2.87
CA ILE J 116 21.29 17.65 4.04
C ILE J 116 22.35 18.55 4.65
N GLY J 117 23.12 19.24 3.81
CA GLY J 117 24.10 20.19 4.31
C GLY J 117 25.53 19.93 3.90
N SER J 118 25.72 19.24 2.77
CA SER J 118 27.06 18.94 2.29
C SER J 118 27.66 20.15 1.58
N LEU J 119 28.89 20.51 1.96
CA LEU J 119 29.57 21.66 1.40
C LEU J 119 30.58 21.19 0.35
N ILE J 120 30.50 21.77 -0.84
CA ILE J 120 31.38 21.41 -1.95
C ILE J 120 32.03 22.67 -2.51
N GLU J 121 33.35 22.63 -2.66
CA GLU J 121 34.08 23.69 -3.34
C GLU J 121 34.28 23.32 -4.81
N ASP J 122 34.03 24.28 -5.70
CA ASP J 122 34.12 24.05 -7.13
C ASP J 122 34.57 25.34 -7.82
N SER J 123 34.45 25.37 -9.14
CA SER J 123 34.59 26.58 -9.93
C SER J 123 33.25 27.02 -10.51
N TYR J 124 32.61 26.16 -11.29
CA TYR J 124 31.37 26.48 -11.97
C TYR J 124 30.31 25.47 -11.54
N ALA J 125 29.07 25.93 -11.40
CA ALA J 125 28.02 25.07 -10.89
C ALA J 125 26.67 25.59 -11.33
N ALA J 126 25.70 24.69 -11.37
CA ALA J 126 24.30 25.06 -11.52
C ALA J 126 23.45 24.16 -10.63
N VAL J 127 22.26 24.67 -10.30
CA VAL J 127 21.40 24.06 -9.28
C VAL J 127 19.95 24.22 -9.70
N GLY J 128 19.21 23.11 -9.72
CA GLY J 128 17.79 23.17 -9.93
C GLY J 128 17.28 22.32 -11.07
N SER J 129 16.18 22.74 -11.69
CA SER J 129 15.55 21.95 -12.75
C SER J 129 16.43 21.94 -14.00
N GLY J 130 16.67 23.11 -14.58
CA GLY J 130 17.45 23.23 -15.79
C GLY J 130 18.95 23.25 -15.60
N ALA J 131 19.43 22.88 -14.42
CA ALA J 131 20.87 22.92 -14.15
C ALA J 131 21.63 22.00 -15.10
N ARG J 132 21.07 20.82 -15.37
CA ARG J 132 21.62 19.91 -16.36
C ARG J 132 21.92 20.63 -17.67
N VAL J 133 20.92 21.34 -18.20
CA VAL J 133 21.09 22.06 -19.46
C VAL J 133 22.16 23.15 -19.31
N ALA J 134 22.10 23.90 -18.22
CA ALA J 134 22.97 25.07 -18.06
C ALA J 134 24.42 24.65 -17.85
N ILE J 135 24.65 23.58 -17.09
CA ILE J 135 26.01 23.09 -16.89
C ILE J 135 26.62 22.62 -18.22
N GLY J 136 25.78 22.14 -19.14
CA GLY J 136 26.28 21.83 -20.47
C GLY J 136 26.93 23.02 -21.13
N VAL J 137 26.29 24.19 -21.07
CA VAL J 137 26.89 25.40 -21.65
C VAL J 137 28.19 25.74 -20.93
N LEU J 138 28.21 25.59 -19.60
CA LEU J 138 29.41 25.88 -18.84
C LEU J 138 30.52 24.89 -19.16
N GLU J 139 30.16 23.62 -19.39
CA GLU J 139 31.15 22.60 -19.70
C GLU J 139 31.70 22.75 -21.11
N ALA J 140 31.01 23.49 -21.98
CA ALA J 140 31.42 23.63 -23.37
C ALA J 140 32.77 24.34 -23.49
N GLU J 141 32.82 25.62 -23.11
CA GLU J 141 34.08 26.37 -23.12
C GLU J 141 34.15 27.19 -21.83
N TYR J 142 34.94 26.70 -20.87
CA TYR J 142 35.15 27.38 -19.60
C TYR J 142 36.64 27.36 -19.28
N ASN J 143 37.30 28.50 -19.40
CA ASN J 143 38.68 28.62 -18.97
C ASN J 143 38.73 29.06 -17.52
N GLU J 144 39.80 28.64 -16.82
CA GLU J 144 40.09 29.20 -15.52
C GLU J 144 40.43 30.69 -15.60
N SER J 145 40.93 31.15 -16.75
CA SER J 145 41.33 32.54 -16.93
C SER J 145 40.25 33.27 -17.72
N LEU J 146 39.28 33.81 -16.99
CA LEU J 146 38.20 34.60 -17.56
C LEU J 146 38.22 36.00 -16.95
N THR J 147 37.45 36.90 -17.55
CA THR J 147 37.15 38.18 -16.93
C THR J 147 35.73 38.16 -16.37
N SER J 148 35.44 39.17 -15.54
CA SER J 148 34.17 39.19 -14.83
C SER J 148 32.99 39.38 -15.79
N GLU J 149 33.12 40.29 -16.76
CA GLU J 149 32.02 40.59 -17.66
C GLU J 149 31.92 39.59 -18.80
N ALA J 150 33.01 38.91 -19.16
CA ALA J 150 32.91 37.78 -20.09
C ALA J 150 32.17 36.62 -19.45
N ALA J 151 32.37 36.41 -18.14
CA ALA J 151 31.63 35.38 -17.44
C ALA J 151 30.15 35.76 -17.29
N LYS J 152 29.86 37.06 -17.25
CA LYS J 152 28.48 37.51 -17.30
C LYS J 152 27.80 37.04 -18.59
N GLU J 153 28.48 37.18 -19.72
CA GLU J 153 27.89 36.75 -20.99
C GLU J 153 27.75 35.23 -21.05
N LEU J 154 28.68 34.50 -20.42
CA LEU J 154 28.53 33.05 -20.34
C LEU J 154 27.33 32.68 -19.48
N ALA J 155 27.08 33.43 -18.41
CA ALA J 155 25.91 33.15 -17.58
C ALA J 155 24.62 33.49 -18.30
N ILE J 156 24.63 34.51 -19.15
CA ILE J 156 23.44 34.84 -19.93
C ILE J 156 23.19 33.78 -21.00
N LYS J 157 24.26 33.28 -21.62
CA LYS J 157 24.11 32.23 -22.63
C LYS J 157 23.62 30.93 -22.00
N SER J 158 24.17 30.57 -20.84
CA SER J 158 23.79 29.32 -20.20
C SER J 158 22.37 29.40 -19.64
N MET J 159 22.01 30.52 -19.00
CA MET J 159 20.65 30.67 -18.52
C MET J 159 19.64 30.75 -19.66
N LYS J 160 20.03 31.33 -20.81
CA LYS J 160 19.12 31.40 -21.93
C LYS J 160 18.88 30.03 -22.54
N SER J 161 19.92 29.18 -22.56
CA SER J 161 19.73 27.80 -22.99
C SER J 161 18.78 27.04 -22.07
N ALA J 162 18.89 27.27 -20.76
CA ALA J 162 18.00 26.61 -19.81
C ALA J 162 16.58 27.14 -19.90
N VAL J 163 16.41 28.40 -20.33
CA VAL J 163 15.06 28.94 -20.52
C VAL J 163 14.38 28.27 -21.70
N GLU J 164 15.12 28.07 -22.80
CA GLU J 164 14.52 27.51 -24.01
C GLU J 164 14.26 26.02 -23.90
N ARG J 165 14.90 25.32 -22.96
CA ARG J 165 14.82 23.86 -22.91
C ARG J 165 14.37 23.31 -21.56
N ASP J 166 13.97 24.16 -20.62
CA ASP J 166 13.41 23.71 -19.36
C ASP J 166 12.08 24.39 -19.13
N VAL J 167 11.05 23.60 -18.79
CA VAL J 167 9.71 24.13 -18.62
C VAL J 167 9.55 24.87 -17.29
N MET J 168 10.41 24.57 -16.31
CA MET J 168 10.29 25.13 -14.96
C MET J 168 11.02 26.45 -14.80
N SER J 169 11.91 26.79 -15.72
CA SER J 169 12.62 28.06 -15.70
C SER J 169 11.99 29.06 -16.66
N GLY J 170 12.45 30.30 -16.58
CA GLY J 170 11.97 31.36 -17.44
C GLY J 170 12.47 32.73 -17.05
N ILE J 173 15.97 37.26 -15.98
CA ILE J 173 17.22 36.74 -15.42
C ILE J 173 17.84 37.76 -14.47
N ASP J 174 18.16 37.32 -13.26
CA ASP J 174 18.81 38.15 -12.26
C ASP J 174 20.26 37.70 -12.11
N ILE J 175 21.19 38.60 -12.42
CA ILE J 175 22.61 38.30 -12.34
C ILE J 175 23.29 39.35 -11.46
N LEU J 176 24.11 38.90 -10.52
CA LEU J 176 24.85 39.78 -9.62
C LEU J 176 26.34 39.48 -9.71
N ILE J 177 27.14 40.52 -9.89
CA ILE J 177 28.60 40.40 -9.95
C ILE J 177 29.19 40.60 -8.55
N ILE J 178 30.29 39.90 -8.26
CA ILE J 178 30.98 40.00 -6.98
C ILE J 178 32.48 39.92 -7.21
N ASN J 179 33.11 41.06 -7.44
CA ASN J 179 34.55 41.13 -7.65
C ASN J 179 35.13 42.13 -6.66
N LYS J 180 36.25 41.76 -6.05
CA LYS J 180 36.93 42.60 -5.07
C LYS J 180 35.97 43.10 -4.00
N ASN J 181 35.78 44.41 -3.93
CA ASN J 181 34.85 45.03 -2.98
C ASN J 181 33.79 45.85 -3.69
N ASN J 182 33.63 45.66 -5.00
CA ASN J 182 32.63 46.38 -5.79
C ASN J 182 31.67 45.34 -6.34
N ILE J 183 30.48 45.25 -5.75
CA ILE J 183 29.47 44.31 -6.19
C ILE J 183 28.94 44.81 -7.54
N THR K 2 -10.87 30.91 -5.81
CA THR K 2 -10.63 32.05 -6.69
C THR K 2 -10.55 33.37 -5.92
N ALA K 3 -9.46 34.09 -6.14
CA ALA K 3 -9.24 35.39 -5.53
C ALA K 3 -8.25 36.15 -6.39
N ILE K 4 -8.52 37.43 -6.62
CA ILE K 4 -7.78 38.22 -7.61
C ILE K 4 -7.31 39.51 -6.96
N GLY K 5 -6.02 39.80 -7.11
CA GLY K 5 -5.47 41.10 -6.76
C GLY K 5 -4.88 41.78 -7.98
N ILE K 6 -5.14 43.07 -8.12
CA ILE K 6 -4.65 43.87 -9.24
C ILE K 6 -3.93 45.08 -8.67
N LYS K 7 -2.68 45.27 -9.08
CA LYS K 7 -1.86 46.38 -8.59
C LYS K 7 -1.95 47.54 -9.55
N THR K 8 -2.47 48.66 -9.08
CA THR K 8 -2.52 49.93 -9.79
C THR K 8 -1.58 50.92 -9.11
N LYS K 9 -1.20 51.95 -9.85
CA LYS K 9 -0.44 53.04 -9.24
C LYS K 9 -1.40 54.11 -8.73
N ASP K 10 -2.47 53.64 -8.09
CA ASP K 10 -3.40 54.43 -7.29
C ASP K 10 -3.71 53.68 -6.00
N GLY K 11 -3.78 52.36 -6.09
CA GLY K 11 -4.14 51.53 -4.96
C GLY K 11 -4.16 50.08 -5.36
N VAL K 12 -4.56 49.24 -4.42
CA VAL K 12 -4.63 47.79 -4.61
C VAL K 12 -6.09 47.35 -4.53
N VAL K 13 -6.50 46.52 -5.49
CA VAL K 13 -7.86 46.02 -5.59
C VAL K 13 -7.84 44.51 -5.37
N LEU K 14 -8.67 44.04 -4.44
CA LEU K 14 -8.82 42.62 -4.17
C LEU K 14 -10.26 42.19 -4.42
N ALA K 15 -10.42 40.95 -4.89
CA ALA K 15 -11.73 40.39 -5.17
C ALA K 15 -11.65 38.88 -5.15
N ALA K 16 -12.70 38.22 -4.64
CA ALA K 16 -12.76 36.78 -4.58
C ALA K 16 -14.21 36.31 -4.58
N GLU K 17 -14.37 34.99 -4.65
CA GLU K 17 -15.68 34.36 -4.70
C GLU K 17 -16.39 34.46 -3.35
N ARG K 18 -17.62 33.94 -3.32
CA ARG K 18 -18.37 33.77 -2.07
C ARG K 18 -19.09 32.43 -2.12
N ARG K 19 -18.37 31.38 -2.52
CA ARG K 19 -18.95 30.06 -2.71
C ARG K 19 -18.06 29.01 -2.04
N LEU K 20 -18.68 28.12 -1.27
CA LEU K 20 -17.98 27.00 -0.64
C LEU K 20 -18.69 25.70 -1.00
N SER K 21 -17.93 24.74 -1.53
CA SER K 21 -18.47 23.43 -1.89
C SER K 21 -17.50 22.37 -1.40
N TYR K 22 -17.98 21.47 -0.55
CA TYR K 22 -17.23 20.29 -0.17
C TYR K 22 -17.65 19.12 -1.04
N GLY K 23 -16.67 18.49 -1.70
CA GLY K 23 -16.98 17.37 -2.57
C GLY K 23 -17.57 17.87 -3.87
N ASP K 24 -18.74 17.34 -4.22
CA ASP K 24 -19.49 17.79 -5.38
C ASP K 24 -20.74 18.57 -4.99
N PHE K 25 -20.85 19.02 -3.74
CA PHE K 25 -22.08 19.58 -3.22
C PHE K 25 -21.81 20.94 -2.58
N VAL K 26 -22.62 21.93 -2.94
CA VAL K 26 -22.49 23.28 -2.40
C VAL K 26 -23.15 23.34 -1.04
N LEU K 27 -22.35 23.67 -0.01
CA LEU K 27 -22.92 23.87 1.33
C LEU K 27 -23.48 25.28 1.53
N SER K 28 -22.88 26.30 0.90
CA SER K 28 -23.28 27.67 1.18
C SER K 28 -23.07 28.54 -0.05
N LYS K 29 -24.06 29.37 -0.35
CA LYS K 29 -23.93 30.37 -1.40
C LYS K 29 -23.33 31.68 -0.90
N SER K 30 -23.10 31.80 0.41
CA SER K 30 -22.58 33.04 1.00
C SER K 30 -21.51 32.67 2.02
N ALA K 31 -20.28 32.49 1.56
CA ALA K 31 -19.14 32.23 2.42
C ALA K 31 -18.08 33.28 2.13
N ARG K 32 -17.86 34.19 3.08
CA ARG K 32 -16.94 35.30 2.86
C ARG K 32 -15.51 34.78 2.82
N LYS K 33 -14.81 35.06 1.72
CA LYS K 33 -13.41 34.70 1.57
C LYS K 33 -12.51 35.92 1.38
N VAL K 34 -13.05 37.12 1.51
CA VAL K 34 -12.28 38.35 1.47
C VAL K 34 -12.46 39.07 2.81
N PHE K 35 -11.35 39.47 3.42
CA PHE K 35 -11.39 40.10 4.73
C PHE K 35 -10.52 41.35 4.74
N LYS K 36 -10.95 42.37 5.48
CA LYS K 36 -10.20 43.60 5.63
C LYS K 36 -9.68 43.71 7.06
N LEU K 37 -8.42 44.11 7.19
CA LEU K 37 -7.74 44.18 8.48
C LEU K 37 -7.57 45.61 8.98
N GLY K 38 -8.18 46.59 8.29
CA GLY K 38 -8.01 47.98 8.65
C GLY K 38 -7.64 48.83 7.46
N ARG K 39 -6.41 49.37 7.47
CA ARG K 39 -5.93 50.11 6.31
C ARG K 39 -5.77 49.22 5.08
N PHE K 40 -5.66 47.90 5.28
CA PHE K 40 -5.42 46.96 4.19
C PHE K 40 -6.26 45.71 4.42
N GLY K 41 -6.20 44.79 3.45
CA GLY K 41 -7.08 43.64 3.45
C GLY K 41 -6.40 42.44 2.83
N ILE K 42 -6.88 41.26 3.20
CA ILE K 42 -6.37 39.99 2.67
C ILE K 42 -7.53 39.20 2.08
N ALA K 43 -7.18 38.26 1.21
CA ALA K 43 -8.16 37.35 0.62
C ALA K 43 -7.42 36.15 0.05
N GLY K 44 -7.92 34.96 0.35
CA GLY K 44 -7.26 33.73 -0.08
C GLY K 44 -8.25 32.64 -0.41
N ALA K 45 -7.72 31.47 -0.74
CA ALA K 45 -8.52 30.32 -1.10
C ALA K 45 -7.94 29.08 -0.43
N GLY K 46 -8.79 28.06 -0.30
CA GLY K 46 -8.41 26.85 0.40
C GLY K 46 -9.46 26.43 1.41
N ILE K 47 -9.03 25.85 2.53
CA ILE K 47 -9.96 25.53 3.60
C ILE K 47 -10.38 26.83 4.29
N VAL K 48 -11.67 26.96 4.58
CA VAL K 48 -12.21 28.22 5.09
C VAL K 48 -11.75 28.44 6.53
N GLY K 49 -11.65 27.37 7.31
CA GLY K 49 -11.33 27.53 8.72
C GLY K 49 -9.92 28.01 8.94
N ASP K 50 -8.98 27.57 8.09
CA ASP K 50 -7.62 28.08 8.15
C ASP K 50 -7.57 29.55 7.78
N ILE K 51 -8.33 29.96 6.76
CA ILE K 51 -8.33 31.36 6.35
C ILE K 51 -8.95 32.24 7.42
N GLN K 52 -10.04 31.80 8.03
CA GLN K 52 -10.71 32.62 9.04
C GLN K 52 -9.85 32.79 10.28
N THR K 53 -9.19 31.72 10.73
CA THR K 53 -8.32 31.84 11.90
C THR K 53 -7.05 32.62 11.58
N LEU K 54 -6.64 32.67 10.31
CA LEU K 54 -5.51 33.51 9.93
C LEU K 54 -5.88 34.98 9.83
N THR K 55 -7.13 35.27 9.45
CA THR K 55 -7.61 36.65 9.53
C THR K 55 -7.68 37.11 10.99
N ARG K 56 -8.05 36.19 11.89
CA ARG K 56 -8.21 36.55 13.29
C ARG K 56 -6.86 36.68 13.99
N ILE K 57 -5.94 35.75 13.70
CA ILE K 57 -4.59 35.84 14.27
C ILE K 57 -3.88 37.08 13.78
N MET K 58 -3.96 37.36 12.47
CA MET K 58 -3.31 38.55 11.92
C MET K 58 -3.94 39.82 12.44
N ASN K 59 -5.26 39.82 12.68
CA ASN K 59 -5.90 40.98 13.29
C ASN K 59 -5.38 41.22 14.70
N VAL K 60 -5.19 40.14 15.47
CA VAL K 60 -4.69 40.27 16.84
C VAL K 60 -3.27 40.82 16.85
N GLU K 61 -2.40 40.27 16.00
CA GLU K 61 -1.00 40.66 16.03
C GLU K 61 -0.73 41.98 15.32
N ILE K 62 -1.62 42.42 14.44
CA ILE K 62 -1.55 43.80 13.95
C ILE K 62 -1.78 44.76 15.11
N LYS K 63 -2.74 44.45 15.97
CA LYS K 63 -2.97 45.26 17.17
C LYS K 63 -1.80 45.13 18.14
N TYR K 64 -1.13 43.97 18.15
CA TYR K 64 0.06 43.79 18.98
C TYR K 64 1.16 44.78 18.59
N TYR K 65 1.52 44.80 17.31
CA TYR K 65 2.57 45.71 16.84
C TYR K 65 2.15 47.17 16.99
N GLU K 66 0.88 47.47 16.74
CA GLU K 66 0.41 48.86 16.75
C GLU K 66 0.32 49.43 18.15
N MET K 67 0.06 48.60 19.16
CA MET K 67 -0.02 49.10 20.53
C MET K 67 1.35 49.26 21.19
N TYR K 68 2.33 48.42 20.84
CA TYR K 68 3.63 48.52 21.48
C TYR K 68 4.51 49.58 20.84
N ASN K 69 4.50 49.68 19.51
CA ASN K 69 5.45 50.52 18.80
C ASN K 69 4.89 51.88 18.42
N SER K 70 3.60 52.12 18.64
CA SER K 70 2.98 53.44 18.47
C SER K 70 3.15 53.98 17.05
N ARG K 71 3.21 53.10 16.05
CA ARG K 71 3.32 53.52 14.67
C ARG K 71 2.61 52.51 13.78
N LYS K 72 2.21 52.97 12.60
CA LYS K 72 1.42 52.13 11.71
C LYS K 72 2.30 51.07 11.06
N ILE K 73 1.65 50.04 10.53
CA ILE K 73 2.32 48.79 10.15
C ILE K 73 2.56 48.82 8.64
N SER K 74 3.81 48.62 8.24
CA SER K 74 4.11 48.47 6.83
C SER K 74 3.65 47.12 6.32
N ALA K 75 3.27 47.08 5.04
CA ALA K 75 2.75 45.84 4.48
C ALA K 75 3.83 44.78 4.34
N ARG K 76 5.08 45.20 4.10
CA ARG K 76 6.18 44.25 4.06
C ARG K 76 6.37 43.58 5.42
N ALA K 77 6.18 44.34 6.51
CA ALA K 77 6.35 43.76 7.84
C ALA K 77 5.26 42.76 8.16
N ALA K 78 4.01 43.08 7.82
CA ALA K 78 2.91 42.15 8.06
C ALA K 78 3.01 40.94 7.15
N ALA K 79 3.63 41.09 5.97
CA ALA K 79 3.81 39.95 5.08
C ALA K 79 4.88 39.00 5.63
N LYS K 80 6.01 39.55 6.07
CA LYS K 80 7.04 38.71 6.66
C LYS K 80 6.56 38.05 7.95
N LEU K 81 5.75 38.77 8.73
CA LEU K 81 5.11 38.16 9.90
C LEU K 81 4.22 37.00 9.49
N LEU K 82 3.40 37.19 8.45
CA LEU K 82 2.47 36.15 8.04
C LEU K 82 3.21 34.98 7.39
N SER K 83 4.37 35.26 6.78
CA SER K 83 5.19 34.17 6.25
C SER K 83 5.78 33.31 7.36
N VAL K 84 6.13 33.93 8.49
CA VAL K 84 6.67 33.17 9.61
C VAL K 84 5.57 32.36 10.29
N ILE K 85 4.36 32.93 10.37
CA ILE K 85 3.24 32.21 10.98
C ILE K 85 2.88 30.99 10.16
N LEU K 86 2.90 31.12 8.82
CA LEU K 86 2.68 29.97 7.96
C LEU K 86 3.84 28.98 8.03
N TYR K 87 5.06 29.45 8.29
CA TYR K 87 6.24 28.61 8.15
C TYR K 87 6.54 27.83 9.43
N GLN K 88 6.18 28.37 10.59
CA GLN K 88 6.41 27.65 11.85
C GLN K 88 5.60 26.36 11.89
N ASN K 89 4.41 26.35 11.29
CA ASN K 89 3.56 25.17 11.22
C ASN K 89 3.76 24.43 9.90
N LYS K 90 5.02 24.10 9.56
CA LYS K 90 5.27 23.36 8.34
C LYS K 90 4.85 21.90 8.47
N VAL K 91 4.90 21.35 9.68
CA VAL K 91 4.52 19.96 9.89
C VAL K 91 3.03 19.77 9.64
N LEU K 92 2.22 20.71 10.13
CA LEU K 92 0.76 20.70 9.94
C LEU K 92 0.41 22.02 9.26
N PRO K 93 0.53 22.09 7.94
CA PRO K 93 0.43 23.39 7.25
C PRO K 93 -1.00 23.90 7.22
N TYR K 94 -1.15 25.20 7.43
CA TYR K 94 -2.40 25.89 7.18
C TYR K 94 -2.73 25.79 5.69
N ILE K 95 -3.71 24.95 5.34
CA ILE K 95 -3.94 24.62 3.94
C ILE K 95 -4.70 25.76 3.29
N SER K 96 -3.97 26.77 2.80
CA SER K 96 -4.57 27.98 2.27
C SER K 96 -3.52 28.80 1.52
N GLU K 97 -3.82 29.17 0.28
CA GLU K 97 -3.00 30.12 -0.46
C GLU K 97 -3.65 31.49 -0.36
N LEU K 98 -2.84 32.51 -0.09
CA LEU K 98 -3.35 33.81 0.34
C LEU K 98 -2.83 34.92 -0.56
N LEU K 99 -3.61 35.99 -0.66
CA LEU K 99 -3.22 37.23 -1.33
C LEU K 99 -3.25 38.34 -0.29
N PHE K 100 -2.13 39.04 -0.14
CA PHE K 100 -1.97 40.10 0.83
C PHE K 100 -1.79 41.42 0.10
N GLY K 101 -2.68 42.38 0.36
CA GLY K 101 -2.67 43.63 -0.38
C GLY K 101 -2.77 44.84 0.52
N GLY K 102 -1.90 45.83 0.31
CA GLY K 102 -1.92 47.04 1.10
C GLY K 102 -1.17 48.15 0.40
N VAL K 103 -1.19 49.33 1.01
CA VAL K 103 -0.46 50.49 0.51
C VAL K 103 0.36 51.07 1.65
N ASP K 104 1.66 51.23 1.42
CA ASP K 104 2.59 51.86 2.34
C ASP K 104 3.08 53.18 1.75
N GLU K 105 3.96 53.85 2.50
CA GLU K 105 4.58 55.07 1.98
C GLU K 105 5.51 54.77 0.80
N ASP K 106 6.04 53.55 0.72
CA ASP K 106 6.81 53.15 -0.45
C ASP K 106 5.94 53.02 -1.68
N GLY K 107 4.65 52.74 -1.50
CA GLY K 107 3.72 52.63 -2.60
C GLY K 107 2.75 51.47 -2.43
N PRO K 108 2.01 51.16 -3.48
CA PRO K 108 1.10 50.01 -3.43
C PRO K 108 1.87 48.70 -3.45
N LYS K 109 1.44 47.75 -2.62
CA LYS K 109 2.12 46.48 -2.47
C LYS K 109 1.11 45.34 -2.50
N LEU K 110 1.41 44.31 -3.29
CA LEU K 110 0.59 43.12 -3.39
C LEU K 110 1.48 41.90 -3.21
N PHE K 111 0.96 40.89 -2.52
CA PHE K 111 1.79 39.80 -2.01
C PHE K 111 1.08 38.47 -2.19
N ILE K 112 1.86 37.43 -2.51
CA ILE K 112 1.36 36.08 -2.65
C ILE K 112 2.01 35.22 -1.58
N LEU K 113 1.19 34.43 -0.88
CA LEU K 113 1.68 33.57 0.19
C LEU K 113 1.24 32.13 -0.07
N ASP K 114 2.15 31.21 0.19
CA ASP K 114 1.91 29.78 0.05
C ASP K 114 1.67 29.16 1.42
N PRO K 115 1.07 27.96 1.47
CA PRO K 115 0.89 27.30 2.77
C PRO K 115 2.19 26.99 3.48
N ILE K 116 3.31 26.86 2.74
CA ILE K 116 4.61 26.76 3.39
C ILE K 116 5.04 28.12 3.95
N GLY K 117 4.74 29.20 3.22
CA GLY K 117 5.02 30.53 3.71
C GLY K 117 5.94 31.35 2.83
N SER K 118 5.96 31.05 1.53
CA SER K 118 6.81 31.79 0.61
C SER K 118 6.15 33.10 0.21
N LEU K 119 6.90 34.19 0.31
CA LEU K 119 6.40 35.53 0.00
C LEU K 119 6.87 35.93 -1.39
N ILE K 120 5.93 36.37 -2.23
CA ILE K 120 6.23 36.78 -3.60
C ILE K 120 5.65 38.16 -3.83
N GLU K 121 6.47 39.06 -4.38
CA GLU K 121 6.00 40.34 -4.88
C GLU K 121 5.54 40.19 -6.33
N ASP K 122 4.37 40.72 -6.63
CA ASP K 122 3.84 40.69 -7.98
C ASP K 122 2.82 41.82 -8.13
N SER K 123 2.48 42.12 -9.39
CA SER K 123 1.45 43.11 -9.67
C SER K 123 0.05 42.49 -9.65
N TYR K 124 -0.18 41.49 -10.50
CA TYR K 124 -1.49 40.88 -10.64
C TYR K 124 -1.36 39.39 -10.38
N ALA K 125 -2.39 38.81 -9.74
CA ALA K 125 -2.33 37.42 -9.33
C ALA K 125 -3.74 36.89 -9.14
N ALA K 126 -3.86 35.57 -9.24
CA ALA K 126 -5.07 34.88 -8.83
C ALA K 126 -4.69 33.59 -8.12
N VAL K 127 -5.61 33.11 -7.29
CA VAL K 127 -5.33 32.02 -6.35
C VAL K 127 -6.57 31.15 -6.23
N GLY K 128 -6.40 29.84 -6.41
CA GLY K 128 -7.47 28.90 -6.15
C GLY K 128 -7.80 27.99 -7.31
N SER K 129 -9.06 27.56 -7.38
CA SER K 129 -9.45 26.60 -8.42
C SER K 129 -9.43 27.25 -9.80
N GLY K 130 -10.24 28.27 -10.01
CA GLY K 130 -10.34 28.94 -11.29
C GLY K 130 -9.29 30.00 -11.54
N ALA K 131 -8.22 30.03 -10.73
CA ALA K 131 -7.21 31.06 -10.88
C ALA K 131 -6.54 31.01 -12.25
N ARG K 132 -6.29 29.79 -12.74
CA ARG K 132 -5.78 29.60 -14.10
C ARG K 132 -6.58 30.40 -15.12
N VAL K 133 -7.90 30.22 -15.09
CA VAL K 133 -8.78 30.93 -16.03
C VAL K 133 -8.68 32.43 -15.82
N ALA K 134 -8.72 32.87 -14.56
CA ALA K 134 -8.79 34.30 -14.27
C ALA K 134 -7.50 35.03 -14.63
N ILE K 135 -6.35 34.39 -14.38
CA ILE K 135 -5.08 35.01 -14.77
C ILE K 135 -4.98 35.11 -16.29
N GLY K 136 -5.61 34.19 -17.01
CA GLY K 136 -5.68 34.34 -18.46
C GLY K 136 -6.32 35.65 -18.87
N VAL K 137 -7.43 36.01 -18.25
CA VAL K 137 -8.08 37.29 -18.53
C VAL K 137 -7.16 38.45 -18.14
N LEU K 138 -6.48 38.32 -17.00
CA LEU K 138 -5.58 39.37 -16.55
C LEU K 138 -4.37 39.48 -17.46
N GLU K 139 -3.88 38.35 -17.98
CA GLU K 139 -2.72 38.37 -18.86
C GLU K 139 -3.04 38.94 -20.23
N ALA K 140 -4.31 39.05 -20.58
CA ALA K 140 -4.72 39.72 -21.82
C ALA K 140 -4.91 41.21 -21.65
N GLU K 141 -5.46 41.64 -20.50
CA GLU K 141 -5.80 43.04 -20.31
C GLU K 141 -5.06 43.60 -19.09
N TYR K 142 -3.75 43.38 -19.03
CA TYR K 142 -2.92 43.99 -18.00
C TYR K 142 -2.25 45.26 -18.51
N ASN K 143 -2.23 46.28 -17.65
CA ASN K 143 -1.44 47.48 -17.88
C ASN K 143 -0.92 47.97 -16.54
N GLU K 144 0.30 48.50 -16.53
CA GLU K 144 0.82 49.09 -15.30
C GLU K 144 0.11 50.41 -14.99
N SER K 145 -0.41 51.08 -16.01
CA SER K 145 -1.08 52.36 -15.86
C SER K 145 -2.59 52.13 -15.94
N LEU K 146 -3.19 51.84 -14.80
CA LEU K 146 -4.64 51.66 -14.68
C LEU K 146 -5.20 52.67 -13.70
N THR K 147 -6.52 52.79 -13.69
CA THR K 147 -7.24 53.48 -12.62
C THR K 147 -7.91 52.47 -11.71
N SER K 148 -8.36 52.96 -10.55
CA SER K 148 -8.91 52.07 -9.53
C SER K 148 -10.21 51.43 -9.99
N GLU K 149 -11.10 52.22 -10.60
CA GLU K 149 -12.41 51.70 -11.00
C GLU K 149 -12.37 50.96 -12.34
N ALA K 150 -11.40 51.26 -13.20
CA ALA K 150 -11.20 50.43 -14.38
C ALA K 150 -10.66 49.06 -14.02
N ALA K 151 -9.81 48.99 -12.99
CA ALA K 151 -9.33 47.70 -12.52
C ALA K 151 -10.43 46.91 -11.82
N LYS K 152 -11.41 47.61 -11.23
CA LYS K 152 -12.59 46.93 -10.72
C LYS K 152 -13.33 46.19 -11.83
N GLU K 153 -13.51 46.84 -12.98
CA GLU K 153 -14.21 46.20 -14.09
C GLU K 153 -13.39 45.06 -14.68
N LEU K 154 -12.06 45.18 -14.65
CA LEU K 154 -11.22 44.06 -15.08
C LEU K 154 -11.35 42.88 -14.12
N ALA K 155 -11.46 43.16 -12.82
CA ALA K 155 -11.64 42.09 -11.85
C ALA K 155 -13.00 41.44 -11.99
N ILE K 156 -14.02 42.20 -12.38
CA ILE K 156 -15.34 41.62 -12.60
C ILE K 156 -15.34 40.75 -13.85
N LYS K 157 -14.64 41.19 -14.90
CA LYS K 157 -14.55 40.40 -16.12
C LYS K 157 -13.79 39.10 -15.88
N SER K 158 -12.68 39.17 -15.14
CA SER K 158 -11.88 37.98 -14.90
C SER K 158 -12.58 37.03 -13.95
N MET K 159 -13.19 37.55 -12.89
CA MET K 159 -13.96 36.71 -11.99
C MET K 159 -15.19 36.11 -12.67
N LYS K 160 -15.81 36.86 -13.60
CA LYS K 160 -16.97 36.31 -14.30
C LYS K 160 -16.56 35.20 -15.25
N SER K 161 -15.38 35.33 -15.88
CA SER K 161 -14.86 34.23 -16.68
C SER K 161 -14.61 33.00 -15.81
N ALA K 162 -14.09 33.20 -14.60
CA ALA K 162 -13.86 32.09 -13.70
C ALA K 162 -15.17 31.50 -13.18
N VAL K 163 -16.23 32.32 -13.14
CA VAL K 163 -17.53 31.80 -12.74
C VAL K 163 -18.08 30.84 -13.79
N GLU K 164 -17.95 31.22 -15.06
CA GLU K 164 -18.49 30.43 -16.16
C GLU K 164 -17.67 29.17 -16.47
N ARG K 165 -16.41 29.10 -16.04
CA ARG K 165 -15.55 28.00 -16.46
C ARG K 165 -14.91 27.24 -15.32
N ASP K 166 -15.27 27.51 -14.07
CA ASP K 166 -14.81 26.73 -12.94
C ASP K 166 -15.99 26.24 -12.12
N VAL K 167 -16.01 24.94 -11.82
CA VAL K 167 -17.15 24.36 -11.11
C VAL K 167 -17.11 24.69 -9.63
N MET K 168 -15.93 25.01 -9.09
CA MET K 168 -15.75 25.23 -7.67
C MET K 168 -15.97 26.69 -7.28
N SER K 169 -16.01 27.59 -8.26
CA SER K 169 -16.21 29.01 -8.05
C SER K 169 -17.50 29.48 -8.71
N GLY K 170 -17.85 30.74 -8.44
CA GLY K 170 -19.03 31.37 -8.98
C GLY K 170 -19.88 32.12 -7.99
N ASP K 171 -21.20 32.04 -8.14
CA ASP K 171 -22.18 32.71 -7.27
C ASP K 171 -21.83 34.19 -7.19
N GLY K 172 -21.82 34.81 -6.01
CA GLY K 172 -21.51 36.22 -5.88
C GLY K 172 -20.01 36.51 -5.86
N ILE K 173 -19.70 37.80 -5.92
CA ILE K 173 -18.32 38.28 -5.92
C ILE K 173 -18.22 39.45 -4.96
N ASP K 174 -17.19 39.43 -4.11
CA ASP K 174 -16.93 40.48 -3.13
C ASP K 174 -15.70 41.28 -3.54
N ILE K 175 -15.82 42.61 -3.56
CA ILE K 175 -14.73 43.49 -3.94
C ILE K 175 -14.59 44.60 -2.90
N LEU K 176 -13.35 44.91 -2.52
CA LEU K 176 -13.06 45.98 -1.55
C LEU K 176 -11.86 46.78 -2.05
N ILE K 177 -12.12 48.01 -2.51
CA ILE K 177 -11.07 48.89 -2.98
C ILE K 177 -10.18 49.32 -1.81
N ILE K 178 -8.88 49.51 -2.09
CA ILE K 178 -7.91 49.90 -1.07
C ILE K 178 -7.01 50.98 -1.66
N ASN K 179 -7.52 52.21 -1.73
CA ASN K 179 -6.74 53.33 -2.25
C ASN K 179 -5.75 53.82 -1.20
N LYS K 180 -6.27 54.47 -0.15
CA LYS K 180 -5.43 54.98 0.91
C LYS K 180 -5.77 54.33 2.24
N THR L 2 -28.58 14.04 9.32
CA THR L 2 -29.54 15.01 8.80
C THR L 2 -29.95 15.99 9.89
N ALA L 3 -29.81 17.29 9.60
CA ALA L 3 -30.21 18.34 10.52
C ALA L 3 -30.42 19.61 9.71
N ILE L 4 -31.48 20.34 10.03
CA ILE L 4 -31.95 21.46 9.23
C ILE L 4 -32.13 22.68 10.12
N GLY L 5 -31.55 23.80 9.71
CA GLY L 5 -31.82 25.09 10.32
C GLY L 5 -32.44 26.04 9.33
N ILE L 6 -33.46 26.77 9.78
CA ILE L 6 -34.16 27.75 8.97
C ILE L 6 -34.19 29.08 9.71
N LYS L 7 -33.72 30.13 9.04
CA LYS L 7 -33.64 31.46 9.62
C LYS L 7 -34.89 32.25 9.23
N THR L 8 -35.69 32.63 10.23
CA THR L 8 -36.84 33.49 10.04
C THR L 8 -36.60 34.85 10.68
N LYS L 9 -37.39 35.83 10.26
CA LYS L 9 -37.41 37.11 10.95
C LYS L 9 -37.87 36.95 12.39
N ASP L 10 -38.73 35.96 12.66
CA ASP L 10 -39.24 35.74 14.01
C ASP L 10 -38.25 34.96 14.88
N GLY L 11 -37.38 34.15 14.27
CA GLY L 11 -36.42 33.39 15.04
C GLY L 11 -35.76 32.33 14.18
N VAL L 12 -35.15 31.36 14.85
CA VAL L 12 -34.40 30.29 14.20
C VAL L 12 -35.03 28.96 14.59
N VAL L 13 -35.27 28.11 13.60
CA VAL L 13 -35.89 26.79 13.80
C VAL L 13 -34.86 25.72 13.44
N LEU L 14 -34.65 24.78 14.37
CA LEU L 14 -33.77 23.65 14.14
C LEU L 14 -34.54 22.34 14.25
N ALA L 15 -34.13 21.36 13.45
CA ALA L 15 -34.77 20.04 13.44
C ALA L 15 -33.78 19.03 12.89
N ALA L 16 -33.81 17.81 13.45
CA ALA L 16 -32.92 16.76 12.98
C ALA L 16 -33.54 15.39 13.26
N GLU L 17 -32.86 14.36 12.77
CA GLU L 17 -33.31 12.98 12.86
C GLU L 17 -33.18 12.47 14.29
N ARG L 18 -33.62 11.22 14.50
CA ARG L 18 -33.41 10.51 15.75
C ARG L 18 -33.02 9.06 15.47
N ARG L 19 -32.09 8.85 14.54
CA ARG L 19 -31.69 7.51 14.09
C ARG L 19 -30.18 7.39 14.08
N LEU L 20 -29.68 6.29 14.64
CA LEU L 20 -28.26 5.96 14.60
C LEU L 20 -28.10 4.56 14.03
N SER L 21 -27.29 4.44 12.98
CA SER L 21 -27.01 3.16 12.34
C SER L 21 -25.52 3.06 12.07
N TYR L 22 -24.88 2.04 12.63
CA TYR L 22 -23.51 1.71 12.29
C TYR L 22 -23.49 0.64 11.20
N GLY L 23 -22.81 0.93 10.10
CA GLY L 23 -22.74 -0.01 9.01
C GLY L 23 -24.04 -0.02 8.24
N ASP L 24 -24.61 -1.22 8.08
CA ASP L 24 -25.92 -1.40 7.48
C ASP L 24 -27.01 -1.75 8.49
N PHE L 25 -26.72 -1.54 9.78
CA PHE L 25 -27.59 -2.03 10.85
C PHE L 25 -27.95 -0.89 11.79
N VAL L 26 -29.24 -0.77 12.10
CA VAL L 26 -29.74 0.26 13.00
C VAL L 26 -29.56 -0.21 14.43
N LEU L 27 -28.79 0.56 15.21
CA LEU L 27 -28.65 0.26 16.63
C LEU L 27 -29.77 0.86 17.47
N SER L 28 -30.31 2.02 17.08
CA SER L 28 -31.29 2.70 17.91
C SER L 28 -32.26 3.52 17.07
N LYS L 29 -33.55 3.40 17.38
CA LYS L 29 -34.58 4.23 16.78
C LYS L 29 -34.75 5.56 17.51
N SER L 30 -34.06 5.75 18.63
CA SER L 30 -34.20 6.96 19.45
C SER L 30 -32.81 7.41 19.90
N ALA L 31 -32.14 8.18 19.04
CA ALA L 31 -30.85 8.77 19.36
C ALA L 31 -30.96 10.28 19.16
N ARG L 32 -30.93 11.02 20.26
CA ARG L 32 -31.12 12.46 20.21
C ARG L 32 -29.94 13.14 19.55
N LYS L 33 -30.21 13.91 18.48
CA LYS L 33 -29.19 14.70 17.80
C LYS L 33 -29.49 16.20 17.85
N VAL L 34 -30.52 16.60 18.60
CA VAL L 34 -30.82 18.01 18.83
C VAL L 34 -30.74 18.27 20.32
N PHE L 35 -30.00 19.32 20.69
CA PHE L 35 -29.78 19.65 22.10
C PHE L 35 -30.00 21.13 22.30
N LYS L 36 -30.59 21.48 23.44
CA LYS L 36 -30.77 22.87 23.83
C LYS L 36 -29.77 23.22 24.93
N LEU L 37 -29.07 24.33 24.76
CA LEU L 37 -28.07 24.79 25.72
C LEU L 37 -28.62 25.83 26.69
N GLY L 38 -29.91 26.15 26.60
CA GLY L 38 -30.48 27.26 27.35
C GLY L 38 -31.05 28.27 26.38
N ARG L 39 -30.43 29.45 26.30
CA ARG L 39 -30.85 30.42 25.29
C ARG L 39 -30.56 29.92 23.88
N PHE L 40 -29.61 29.02 23.72
CA PHE L 40 -29.15 28.56 22.43
C PHE L 40 -29.53 27.11 22.22
N GLY L 41 -29.61 26.72 20.95
CA GLY L 41 -29.85 25.33 20.57
C GLY L 41 -28.92 24.93 19.45
N ILE L 42 -28.32 23.74 19.54
CA ILE L 42 -27.46 23.23 18.48
C ILE L 42 -27.96 21.85 18.07
N ALA L 43 -27.58 21.46 16.85
CA ALA L 43 -27.89 20.14 16.32
C ALA L 43 -26.96 19.88 15.14
N GLY L 44 -26.37 18.68 15.10
CA GLY L 44 -25.41 18.36 14.07
C GLY L 44 -25.50 16.91 13.67
N ALA L 45 -24.59 16.51 12.78
CA ALA L 45 -24.55 15.14 12.29
C ALA L 45 -23.11 14.67 12.25
N GLY L 46 -22.92 13.36 12.26
CA GLY L 46 -21.61 12.77 12.34
C GLY L 46 -21.56 11.70 13.40
N ILE L 47 -20.42 11.56 14.07
CA ILE L 47 -20.33 10.64 15.21
C ILE L 47 -21.11 11.23 16.38
N VAL L 48 -21.89 10.37 17.06
CA VAL L 48 -22.78 10.85 18.10
C VAL L 48 -21.99 11.27 19.33
N GLY L 49 -20.91 10.57 19.64
CA GLY L 49 -20.18 10.86 20.86
C GLY L 49 -19.48 12.20 20.80
N ASP L 50 -18.98 12.58 19.63
CA ASP L 50 -18.41 13.92 19.47
C ASP L 50 -19.47 15.00 19.64
N ILE L 51 -20.66 14.77 19.10
CA ILE L 51 -21.74 15.75 19.23
C ILE L 51 -22.19 15.86 20.68
N GLN L 52 -22.30 14.73 21.39
CA GLN L 52 -22.76 14.76 22.77
C GLN L 52 -21.77 15.46 23.68
N THR L 53 -20.46 15.18 23.51
CA THR L 53 -19.45 15.84 24.33
C THR L 53 -19.29 17.30 23.97
N LEU L 54 -19.63 17.69 22.75
CA LEU L 54 -19.58 19.11 22.38
C LEU L 54 -20.77 19.89 22.92
N THR L 55 -21.93 19.24 23.05
CA THR L 55 -23.04 19.88 23.74
C THR L 55 -22.71 20.10 25.21
N ARG L 56 -22.00 19.15 25.82
CA ARG L 56 -21.69 19.24 27.24
C ARG L 56 -20.56 20.23 27.51
N ILE L 57 -19.52 20.21 26.66
CA ILE L 57 -18.41 21.17 26.80
C ILE L 57 -18.93 22.59 26.59
N MET L 58 -19.74 22.79 25.54
CA MET L 58 -20.26 24.13 25.28
C MET L 58 -21.22 24.58 26.36
N ASN L 59 -21.98 23.66 26.95
CA ASN L 59 -22.84 24.01 28.07
C ASN L 59 -22.03 24.46 29.27
N VAL L 60 -20.90 23.78 29.54
CA VAL L 60 -20.04 24.16 30.66
C VAL L 60 -19.46 25.54 30.44
N GLU L 61 -18.93 25.79 29.23
CA GLU L 61 -18.26 27.05 28.96
C GLU L 61 -19.23 28.19 28.70
N ILE L 62 -20.49 27.88 28.34
CA ILE L 62 -21.53 28.91 28.36
C ILE L 62 -21.76 29.38 29.79
N LYS L 63 -21.80 28.43 30.73
CA LYS L 63 -21.91 28.80 32.14
C LYS L 63 -20.66 29.50 32.63
N TYR L 64 -19.50 29.16 32.07
CA TYR L 64 -18.25 29.84 32.39
C TYR L 64 -18.32 31.32 32.03
N TYR L 65 -18.69 31.62 30.78
CA TYR L 65 -18.77 33.00 30.31
C TYR L 65 -19.88 33.77 31.03
N GLU L 66 -21.00 33.11 31.32
CA GLU L 66 -22.14 33.81 31.90
C GLU L 66 -21.92 34.18 33.36
N MET L 67 -21.15 33.40 34.10
CA MET L 67 -20.86 33.71 35.50
C MET L 67 -19.75 34.73 35.69
N TYR L 68 -18.90 34.95 34.68
CA TYR L 68 -17.78 35.87 34.83
C TYR L 68 -18.03 37.28 34.29
N ASN L 69 -18.97 37.46 33.34
CA ASN L 69 -19.01 38.69 32.59
C ASN L 69 -20.35 39.42 32.67
N SER L 70 -21.40 38.79 33.18
CA SER L 70 -22.69 39.41 33.46
C SER L 70 -23.43 39.84 32.20
N ARG L 71 -22.76 39.74 31.04
CA ARG L 71 -23.44 39.86 29.75
C ARG L 71 -23.81 38.48 29.23
N LYS L 72 -25.00 38.37 28.66
CA LYS L 72 -25.38 37.12 28.04
C LYS L 72 -24.55 36.90 26.78
N ILE L 73 -24.46 35.63 26.37
CA ILE L 73 -23.58 35.27 25.27
C ILE L 73 -24.19 35.70 23.94
N SER L 74 -23.41 36.44 23.15
CA SER L 74 -23.75 36.65 21.76
C SER L 74 -23.54 35.36 20.98
N ALA L 75 -24.50 35.02 20.12
CA ALA L 75 -24.38 33.81 19.31
C ALA L 75 -23.09 33.81 18.50
N ARG L 76 -22.63 34.99 18.08
CA ARG L 76 -21.35 35.08 17.39
C ARG L 76 -20.20 34.68 18.31
N ALA L 77 -20.28 35.04 19.59
CA ALA L 77 -19.21 34.73 20.53
C ALA L 77 -19.13 33.24 20.81
N ALA L 78 -20.27 32.58 21.00
CA ALA L 78 -20.27 31.14 21.22
C ALA L 78 -19.89 30.38 19.97
N ALA L 79 -20.15 30.95 18.79
CA ALA L 79 -19.75 30.29 17.54
C ALA L 79 -18.24 30.36 17.35
N LYS L 80 -17.65 31.54 17.57
CA LYS L 80 -16.21 31.67 17.44
C LYS L 80 -15.49 30.83 18.50
N LEU L 81 -16.05 30.75 19.71
CA LEU L 81 -15.51 29.84 20.71
C LEU L 81 -15.57 28.40 20.23
N LEU L 82 -16.70 27.99 19.66
CA LEU L 82 -16.85 26.60 19.23
C LEU L 82 -15.98 26.31 18.02
N SER L 83 -15.68 27.33 17.22
CA SER L 83 -14.76 27.16 16.11
C SER L 83 -13.34 26.93 16.61
N VAL L 84 -12.96 27.57 17.71
CA VAL L 84 -11.63 27.38 18.27
C VAL L 84 -11.53 26.01 18.94
N ILE L 85 -12.61 25.57 19.59
CA ILE L 85 -12.61 24.25 20.21
C ILE L 85 -12.47 23.15 19.16
N LEU L 86 -13.16 23.31 18.02
CA LEU L 86 -12.99 22.38 16.92
C LEU L 86 -11.61 22.50 16.29
N TYR L 87 -11.00 23.69 16.32
CA TYR L 87 -9.79 23.93 15.56
C TYR L 87 -8.53 23.54 16.33
N GLN L 88 -8.57 23.62 17.66
CA GLN L 88 -7.41 23.22 18.45
C GLN L 88 -7.12 21.73 18.29
N ASN L 89 -8.15 20.93 18.10
CA ASN L 89 -8.01 19.49 17.86
C ASN L 89 -8.04 19.18 16.36
N LYS L 90 -7.18 19.86 15.61
CA LYS L 90 -7.09 19.62 14.18
C LYS L 90 -6.41 18.29 13.87
N VAL L 91 -5.49 17.85 14.74
CA VAL L 91 -4.79 16.59 14.52
C VAL L 91 -5.75 15.43 14.62
N LEU L 92 -6.64 15.45 15.62
CA LEU L 92 -7.67 14.43 15.83
C LEU L 92 -9.01 15.16 15.82
N PRO L 93 -9.57 15.40 14.64
CA PRO L 93 -10.75 16.27 14.55
C PRO L 93 -12.00 15.59 15.11
N TYR L 94 -12.80 16.38 15.82
CA TYR L 94 -14.14 15.97 16.21
C TYR L 94 -14.95 15.73 14.94
N ILE L 95 -15.20 14.47 14.60
CA ILE L 95 -15.78 14.15 13.29
C ILE L 95 -17.27 14.43 13.35
N SER L 96 -17.64 15.68 13.09
CA SER L 96 -19.02 16.14 13.24
C SER L 96 -19.18 17.50 12.58
N GLU L 97 -20.16 17.63 11.70
CA GLU L 97 -20.55 18.92 11.16
C GLU L 97 -21.76 19.43 11.93
N LEU L 98 -21.73 20.70 12.32
CA LEU L 98 -22.64 21.24 13.32
C LEU L 98 -23.41 22.42 12.79
N LEU L 99 -24.62 22.62 13.34
CA LEU L 99 -25.43 23.80 13.10
C LEU L 99 -25.65 24.49 14.42
N PHE L 100 -25.31 25.78 14.48
CA PHE L 100 -25.41 26.57 15.70
C PHE L 100 -26.47 27.65 15.48
N GLY L 101 -27.48 27.66 16.35
CA GLY L 101 -28.61 28.55 16.18
C GLY L 101 -28.98 29.30 17.45
N GLY L 102 -29.17 30.61 17.33
CA GLY L 102 -29.56 31.42 18.47
C GLY L 102 -30.15 32.73 18.00
N VAL L 103 -30.59 33.53 18.97
CA VAL L 103 -31.12 34.86 18.72
C VAL L 103 -30.41 35.85 19.62
N ASP L 104 -29.84 36.89 19.03
CA ASP L 104 -29.21 37.99 19.76
C ASP L 104 -30.00 39.27 19.53
N GLU L 105 -29.51 40.35 20.15
CA GLU L 105 -30.10 41.67 19.93
C GLU L 105 -29.84 42.16 18.51
N ASP L 106 -28.78 41.68 17.86
CA ASP L 106 -28.56 41.98 16.46
C ASP L 106 -29.60 41.31 15.57
N GLY L 107 -30.17 40.20 16.02
CA GLY L 107 -31.19 39.51 15.27
C GLY L 107 -31.01 38.01 15.32
N PRO L 108 -31.78 37.30 14.49
CA PRO L 108 -31.61 35.83 14.41
C PRO L 108 -30.32 35.48 13.68
N LYS L 109 -29.62 34.47 14.21
CA LYS L 109 -28.33 34.08 13.68
C LYS L 109 -28.26 32.56 13.57
N LEU L 110 -27.81 32.08 12.41
CA LEU L 110 -27.65 30.66 12.17
C LEU L 110 -26.25 30.42 11.61
N PHE L 111 -25.64 29.30 12.02
CA PHE L 111 -24.21 29.09 11.85
C PHE L 111 -23.93 27.66 11.43
N ILE L 112 -22.94 27.49 10.56
CA ILE L 112 -22.51 26.18 10.09
C ILE L 112 -21.07 25.97 10.55
N LEU L 113 -20.79 24.80 11.13
CA LEU L 113 -19.47 24.48 11.64
C LEU L 113 -18.98 23.17 11.04
N ASP L 114 -17.71 23.15 10.65
CA ASP L 114 -17.03 21.98 10.11
C ASP L 114 -16.17 21.31 11.17
N PRO L 115 -15.80 20.05 10.99
CA PRO L 115 -14.90 19.39 11.95
C PRO L 115 -13.55 20.07 12.08
N ILE L 116 -13.11 20.80 11.05
CA ILE L 116 -11.91 21.62 11.20
C ILE L 116 -12.21 22.86 12.04
N GLY L 117 -13.40 23.44 11.87
CA GLY L 117 -13.79 24.57 12.68
C GLY L 117 -14.14 25.83 11.92
N SER L 118 -14.53 25.69 10.65
CA SER L 118 -14.88 26.83 9.84
C SER L 118 -16.29 27.30 10.16
N LEU L 119 -16.44 28.60 10.41
CA LEU L 119 -17.72 29.19 10.77
C LEU L 119 -18.34 29.87 9.55
N ILE L 120 -19.59 29.51 9.25
CA ILE L 120 -20.32 30.08 8.12
C ILE L 120 -21.66 30.57 8.62
N GLU L 121 -22.01 31.80 8.26
CA GLU L 121 -23.33 32.35 8.52
C GLU L 121 -24.20 32.23 7.28
N ASP L 122 -25.41 31.70 7.45
CA ASP L 122 -26.30 31.43 6.34
C ASP L 122 -27.72 31.36 6.85
N SER L 123 -28.68 31.54 5.94
CA SER L 123 -30.08 31.54 6.32
C SER L 123 -30.58 30.12 6.56
N TYR L 124 -30.46 29.26 5.54
CA TYR L 124 -30.98 27.90 5.61
C TYR L 124 -29.84 26.94 5.33
N ALA L 125 -29.84 25.81 6.01
CA ALA L 125 -28.74 24.87 5.89
C ALA L 125 -29.20 23.47 6.27
N ALA L 126 -28.49 22.48 5.75
CA ALA L 126 -28.64 21.11 6.21
C ALA L 126 -27.26 20.45 6.28
N VAL L 127 -27.16 19.41 7.09
CA VAL L 127 -25.89 18.82 7.46
C VAL L 127 -26.08 17.31 7.60
N GLY L 128 -25.24 16.54 6.90
CA GLY L 128 -25.20 15.11 7.11
C GLY L 128 -25.39 14.29 5.85
N SER L 129 -25.94 13.09 6.01
CA SER L 129 -26.11 12.18 4.88
C SER L 129 -27.17 12.69 3.91
N GLY L 130 -28.41 12.83 4.39
CA GLY L 130 -29.50 13.28 3.55
C GLY L 130 -29.62 14.78 3.40
N ALA L 131 -28.59 15.53 3.78
CA ALA L 131 -28.66 16.98 3.70
C ALA L 131 -28.85 17.45 2.26
N ARG L 132 -28.17 16.78 1.32
CA ARG L 132 -28.35 17.02 -0.10
C ARG L 132 -29.83 17.03 -0.48
N VAL L 133 -30.56 15.98 -0.09
CA VAL L 133 -31.98 15.87 -0.41
C VAL L 133 -32.76 17.01 0.24
N ALA L 134 -32.46 17.28 1.52
CA ALA L 134 -33.28 18.23 2.27
C ALA L 134 -33.08 19.66 1.79
N ILE L 135 -31.86 20.02 1.42
CA ILE L 135 -31.61 21.36 0.89
C ILE L 135 -32.33 21.58 -0.43
N GLY L 136 -32.54 20.51 -1.19
CA GLY L 136 -33.37 20.61 -2.38
C GLY L 136 -34.76 21.14 -2.07
N VAL L 137 -35.40 20.59 -1.04
CA VAL L 137 -36.72 21.07 -0.64
C VAL L 137 -36.63 22.52 -0.16
N LEU L 138 -35.58 22.84 0.60
CA LEU L 138 -35.41 24.20 1.08
C LEU L 138 -35.13 25.17 -0.06
N GLU L 139 -34.37 24.73 -1.07
CA GLU L 139 -34.06 25.61 -2.20
C GLU L 139 -35.28 25.85 -3.08
N ALA L 140 -36.26 24.95 -3.05
CA ALA L 140 -37.53 25.19 -3.74
C ALA L 140 -38.36 26.26 -3.03
N GLU L 141 -38.59 26.09 -1.73
CA GLU L 141 -39.66 26.79 -1.02
C GLU L 141 -39.15 27.48 0.23
N TYR L 142 -38.05 28.22 0.12
CA TYR L 142 -37.59 29.08 1.22
C TYR L 142 -37.73 30.55 0.85
N ASN L 143 -38.06 31.36 1.85
CA ASN L 143 -38.23 32.79 1.71
C ASN L 143 -37.46 33.48 2.82
N GLU L 144 -37.23 34.80 2.64
CA GLU L 144 -36.67 35.57 3.75
C GLU L 144 -37.75 36.01 4.73
N SER L 145 -38.99 36.16 4.27
CA SER L 145 -40.09 36.61 5.12
C SER L 145 -40.96 35.39 5.43
N LEU L 146 -40.60 34.69 6.50
CA LEU L 146 -41.36 33.54 6.97
C LEU L 146 -41.83 33.79 8.40
N THR L 147 -42.76 32.95 8.84
CA THR L 147 -43.10 32.86 10.26
C THR L 147 -42.50 31.59 10.87
N SER L 148 -42.53 31.53 12.20
CA SER L 148 -41.87 30.44 12.90
C SER L 148 -42.55 29.11 12.62
N GLU L 149 -43.88 29.09 12.63
CA GLU L 149 -44.62 27.85 12.45
C GLU L 149 -44.75 27.45 10.98
N ALA L 150 -44.66 28.39 10.05
CA ALA L 150 -44.55 28.03 8.64
C ALA L 150 -43.19 27.40 8.34
N ALA L 151 -42.13 27.88 8.99
CA ALA L 151 -40.83 27.24 8.82
C ALA L 151 -40.77 25.88 9.50
N LYS L 152 -41.56 25.69 10.56
CA LYS L 152 -41.71 24.36 11.14
C LYS L 152 -42.30 23.39 10.12
N GLU L 153 -43.33 23.81 9.40
CA GLU L 153 -43.95 22.94 8.41
C GLU L 153 -43.03 22.70 7.21
N LEU L 154 -42.22 23.70 6.85
CA LEU L 154 -41.23 23.50 5.81
C LEU L 154 -40.15 22.52 6.24
N ALA L 155 -39.76 22.56 7.52
CA ALA L 155 -38.76 21.63 8.01
C ALA L 155 -39.29 20.20 8.06
N ILE L 156 -40.60 20.03 8.32
CA ILE L 156 -41.18 18.69 8.31
C ILE L 156 -41.24 18.15 6.88
N LYS L 157 -41.56 19.01 5.92
CA LYS L 157 -41.60 18.57 4.52
C LYS L 157 -40.20 18.18 4.03
N SER L 158 -39.20 18.99 4.37
CA SER L 158 -37.84 18.73 3.91
C SER L 158 -37.24 17.51 4.61
N MET L 159 -37.46 17.39 5.93
CA MET L 159 -36.97 16.22 6.63
C MET L 159 -37.68 14.94 6.19
N LYS L 160 -38.96 15.03 5.83
CA LYS L 160 -39.68 13.85 5.37
C LYS L 160 -39.18 13.41 4.00
N SER L 161 -38.85 14.37 3.13
CA SER L 161 -38.22 14.03 1.86
C SER L 161 -36.89 13.33 2.06
N ALA L 162 -36.09 13.80 3.04
CA ALA L 162 -34.82 13.16 3.32
C ALA L 162 -35.01 11.79 3.96
N VAL L 163 -36.13 11.57 4.64
CA VAL L 163 -36.42 10.27 5.21
C VAL L 163 -36.72 9.27 4.10
N GLU L 164 -37.51 9.68 3.10
CA GLU L 164 -37.93 8.77 2.04
C GLU L 164 -36.82 8.46 1.04
N ARG L 165 -35.77 9.28 0.96
CA ARG L 165 -34.77 9.12 -0.10
C ARG L 165 -33.35 8.99 0.42
N ASP L 166 -33.15 8.89 1.74
CA ASP L 166 -31.83 8.64 2.30
C ASP L 166 -31.91 7.45 3.25
N VAL L 167 -30.98 6.50 3.09
CA VAL L 167 -31.04 5.28 3.89
C VAL L 167 -30.56 5.52 5.32
N MET L 168 -29.76 6.56 5.56
CA MET L 168 -29.27 6.83 6.90
C MET L 168 -30.32 7.51 7.77
N SER L 169 -31.17 8.35 7.18
CA SER L 169 -32.21 9.03 7.94
C SER L 169 -33.28 8.05 8.44
N GLY L 170 -33.90 8.41 9.56
CA GLY L 170 -34.93 7.59 10.16
C GLY L 170 -36.29 8.24 10.29
N ASP L 171 -37.15 7.64 11.10
CA ASP L 171 -38.49 8.17 11.31
C ASP L 171 -38.51 9.22 12.41
N GLY L 172 -37.70 9.04 13.45
CA GLY L 172 -37.61 10.00 14.54
C GLY L 172 -37.40 11.42 14.07
N ILE L 173 -38.20 12.35 14.57
CA ILE L 173 -38.09 13.76 14.19
C ILE L 173 -38.16 14.61 15.43
N ASP L 174 -37.16 15.49 15.61
CA ASP L 174 -37.08 16.38 16.75
C ASP L 174 -37.04 17.81 16.24
N ILE L 175 -37.86 18.67 16.80
CA ILE L 175 -38.01 20.04 16.33
C ILE L 175 -37.81 21.00 17.50
N LEU L 176 -36.95 22.00 17.32
CA LEU L 176 -36.65 22.99 18.34
C LEU L 176 -36.68 24.37 17.69
N ILE L 177 -37.64 25.20 18.11
CA ILE L 177 -37.79 26.56 17.59
C ILE L 177 -37.12 27.51 18.56
N ILE L 178 -36.14 28.26 18.10
CA ILE L 178 -35.39 29.19 18.94
C ILE L 178 -35.98 30.59 18.76
N ASN L 179 -36.69 31.06 19.79
CA ASN L 179 -37.31 32.40 19.77
C ASN L 179 -37.60 32.81 21.22
N LYS L 180 -36.64 33.48 21.85
CA LYS L 180 -36.73 33.94 23.23
C LYS L 180 -37.22 32.86 24.20
N ASN L 181 -38.33 32.21 23.87
CA ASN L 181 -38.93 31.15 24.68
C ASN L 181 -38.90 29.86 23.87
N ASN L 182 -38.43 28.79 24.52
CA ASN L 182 -38.30 27.47 23.90
C ASN L 182 -37.53 27.54 22.59
N THR M 2 -22.80 -10.98 22.12
CA THR M 2 -24.25 -10.97 22.29
C THR M 2 -24.64 -10.64 23.72
N ALA M 3 -25.50 -9.62 23.86
CA ALA M 3 -26.01 -9.21 25.16
C ALA M 3 -27.30 -8.46 24.94
N ILE M 4 -28.30 -8.73 25.79
CA ILE M 4 -29.65 -8.25 25.58
C ILE M 4 -30.15 -7.57 26.86
N GLY M 5 -30.68 -6.36 26.71
CA GLY M 5 -31.38 -5.68 27.78
C GLY M 5 -32.82 -5.42 27.39
N ILE M 6 -33.73 -5.66 28.34
CA ILE M 6 -35.17 -5.47 28.13
C ILE M 6 -35.70 -4.58 29.25
N LYS M 7 -36.37 -3.49 28.87
CA LYS M 7 -36.91 -2.53 29.82
C LYS M 7 -38.38 -2.85 30.10
N THR M 8 -38.68 -3.15 31.36
CA THR M 8 -40.05 -3.34 31.83
C THR M 8 -40.44 -2.17 32.71
N LYS M 9 -41.75 -1.94 32.80
CA LYS M 9 -42.25 -0.62 33.21
C LYS M 9 -41.73 -0.21 34.58
N ASP M 10 -41.44 -1.18 35.45
CA ASP M 10 -40.60 -0.96 36.63
C ASP M 10 -39.65 -2.17 36.76
N GLY M 11 -38.52 -2.09 36.08
CA GLY M 11 -37.51 -3.13 36.17
C GLY M 11 -36.77 -3.32 34.86
N VAL M 12 -35.54 -3.80 34.97
CA VAL M 12 -34.63 -3.96 33.83
C VAL M 12 -34.06 -5.37 33.87
N VAL M 13 -34.08 -6.05 32.73
CA VAL M 13 -33.59 -7.42 32.62
C VAL M 13 -32.38 -7.41 31.68
N LEU M 14 -31.27 -7.99 32.14
CA LEU M 14 -30.07 -8.14 31.33
C LEU M 14 -29.71 -9.61 31.18
N ALA M 15 -29.15 -9.95 30.02
CA ALA M 15 -28.73 -11.31 29.74
C ALA M 15 -27.67 -11.29 28.65
N ALA M 16 -26.68 -12.17 28.74
CA ALA M 16 -25.64 -12.23 27.73
C ALA M 16 -25.05 -13.63 27.67
N GLU M 17 -24.18 -13.83 26.68
CA GLU M 17 -23.55 -15.12 26.41
C GLU M 17 -22.53 -15.45 27.49
N ARG M 18 -21.94 -16.65 27.40
CA ARG M 18 -20.80 -17.01 28.24
C ARG M 18 -19.77 -17.81 27.44
N ARG M 19 -19.45 -17.35 26.23
CA ARG M 19 -18.54 -18.07 25.34
C ARG M 19 -17.55 -17.08 24.76
N LEU M 20 -16.27 -17.43 24.77
CA LEU M 20 -15.22 -16.62 24.15
C LEU M 20 -14.43 -17.44 23.16
N SER M 21 -14.34 -16.93 21.93
CA SER M 21 -13.60 -17.60 20.85
C SER M 21 -12.76 -16.55 20.14
N TYR M 22 -11.45 -16.76 20.10
CA TYR M 22 -10.56 -15.95 19.29
C TYR M 22 -10.36 -16.62 17.94
N GLY M 23 -10.62 -15.88 16.88
CA GLY M 23 -10.47 -16.44 15.54
C GLY M 23 -11.63 -17.37 15.23
N ASP M 24 -11.29 -18.60 14.84
CA ASP M 24 -12.28 -19.64 14.60
C ASP M 24 -12.28 -20.70 15.70
N PHE M 25 -11.65 -20.43 16.84
CA PHE M 25 -11.40 -21.45 17.85
C PHE M 25 -11.91 -20.96 19.20
N VAL M 26 -12.66 -21.82 19.88
CA VAL M 26 -13.21 -21.50 21.20
C VAL M 26 -12.14 -21.71 22.26
N LEU M 27 -11.78 -20.64 22.96
CA LEU M 27 -10.86 -20.76 24.09
C LEU M 27 -11.57 -21.16 25.38
N SER M 28 -12.81 -20.73 25.57
CA SER M 28 -13.48 -20.95 26.85
C SER M 28 -15.00 -21.09 26.66
N LYS M 29 -15.58 -22.09 27.30
CA LYS M 29 -17.02 -22.24 27.36
C LYS M 29 -17.65 -21.47 28.52
N SER M 30 -16.85 -20.85 29.38
CA SER M 30 -17.36 -20.14 30.56
C SER M 30 -16.59 -18.83 30.70
N ALA M 31 -17.06 -17.79 30.01
CA ALA M 31 -16.51 -16.45 30.11
C ALA M 31 -17.62 -15.49 30.50
N ARG M 32 -17.56 -14.96 31.71
CA ARG M 32 -18.61 -14.09 32.23
C ARG M 32 -18.62 -12.77 31.49
N LYS M 33 -19.77 -12.41 30.91
CA LYS M 33 -19.93 -11.13 30.24
C LYS M 33 -21.03 -10.28 30.88
N VAL M 34 -21.59 -10.71 32.01
CA VAL M 34 -22.55 -9.93 32.77
C VAL M 34 -21.96 -9.69 34.15
N PHE M 35 -21.99 -8.45 34.61
CA PHE M 35 -21.38 -8.08 35.88
C PHE M 35 -22.35 -7.23 36.71
N LYS M 36 -22.25 -7.39 38.02
CA LYS M 36 -23.02 -6.62 38.98
C LYS M 36 -22.14 -5.55 39.62
N LEU M 37 -22.70 -4.36 39.80
CA LEU M 37 -21.97 -3.25 40.42
C LEU M 37 -22.67 -2.69 41.66
N GLY M 38 -23.81 -3.25 42.04
CA GLY M 38 -24.55 -2.77 43.19
C GLY M 38 -26.03 -3.05 43.05
N ARG M 39 -26.87 -2.03 43.20
CA ARG M 39 -28.29 -2.18 42.90
C ARG M 39 -28.52 -2.41 41.42
N PHE M 40 -27.57 -2.02 40.57
CA PHE M 40 -27.64 -2.17 39.13
C PHE M 40 -26.44 -2.95 38.62
N GLY M 41 -26.37 -3.13 37.30
CA GLY M 41 -25.37 -3.99 36.70
C GLY M 41 -25.20 -3.68 35.23
N ILE M 42 -24.08 -4.15 34.69
CA ILE M 42 -23.73 -3.87 33.30
C ILE M 42 -23.35 -5.18 32.61
N ALA M 43 -23.42 -5.16 31.28
CA ALA M 43 -23.02 -6.31 30.46
C ALA M 43 -22.79 -5.83 29.04
N GLY M 44 -21.68 -6.26 28.45
CA GLY M 44 -21.31 -5.81 27.11
C GLY M 44 -20.64 -6.91 26.33
N ALA M 45 -20.22 -6.56 25.12
CA ALA M 45 -19.55 -7.49 24.22
C ALA M 45 -18.36 -6.81 23.57
N GLY M 46 -17.43 -7.62 23.08
CA GLY M 46 -16.19 -7.11 22.53
C GLY M 46 -14.99 -7.84 23.08
N ILE M 47 -13.88 -7.13 23.25
CA ILE M 47 -12.73 -7.72 23.93
C ILE M 47 -13.03 -7.86 25.41
N VAL M 48 -12.67 -9.01 25.98
CA VAL M 48 -13.06 -9.32 27.35
C VAL M 48 -12.27 -8.46 28.34
N GLY M 49 -11.01 -8.19 28.03
CA GLY M 49 -10.18 -7.46 28.98
C GLY M 49 -10.62 -6.03 29.16
N ASP M 50 -11.08 -5.40 28.08
CA ASP M 50 -11.64 -4.05 28.18
C ASP M 50 -12.92 -4.05 29.02
N ILE M 51 -13.76 -5.06 28.84
CA ILE M 51 -15.00 -5.13 29.59
C ILE M 51 -14.73 -5.37 31.07
N GLN M 52 -13.77 -6.24 31.38
CA GLN M 52 -13.48 -6.54 32.78
C GLN M 52 -12.87 -5.35 33.50
N THR M 53 -11.95 -4.64 32.85
CA THR M 53 -11.34 -3.46 33.46
C THR M 53 -12.32 -2.30 33.57
N LEU M 54 -13.34 -2.26 32.71
CA LEU M 54 -14.38 -1.24 32.83
C LEU M 54 -15.37 -1.56 33.93
N THR M 55 -15.64 -2.84 34.19
CA THR M 55 -16.43 -3.20 35.36
C THR M 55 -15.71 -2.84 36.64
N ARG M 56 -14.39 -3.01 36.67
CA ARG M 56 -13.62 -2.76 37.89
C ARG M 56 -13.41 -1.27 38.12
N ILE M 57 -13.10 -0.52 37.06
CA ILE M 57 -12.94 0.92 37.20
C ILE M 57 -14.26 1.57 37.62
N MET M 58 -15.36 1.16 36.98
CA MET M 58 -16.65 1.72 37.34
C MET M 58 -17.08 1.31 38.74
N ASN M 59 -16.69 0.10 39.17
CA ASN M 59 -16.97 -0.31 40.54
C ASN M 59 -16.23 0.56 41.53
N VAL M 60 -14.98 0.92 41.22
CA VAL M 60 -14.19 1.77 42.11
C VAL M 60 -14.82 3.15 42.22
N GLU M 61 -15.20 3.74 41.08
CA GLU M 61 -15.72 5.10 41.08
C GLU M 61 -17.17 5.18 41.52
N ILE M 62 -17.93 4.08 41.45
CA ILE M 62 -19.22 4.04 42.11
C ILE M 62 -19.05 4.16 43.62
N LYS M 63 -18.04 3.47 44.17
CA LYS M 63 -17.72 3.62 45.59
C LYS M 63 -17.16 5.00 45.88
N TYR M 64 -16.48 5.60 44.91
CA TYR M 64 -15.98 6.97 45.06
C TYR M 64 -17.13 7.95 45.27
N TYR M 65 -18.12 7.93 44.36
CA TYR M 65 -19.25 8.85 44.48
C TYR M 65 -20.08 8.56 45.72
N GLU M 66 -20.24 7.28 46.06
CA GLU M 66 -21.10 6.90 47.17
C GLU M 66 -20.48 7.25 48.52
N MET M 67 -19.15 7.27 48.62
CA MET M 67 -18.50 7.63 49.88
C MET M 67 -18.45 9.15 50.07
N TYR M 68 -18.18 9.90 49.01
CA TYR M 68 -17.86 11.32 49.16
C TYR M 68 -19.11 12.20 49.16
N ASN M 69 -20.08 11.87 48.31
CA ASN M 69 -21.32 12.65 48.21
C ASN M 69 -22.46 12.07 49.04
N SER M 70 -22.28 10.87 49.61
CA SER M 70 -23.14 10.31 50.65
C SER M 70 -24.51 9.90 50.13
N ARG M 71 -24.82 10.22 48.88
CA ARG M 71 -26.01 9.71 48.23
C ARG M 71 -25.62 8.71 47.14
N LYS M 72 -26.58 7.87 46.75
CA LYS M 72 -26.32 6.80 45.81
C LYS M 72 -26.24 7.33 44.38
N ILE M 73 -25.40 6.66 43.58
CA ILE M 73 -25.40 6.75 42.14
C ILE M 73 -26.81 6.68 41.56
N SER M 74 -27.18 7.66 40.74
CA SER M 74 -28.29 7.52 39.82
C SER M 74 -27.76 6.98 38.49
N ALA M 75 -28.61 6.22 37.79
CA ALA M 75 -28.13 5.49 36.62
C ALA M 75 -27.71 6.44 35.51
N ARG M 76 -28.37 7.60 35.40
CA ARG M 76 -27.94 8.60 34.43
C ARG M 76 -26.54 9.14 34.76
N ALA M 77 -26.24 9.28 36.06
CA ALA M 77 -24.94 9.82 36.46
C ALA M 77 -23.82 8.84 36.15
N ALA M 78 -24.02 7.55 36.42
CA ALA M 78 -22.99 6.56 36.11
C ALA M 78 -22.84 6.38 34.61
N ALA M 79 -23.90 6.62 33.84
CA ALA M 79 -23.81 6.51 32.39
C ALA M 79 -23.00 7.66 31.81
N LYS M 80 -23.27 8.89 32.26
CA LYS M 80 -22.50 10.03 31.80
C LYS M 80 -21.04 9.93 32.24
N LEU M 81 -20.81 9.40 33.44
CA LEU M 81 -19.44 9.13 33.88
C LEU M 81 -18.77 8.11 32.97
N LEU M 82 -19.48 7.03 32.64
CA LEU M 82 -18.87 5.98 31.83
C LEU M 82 -18.67 6.42 30.39
N SER M 83 -19.48 7.37 29.92
CA SER M 83 -19.26 7.94 28.60
C SER M 83 -17.99 8.78 28.56
N VAL M 84 -17.69 9.48 29.65
CA VAL M 84 -16.48 10.29 29.70
C VAL M 84 -15.24 9.39 29.83
N ILE M 85 -15.37 8.29 30.57
CA ILE M 85 -14.25 7.36 30.70
C ILE M 85 -13.92 6.72 29.36
N LEU M 86 -14.95 6.37 28.59
CA LEU M 86 -14.74 5.86 27.24
C LEU M 86 -14.22 6.94 26.29
N TYR M 87 -14.57 8.19 26.53
CA TYR M 87 -14.29 9.24 25.56
C TYR M 87 -12.91 9.86 25.72
N GLN M 88 -12.38 9.88 26.95
CA GLN M 88 -11.04 10.41 27.16
C GLN M 88 -10.00 9.57 26.43
N ASN M 89 -10.23 8.28 26.31
CA ASN M 89 -9.34 7.37 25.57
C ASN M 89 -9.84 7.16 24.16
N LYS M 90 -10.07 8.25 23.42
CA LYS M 90 -10.51 8.13 22.04
C LYS M 90 -9.37 7.68 21.13
N VAL M 91 -8.14 8.02 21.47
CA VAL M 91 -7.00 7.64 20.63
C VAL M 91 -6.83 6.12 20.65
N LEU M 92 -6.95 5.50 21.82
CA LEU M 92 -6.86 4.05 21.99
C LEU M 92 -8.17 3.60 22.60
N PRO M 93 -9.21 3.40 21.79
CA PRO M 93 -10.56 3.17 22.35
C PRO M 93 -10.68 1.80 22.99
N TYR M 94 -11.38 1.78 24.13
CA TYR M 94 -11.81 0.53 24.75
C TYR M 94 -12.74 -0.21 23.79
N ILE M 95 -12.25 -1.27 23.16
CA ILE M 95 -13.00 -1.89 22.06
C ILE M 95 -14.10 -2.74 22.65
N SER M 96 -15.25 -2.11 22.93
CA SER M 96 -16.35 -2.76 23.61
C SER M 96 -17.61 -1.91 23.53
N GLU M 97 -18.72 -2.49 23.09
CA GLU M 97 -20.02 -1.85 23.17
C GLU M 97 -20.75 -2.38 24.40
N LEU M 98 -21.36 -1.48 25.16
CA LEU M 98 -21.82 -1.78 26.51
C LEU M 98 -23.31 -1.50 26.65
N LEU M 99 -23.94 -2.26 27.55
CA LEU M 99 -25.32 -2.02 27.96
C LEU M 99 -25.33 -1.72 29.45
N PHE M 100 -25.90 -0.59 29.81
CA PHE M 100 -25.96 -0.13 31.20
C PHE M 100 -27.41 -0.12 31.65
N GLY M 101 -27.70 -0.87 32.72
CA GLY M 101 -29.06 -1.04 33.17
C GLY M 101 -29.21 -0.83 34.67
N GLY M 102 -30.21 -0.03 35.06
CA GLY M 102 -30.46 0.22 36.46
C GLY M 102 -31.86 0.75 36.66
N VAL M 103 -32.20 0.97 37.94
CA VAL M 103 -33.49 1.54 38.31
C VAL M 103 -33.24 2.72 39.25
N ASP M 104 -33.78 3.87 38.90
CA ASP M 104 -33.74 5.07 39.72
C ASP M 104 -35.16 5.43 40.17
N GLU M 105 -35.26 6.54 40.91
CA GLU M 105 -36.57 7.04 41.31
C GLU M 105 -37.35 7.57 40.11
N ASP M 106 -36.67 7.98 39.05
CA ASP M 106 -37.36 8.36 37.82
C ASP M 106 -37.98 7.14 37.13
N GLY M 107 -37.42 5.96 37.36
CA GLY M 107 -37.95 4.74 36.80
C GLY M 107 -36.86 3.83 36.30
N PRO M 108 -37.24 2.78 35.55
CA PRO M 108 -36.23 1.89 34.97
C PRO M 108 -35.51 2.58 33.82
N LYS M 109 -34.20 2.37 33.76
CA LYS M 109 -33.36 3.04 32.77
C LYS M 109 -32.41 2.03 32.15
N LEU M 110 -32.33 2.04 30.82
CA LEU M 110 -31.44 1.17 30.07
C LEU M 110 -30.66 2.03 29.08
N PHE M 111 -29.38 1.68 28.89
CA PHE M 111 -28.44 2.57 28.23
C PHE M 111 -27.53 1.77 27.30
N ILE M 112 -27.19 2.39 26.16
CA ILE M 112 -26.30 1.81 25.18
C ILE M 112 -25.07 2.69 25.08
N LEU M 113 -23.89 2.07 25.14
CA LEU M 113 -22.63 2.79 25.09
C LEU M 113 -21.76 2.24 23.98
N ASP M 114 -21.12 3.15 23.24
CA ASP M 114 -20.20 2.83 22.18
C ASP M 114 -18.77 2.99 22.65
N PRO M 115 -17.80 2.38 21.96
CA PRO M 115 -16.39 2.58 22.35
C PRO M 115 -15.94 4.04 22.26
N ILE M 116 -16.58 4.85 21.44
CA ILE M 116 -16.33 6.29 21.46
C ILE M 116 -16.96 6.93 22.70
N GLY M 117 -18.15 6.47 23.08
CA GLY M 117 -18.78 6.97 24.29
C GLY M 117 -20.14 7.60 24.11
N SER M 118 -20.87 7.23 23.06
CA SER M 118 -22.18 7.80 22.81
C SER M 118 -23.22 7.10 23.69
N LEU M 119 -24.03 7.90 24.39
CA LEU M 119 -25.03 7.38 25.30
C LEU M 119 -26.41 7.42 24.64
N ILE M 120 -27.09 6.27 24.64
CA ILE M 120 -28.42 6.13 24.06
C ILE M 120 -29.31 5.47 25.09
N GLU M 121 -30.51 6.02 25.29
CA GLU M 121 -31.55 5.36 26.09
C GLU M 121 -32.61 4.78 25.16
N ASP M 122 -32.79 3.47 25.21
CA ASP M 122 -33.83 2.79 24.46
C ASP M 122 -34.44 1.73 25.36
N SER M 123 -35.62 1.22 24.95
CA SER M 123 -36.30 0.22 25.75
C SER M 123 -35.59 -1.12 25.67
N TYR M 124 -35.42 -1.65 24.46
CA TYR M 124 -34.83 -2.95 24.23
C TYR M 124 -33.63 -2.81 23.32
N ALA M 125 -32.60 -3.60 23.57
CA ALA M 125 -31.36 -3.46 22.82
C ALA M 125 -30.59 -4.77 22.85
N ALA M 126 -29.73 -4.94 21.85
CA ALA M 126 -28.75 -6.00 21.84
C ALA M 126 -27.45 -5.47 21.28
N VAL M 127 -26.36 -6.14 21.63
CA VAL M 127 -25.01 -5.65 21.39
C VAL M 127 -24.11 -6.83 21.04
N GLY M 128 -23.42 -6.75 19.91
CA GLY M 128 -22.39 -7.71 19.58
C GLY M 128 -22.59 -8.35 18.21
N SER M 129 -22.13 -9.59 18.08
CA SER M 129 -22.19 -10.28 16.80
C SER M 129 -23.62 -10.64 16.44
N GLY M 130 -24.26 -11.47 17.27
CA GLY M 130 -25.61 -11.90 17.00
C GLY M 130 -26.69 -10.94 17.40
N ALA M 131 -26.33 -9.69 17.71
CA ALA M 131 -27.32 -8.71 18.15
C ALA M 131 -28.36 -8.47 17.07
N ARG M 132 -27.92 -8.42 15.81
CA ARG M 132 -28.82 -8.35 14.66
C ARG M 132 -29.92 -9.40 14.77
N VAL M 133 -29.53 -10.66 14.97
CA VAL M 133 -30.50 -11.75 15.10
C VAL M 133 -31.39 -11.53 16.31
N ALA M 134 -30.78 -11.17 17.44
CA ALA M 134 -31.51 -11.10 18.70
C ALA M 134 -32.50 -9.93 18.70
N ILE M 135 -32.10 -8.79 18.12
CA ILE M 135 -33.02 -7.66 18.04
C ILE M 135 -34.23 -8.00 17.15
N GLY M 136 -34.02 -8.86 16.16
CA GLY M 136 -35.16 -9.37 15.38
C GLY M 136 -36.22 -10.03 16.25
N VAL M 137 -35.78 -10.90 17.16
CA VAL M 137 -36.72 -11.56 18.07
C VAL M 137 -37.42 -10.54 18.96
N LEU M 138 -36.68 -9.54 19.43
CA LEU M 138 -37.29 -8.54 20.30
C LEU M 138 -38.31 -7.70 19.55
N GLU M 139 -38.05 -7.38 18.28
CA GLU M 139 -38.99 -6.57 17.51
C GLU M 139 -40.25 -7.31 17.13
N ALA M 140 -40.20 -8.64 17.13
CA ALA M 140 -41.43 -9.39 16.90
C ALA M 140 -42.37 -9.22 18.07
N GLU M 141 -41.85 -9.29 19.30
CA GLU M 141 -42.69 -9.57 20.46
C GLU M 141 -42.42 -8.63 21.63
N TYR M 142 -41.90 -7.43 21.38
CA TYR M 142 -41.74 -6.44 22.43
C TYR M 142 -42.98 -5.56 22.51
N ASN M 143 -43.60 -5.49 23.68
CA ASN M 143 -44.59 -4.48 24.00
C ASN M 143 -44.21 -3.80 25.31
N GLU M 144 -44.76 -2.60 25.51
CA GLU M 144 -44.29 -1.76 26.60
C GLU M 144 -44.73 -2.29 27.96
N SER M 145 -45.82 -3.05 28.00
CA SER M 145 -46.37 -3.58 29.24
C SER M 145 -46.00 -5.06 29.37
N LEU M 146 -44.86 -5.32 29.99
CA LEU M 146 -44.41 -6.68 30.25
C LEU M 146 -44.24 -6.88 31.74
N THR M 147 -44.09 -8.15 32.14
CA THR M 147 -43.64 -8.51 33.48
C THR M 147 -42.19 -8.95 33.44
N SER M 148 -41.58 -9.04 34.63
CA SER M 148 -40.15 -9.32 34.72
C SER M 148 -39.83 -10.74 34.26
N GLU M 149 -40.64 -11.72 34.67
CA GLU M 149 -40.35 -13.10 34.33
C GLU M 149 -40.82 -13.48 32.93
N ALA M 150 -41.82 -12.78 32.39
CA ALA M 150 -42.16 -12.96 30.98
C ALA M 150 -41.06 -12.38 30.09
N ALA M 151 -40.45 -11.28 30.52
CA ALA M 151 -39.32 -10.73 29.78
C ALA M 151 -38.09 -11.60 29.92
N LYS M 152 -37.97 -12.33 31.04
CA LYS M 152 -36.93 -13.34 31.15
C LYS M 152 -37.09 -14.41 30.07
N GLU M 153 -38.33 -14.88 29.86
CA GLU M 153 -38.58 -15.89 28.83
C GLU M 153 -38.38 -15.31 27.44
N LEU M 154 -38.68 -14.02 27.25
CA LEU M 154 -38.38 -13.37 25.98
C LEU M 154 -36.88 -13.28 25.74
N ALA M 155 -36.11 -13.03 26.80
CA ALA M 155 -34.66 -12.97 26.66
C ALA M 155 -34.07 -14.34 26.37
N ILE M 156 -34.68 -15.40 26.91
CA ILE M 156 -34.21 -16.75 26.61
C ILE M 156 -34.50 -17.13 25.17
N LYS M 157 -35.67 -16.71 24.67
CA LYS M 157 -36.02 -17.00 23.28
C LYS M 157 -35.09 -16.26 22.31
N SER M 158 -34.82 -14.99 22.60
CA SER M 158 -33.98 -14.19 21.71
C SER M 158 -32.52 -14.64 21.76
N MET M 159 -32.00 -14.92 22.95
CA MET M 159 -30.63 -15.42 23.05
C MET M 159 -30.49 -16.81 22.44
N LYS M 160 -31.54 -17.63 22.52
CA LYS M 160 -31.46 -18.96 21.91
C LYS M 160 -31.47 -18.86 20.39
N SER M 161 -32.21 -17.89 19.85
CA SER M 161 -32.14 -17.62 18.42
C SER M 161 -30.75 -17.18 17.99
N ALA M 162 -30.10 -16.34 18.80
CA ALA M 162 -28.75 -15.90 18.46
C ALA M 162 -27.73 -17.02 18.61
N VAL M 163 -28.01 -18.00 19.47
CA VAL M 163 -27.12 -19.15 19.59
C VAL M 163 -27.17 -20.02 18.34
N GLU M 164 -28.37 -20.27 17.81
CA GLU M 164 -28.52 -21.15 16.67
C GLU M 164 -28.08 -20.54 15.34
N ARG M 165 -27.98 -19.21 15.25
CA ARG M 165 -27.72 -18.57 13.96
C ARG M 165 -26.52 -17.64 13.97
N ASP M 166 -25.74 -17.60 15.04
CA ASP M 166 -24.50 -16.84 15.09
C ASP M 166 -23.39 -17.79 15.55
N VAL M 167 -22.28 -17.82 14.82
CA VAL M 167 -21.25 -18.82 15.12
C VAL M 167 -20.44 -18.47 16.35
N MET M 168 -20.32 -17.18 16.70
CA MET M 168 -19.61 -16.70 17.88
C MET M 168 -19.86 -17.57 19.11
N SER M 169 -20.84 -17.19 19.92
CA SER M 169 -21.13 -17.97 21.12
C SER M 169 -22.18 -19.04 20.83
N GLY M 170 -22.48 -19.84 21.84
CA GLY M 170 -23.44 -20.91 21.74
C GLY M 170 -23.43 -21.81 22.96
N ASP M 171 -23.42 -21.22 24.15
CA ASP M 171 -23.39 -21.97 25.40
C ASP M 171 -24.44 -21.44 26.37
N GLY M 172 -24.19 -21.59 27.67
CA GLY M 172 -25.13 -21.11 28.66
C GLY M 172 -25.24 -19.60 28.64
N ILE M 173 -26.44 -19.11 28.99
CA ILE M 173 -26.73 -17.68 29.00
C ILE M 173 -27.26 -17.31 30.38
N ASP M 174 -26.53 -16.43 31.06
CA ASP M 174 -26.97 -15.94 32.36
C ASP M 174 -27.98 -14.82 32.18
N ILE M 175 -28.74 -14.54 33.24
CA ILE M 175 -29.75 -13.50 33.21
C ILE M 175 -29.62 -12.65 34.47
N LEU M 176 -29.58 -11.33 34.29
CA LEU M 176 -29.60 -10.39 35.41
C LEU M 176 -30.98 -9.72 35.51
N THR N 2 1.89 -24.86 23.14
CA THR N 2 1.00 -25.86 23.73
C THR N 2 1.19 -25.94 25.24
N ALA N 3 0.08 -25.81 25.97
CA ALA N 3 0.09 -25.91 27.42
C ALA N 3 -1.32 -26.27 27.88
N ILE N 4 -1.42 -27.19 28.83
CA ILE N 4 -2.68 -27.79 29.22
C ILE N 4 -2.85 -27.69 30.72
N GLY N 5 -4.00 -27.19 31.16
CA GLY N 5 -4.40 -27.25 32.56
C GLY N 5 -5.67 -28.06 32.72
N ILE N 6 -5.69 -28.91 33.74
CA ILE N 6 -6.84 -29.76 34.05
C ILE N 6 -7.19 -29.58 35.52
N LYS N 7 -8.44 -29.21 35.79
CA LYS N 7 -8.92 -28.97 37.14
C LYS N 7 -9.58 -30.22 37.70
N THR N 8 -9.02 -30.75 38.78
CA THR N 8 -9.60 -31.86 39.53
C THR N 8 -10.10 -31.34 40.87
N LYS N 9 -11.02 -32.10 41.47
CA LYS N 9 -11.45 -31.76 42.82
C LYS N 9 -10.28 -31.89 43.78
N ASP N 10 -9.92 -30.78 44.41
CA ASP N 10 -8.70 -30.67 45.22
C ASP N 10 -7.47 -31.02 44.39
N GLY N 11 -7.30 -30.31 43.28
CA GLY N 11 -6.01 -30.31 42.60
C GLY N 11 -6.02 -29.83 41.16
N VAL N 12 -4.98 -29.10 40.79
CA VAL N 12 -4.83 -28.54 39.44
C VAL N 12 -3.58 -29.15 38.82
N VAL N 13 -3.71 -29.61 37.57
CA VAL N 13 -2.61 -30.24 36.84
C VAL N 13 -2.25 -29.36 35.65
N LEU N 14 -0.97 -29.02 35.53
CA LEU N 14 -0.45 -28.26 34.40
C LEU N 14 0.60 -29.06 33.65
N ALA N 15 0.64 -28.88 32.33
CA ALA N 15 1.60 -29.57 31.49
C ALA N 15 1.76 -28.79 30.19
N ALA N 16 2.99 -28.76 29.66
CA ALA N 16 3.25 -28.07 28.40
C ALA N 16 4.44 -28.70 27.71
N GLU N 17 4.71 -28.23 26.49
CA GLU N 17 5.76 -28.73 25.63
C GLU N 17 7.14 -28.30 26.15
N ARG N 18 8.18 -28.74 25.47
CA ARG N 18 9.54 -28.27 25.69
C ARG N 18 10.24 -28.09 24.34
N ARG N 19 9.57 -27.45 23.40
CA ARG N 19 10.08 -27.28 22.04
C ARG N 19 9.91 -25.85 21.60
N LEU N 20 10.98 -25.26 21.05
CA LEU N 20 10.95 -23.92 20.50
C LEU N 20 11.47 -23.95 19.07
N SER N 21 10.68 -23.41 18.14
CA SER N 21 11.05 -23.34 16.73
C SER N 21 10.71 -21.96 16.22
N TYR N 22 11.71 -21.24 15.71
CA TYR N 22 11.48 -19.99 15.00
C TYR N 22 11.40 -20.26 13.51
N GLY N 23 10.31 -19.83 12.89
CA GLY N 23 10.13 -20.06 11.46
C GLY N 23 9.76 -21.50 11.21
N ASP N 24 10.52 -22.15 10.32
CA ASP N 24 10.36 -23.57 10.05
C ASP N 24 11.49 -24.41 10.66
N PHE N 25 12.28 -23.83 11.57
CA PHE N 25 13.51 -24.45 12.05
C PHE N 25 13.50 -24.51 13.57
N VAL N 26 13.82 -25.67 14.12
CA VAL N 26 13.87 -25.87 15.56
C VAL N 26 15.22 -25.36 16.07
N LEU N 27 15.18 -24.35 16.96
CA LEU N 27 16.40 -23.88 17.59
C LEU N 27 16.79 -24.70 18.82
N SER N 28 15.82 -25.24 19.55
CA SER N 28 16.11 -25.92 20.81
C SER N 28 15.11 -27.02 21.07
N LYS N 29 15.61 -28.19 21.47
CA LYS N 29 14.77 -29.30 21.90
C LYS N 29 14.42 -29.23 23.39
N SER N 30 14.99 -28.27 24.13
CA SER N 30 14.77 -28.17 25.57
C SER N 30 14.54 -26.70 25.93
N ALA N 31 13.29 -26.26 25.81
CA ALA N 31 12.89 -24.91 26.21
C ALA N 31 11.75 -25.04 27.21
N ARG N 32 12.01 -24.70 28.46
CA ARG N 32 11.03 -24.86 29.53
C ARG N 32 9.90 -23.85 29.35
N LYS N 33 8.67 -24.35 29.28
CA LYS N 33 7.49 -23.50 29.19
C LYS N 33 6.55 -23.67 30.37
N VAL N 34 6.96 -24.44 31.39
CA VAL N 34 6.22 -24.57 32.63
C VAL N 34 7.12 -24.07 33.76
N PHE N 35 6.59 -23.21 34.60
CA PHE N 35 7.37 -22.61 35.67
C PHE N 35 6.58 -22.65 36.97
N LYS N 36 7.29 -22.86 38.08
CA LYS N 36 6.72 -22.76 39.41
C LYS N 36 7.25 -21.52 40.08
N LEU N 37 6.41 -20.86 40.88
CA LEU N 37 6.74 -19.59 41.49
C LEU N 37 6.95 -19.67 42.99
N GLY N 38 6.55 -20.77 43.63
CA GLY N 38 6.34 -20.76 45.06
C GLY N 38 5.09 -21.54 45.43
N ARG N 39 4.09 -20.83 45.95
CA ARG N 39 2.79 -21.42 46.18
C ARG N 39 2.23 -22.05 44.91
N PHE N 40 2.31 -21.33 43.79
CA PHE N 40 1.51 -21.62 42.61
C PHE N 40 2.41 -21.89 41.41
N GLY N 41 1.77 -22.27 40.30
CA GLY N 41 2.46 -22.60 39.08
C GLY N 41 1.80 -21.98 37.87
N ILE N 42 2.60 -21.52 36.89
CA ILE N 42 2.06 -21.00 35.64
C ILE N 42 2.72 -21.70 34.47
N ALA N 43 2.04 -21.64 33.32
CA ALA N 43 2.58 -22.19 32.08
C ALA N 43 1.80 -21.57 30.92
N GLY N 44 2.53 -21.13 29.90
CA GLY N 44 1.90 -20.48 28.77
C GLY N 44 2.62 -20.79 27.49
N ALA N 45 2.15 -20.17 26.40
CA ALA N 45 2.73 -20.37 25.08
C ALA N 45 2.84 -19.02 24.38
N GLY N 46 3.73 -18.97 23.38
CA GLY N 46 4.00 -17.73 22.70
C GLY N 46 5.49 -17.47 22.58
N ILE N 47 5.88 -16.19 22.63
CA ILE N 47 7.30 -15.85 22.68
C ILE N 47 7.86 -16.21 24.04
N VAL N 48 9.05 -16.82 24.05
CA VAL N 48 9.61 -17.36 25.28
C VAL N 48 10.07 -16.24 26.20
N GLY N 49 10.60 -15.16 25.63
CA GLY N 49 11.15 -14.10 26.45
C GLY N 49 10.09 -13.36 27.23
N ASP N 50 8.91 -13.17 26.64
CA ASP N 50 7.80 -12.56 27.37
C ASP N 50 7.35 -13.46 28.51
N ILE N 51 7.30 -14.77 28.29
CA ILE N 51 6.87 -15.69 29.32
C ILE N 51 7.89 -15.74 30.46
N GLN N 52 9.18 -15.75 30.14
CA GLN N 52 10.20 -15.82 31.17
C GLN N 52 10.23 -14.56 32.02
N THR N 53 10.12 -13.39 31.39
CA THR N 53 10.12 -12.15 32.16
C THR N 53 8.83 -11.99 32.97
N LEU N 54 7.74 -12.63 32.54
CA LEU N 54 6.51 -12.62 33.32
C LEU N 54 6.58 -13.58 34.50
N THR N 55 7.31 -14.69 34.36
CA THR N 55 7.56 -15.55 35.51
C THR N 55 8.41 -14.83 36.55
N ARG N 56 9.37 -14.03 36.09
CA ARG N 56 10.30 -13.36 37.01
C ARG N 56 9.64 -12.16 37.68
N ILE N 57 8.88 -11.36 36.92
CA ILE N 57 8.18 -10.22 37.50
C ILE N 57 7.14 -10.70 38.50
N MET N 58 6.36 -11.72 38.13
CA MET N 58 5.34 -12.23 39.03
C MET N 58 5.94 -12.88 40.27
N ASN N 59 7.11 -13.51 40.13
CA ASN N 59 7.80 -14.06 41.28
C ASN N 59 8.21 -12.96 42.25
N VAL N 60 8.67 -11.82 41.71
CA VAL N 60 9.08 -10.71 42.57
C VAL N 60 7.89 -10.15 43.34
N GLU N 61 6.77 -9.92 42.64
CA GLU N 61 5.63 -9.28 43.26
C GLU N 61 4.81 -10.22 44.13
N ILE N 62 4.90 -11.54 43.92
CA ILE N 62 4.36 -12.47 44.90
C ILE N 62 5.09 -12.33 46.23
N LYS N 63 6.42 -12.19 46.17
CA LYS N 63 7.21 -11.95 47.37
C LYS N 63 6.90 -10.57 47.95
N TYR N 64 6.56 -9.61 47.08
CA TYR N 64 6.15 -8.28 47.54
C TYR N 64 4.91 -8.37 48.43
N TYR N 65 3.85 -9.00 47.93
CA TYR N 65 2.61 -9.13 48.71
C TYR N 65 2.83 -10.00 49.94
N GLU N 66 3.65 -11.04 49.83
CA GLU N 66 3.82 -11.98 50.93
C GLU N 66 4.64 -11.39 52.07
N MET N 67 5.57 -10.48 51.77
CA MET N 67 6.36 -9.83 52.81
C MET N 67 5.64 -8.68 53.51
N TYR N 68 4.61 -8.09 52.90
CA TYR N 68 3.94 -6.94 53.48
C TYR N 68 2.69 -7.32 54.27
N ASN N 69 1.67 -7.86 53.59
CA ASN N 69 0.32 -7.87 54.14
C ASN N 69 0.06 -9.02 55.10
N SER N 70 1.07 -9.85 55.37
CA SER N 70 1.03 -10.89 56.40
C SER N 70 0.10 -12.03 56.00
N ARG N 71 -0.66 -11.87 54.92
CA ARG N 71 -1.45 -12.93 54.34
C ARG N 71 -0.73 -13.51 53.13
N LYS N 72 -0.95 -14.79 52.89
CA LYS N 72 -0.38 -15.39 51.69
C LYS N 72 -1.25 -15.06 50.48
N ILE N 73 -0.72 -15.33 49.30
CA ILE N 73 -1.41 -14.94 48.07
C ILE N 73 -2.56 -15.89 47.80
N SER N 74 -3.72 -15.33 47.44
CA SER N 74 -4.79 -16.08 46.82
C SER N 74 -4.60 -16.08 45.31
N ALA N 75 -5.02 -17.16 44.66
CA ALA N 75 -4.82 -17.28 43.22
C ALA N 75 -5.61 -16.23 42.46
N ARG N 76 -6.78 -15.84 42.97
CA ARG N 76 -7.53 -14.76 42.34
C ARG N 76 -6.78 -13.44 42.43
N ALA N 77 -6.08 -13.20 43.54
CA ALA N 77 -5.35 -11.95 43.70
C ALA N 77 -4.14 -11.90 42.78
N ALA N 78 -3.41 -13.00 42.66
CA ALA N 78 -2.27 -13.04 41.75
C ALA N 78 -2.72 -13.02 40.30
N ALA N 79 -3.93 -13.53 40.01
CA ALA N 79 -4.44 -13.48 38.65
C ALA N 79 -4.85 -12.06 38.26
N LYS N 80 -5.55 -11.36 39.15
CA LYS N 80 -5.92 -9.99 38.88
C LYS N 80 -4.69 -9.10 38.79
N LEU N 81 -3.67 -9.37 39.61
CA LEU N 81 -2.40 -8.67 39.47
C LEU N 81 -1.79 -8.91 38.10
N LEU N 82 -1.78 -10.17 37.65
CA LEU N 82 -1.16 -10.50 36.37
C LEU N 82 -1.99 -9.96 35.21
N SER N 83 -3.30 -9.83 35.39
CA SER N 83 -4.14 -9.23 34.36
C SER N 83 -3.87 -7.73 34.24
N VAL N 84 -3.60 -7.06 35.37
CA VAL N 84 -3.29 -5.64 35.32
C VAL N 84 -1.90 -5.40 34.74
N ILE N 85 -0.96 -6.28 35.05
CA ILE N 85 0.38 -6.15 34.48
C ILE N 85 0.34 -6.35 32.97
N LEU N 86 -0.46 -7.30 32.50
CA LEU N 86 -0.65 -7.47 31.07
C LEU N 86 -1.43 -6.30 30.47
N TYR N 87 -2.31 -5.66 31.24
CA TYR N 87 -3.22 -4.69 30.67
C TYR N 87 -2.62 -3.29 30.60
N GLN N 88 -1.71 -2.96 31.52
CA GLN N 88 -1.06 -1.67 31.48
C GLN N 88 -0.22 -1.52 30.21
N ASN N 89 0.35 -2.60 29.73
CA ASN N 89 1.13 -2.61 28.48
C ASN N 89 0.26 -3.08 27.31
N LYS N 90 -0.90 -2.44 27.14
CA LYS N 90 -1.76 -2.79 26.01
C LYS N 90 -1.19 -2.26 24.70
N VAL N 91 -0.47 -1.13 24.75
CA VAL N 91 0.09 -0.54 23.53
C VAL N 91 1.14 -1.47 22.93
N LEU N 92 2.00 -2.04 23.78
CA LEU N 92 3.04 -2.99 23.37
C LEU N 92 2.77 -4.27 24.14
N PRO N 93 1.88 -5.12 23.65
CA PRO N 93 1.43 -6.26 24.46
C PRO N 93 2.47 -7.35 24.57
N TYR N 94 2.58 -7.92 25.77
CA TYR N 94 3.34 -9.14 26.00
C TYR N 94 2.72 -10.28 25.20
N ILE N 95 3.37 -10.68 24.11
CA ILE N 95 2.74 -11.59 23.16
C ILE N 95 2.80 -13.01 23.73
N SER N 96 1.81 -13.36 24.53
CA SER N 96 1.80 -14.62 25.25
C SER N 96 0.42 -14.90 25.85
N GLU N 97 -0.13 -16.08 25.59
CA GLU N 97 -1.34 -16.54 26.26
C GLU N 97 -0.93 -17.49 27.38
N LEU N 98 -1.53 -17.30 28.56
CA LEU N 98 -1.03 -17.90 29.79
C LEU N 98 -2.10 -18.74 30.47
N LEU N 99 -1.64 -19.75 31.21
CA LEU N 99 -2.47 -20.56 32.08
C LEU N 99 -1.95 -20.41 33.50
N PHE N 100 -2.82 -20.00 34.42
CA PHE N 100 -2.45 -19.77 35.82
C PHE N 100 -3.18 -20.79 36.68
N GLY N 101 -2.41 -21.55 37.45
CA GLY N 101 -2.99 -22.63 38.22
C GLY N 101 -2.52 -22.66 39.66
N GLY N 102 -3.46 -22.78 40.59
CA GLY N 102 -3.14 -22.84 42.01
C GLY N 102 -4.31 -23.40 42.78
N VAL N 103 -4.10 -23.55 44.09
CA VAL N 103 -5.13 -24.02 45.00
C VAL N 103 -5.22 -23.05 46.19
N ASP N 104 -6.41 -22.56 46.45
CA ASP N 104 -6.70 -21.70 47.59
C ASP N 104 -7.62 -22.42 48.55
N GLU N 105 -7.97 -21.73 49.65
CA GLU N 105 -8.94 -22.27 50.59
C GLU N 105 -10.34 -22.35 49.99
N ASP N 106 -10.63 -21.52 48.98
CA ASP N 106 -11.89 -21.64 48.27
C ASP N 106 -11.94 -22.92 47.43
N GLY N 107 -10.77 -23.43 47.02
CA GLY N 107 -10.70 -24.66 46.27
C GLY N 107 -9.69 -24.57 45.16
N PRO N 108 -9.69 -25.55 44.26
CA PRO N 108 -8.79 -25.50 43.10
C PRO N 108 -9.25 -24.45 42.11
N LYS N 109 -8.29 -23.70 41.56
CA LYS N 109 -8.59 -22.61 40.66
C LYS N 109 -7.66 -22.67 39.45
N LEU N 110 -8.25 -22.54 38.26
CA LEU N 110 -7.51 -22.54 37.01
C LEU N 110 -7.96 -21.33 36.20
N PHE N 111 -7.00 -20.72 35.49
CA PHE N 111 -7.20 -19.39 34.92
C PHE N 111 -6.58 -19.32 33.55
N ILE N 112 -7.25 -18.59 32.65
CA ILE N 112 -6.79 -18.37 31.29
C ILE N 112 -6.51 -16.88 31.12
N LEU N 113 -5.35 -16.54 30.58
CA LEU N 113 -4.95 -15.16 30.40
C LEU N 113 -4.59 -14.90 28.95
N ASP N 114 -5.04 -13.75 28.45
CA ASP N 114 -4.74 -13.29 27.10
C ASP N 114 -3.65 -12.23 27.14
N PRO N 115 -2.99 -11.96 26.01
CA PRO N 115 -1.98 -10.87 26.00
C PRO N 115 -2.55 -9.51 26.32
N ILE N 116 -3.85 -9.29 26.09
CA ILE N 116 -4.49 -8.06 26.55
C ILE N 116 -4.68 -8.09 28.06
N GLY N 117 -5.03 -9.25 28.62
CA GLY N 117 -5.15 -9.38 30.05
C GLY N 117 -6.52 -9.83 30.54
N SER N 118 -7.26 -10.52 29.69
CA SER N 118 -8.59 -10.99 30.07
C SER N 118 -8.49 -12.26 30.90
N LEU N 119 -9.19 -12.27 32.04
CA LEU N 119 -9.16 -13.39 32.98
C LEU N 119 -10.41 -14.23 32.79
N ILE N 120 -10.22 -15.54 32.62
CA ILE N 120 -11.31 -16.47 32.41
C ILE N 120 -11.21 -17.61 33.42
N GLU N 121 -12.31 -17.90 34.10
CA GLU N 121 -12.44 -19.08 34.95
C GLU N 121 -12.93 -20.25 34.11
N ASP N 122 -12.21 -21.37 34.18
CA ASP N 122 -12.59 -22.55 33.43
C ASP N 122 -12.00 -23.79 34.12
N SER N 123 -12.56 -24.95 33.78
CA SER N 123 -12.06 -26.21 34.33
C SER N 123 -10.84 -26.71 33.54
N TYR N 124 -11.00 -26.91 32.24
CA TYR N 124 -9.95 -27.46 31.39
C TYR N 124 -9.67 -26.49 30.26
N ALA N 125 -8.40 -26.39 29.87
CA ALA N 125 -8.00 -25.42 28.87
C ALA N 125 -6.70 -25.86 28.23
N ALA N 126 -6.47 -25.35 27.01
CA ALA N 126 -5.18 -25.46 26.36
C ALA N 126 -4.88 -24.16 25.65
N VAL N 127 -3.59 -23.92 25.41
CA VAL N 127 -3.09 -22.63 24.96
C VAL N 127 -1.93 -22.86 24.01
N GLY N 128 -2.00 -22.26 22.82
CA GLY N 128 -0.87 -22.26 21.91
C GLY N 128 -1.19 -22.79 20.53
N SER N 129 -0.17 -23.38 19.87
CA SER N 129 -0.34 -23.85 18.51
C SER N 129 -1.27 -25.05 18.44
N GLY N 130 -0.91 -26.14 19.10
CA GLY N 130 -1.69 -27.35 19.10
C GLY N 130 -2.83 -27.41 20.09
N ALA N 131 -3.21 -26.25 20.66
CA ALA N 131 -4.26 -26.25 21.68
C ALA N 131 -5.58 -26.75 21.12
N ARG N 132 -5.90 -26.38 19.88
CA ARG N 132 -7.08 -26.92 19.19
C ARG N 132 -7.12 -28.43 19.28
N VAL N 133 -6.04 -29.10 18.88
CA VAL N 133 -5.99 -30.56 18.90
C VAL N 133 -6.15 -31.09 20.32
N ALA N 134 -5.44 -30.49 21.28
CA ALA N 134 -5.40 -31.04 22.63
C ALA N 134 -6.74 -30.88 23.34
N ILE N 135 -7.42 -29.75 23.13
CA ILE N 135 -8.74 -29.56 23.74
C ILE N 135 -9.74 -30.55 23.15
N GLY N 136 -9.55 -30.96 21.90
CA GLY N 136 -10.36 -32.03 21.34
C GLY N 136 -10.29 -33.29 22.17
N VAL N 137 -9.08 -33.70 22.56
CA VAL N 137 -8.92 -34.88 23.41
C VAL N 137 -9.58 -34.63 24.77
N LEU N 138 -9.42 -33.42 25.30
CA LEU N 138 -10.03 -33.10 26.59
C LEU N 138 -11.55 -33.08 26.49
N GLU N 139 -12.08 -32.63 25.35
CA GLU N 139 -13.52 -32.57 25.16
C GLU N 139 -14.13 -33.96 25.01
N ALA N 140 -13.35 -34.95 24.57
CA ALA N 140 -13.82 -36.32 24.57
C ALA N 140 -13.92 -36.86 25.99
N GLU N 141 -12.80 -36.85 26.72
CA GLU N 141 -12.73 -37.39 28.08
C GLU N 141 -12.68 -36.23 29.08
N TYR N 142 -13.87 -35.79 29.52
CA TYR N 142 -13.96 -34.87 30.65
C TYR N 142 -14.98 -35.41 31.63
N ASN N 143 -14.59 -35.50 32.90
CA ASN N 143 -15.54 -35.48 34.00
C ASN N 143 -15.08 -34.45 35.04
N GLU N 144 -16.04 -33.92 35.79
CA GLU N 144 -15.71 -33.06 36.92
C GLU N 144 -15.04 -33.84 38.05
N SER N 145 -15.29 -35.14 38.14
CA SER N 145 -14.76 -35.98 39.22
C SER N 145 -13.58 -36.79 38.70
N LEU N 146 -12.38 -36.22 38.79
CA LEU N 146 -11.15 -36.88 38.41
C LEU N 146 -10.22 -36.97 39.61
N THR N 147 -9.18 -37.79 39.48
CA THR N 147 -8.05 -37.77 40.40
C THR N 147 -6.84 -37.10 39.74
N SER N 148 -5.84 -36.81 40.57
CA SER N 148 -4.68 -36.06 40.09
C SER N 148 -3.87 -36.87 39.09
N GLU N 149 -3.65 -38.15 39.37
CA GLU N 149 -2.82 -38.96 38.50
C GLU N 149 -3.56 -39.48 37.28
N ALA N 150 -4.89 -39.59 37.35
CA ALA N 150 -5.67 -39.87 36.14
C ALA N 150 -5.66 -38.66 35.22
N ALA N 151 -5.67 -37.45 35.78
CA ALA N 151 -5.57 -36.25 34.95
C ALA N 151 -4.17 -36.08 34.39
N LYS N 152 -3.16 -36.61 35.07
CA LYS N 152 -1.82 -36.66 34.50
C LYS N 152 -1.80 -37.50 33.23
N GLU N 153 -2.45 -38.66 33.26
CA GLU N 153 -2.50 -39.52 32.09
C GLU N 153 -3.35 -38.90 30.98
N LEU N 154 -4.40 -38.17 31.35
CA LEU N 154 -5.19 -37.46 30.35
C LEU N 154 -4.36 -36.36 29.69
N ALA N 155 -3.52 -35.68 30.46
CA ALA N 155 -2.66 -34.65 29.89
C ALA N 155 -1.59 -35.24 28.99
N ILE N 156 -1.12 -36.46 29.31
CA ILE N 156 -0.14 -37.11 28.44
C ILE N 156 -0.78 -37.56 27.14
N LYS N 157 -2.02 -38.05 27.20
CA LYS N 157 -2.71 -38.46 25.98
C LYS N 157 -3.00 -37.27 25.08
N SER N 158 -3.45 -36.15 25.66
CA SER N 158 -3.78 -34.97 24.86
C SER N 158 -2.53 -34.32 24.30
N MET N 159 -1.47 -34.22 25.11
CA MET N 159 -0.21 -33.66 24.62
C MET N 159 0.42 -34.56 23.57
N LYS N 160 0.25 -35.89 23.68
CA LYS N 160 0.80 -36.78 22.67
C LYS N 160 0.05 -36.65 21.34
N SER N 161 -1.26 -36.44 21.41
CA SER N 161 -2.03 -36.15 20.20
C SER N 161 -1.56 -34.85 19.55
N ALA N 162 -1.28 -33.83 20.38
CA ALA N 162 -0.82 -32.55 19.83
C ALA N 162 0.59 -32.65 19.26
N VAL N 163 1.41 -33.58 19.77
CA VAL N 163 2.73 -33.79 19.20
C VAL N 163 2.64 -34.38 17.80
N GLU N 164 1.76 -35.37 17.61
CA GLU N 164 1.65 -36.05 16.33
C GLU N 164 0.97 -35.22 15.26
N ARG N 165 0.21 -34.18 15.63
CA ARG N 165 -0.60 -33.46 14.65
C ARG N 165 -0.35 -31.95 14.64
N ASP N 166 0.63 -31.45 15.38
CA ASP N 166 0.99 -30.04 15.30
C ASP N 166 2.49 -29.92 15.04
N VAL N 167 2.85 -29.11 14.04
CA VAL N 167 4.25 -28.98 13.65
C VAL N 167 5.04 -28.12 14.62
N MET N 168 4.38 -27.27 15.40
CA MET N 168 5.06 -26.34 16.28
C MET N 168 5.30 -26.91 17.66
N SER N 169 4.62 -28.01 18.00
CA SER N 169 4.81 -28.70 19.27
C SER N 169 5.73 -29.90 19.05
N GLY N 170 6.13 -30.53 20.15
CA GLY N 170 6.99 -31.69 19.99
C GLY N 170 7.61 -32.31 21.23
N ASP N 171 8.93 -32.46 21.18
CA ASP N 171 9.69 -33.49 21.87
C ASP N 171 9.16 -33.85 23.26
N GLY N 172 9.18 -32.90 24.19
CA GLY N 172 9.11 -33.26 25.59
C GLY N 172 7.98 -32.60 26.37
N ILE N 173 7.61 -33.21 27.48
CA ILE N 173 6.44 -32.81 28.26
C ILE N 173 6.89 -32.60 29.70
N ASP N 174 6.65 -31.41 30.23
CA ASP N 174 6.86 -31.12 31.64
C ASP N 174 5.52 -31.06 32.34
N ILE N 175 5.45 -31.64 33.53
CA ILE N 175 4.21 -31.75 34.29
C ILE N 175 4.47 -31.26 35.70
N LEU N 176 3.66 -30.30 36.16
CA LEU N 176 3.63 -29.89 37.55
C LEU N 176 2.30 -30.30 38.16
N ILE N 177 2.36 -30.89 39.34
CA ILE N 177 1.21 -31.51 39.99
C ILE N 177 0.95 -30.75 41.28
N ILE N 178 -0.27 -30.27 41.46
CA ILE N 178 -0.65 -29.51 42.65
C ILE N 178 -1.81 -30.23 43.30
N ASN N 179 -1.52 -31.07 44.29
CA ASN N 179 -2.47 -31.40 45.32
C ASN N 179 -2.48 -30.29 46.37
N LYS N 180 -3.48 -30.33 47.26
CA LYS N 180 -3.55 -29.29 48.28
C LYS N 180 -2.41 -29.40 49.26
N ASN N 181 -1.86 -30.61 49.44
CA ASN N 181 -0.81 -30.83 50.44
C ASN N 181 0.52 -30.24 49.97
N ASN N 182 1.02 -30.73 48.84
CA ASN N 182 2.32 -30.31 48.31
C ASN N 182 2.18 -29.96 46.83
N ILE N 183 3.24 -29.35 46.30
CA ILE N 183 3.31 -28.98 44.88
C ILE N 183 4.65 -29.50 44.35
N TYR N 184 4.60 -30.59 43.59
CA TYR N 184 5.82 -31.17 43.03
C TYR N 184 5.70 -31.33 41.53
N THR O 15 -18.93 -22.23 -62.55
CA THR O 15 -17.79 -21.33 -62.53
C THR O 15 -16.80 -21.66 -63.64
N ILE O 16 -17.33 -21.79 -64.86
CA ILE O 16 -16.54 -22.20 -66.01
C ILE O 16 -16.91 -21.31 -67.19
N PHE O 17 -15.90 -20.87 -67.94
CA PHE O 17 -16.10 -20.00 -69.09
C PHE O 17 -16.40 -20.84 -70.33
N SER O 18 -17.41 -20.42 -71.07
CA SER O 18 -17.66 -20.93 -72.41
C SER O 18 -16.65 -20.33 -73.39
N PRO O 19 -16.43 -21.00 -74.53
CA PRO O 19 -15.37 -20.52 -75.44
C PRO O 19 -15.62 -19.13 -76.01
N ASP O 20 -16.88 -18.68 -76.08
CA ASP O 20 -17.13 -17.28 -76.41
C ASP O 20 -16.74 -16.35 -75.26
N GLY O 21 -16.77 -16.85 -74.03
CA GLY O 21 -16.46 -16.06 -72.85
C GLY O 21 -17.64 -15.78 -71.94
N SER O 22 -18.85 -16.21 -72.30
CA SER O 22 -20.03 -15.94 -71.49
C SER O 22 -20.21 -17.02 -70.44
N LEU O 23 -20.64 -16.61 -69.25
CA LEU O 23 -21.02 -17.53 -68.19
C LEU O 23 -22.47 -17.96 -68.38
N TYR O 24 -22.69 -19.26 -68.61
CA TYR O 24 -24.03 -19.72 -68.95
C TYR O 24 -24.97 -19.72 -67.74
N GLN O 25 -24.43 -19.99 -66.54
CA GLN O 25 -25.28 -20.04 -65.36
C GLN O 25 -25.82 -18.66 -65.01
N VAL O 26 -25.06 -17.61 -65.30
CA VAL O 26 -25.53 -16.25 -65.05
C VAL O 26 -26.68 -15.92 -66.00
N ASP O 27 -26.53 -16.26 -67.28
CA ASP O 27 -27.59 -16.01 -68.25
C ASP O 27 -28.82 -16.87 -67.97
N TYR O 28 -28.63 -18.06 -67.40
CA TYR O 28 -29.77 -18.87 -67.00
C TYR O 28 -30.49 -18.26 -65.80
N ALA O 29 -29.73 -17.64 -64.89
CA ALA O 29 -30.36 -16.93 -63.78
C ALA O 29 -31.10 -15.69 -64.26
N PHE O 30 -30.61 -15.04 -65.32
CA PHE O 30 -31.33 -13.92 -65.91
C PHE O 30 -32.58 -14.38 -66.65
N GLU O 31 -32.59 -15.63 -67.13
CA GLU O 31 -33.83 -16.20 -67.63
C GLU O 31 -34.81 -16.48 -66.50
N ALA O 32 -34.29 -16.76 -65.29
CA ALA O 32 -35.16 -16.98 -64.15
C ALA O 32 -35.85 -15.70 -63.68
N VAL O 33 -35.20 -14.55 -63.84
CA VAL O 33 -35.87 -13.29 -63.51
C VAL O 33 -36.78 -12.85 -64.65
N LYS O 34 -36.52 -13.31 -65.88
CA LYS O 34 -37.49 -13.10 -66.95
C LYS O 34 -38.79 -13.82 -66.67
N ARG O 35 -38.75 -14.93 -65.93
CA ARG O 35 -39.94 -15.64 -65.48
C ARG O 35 -40.53 -15.07 -64.21
N GLY O 36 -39.99 -13.97 -63.68
CA GLY O 36 -40.52 -13.36 -62.49
C GLY O 36 -41.73 -12.49 -62.78
N TRP O 37 -42.29 -11.95 -61.70
CA TRP O 37 -43.39 -11.02 -61.86
C TRP O 37 -42.87 -9.68 -62.39
N THR O 38 -43.80 -8.88 -62.93
CA THR O 38 -43.43 -7.61 -63.53
C THR O 38 -43.28 -6.57 -62.42
N THR O 39 -42.11 -5.96 -62.33
CA THR O 39 -41.85 -4.86 -61.42
C THR O 39 -41.38 -3.66 -62.22
N LEU O 40 -41.72 -2.47 -61.74
CA LEU O 40 -41.53 -1.25 -62.51
C LEU O 40 -40.84 -0.20 -61.64
N GLY O 41 -39.97 0.59 -62.28
CA GLY O 41 -39.34 1.71 -61.61
C GLY O 41 -39.13 2.87 -62.57
N VAL O 42 -39.63 4.04 -62.21
CA VAL O 42 -39.48 5.24 -63.03
C VAL O 42 -38.92 6.35 -62.15
N LYS O 43 -38.13 7.23 -62.76
CA LYS O 43 -37.69 8.46 -62.11
C LYS O 43 -37.64 9.59 -63.13
N THR O 44 -37.78 10.81 -62.62
CA THR O 44 -37.32 12.01 -63.32
C THR O 44 -36.85 13.01 -62.28
N LYS O 45 -36.55 14.23 -62.76
CA LYS O 45 -36.26 15.36 -61.88
C LYS O 45 -37.38 15.63 -60.87
N SER O 46 -38.59 15.14 -61.13
CA SER O 46 -39.69 15.37 -60.20
C SER O 46 -39.63 14.46 -58.98
N GLY O 47 -39.46 13.15 -59.18
CA GLY O 47 -39.51 12.25 -58.06
C GLY O 47 -39.31 10.81 -58.47
N VAL O 48 -39.62 9.92 -57.54
CA VAL O 48 -39.41 8.48 -57.67
C VAL O 48 -40.73 7.75 -57.50
N VAL O 49 -41.04 6.88 -58.46
CA VAL O 49 -42.14 5.94 -58.34
C VAL O 49 -41.65 4.58 -58.79
N LEU O 50 -41.86 3.57 -57.95
CA LEU O 50 -41.61 2.18 -58.32
C LEU O 50 -42.71 1.32 -57.75
N LEU O 51 -43.15 0.35 -58.54
CA LEU O 51 -44.29 -0.50 -58.18
C LEU O 51 -44.06 -1.90 -58.71
N ALA O 52 -44.94 -2.81 -58.33
CA ALA O 52 -44.76 -4.22 -58.64
C ALA O 52 -46.12 -4.88 -58.76
N GLU O 53 -46.25 -5.76 -59.77
CA GLU O 53 -47.47 -6.49 -59.98
C GLU O 53 -47.63 -7.59 -58.93
N LYS O 54 -48.89 -7.84 -58.55
CA LYS O 54 -49.24 -8.86 -57.55
C LYS O 54 -50.28 -9.79 -58.15
N ARG O 55 -49.82 -10.76 -58.93
CA ARG O 55 -50.72 -11.68 -59.60
C ARG O 55 -51.26 -12.71 -58.62
N LYS O 56 -52.51 -13.11 -58.83
CA LYS O 56 -53.24 -13.96 -57.89
C LYS O 56 -53.40 -15.34 -58.52
N ALA O 57 -52.59 -16.30 -58.05
CA ALA O 57 -52.62 -17.64 -58.61
C ALA O 57 -53.74 -18.49 -57.99
N THR O 58 -54.15 -18.19 -56.77
CA THR O 58 -55.19 -18.93 -56.10
C THR O 58 -56.15 -17.95 -55.44
N GLN O 59 -57.39 -18.39 -55.23
CA GLN O 59 -58.40 -17.50 -54.65
C GLN O 59 -58.08 -17.13 -53.20
N LEU O 60 -57.56 -18.07 -52.42
CA LEU O 60 -57.50 -17.92 -50.97
C LEU O 60 -56.20 -17.30 -50.48
N LEU O 61 -55.40 -16.70 -51.36
CA LEU O 61 -54.16 -16.08 -50.92
C LEU O 61 -54.45 -14.67 -50.40
N ASP O 62 -53.71 -14.27 -49.37
CA ASP O 62 -53.81 -12.91 -48.82
C ASP O 62 -52.94 -11.99 -49.64
N VAL O 63 -53.53 -11.40 -50.69
CA VAL O 63 -52.77 -10.48 -51.53
C VAL O 63 -52.48 -9.19 -50.77
N ASP O 64 -53.33 -8.81 -49.82
CA ASP O 64 -53.08 -7.63 -49.02
C ASP O 64 -51.91 -7.81 -48.07
N GLY O 65 -51.51 -9.06 -47.78
CA GLY O 65 -50.42 -9.31 -46.87
C GLY O 65 -49.10 -9.67 -47.55
N ILE O 66 -49.18 -10.21 -48.77
CA ILE O 66 -47.96 -10.55 -49.49
C ILE O 66 -47.23 -9.27 -49.86
N GLU O 67 -45.89 -9.31 -49.78
CA GLU O 67 -45.08 -8.11 -49.83
C GLU O 67 -43.98 -8.28 -50.89
N LYS O 68 -43.83 -7.25 -51.72
CA LYS O 68 -42.73 -7.18 -52.67
C LYS O 68 -42.01 -5.84 -52.65
N ILE O 69 -42.64 -4.78 -52.16
CA ILE O 69 -41.97 -3.50 -51.94
C ILE O 69 -41.37 -3.53 -50.54
N PHE O 70 -40.05 -3.39 -50.45
CA PHE O 70 -39.35 -3.38 -49.19
C PHE O 70 -38.64 -2.05 -49.00
N MET O 71 -38.64 -1.56 -47.76
CA MET O 71 -38.09 -0.25 -47.43
C MET O 71 -36.72 -0.46 -46.80
N LEU O 72 -35.66 -0.12 -47.54
CA LEU O 72 -34.31 -0.31 -47.03
C LEU O 72 -33.99 0.73 -45.96
N ASP O 73 -34.33 1.99 -46.21
CA ASP O 73 -34.06 3.07 -45.28
C ASP O 73 -35.08 4.17 -45.53
N ASP O 74 -35.11 5.14 -44.62
CA ASP O 74 -35.94 6.34 -44.73
C ASP O 74 -36.01 6.89 -46.15
N HIS O 75 -34.90 6.84 -46.88
CA HIS O 75 -34.83 7.41 -48.22
C HIS O 75 -34.79 6.38 -49.34
N VAL O 76 -34.62 5.09 -49.05
CA VAL O 76 -34.44 4.09 -50.09
C VAL O 76 -35.40 2.93 -49.85
N GLY O 77 -36.20 2.62 -50.88
CA GLY O 77 -36.86 1.34 -50.99
C GLY O 77 -36.44 0.68 -52.29
N CYS O 78 -36.79 -0.60 -52.42
CA CYS O 78 -36.52 -1.32 -53.65
C CYS O 78 -37.46 -2.50 -53.76
N THR O 79 -37.55 -3.05 -54.97
CA THR O 79 -38.32 -4.26 -55.22
C THR O 79 -37.47 -5.24 -56.00
N PHE O 80 -37.90 -6.51 -55.97
CA PHE O 80 -37.19 -7.59 -56.64
C PHE O 80 -38.13 -8.29 -57.62
N ALA O 81 -37.53 -9.04 -58.54
CA ALA O 81 -38.27 -9.97 -59.39
C ALA O 81 -37.42 -11.21 -59.59
N GLY O 82 -38.09 -12.29 -59.98
CA GLY O 82 -37.43 -13.58 -60.07
C GLY O 82 -37.85 -14.47 -58.94
N LEU O 83 -36.88 -15.08 -58.24
CA LEU O 83 -37.21 -15.82 -57.04
C LEU O 83 -37.53 -14.85 -55.91
N ALA O 84 -38.11 -15.39 -54.83
CA ALA O 84 -38.40 -14.57 -53.66
C ALA O 84 -37.26 -14.62 -52.65
N SER O 85 -36.81 -15.83 -52.31
CA SER O 85 -35.93 -16.01 -51.16
C SER O 85 -34.53 -15.47 -51.40
N ASP O 86 -34.05 -15.53 -52.64
CA ASP O 86 -32.71 -15.03 -52.93
C ASP O 86 -32.63 -13.52 -52.78
N GLY O 87 -33.60 -12.80 -53.36
CA GLY O 87 -33.63 -11.35 -53.19
C GLY O 87 -34.08 -10.91 -51.82
N ARG O 88 -34.67 -11.83 -51.03
CA ARG O 88 -35.10 -11.52 -49.69
C ARG O 88 -33.96 -11.62 -48.68
N ILE O 89 -33.14 -12.67 -48.78
CA ILE O 89 -31.95 -12.72 -47.94
C ILE O 89 -30.98 -11.63 -48.37
N LEU O 90 -31.04 -11.24 -49.64
CA LEU O 90 -30.27 -10.09 -50.11
C LEU O 90 -30.84 -8.78 -49.58
N ILE O 91 -32.13 -8.75 -49.24
CA ILE O 91 -32.71 -7.54 -48.67
C ILE O 91 -32.30 -7.36 -47.21
N ASP O 92 -32.07 -8.47 -46.49
CA ASP O 92 -31.59 -8.36 -45.12
C ASP O 92 -30.17 -7.85 -45.07
N TYR O 93 -29.33 -8.30 -46.02
CA TYR O 93 -27.97 -7.80 -46.09
C TYR O 93 -27.95 -6.33 -46.48
N ALA O 94 -28.87 -5.92 -47.35
CA ALA O 94 -28.94 -4.52 -47.75
C ALA O 94 -29.35 -3.62 -46.59
N ARG O 95 -30.37 -4.05 -45.83
CA ARG O 95 -30.79 -3.28 -44.67
C ARG O 95 -29.71 -3.29 -43.59
N SER O 96 -28.98 -4.41 -43.45
CA SER O 96 -27.91 -4.47 -42.47
C SER O 96 -26.76 -3.56 -42.85
N GLN O 97 -26.43 -3.49 -44.15
CA GLN O 97 -25.35 -2.61 -44.59
C GLN O 97 -25.76 -1.14 -44.46
N ALA O 98 -27.04 -0.85 -44.70
CA ALA O 98 -27.53 0.52 -44.58
C ALA O 98 -27.52 0.97 -43.12
N LEU O 99 -28.03 0.14 -42.21
CA LEU O 99 -28.07 0.51 -40.81
C LEU O 99 -26.67 0.54 -40.19
N GLN O 100 -25.74 -0.23 -40.74
CA GLN O 100 -24.36 -0.17 -40.28
C GLN O 100 -23.70 1.15 -40.68
N HIS O 101 -23.97 1.62 -41.90
CA HIS O 101 -23.43 2.92 -42.32
C HIS O 101 -24.02 4.06 -41.50
N ARG O 102 -25.29 3.96 -41.11
CA ARG O 102 -25.91 5.01 -40.31
C ARG O 102 -25.46 4.96 -38.86
N LEU O 103 -25.02 3.80 -38.37
CA LEU O 103 -24.44 3.73 -37.03
C LEU O 103 -23.06 4.36 -36.99
N ILE O 104 -22.29 4.24 -38.07
CA ILE O 104 -20.93 4.78 -38.09
C ILE O 104 -20.94 6.28 -38.29
N TYR O 105 -21.60 6.75 -39.35
CA TYR O 105 -21.51 8.15 -39.76
C TYR O 105 -22.67 8.99 -39.26
N ASP O 106 -23.70 8.38 -38.69
CA ASP O 106 -24.94 9.08 -38.32
C ASP O 106 -25.44 9.89 -39.50
N GLU O 107 -25.52 9.23 -40.65
CA GLU O 107 -25.79 9.88 -41.93
C GLU O 107 -26.56 8.91 -42.80
N PRO O 108 -27.48 9.41 -43.63
CA PRO O 108 -28.09 8.55 -44.65
C PRO O 108 -27.05 8.06 -45.65
N ILE O 109 -27.39 6.96 -46.32
CA ILE O 109 -26.43 6.18 -47.09
C ILE O 109 -26.56 6.56 -48.56
N SER O 110 -25.41 6.73 -49.22
CA SER O 110 -25.38 6.91 -50.66
C SER O 110 -25.83 5.64 -51.36
N ILE O 111 -26.50 5.81 -52.50
CA ILE O 111 -27.12 4.69 -53.18
C ILE O 111 -26.10 3.89 -53.99
N GLU O 112 -25.00 4.53 -54.40
CA GLU O 112 -23.94 3.80 -55.06
C GLU O 112 -23.26 2.80 -54.13
N TYR O 113 -23.24 3.06 -52.83
CA TYR O 113 -22.61 2.15 -51.89
C TYR O 113 -23.53 0.99 -51.50
N LEU O 114 -24.83 1.24 -51.39
CA LEU O 114 -25.78 0.17 -51.13
C LEU O 114 -25.78 -0.84 -52.27
N THR O 115 -26.02 -0.36 -53.49
CA THR O 115 -26.02 -1.24 -54.66
C THR O 115 -24.63 -1.82 -54.92
N LYS O 116 -23.57 -1.13 -54.52
CA LYS O 116 -22.22 -1.68 -54.65
C LYS O 116 -22.08 -2.98 -53.85
N VAL O 117 -22.39 -2.94 -52.55
CA VAL O 117 -22.10 -4.08 -51.69
C VAL O 117 -23.08 -5.20 -51.97
N ILE O 118 -24.32 -4.86 -52.34
CA ILE O 118 -25.26 -5.86 -52.84
C ILE O 118 -24.68 -6.55 -54.08
N SER O 119 -24.22 -5.75 -55.04
CA SER O 119 -23.70 -6.31 -56.29
C SER O 119 -22.39 -7.06 -56.07
N ASP O 120 -21.60 -6.67 -55.08
CA ASP O 120 -20.39 -7.41 -54.77
C ASP O 120 -20.70 -8.77 -54.18
N VAL O 121 -21.79 -8.88 -53.43
CA VAL O 121 -22.22 -10.19 -52.94
C VAL O 121 -22.65 -11.08 -54.10
N LYS O 122 -23.35 -10.51 -55.08
CA LYS O 122 -23.74 -11.28 -56.26
C LYS O 122 -22.52 -11.75 -57.03
N GLN O 123 -21.49 -10.91 -57.15
CA GLN O 123 -20.25 -11.31 -57.79
C GLN O 123 -19.59 -12.45 -57.03
N ALA O 124 -19.53 -12.35 -55.70
CA ALA O 124 -18.85 -13.37 -54.90
C ALA O 124 -19.53 -14.72 -55.01
N TYR O 125 -20.83 -14.75 -55.25
CA TYR O 125 -21.53 -16.02 -55.50
C TYR O 125 -21.53 -16.43 -56.97
N THR O 126 -20.95 -15.63 -57.87
CA THR O 126 -20.72 -16.04 -59.25
C THR O 126 -19.26 -16.30 -59.55
N GLN O 127 -18.45 -16.57 -58.52
CA GLN O 127 -17.03 -16.87 -58.75
C GLN O 127 -16.51 -18.03 -57.93
N HIS O 128 -17.33 -18.60 -57.04
CA HIS O 128 -16.91 -19.69 -56.18
C HIS O 128 -17.68 -20.95 -56.52
N GLY O 129 -17.06 -22.10 -56.32
CA GLY O 129 -17.51 -23.35 -56.90
C GLY O 129 -18.84 -23.87 -56.41
N GLY O 130 -18.89 -24.23 -55.12
CA GLY O 130 -20.08 -24.86 -54.58
C GLY O 130 -21.16 -23.91 -54.11
N VAL O 131 -21.40 -22.84 -54.86
CA VAL O 131 -22.44 -21.87 -54.53
C VAL O 131 -23.22 -21.54 -55.78
N ARG O 132 -24.55 -21.68 -55.71
CA ARG O 132 -25.42 -21.26 -56.80
C ARG O 132 -25.51 -19.73 -56.84
N PRO O 133 -25.52 -19.14 -58.03
CA PRO O 133 -25.71 -17.69 -58.13
C PRO O 133 -27.13 -17.27 -57.76
N PHE O 134 -27.28 -15.96 -57.55
CA PHE O 134 -28.60 -15.41 -57.26
C PHE O 134 -29.45 -15.37 -58.53
N GLY O 135 -30.72 -15.70 -58.40
CA GLY O 135 -31.63 -15.64 -59.53
C GLY O 135 -32.61 -14.49 -59.40
N VAL O 136 -32.13 -13.34 -58.92
CA VAL O 136 -32.99 -12.21 -58.60
C VAL O 136 -32.32 -10.94 -59.12
N ALA O 137 -33.08 -10.10 -59.81
CA ALA O 137 -32.67 -8.75 -60.15
C ALA O 137 -33.39 -7.73 -59.27
N LEU O 138 -32.67 -6.69 -58.87
CA LEU O 138 -33.19 -5.66 -58.00
C LEU O 138 -33.24 -4.32 -58.73
N ILE O 139 -34.21 -3.48 -58.33
CA ILE O 139 -34.27 -2.08 -58.77
C ILE O 139 -34.45 -1.22 -57.53
N VAL O 140 -33.52 -0.28 -57.33
CA VAL O 140 -33.39 0.44 -56.07
C VAL O 140 -33.64 1.93 -56.31
N GLY O 141 -34.52 2.52 -55.49
CA GLY O 141 -34.85 3.93 -55.60
C GLY O 141 -34.55 4.73 -54.36
N GLY O 142 -33.83 5.85 -54.53
CA GLY O 142 -33.45 6.71 -53.43
C GLY O 142 -33.35 8.19 -53.80
N ILE O 143 -33.73 9.08 -52.88
CA ILE O 143 -33.67 10.53 -53.14
C ILE O 143 -33.03 11.32 -52.01
N ASP O 144 -32.09 10.73 -51.30
CA ASP O 144 -31.45 11.47 -50.22
C ASP O 144 -30.25 12.27 -50.71
N LYS O 145 -29.82 12.07 -51.95
CA LYS O 145 -28.70 12.81 -52.48
C LYS O 145 -29.09 14.28 -52.63
N GLY O 146 -28.09 15.17 -52.52
CA GLY O 146 -28.38 16.57 -52.64
C GLY O 146 -28.65 17.03 -54.06
N LYS O 147 -28.23 16.24 -55.04
CA LYS O 147 -28.45 16.58 -56.45
C LYS O 147 -29.87 16.19 -56.89
N GLN O 148 -30.00 15.06 -57.57
CA GLN O 148 -31.29 14.57 -58.06
C GLN O 148 -31.49 13.12 -57.63
N PRO O 149 -32.54 12.42 -58.06
CA PRO O 149 -32.70 11.01 -57.66
C PRO O 149 -31.77 10.09 -58.45
N LYS O 150 -31.60 8.89 -57.92
CA LYS O 150 -30.74 7.88 -58.52
C LYS O 150 -31.48 6.55 -58.52
N LEU O 151 -31.60 5.93 -59.70
CA LEU O 151 -32.15 4.59 -59.86
C LEU O 151 -31.05 3.67 -60.36
N LEU O 152 -30.93 2.49 -59.76
CA LEU O 152 -30.01 1.48 -60.24
C LEU O 152 -30.74 0.14 -60.35
N MET O 153 -30.14 -0.76 -61.13
CA MET O 153 -30.63 -2.12 -61.29
C MET O 153 -29.46 -3.09 -61.10
N THR O 154 -29.69 -4.15 -60.31
CA THR O 154 -28.68 -5.16 -60.06
C THR O 154 -28.99 -6.38 -60.91
N GLU O 155 -28.03 -6.79 -61.73
CA GLU O 155 -28.10 -8.01 -62.51
C GLU O 155 -27.33 -9.14 -61.81
N PRO O 156 -27.76 -10.39 -61.99
CA PRO O 156 -27.11 -11.49 -61.26
C PRO O 156 -25.65 -11.71 -61.63
N SER O 157 -25.17 -11.12 -62.74
CA SER O 157 -23.74 -11.04 -62.97
C SER O 157 -23.05 -10.09 -62.02
N GLY O 158 -23.78 -9.15 -61.42
CA GLY O 158 -23.19 -8.15 -60.56
C GLY O 158 -23.00 -6.79 -61.19
N GLN O 159 -23.64 -6.52 -62.32
CA GLN O 159 -23.44 -5.26 -63.03
C GLN O 159 -24.39 -4.19 -62.54
N PHE O 160 -23.92 -2.94 -62.54
CA PHE O 160 -24.81 -1.80 -62.38
C PHE O 160 -25.31 -1.36 -63.75
N MET O 161 -26.57 -0.96 -63.81
CA MET O 161 -27.01 -0.03 -64.83
C MET O 161 -27.94 1.00 -64.20
N PRO O 162 -27.53 2.26 -64.11
CA PRO O 162 -28.47 3.31 -63.68
C PRO O 162 -29.43 3.66 -64.81
N TYR O 163 -30.71 3.75 -64.48
CA TYR O 163 -31.76 3.92 -65.46
C TYR O 163 -32.63 5.11 -65.11
N TYR O 164 -33.18 5.74 -66.16
CA TYR O 164 -34.25 6.71 -65.96
C TYR O 164 -35.54 6.01 -65.58
N ALA O 165 -35.84 4.89 -66.23
CA ALA O 165 -37.07 4.13 -66.03
C ALA O 165 -36.93 2.76 -66.67
N VAL O 166 -37.11 1.68 -65.91
CA VAL O 166 -37.11 0.33 -66.46
C VAL O 166 -38.19 -0.52 -65.80
N ALA O 167 -38.33 -1.74 -66.32
CA ALA O 167 -39.29 -2.72 -65.83
C ALA O 167 -38.82 -4.09 -66.31
N ILE O 168 -38.81 -5.07 -65.41
CA ILE O 168 -38.35 -6.42 -65.73
C ILE O 168 -39.28 -7.44 -65.12
N GLY O 169 -39.39 -8.58 -65.79
CA GLY O 169 -40.37 -9.60 -65.48
C GLY O 169 -40.92 -10.20 -66.75
N GLN O 170 -42.10 -10.80 -66.66
CA GLN O 170 -42.67 -11.47 -67.82
C GLN O 170 -43.05 -10.46 -68.90
N GLY O 171 -43.73 -9.38 -68.51
CA GLY O 171 -44.07 -8.32 -69.43
C GLY O 171 -43.07 -7.19 -69.34
N GLY O 172 -41.82 -7.51 -69.00
CA GLY O 172 -40.82 -6.49 -68.80
C GLY O 172 -40.45 -5.76 -70.08
N TYR O 173 -40.37 -6.49 -71.19
CA TYR O 173 -39.98 -5.85 -72.45
C TYR O 173 -41.12 -4.99 -73.00
N THR O 174 -42.37 -5.39 -72.73
CA THR O 174 -43.49 -4.59 -73.21
C THR O 174 -43.58 -3.26 -72.48
N ALA O 175 -43.38 -3.28 -71.16
CA ALA O 175 -43.32 -2.03 -70.41
C ALA O 175 -42.08 -1.22 -70.76
N THR O 176 -41.00 -1.92 -71.14
CA THR O 176 -39.79 -1.22 -71.55
C THR O 176 -40.02 -0.40 -72.81
N GLU O 177 -40.80 -0.93 -73.76
CA GLU O 177 -41.05 -0.20 -74.99
C GLU O 177 -42.12 0.87 -74.82
N TYR O 178 -43.04 0.69 -73.87
CA TYR O 178 -44.00 1.75 -73.60
C TYR O 178 -43.32 2.96 -72.98
N LEU O 179 -42.40 2.73 -72.03
CA LEU O 179 -41.64 3.83 -71.45
C LEU O 179 -40.65 4.41 -72.45
N GLU O 180 -40.27 3.63 -73.47
CA GLU O 180 -39.51 4.18 -74.58
C GLU O 180 -40.35 5.13 -75.42
N LYS O 181 -41.67 4.89 -75.51
CA LYS O 181 -42.55 5.72 -76.32
C LYS O 181 -42.75 7.10 -75.69
N ASN O 182 -43.31 7.14 -74.48
CA ASN O 182 -43.75 8.41 -73.90
C ASN O 182 -43.10 8.68 -72.55
N TYR O 183 -41.76 8.64 -72.50
CA TYR O 183 -41.01 9.14 -71.35
C TYR O 183 -40.78 10.64 -71.55
N LYS O 184 -41.68 11.44 -70.99
CA LYS O 184 -41.59 12.89 -71.15
C LYS O 184 -40.41 13.45 -70.36
N GLU O 185 -39.72 14.43 -70.97
CA GLU O 185 -38.59 15.06 -70.30
C GLU O 185 -39.01 15.74 -69.01
N ASP O 186 -39.99 16.64 -69.09
CA ASP O 186 -40.56 17.28 -67.90
C ASP O 186 -41.70 16.41 -67.39
N LEU O 187 -41.45 15.68 -66.31
CA LEU O 187 -42.40 14.75 -65.74
C LEU O 187 -42.78 15.20 -64.34
N ASP O 188 -43.83 14.57 -63.80
CA ASP O 188 -44.49 15.04 -62.58
C ASP O 188 -44.88 13.83 -61.75
N ILE O 189 -45.02 14.04 -60.44
CA ILE O 189 -45.06 12.92 -59.51
C ILE O 189 -46.38 12.16 -59.63
N GLN O 190 -47.50 12.87 -59.55
CA GLN O 190 -48.77 12.27 -59.93
C GLN O 190 -48.75 11.78 -61.37
N SER O 191 -47.97 12.42 -62.24
CA SER O 191 -47.90 12.02 -63.63
C SER O 191 -46.92 10.88 -63.88
N THR O 192 -45.91 10.70 -63.02
CA THR O 192 -44.98 9.59 -63.20
C THR O 192 -45.51 8.30 -62.58
N ILE O 193 -46.34 8.41 -61.54
CA ILE O 193 -47.03 7.23 -61.03
C ILE O 193 -48.16 6.85 -61.98
N LEU O 194 -48.78 7.84 -62.63
CA LEU O 194 -49.69 7.55 -63.74
C LEU O 194 -48.96 6.83 -64.87
N LEU O 195 -47.73 7.23 -65.16
CA LEU O 195 -46.99 6.64 -66.27
C LEU O 195 -46.63 5.19 -65.98
N ALA O 196 -46.33 4.87 -64.72
CA ALA O 196 -45.99 3.49 -64.39
C ALA O 196 -47.23 2.59 -64.43
N LEU O 197 -48.38 3.11 -64.02
CA LEU O 197 -49.62 2.36 -64.15
C LEU O 197 -49.96 2.09 -65.61
N ARG O 198 -49.74 3.08 -66.48
CA ARG O 198 -49.95 2.87 -67.91
C ARG O 198 -48.94 1.90 -68.49
N ALA O 199 -47.73 1.84 -67.94
CA ALA O 199 -46.73 0.91 -68.44
C ALA O 199 -47.01 -0.52 -68.01
N LEU O 200 -47.82 -0.72 -66.99
CA LEU O 200 -48.24 -2.05 -66.56
C LEU O 200 -49.50 -2.50 -67.29
N MET O 201 -49.92 -1.78 -68.33
CA MET O 201 -50.76 -2.29 -69.41
C MET O 201 -52.08 -2.85 -68.89
N TYR O 212 -58.88 -3.30 -55.81
CA TYR O 212 -58.08 -2.09 -55.63
C TYR O 212 -56.64 -2.44 -55.31
N SER O 213 -56.47 -3.42 -54.42
CA SER O 213 -55.13 -3.82 -53.97
C SER O 213 -54.70 -5.10 -54.68
N SER O 214 -54.52 -4.97 -56.00
CA SER O 214 -53.92 -6.02 -56.79
C SER O 214 -52.54 -5.62 -57.32
N VAL O 215 -52.14 -4.38 -57.09
CA VAL O 215 -50.81 -3.86 -57.38
C VAL O 215 -50.44 -2.94 -56.24
N GLU O 216 -49.21 -3.07 -55.73
CA GLU O 216 -48.76 -2.23 -54.63
C GLU O 216 -47.64 -1.31 -55.10
N ILE O 217 -47.69 -0.07 -54.63
CA ILE O 217 -46.98 1.05 -55.24
C ILE O 217 -46.27 1.82 -54.14
N GLY O 218 -45.02 2.22 -54.41
CA GLY O 218 -44.31 3.06 -53.48
C GLY O 218 -43.58 4.18 -54.20
N TYR O 219 -43.58 5.37 -53.60
CA TYR O 219 -42.96 6.54 -54.21
C TYR O 219 -42.10 7.27 -53.19
N ALA O 220 -41.03 7.89 -53.69
CA ALA O 220 -40.19 8.79 -52.91
C ALA O 220 -40.20 10.16 -53.56
N ASP O 221 -40.40 11.19 -52.75
CA ASP O 221 -40.53 12.56 -53.24
C ASP O 221 -39.42 13.43 -52.66
N VAL O 222 -39.00 14.43 -53.45
CA VAL O 222 -37.80 15.19 -53.13
C VAL O 222 -38.05 16.32 -52.15
N ASP O 223 -39.31 16.68 -51.91
CA ASP O 223 -39.62 17.80 -51.02
C ASP O 223 -39.42 17.40 -49.55
N SER O 224 -40.11 16.35 -49.11
CA SER O 224 -39.83 15.69 -47.84
C SER O 224 -39.07 14.40 -48.12
N GLY O 225 -37.79 14.38 -47.78
CA GLY O 225 -36.90 13.34 -48.26
C GLY O 225 -37.12 11.97 -47.66
N THR O 226 -38.24 11.33 -48.02
CA THR O 226 -38.63 10.07 -47.41
C THR O 226 -39.30 9.18 -48.44
N PHE O 227 -39.27 7.87 -48.18
CA PHE O 227 -39.74 6.85 -49.10
C PHE O 227 -41.03 6.27 -48.53
N LYS O 228 -42.17 6.68 -49.07
CA LYS O 228 -43.46 6.34 -48.50
C LYS O 228 -44.18 5.32 -49.38
N LYS O 229 -45.20 4.71 -48.80
CA LYS O 229 -46.10 3.82 -49.52
C LYS O 229 -47.50 4.41 -49.53
N LEU O 230 -48.18 4.31 -50.68
CA LEU O 230 -49.58 4.67 -50.76
C LEU O 230 -50.42 3.70 -49.94
N THR O 231 -51.25 4.24 -49.06
CA THR O 231 -52.26 3.43 -48.39
C THR O 231 -53.40 3.12 -49.34
N THR O 232 -54.29 2.22 -48.89
CA THR O 232 -55.20 1.56 -49.83
C THR O 232 -56.19 2.55 -50.43
N GLU O 233 -56.67 3.49 -49.63
CA GLU O 233 -57.59 4.51 -50.16
C GLU O 233 -56.91 5.40 -51.19
N GLU O 234 -55.61 5.65 -51.04
CA GLU O 234 -54.84 6.31 -52.09
C GLU O 234 -54.42 5.34 -53.19
N ARG O 235 -54.44 4.04 -52.93
CA ARG O 235 -54.09 3.06 -53.96
C ARG O 235 -55.19 2.89 -54.99
N SER O 236 -56.45 3.10 -54.60
CA SER O 236 -57.56 2.83 -55.50
C SER O 236 -57.60 3.82 -56.65
N ASP O 237 -57.58 5.11 -56.34
CA ASP O 237 -57.55 6.15 -57.37
C ASP O 237 -56.18 6.21 -58.02
N THR P 15 -8.44 -25.35 -64.36
CA THR P 15 -7.08 -25.36 -63.83
C THR P 15 -6.31 -26.56 -64.34
N ILE P 16 -6.35 -26.77 -65.66
CA ILE P 16 -5.74 -27.93 -66.30
C ILE P 16 -4.99 -27.46 -67.55
N PHE P 17 -3.79 -27.99 -67.75
CA PHE P 17 -2.99 -27.64 -68.91
C PHE P 17 -3.36 -28.50 -70.11
N SER P 18 -3.52 -27.87 -71.26
CA SER P 18 -3.63 -28.56 -72.53
C SER P 18 -2.27 -29.06 -72.98
N PRO P 19 -2.24 -30.07 -73.86
CA PRO P 19 -0.95 -30.67 -74.24
C PRO P 19 -0.02 -29.71 -74.96
N ASP P 20 -0.53 -28.67 -75.61
CA ASP P 20 0.35 -27.63 -76.12
C ASP P 20 0.93 -26.77 -75.00
N GLY P 21 0.22 -26.68 -73.87
CA GLY P 21 0.64 -25.87 -72.75
C GLY P 21 -0.21 -24.65 -72.47
N SER P 22 -1.22 -24.38 -73.29
CA SER P 22 -2.06 -23.20 -73.11
C SER P 22 -3.21 -23.51 -72.17
N LEU P 23 -3.55 -22.55 -71.32
CA LEU P 23 -4.74 -22.63 -70.48
C LEU P 23 -5.94 -22.12 -71.27
N TYR P 24 -6.92 -23.00 -71.50
CA TYR P 24 -8.04 -22.64 -72.36
C TYR P 24 -8.99 -21.67 -71.66
N GLN P 25 -9.15 -21.80 -70.34
CA GLN P 25 -10.08 -20.93 -69.63
C GLN P 25 -9.59 -19.49 -69.61
N VAL P 26 -8.27 -19.29 -69.60
CA VAL P 26 -7.73 -17.94 -69.66
C VAL P 26 -8.01 -17.30 -71.02
N ASP P 27 -7.78 -18.06 -72.09
CA ASP P 27 -8.07 -17.55 -73.43
C ASP P 27 -9.56 -17.34 -73.64
N TYR P 28 -10.40 -18.14 -72.98
CA TYR P 28 -11.84 -17.92 -73.06
C TYR P 28 -12.24 -16.64 -72.33
N ALA P 29 -11.55 -16.33 -71.23
CA ALA P 29 -11.80 -15.05 -70.54
C ALA P 29 -11.32 -13.88 -71.40
N PHE P 30 -10.26 -14.08 -72.18
CA PHE P 30 -9.82 -13.02 -73.08
C PHE P 30 -10.79 -12.86 -74.25
N GLU P 31 -11.53 -13.91 -74.59
CA GLU P 31 -12.64 -13.76 -75.52
C GLU P 31 -13.80 -13.00 -74.89
N ALA P 32 -13.94 -13.09 -73.56
CA ALA P 32 -14.99 -12.35 -72.87
C ALA P 32 -14.71 -10.85 -72.86
N VAL P 33 -13.43 -10.45 -72.80
CA VAL P 33 -13.11 -9.03 -72.90
C VAL P 33 -13.11 -8.56 -74.34
N LYS P 34 -12.93 -9.47 -75.31
CA LYS P 34 -13.13 -9.12 -76.71
C LYS P 34 -14.59 -8.77 -76.98
N ARG P 35 -15.52 -9.34 -76.21
CA ARG P 35 -16.93 -9.00 -76.29
C ARG P 35 -17.30 -7.80 -75.43
N GLY P 36 -16.33 -7.14 -74.80
CA GLY P 36 -16.60 -5.98 -73.99
C GLY P 36 -16.73 -4.72 -74.83
N TRP P 37 -17.05 -3.62 -74.15
CA TRP P 37 -17.10 -2.34 -74.83
C TRP P 37 -15.70 -1.85 -75.14
N THR P 38 -15.62 -0.90 -76.08
CA THR P 38 -14.32 -0.38 -76.51
C THR P 38 -13.82 0.65 -75.51
N THR P 39 -12.64 0.40 -74.95
CA THR P 39 -11.97 1.34 -74.07
C THR P 39 -10.60 1.66 -74.63
N LEU P 40 -10.14 2.89 -74.40
CA LEU P 40 -8.95 3.40 -75.05
C LEU P 40 -8.01 4.01 -74.02
N GLY P 41 -6.72 3.86 -74.26
CA GLY P 41 -5.70 4.51 -73.45
C GLY P 41 -4.51 4.90 -74.29
N VAL P 42 -4.12 6.17 -74.23
CA VAL P 42 -2.98 6.66 -75.00
C VAL P 42 -2.01 7.41 -74.09
N VAL P 48 -1.27 11.88 -70.36
CA VAL P 48 -2.10 10.68 -70.25
C VAL P 48 -3.55 11.00 -70.60
N VAL P 49 -4.10 10.23 -71.53
CA VAL P 49 -5.53 10.27 -71.86
C VAL P 49 -6.02 8.83 -71.95
N LEU P 50 -7.11 8.53 -71.25
CA LEU P 50 -7.81 7.26 -71.40
C LEU P 50 -9.31 7.50 -71.37
N LEU P 51 -10.03 6.79 -72.24
CA LEU P 51 -11.46 7.01 -72.40
C LEU P 51 -12.15 5.68 -72.72
N ALA P 52 -13.49 5.71 -72.72
CA ALA P 52 -14.27 4.49 -72.86
C ALA P 52 -15.61 4.81 -73.53
N GLU P 53 -16.01 3.95 -74.46
CA GLU P 53 -17.28 4.10 -75.15
C GLU P 53 -18.45 3.71 -74.27
N LYS P 54 -19.59 4.40 -74.46
CA LYS P 54 -20.83 4.16 -73.70
C LYS P 54 -21.97 3.92 -74.68
N ARG P 55 -22.10 2.69 -75.16
CA ARG P 55 -23.14 2.39 -76.13
C ARG P 55 -24.48 2.26 -75.42
N LYS P 56 -25.54 2.68 -76.11
CA LYS P 56 -26.87 2.79 -75.52
C LYS P 56 -27.75 1.69 -76.09
N ALA P 57 -27.97 0.64 -75.30
CA ALA P 57 -28.76 -0.49 -75.76
C ALA P 57 -30.25 -0.26 -75.60
N THR P 58 -30.64 0.59 -74.64
CA THR P 58 -32.04 0.88 -74.37
C THR P 58 -32.21 2.39 -74.20
N GLN P 59 -33.39 2.87 -74.57
CA GLN P 59 -33.71 4.30 -74.52
C GLN P 59 -33.83 4.77 -73.07
N LEU P 60 -33.32 3.94 -72.15
CA LEU P 60 -33.60 4.06 -70.73
C LEU P 60 -32.36 4.02 -69.87
N LEU P 61 -31.24 3.50 -70.38
CA LEU P 61 -29.95 3.72 -69.75
C LEU P 61 -29.66 5.21 -69.66
N ASP P 62 -28.98 5.61 -68.58
CA ASP P 62 -28.54 7.00 -68.46
C ASP P 62 -27.27 7.18 -69.26
N VAL P 63 -27.24 8.22 -70.09
CA VAL P 63 -26.07 8.46 -70.92
C VAL P 63 -24.94 9.06 -70.09
N ASP P 64 -25.27 9.85 -69.07
CA ASP P 64 -24.28 10.45 -68.19
C ASP P 64 -24.14 9.70 -66.87
N GLY P 65 -24.96 8.67 -66.65
CA GLY P 65 -25.02 8.03 -65.34
C GLY P 65 -24.17 6.78 -65.24
N ILE P 66 -23.90 6.13 -66.38
CA ILE P 66 -22.95 5.02 -66.39
C ILE P 66 -21.58 5.55 -65.96
N GLU P 67 -20.88 4.78 -65.14
CA GLU P 67 -19.49 5.05 -64.85
C GLU P 67 -18.62 3.91 -65.33
N LYS P 68 -17.55 4.24 -66.05
CA LYS P 68 -16.53 3.27 -66.44
C LYS P 68 -15.11 3.77 -66.19
N ILE P 69 -14.90 5.08 -66.08
CA ILE P 69 -13.61 5.63 -65.67
C ILE P 69 -13.59 5.73 -64.15
N PHE P 70 -12.64 5.04 -63.53
CA PHE P 70 -12.49 5.05 -62.08
C PHE P 70 -11.14 5.63 -61.71
N MET P 71 -11.12 6.39 -60.61
CA MET P 71 -9.92 7.10 -60.18
C MET P 71 -9.23 6.37 -59.04
N CYS P 78 -8.04 4.62 -64.15
CA CYS P 78 -8.00 3.50 -65.07
C CYS P 78 -9.40 3.09 -65.49
N THR P 79 -9.50 2.31 -66.57
CA THR P 79 -10.78 1.78 -67.04
C THR P 79 -10.65 0.27 -67.29
N PHE P 80 -11.80 -0.38 -67.36
CA PHE P 80 -11.88 -1.81 -67.57
C PHE P 80 -12.71 -2.11 -68.81
N ALA P 81 -12.57 -3.32 -69.32
CA ALA P 81 -13.47 -3.85 -70.35
C ALA P 81 -13.69 -5.33 -70.08
N GLY P 82 -14.77 -5.85 -70.65
CA GLY P 82 -15.17 -7.21 -70.37
C GLY P 82 -16.40 -7.22 -69.49
N LEU P 83 -16.37 -8.00 -68.41
CA LEU P 83 -17.43 -7.93 -67.43
C LEU P 83 -17.29 -6.65 -66.61
N ALA P 84 -18.34 -6.33 -65.86
CA ALA P 84 -18.29 -5.18 -64.96
C ALA P 84 -17.84 -5.59 -63.57
N SER P 85 -18.46 -6.63 -63.01
CA SER P 85 -18.32 -6.92 -61.59
C SER P 85 -16.93 -7.45 -61.25
N ASP P 86 -16.30 -8.18 -62.17
CA ASP P 86 -14.97 -8.72 -61.90
C ASP P 86 -13.94 -7.60 -61.81
N GLY P 87 -13.95 -6.68 -62.77
CA GLY P 87 -13.05 -5.54 -62.71
C GLY P 87 -13.43 -4.51 -61.67
N ARG P 88 -14.65 -4.57 -61.15
CA ARG P 88 -15.10 -3.64 -60.12
C ARG P 88 -14.66 -4.07 -58.73
N ILE P 89 -14.77 -5.36 -58.42
CA ILE P 89 -14.20 -5.84 -57.16
C ILE P 89 -12.68 -5.78 -57.24
N LEU P 90 -12.12 -5.88 -58.44
CA LEU P 90 -10.69 -5.68 -58.62
C LEU P 90 -10.31 -4.22 -58.46
N ILE P 91 -11.26 -3.30 -58.71
CA ILE P 91 -10.98 -1.89 -58.48
C ILE P 91 -11.03 -1.56 -56.99
N ASP P 92 -11.85 -2.28 -56.22
CA ASP P 92 -11.89 -2.08 -54.78
C ASP P 92 -10.59 -2.54 -54.14
N TYR P 93 -10.04 -3.64 -54.62
CA TYR P 93 -8.75 -4.12 -54.13
C TYR P 93 -7.63 -3.15 -54.51
N ALA P 94 -7.72 -2.56 -55.70
CA ALA P 94 -6.70 -1.63 -56.15
C ALA P 94 -6.69 -0.36 -55.30
N ARG P 95 -7.87 0.20 -55.02
CA ARG P 95 -7.94 1.38 -54.18
C ARG P 95 -7.50 1.06 -52.75
N SER P 96 -7.80 -0.14 -52.26
CA SER P 96 -7.40 -0.51 -50.91
C SER P 96 -5.89 -0.64 -50.80
N GLN P 97 -5.25 -1.22 -51.82
CA GLN P 97 -3.80 -1.35 -51.80
C GLN P 97 -3.11 0.00 -51.97
N ALA P 98 -3.71 0.89 -52.77
CA ALA P 98 -3.13 2.21 -52.98
C ALA P 98 -3.17 3.04 -51.71
N LEU P 99 -4.32 3.07 -51.04
CA LEU P 99 -4.44 3.86 -49.82
C LEU P 99 -3.65 3.25 -48.68
N GLN P 100 -3.41 1.94 -48.71
CA GLN P 100 -2.55 1.30 -47.72
C GLN P 100 -1.10 1.70 -47.91
N HIS P 101 -0.63 1.78 -49.16
CA HIS P 101 0.74 2.24 -49.42
C HIS P 101 0.91 3.70 -49.04
N ARG P 102 -0.13 4.52 -49.25
CA ARG P 102 -0.04 5.93 -48.91
C ARG P 102 -0.17 6.19 -47.42
N LEU P 103 -0.81 5.28 -46.68
CA LEU P 103 -0.83 5.40 -45.23
C LEU P 103 0.52 5.02 -44.62
N ILE P 104 1.23 4.08 -45.22
CA ILE P 104 2.52 3.64 -44.67
C ILE P 104 3.61 4.66 -44.97
N TYR P 105 3.79 4.99 -46.26
CA TYR P 105 4.93 5.80 -46.69
C TYR P 105 4.61 7.27 -46.85
N ASP P 106 3.34 7.65 -46.77
CA ASP P 106 2.91 9.03 -47.05
C ASP P 106 3.45 9.52 -48.38
N GLU P 107 3.27 8.71 -49.41
CA GLU P 107 3.88 8.91 -50.71
C GLU P 107 2.93 8.40 -51.78
N PRO P 108 2.89 9.04 -52.95
CA PRO P 108 2.16 8.44 -54.08
C PRO P 108 2.79 7.12 -54.49
N ILE P 109 1.98 6.29 -55.15
CA ILE P 109 2.30 4.89 -55.37
C ILE P 109 2.85 4.73 -56.78
N SER P 110 3.92 3.95 -56.90
CA SER P 110 4.42 3.57 -58.22
C SER P 110 3.41 2.68 -58.93
N ILE P 111 3.34 2.84 -60.25
CA ILE P 111 2.30 2.15 -61.01
C ILE P 111 2.67 0.70 -61.29
N GLU P 112 3.96 0.37 -61.28
CA GLU P 112 4.36 -1.02 -61.41
C GLU P 112 3.93 -1.85 -60.21
N TYR P 113 3.81 -1.23 -59.04
CA TYR P 113 3.40 -1.98 -57.85
C TYR P 113 1.89 -2.14 -57.77
N LEU P 114 1.13 -1.12 -58.20
CA LEU P 114 -0.32 -1.26 -58.25
C LEU P 114 -0.72 -2.37 -59.22
N THR P 115 -0.23 -2.28 -60.46
CA THR P 115 -0.52 -3.32 -61.44
C THR P 115 0.09 -4.66 -61.03
N LYS P 116 1.17 -4.65 -60.25
CA LYS P 116 1.75 -5.87 -59.73
C LYS P 116 0.75 -6.64 -58.87
N VAL P 117 0.19 -5.98 -57.85
CA VAL P 117 -0.62 -6.70 -56.89
C VAL P 117 -1.98 -7.03 -57.47
N ILE P 118 -2.51 -6.16 -58.33
CA ILE P 118 -3.71 -6.51 -59.10
C ILE P 118 -3.46 -7.76 -59.93
N SER P 119 -2.37 -7.77 -60.69
CA SER P 119 -2.07 -8.91 -61.55
C SER P 119 -1.74 -10.16 -60.77
N ASP P 120 -1.20 -10.02 -59.56
CA ASP P 120 -0.94 -11.18 -58.73
C ASP P 120 -2.25 -11.80 -58.22
N VAL P 121 -3.26 -10.97 -57.99
CA VAL P 121 -4.58 -11.49 -57.64
C VAL P 121 -5.18 -12.26 -58.82
N LYS P 122 -5.00 -11.76 -60.04
CA LYS P 122 -5.48 -12.47 -61.22
C LYS P 122 -4.80 -13.82 -61.36
N GLN P 123 -3.49 -13.88 -61.08
CA GLN P 123 -2.79 -15.16 -61.10
C GLN P 123 -3.35 -16.12 -60.06
N ALA P 124 -3.60 -15.62 -58.84
CA ALA P 124 -4.08 -16.49 -57.78
C ALA P 124 -5.46 -17.07 -58.09
N TYR P 125 -6.27 -16.35 -58.88
CA TYR P 125 -7.54 -16.89 -59.35
C TYR P 125 -7.43 -17.68 -60.65
N THR P 126 -6.24 -17.76 -61.24
CA THR P 126 -5.99 -18.65 -62.37
C THR P 126 -5.11 -19.84 -61.98
N GLN P 127 -5.04 -20.17 -60.69
CA GLN P 127 -4.25 -21.30 -60.24
C GLN P 127 -4.94 -22.16 -59.20
N HIS P 128 -6.12 -21.77 -58.73
CA HIS P 128 -6.82 -22.50 -57.69
C HIS P 128 -8.12 -23.07 -58.23
N GLY P 129 -8.53 -24.21 -57.67
CA GLY P 129 -9.53 -25.04 -58.29
C GLY P 129 -10.92 -24.44 -58.34
N GLY P 130 -11.54 -24.24 -57.18
CA GLY P 130 -12.91 -23.80 -57.12
C GLY P 130 -13.08 -22.30 -57.20
N VAL P 131 -12.30 -21.65 -58.07
CA VAL P 131 -12.40 -20.20 -58.26
C VAL P 131 -12.36 -19.92 -59.76
N ARG P 132 -13.37 -19.18 -60.24
CA ARG P 132 -13.36 -18.74 -61.62
C ARG P 132 -12.34 -17.61 -61.82
N PRO P 133 -11.62 -17.59 -62.94
CA PRO P 133 -10.72 -16.47 -63.23
C PRO P 133 -11.49 -15.20 -63.57
N PHE P 134 -10.76 -14.09 -63.56
CA PHE P 134 -11.35 -12.81 -63.94
C PHE P 134 -11.54 -12.73 -65.45
N GLY P 135 -12.68 -12.17 -65.86
CA GLY P 135 -12.95 -11.99 -67.27
C GLY P 135 -12.86 -10.53 -67.67
N VAL P 136 -11.88 -9.82 -67.12
CA VAL P 136 -11.77 -8.37 -67.30
C VAL P 136 -10.31 -8.03 -67.57
N ALA P 137 -10.07 -7.20 -68.59
CA ALA P 137 -8.77 -6.59 -68.81
C ALA P 137 -8.80 -5.13 -68.37
N LEU P 138 -7.70 -4.69 -67.78
CA LEU P 138 -7.57 -3.33 -67.27
C LEU P 138 -6.49 -2.57 -68.05
N ILE P 139 -6.66 -1.26 -68.15
CA ILE P 139 -5.64 -0.36 -68.65
C ILE P 139 -5.48 0.78 -67.65
N VAL P 140 -4.27 0.95 -67.13
CA VAL P 140 -4.02 1.79 -65.97
C VAL P 140 -3.10 2.94 -66.39
N GLY P 141 -3.51 4.16 -66.06
CA GLY P 141 -2.72 5.34 -66.38
C GLY P 141 -2.49 6.23 -65.18
N GLY P 142 -1.24 6.65 -64.97
CA GLY P 142 -0.88 7.50 -63.86
C GLY P 142 0.27 8.39 -64.22
N ILE P 143 0.70 9.20 -63.24
CA ILE P 143 1.82 10.12 -63.44
C ILE P 143 3.02 9.78 -62.56
N ASP P 144 2.84 9.05 -61.47
CA ASP P 144 3.93 8.67 -60.57
C ASP P 144 4.75 9.86 -60.13
N LYS P 145 6.04 9.86 -60.45
CA LYS P 145 6.92 10.96 -60.09
C LYS P 145 7.28 11.75 -61.34
N GLY P 146 6.27 12.31 -62.00
CA GLY P 146 6.50 13.08 -63.21
C GLY P 146 6.98 12.25 -64.39
N LYS P 147 6.56 10.98 -64.46
CA LYS P 147 6.96 10.09 -65.54
C LYS P 147 5.76 9.20 -65.88
N GLN P 148 5.14 9.46 -67.03
CA GLN P 148 3.98 8.70 -67.47
C GLN P 148 4.30 7.21 -67.61
N LEU P 151 1.75 3.76 -68.63
CA LEU P 151 0.56 2.99 -68.98
C LEU P 151 0.87 1.50 -68.94
N LEU P 152 0.00 0.72 -68.30
CA LEU P 152 0.09 -0.73 -68.29
C LEU P 152 -1.27 -1.33 -68.61
N MET P 153 -1.26 -2.60 -69.01
CA MET P 153 -2.47 -3.36 -69.26
C MET P 153 -2.39 -4.69 -68.53
N THR P 154 -3.49 -5.05 -67.85
CA THR P 154 -3.56 -6.30 -67.12
C THR P 154 -4.36 -7.31 -67.93
N GLU P 155 -3.76 -8.47 -68.21
CA GLU P 155 -4.43 -9.57 -68.86
C GLU P 155 -4.89 -10.60 -67.84
N PRO P 156 -6.00 -11.31 -68.10
CA PRO P 156 -6.53 -12.23 -67.09
C PRO P 156 -5.61 -13.42 -66.81
N SER P 157 -4.59 -13.66 -67.65
CA SER P 157 -3.52 -14.58 -67.27
C SER P 157 -2.64 -14.00 -66.17
N GLY P 158 -2.63 -12.68 -66.00
CA GLY P 158 -1.76 -12.03 -65.05
C GLY P 158 -0.51 -11.39 -65.64
N GLN P 159 -0.46 -11.20 -66.95
CA GLN P 159 0.73 -10.67 -67.60
C GLN P 159 0.69 -9.14 -67.65
N PHE P 160 1.86 -8.52 -67.53
CA PHE P 160 2.00 -7.11 -67.86
C PHE P 160 2.33 -6.96 -69.33
N MET P 161 1.76 -5.94 -69.96
CA MET P 161 2.36 -5.35 -71.14
C MET P 161 2.26 -3.83 -71.04
N PRO P 162 3.37 -3.12 -70.86
CA PRO P 162 3.33 -1.65 -70.93
C PRO P 162 3.21 -1.18 -72.38
N TYR P 163 2.30 -0.26 -72.62
CA TYR P 163 1.98 0.17 -73.97
C TYR P 163 2.08 1.69 -74.07
N TYR P 164 2.43 2.17 -75.27
CA TYR P 164 2.30 3.59 -75.57
C TYR P 164 0.84 3.97 -75.74
N ALA P 165 0.06 3.11 -76.40
CA ALA P 165 -1.35 3.35 -76.70
C ALA P 165 -2.00 2.05 -77.16
N VAL P 166 -3.07 1.62 -76.50
CA VAL P 166 -3.83 0.45 -76.93
C VAL P 166 -5.33 0.72 -76.75
N ALA P 167 -6.12 -0.24 -77.21
CA ALA P 167 -7.58 -0.18 -77.11
C ALA P 167 -8.10 -1.60 -77.28
N ILE P 168 -9.02 -2.01 -76.41
CA ILE P 168 -9.56 -3.36 -76.44
C ILE P 168 -11.07 -3.31 -76.21
N GLY P 169 -11.77 -4.28 -76.80
CA GLY P 169 -13.21 -4.29 -76.90
C GLY P 169 -13.63 -4.83 -78.24
N GLN P 170 -14.86 -4.51 -78.64
CA GLN P 170 -15.39 -5.02 -79.90
C GLN P 170 -14.64 -4.42 -81.09
N GLY P 171 -14.46 -3.10 -81.09
CA GLY P 171 -13.72 -2.45 -82.14
C GLY P 171 -12.27 -2.20 -81.75
N GLY P 172 -11.74 -3.08 -80.92
CA GLY P 172 -10.39 -2.88 -80.40
C GLY P 172 -9.33 -2.99 -81.48
N TYR P 173 -9.50 -3.93 -82.42
CA TYR P 173 -8.50 -4.12 -83.46
C TYR P 173 -8.52 -2.97 -84.46
N THR P 174 -9.68 -2.37 -84.71
CA THR P 174 -9.76 -1.25 -85.63
C THR P 174 -9.05 -0.02 -85.06
N ALA P 175 -9.29 0.27 -83.77
CA ALA P 175 -8.56 1.34 -83.13
C ALA P 175 -7.08 1.01 -82.95
N THR P 176 -6.75 -0.27 -82.80
CA THR P 176 -5.36 -0.68 -82.69
C THR P 176 -4.61 -0.39 -84.00
N GLU P 177 -5.25 -0.63 -85.13
CA GLU P 177 -4.61 -0.39 -86.42
C GLU P 177 -4.64 1.09 -86.79
N TYR P 178 -5.63 1.84 -86.31
CA TYR P 178 -5.64 3.28 -86.53
C TYR P 178 -4.51 3.95 -85.76
N LEU P 179 -4.30 3.55 -84.50
CA LEU P 179 -3.20 4.09 -83.72
C LEU P 179 -1.85 3.57 -84.22
N GLU P 180 -1.85 2.44 -84.92
CA GLU P 180 -0.65 2.02 -85.63
C GLU P 180 -0.33 2.94 -86.80
N LYS P 181 -1.35 3.54 -87.41
CA LYS P 181 -1.13 4.41 -88.57
C LYS P 181 -0.50 5.73 -88.17
N ASN P 182 -1.17 6.51 -87.32
CA ASN P 182 -0.80 7.90 -87.05
C ASN P 182 -0.58 8.12 -85.55
N TYR P 183 0.59 7.71 -85.06
CA TYR P 183 0.92 7.90 -83.65
C TYR P 183 2.42 8.13 -83.53
N LYS P 184 2.81 9.26 -82.95
CA LYS P 184 4.19 9.52 -82.58
C LYS P 184 4.23 10.13 -81.18
N GLU P 185 5.44 10.27 -80.64
CA GLU P 185 5.60 10.63 -79.24
C GLU P 185 5.46 12.13 -79.02
N ASP P 186 6.23 12.93 -79.77
CA ASP P 186 6.31 14.37 -79.53
C ASP P 186 4.99 15.02 -79.93
N LEU P 187 4.16 15.33 -78.95
CA LEU P 187 2.74 15.55 -79.19
C LEU P 187 2.13 16.15 -77.94
N ASP P 188 1.02 16.86 -78.12
CA ASP P 188 0.43 17.67 -77.06
C ASP P 188 -0.65 16.87 -76.31
N ILE P 189 -1.44 17.57 -75.50
CA ILE P 189 -2.53 16.96 -74.76
C ILE P 189 -3.86 17.12 -75.48
N GLN P 190 -4.11 18.32 -76.02
CA GLN P 190 -5.28 18.50 -76.88
C GLN P 190 -5.18 17.63 -78.13
N SER P 191 -3.97 17.34 -78.59
CA SER P 191 -3.80 16.52 -79.78
C SER P 191 -3.86 15.02 -79.49
N THR P 192 -3.58 14.59 -78.26
CA THR P 192 -3.70 13.18 -77.93
C THR P 192 -5.12 12.80 -77.54
N ILE P 193 -5.89 13.74 -77.01
CA ILE P 193 -7.31 13.51 -76.81
C ILE P 193 -8.05 13.57 -78.14
N LEU P 194 -7.59 14.42 -79.06
CA LEU P 194 -8.06 14.37 -80.44
C LEU P 194 -7.78 13.02 -81.08
N LEU P 195 -6.59 12.46 -80.83
CA LEU P 195 -6.22 11.20 -81.47
C LEU P 195 -7.05 10.04 -80.95
N ALA P 196 -7.39 10.06 -79.66
CA ALA P 196 -8.19 8.98 -79.11
C ALA P 196 -9.63 9.06 -79.59
N LEU P 197 -10.17 10.26 -79.74
CA LEU P 197 -11.51 10.42 -80.30
C LEU P 197 -11.56 9.94 -81.74
N ARG P 198 -10.52 10.24 -82.53
CA ARG P 198 -10.44 9.72 -83.89
C ARG P 198 -10.26 8.21 -83.91
N ALA P 199 -9.59 7.65 -82.90
CA ALA P 199 -9.41 6.21 -82.87
C ALA P 199 -10.68 5.48 -82.48
N LEU P 200 -11.62 6.17 -81.85
CA LEU P 200 -12.92 5.61 -81.55
C LEU P 200 -13.90 5.80 -82.71
N MET P 201 -13.64 6.77 -83.59
CA MET P 201 -14.56 7.09 -84.67
C MET P 201 -14.34 6.16 -85.87
N ALA P 202 -13.14 5.62 -86.02
CA ALA P 202 -12.92 4.58 -87.03
C ALA P 202 -13.71 3.32 -86.72
N THR P 203 -14.02 3.08 -85.45
CA THR P 203 -14.81 1.92 -85.06
C THR P 203 -16.28 2.11 -85.41
N ASN P 211 -21.70 11.65 -82.38
CA ASN P 211 -22.18 11.48 -81.02
C ASN P 211 -21.97 12.76 -80.20
N TYR P 212 -23.00 13.19 -79.48
CA TYR P 212 -22.85 14.37 -78.63
C TYR P 212 -21.90 14.11 -77.47
N SER P 213 -22.09 13.00 -76.76
CA SER P 213 -21.19 12.63 -75.67
C SER P 213 -21.32 11.14 -75.36
N SER P 214 -20.88 10.29 -76.28
CA SER P 214 -21.00 8.84 -76.13
C SER P 214 -19.81 8.22 -75.41
N VAL P 215 -18.75 8.97 -75.16
CA VAL P 215 -17.54 8.41 -74.57
C VAL P 215 -17.13 9.23 -73.35
N GLU P 216 -16.91 8.55 -72.23
CA GLU P 216 -16.35 9.19 -71.04
C GLU P 216 -14.89 9.51 -71.33
N ILE P 217 -14.42 10.63 -70.79
CA ILE P 217 -13.03 11.04 -71.04
C ILE P 217 -12.41 11.46 -69.72
N GLY P 218 -11.19 10.98 -69.48
CA GLY P 218 -10.40 11.39 -68.34
C GLY P 218 -8.95 11.57 -68.78
N TYR P 219 -8.28 12.59 -68.26
CA TYR P 219 -6.90 12.84 -68.64
C TYR P 219 -6.07 13.15 -67.41
N ALA P 220 -4.80 12.76 -67.47
CA ALA P 220 -3.81 13.13 -66.47
C ALA P 220 -2.69 13.91 -67.16
N ASP P 221 -2.30 15.02 -66.58
CA ASP P 221 -1.34 15.93 -67.19
C ASP P 221 -0.11 16.06 -66.30
N VAL P 222 1.04 16.26 -66.94
CA VAL P 222 2.33 16.19 -66.23
C VAL P 222 2.69 17.49 -65.54
N ASP P 223 2.02 18.60 -65.90
CA ASP P 223 2.36 19.89 -65.30
C ASP P 223 1.84 19.99 -63.87
N SER P 224 0.53 19.79 -63.68
CA SER P 224 -0.05 19.57 -62.36
C SER P 224 -0.37 18.09 -62.23
N GLY P 225 0.40 17.39 -61.40
CA GLY P 225 0.40 15.94 -61.40
C GLY P 225 -0.86 15.31 -60.85
N THR P 226 -1.98 15.42 -61.58
CA THR P 226 -3.27 14.97 -61.09
C THR P 226 -4.08 14.38 -62.22
N PHE P 227 -5.08 13.58 -61.86
CA PHE P 227 -5.92 12.87 -62.80
C PHE P 227 -7.34 13.43 -62.72
N LYS P 228 -7.86 13.90 -63.85
CA LYS P 228 -9.15 14.57 -63.89
C LYS P 228 -10.02 13.96 -64.99
N LYS P 229 -11.32 14.20 -64.88
CA LYS P 229 -12.29 13.85 -65.90
C LYS P 229 -12.97 15.11 -66.42
N LEU P 230 -13.14 15.19 -67.73
CA LEU P 230 -13.78 16.35 -68.34
C LEU P 230 -15.25 16.41 -67.95
N THR P 231 -15.70 17.61 -67.59
CA THR P 231 -17.12 17.89 -67.45
C THR P 231 -17.78 18.04 -68.81
N THR P 232 -19.12 17.94 -68.82
CA THR P 232 -19.86 17.90 -70.08
C THR P 232 -19.58 19.12 -70.94
N GLU P 233 -19.38 20.28 -70.31
CA GLU P 233 -19.01 21.48 -71.06
C GLU P 233 -17.73 21.27 -71.88
N GLU P 234 -16.74 20.61 -71.29
CA GLU P 234 -15.50 20.30 -72.00
C GLU P 234 -15.51 18.95 -72.69
N ARG P 235 -16.48 18.07 -72.37
CA ARG P 235 -16.60 16.81 -73.11
C ARG P 235 -17.08 17.06 -74.53
N SER P 236 -17.91 18.08 -74.74
CA SER P 236 -18.51 18.30 -76.05
C SER P 236 -17.46 18.65 -77.10
N ASP P 237 -16.51 19.50 -76.75
CA ASP P 237 -15.39 19.81 -77.63
C ASP P 237 -14.43 18.62 -77.71
N ILE Q 14 -5.83 -34.47 -63.24
CA ILE Q 14 -4.77 -33.48 -63.15
C ILE Q 14 -3.64 -34.00 -62.27
N THR Q 15 -4.00 -34.41 -61.05
CA THR Q 15 -3.04 -34.94 -60.09
C THR Q 15 -3.17 -36.46 -59.99
N ILE Q 16 -2.98 -37.12 -61.14
CA ILE Q 16 -3.11 -38.57 -61.23
C ILE Q 16 -1.95 -39.11 -62.06
N PHE Q 17 -1.48 -40.30 -61.68
CA PHE Q 17 -0.38 -40.95 -62.37
C PHE Q 17 -0.87 -41.75 -63.56
N SER Q 18 -0.18 -41.60 -64.68
CA SER Q 18 -0.36 -42.47 -65.82
C SER Q 18 0.30 -43.83 -65.56
N PRO Q 19 -0.11 -44.88 -66.28
CA PRO Q 19 0.42 -46.22 -65.98
C PRO Q 19 1.92 -46.35 -66.20
N ASP Q 20 2.53 -45.52 -67.05
CA ASP Q 20 3.98 -45.48 -67.10
C ASP Q 20 4.59 -44.85 -65.86
N GLY Q 21 3.85 -43.96 -65.20
CA GLY Q 21 4.32 -43.27 -64.01
C GLY Q 21 4.57 -41.78 -64.18
N SER Q 22 4.40 -41.24 -65.39
CA SER Q 22 4.65 -39.83 -65.64
C SER Q 22 3.41 -39.00 -65.35
N LEU Q 23 3.62 -37.82 -64.77
CA LEU Q 23 2.55 -36.85 -64.59
C LEU Q 23 2.40 -36.02 -65.86
N TYR Q 24 1.24 -36.12 -66.50
CA TYR Q 24 1.06 -35.48 -67.80
C TYR Q 24 0.93 -33.97 -67.69
N GLN Q 25 0.34 -33.48 -66.60
CA GLN Q 25 0.14 -32.04 -66.46
C GLN Q 25 1.46 -31.31 -66.27
N VAL Q 26 2.44 -31.96 -65.65
CA VAL Q 26 3.75 -31.35 -65.49
C VAL Q 26 4.45 -31.22 -66.84
N ASP Q 27 4.38 -32.27 -67.66
CA ASP Q 27 4.97 -32.21 -69.00
C ASP Q 27 4.24 -31.22 -69.88
N TYR Q 28 2.93 -31.03 -69.66
CA TYR Q 28 2.19 -30.02 -70.40
C TYR Q 28 2.60 -28.62 -69.97
N ALA Q 29 2.90 -28.44 -68.69
CA ALA Q 29 3.41 -27.16 -68.22
C ALA Q 29 4.82 -26.90 -68.75
N PHE Q 30 5.62 -27.95 -68.94
CA PHE Q 30 6.93 -27.78 -69.54
C PHE Q 30 6.84 -27.47 -71.03
N GLU Q 31 5.75 -27.87 -71.67
CA GLU Q 31 5.49 -27.40 -73.03
C GLU Q 31 5.11 -25.93 -73.04
N ALA Q 32 4.51 -25.43 -71.95
CA ALA Q 32 4.17 -24.02 -71.86
C ALA Q 32 5.40 -23.13 -71.75
N VAL Q 33 6.47 -23.62 -71.11
CA VAL Q 33 7.71 -22.85 -71.08
C VAL Q 33 8.49 -23.01 -72.36
N LYS Q 34 8.28 -24.11 -73.11
CA LYS Q 34 8.83 -24.20 -74.45
C LYS Q 34 8.21 -23.15 -75.38
N ARG Q 35 6.98 -22.74 -75.11
CA ARG Q 35 6.34 -21.66 -75.84
C ARG Q 35 6.67 -20.28 -75.26
N GLY Q 36 7.55 -20.21 -74.26
CA GLY Q 36 7.94 -18.94 -73.69
C GLY Q 36 9.00 -18.25 -74.50
N TRP Q 37 9.36 -17.05 -74.07
CA TRP Q 37 10.44 -16.33 -74.72
C TRP Q 37 11.78 -16.97 -74.36
N THR Q 38 12.79 -16.65 -75.16
CA THR Q 38 14.11 -17.24 -74.95
C THR Q 38 14.83 -16.48 -73.84
N THR Q 39 15.22 -17.20 -72.79
CA THR Q 39 16.01 -16.66 -71.71
C THR Q 39 17.29 -17.46 -71.57
N LEU Q 40 18.35 -16.80 -71.17
CA LEU Q 40 19.70 -17.38 -71.21
C LEU Q 40 20.39 -17.18 -69.88
N GLY Q 41 21.18 -18.17 -69.49
CA GLY Q 41 22.03 -18.06 -68.32
C GLY Q 41 23.34 -18.79 -68.52
N VAL Q 42 24.45 -18.08 -68.34
CA VAL Q 42 25.78 -18.64 -68.48
C VAL Q 42 26.58 -18.29 -67.22
N LYS Q 43 27.42 -19.22 -66.78
CA LYS Q 43 28.28 -18.97 -65.63
C LYS Q 43 29.63 -19.61 -65.84
N THR Q 44 30.68 -18.79 -65.89
CA THR Q 44 32.05 -19.23 -65.84
C THR Q 44 32.53 -19.15 -64.39
N LYS Q 45 33.81 -19.42 -64.17
CA LYS Q 45 34.38 -19.30 -62.84
C LYS Q 45 34.98 -17.92 -62.59
N SER Q 46 34.60 -16.94 -63.40
CA SER Q 46 34.94 -15.55 -63.17
C SER Q 46 33.73 -14.66 -62.92
N GLY Q 47 32.52 -15.14 -63.16
CA GLY Q 47 31.33 -14.36 -62.89
C GLY Q 47 30.08 -15.04 -63.41
N VAL Q 48 29.02 -14.24 -63.52
CA VAL Q 48 27.67 -14.73 -63.81
C VAL Q 48 27.03 -13.76 -64.80
N VAL Q 49 26.51 -14.28 -65.90
CA VAL Q 49 25.71 -13.50 -66.84
C VAL Q 49 24.44 -14.27 -67.18
N LEU Q 50 23.30 -13.60 -67.06
CA LEU Q 50 22.02 -14.13 -67.53
C LEU Q 50 21.22 -13.01 -68.17
N LEU Q 51 20.56 -13.33 -69.28
CA LEU Q 51 19.85 -12.33 -70.07
C LEU Q 51 18.59 -12.95 -70.66
N ALA Q 52 17.76 -12.11 -71.27
CA ALA Q 52 16.46 -12.52 -71.74
C ALA Q 52 16.05 -11.71 -72.96
N GLU Q 53 15.47 -12.39 -73.94
CA GLU Q 53 14.96 -11.75 -75.15
C GLU Q 53 13.66 -11.00 -74.87
N LYS Q 54 13.47 -9.88 -75.58
CA LYS Q 54 12.28 -9.03 -75.43
C LYS Q 54 11.65 -8.82 -76.80
N ARG Q 55 10.84 -9.78 -77.24
CA ARG Q 55 10.24 -9.70 -78.56
C ARG Q 55 9.10 -8.70 -78.55
N LYS Q 56 8.92 -8.01 -79.68
CA LYS Q 56 7.99 -6.89 -79.79
C LYS Q 56 6.83 -7.33 -80.69
N ALA Q 57 5.69 -7.64 -80.06
CA ALA Q 57 4.53 -8.11 -80.81
C ALA Q 57 3.73 -6.96 -81.40
N THR Q 58 3.79 -5.78 -80.81
CA THR Q 58 3.07 -4.61 -81.28
C THR Q 58 3.99 -3.41 -81.26
N GLN Q 59 3.87 -2.55 -82.28
CA GLN Q 59 4.70 -1.36 -82.35
C GLN Q 59 4.37 -0.36 -81.26
N LEU Q 60 3.18 -0.48 -80.65
CA LEU Q 60 2.78 0.32 -79.51
C LEU Q 60 3.24 -0.27 -78.17
N LEU Q 61 3.86 -1.45 -78.19
CA LEU Q 61 4.41 -2.06 -76.98
C LEU Q 61 5.72 -1.37 -76.60
N ASP Q 62 5.80 -0.89 -75.37
CA ASP Q 62 7.02 -0.29 -74.85
C ASP Q 62 7.96 -1.41 -74.41
N VAL Q 63 8.96 -1.70 -75.25
CA VAL Q 63 9.99 -2.67 -74.88
C VAL Q 63 10.79 -2.16 -73.69
N ASP Q 64 11.09 -0.86 -73.66
CA ASP Q 64 11.84 -0.29 -72.56
C ASP Q 64 11.12 -0.42 -71.22
N GLY Q 65 9.79 -0.54 -71.24
CA GLY Q 65 9.04 -0.63 -70.00
C GLY Q 65 8.86 -2.04 -69.50
N ILE Q 66 9.11 -3.03 -70.37
CA ILE Q 66 8.96 -4.43 -69.97
C ILE Q 66 10.10 -4.81 -69.04
N GLU Q 67 9.79 -5.63 -68.04
CA GLU Q 67 10.80 -6.19 -67.15
C GLU Q 67 10.70 -7.70 -67.16
N LYS Q 68 11.85 -8.36 -67.32
CA LYS Q 68 11.95 -9.81 -67.18
C LYS Q 68 13.12 -10.26 -66.32
N ILE Q 69 14.16 -9.43 -66.16
CA ILE Q 69 15.23 -9.71 -65.22
C ILE Q 69 14.83 -9.11 -63.88
N PHE Q 70 14.73 -9.96 -62.85
CA PHE Q 70 14.37 -9.51 -61.52
C PHE Q 70 15.51 -9.78 -60.55
N MET Q 71 15.74 -8.82 -59.65
CA MET Q 71 16.84 -8.87 -58.70
C MET Q 71 16.27 -9.26 -57.34
N LEU Q 72 16.34 -10.55 -57.02
CA LEU Q 72 15.63 -11.04 -55.84
C LEU Q 72 16.40 -10.77 -54.56
N ASP Q 73 17.68 -10.41 -54.67
CA ASP Q 73 18.48 -9.93 -53.56
C ASP Q 73 19.63 -9.12 -54.15
N ASP Q 74 20.25 -8.31 -53.30
CA ASP Q 74 21.55 -7.75 -53.64
C ASP Q 74 22.53 -8.83 -54.05
N HIS Q 75 22.43 -10.00 -53.42
CA HIS Q 75 23.26 -11.15 -53.79
C HIS Q 75 22.89 -11.68 -55.18
N VAL Q 76 21.64 -12.09 -55.36
CA VAL Q 76 21.27 -12.99 -56.44
C VAL Q 76 20.12 -12.40 -57.26
N GLY Q 77 20.20 -12.57 -58.59
CA GLY Q 77 19.10 -12.28 -59.47
C GLY Q 77 18.74 -13.52 -60.28
N CYS Q 78 17.60 -13.44 -60.99
CA CYS Q 78 17.15 -14.55 -61.81
C CYS Q 78 16.13 -14.07 -62.82
N THR Q 79 15.87 -14.92 -63.82
CA THR Q 79 14.84 -14.68 -64.82
C THR Q 79 13.95 -15.90 -64.98
N PHE Q 80 12.79 -15.68 -65.58
CA PHE Q 80 11.79 -16.70 -65.80
C PHE Q 80 11.49 -16.84 -67.29
N ALA Q 81 10.87 -17.97 -67.64
CA ALA Q 81 10.29 -18.15 -68.97
C ALA Q 81 9.01 -18.96 -68.83
N GLY Q 82 8.16 -18.86 -69.85
CA GLY Q 82 6.85 -19.46 -69.79
C GLY Q 82 5.79 -18.41 -69.61
N LEU Q 83 4.89 -18.61 -68.66
CA LEU Q 83 3.95 -17.56 -68.30
C LEU Q 83 4.67 -16.45 -67.54
N ALA Q 84 4.00 -15.32 -67.39
CA ALA Q 84 4.57 -14.23 -66.60
C ALA Q 84 4.14 -14.31 -65.15
N SER Q 85 2.84 -14.46 -64.92
CA SER Q 85 2.28 -14.26 -63.58
C SER Q 85 2.67 -15.37 -62.61
N ASP Q 86 2.82 -16.61 -63.11
CA ASP Q 86 3.17 -17.72 -62.22
C ASP Q 86 4.59 -17.57 -61.68
N GLY Q 87 5.54 -17.26 -62.56
CA GLY Q 87 6.91 -17.03 -62.11
C GLY Q 87 7.09 -15.70 -61.39
N ARG Q 88 6.11 -14.80 -61.52
CA ARG Q 88 6.17 -13.51 -60.85
C ARG Q 88 5.70 -13.59 -59.41
N ILE Q 89 4.61 -14.32 -59.16
CA ILE Q 89 4.23 -14.55 -57.76
C ILE Q 89 5.26 -15.45 -57.10
N LEU Q 90 5.94 -16.29 -57.88
CA LEU Q 90 7.05 -17.07 -57.37
C LEU Q 90 8.28 -16.20 -57.10
N ILE Q 91 8.39 -15.04 -57.78
CA ILE Q 91 9.49 -14.14 -57.50
C ILE Q 91 9.24 -13.37 -56.20
N ASP Q 92 7.97 -13.12 -55.87
CA ASP Q 92 7.65 -12.45 -54.61
C ASP Q 92 7.95 -13.36 -53.43
N TYR Q 93 7.67 -14.66 -53.57
CA TYR Q 93 8.00 -15.60 -52.51
C TYR Q 93 9.50 -15.74 -52.35
N ALA Q 94 10.24 -15.67 -53.45
CA ALA Q 94 11.70 -15.79 -53.38
C ALA Q 94 12.31 -14.60 -52.65
N ARG Q 95 11.84 -13.39 -52.97
CA ARG Q 95 12.35 -12.21 -52.27
C ARG Q 95 11.96 -12.22 -50.80
N SER Q 96 10.76 -12.72 -50.49
CA SER Q 96 10.33 -12.78 -49.09
C SER Q 96 11.16 -13.78 -48.29
N GLN Q 97 11.47 -14.93 -48.89
CA GLN Q 97 12.29 -15.93 -48.20
C GLN Q 97 13.73 -15.45 -48.06
N ALA Q 98 14.23 -14.72 -49.06
CA ALA Q 98 15.60 -14.21 -48.98
C ALA Q 98 15.74 -13.15 -47.90
N LEU Q 99 14.81 -12.20 -47.86
CA LEU Q 99 14.88 -11.13 -46.87
C LEU Q 99 14.60 -11.66 -45.46
N GLN Q 100 13.83 -12.74 -45.34
CA GLN Q 100 13.62 -13.36 -44.04
C GLN Q 100 14.89 -14.03 -43.53
N HIS Q 101 15.63 -14.70 -44.42
CA HIS Q 101 16.90 -15.29 -44.02
C HIS Q 101 17.92 -14.25 -43.64
N ARG Q 102 17.92 -13.09 -44.33
CA ARG Q 102 18.86 -12.03 -44.00
C ARG Q 102 18.47 -11.27 -42.75
N LEU Q 103 17.18 -11.27 -42.38
CA LEU Q 103 16.76 -10.68 -41.12
C LEU Q 103 17.16 -11.57 -39.95
N ILE Q 104 17.14 -12.89 -40.13
CA ILE Q 104 17.46 -13.80 -39.04
C ILE Q 104 18.97 -13.85 -38.80
N TYR Q 105 19.73 -14.17 -39.85
CA TYR Q 105 21.15 -14.44 -39.71
C TYR Q 105 22.04 -13.25 -40.02
N ASP Q 106 21.47 -12.16 -40.56
CA ASP Q 106 22.26 -11.01 -41.03
C ASP Q 106 23.37 -11.46 -41.97
N GLU Q 107 23.00 -12.27 -42.96
CA GLU Q 107 23.93 -12.96 -43.82
C GLU Q 107 23.32 -13.09 -45.21
N PRO Q 108 24.12 -13.02 -46.27
CA PRO Q 108 23.62 -13.35 -47.60
C PRO Q 108 23.21 -14.82 -47.67
N ILE Q 109 22.33 -15.13 -48.60
CA ILE Q 109 21.62 -16.41 -48.62
C ILE Q 109 22.30 -17.33 -49.62
N SER Q 110 22.49 -18.58 -49.23
CA SER Q 110 22.95 -19.61 -50.16
C SER Q 110 21.88 -19.89 -51.21
N ILE Q 111 22.33 -20.18 -52.43
CA ILE Q 111 21.39 -20.31 -53.54
C ILE Q 111 20.74 -21.70 -53.54
N GLU Q 112 21.38 -22.70 -52.94
CA GLU Q 112 20.74 -23.99 -52.79
C GLU Q 112 19.52 -23.92 -51.89
N TYR Q 113 19.50 -22.99 -50.93
CA TYR Q 113 18.36 -22.85 -50.04
C TYR Q 113 17.24 -22.03 -50.67
N LEU Q 114 17.60 -21.01 -51.45
CA LEU Q 114 16.59 -20.25 -52.18
C LEU Q 114 15.87 -21.12 -53.20
N THR Q 115 16.63 -21.77 -54.07
CA THR Q 115 16.04 -22.65 -55.07
C THR Q 115 15.35 -23.85 -54.43
N LYS Q 116 15.80 -24.27 -53.25
CA LYS Q 116 15.11 -25.34 -52.52
C LYS Q 116 13.68 -24.96 -52.22
N VAL Q 117 13.48 -23.80 -51.56
CA VAL Q 117 12.15 -23.46 -51.08
C VAL Q 117 11.26 -23.05 -52.24
N ILE Q 118 11.83 -22.43 -53.27
CA ILE Q 118 11.10 -22.20 -54.51
C ILE Q 118 10.62 -23.52 -55.09
N SER Q 119 11.53 -24.50 -55.21
CA SER Q 119 11.18 -25.79 -55.80
C SER Q 119 10.23 -26.57 -54.90
N ASP Q 120 10.31 -26.37 -53.58
CA ASP Q 120 9.37 -27.03 -52.69
C ASP Q 120 7.96 -26.46 -52.83
N VAL Q 121 7.84 -25.17 -53.13
CA VAL Q 121 6.54 -24.59 -53.42
C VAL Q 121 5.96 -25.18 -54.70
N LYS Q 122 6.80 -25.38 -55.72
CA LYS Q 122 6.35 -26.01 -56.94
C LYS Q 122 5.88 -27.45 -56.69
N GLN Q 123 6.59 -28.17 -55.82
CA GLN Q 123 6.17 -29.51 -55.46
C GLN Q 123 4.80 -29.50 -54.77
N ALA Q 124 4.60 -28.56 -53.84
CA ALA Q 124 3.34 -28.53 -53.10
C ALA Q 124 2.15 -28.24 -53.99
N TYR Q 125 2.36 -27.51 -55.09
CA TYR Q 125 1.32 -27.30 -56.09
C TYR Q 125 1.27 -28.38 -57.17
N THR Q 126 2.17 -29.37 -57.13
CA THR Q 126 2.07 -30.53 -58.00
C THR Q 126 1.67 -31.80 -57.24
N GLN Q 127 1.05 -31.66 -56.07
CA GLN Q 127 0.61 -32.82 -55.31
C GLN Q 127 -0.78 -32.66 -54.72
N HIS Q 128 -1.41 -31.50 -54.85
CA HIS Q 128 -2.71 -31.24 -54.26
C HIS Q 128 -3.75 -31.06 -55.35
N GLY Q 129 -4.99 -31.42 -55.03
CA GLY Q 129 -6.01 -31.65 -56.04
C GLY Q 129 -6.44 -30.38 -56.77
N GLY Q 130 -7.05 -29.45 -56.05
CA GLY Q 130 -7.62 -28.26 -56.65
C GLY Q 130 -6.63 -27.13 -56.85
N VAL Q 131 -5.41 -27.45 -57.27
CA VAL Q 131 -4.39 -26.44 -57.53
C VAL Q 131 -3.70 -26.76 -58.85
N ARG Q 132 -3.66 -25.78 -59.75
CA ARG Q 132 -2.90 -25.92 -60.98
C ARG Q 132 -1.40 -25.81 -60.70
N PRO Q 133 -0.57 -26.62 -61.36
CA PRO Q 133 0.88 -26.47 -61.22
C PRO Q 133 1.38 -25.19 -61.89
N PHE Q 134 2.62 -24.83 -61.56
CA PHE Q 134 3.25 -23.68 -62.18
C PHE Q 134 3.65 -23.98 -63.61
N GLY Q 135 3.43 -23.01 -64.50
CA GLY Q 135 3.81 -23.18 -65.89
C GLY Q 135 5.01 -22.32 -66.25
N VAL Q 136 5.96 -22.21 -65.32
CA VAL Q 136 7.11 -21.31 -65.47
C VAL Q 136 8.36 -22.06 -65.04
N ALA Q 137 9.42 -21.97 -65.85
CA ALA Q 137 10.74 -22.42 -65.45
C ALA Q 137 11.62 -21.22 -65.12
N LEU Q 138 12.44 -21.38 -64.09
CA LEU Q 138 13.33 -20.32 -63.61
C LEU Q 138 14.78 -20.73 -63.81
N ILE Q 139 15.64 -19.73 -64.01
CA ILE Q 139 17.08 -19.90 -63.98
C ILE Q 139 17.65 -18.85 -63.04
N VAL Q 140 18.36 -19.30 -62.00
CA VAL Q 140 18.72 -18.46 -60.88
C VAL Q 140 20.24 -18.35 -60.82
N GLY Q 141 20.75 -17.13 -60.72
CA GLY Q 141 22.18 -16.88 -60.70
C GLY Q 141 22.60 -15.94 -59.58
N LYS Q 150 26.27 -19.00 -58.12
CA LYS Q 150 26.03 -20.27 -58.78
C LYS Q 150 24.76 -20.20 -59.63
N LEU Q 151 24.57 -21.18 -60.50
CA LEU Q 151 23.41 -21.22 -61.38
C LEU Q 151 22.61 -22.50 -61.15
N LEU Q 152 21.30 -22.35 -61.02
CA LEU Q 152 20.37 -23.46 -60.94
C LEU Q 152 19.19 -23.19 -61.87
N MET Q 153 18.46 -24.25 -62.20
CA MET Q 153 17.24 -24.13 -63.00
C MET Q 153 16.11 -24.89 -62.32
N THR Q 154 14.94 -24.26 -62.21
CA THR Q 154 13.76 -24.86 -61.61
C THR Q 154 12.82 -25.33 -62.72
N GLU Q 155 12.47 -26.60 -62.70
CA GLU Q 155 11.50 -27.21 -63.59
C GLU Q 155 10.14 -27.32 -62.89
N PRO Q 156 9.04 -27.25 -63.63
CA PRO Q 156 7.71 -27.26 -62.98
C PRO Q 156 7.39 -28.57 -62.26
N SER Q 157 8.15 -29.64 -62.49
CA SER Q 157 8.08 -30.80 -61.63
C SER Q 157 8.67 -30.53 -60.25
N GLY Q 158 9.53 -29.53 -60.13
CA GLY Q 158 10.23 -29.26 -58.88
C GLY Q 158 11.65 -29.75 -58.82
N GLN Q 159 12.25 -30.11 -59.95
CA GLN Q 159 13.58 -30.68 -59.96
C GLN Q 159 14.65 -29.59 -60.05
N PHE Q 160 15.79 -29.84 -59.40
CA PHE Q 160 16.97 -29.05 -59.64
C PHE Q 160 17.76 -29.65 -60.79
N MET Q 161 18.33 -28.77 -61.61
CA MET Q 161 19.51 -29.13 -62.38
C MET Q 161 20.47 -27.95 -62.34
N PRO Q 162 21.63 -28.07 -61.67
CA PRO Q 162 22.66 -27.04 -61.78
C PRO Q 162 23.37 -27.15 -63.12
N TYR Q 163 23.55 -26.01 -63.78
CA TYR Q 163 24.07 -25.98 -65.13
C TYR Q 163 25.25 -25.03 -65.22
N TYR Q 164 26.17 -25.34 -66.13
CA TYR Q 164 27.21 -24.37 -66.48
C TYR Q 164 26.62 -23.25 -67.32
N ALA Q 165 25.73 -23.60 -68.26
CA ALA Q 165 25.11 -22.65 -69.19
C ALA Q 165 23.92 -23.31 -69.86
N VAL Q 166 22.72 -22.73 -69.75
CA VAL Q 166 21.55 -23.22 -70.46
C VAL Q 166 20.74 -22.04 -70.98
N ALA Q 167 19.68 -22.38 -71.73
CA ALA Q 167 18.76 -21.42 -72.32
C ALA Q 167 17.49 -22.16 -72.66
N ILE Q 168 16.34 -21.59 -72.30
CA ILE Q 168 15.05 -22.24 -72.52
C ILE Q 168 14.03 -21.21 -73.02
N GLY Q 169 13.10 -21.68 -73.83
CA GLY Q 169 12.18 -20.85 -74.58
C GLY Q 169 11.96 -21.44 -75.95
N GLN Q 170 11.50 -20.59 -76.88
CA GLN Q 170 11.20 -21.07 -78.22
C GLN Q 170 12.47 -21.49 -78.96
N GLY Q 171 13.51 -20.67 -78.90
CA GLY Q 171 14.79 -21.00 -79.51
C GLY Q 171 15.75 -21.57 -78.48
N GLY Q 172 15.21 -22.25 -77.47
CA GLY Q 172 16.05 -22.76 -76.40
C GLY Q 172 16.99 -23.86 -76.86
N TYR Q 173 16.52 -24.74 -77.74
CA TYR Q 173 17.36 -25.84 -78.19
C TYR Q 173 18.46 -25.36 -79.12
N THR Q 174 18.21 -24.30 -79.88
CA THR Q 174 19.25 -23.78 -80.77
C THR Q 174 20.39 -23.16 -79.97
N ALA Q 175 20.06 -22.38 -78.94
CA ALA Q 175 21.09 -21.86 -78.05
C ALA Q 175 21.74 -22.97 -77.23
N THR Q 176 20.99 -24.03 -76.93
CA THR Q 176 21.55 -25.16 -76.21
C THR Q 176 22.64 -25.84 -77.02
N GLU Q 177 22.44 -25.99 -78.32
CA GLU Q 177 23.44 -26.63 -79.16
C GLU Q 177 24.57 -25.68 -79.53
N TYR Q 178 24.31 -24.37 -79.57
CA TYR Q 178 25.38 -23.42 -79.80
C TYR Q 178 26.33 -23.36 -78.61
N LEU Q 179 25.79 -23.35 -77.39
CA LEU Q 179 26.64 -23.39 -76.20
C LEU Q 179 27.28 -24.75 -76.00
N GLU Q 180 26.70 -25.80 -76.58
CA GLU Q 180 27.36 -27.09 -76.65
C GLU Q 180 28.59 -27.06 -77.56
N LYS Q 181 28.55 -26.23 -78.60
CA LYS Q 181 29.66 -26.18 -79.54
C LYS Q 181 30.87 -25.50 -78.90
N ASN Q 182 30.73 -24.25 -78.50
CA ASN Q 182 31.88 -23.45 -78.07
C ASN Q 182 31.67 -22.91 -76.67
N GLN Q 190 33.48 -10.13 -69.89
CA GLN Q 190 33.23 -9.52 -71.20
C GLN Q 190 33.10 -10.59 -72.28
N SER Q 191 33.81 -11.71 -72.08
CA SER Q 191 33.77 -12.79 -73.05
C SER Q 191 32.58 -13.72 -72.84
N THR Q 192 32.02 -13.76 -71.64
CA THR Q 192 30.85 -14.57 -71.36
C THR Q 192 29.55 -13.85 -71.71
N ILE Q 193 29.54 -12.51 -71.65
CA ILE Q 193 28.39 -11.76 -72.15
C ILE Q 193 28.40 -11.75 -73.68
N LEU Q 194 29.59 -11.77 -74.29
CA LEU Q 194 29.69 -12.00 -75.73
C LEU Q 194 29.11 -13.35 -76.12
N LEU Q 195 29.36 -14.38 -75.30
CA LEU Q 195 28.92 -15.73 -75.63
C LEU Q 195 27.40 -15.84 -75.57
N ALA Q 196 26.76 -15.16 -74.61
CA ALA Q 196 25.31 -15.22 -74.49
C ALA Q 196 24.63 -14.45 -75.61
N LEU Q 197 25.20 -13.31 -76.03
CA LEU Q 197 24.65 -12.58 -77.16
C LEU Q 197 24.73 -13.37 -78.45
N ARG Q 198 25.86 -14.08 -78.66
CA ARG Q 198 25.97 -14.94 -79.83
C ARG Q 198 25.01 -16.12 -79.77
N ALA Q 199 24.71 -16.60 -78.57
CA ALA Q 199 23.78 -17.71 -78.42
C ALA Q 199 22.33 -17.29 -78.62
N LEU Q 200 22.03 -16.00 -78.53
CA LEU Q 200 20.69 -15.49 -78.79
C LEU Q 200 20.53 -15.17 -80.27
N ASN Q 211 18.50 -7.81 -85.16
CA ASN Q 211 18.87 -7.81 -83.75
C ASN Q 211 19.79 -6.65 -83.42
N TYR Q 212 19.21 -5.54 -82.95
CA TYR Q 212 19.99 -4.36 -82.61
C TYR Q 212 19.88 -3.97 -81.14
N SER Q 213 18.67 -3.80 -80.60
CA SER Q 213 18.52 -3.59 -79.15
C SER Q 213 17.13 -4.07 -78.73
N SER Q 214 17.03 -5.35 -78.39
CA SER Q 214 15.77 -5.96 -77.97
C SER Q 214 16.01 -6.99 -76.88
N VAL Q 215 16.85 -6.64 -75.91
CA VAL Q 215 17.31 -7.60 -74.90
C VAL Q 215 17.39 -6.91 -73.54
N GLU Q 216 17.22 -7.70 -72.49
CA GLU Q 216 17.63 -7.33 -71.13
C GLU Q 216 18.84 -8.18 -70.75
N ILE Q 217 19.86 -7.55 -70.19
CA ILE Q 217 21.07 -8.24 -69.78
C ILE Q 217 21.39 -7.86 -68.33
N GLY Q 218 21.75 -8.86 -67.54
CA GLY Q 218 22.20 -8.66 -66.18
C GLY Q 218 23.39 -9.54 -65.87
N TYR Q 219 24.37 -9.01 -65.12
CA TYR Q 219 25.57 -9.76 -64.81
C TYR Q 219 25.91 -9.64 -63.32
N ALA Q 220 26.49 -10.70 -62.79
CA ALA Q 220 27.06 -10.71 -61.45
C ALA Q 220 28.54 -11.09 -61.56
N ASP Q 221 29.40 -10.33 -60.89
CA ASP Q 221 30.84 -10.52 -61.00
C ASP Q 221 31.43 -10.87 -59.63
N VAL Q 222 32.50 -11.68 -59.66
CA VAL Q 222 33.02 -12.27 -58.44
C VAL Q 222 33.95 -11.34 -57.68
N ASP Q 223 34.43 -10.27 -58.32
CA ASP Q 223 35.37 -9.38 -57.66
C ASP Q 223 34.66 -8.49 -56.65
N SER Q 224 33.64 -7.75 -57.08
CA SER Q 224 32.70 -7.08 -56.19
C SER Q 224 31.40 -7.88 -56.22
N GLY Q 225 31.11 -8.57 -55.11
CA GLY Q 225 30.07 -9.59 -55.10
C GLY Q 225 28.66 -9.04 -55.17
N THR Q 226 28.27 -8.51 -56.33
CA THR Q 226 26.99 -7.84 -56.47
C THR Q 226 26.41 -8.14 -57.85
N PHE Q 227 25.13 -7.78 -58.03
CA PHE Q 227 24.39 -8.05 -59.25
C PHE Q 227 23.80 -6.74 -59.76
N LYS Q 228 24.00 -6.47 -61.06
CA LYS Q 228 23.56 -5.21 -61.64
C LYS Q 228 22.67 -5.44 -62.86
N LYS Q 229 22.34 -4.38 -63.57
CA LYS Q 229 21.28 -4.43 -64.58
C LYS Q 229 21.75 -3.63 -65.80
N LEU Q 230 20.78 -3.24 -66.63
CA LEU Q 230 21.09 -2.57 -67.90
C LEU Q 230 21.74 -1.21 -67.66
N THR Q 231 22.76 -0.91 -68.45
CA THR Q 231 23.30 0.43 -68.59
C THR Q 231 22.93 1.11 -69.90
N THR Q 232 22.70 0.31 -70.96
CA THR Q 232 22.34 0.77 -72.29
C THR Q 232 23.50 1.46 -73.00
N GLU Q 233 24.58 1.75 -72.27
CA GLU Q 233 25.84 2.14 -72.88
C GLU Q 233 26.71 0.92 -73.17
N GLU Q 234 27.00 0.14 -72.13
CA GLU Q 234 27.73 -1.11 -72.32
C GLU Q 234 26.92 -2.13 -73.10
N ARG Q 235 25.59 -2.00 -73.11
CA ARG Q 235 24.77 -2.86 -73.93
C ARG Q 235 24.94 -2.55 -75.41
N SER Q 236 24.97 -1.26 -75.75
CA SER Q 236 25.20 -0.87 -77.15
C SER Q 236 26.65 -1.10 -77.56
N ASP Q 237 27.59 -0.98 -76.61
CA ASP Q 237 29.00 -1.14 -76.95
C ASP Q 237 29.35 -2.61 -77.17
N LEU Q 238 28.87 -3.50 -76.30
CA LEU Q 238 29.22 -4.90 -76.39
C LEU Q 238 28.42 -5.65 -77.44
N LEU Q 239 27.41 -5.02 -78.03
CA LEU Q 239 26.62 -5.65 -79.10
C LEU Q 239 27.25 -5.35 -80.46
N THR R 15 -6.62 -44.31 -55.60
CA THR R 15 -6.64 -44.23 -54.15
C THR R 15 -7.94 -44.77 -53.59
N ILE R 16 -8.54 -45.72 -54.30
CA ILE R 16 -9.69 -46.47 -53.83
C ILE R 16 -9.44 -47.95 -54.13
N PHE R 17 -10.42 -48.79 -53.78
CA PHE R 17 -10.21 -50.22 -53.77
C PHE R 17 -10.66 -50.83 -55.10
N SER R 18 -10.68 -52.16 -55.17
CA SER R 18 -10.73 -52.90 -56.41
C SER R 18 -11.52 -54.18 -56.16
N PRO R 19 -12.15 -54.75 -57.19
CA PRO R 19 -12.83 -56.05 -57.01
C PRO R 19 -11.88 -57.22 -56.81
N ASP R 20 -10.56 -57.02 -56.91
CA ASP R 20 -9.60 -58.05 -56.53
C ASP R 20 -8.91 -57.75 -55.20
N GLY R 21 -8.69 -56.48 -54.87
CA GLY R 21 -8.22 -56.12 -53.55
C GLY R 21 -7.15 -55.04 -53.50
N SER R 22 -6.29 -54.98 -54.52
CA SER R 22 -5.15 -54.08 -54.46
C SER R 22 -5.54 -52.65 -54.88
N LEU R 23 -4.76 -51.70 -54.38
CA LEU R 23 -4.89 -50.31 -54.78
C LEU R 23 -4.34 -50.08 -56.18
N TYR R 24 -4.93 -49.12 -56.89
CA TYR R 24 -4.59 -48.90 -58.31
C TYR R 24 -3.41 -47.95 -58.45
N GLN R 25 -3.60 -46.69 -58.06
CA GLN R 25 -2.61 -45.66 -58.37
C GLN R 25 -1.37 -45.79 -57.47
N VAL R 26 -1.48 -46.51 -56.35
CA VAL R 26 -0.30 -46.82 -55.55
C VAL R 26 0.73 -47.58 -56.39
N ASP R 27 0.28 -48.56 -57.17
CA ASP R 27 1.19 -49.32 -58.01
C ASP R 27 1.71 -48.49 -59.17
N TYR R 28 0.90 -47.52 -59.65
CA TYR R 28 1.38 -46.63 -60.70
C TYR R 28 2.47 -45.70 -60.18
N ALA R 29 2.29 -45.19 -58.95
CA ALA R 29 3.35 -44.39 -58.33
C ALA R 29 4.60 -45.22 -58.09
N PHE R 30 4.43 -46.50 -57.75
CA PHE R 30 5.58 -47.37 -57.59
C PHE R 30 6.28 -47.64 -58.91
N GLU R 31 5.53 -47.61 -60.02
CA GLU R 31 6.16 -47.69 -61.33
C GLU R 31 7.02 -46.46 -61.60
N ALA R 32 6.55 -45.28 -61.17
CA ALA R 32 7.35 -44.07 -61.27
C ALA R 32 8.59 -44.13 -60.39
N VAL R 33 8.56 -44.95 -59.33
CA VAL R 33 9.76 -45.20 -58.55
C VAL R 33 10.76 -46.00 -59.37
N LYS R 34 10.29 -47.05 -60.04
CA LYS R 34 11.16 -47.90 -60.85
C LYS R 34 11.78 -47.13 -62.02
N ARG R 35 11.24 -45.95 -62.35
CA ARG R 35 11.97 -45.02 -63.19
C ARG R 35 13.31 -44.62 -62.58
N GLY R 36 13.40 -44.65 -61.25
CA GLY R 36 14.55 -44.07 -60.58
C GLY R 36 15.83 -44.85 -60.81
N TRP R 37 16.95 -44.21 -60.49
CA TRP R 37 18.25 -44.73 -60.87
C TRP R 37 18.68 -45.83 -59.89
N THR R 38 19.77 -46.51 -60.26
CA THR R 38 20.22 -47.71 -59.57
C THR R 38 21.01 -47.32 -58.33
N THR R 39 20.28 -46.87 -57.30
CA THR R 39 20.86 -46.61 -55.99
C THR R 39 20.91 -47.89 -55.18
N LEU R 40 22.08 -48.19 -54.62
CA LEU R 40 22.35 -49.45 -53.95
C LEU R 40 22.31 -49.25 -52.43
N GLY R 41 22.02 -50.35 -51.73
CA GLY R 41 22.16 -50.37 -50.28
C GLY R 41 22.49 -51.74 -49.75
N VAL R 42 23.58 -51.84 -48.99
CA VAL R 42 24.09 -53.12 -48.50
C VAL R 42 24.56 -52.95 -47.06
N LYS R 43 24.35 -53.97 -46.24
CA LYS R 43 24.70 -53.92 -44.83
C LYS R 43 25.44 -55.18 -44.43
N THR R 44 26.46 -55.02 -43.60
CA THR R 44 27.26 -56.12 -43.09
C THR R 44 27.28 -56.04 -41.57
N LYS R 45 27.82 -57.09 -40.93
CA LYS R 45 27.94 -57.09 -39.48
C LYS R 45 28.79 -55.91 -38.99
N SER R 46 29.85 -55.59 -39.72
CA SER R 46 30.76 -54.52 -39.28
C SER R 46 30.22 -53.14 -39.65
N GLY R 47 30.15 -52.84 -40.95
CA GLY R 47 29.84 -51.52 -41.43
C GLY R 47 28.59 -51.48 -42.29
N VAL R 48 28.24 -50.27 -42.70
CA VAL R 48 27.10 -50.02 -43.59
C VAL R 48 27.60 -49.26 -44.81
N VAL R 49 27.37 -49.82 -45.99
CA VAL R 49 27.85 -49.28 -47.25
C VAL R 49 26.64 -48.95 -48.12
N LEU R 50 26.62 -47.75 -48.69
CA LEU R 50 25.61 -47.39 -49.68
C LEU R 50 26.30 -46.79 -50.90
N LEU R 51 26.23 -47.52 -52.02
CA LEU R 51 26.53 -46.98 -53.33
C LEU R 51 25.26 -46.41 -53.97
N ALA R 52 25.44 -45.38 -54.79
CA ALA R 52 24.33 -44.86 -55.57
C ALA R 52 24.89 -44.24 -56.85
N GLU R 53 24.11 -44.32 -57.92
CA GLU R 53 24.63 -44.09 -59.26
C GLU R 53 23.93 -42.89 -59.90
N LYS R 54 24.67 -42.19 -60.76
CA LYS R 54 24.16 -41.03 -61.46
C LYS R 54 24.44 -41.12 -62.95
N LEU R 60 25.42 -31.56 -70.35
CA LEU R 60 25.81 -30.37 -69.61
C LEU R 60 25.05 -30.30 -68.29
N LEU R 61 25.70 -30.77 -67.23
CA LEU R 61 25.29 -30.50 -65.85
C LEU R 61 26.40 -30.94 -64.93
N ASP R 62 26.45 -30.33 -63.74
CA ASP R 62 27.54 -30.52 -62.79
C ASP R 62 27.21 -31.74 -61.91
N VAL R 63 27.63 -32.92 -62.38
CA VAL R 63 27.46 -34.13 -61.58
C VAL R 63 28.22 -34.01 -60.27
N ASP R 64 29.39 -33.37 -60.30
CA ASP R 64 30.12 -33.09 -59.07
C ASP R 64 29.36 -32.12 -58.17
N GLY R 65 28.58 -31.22 -58.75
CA GLY R 65 27.95 -30.16 -57.99
C GLY R 65 26.52 -30.43 -57.59
N ILE R 66 25.93 -31.49 -58.15
CA ILE R 66 24.62 -31.95 -57.67
C ILE R 66 24.79 -32.54 -56.27
N GLU R 67 23.99 -32.03 -55.33
CA GLU R 67 23.95 -32.63 -54.00
C GLU R 67 23.48 -34.07 -54.11
N LYS R 68 24.35 -35.00 -53.75
CA LYS R 68 24.12 -36.42 -54.00
C LYS R 68 23.37 -37.09 -52.84
N ILE R 69 23.97 -37.12 -51.66
CA ILE R 69 23.42 -37.84 -50.51
C ILE R 69 22.96 -36.82 -49.48
N PHE R 70 21.77 -37.04 -48.93
CA PHE R 70 21.07 -36.07 -48.12
C PHE R 70 21.12 -36.53 -46.66
N MET R 71 21.82 -35.77 -45.83
CA MET R 71 22.09 -36.15 -44.45
C MET R 71 20.94 -35.70 -43.55
N LEU R 72 20.32 -36.64 -42.85
CA LEU R 72 19.21 -36.31 -41.97
C LEU R 72 19.71 -35.83 -40.61
N ASP R 73 20.40 -36.70 -39.88
CA ASP R 73 21.06 -36.36 -38.63
C ASP R 73 22.52 -36.78 -38.73
N ASP R 74 23.26 -36.63 -37.65
CA ASP R 74 24.55 -37.30 -37.52
C ASP R 74 24.37 -38.81 -37.60
N HIS R 75 25.32 -39.47 -38.28
CA HIS R 75 25.40 -40.93 -38.41
C HIS R 75 24.06 -41.56 -38.79
N VAL R 76 23.24 -40.85 -39.55
CA VAL R 76 22.16 -41.47 -40.32
C VAL R 76 22.03 -40.75 -41.66
N GLY R 77 22.29 -41.47 -42.75
CA GLY R 77 22.14 -40.93 -44.08
C GLY R 77 21.25 -41.82 -44.91
N CYS R 78 20.66 -41.24 -45.94
CA CYS R 78 19.68 -41.95 -46.75
C CYS R 78 19.64 -41.40 -48.16
N THR R 79 19.24 -42.26 -49.09
CA THR R 79 19.07 -41.88 -50.49
C THR R 79 17.69 -42.32 -50.96
N PHE R 80 17.43 -42.22 -52.26
CA PHE R 80 16.09 -42.46 -52.78
C PHE R 80 16.20 -42.87 -54.25
N ALA R 81 15.06 -43.27 -54.80
CA ALA R 81 14.88 -43.29 -56.25
C ALA R 81 13.41 -43.07 -56.56
N GLY R 82 13.16 -42.50 -57.73
CA GLY R 82 11.84 -42.04 -58.10
C GLY R 82 11.93 -40.67 -58.72
N LEU R 83 10.87 -39.87 -58.62
CA LEU R 83 10.99 -38.49 -59.04
C LEU R 83 11.79 -37.72 -57.98
N ALA R 84 12.22 -36.51 -58.35
CA ALA R 84 13.21 -35.81 -57.54
C ALA R 84 12.60 -35.01 -56.39
N SER R 85 11.34 -34.60 -56.52
CA SER R 85 10.80 -33.55 -55.66
C SER R 85 10.20 -34.10 -54.37
N ASP R 86 9.44 -35.20 -54.46
CA ASP R 86 8.86 -35.80 -53.27
C ASP R 86 9.92 -36.32 -52.31
N GLY R 87 11.07 -36.75 -52.84
CA GLY R 87 12.20 -37.06 -51.98
C GLY R 87 12.64 -35.89 -51.13
N ARG R 88 12.65 -34.69 -51.71
CA ARG R 88 13.22 -33.54 -51.03
C ARG R 88 12.33 -33.05 -49.89
N ILE R 89 11.01 -33.01 -50.11
CA ILE R 89 10.12 -32.57 -49.04
C ILE R 89 10.00 -33.65 -47.97
N LEU R 90 10.20 -34.91 -48.35
CA LEU R 90 10.10 -36.00 -47.38
C LEU R 90 11.32 -36.07 -46.47
N ILE R 91 12.52 -35.80 -47.02
CA ILE R 91 13.71 -35.74 -46.17
C ILE R 91 13.71 -34.47 -45.33
N ASP R 92 13.07 -33.41 -45.82
CA ASP R 92 12.93 -32.20 -45.02
C ASP R 92 12.07 -32.46 -43.79
N TYR R 93 10.98 -33.20 -43.97
CA TYR R 93 10.19 -33.67 -42.84
C TYR R 93 11.01 -34.60 -41.96
N ALA R 94 11.88 -35.41 -42.58
CA ALA R 94 12.68 -36.36 -41.82
C ALA R 94 13.77 -35.65 -41.00
N ARG R 95 14.43 -34.66 -41.60
CA ARG R 95 15.39 -33.86 -40.85
C ARG R 95 14.73 -33.17 -39.67
N SER R 96 13.58 -32.52 -39.92
CA SER R 96 12.88 -31.83 -38.85
C SER R 96 12.46 -32.79 -37.74
N GLN R 97 12.02 -33.99 -38.13
CA GLN R 97 11.61 -34.99 -37.13
C GLN R 97 12.80 -35.43 -36.29
N ALA R 98 13.96 -35.65 -36.92
CA ALA R 98 15.13 -36.09 -36.18
C ALA R 98 15.64 -35.00 -35.24
N LEU R 99 15.55 -33.73 -35.65
CA LEU R 99 16.06 -32.64 -34.82
C LEU R 99 15.13 -32.32 -33.67
N GLN R 100 13.81 -32.44 -33.85
CA GLN R 100 12.90 -32.27 -32.73
C GLN R 100 13.14 -33.31 -31.64
N HIS R 101 13.34 -34.57 -32.04
CA HIS R 101 13.68 -35.62 -31.08
C HIS R 101 15.03 -35.36 -30.44
N ARG R 102 15.94 -34.70 -31.15
CA ARG R 102 17.26 -34.39 -30.59
C ARG R 102 17.16 -33.48 -29.37
N LEU R 103 16.30 -32.46 -29.43
CA LEU R 103 16.16 -31.56 -28.29
C LEU R 103 15.21 -32.08 -27.21
N ILE R 104 14.34 -33.04 -27.54
CA ILE R 104 13.44 -33.59 -26.54
C ILE R 104 14.19 -34.53 -25.60
N TYR R 105 14.99 -35.44 -26.15
CA TYR R 105 15.63 -36.49 -25.38
C TYR R 105 17.15 -36.34 -25.25
N ASP R 106 17.79 -35.62 -26.17
CA ASP R 106 19.25 -35.58 -26.28
C ASP R 106 19.80 -37.00 -26.38
N GLU R 107 19.42 -37.67 -27.46
CA GLU R 107 19.83 -39.05 -27.74
C GLU R 107 19.74 -39.29 -29.23
N PRO R 108 20.72 -39.94 -29.84
CA PRO R 108 20.57 -40.36 -31.24
C PRO R 108 19.42 -41.36 -31.36
N ILE R 109 18.58 -41.14 -32.36
CA ILE R 109 17.32 -41.88 -32.47
C ILE R 109 17.60 -43.28 -33.01
N SER R 110 16.71 -44.21 -32.67
CA SER R 110 16.58 -45.45 -33.42
C SER R 110 15.84 -45.15 -34.70
N ILE R 111 16.47 -45.42 -35.85
CA ILE R 111 15.99 -44.91 -37.13
C ILE R 111 14.73 -45.67 -37.53
N GLU R 112 14.35 -46.67 -36.72
CA GLU R 112 12.99 -47.19 -36.81
C GLU R 112 11.95 -46.14 -36.43
N TYR R 113 12.33 -45.18 -35.59
CA TYR R 113 11.47 -44.01 -35.35
C TYR R 113 11.28 -43.22 -36.64
N LEU R 114 12.37 -42.89 -37.31
CA LEU R 114 12.32 -41.96 -38.43
C LEU R 114 11.67 -42.59 -39.66
N THR R 115 11.96 -43.86 -39.92
CA THR R 115 11.32 -44.54 -41.04
C THR R 115 9.84 -44.81 -40.79
N LYS R 116 9.45 -45.03 -39.54
CA LYS R 116 8.03 -45.23 -39.25
C LYS R 116 7.23 -43.96 -39.45
N VAL R 117 7.81 -42.81 -39.12
CA VAL R 117 7.09 -41.55 -39.28
C VAL R 117 7.06 -41.14 -40.74
N ILE R 118 8.13 -41.41 -41.49
CA ILE R 118 8.11 -41.15 -42.93
C ILE R 118 7.06 -42.02 -43.61
N SER R 119 7.05 -43.31 -43.27
CA SER R 119 6.06 -44.21 -43.84
C SER R 119 4.66 -43.89 -43.33
N ASP R 120 4.55 -43.27 -42.16
CA ASP R 120 3.27 -42.76 -41.69
C ASP R 120 2.77 -41.63 -42.59
N VAL R 121 3.60 -40.63 -42.85
CA VAL R 121 3.16 -39.48 -43.63
C VAL R 121 3.01 -39.85 -45.10
N LYS R 122 3.63 -40.95 -45.54
CA LYS R 122 3.32 -41.51 -46.85
C LYS R 122 2.01 -42.27 -46.83
N GLN R 123 1.62 -42.82 -45.67
CA GLN R 123 0.31 -43.44 -45.55
C GLN R 123 -0.79 -42.40 -45.49
N ALA R 124 -0.48 -41.18 -45.04
CA ALA R 124 -1.47 -40.12 -44.98
C ALA R 124 -1.91 -39.68 -46.37
N TYR R 125 -1.15 -40.03 -47.40
CA TYR R 125 -1.48 -39.66 -48.77
C TYR R 125 -1.89 -40.87 -49.62
N THR R 126 -2.18 -42.01 -49.00
CA THR R 126 -2.70 -43.17 -49.72
C THR R 126 -4.13 -43.53 -49.33
N GLN R 127 -4.79 -42.72 -48.49
CA GLN R 127 -6.21 -42.94 -48.23
C GLN R 127 -7.05 -41.67 -48.24
N HIS R 128 -6.45 -40.49 -48.29
CA HIS R 128 -7.22 -39.26 -48.39
C HIS R 128 -7.46 -38.93 -49.86
N GLY R 129 -8.51 -38.14 -50.11
CA GLY R 129 -9.03 -37.99 -51.45
C GLY R 129 -8.21 -37.12 -52.39
N GLY R 130 -7.96 -35.87 -51.98
CA GLY R 130 -7.33 -34.92 -52.86
C GLY R 130 -5.82 -34.88 -52.80
N VAL R 131 -5.17 -36.04 -52.67
CA VAL R 131 -3.73 -36.12 -52.56
C VAL R 131 -3.21 -37.22 -53.47
N ARG R 132 -1.89 -37.18 -53.70
CA ARG R 132 -1.14 -38.22 -54.38
C ARG R 132 -0.21 -38.93 -53.40
N PRO R 133 -0.05 -40.25 -53.52
CA PRO R 133 1.06 -40.91 -52.82
C PRO R 133 2.40 -40.40 -53.35
N PHE R 134 3.37 -40.31 -52.45
CA PHE R 134 4.72 -39.93 -52.86
C PHE R 134 5.27 -40.93 -53.86
N GLY R 135 5.56 -40.47 -55.08
CA GLY R 135 6.10 -41.36 -56.09
C GLY R 135 7.58 -41.59 -55.94
N VAL R 136 8.02 -41.82 -54.69
CA VAL R 136 9.42 -42.02 -54.36
C VAL R 136 9.52 -43.16 -53.35
N ALA R 137 10.52 -44.01 -53.49
CA ALA R 137 10.92 -44.93 -52.44
C ALA R 137 12.25 -44.47 -51.85
N LEU R 138 12.44 -44.74 -50.56
CA LEU R 138 13.63 -44.32 -49.85
C LEU R 138 14.46 -45.52 -49.43
N ILE R 139 15.78 -45.38 -49.53
CA ILE R 139 16.72 -46.30 -48.91
C ILE R 139 17.35 -45.58 -47.73
N VAL R 140 17.10 -46.08 -46.53
CA VAL R 140 17.56 -45.42 -45.32
C VAL R 140 18.60 -46.28 -44.59
N PRO R 149 24.01 -49.97 -36.12
CA PRO R 149 24.00 -50.57 -37.46
C PRO R 149 22.61 -50.99 -37.91
N LYS R 150 21.98 -50.18 -38.75
CA LYS R 150 20.64 -50.44 -39.24
C LYS R 150 20.52 -49.99 -40.69
N LEU R 151 19.87 -50.82 -41.50
CA LEU R 151 19.50 -50.45 -42.86
C LEU R 151 18.04 -50.81 -43.06
N LEU R 152 17.25 -49.85 -43.57
CA LEU R 152 15.82 -50.01 -43.72
C LEU R 152 15.42 -49.45 -45.09
N MET R 153 14.13 -49.59 -45.40
CA MET R 153 13.65 -49.30 -46.75
C MET R 153 12.15 -49.02 -46.70
N THR R 154 11.74 -47.91 -47.29
CA THR R 154 10.33 -47.54 -47.39
C THR R 154 9.91 -47.46 -48.84
N GLU R 155 8.61 -47.59 -49.07
CA GLU R 155 8.03 -47.71 -50.39
C GLU R 155 6.87 -46.74 -50.51
N PRO R 156 6.51 -46.34 -51.73
CA PRO R 156 5.32 -45.48 -51.90
C PRO R 156 4.03 -46.14 -51.43
N SER R 157 4.00 -47.48 -51.37
CA SER R 157 2.89 -48.17 -50.72
C SER R 157 2.82 -47.89 -49.23
N GLY R 158 3.92 -47.47 -48.62
CA GLY R 158 3.99 -47.27 -47.18
C GLY R 158 4.37 -48.50 -46.40
N GLN R 159 4.68 -49.60 -47.08
CA GLN R 159 5.01 -50.84 -46.39
C GLN R 159 6.37 -50.75 -45.71
N PHE R 160 6.43 -51.24 -44.47
CA PHE R 160 7.65 -51.22 -43.67
C PHE R 160 8.43 -52.49 -43.97
N MET R 161 9.59 -52.35 -44.61
CA MET R 161 10.38 -53.50 -45.04
C MET R 161 11.84 -53.37 -44.58
N PRO R 162 12.24 -54.14 -43.55
CA PRO R 162 13.67 -54.21 -43.21
C PRO R 162 14.39 -55.26 -44.03
N TYR R 163 15.39 -54.85 -44.79
CA TYR R 163 16.22 -55.76 -45.58
C TYR R 163 17.68 -55.67 -45.18
N TYR R 164 18.43 -56.70 -45.54
CA TYR R 164 19.88 -56.67 -45.37
C TYR R 164 20.55 -55.88 -46.49
N ALA R 165 20.15 -56.13 -47.74
CA ALA R 165 20.81 -55.51 -48.88
C ALA R 165 19.84 -55.53 -50.07
N VAL R 166 19.19 -54.41 -50.32
CA VAL R 166 18.25 -54.28 -51.43
C VAL R 166 18.51 -52.94 -52.11
N ALA R 167 18.25 -52.89 -53.42
CA ALA R 167 18.65 -51.76 -54.25
C ALA R 167 17.58 -51.50 -55.30
N ILE R 168 16.91 -50.36 -55.19
CA ILE R 168 15.90 -49.97 -56.16
C ILE R 168 16.60 -49.23 -57.30
N GLY R 169 16.07 -49.38 -58.50
CA GLY R 169 16.76 -48.86 -59.67
C GLY R 169 15.96 -49.07 -60.93
N GLN R 170 16.29 -48.26 -61.94
CA GLN R 170 15.82 -48.52 -63.29
C GLN R 170 16.25 -49.90 -63.78
N GLY R 171 17.45 -50.33 -63.40
CA GLY R 171 17.91 -51.67 -63.72
C GLY R 171 18.34 -52.47 -62.51
N GLY R 172 17.59 -52.33 -61.41
CA GLY R 172 17.94 -53.01 -60.17
C GLY R 172 17.73 -54.51 -60.23
N SER R 214 31.93 -39.16 -60.91
CA SER R 214 30.55 -39.10 -61.38
C SER R 214 29.72 -40.24 -60.77
N VAL R 215 29.64 -40.27 -59.44
CA VAL R 215 28.90 -41.29 -58.72
C VAL R 215 28.37 -40.64 -57.44
N GLU R 216 27.48 -41.35 -56.75
CA GLU R 216 26.86 -40.89 -55.51
C GLU R 216 27.32 -41.83 -54.40
N ILE R 217 28.18 -41.34 -53.51
CA ILE R 217 29.09 -42.19 -52.75
C ILE R 217 29.07 -41.78 -51.29
N GLY R 218 28.94 -42.78 -50.41
CA GLY R 218 28.89 -42.53 -48.98
C GLY R 218 28.96 -43.83 -48.21
N TYR R 219 29.34 -43.71 -46.94
CA TYR R 219 29.21 -44.83 -46.01
C TYR R 219 28.85 -44.34 -44.62
N PHE R 227 29.14 -41.40 -40.30
CA PHE R 227 28.66 -41.26 -41.67
C PHE R 227 29.28 -40.03 -42.34
N LYS R 228 29.93 -40.25 -43.48
CA LYS R 228 30.42 -39.15 -44.29
C LYS R 228 30.60 -39.64 -45.72
N LYS R 229 30.52 -38.70 -46.67
CA LYS R 229 30.74 -39.04 -48.07
C LYS R 229 32.21 -39.34 -48.32
N LEU R 230 32.46 -40.26 -49.24
CA LEU R 230 33.83 -40.64 -49.55
C LEU R 230 34.55 -39.51 -50.27
N THR R 231 35.87 -39.52 -50.15
CA THR R 231 36.71 -38.68 -50.98
C THR R 231 36.69 -39.16 -52.43
N THR R 232 36.94 -38.25 -53.36
CA THR R 232 36.90 -38.61 -54.78
C THR R 232 38.12 -39.40 -55.22
N GLU R 233 39.12 -39.58 -54.34
CA GLU R 233 40.23 -40.48 -54.58
C GLU R 233 40.01 -41.85 -53.96
N GLU R 234 39.47 -41.90 -52.74
CA GLU R 234 39.30 -43.17 -52.04
C GLU R 234 38.19 -44.01 -52.66
N ARG R 235 37.32 -43.40 -53.46
CA ARG R 235 36.35 -44.18 -54.23
C ARG R 235 37.00 -45.06 -55.28
N SER R 236 38.21 -44.73 -55.72
CA SER R 236 38.95 -45.58 -56.64
C SER R 236 39.65 -46.71 -55.88
N THR S 15 -18.81 -44.27 -50.61
CA THR S 15 -19.80 -43.98 -49.58
C THR S 15 -21.21 -43.99 -50.15
N ILE S 16 -21.54 -45.05 -50.89
CA ILE S 16 -22.81 -45.16 -51.59
C ILE S 16 -23.35 -46.57 -51.37
N PHE S 17 -24.67 -46.65 -51.11
CA PHE S 17 -25.31 -47.94 -50.88
C PHE S 17 -25.75 -48.56 -52.20
N SER S 18 -25.48 -49.85 -52.34
CA SER S 18 -26.05 -50.64 -53.40
C SER S 18 -27.51 -50.95 -53.08
N PRO S 19 -28.32 -51.27 -54.11
CA PRO S 19 -29.75 -51.46 -53.85
C PRO S 19 -30.08 -52.62 -52.92
N ASP S 20 -29.21 -53.62 -52.82
CA ASP S 20 -29.38 -54.64 -51.79
C ASP S 20 -29.08 -54.08 -50.40
N GLY S 21 -28.24 -53.05 -50.31
CA GLY S 21 -27.86 -52.45 -49.05
C GLY S 21 -26.41 -52.66 -48.65
N SER S 22 -25.64 -53.41 -49.44
CA SER S 22 -24.24 -53.70 -49.10
C SER S 22 -23.34 -52.59 -49.62
N LEU S 23 -22.32 -52.25 -48.83
CA LEU S 23 -21.27 -51.34 -49.27
C LEU S 23 -20.19 -52.14 -50.00
N TYR S 24 -19.99 -51.83 -51.29
CA TYR S 24 -19.09 -52.64 -52.10
C TYR S 24 -17.62 -52.38 -51.77
N GLN S 25 -17.27 -51.15 -51.39
CA GLN S 25 -15.88 -50.85 -51.09
C GLN S 25 -15.41 -51.55 -49.83
N VAL S 26 -16.30 -51.76 -48.87
CA VAL S 26 -15.94 -52.49 -47.66
C VAL S 26 -15.65 -53.96 -47.98
N ASP S 27 -16.50 -54.57 -48.80
CA ASP S 27 -16.26 -55.96 -49.21
C ASP S 27 -15.00 -56.09 -50.05
N TYR S 28 -14.66 -55.05 -50.81
CA TYR S 28 -13.42 -55.06 -51.56
C TYR S 28 -12.22 -54.95 -50.63
N ALA S 29 -12.35 -54.19 -49.54
CA ALA S 29 -11.29 -54.15 -48.54
C ALA S 29 -11.14 -55.48 -47.83
N PHE S 30 -12.24 -56.22 -47.65
CA PHE S 30 -12.15 -57.55 -47.08
C PHE S 30 -11.53 -58.54 -48.07
N GLU S 31 -11.63 -58.27 -49.36
CA GLU S 31 -10.86 -59.02 -50.35
C GLU S 31 -9.38 -58.67 -50.28
N ALA S 32 -9.06 -57.42 -49.87
CA ALA S 32 -7.66 -57.03 -49.73
C ALA S 32 -6.99 -57.72 -48.56
N VAL S 33 -7.73 -57.99 -47.48
CA VAL S 33 -7.15 -58.74 -46.38
C VAL S 33 -7.15 -60.24 -46.66
N LYS S 34 -8.02 -60.71 -47.54
CA LYS S 34 -7.93 -62.10 -48.01
C LYS S 34 -6.64 -62.34 -48.78
N ARG S 35 -6.11 -61.30 -49.43
CA ARG S 35 -4.83 -61.38 -50.11
C ARG S 35 -3.65 -61.10 -49.19
N GLY S 36 -3.89 -60.93 -47.88
CA GLY S 36 -2.82 -60.69 -46.94
C GLY S 36 -2.15 -61.98 -46.52
N TRP S 37 -1.12 -61.82 -45.69
CA TRP S 37 -0.45 -62.99 -45.15
C TRP S 37 -1.32 -63.65 -44.10
N THR S 38 -1.00 -64.91 -43.79
CA THR S 38 -1.80 -65.67 -42.84
C THR S 38 -1.40 -65.28 -41.42
N THR S 39 -2.37 -64.81 -40.64
CA THR S 39 -2.18 -64.52 -39.24
C THR S 39 -3.19 -65.31 -38.43
N LEU S 40 -2.80 -65.69 -37.22
CA LEU S 40 -3.56 -66.64 -36.43
C LEU S 40 -3.77 -66.09 -35.02
N GLY S 41 -4.93 -66.39 -34.46
CA GLY S 41 -5.23 -66.06 -33.08
C GLY S 41 -6.09 -67.14 -32.46
N VAL S 42 -5.65 -67.69 -31.33
CA VAL S 42 -6.37 -68.74 -30.62
C VAL S 42 -6.52 -68.33 -29.17
N LYS S 43 -7.74 -68.44 -28.65
CA LYS S 43 -8.11 -67.98 -27.33
C LYS S 43 -8.39 -69.21 -26.47
N THR S 44 -7.39 -69.59 -25.68
CA THR S 44 -7.58 -70.69 -24.74
C THR S 44 -8.53 -70.25 -23.63
N LYS S 45 -9.17 -71.24 -22.99
CA LYS S 45 -9.88 -70.97 -21.75
C LYS S 45 -8.98 -70.32 -20.71
N SER S 46 -7.68 -70.60 -20.73
CA SER S 46 -6.73 -69.99 -19.80
C SER S 46 -5.41 -69.65 -20.50
N GLY S 47 -5.48 -68.98 -21.65
CA GLY S 47 -4.25 -68.57 -22.31
C GLY S 47 -4.52 -67.87 -23.63
N VAL S 48 -3.45 -67.28 -24.16
CA VAL S 48 -3.47 -66.51 -25.40
C VAL S 48 -2.27 -66.90 -26.24
N VAL S 49 -2.51 -67.29 -27.49
CA VAL S 49 -1.45 -67.47 -28.47
C VAL S 49 -1.89 -66.80 -29.77
N LEU S 50 -1.03 -65.94 -30.31
CA LEU S 50 -1.24 -65.38 -31.63
C LEU S 50 0.10 -65.30 -32.35
N LEU S 51 0.08 -65.65 -33.64
CA LEU S 51 1.30 -65.72 -34.43
C LEU S 51 0.99 -65.30 -35.85
N ALA S 52 2.03 -65.17 -36.66
CA ALA S 52 1.90 -64.63 -38.00
C ALA S 52 2.97 -65.23 -38.90
N GLU S 53 2.56 -65.58 -40.12
CA GLU S 53 3.48 -66.11 -41.10
C GLU S 53 4.37 -65.01 -41.67
N LYS S 54 5.63 -65.36 -41.98
CA LYS S 54 6.61 -64.43 -42.52
C LYS S 54 7.18 -65.02 -43.81
N ARG S 55 6.45 -64.84 -44.91
CA ARG S 55 6.89 -65.40 -46.18
C ARG S 55 8.02 -64.56 -46.76
N LYS S 56 8.95 -65.23 -47.43
CA LYS S 56 10.18 -64.61 -47.90
C LYS S 56 10.12 -64.49 -49.43
N ALA S 57 9.85 -63.28 -49.90
CA ALA S 57 9.73 -63.05 -51.34
C ALA S 57 11.09 -62.88 -52.00
N THR S 58 12.09 -62.42 -51.26
CA THR S 58 13.43 -62.20 -51.81
C THR S 58 14.49 -62.73 -50.86
N GLU S 67 8.60 -57.26 -38.91
CA GLU S 67 7.75 -57.32 -37.72
C GLU S 67 6.28 -57.28 -38.08
N LYS S 68 5.50 -58.19 -37.49
CA LYS S 68 4.05 -58.17 -37.61
C LYS S 68 3.33 -58.32 -36.28
N ILE S 69 3.96 -58.85 -35.25
CA ILE S 69 3.40 -58.87 -33.91
C ILE S 69 3.78 -57.58 -33.21
N PHE S 70 2.78 -56.80 -32.81
CA PHE S 70 2.99 -55.54 -32.11
C PHE S 70 2.36 -55.59 -30.73
N MET S 71 3.03 -54.95 -29.77
CA MET S 71 2.64 -54.98 -28.36
C MET S 71 1.92 -53.68 -28.04
N LEU S 72 0.60 -53.76 -27.80
CA LEU S 72 -0.19 -52.58 -27.53
C LEU S 72 -0.03 -52.11 -26.10
N ASP S 73 -0.21 -53.01 -25.14
CA ASP S 73 -0.05 -52.69 -23.72
C ASP S 73 0.73 -53.80 -23.04
N ASP S 74 1.15 -53.52 -21.80
CA ASP S 74 1.73 -54.52 -20.93
C ASP S 74 0.95 -55.83 -20.89
N HIS S 75 -0.34 -55.81 -21.22
CA HIS S 75 -1.15 -57.03 -21.23
C HIS S 75 -1.91 -57.23 -22.53
N VAL S 76 -1.62 -56.46 -23.58
CA VAL S 76 -2.38 -56.54 -24.82
C VAL S 76 -1.41 -56.46 -26.00
N GLY S 77 -1.49 -57.45 -26.89
CA GLY S 77 -0.84 -57.38 -28.17
C GLY S 77 -1.81 -57.79 -29.26
N CYS S 78 -1.44 -57.47 -30.50
CA CYS S 78 -2.29 -57.82 -31.62
C CYS S 78 -1.45 -57.88 -32.89
N THR S 79 -2.03 -58.51 -33.92
CA THR S 79 -1.43 -58.56 -35.24
C THR S 79 -2.45 -58.14 -36.30
N PHE S 80 -1.92 -57.80 -37.47
CA PHE S 80 -2.75 -57.34 -38.59
C PHE S 80 -2.51 -58.23 -39.81
N ALA S 81 -3.44 -58.16 -40.75
CA ALA S 81 -3.25 -58.73 -42.08
C ALA S 81 -3.88 -57.82 -43.11
N GLY S 82 -3.45 -57.98 -44.36
CA GLY S 82 -3.87 -57.06 -45.40
C GLY S 82 -2.73 -56.15 -45.80
N LEU S 83 -3.01 -54.85 -45.85
CA LEU S 83 -1.93 -53.89 -46.06
C LEU S 83 -1.10 -53.75 -44.79
N ALA S 84 0.06 -53.12 -44.93
CA ALA S 84 0.90 -52.86 -43.77
C ALA S 84 0.61 -51.48 -43.18
N SER S 85 0.57 -50.45 -44.02
CA SER S 85 0.60 -49.08 -43.54
C SER S 85 -0.73 -48.68 -42.88
N ASP S 86 -1.84 -49.23 -43.36
CA ASP S 86 -3.15 -48.89 -42.79
C ASP S 86 -3.28 -49.42 -41.37
N GLY S 87 -2.92 -50.69 -41.16
CA GLY S 87 -2.95 -51.25 -39.81
C GLY S 87 -1.86 -50.74 -38.90
N ARG S 88 -0.83 -50.10 -39.47
CA ARG S 88 0.26 -49.54 -38.67
C ARG S 88 -0.10 -48.17 -38.12
N ILE S 89 -0.72 -47.30 -38.91
CA ILE S 89 -1.21 -46.05 -38.34
C ILE S 89 -2.36 -46.33 -37.39
N LEU S 90 -3.09 -47.42 -37.61
CA LEU S 90 -4.10 -47.85 -36.65
C LEU S 90 -3.47 -48.42 -35.39
N ILE S 91 -2.23 -48.92 -35.48
CA ILE S 91 -1.55 -49.41 -34.28
C ILE S 91 -1.03 -48.24 -33.44
N ASP S 92 -0.66 -47.13 -34.09
CA ASP S 92 -0.22 -45.96 -33.34
C ASP S 92 -1.39 -45.32 -32.59
N TYR S 93 -2.57 -45.29 -33.22
CA TYR S 93 -3.75 -44.78 -32.54
C TYR S 93 -4.17 -45.68 -31.40
N ALA S 94 -4.00 -47.00 -31.57
CA ALA S 94 -4.36 -47.93 -30.51
C ALA S 94 -3.45 -47.78 -29.31
N ARG S 95 -2.14 -47.67 -29.54
CA ARG S 95 -1.21 -47.47 -28.43
C ARG S 95 -1.44 -46.12 -27.76
N SER S 96 -1.78 -45.09 -28.55
CA SER S 96 -2.03 -43.78 -27.98
C SER S 96 -3.28 -43.79 -27.11
N GLN S 97 -4.33 -44.48 -27.54
CA GLN S 97 -5.56 -44.56 -26.75
C GLN S 97 -5.34 -45.38 -25.49
N ALA S 98 -4.52 -46.43 -25.57
CA ALA S 98 -4.24 -47.26 -24.40
C ALA S 98 -3.46 -46.49 -23.35
N LEU S 99 -2.40 -45.79 -23.77
CA LEU S 99 -1.59 -45.05 -22.82
C LEU S 99 -2.32 -43.85 -22.25
N GLN S 100 -3.30 -43.31 -22.99
CA GLN S 100 -4.11 -42.23 -22.45
C GLN S 100 -5.05 -42.72 -21.35
N HIS S 101 -5.62 -43.91 -21.53
CA HIS S 101 -6.46 -44.50 -20.49
C HIS S 101 -5.65 -44.83 -19.24
N ARG S 102 -4.40 -45.26 -19.41
CA ARG S 102 -3.57 -45.58 -18.26
C ARG S 102 -3.05 -44.33 -17.56
N LEU S 103 -2.98 -43.20 -18.27
CA LEU S 103 -2.66 -41.93 -17.62
C LEU S 103 -3.82 -41.41 -16.80
N ILE S 104 -5.05 -41.65 -17.25
CA ILE S 104 -6.22 -41.12 -16.54
C ILE S 104 -6.52 -41.96 -15.31
N TYR S 105 -6.70 -43.26 -15.48
CA TYR S 105 -7.18 -44.12 -14.42
C TYR S 105 -6.08 -44.87 -13.68
N ASP S 106 -4.84 -44.83 -14.18
CA ASP S 106 -3.74 -45.64 -13.64
C ASP S 106 -4.17 -47.10 -13.54
N GLU S 107 -4.70 -47.62 -14.64
CA GLU S 107 -5.36 -48.92 -14.67
C GLU S 107 -5.13 -49.53 -16.05
N PRO S 108 -4.96 -50.85 -16.14
CA PRO S 108 -4.97 -51.51 -17.45
C PRO S 108 -6.32 -51.35 -18.13
N ILE S 109 -6.31 -51.47 -19.46
CA ILE S 109 -7.44 -51.08 -20.29
C ILE S 109 -8.25 -52.31 -20.65
N SER S 110 -9.57 -52.19 -20.57
CA SER S 110 -10.46 -53.23 -21.06
C SER S 110 -10.34 -53.37 -22.57
N ILE S 111 -10.48 -54.60 -23.06
CA ILE S 111 -10.24 -54.86 -24.47
C ILE S 111 -11.42 -54.47 -25.31
N GLU S 112 -12.62 -54.45 -24.74
CA GLU S 112 -13.79 -53.97 -25.45
C GLU S 112 -13.67 -52.47 -25.76
N TYR S 113 -12.95 -51.72 -24.92
CA TYR S 113 -12.80 -50.29 -25.15
C TYR S 113 -11.69 -49.97 -26.15
N LEU S 114 -10.60 -50.74 -26.11
CA LEU S 114 -9.56 -50.57 -27.13
C LEU S 114 -10.09 -50.89 -28.52
N THR S 115 -10.66 -52.09 -28.68
CA THR S 115 -11.23 -52.47 -29.97
C THR S 115 -12.42 -51.60 -30.34
N LYS S 116 -13.11 -51.03 -29.34
CA LYS S 116 -14.19 -50.07 -29.62
C LYS S 116 -13.68 -48.88 -30.40
N VAL S 117 -12.65 -48.20 -29.86
CA VAL S 117 -12.22 -46.94 -30.46
C VAL S 117 -11.48 -47.20 -31.76
N ILE S 118 -10.77 -48.33 -31.85
CA ILE S 118 -10.21 -48.76 -33.13
C ILE S 118 -11.32 -48.94 -34.15
N SER S 119 -12.36 -49.68 -33.78
CA SER S 119 -13.45 -49.96 -34.70
C SER S 119 -14.26 -48.72 -35.03
N ASP S 120 -14.33 -47.75 -34.11
CA ASP S 120 -15.02 -46.50 -34.40
C ASP S 120 -14.27 -45.67 -35.42
N VAL S 121 -12.93 -45.75 -35.42
CA VAL S 121 -12.15 -45.08 -36.45
C VAL S 121 -12.42 -45.68 -37.82
N LYS S 122 -12.53 -47.02 -37.89
CA LYS S 122 -12.85 -47.67 -39.15
C LYS S 122 -14.22 -47.25 -39.65
N GLN S 123 -15.20 -47.13 -38.75
CA GLN S 123 -16.52 -46.65 -39.15
C GLN S 123 -16.45 -45.24 -39.69
N ALA S 124 -15.72 -44.36 -39.01
CA ALA S 124 -15.65 -42.96 -39.43
C ALA S 124 -14.99 -42.80 -40.79
N TYR S 125 -14.10 -43.72 -41.16
CA TYR S 125 -13.52 -43.73 -42.50
C TYR S 125 -14.34 -44.53 -43.51
N THR S 126 -15.44 -45.15 -43.09
CA THR S 126 -16.40 -45.76 -44.01
C THR S 126 -17.71 -44.98 -44.07
N GLN S 127 -17.69 -43.71 -43.67
CA GLN S 127 -18.89 -42.88 -43.73
C GLN S 127 -18.62 -41.49 -44.26
N HIS S 128 -17.37 -41.12 -44.53
CA HIS S 128 -17.01 -39.79 -44.99
C HIS S 128 -16.45 -39.88 -46.40
N GLY S 129 -16.66 -38.82 -47.18
CA GLY S 129 -16.51 -38.88 -48.62
C GLY S 129 -15.10 -39.09 -49.13
N GLY S 130 -14.23 -38.10 -48.90
CA GLY S 130 -12.89 -38.15 -49.46
C GLY S 130 -11.87 -38.90 -48.64
N VAL S 131 -12.25 -40.05 -48.08
CA VAL S 131 -11.35 -40.87 -47.28
C VAL S 131 -11.52 -42.33 -47.68
N ARG S 132 -10.41 -42.98 -48.04
CA ARG S 132 -10.44 -44.42 -48.30
C ARG S 132 -10.59 -45.19 -46.99
N PRO S 133 -11.37 -46.27 -46.99
CA PRO S 133 -11.46 -47.12 -45.80
C PRO S 133 -10.18 -47.89 -45.58
N PHE S 134 -10.06 -48.46 -44.38
CA PHE S 134 -8.90 -49.29 -44.07
C PHE S 134 -9.02 -50.65 -44.75
N GLY S 135 -7.90 -51.14 -45.27
CA GLY S 135 -7.86 -52.44 -45.90
C GLY S 135 -7.15 -53.45 -45.04
N VAL S 136 -7.37 -53.38 -43.73
CA VAL S 136 -6.64 -54.18 -42.76
C VAL S 136 -7.64 -54.71 -41.74
N ALA S 137 -7.55 -56.01 -41.45
CA ALA S 137 -8.26 -56.62 -40.33
C ALA S 137 -7.29 -56.90 -39.19
N LEU S 138 -7.75 -56.69 -37.96
CA LEU S 138 -6.94 -56.89 -36.77
C LEU S 138 -7.49 -58.03 -35.93
N ILE S 139 -6.59 -58.70 -35.21
CA ILE S 139 -6.97 -59.68 -34.20
C ILE S 139 -6.19 -59.34 -32.93
N VAL S 140 -6.93 -59.08 -31.84
CA VAL S 140 -6.37 -58.49 -30.63
C VAL S 140 -6.49 -59.49 -29.49
N GLY S 141 -5.39 -59.71 -28.77
CA GLY S 141 -5.42 -60.62 -27.65
C GLY S 141 -4.91 -60.01 -26.34
N GLY S 142 -5.84 -59.74 -25.43
CA GLY S 142 -5.52 -59.17 -24.14
C GLY S 142 -5.59 -60.20 -23.03
N ILE S 143 -5.46 -59.70 -21.79
CA ILE S 143 -5.52 -60.56 -20.62
C ILE S 143 -6.73 -60.27 -19.73
N ASP S 144 -7.18 -59.03 -19.62
CA ASP S 144 -8.34 -58.67 -18.80
C ASP S 144 -8.19 -59.15 -17.36
N LYS S 145 -7.28 -58.48 -16.66
CA LYS S 145 -6.98 -58.78 -15.26
C LYS S 145 -8.26 -58.87 -14.44
N GLY S 146 -8.68 -60.08 -14.12
CA GLY S 146 -9.89 -60.29 -13.35
C GLY S 146 -10.80 -61.33 -13.97
N LYS S 147 -10.55 -61.66 -15.24
CA LYS S 147 -11.33 -62.65 -15.96
C LYS S 147 -10.41 -63.65 -16.65
N GLN S 148 -10.70 -63.95 -17.91
CA GLN S 148 -9.92 -64.88 -18.71
C GLN S 148 -9.50 -64.20 -20.02
N PRO S 149 -8.67 -64.85 -20.81
CA PRO S 149 -8.26 -64.27 -22.11
C PRO S 149 -9.45 -63.90 -22.98
N LYS S 150 -9.39 -62.69 -23.55
CA LYS S 150 -10.42 -62.19 -24.45
C LYS S 150 -9.78 -61.86 -25.80
N LEU S 151 -10.29 -62.49 -26.87
CA LEU S 151 -9.81 -62.28 -28.22
C LEU S 151 -10.92 -61.62 -29.03
N LEU S 152 -10.55 -60.59 -29.80
CA LEU S 152 -11.48 -59.95 -30.72
C LEU S 152 -10.85 -59.79 -32.09
N MET S 153 -11.71 -59.58 -33.09
CA MET S 153 -11.30 -59.33 -34.47
C MET S 153 -12.00 -58.10 -35.00
N THR S 154 -11.25 -57.22 -35.65
CA THR S 154 -11.79 -56.00 -36.25
C THR S 154 -11.93 -56.19 -37.76
N GLU S 155 -13.15 -55.98 -38.28
CA GLU S 155 -13.40 -55.99 -39.71
C GLU S 155 -13.43 -54.56 -40.25
N PRO S 156 -13.04 -54.35 -41.51
CA PRO S 156 -12.97 -52.99 -42.05
C PRO S 156 -14.31 -52.29 -42.14
N SER S 157 -15.42 -53.02 -42.02
CA SER S 157 -16.72 -52.37 -41.82
C SER S 157 -16.83 -51.74 -40.43
N GLY S 158 -16.03 -52.19 -39.47
CA GLY S 158 -16.13 -51.72 -38.10
C GLY S 158 -16.85 -52.65 -37.15
N GLN S 159 -17.07 -53.90 -37.52
CA GLN S 159 -17.83 -54.84 -36.70
C GLN S 159 -16.90 -55.57 -35.73
N PHE S 160 -17.42 -55.86 -34.54
CA PHE S 160 -16.76 -56.80 -33.65
C PHE S 160 -17.24 -58.21 -33.93
N MET S 161 -16.32 -59.16 -33.87
CA MET S 161 -16.66 -60.54 -33.56
C MET S 161 -15.63 -61.10 -32.59
N PRO S 162 -16.00 -61.38 -31.34
CA PRO S 162 -15.10 -62.09 -30.43
C PRO S 162 -15.04 -63.57 -30.79
N TYR S 163 -13.84 -64.13 -30.86
CA TYR S 163 -13.65 -65.49 -31.34
C TYR S 163 -12.87 -66.31 -30.34
N TYR S 164 -13.16 -67.61 -30.32
CA TYR S 164 -12.30 -68.56 -29.61
C TYR S 164 -11.00 -68.78 -30.37
N ALA S 165 -11.08 -68.86 -31.71
CA ALA S 165 -9.92 -69.12 -32.54
C ALA S 165 -10.27 -68.84 -34.00
N VAL S 166 -9.52 -67.94 -34.66
CA VAL S 166 -9.69 -67.68 -36.08
C VAL S 166 -8.32 -67.51 -36.72
N ALA S 167 -8.33 -67.35 -38.04
CA ALA S 167 -7.13 -67.15 -38.84
C ALA S 167 -7.58 -66.56 -40.16
N ILE S 168 -6.90 -65.51 -40.61
CA ILE S 168 -7.27 -64.81 -41.83
C ILE S 168 -6.01 -64.47 -42.62
N GLY S 169 -6.15 -64.45 -43.94
CA GLY S 169 -5.05 -64.37 -44.87
C GLY S 169 -5.32 -65.25 -46.07
N GLN S 170 -4.25 -65.62 -46.78
CA GLN S 170 -4.41 -66.43 -47.98
C GLN S 170 -4.90 -67.83 -47.62
N GLY S 171 -4.27 -68.46 -46.63
CA GLY S 171 -4.69 -69.77 -46.17
C GLY S 171 -5.58 -69.69 -44.95
N GLY S 172 -6.35 -68.60 -44.84
CA GLY S 172 -7.17 -68.40 -43.66
C GLY S 172 -8.28 -69.42 -43.53
N TYR S 173 -8.91 -69.80 -44.64
CA TYR S 173 -10.01 -70.75 -44.57
C TYR S 173 -9.52 -72.15 -44.26
N THR S 174 -8.32 -72.51 -44.70
CA THR S 174 -7.79 -73.84 -44.40
C THR S 174 -7.47 -73.97 -42.92
N ALA S 175 -6.84 -72.96 -42.34
CA ALA S 175 -6.60 -72.96 -40.89
C ALA S 175 -7.90 -72.85 -40.11
N THR S 176 -8.90 -72.17 -40.68
CA THR S 176 -10.19 -72.07 -40.02
C THR S 176 -10.87 -73.43 -39.91
N GLU S 177 -10.73 -74.26 -40.96
CA GLU S 177 -11.34 -75.58 -40.94
C GLU S 177 -10.54 -76.58 -40.12
N TYR S 178 -9.21 -76.37 -40.02
CA TYR S 178 -8.42 -77.23 -39.15
C TYR S 178 -8.75 -76.97 -37.68
N LEU S 179 -8.89 -75.71 -37.30
CA LEU S 179 -9.28 -75.39 -35.92
C LEU S 179 -10.75 -75.74 -35.67
N GLU S 180 -11.55 -75.84 -36.71
CA GLU S 180 -12.89 -76.40 -36.58
C GLU S 180 -12.84 -77.89 -36.25
N LYS S 181 -11.82 -78.59 -36.75
CA LYS S 181 -11.72 -80.03 -36.51
C LYS S 181 -11.34 -80.31 -35.05
N ASN S 182 -10.17 -79.82 -34.63
CA ASN S 182 -9.61 -80.19 -33.33
C ASN S 182 -9.33 -78.95 -32.48
N LEU S 187 -7.62 -76.91 -21.90
CA LEU S 187 -6.33 -76.88 -22.58
C LEU S 187 -5.26 -76.23 -21.71
N ASP S 188 -4.04 -76.15 -22.23
CA ASP S 188 -2.98 -75.34 -21.64
C ASP S 188 -2.30 -74.58 -22.77
N ILE S 189 -1.09 -74.11 -22.52
CA ILE S 189 -0.45 -73.09 -23.34
C ILE S 189 0.56 -73.69 -24.30
N GLN S 190 1.31 -74.70 -23.87
CA GLN S 190 2.17 -75.44 -24.78
C GLN S 190 1.36 -76.18 -25.85
N SER S 191 0.14 -76.62 -25.52
CA SER S 191 -0.68 -77.34 -26.47
C SER S 191 -1.47 -76.43 -27.39
N THR S 192 -1.74 -75.18 -26.98
CA THR S 192 -2.44 -74.25 -27.86
C THR S 192 -1.49 -73.55 -28.82
N ILE S 193 -0.22 -73.38 -28.42
CA ILE S 193 0.78 -72.91 -29.36
C ILE S 193 1.15 -74.03 -30.32
N LEU S 194 1.11 -75.28 -29.86
CA LEU S 194 1.20 -76.42 -30.76
C LEU S 194 0.04 -76.42 -31.74
N LEU S 195 -1.16 -76.09 -31.27
CA LEU S 195 -2.34 -76.13 -32.12
C LEU S 195 -2.28 -75.04 -33.20
N ALA S 196 -1.74 -73.87 -32.86
CA ALA S 196 -1.63 -72.80 -33.85
C ALA S 196 -0.57 -73.13 -34.88
N LEU S 197 0.54 -73.75 -34.46
CA LEU S 197 1.55 -74.19 -35.42
C LEU S 197 0.98 -75.26 -36.35
N ARG S 198 0.18 -76.19 -35.81
CA ARG S 198 -0.47 -77.18 -36.66
C ARG S 198 -1.50 -76.55 -37.58
N ALA S 199 -2.14 -75.45 -37.16
CA ALA S 199 -3.11 -74.80 -38.02
C ALA S 199 -2.45 -74.01 -39.15
N LEU S 200 -1.17 -73.69 -39.01
CA LEU S 200 -0.41 -73.05 -40.08
C LEU S 200 0.23 -74.07 -41.02
N MET S 201 0.40 -75.32 -40.55
CA MET S 201 0.96 -76.37 -41.39
C MET S 201 0.05 -76.75 -42.55
N ALA S 202 -1.24 -76.41 -42.46
CA ALA S 202 -2.15 -76.66 -43.58
C ALA S 202 -1.73 -75.89 -44.83
N THR S 203 -1.17 -74.70 -44.67
CA THR S 203 -0.59 -73.97 -45.78
C THR S 203 0.72 -74.62 -46.23
N VAL S 215 6.10 -66.91 -38.70
CA VAL S 215 7.31 -67.39 -38.05
C VAL S 215 7.48 -66.67 -36.71
N GLU S 216 6.93 -65.46 -36.62
CA GLU S 216 6.90 -64.75 -35.35
C GLU S 216 5.70 -65.20 -34.53
N ILE S 217 5.95 -65.47 -33.24
CA ILE S 217 4.94 -66.04 -32.35
C ILE S 217 4.92 -65.22 -31.07
N GLY S 218 3.72 -64.92 -30.59
CA GLY S 218 3.56 -64.24 -29.32
C GLY S 218 2.45 -64.83 -28.47
N TYR S 219 2.67 -64.90 -27.16
CA TYR S 219 1.71 -65.49 -26.24
C TYR S 219 1.51 -64.59 -25.02
N ALA S 220 0.30 -64.62 -24.49
CA ALA S 220 -0.02 -63.99 -23.21
C ALA S 220 -0.56 -65.06 -22.27
N ASP S 221 -0.06 -65.08 -21.05
CA ASP S 221 -0.40 -66.11 -20.08
C ASP S 221 -1.06 -65.50 -18.86
N VAL S 222 -1.97 -66.27 -18.25
CA VAL S 222 -2.85 -65.74 -17.22
C VAL S 222 -2.21 -65.75 -15.84
N ASP S 223 -1.11 -66.48 -15.65
CA ASP S 223 -0.47 -66.57 -14.34
C ASP S 223 0.30 -65.31 -14.01
N SER S 224 1.24 -64.92 -14.87
CA SER S 224 1.86 -63.60 -14.82
C SER S 224 1.27 -62.74 -15.93
N GLY S 225 0.48 -61.75 -15.54
CA GLY S 225 -0.37 -61.06 -16.48
C GLY S 225 0.37 -60.16 -17.45
N THR S 226 1.09 -60.76 -18.38
CA THR S 226 1.95 -60.00 -19.30
C THR S 226 1.96 -60.62 -20.69
N THR T 15 -27.66 -37.47 -51.90
CA THR T 15 -28.37 -36.27 -51.46
C THR T 15 -29.09 -35.60 -52.62
N ILE T 16 -29.84 -36.40 -53.38
CA ILE T 16 -30.51 -35.94 -54.59
C ILE T 16 -31.94 -36.49 -54.59
N PHE T 17 -32.90 -35.65 -54.96
CA PHE T 17 -34.29 -36.06 -55.00
C PHE T 17 -34.60 -36.72 -56.34
N SER T 18 -35.30 -37.85 -56.27
CA SER T 18 -35.89 -38.46 -57.44
C SER T 18 -37.14 -37.71 -57.86
N PRO T 19 -37.56 -37.82 -59.12
CA PRO T 19 -38.71 -37.02 -59.58
C PRO T 19 -40.01 -37.34 -58.87
N ASP T 20 -40.17 -38.56 -58.32
CA ASP T 20 -41.31 -38.81 -57.45
C ASP T 20 -41.16 -38.10 -56.11
N GLY T 21 -39.93 -37.83 -55.69
CA GLY T 21 -39.67 -37.19 -54.41
C GLY T 21 -39.01 -38.05 -53.36
N SER T 22 -38.78 -39.34 -53.65
CA SER T 22 -38.18 -40.25 -52.68
C SER T 22 -36.66 -40.19 -52.76
N LEU T 23 -36.01 -40.27 -51.60
CA LEU T 23 -34.56 -40.41 -51.53
C LEU T 23 -34.20 -41.88 -51.64
N TYR T 24 -33.46 -42.25 -52.70
CA TYR T 24 -33.20 -43.66 -52.96
C TYR T 24 -32.18 -44.24 -52.00
N GLN T 25 -31.19 -43.45 -51.55
CA GLN T 25 -30.17 -43.97 -50.65
C GLN T 25 -30.75 -44.31 -49.29
N VAL T 26 -31.78 -43.58 -48.86
CA VAL T 26 -32.42 -43.90 -47.58
C VAL T 26 -33.17 -45.23 -47.69
N ASP T 27 -33.88 -45.44 -48.80
CA ASP T 27 -34.58 -46.71 -49.01
C ASP T 27 -33.60 -47.86 -49.17
N TYR T 28 -32.42 -47.59 -49.73
CA TYR T 28 -31.39 -48.62 -49.81
C TYR T 28 -30.82 -48.95 -48.43
N ALA T 29 -30.70 -47.93 -47.57
CA ALA T 29 -30.27 -48.18 -46.20
C ALA T 29 -31.34 -48.93 -45.41
N PHE T 30 -32.62 -48.70 -45.72
CA PHE T 30 -33.67 -49.46 -45.07
C PHE T 30 -33.71 -50.89 -45.58
N GLU T 31 -33.23 -51.13 -46.81
CA GLU T 31 -33.02 -52.50 -47.25
C GLU T 31 -31.82 -53.13 -46.53
N ALA T 32 -30.86 -52.32 -46.11
CA ALA T 32 -29.71 -52.85 -45.38
C ALA T 32 -30.11 -53.30 -43.98
N VAL T 33 -31.08 -52.64 -43.36
CA VAL T 33 -31.58 -53.11 -42.07
C VAL T 33 -32.56 -54.28 -42.24
N LYS T 34 -33.19 -54.40 -43.41
CA LYS T 34 -33.96 -55.60 -43.70
C LYS T 34 -33.07 -56.83 -43.77
N ARG T 35 -31.80 -56.65 -44.13
CA ARG T 35 -30.83 -57.74 -44.13
C ARG T 35 -30.17 -57.94 -42.78
N GLY T 36 -30.59 -57.20 -41.75
CA GLY T 36 -30.05 -57.36 -40.42
C GLY T 36 -30.68 -58.52 -39.68
N TRP T 37 -30.17 -58.76 -38.47
CA TRP T 37 -30.75 -59.78 -37.63
C TRP T 37 -32.10 -59.31 -37.08
N THR T 38 -32.88 -60.27 -36.60
CA THR T 38 -34.23 -59.97 -36.10
C THR T 38 -34.14 -59.45 -34.68
N THR T 39 -34.67 -58.24 -34.46
CA THR T 39 -34.77 -57.66 -33.12
C THR T 39 -36.22 -57.32 -32.83
N LEU T 40 -36.60 -57.41 -31.56
CA LEU T 40 -37.98 -57.33 -31.14
C LEU T 40 -38.14 -56.34 -30.00
N GLY T 41 -39.27 -55.65 -30.00
CA GLY T 41 -39.65 -54.77 -28.91
C GLY T 41 -41.15 -54.78 -28.69
N VAL T 42 -41.59 -55.06 -27.46
CA VAL T 42 -43.01 -55.11 -27.13
C VAL T 42 -43.31 -54.23 -25.93
N LYS T 43 -44.42 -53.52 -26.00
CA LYS T 43 -44.99 -52.77 -24.88
C LYS T 43 -46.20 -53.50 -24.33
N THR T 44 -46.35 -53.47 -23.00
CA THR T 44 -47.59 -53.85 -22.36
C THR T 44 -47.90 -52.88 -21.23
N LYS T 45 -49.11 -53.04 -20.67
CA LYS T 45 -49.53 -52.29 -19.50
C LYS T 45 -48.61 -52.47 -18.30
N SER T 46 -47.84 -53.56 -18.25
CA SER T 46 -46.95 -53.83 -17.13
C SER T 46 -45.50 -53.45 -17.39
N GLY T 47 -45.10 -53.17 -18.63
CA GLY T 47 -43.72 -52.75 -18.85
C GLY T 47 -43.18 -53.00 -20.25
N VAL T 48 -41.89 -53.36 -20.30
CA VAL T 48 -41.07 -53.25 -21.51
C VAL T 48 -40.27 -54.53 -21.65
N VAL T 49 -40.35 -55.17 -22.81
CA VAL T 49 -39.46 -56.27 -23.16
C VAL T 49 -38.94 -56.03 -24.56
N LEU T 50 -37.62 -56.09 -24.72
CA LEU T 50 -37.00 -56.07 -26.03
C LEU T 50 -35.83 -57.06 -26.05
N LEU T 51 -35.70 -57.78 -27.17
CA LEU T 51 -34.72 -58.83 -27.29
C LEU T 51 -34.21 -58.88 -28.73
N ALA T 52 -33.20 -59.71 -28.96
CA ALA T 52 -32.52 -59.73 -30.23
C ALA T 52 -32.00 -61.14 -30.52
N GLU T 53 -32.14 -61.57 -31.77
CA GLU T 53 -31.65 -62.86 -32.19
C GLU T 53 -30.13 -62.85 -32.30
N LYS T 54 -29.51 -63.99 -31.99
CA LYS T 54 -28.05 -64.13 -32.03
C LYS T 54 -27.70 -65.36 -32.87
N ARG T 55 -27.67 -65.18 -34.19
CA ARG T 55 -27.40 -66.29 -35.09
C ARG T 55 -25.90 -66.58 -35.13
N LYS T 56 -25.57 -67.85 -35.29
CA LYS T 56 -24.19 -68.35 -35.18
C LYS T 56 -23.71 -68.75 -36.57
N ALA T 57 -22.89 -67.89 -37.18
CA ALA T 57 -22.41 -68.16 -38.53
C ALA T 57 -21.23 -69.11 -38.54
N THR T 58 -20.44 -69.15 -37.46
CA THR T 58 -19.28 -70.03 -37.38
C THR T 58 -19.29 -70.69 -36.00
N GLN T 59 -18.73 -71.89 -35.92
CA GLN T 59 -18.68 -72.62 -34.66
C GLN T 59 -17.82 -71.93 -33.61
N LEU T 60 -16.97 -70.99 -34.01
CA LEU T 60 -15.93 -70.44 -33.14
C LEU T 60 -16.25 -69.02 -32.68
N LEU T 61 -17.45 -68.53 -32.94
CA LEU T 61 -17.87 -67.25 -32.36
C LEU T 61 -18.15 -67.40 -30.87
N ASP T 62 -17.73 -66.40 -30.10
CA ASP T 62 -18.15 -66.27 -28.70
C ASP T 62 -19.49 -65.54 -28.69
N VAL T 63 -20.56 -66.30 -28.94
CA VAL T 63 -21.89 -65.71 -28.96
C VAL T 63 -22.36 -65.37 -27.55
N ASP T 64 -21.70 -65.89 -26.52
CA ASP T 64 -21.88 -65.42 -25.15
C ASP T 64 -20.77 -64.45 -24.75
N GLY T 65 -20.24 -63.71 -25.72
CA GLY T 65 -19.48 -62.50 -25.46
C GLY T 65 -19.88 -61.39 -26.41
N ILE T 66 -20.70 -61.72 -27.40
CA ILE T 66 -21.19 -60.73 -28.35
C ILE T 66 -22.40 -60.03 -27.76
N GLU T 67 -22.64 -58.80 -28.21
CA GLU T 67 -23.62 -57.94 -27.57
C GLU T 67 -24.43 -57.18 -28.61
N LYS T 68 -25.74 -57.18 -28.43
CA LYS T 68 -26.65 -56.37 -29.25
C LYS T 68 -27.65 -55.59 -28.41
N ILE T 69 -27.91 -55.99 -27.18
CA ILE T 69 -28.72 -55.20 -26.25
C ILE T 69 -27.78 -54.25 -25.51
N PHE T 70 -28.02 -52.95 -25.65
CA PHE T 70 -27.20 -51.94 -24.99
C PHE T 70 -28.05 -51.12 -24.05
N MET T 71 -27.45 -50.75 -22.91
CA MET T 71 -28.15 -50.03 -21.84
C MET T 71 -27.73 -48.56 -21.92
N LEU T 72 -28.67 -47.72 -22.34
CA LEU T 72 -28.36 -46.29 -22.49
C LEU T 72 -28.29 -45.60 -21.15
N ASP T 73 -29.27 -45.87 -20.27
CA ASP T 73 -29.27 -45.35 -18.91
C ASP T 73 -29.87 -46.42 -18.01
N ASP T 74 -29.85 -46.16 -16.70
CA ASP T 74 -30.39 -47.12 -15.75
C ASP T 74 -31.88 -47.38 -15.93
N HIS T 75 -32.57 -46.57 -16.74
CA HIS T 75 -33.99 -46.79 -17.03
C HIS T 75 -34.28 -46.91 -18.51
N VAL T 76 -33.25 -46.94 -19.37
CA VAL T 76 -33.45 -46.98 -20.82
C VAL T 76 -32.49 -47.99 -21.44
N GLY T 77 -33.04 -48.93 -22.20
CA GLY T 77 -32.24 -49.79 -23.05
C GLY T 77 -32.74 -49.72 -24.47
N CYS T 78 -31.91 -50.20 -25.39
CA CYS T 78 -32.31 -50.29 -26.79
C CYS T 78 -31.46 -51.31 -27.51
N THR T 79 -31.95 -51.73 -28.69
CA THR T 79 -31.23 -52.62 -29.58
C THR T 79 -31.24 -52.04 -30.99
N PHE T 80 -30.33 -52.53 -31.82
CA PHE T 80 -30.19 -52.09 -33.19
C PHE T 80 -30.32 -53.28 -34.13
N ALA T 81 -30.57 -52.98 -35.41
CA ALA T 81 -30.47 -53.97 -36.47
C ALA T 81 -29.90 -53.31 -37.71
N GLY T 82 -29.37 -54.13 -38.61
CA GLY T 82 -28.67 -53.61 -39.77
C GLY T 82 -27.18 -53.81 -39.63
N LEU T 83 -26.41 -52.75 -39.87
CA LEU T 83 -24.99 -52.81 -39.61
C LEU T 83 -24.74 -52.75 -38.10
N ALA T 84 -23.50 -53.06 -37.70
CA ALA T 84 -23.12 -52.96 -36.31
C ALA T 84 -22.52 -51.60 -35.99
N SER T 85 -21.55 -51.16 -36.79
CA SER T 85 -20.72 -50.01 -36.41
C SER T 85 -21.49 -48.70 -36.47
N ASP T 86 -22.45 -48.57 -37.40
CA ASP T 86 -23.21 -47.33 -37.51
C ASP T 86 -24.09 -47.11 -36.30
N GLY T 87 -24.84 -48.14 -35.89
CA GLY T 87 -25.66 -48.03 -34.70
C GLY T 87 -24.86 -48.05 -33.42
N ARG T 88 -23.60 -48.46 -33.48
CA ARG T 88 -22.73 -48.49 -32.31
C ARG T 88 -22.10 -47.14 -32.04
N ILE T 89 -21.63 -46.45 -33.08
CA ILE T 89 -21.18 -45.07 -32.87
C ILE T 89 -22.36 -44.18 -32.55
N LEU T 90 -23.55 -44.55 -33.04
CA LEU T 90 -24.78 -43.87 -32.66
C LEU T 90 -25.19 -44.19 -31.23
N ILE T 91 -24.76 -45.35 -30.70
CA ILE T 91 -25.07 -45.67 -29.31
C ILE T 91 -24.19 -44.89 -28.35
N ASP T 92 -22.96 -44.55 -28.76
CA ASP T 92 -22.10 -43.74 -27.91
C ASP T 92 -22.62 -42.31 -27.81
N TYR T 93 -23.15 -41.78 -28.91
CA TYR T 93 -23.74 -40.45 -28.87
C TYR T 93 -24.99 -40.41 -28.00
N ALA T 94 -25.77 -41.51 -28.01
CA ALA T 94 -26.98 -41.56 -27.20
C ALA T 94 -26.65 -41.57 -25.71
N ARG T 95 -25.66 -42.38 -25.32
CA ARG T 95 -25.25 -42.41 -23.92
C ARG T 95 -24.62 -41.09 -23.50
N SER T 96 -23.87 -40.45 -24.40
CA SER T 96 -23.26 -39.17 -24.06
C SER T 96 -24.31 -38.08 -23.89
N GLN T 97 -25.33 -38.06 -24.74
CA GLN T 97 -26.39 -37.07 -24.61
C GLN T 97 -27.24 -37.34 -23.37
N ALA T 98 -27.45 -38.61 -23.04
CA ALA T 98 -28.22 -38.95 -21.85
C ALA T 98 -27.50 -38.54 -20.57
N LEU T 99 -26.21 -38.85 -20.48
CA LEU T 99 -25.46 -38.50 -19.27
C LEU T 99 -25.25 -37.00 -19.15
N GLN T 100 -25.25 -36.28 -20.27
CA GLN T 100 -25.18 -34.82 -20.20
C GLN T 100 -26.46 -34.23 -19.66
N HIS T 101 -27.62 -34.78 -20.05
CA HIS T 101 -28.89 -34.32 -19.51
C HIS T 101 -28.98 -34.63 -18.02
N ARG T 102 -28.44 -35.76 -17.59
CA ARG T 102 -28.47 -36.11 -16.18
C ARG T 102 -27.45 -35.32 -15.37
N LEU T 103 -26.38 -34.84 -16.01
CA LEU T 103 -25.45 -33.94 -15.33
C LEU T 103 -26.04 -32.55 -15.16
N ILE T 104 -26.85 -32.10 -16.12
CA ILE T 104 -27.42 -30.76 -16.04
C ILE T 104 -28.60 -30.73 -15.07
N TYR T 105 -29.58 -31.60 -15.28
CA TYR T 105 -30.85 -31.52 -14.57
C TYR T 105 -30.93 -32.48 -13.38
N ASP T 106 -29.97 -33.39 -13.22
CA ASP T 106 -30.03 -34.44 -12.20
C ASP T 106 -31.36 -35.18 -12.25
N GLU T 107 -31.73 -35.62 -13.44
CA GLU T 107 -33.04 -36.18 -13.72
C GLU T 107 -32.91 -37.26 -14.77
N PRO T 108 -33.68 -38.34 -14.71
CA PRO T 108 -33.74 -39.27 -15.83
C PRO T 108 -34.32 -38.59 -17.06
N ILE T 109 -33.98 -39.13 -18.22
CA ILE T 109 -34.20 -38.44 -19.49
C ILE T 109 -35.46 -38.98 -20.16
N SER T 110 -36.28 -38.07 -20.66
CA SER T 110 -37.41 -38.45 -21.49
C SER T 110 -36.92 -39.03 -22.82
N ILE T 111 -37.67 -40.01 -23.33
CA ILE T 111 -37.21 -40.72 -24.53
C ILE T 111 -37.53 -39.93 -25.79
N GLU T 112 -38.50 -39.02 -25.75
CA GLU T 112 -38.71 -38.19 -26.93
C GLU T 112 -37.49 -37.34 -27.22
N TYR T 113 -36.72 -36.97 -26.19
CA TYR T 113 -35.53 -36.15 -26.40
C TYR T 113 -34.31 -36.99 -26.78
N LEU T 114 -34.18 -38.18 -26.20
CA LEU T 114 -33.09 -39.08 -26.59
C LEU T 114 -33.24 -39.49 -28.04
N THR T 115 -34.39 -40.04 -28.40
CA THR T 115 -34.64 -40.43 -29.78
C THR T 115 -34.66 -39.23 -30.70
N LYS T 116 -35.01 -38.05 -30.17
CA LYS T 116 -34.95 -36.81 -30.96
C LYS T 116 -33.54 -36.54 -31.47
N VAL T 117 -32.57 -36.50 -30.55
CA VAL T 117 -31.23 -36.07 -30.94
C VAL T 117 -30.54 -37.18 -31.73
N ILE T 118 -30.85 -38.44 -31.41
CA ILE T 118 -30.41 -39.55 -32.26
C ILE T 118 -30.95 -39.38 -33.67
N SER T 119 -32.26 -39.14 -33.78
CA SER T 119 -32.89 -39.01 -35.09
C SER T 119 -32.43 -37.76 -35.83
N ASP T 120 -32.10 -36.70 -35.10
CA ASP T 120 -31.58 -35.49 -35.75
C ASP T 120 -30.19 -35.74 -36.32
N VAL T 121 -29.39 -36.58 -35.67
CA VAL T 121 -28.10 -36.96 -36.23
C VAL T 121 -28.29 -37.74 -37.51
N LYS T 122 -29.27 -38.64 -37.54
CA LYS T 122 -29.57 -39.38 -38.77
C LYS T 122 -30.00 -38.43 -39.89
N GLN T 123 -30.80 -37.43 -39.57
CA GLN T 123 -31.20 -36.44 -40.56
C GLN T 123 -29.99 -35.67 -41.09
N ALA T 124 -29.09 -35.25 -40.21
CA ALA T 124 -27.94 -34.46 -40.63
C ALA T 124 -27.01 -35.24 -41.56
N TYR T 125 -26.97 -36.56 -41.43
CA TYR T 125 -26.22 -37.39 -42.35
C TYR T 125 -27.02 -37.82 -43.57
N THR T 126 -28.30 -37.43 -43.68
CA THR T 126 -29.07 -37.61 -44.89
C THR T 126 -29.33 -36.28 -45.60
N GLN T 127 -28.52 -35.26 -45.33
CA GLN T 127 -28.68 -33.97 -45.99
C GLN T 127 -27.37 -33.35 -46.44
N HIS T 128 -26.22 -33.95 -46.14
CA HIS T 128 -24.93 -33.36 -46.49
C HIS T 128 -24.22 -34.28 -47.48
N GLY T 129 -23.40 -33.67 -48.34
CA GLY T 129 -22.93 -34.32 -49.55
C GLY T 129 -21.99 -35.50 -49.31
N GLY T 130 -20.82 -35.23 -48.75
CA GLY T 130 -19.80 -36.25 -48.60
C GLY T 130 -19.94 -37.09 -47.35
N VAL T 131 -21.17 -37.46 -46.99
CA VAL T 131 -21.44 -38.30 -45.82
C VAL T 131 -22.44 -39.37 -46.20
N ARG T 132 -22.08 -40.62 -45.93
CA ARG T 132 -23.02 -41.73 -46.09
C ARG T 132 -24.08 -41.71 -44.99
N PRO T 133 -25.33 -42.01 -45.31
CA PRO T 133 -26.36 -42.13 -44.27
C PRO T 133 -26.14 -43.37 -43.42
N PHE T 134 -26.84 -43.41 -42.28
CA PHE T 134 -26.79 -44.57 -41.41
C PHE T 134 -27.60 -45.72 -41.99
N GLY T 135 -27.07 -46.93 -41.87
CA GLY T 135 -27.77 -48.11 -42.33
C GLY T 135 -28.28 -48.95 -41.18
N VAL T 136 -28.76 -48.29 -40.13
CA VAL T 136 -29.15 -48.96 -38.89
C VAL T 136 -30.47 -48.38 -38.41
N ALA T 137 -31.42 -49.25 -38.05
CA ALA T 137 -32.62 -48.86 -37.35
C ALA T 137 -32.53 -49.25 -35.88
N LEU T 138 -33.03 -48.37 -35.02
CA LEU T 138 -33.00 -48.57 -33.57
C LEU T 138 -34.41 -48.73 -33.03
N ILE T 139 -34.53 -49.49 -31.94
CA ILE T 139 -35.76 -49.58 -31.17
C ILE T 139 -35.41 -49.37 -29.70
N VAL T 140 -36.03 -48.36 -29.07
CA VAL T 140 -35.61 -47.86 -27.77
C VAL T 140 -36.75 -48.07 -26.78
N GLY T 141 -36.43 -48.66 -25.62
CA GLY T 141 -37.42 -48.93 -24.61
C GLY T 141 -36.94 -48.49 -23.23
N GLY T 142 -37.88 -48.39 -22.31
CA GLY T 142 -37.55 -47.97 -20.95
C GLY T 142 -38.43 -46.85 -20.43
N ILE T 143 -38.69 -46.87 -19.13
CA ILE T 143 -39.50 -45.82 -18.51
C ILE T 143 -38.61 -44.61 -18.23
N ASP T 144 -39.09 -43.43 -18.59
CA ASP T 144 -38.33 -42.21 -18.34
C ASP T 144 -38.40 -41.79 -16.87
N LYS T 145 -39.51 -41.18 -16.46
CA LYS T 145 -39.70 -40.75 -15.07
C LYS T 145 -41.17 -40.47 -14.86
N GLY T 146 -41.78 -41.17 -13.90
CA GLY T 146 -43.19 -41.00 -13.60
C GLY T 146 -44.06 -41.03 -14.83
N LYS T 147 -44.01 -42.15 -15.57
CA LYS T 147 -44.79 -42.30 -16.79
C LYS T 147 -44.99 -43.79 -17.05
N GLN T 148 -45.61 -44.10 -18.18
CA GLN T 148 -45.89 -45.47 -18.57
C GLN T 148 -44.71 -46.02 -19.38
N PRO T 149 -44.72 -47.30 -19.78
CA PRO T 149 -43.61 -47.83 -20.58
C PRO T 149 -43.65 -47.28 -22.00
N LYS T 150 -42.51 -46.72 -22.43
CA LYS T 150 -42.38 -46.14 -23.75
C LYS T 150 -41.50 -46.99 -24.67
N LEU T 151 -41.73 -46.87 -25.97
CA LEU T 151 -40.96 -47.62 -26.97
C LEU T 151 -41.06 -46.89 -28.31
N LEU T 152 -39.91 -46.54 -28.89
CA LEU T 152 -39.85 -45.85 -30.18
C LEU T 152 -38.89 -46.58 -31.11
N MET T 153 -39.05 -46.30 -32.41
CA MET T 153 -38.20 -46.87 -33.46
C MET T 153 -37.63 -45.74 -34.31
N THR T 154 -36.32 -45.81 -34.58
CA THR T 154 -35.63 -44.82 -35.41
C THR T 154 -35.40 -45.41 -36.80
N GLU T 155 -35.88 -44.71 -37.83
CA GLU T 155 -35.62 -45.08 -39.21
C GLU T 155 -34.47 -44.25 -39.78
N PRO T 156 -33.69 -44.79 -40.72
CA PRO T 156 -32.52 -44.06 -41.22
C PRO T 156 -32.86 -42.78 -41.96
N SER T 157 -34.13 -42.56 -42.34
CA SER T 157 -34.55 -41.24 -42.78
C SER T 157 -34.59 -40.24 -41.63
N GLY T 158 -34.69 -40.71 -40.40
CA GLY T 158 -34.82 -39.83 -39.25
C GLY T 158 -36.22 -39.69 -38.70
N GLN T 159 -37.14 -40.56 -39.08
CA GLN T 159 -38.53 -40.46 -38.66
C GLN T 159 -38.76 -41.20 -37.34
N PHE T 160 -39.66 -40.65 -36.51
CA PHE T 160 -40.18 -41.40 -35.38
C PHE T 160 -41.41 -42.18 -35.80
N MET T 161 -41.54 -43.39 -35.27
CA MET T 161 -42.84 -44.01 -35.10
C MET T 161 -42.89 -44.68 -33.73
N PRO T 162 -43.69 -44.17 -32.81
CA PRO T 162 -43.90 -44.91 -31.55
C PRO T 162 -44.81 -46.10 -31.79
N TYR T 163 -44.41 -47.25 -31.26
CA TYR T 163 -45.10 -48.51 -31.53
C TYR T 163 -45.47 -49.19 -30.23
N TYR T 164 -46.58 -49.94 -30.28
CA TYR T 164 -46.88 -50.86 -29.19
C TYR T 164 -45.95 -52.06 -29.21
N ALA T 165 -45.66 -52.57 -30.42
CA ALA T 165 -44.82 -53.75 -30.59
C ALA T 165 -44.42 -53.88 -32.05
N VAL T 166 -43.12 -53.91 -32.33
CA VAL T 166 -42.61 -54.16 -33.68
C VAL T 166 -41.40 -55.08 -33.64
N ALA T 167 -40.94 -55.44 -34.83
CA ALA T 167 -39.78 -56.30 -35.02
C ALA T 167 -39.28 -56.09 -36.44
N ILE T 168 -37.98 -55.92 -36.60
CA ILE T 168 -37.39 -55.65 -37.91
C ILE T 168 -36.11 -56.46 -38.07
N GLY T 169 -35.83 -56.84 -39.31
CA GLY T 169 -34.78 -57.77 -39.65
C GLY T 169 -35.25 -58.68 -40.77
N GLN T 170 -34.59 -59.83 -40.90
CA GLN T 170 -34.93 -60.75 -41.99
C GLN T 170 -36.31 -61.36 -41.77
N GLY T 171 -36.59 -61.83 -40.56
CA GLY T 171 -37.90 -62.36 -40.24
C GLY T 171 -38.77 -61.34 -39.55
N GLY T 172 -38.56 -60.06 -39.89
CA GLY T 172 -39.29 -59.00 -39.23
C GLY T 172 -40.76 -59.00 -39.57
N TYR T 173 -41.11 -59.31 -40.82
CA TYR T 173 -42.50 -59.28 -41.24
C TYR T 173 -43.29 -60.45 -40.65
N THR T 174 -42.63 -61.59 -40.43
CA THR T 174 -43.31 -62.73 -39.84
C THR T 174 -43.68 -62.45 -38.39
N ALA T 175 -42.74 -61.90 -37.62
CA ALA T 175 -43.05 -61.49 -36.25
C ALA T 175 -44.03 -60.33 -36.22
N THR T 176 -43.99 -59.46 -37.23
CA THR T 176 -44.95 -58.38 -37.32
C THR T 176 -46.38 -58.91 -37.49
N GLU T 177 -46.53 -59.97 -38.29
CA GLU T 177 -47.84 -60.55 -38.52
C GLU T 177 -48.27 -61.43 -37.35
N TYR T 178 -47.31 -62.02 -36.63
CA TYR T 178 -47.65 -62.78 -35.43
C TYR T 178 -48.14 -61.86 -34.32
N LEU T 179 -47.47 -60.72 -34.12
CA LEU T 179 -47.91 -59.75 -33.13
C LEU T 179 -49.19 -59.04 -33.56
N GLU T 180 -49.48 -59.01 -34.86
CA GLU T 180 -50.79 -58.56 -35.31
C GLU T 180 -51.89 -59.54 -34.92
N LYS T 181 -51.56 -60.84 -34.84
CA LYS T 181 -52.56 -61.84 -34.50
C LYS T 181 -52.97 -61.73 -33.03
N ASN T 182 -52.01 -61.93 -32.13
CA ASN T 182 -52.32 -62.05 -30.70
C ASN T 182 -51.53 -61.03 -29.88
N ASP T 188 -48.86 -58.45 -17.96
CA ASP T 188 -47.86 -59.19 -17.21
C ASP T 188 -46.50 -59.12 -17.92
N ILE T 189 -45.43 -59.16 -17.13
CA ILE T 189 -44.09 -59.19 -17.72
C ILE T 189 -43.75 -60.59 -18.20
N GLN T 190 -44.18 -61.62 -17.45
CA GLN T 190 -43.89 -62.98 -17.85
C GLN T 190 -44.64 -63.36 -19.12
N SER T 191 -45.82 -62.77 -19.34
CA SER T 191 -46.60 -63.06 -20.55
C SER T 191 -46.16 -62.25 -21.75
N THR T 192 -45.53 -61.09 -21.55
CA THR T 192 -45.05 -60.30 -22.67
C THR T 192 -43.66 -60.74 -23.12
N ILE T 193 -42.85 -61.29 -22.21
CA ILE T 193 -41.60 -61.90 -22.63
C ILE T 193 -41.88 -63.25 -23.28
N LEU T 194 -42.94 -63.93 -22.83
CA LEU T 194 -43.44 -65.10 -23.56
C LEU T 194 -43.87 -64.74 -24.97
N LEU T 195 -44.52 -63.58 -25.13
CA LEU T 195 -45.04 -63.19 -26.43
C LEU T 195 -43.91 -62.89 -27.42
N ALA T 196 -42.83 -62.28 -26.94
CA ALA T 196 -41.72 -61.98 -27.83
C ALA T 196 -40.96 -63.24 -28.25
N LEU T 197 -40.83 -64.20 -27.33
CA LEU T 197 -40.21 -65.47 -27.68
C LEU T 197 -41.04 -66.23 -28.70
N ARG T 198 -42.37 -66.21 -28.55
CA ARG T 198 -43.23 -66.85 -29.54
C ARG T 198 -43.17 -66.14 -30.88
N ALA T 199 -42.94 -64.82 -30.89
CA ALA T 199 -42.83 -64.09 -32.14
C ALA T 199 -41.50 -64.32 -32.84
N LEU T 200 -40.49 -64.81 -32.12
CA LEU T 200 -39.21 -65.16 -32.71
C LEU T 200 -39.24 -66.61 -33.19
N SER T 214 -27.09 -68.32 -27.46
CA SER T 214 -28.40 -68.69 -27.99
C SER T 214 -29.23 -67.45 -28.32
N VAL T 215 -29.60 -66.70 -27.28
CA VAL T 215 -30.39 -65.48 -27.45
C VAL T 215 -30.17 -64.63 -26.21
N GLU T 216 -30.31 -63.32 -26.35
CA GLU T 216 -30.20 -62.40 -25.22
C GLU T 216 -31.44 -61.52 -25.15
N ILE T 217 -31.90 -61.28 -23.93
CA ILE T 217 -33.21 -60.71 -23.65
C ILE T 217 -33.06 -59.64 -22.58
N GLY T 218 -33.74 -58.51 -22.76
CA GLY T 218 -33.76 -57.49 -21.73
C GLY T 218 -35.15 -56.92 -21.52
N TYR T 219 -35.50 -56.65 -20.27
CA TYR T 219 -36.82 -56.15 -19.93
C TYR T 219 -36.72 -54.98 -18.96
N ALA T 220 -37.69 -54.06 -19.06
CA ALA T 220 -37.88 -52.98 -18.11
C ALA T 220 -39.28 -53.10 -17.51
N ASP T 221 -39.37 -52.99 -16.20
CA ASP T 221 -40.61 -53.20 -15.46
C ASP T 221 -41.03 -51.93 -14.73
N VAL T 222 -42.35 -51.75 -14.58
CA VAL T 222 -42.89 -50.48 -14.11
C VAL T 222 -42.88 -50.36 -12.59
N ASP T 223 -42.68 -51.46 -11.87
CA ASP T 223 -42.71 -51.40 -10.41
C ASP T 223 -41.43 -50.78 -9.86
N SER T 224 -40.28 -51.35 -10.19
CA SER T 224 -38.99 -50.72 -9.98
C SER T 224 -38.47 -50.21 -11.32
N GLY T 225 -38.45 -48.88 -11.47
CA GLY T 225 -38.26 -48.26 -12.77
C GLY T 225 -36.84 -48.39 -13.28
N THR T 226 -36.44 -49.60 -13.67
CA THR T 226 -35.07 -49.88 -14.05
C THR T 226 -35.06 -50.87 -15.21
N PHE T 227 -33.88 -51.03 -15.83
CA PHE T 227 -33.73 -51.86 -17.02
C PHE T 227 -32.83 -53.06 -16.74
N ARG T 235 -33.89 -66.07 -19.46
CA ARG T 235 -33.17 -66.69 -20.57
C ARG T 235 -32.97 -68.19 -20.36
N SER T 236 -32.53 -68.56 -19.16
CA SER T 236 -31.94 -69.88 -18.96
C SER T 236 -33.00 -70.97 -19.01
N ASP T 237 -34.15 -70.74 -18.37
CA ASP T 237 -35.31 -71.61 -18.52
C ASP T 237 -36.47 -70.97 -19.26
N LEU T 238 -36.49 -69.63 -19.36
CA LEU T 238 -37.55 -68.96 -20.08
C LEU T 238 -37.55 -69.33 -21.55
N LEU T 239 -36.37 -69.59 -22.12
CA LEU T 239 -36.28 -70.00 -23.52
C LEU T 239 -36.88 -71.38 -23.77
N GLN T 240 -37.04 -72.18 -22.72
CA GLN T 240 -37.52 -73.55 -22.90
C GLN T 240 -38.96 -73.57 -23.38
N LYS T 241 -39.84 -72.86 -22.70
CA LYS T 241 -41.26 -72.86 -23.03
C LYS T 241 -41.64 -71.65 -23.87
N THR U 15 -27.63 -27.43 -57.33
CA THR U 15 -27.43 -25.99 -57.31
C THR U 15 -27.08 -25.46 -58.70
N ILE U 16 -27.88 -25.84 -59.68
CA ILE U 16 -27.63 -25.50 -61.09
C ILE U 16 -28.94 -25.06 -61.72
N PHE U 17 -28.89 -24.00 -62.51
CA PHE U 17 -30.07 -23.47 -63.18
C PHE U 17 -30.30 -24.22 -64.49
N SER U 18 -31.55 -24.61 -64.72
CA SER U 18 -31.98 -25.09 -66.02
C SER U 18 -32.13 -23.92 -66.99
N PRO U 19 -32.07 -24.17 -68.30
CA PRO U 19 -32.11 -23.06 -69.26
C PRO U 19 -33.40 -22.25 -69.23
N ASP U 20 -34.51 -22.83 -68.78
CA ASP U 20 -35.70 -22.03 -68.53
C ASP U 20 -35.54 -21.16 -67.30
N GLY U 21 -34.71 -21.57 -66.34
CA GLY U 21 -34.49 -20.84 -65.12
C GLY U 21 -35.02 -21.50 -63.86
N SER U 22 -35.68 -22.64 -63.96
CA SER U 22 -36.24 -23.32 -62.79
C SER U 22 -35.20 -24.23 -62.16
N LEU U 23 -35.20 -24.26 -60.82
CA LEU U 23 -34.39 -25.21 -60.07
C LEU U 23 -35.17 -26.52 -59.92
N TYR U 24 -34.62 -27.61 -60.49
CA TYR U 24 -35.36 -28.86 -60.53
C TYR U 24 -35.41 -29.54 -59.17
N GLN U 25 -34.35 -29.41 -58.37
CA GLN U 25 -34.34 -30.08 -57.07
C GLN U 25 -35.35 -29.46 -56.11
N VAL U 26 -35.61 -28.16 -56.25
CA VAL U 26 -36.63 -27.53 -55.42
C VAL U 26 -38.01 -28.02 -55.80
N ASP U 27 -38.29 -28.09 -57.10
CA ASP U 27 -39.59 -28.60 -57.55
C ASP U 27 -39.74 -30.09 -57.24
N TYR U 28 -38.64 -30.84 -57.22
CA TYR U 28 -38.70 -32.24 -56.82
C TYR U 28 -38.97 -32.37 -55.32
N ALA U 29 -38.41 -31.46 -54.52
CA ALA U 29 -38.71 -31.45 -53.09
C ALA U 29 -40.15 -31.06 -52.82
N PHE U 30 -40.73 -30.20 -53.66
CA PHE U 30 -42.14 -29.85 -53.52
C PHE U 30 -43.04 -31.01 -53.94
N GLU U 31 -42.55 -31.92 -54.79
CA GLU U 31 -43.28 -33.15 -55.05
C GLU U 31 -43.24 -34.07 -53.83
N ALA U 32 -42.20 -33.97 -53.00
CA ALA U 32 -42.11 -34.78 -51.79
C ALA U 32 -43.14 -34.36 -50.75
N VAL U 33 -43.49 -33.07 -50.70
CA VAL U 33 -44.54 -32.63 -49.79
C VAL U 33 -45.92 -32.92 -50.36
N LYS U 34 -46.05 -33.04 -51.70
CA LYS U 34 -47.29 -33.53 -52.28
C LYS U 34 -47.56 -34.97 -51.88
N ARG U 35 -46.52 -35.75 -51.62
CA ARG U 35 -46.67 -37.11 -51.12
C ARG U 35 -46.79 -37.18 -49.60
N GLY U 36 -46.84 -36.04 -48.92
CA GLY U 36 -46.99 -36.03 -47.48
C GLY U 36 -48.42 -36.22 -47.05
N TRP U 37 -48.62 -36.27 -45.74
CA TRP U 37 -49.97 -36.36 -45.21
C TRP U 37 -50.67 -35.02 -45.37
N THR U 38 -52.01 -35.06 -45.27
CA THR U 38 -52.80 -33.86 -45.46
C THR U 38 -52.80 -33.04 -44.18
N THR U 39 -52.37 -31.79 -44.27
CA THR U 39 -52.41 -30.84 -43.18
C THR U 39 -53.21 -29.62 -43.62
N LEU U 40 -53.90 -29.00 -42.67
CA LEU U 40 -54.87 -27.97 -42.98
C LEU U 40 -54.64 -26.76 -42.08
N GLY U 41 -54.85 -25.58 -42.64
CA GLY U 41 -54.79 -24.35 -41.87
C GLY U 41 -55.79 -23.32 -42.35
N VAL U 42 -56.63 -22.85 -41.44
CA VAL U 42 -57.64 -21.83 -41.73
C VAL U 42 -57.51 -20.70 -40.71
N LYS U 43 -57.61 -19.47 -41.18
CA LYS U 43 -57.64 -18.31 -40.31
C LYS U 43 -58.89 -17.49 -40.58
N THR U 44 -59.36 -16.81 -39.53
CA THR U 44 -60.59 -16.06 -39.56
C THR U 44 -60.42 -14.81 -38.73
N LYS U 45 -61.38 -13.89 -38.85
CA LYS U 45 -61.37 -12.71 -38.00
C LYS U 45 -61.60 -13.04 -36.52
N SER U 46 -62.04 -14.26 -36.20
CA SER U 46 -62.13 -14.72 -34.82
C SER U 46 -60.93 -15.53 -34.36
N GLY U 47 -60.08 -15.99 -35.27
CA GLY U 47 -58.85 -16.65 -34.85
C GLY U 47 -58.42 -17.71 -35.84
N VAL U 48 -57.74 -18.73 -35.30
CA VAL U 48 -56.82 -19.57 -36.05
C VAL U 48 -57.12 -21.03 -35.70
N VAL U 49 -57.31 -21.86 -36.72
CA VAL U 49 -57.41 -23.30 -36.55
C VAL U 49 -56.51 -23.98 -37.57
N LEU U 50 -55.67 -24.90 -37.11
CA LEU U 50 -54.88 -25.75 -37.99
C LEU U 50 -54.84 -27.17 -37.44
N LEU U 51 -54.94 -28.15 -38.34
CA LEU U 51 -55.04 -29.55 -37.95
C LEU U 51 -54.32 -30.39 -38.99
N ALA U 52 -54.19 -31.69 -38.69
CA ALA U 52 -53.40 -32.59 -39.51
C ALA U 52 -53.97 -33.99 -39.43
N GLU U 53 -54.03 -34.67 -40.58
CA GLU U 53 -54.50 -36.04 -40.65
C GLU U 53 -53.44 -37.00 -40.10
N LYS U 54 -53.92 -38.09 -39.50
CA LYS U 54 -53.06 -39.11 -38.89
C LYS U 54 -53.46 -40.48 -39.45
N ARG U 55 -52.96 -40.82 -40.62
CA ARG U 55 -53.31 -42.08 -41.25
C ARG U 55 -52.56 -43.22 -40.57
N LYS U 56 -53.21 -44.38 -40.49
CA LYS U 56 -52.70 -45.52 -39.73
C LYS U 56 -52.27 -46.60 -40.72
N ALA U 57 -50.96 -46.73 -40.92
CA ALA U 57 -50.44 -47.69 -41.89
C ALA U 57 -50.36 -49.10 -41.30
N THR U 58 -50.21 -49.22 -39.98
CA THR U 58 -50.11 -50.51 -39.32
C THR U 58 -51.01 -50.51 -38.09
N GLN U 59 -51.52 -51.68 -37.74
CA GLN U 59 -52.31 -51.81 -36.51
C GLN U 59 -51.51 -51.40 -35.29
N LEU U 60 -50.22 -51.75 -35.26
CA LEU U 60 -49.41 -51.65 -34.05
C LEU U 60 -48.78 -50.28 -33.88
N LEU U 61 -49.24 -49.27 -34.62
CA LEU U 61 -48.77 -47.91 -34.41
C LEU U 61 -49.38 -47.34 -33.13
N ASP U 62 -48.57 -46.57 -32.40
CA ASP U 62 -49.10 -45.71 -31.34
C ASP U 62 -49.51 -44.38 -31.97
N VAL U 63 -50.58 -44.44 -32.76
CA VAL U 63 -51.03 -43.26 -33.49
C VAL U 63 -51.71 -42.26 -32.56
N ASP U 64 -52.16 -42.71 -31.38
CA ASP U 64 -52.52 -41.77 -30.33
C ASP U 64 -51.32 -40.96 -29.88
N GLY U 65 -50.12 -41.54 -29.91
CA GLY U 65 -48.94 -40.90 -29.37
C GLY U 65 -48.13 -40.10 -30.38
N ILE U 66 -48.30 -40.38 -31.67
CA ILE U 66 -47.52 -39.69 -32.68
C ILE U 66 -47.99 -38.24 -32.78
N GLU U 67 -47.06 -37.35 -33.16
CA GLU U 67 -47.28 -35.92 -33.05
C GLU U 67 -46.94 -35.24 -34.38
N LYS U 68 -47.82 -34.35 -34.82
CA LYS U 68 -47.56 -33.51 -35.99
C LYS U 68 -47.87 -32.04 -35.75
N ILE U 69 -48.68 -31.69 -34.75
CA ILE U 69 -48.89 -30.31 -34.33
C ILE U 69 -47.83 -29.98 -33.30
N PHE U 70 -47.01 -28.97 -33.58
CA PHE U 70 -45.95 -28.53 -32.68
C PHE U 70 -46.19 -27.09 -32.27
N MET U 71 -45.90 -26.80 -30.99
CA MET U 71 -46.17 -25.50 -30.40
C MET U 71 -44.87 -24.71 -30.34
N LEU U 72 -44.76 -23.68 -31.18
CA LEU U 72 -43.52 -22.91 -31.24
C LEU U 72 -43.41 -21.96 -30.06
N ASP U 73 -44.53 -21.42 -29.58
CA ASP U 73 -44.56 -20.52 -28.44
C ASP U 73 -45.99 -20.51 -27.92
N ASP U 74 -46.18 -19.86 -26.76
CA ASP U 74 -47.51 -19.72 -26.18
C ASP U 74 -48.52 -19.12 -27.16
N HIS U 75 -48.06 -18.36 -28.15
CA HIS U 75 -48.95 -17.70 -29.08
C HIS U 75 -48.82 -18.19 -30.51
N VAL U 76 -47.98 -19.18 -30.78
CA VAL U 76 -47.73 -19.64 -32.15
C VAL U 76 -47.58 -21.16 -32.16
N GLY U 77 -48.32 -21.82 -33.06
CA GLY U 77 -48.08 -23.20 -33.37
C GLY U 77 -48.07 -23.40 -34.88
N CYS U 78 -47.69 -24.61 -35.29
CA CYS U 78 -47.61 -24.89 -36.72
C CYS U 78 -47.53 -26.40 -36.94
N THR U 79 -47.78 -26.81 -38.17
CA THR U 79 -47.65 -28.19 -38.60
C THR U 79 -46.82 -28.26 -39.88
N PHE U 80 -46.32 -29.46 -40.17
CA PHE U 80 -45.50 -29.71 -41.35
C PHE U 80 -46.14 -30.79 -42.20
N ALA U 81 -45.70 -30.85 -43.46
CA ALA U 81 -46.02 -31.97 -44.33
C ALA U 81 -44.81 -32.27 -45.21
N GLY U 82 -44.79 -33.49 -45.76
CA GLY U 82 -43.64 -33.94 -46.49
C GLY U 82 -42.88 -34.98 -45.70
N LEU U 83 -41.56 -34.80 -45.59
CA LEU U 83 -40.78 -35.65 -44.71
C LEU U 83 -41.06 -35.26 -43.25
N ALA U 84 -40.62 -36.12 -42.34
CA ALA U 84 -40.75 -35.82 -40.91
C ALA U 84 -39.51 -35.11 -40.38
N SER U 85 -38.33 -35.66 -40.68
CA SER U 85 -37.11 -35.23 -39.99
C SER U 85 -36.66 -33.85 -40.42
N ASP U 86 -36.91 -33.47 -41.69
CA ASP U 86 -36.48 -32.16 -42.17
C ASP U 86 -37.27 -31.04 -41.49
N GLY U 87 -38.60 -31.18 -41.43
CA GLY U 87 -39.41 -30.19 -40.73
C GLY U 87 -39.29 -30.25 -39.23
N ARG U 88 -38.73 -31.34 -38.69
CA ARG U 88 -38.55 -31.49 -37.26
C ARG U 88 -37.30 -30.79 -36.76
N ILE U 89 -36.18 -30.93 -37.50
CA ILE U 89 -34.99 -30.16 -37.15
C ILE U 89 -35.23 -28.68 -37.46
N LEU U 90 -36.11 -28.40 -38.43
CA LEU U 90 -36.52 -27.03 -38.68
C LEU U 90 -37.45 -26.50 -37.59
N ILE U 91 -38.15 -27.38 -36.88
CA ILE U 91 -38.98 -26.94 -35.77
C ILE U 91 -38.13 -26.62 -34.55
N ASP U 92 -36.99 -27.29 -34.39
CA ASP U 92 -36.09 -26.97 -33.28
C ASP U 92 -35.44 -25.62 -33.50
N TYR U 93 -35.08 -25.31 -34.75
CA TYR U 93 -34.52 -24.01 -35.07
C TYR U 93 -35.56 -22.90 -34.90
N ALA U 94 -36.82 -23.18 -35.22
CA ALA U 94 -37.86 -22.18 -35.08
C ALA U 94 -38.12 -21.85 -33.61
N ARG U 95 -38.19 -22.87 -32.76
CA ARG U 95 -38.41 -22.65 -31.34
C ARG U 95 -37.22 -21.92 -30.72
N SER U 96 -36.00 -22.21 -31.18
CA SER U 96 -34.83 -21.54 -30.66
C SER U 96 -34.81 -20.06 -31.02
N GLN U 97 -35.22 -19.74 -32.26
CA GLN U 97 -35.27 -18.34 -32.67
C GLN U 97 -36.35 -17.58 -31.91
N ALA U 98 -37.47 -18.24 -31.62
CA ALA U 98 -38.55 -17.59 -30.89
C ALA U 98 -38.14 -17.30 -29.45
N LEU U 99 -37.55 -18.29 -28.77
CA LEU U 99 -37.16 -18.09 -27.38
C LEU U 99 -35.98 -17.14 -27.25
N GLN U 100 -35.14 -17.02 -28.29
CA GLN U 100 -34.07 -16.04 -28.25
C GLN U 100 -34.61 -14.62 -28.37
N HIS U 101 -35.62 -14.42 -29.22
CA HIS U 101 -36.26 -13.11 -29.31
C HIS U 101 -37.00 -12.76 -28.02
N ARG U 102 -37.59 -13.75 -27.35
CA ARG U 102 -38.30 -13.50 -26.12
C ARG U 102 -37.37 -13.28 -24.93
N LEU U 103 -36.15 -13.81 -25.02
CA LEU U 103 -35.13 -13.51 -24.00
C LEU U 103 -34.58 -12.09 -24.17
N ILE U 104 -34.47 -11.61 -25.40
CA ILE U 104 -33.90 -10.28 -25.63
C ILE U 104 -34.93 -9.20 -25.31
N TYR U 105 -36.11 -9.27 -25.93
CA TYR U 105 -37.08 -8.19 -25.86
C TYR U 105 -38.15 -8.40 -24.81
N ASP U 106 -38.24 -9.58 -24.22
CA ASP U 106 -39.32 -9.93 -23.29
C ASP U 106 -40.68 -9.63 -23.92
N GLU U 107 -40.86 -10.11 -25.15
CA GLU U 107 -42.00 -9.77 -25.98
C GLU U 107 -42.35 -10.97 -26.84
N PRO U 108 -43.63 -11.21 -27.12
CA PRO U 108 -43.98 -12.21 -28.12
C PRO U 108 -43.45 -11.82 -29.49
N ILE U 109 -43.29 -12.83 -30.34
CA ILE U 109 -42.54 -12.69 -31.58
C ILE U 109 -43.51 -12.49 -32.72
N SER U 110 -43.21 -11.55 -33.60
CA SER U 110 -43.98 -11.39 -34.82
C SER U 110 -43.79 -12.61 -35.73
N ILE U 111 -44.87 -12.98 -36.43
CA ILE U 111 -44.85 -14.21 -37.20
C ILE U 111 -44.13 -14.01 -38.53
N GLU U 112 -44.06 -12.77 -39.01
CA GLU U 112 -43.27 -12.49 -40.21
C GLU U 112 -41.78 -12.74 -39.95
N TYR U 113 -41.32 -12.57 -38.70
CA TYR U 113 -39.91 -12.78 -38.38
C TYR U 113 -39.60 -14.25 -38.14
N LEU U 114 -40.53 -14.99 -37.53
CA LEU U 114 -40.32 -16.44 -37.36
C LEU U 114 -40.25 -17.12 -38.72
N THR U 115 -41.27 -16.92 -39.54
CA THR U 115 -41.27 -17.52 -40.88
C THR U 115 -40.14 -16.97 -41.73
N LYS U 116 -39.70 -15.73 -41.47
CA LYS U 116 -38.54 -15.18 -42.18
C LYS U 116 -37.30 -16.03 -41.93
N VAL U 117 -36.93 -16.20 -40.66
CA VAL U 117 -35.73 -16.95 -40.33
C VAL U 117 -35.85 -18.40 -40.81
N ILE U 118 -37.03 -19.00 -40.61
CA ILE U 118 -37.27 -20.36 -41.11
C ILE U 118 -37.06 -20.41 -42.62
N SER U 119 -37.65 -19.45 -43.34
CA SER U 119 -37.52 -19.43 -44.80
C SER U 119 -36.09 -19.13 -45.22
N ASP U 120 -35.37 -18.31 -44.46
CA ASP U 120 -33.99 -18.00 -44.79
C ASP U 120 -33.13 -19.26 -44.74
N VAL U 121 -33.33 -20.09 -43.73
CA VAL U 121 -32.60 -21.35 -43.64
C VAL U 121 -32.88 -22.22 -44.86
N LYS U 122 -34.14 -22.28 -45.29
CA LYS U 122 -34.47 -23.06 -46.48
C LYS U 122 -33.75 -22.51 -47.71
N GLN U 123 -33.65 -21.19 -47.82
CA GLN U 123 -32.89 -20.58 -48.91
C GLN U 123 -31.41 -20.96 -48.85
N ALA U 124 -30.82 -20.90 -47.65
CA ALA U 124 -29.40 -21.18 -47.51
C ALA U 124 -29.05 -22.62 -47.87
N TYR U 125 -29.99 -23.55 -47.70
CA TYR U 125 -29.78 -24.92 -48.13
C TYR U 125 -30.20 -25.18 -49.57
N THR U 126 -30.71 -24.17 -50.28
CA THR U 126 -30.95 -24.28 -51.72
C THR U 126 -29.97 -23.44 -52.53
N GLN U 127 -28.82 -23.09 -51.95
CA GLN U 127 -27.83 -22.31 -52.68
C GLN U 127 -26.40 -22.81 -52.48
N HIS U 128 -26.18 -23.81 -51.63
CA HIS U 128 -24.85 -24.32 -51.35
C HIS U 128 -24.71 -25.75 -51.85
N GLY U 129 -23.49 -26.12 -52.23
CA GLY U 129 -23.26 -27.29 -53.05
C GLY U 129 -23.58 -28.61 -52.38
N GLY U 130 -22.82 -28.95 -51.34
CA GLY U 130 -22.96 -30.25 -50.70
C GLY U 130 -24.04 -30.31 -49.64
N VAL U 131 -25.19 -29.69 -49.89
CA VAL U 131 -26.30 -29.69 -48.95
C VAL U 131 -27.59 -29.98 -49.71
N ARG U 132 -28.33 -30.98 -49.25
CA ARG U 132 -29.65 -31.25 -49.80
C ARG U 132 -30.65 -30.20 -49.32
N PRO U 133 -31.57 -29.76 -50.17
CA PRO U 133 -32.62 -28.85 -49.73
C PRO U 133 -33.62 -29.55 -48.83
N PHE U 134 -34.43 -28.75 -48.14
CA PHE U 134 -35.48 -29.31 -47.30
C PHE U 134 -36.63 -29.84 -48.14
N GLY U 135 -37.16 -30.99 -47.75
CA GLY U 135 -38.30 -31.56 -48.45
C GLY U 135 -39.57 -31.46 -47.66
N VAL U 136 -39.76 -30.33 -46.98
CA VAL U 136 -40.88 -30.14 -46.06
C VAL U 136 -41.45 -28.74 -46.28
N ALA U 137 -42.77 -28.65 -46.38
CA ALA U 137 -43.48 -27.38 -46.34
C ALA U 137 -44.16 -27.21 -45.00
N LEU U 138 -44.14 -25.98 -44.48
CA LEU U 138 -44.70 -25.66 -43.19
C LEU U 138 -45.89 -24.72 -43.37
N ILE U 139 -46.84 -24.81 -42.43
CA ILE U 139 -47.93 -23.86 -42.33
C ILE U 139 -48.00 -23.39 -40.88
N VAL U 140 -47.86 -22.08 -40.67
CA VAL U 140 -47.64 -21.50 -39.35
C VAL U 140 -48.82 -20.62 -38.99
N GLY U 141 -49.35 -20.81 -37.79
CA GLY U 141 -50.48 -20.02 -37.34
C GLY U 141 -50.28 -19.52 -35.93
N GLY U 142 -50.34 -18.20 -35.76
CA GLY U 142 -50.13 -17.61 -34.45
C GLY U 142 -51.19 -16.59 -34.08
N ILE U 143 -50.86 -15.70 -33.13
CA ILE U 143 -51.81 -14.68 -32.68
C ILE U 143 -51.08 -13.45 -32.16
N ASP U 144 -50.31 -12.80 -33.03
CA ASP U 144 -49.59 -11.60 -32.65
C ASP U 144 -50.57 -10.56 -32.12
N LYS U 145 -50.33 -10.09 -30.89
CA LYS U 145 -51.20 -9.08 -30.29
C LYS U 145 -51.33 -7.86 -31.19
N GLY U 146 -52.56 -7.42 -31.40
CA GLY U 146 -52.86 -6.28 -32.23
C GLY U 146 -53.51 -6.63 -33.54
N LYS U 147 -53.46 -7.90 -33.95
CA LYS U 147 -54.05 -8.35 -35.20
C LYS U 147 -54.84 -9.63 -34.95
N GLN U 148 -55.72 -9.95 -35.90
CA GLN U 148 -56.54 -11.14 -35.74
C GLN U 148 -56.10 -12.22 -36.76
N PRO U 149 -56.66 -12.36 -37.97
CA PRO U 149 -56.19 -13.45 -38.85
C PRO U 149 -54.68 -13.47 -39.05
N LYS U 150 -54.09 -14.65 -38.92
CA LYS U 150 -52.66 -14.89 -39.10
C LYS U 150 -52.39 -16.32 -39.53
N LEU U 151 -51.63 -16.46 -40.63
CA LEU U 151 -51.24 -17.76 -41.18
C LEU U 151 -50.24 -17.55 -42.32
N LEU U 152 -49.15 -18.31 -42.31
CA LEU U 152 -48.19 -18.31 -43.41
C LEU U 152 -47.87 -19.75 -43.80
N MET U 153 -47.30 -19.90 -45.01
CA MET U 153 -46.83 -21.18 -45.49
C MET U 153 -45.42 -21.04 -46.02
N THR U 154 -44.54 -21.97 -45.64
CA THR U 154 -43.16 -21.99 -46.08
C THR U 154 -43.00 -23.03 -47.18
N GLU U 155 -42.49 -22.60 -48.32
CA GLU U 155 -42.18 -23.50 -49.41
C GLU U 155 -40.69 -23.83 -49.42
N PRO U 156 -40.32 -25.03 -49.88
CA PRO U 156 -38.89 -25.43 -49.81
C PRO U 156 -37.97 -24.58 -50.68
N SER U 157 -38.51 -23.77 -51.59
CA SER U 157 -37.70 -22.73 -52.22
C SER U 157 -37.35 -21.61 -51.25
N GLY U 158 -38.13 -21.45 -50.17
CA GLY U 158 -37.94 -20.36 -49.24
C GLY U 158 -38.90 -19.21 -49.41
N GLN U 159 -39.99 -19.39 -50.14
CA GLN U 159 -40.93 -18.32 -50.44
C GLN U 159 -42.00 -18.23 -49.36
N PHE U 160 -42.45 -17.00 -49.08
CA PHE U 160 -43.67 -16.80 -48.30
C PHE U 160 -44.88 -16.79 -49.22
N MET U 161 -45.97 -17.38 -48.75
CA MET U 161 -47.28 -16.98 -49.20
C MET U 161 -48.21 -16.91 -48.00
N PRO U 162 -48.66 -15.72 -47.60
CA PRO U 162 -49.71 -15.64 -46.57
C PRO U 162 -51.06 -16.02 -47.17
N TYR U 163 -51.79 -16.87 -46.47
CA TYR U 163 -53.03 -17.43 -46.99
C TYR U 163 -54.15 -17.20 -45.99
N TYR U 164 -55.36 -17.06 -46.51
CA TYR U 164 -56.55 -17.11 -45.65
C TYR U 164 -56.81 -18.54 -45.19
N ALA U 165 -56.63 -19.51 -46.08
CA ALA U 165 -56.89 -20.91 -45.78
C ALA U 165 -56.28 -21.78 -46.88
N VAL U 166 -55.39 -22.71 -46.50
CA VAL U 166 -54.83 -23.67 -47.44
C VAL U 166 -54.73 -25.04 -46.79
N ALA U 167 -54.32 -26.01 -47.61
CA ALA U 167 -54.14 -27.40 -47.19
C ALA U 167 -53.24 -28.05 -48.22
N ILE U 168 -52.23 -28.78 -47.76
CA ILE U 168 -51.27 -29.42 -48.65
C ILE U 168 -50.97 -30.82 -48.15
N GLY U 169 -50.69 -31.71 -49.09
CA GLY U 169 -50.58 -33.13 -48.85
C GLY U 169 -51.20 -33.89 -50.01
N GLN U 170 -51.56 -35.15 -49.75
CA GLN U 170 -52.11 -35.99 -50.80
C GLN U 170 -53.47 -35.48 -51.25
N GLY U 171 -54.36 -35.17 -50.31
CA GLY U 171 -55.66 -34.62 -50.63
C GLY U 171 -55.67 -33.11 -50.51
N GLY U 172 -54.52 -32.49 -50.77
CA GLY U 172 -54.40 -31.05 -50.61
C GLY U 172 -55.22 -30.27 -51.62
N TYR U 173 -55.27 -30.76 -52.86
CA TYR U 173 -56.01 -30.04 -53.91
C TYR U 173 -57.51 -30.17 -53.71
N THR U 174 -57.97 -31.30 -53.16
CA THR U 174 -59.41 -31.47 -52.93
C THR U 174 -59.89 -30.54 -51.82
N ALA U 175 -59.12 -30.45 -50.73
CA ALA U 175 -59.45 -29.51 -49.67
C ALA U 175 -59.25 -28.06 -50.11
N THR U 176 -58.30 -27.82 -51.01
CA THR U 176 -58.09 -26.47 -51.53
C THR U 176 -59.31 -25.98 -52.30
N GLU U 177 -59.91 -26.86 -53.11
CA GLU U 177 -61.08 -26.45 -53.87
C GLU U 177 -62.35 -26.46 -53.02
N TYR U 178 -62.38 -27.29 -51.97
CA TYR U 178 -63.51 -27.23 -51.05
C TYR U 178 -63.50 -25.93 -50.26
N LEU U 179 -62.33 -25.50 -49.79
CA LEU U 179 -62.24 -24.22 -49.10
C LEU U 179 -62.39 -23.05 -50.07
N GLU U 180 -62.14 -23.28 -51.36
CA GLU U 180 -62.49 -22.28 -52.36
C GLU U 180 -64.00 -22.14 -52.51
N LYS U 181 -64.75 -23.22 -52.30
CA LYS U 181 -66.19 -23.18 -52.45
C LYS U 181 -66.86 -22.40 -51.31
N ASN U 182 -66.70 -22.86 -50.07
CA ASN U 182 -67.49 -22.31 -48.97
C ASN U 182 -66.64 -21.76 -47.83
N TYR U 183 -65.77 -20.80 -48.12
CA TYR U 183 -65.00 -20.11 -47.09
C TYR U 183 -65.59 -18.73 -46.84
N LYS U 184 -65.70 -18.38 -45.55
CA LYS U 184 -66.20 -17.07 -45.15
C LYS U 184 -65.28 -16.54 -44.04
N GLU U 185 -65.50 -15.29 -43.65
CA GLU U 185 -64.63 -14.61 -42.71
C GLU U 185 -65.15 -14.64 -41.28
N ASP U 186 -66.32 -14.06 -41.02
CA ASP U 186 -66.78 -13.87 -39.65
C ASP U 186 -67.46 -15.16 -39.18
N LEU U 187 -66.63 -16.07 -38.69
CA LEU U 187 -67.08 -17.33 -38.12
C LEU U 187 -66.59 -17.41 -36.67
N ASP U 188 -67.42 -17.97 -35.80
CA ASP U 188 -66.94 -18.38 -34.49
C ASP U 188 -65.91 -19.50 -34.65
N ILE U 189 -65.09 -19.68 -33.61
CA ILE U 189 -64.04 -20.70 -33.66
C ILE U 189 -64.65 -22.08 -33.89
N GLN U 190 -65.89 -22.28 -33.43
CA GLN U 190 -66.55 -23.56 -33.61
C GLN U 190 -66.93 -23.78 -35.07
N SER U 191 -67.22 -22.70 -35.80
CA SER U 191 -67.61 -22.81 -37.20
C SER U 191 -66.41 -22.92 -38.13
N THR U 192 -65.23 -22.43 -37.73
CA THR U 192 -64.05 -22.56 -38.56
C THR U 192 -63.33 -23.89 -38.33
N ILE U 193 -63.46 -24.46 -37.12
CA ILE U 193 -62.98 -25.81 -36.90
C ILE U 193 -63.92 -26.82 -37.56
N LEU U 194 -65.22 -26.50 -37.61
CA LEU U 194 -66.15 -27.27 -38.44
C LEU U 194 -65.74 -27.25 -39.90
N LEU U 195 -65.28 -26.08 -40.39
CA LEU U 195 -64.92 -25.95 -41.80
C LEU U 195 -63.68 -26.77 -42.12
N ALA U 196 -62.72 -26.84 -41.20
CA ALA U 196 -61.51 -27.62 -41.44
C ALA U 196 -61.80 -29.11 -41.40
N LEU U 197 -62.70 -29.55 -40.50
CA LEU U 197 -63.10 -30.95 -40.48
C LEU U 197 -63.83 -31.34 -41.76
N ARG U 198 -64.68 -30.46 -42.28
CA ARG U 198 -65.35 -30.72 -43.55
C ARG U 198 -64.37 -30.70 -44.72
N ALA U 199 -63.29 -29.92 -44.63
CA ALA U 199 -62.33 -29.87 -45.72
C ALA U 199 -61.44 -31.12 -45.74
N LEU U 200 -61.37 -31.86 -44.64
CA LEU U 200 -60.64 -33.13 -44.60
C LEU U 200 -61.52 -34.30 -45.02
N MET U 201 -62.79 -34.05 -45.33
CA MET U 201 -63.81 -35.06 -45.62
C MET U 201 -64.28 -35.72 -44.33
N SER U 214 -58.29 -40.02 -33.71
CA SER U 214 -57.05 -40.27 -34.43
C SER U 214 -56.73 -39.14 -35.40
N VAL U 215 -56.92 -37.90 -34.94
CA VAL U 215 -56.56 -36.72 -35.73
C VAL U 215 -56.11 -35.63 -34.76
N GLU U 216 -55.10 -34.86 -35.17
CA GLU U 216 -54.54 -33.79 -34.35
C GLU U 216 -55.15 -32.47 -34.77
N ILE U 217 -55.79 -31.78 -33.84
CA ILE U 217 -56.39 -30.48 -34.09
C ILE U 217 -55.83 -29.49 -33.07
N GLY U 218 -55.47 -28.30 -33.54
CA GLY U 218 -55.04 -27.22 -32.66
C GLY U 218 -55.62 -25.89 -33.10
N TYR U 219 -56.03 -25.06 -32.15
CA TYR U 219 -56.64 -23.78 -32.45
C TYR U 219 -56.05 -22.69 -31.58
N ALA U 220 -56.00 -21.48 -32.14
CA ALA U 220 -55.67 -20.27 -31.40
C ALA U 220 -56.83 -19.30 -31.53
N ASP U 221 -57.26 -18.73 -30.41
CA ASP U 221 -58.43 -17.88 -30.36
C ASP U 221 -58.04 -16.48 -29.88
N VAL U 222 -58.76 -15.47 -30.39
CA VAL U 222 -58.34 -14.08 -30.22
C VAL U 222 -58.75 -13.49 -28.89
N ASP U 223 -59.65 -14.14 -28.15
CA ASP U 223 -60.11 -13.58 -26.88
C ASP U 223 -59.03 -13.73 -25.81
N SER U 224 -58.59 -14.97 -25.56
CA SER U 224 -57.38 -15.24 -24.78
C SER U 224 -56.26 -15.61 -25.74
N GLY U 225 -55.28 -14.72 -25.88
CA GLY U 225 -54.31 -14.81 -26.95
C GLY U 225 -53.31 -15.94 -26.79
N THR U 226 -53.77 -17.18 -26.94
CA THR U 226 -52.93 -18.35 -26.69
C THR U 226 -53.28 -19.45 -27.68
N PHE U 227 -52.32 -20.35 -27.88
CA PHE U 227 -52.49 -21.49 -28.78
C PHE U 227 -52.62 -22.75 -27.92
N LYS U 228 -53.82 -23.31 -27.87
CA LYS U 228 -54.12 -24.49 -27.09
C LYS U 228 -54.20 -25.71 -27.99
N LYS U 229 -53.40 -26.74 -27.70
CA LYS U 229 -53.55 -28.03 -28.35
C LYS U 229 -54.83 -28.69 -27.84
N LEU U 230 -55.73 -29.02 -28.77
CA LEU U 230 -57.09 -29.39 -28.37
C LEU U 230 -57.10 -30.74 -27.68
N THR U 231 -58.00 -30.87 -26.70
CA THR U 231 -58.10 -32.08 -25.88
C THR U 231 -58.51 -33.28 -26.70
N THR V 2 -27.17 15.34 -14.47
CA THR V 2 -28.51 15.65 -14.01
C THR V 2 -29.53 15.47 -15.12
N ALA V 3 -30.57 14.70 -14.84
CA ALA V 3 -31.65 14.45 -15.79
C ALA V 3 -32.88 13.99 -15.00
N ILE V 4 -34.04 14.52 -15.38
CA ILE V 4 -35.27 14.35 -14.60
C ILE V 4 -36.37 13.86 -15.51
N GLY V 5 -37.05 12.79 -15.10
CA GLY V 5 -38.28 12.35 -15.75
C GLY V 5 -39.45 12.39 -14.80
N ILE V 6 -40.59 12.87 -15.30
CA ILE V 6 -41.82 12.98 -14.53
C ILE V 6 -42.94 12.31 -15.31
N LYS V 7 -43.63 11.36 -14.67
CA LYS V 7 -44.71 10.62 -15.30
C LYS V 7 -46.05 11.28 -14.97
N THR V 8 -46.76 11.72 -16.01
CA THR V 8 -48.10 12.26 -15.88
C THR V 8 -49.10 11.30 -16.50
N LYS V 9 -50.38 11.50 -16.16
CA LYS V 9 -51.45 10.77 -16.82
C LYS V 9 -51.48 11.06 -18.32
N ASP V 10 -51.10 12.27 -18.72
CA ASP V 10 -51.09 12.62 -20.14
C ASP V 10 -49.88 12.02 -20.86
N GLY V 11 -48.70 12.18 -20.28
CA GLY V 11 -47.50 11.70 -20.94
C GLY V 11 -46.31 11.72 -20.01
N VAL V 12 -45.13 11.70 -20.61
CA VAL V 12 -43.87 11.64 -19.89
C VAL V 12 -43.05 12.87 -20.25
N VAL V 13 -42.48 13.52 -19.23
CA VAL V 13 -41.69 14.73 -19.40
C VAL V 13 -40.25 14.43 -18.99
N LEU V 14 -39.31 14.76 -19.88
CA LEU V 14 -37.89 14.61 -19.61
C LEU V 14 -37.20 15.97 -19.71
N ALA V 15 -36.18 16.16 -18.88
CA ALA V 15 -35.41 17.39 -18.85
C ALA V 15 -34.05 17.11 -18.25
N ALA V 16 -33.01 17.77 -18.78
CA ALA V 16 -31.67 17.59 -18.26
C ALA V 16 -30.83 18.83 -18.53
N GLU V 17 -29.61 18.80 -18.00
CA GLU V 17 -28.67 19.90 -18.09
C GLU V 17 -28.13 20.03 -19.52
N ARG V 18 -27.29 21.05 -19.71
CA ARG V 18 -26.53 21.22 -20.95
C ARG V 18 -25.10 21.65 -20.60
N ARG V 19 -24.49 20.98 -19.63
CA ARG V 19 -23.18 21.36 -19.12
C ARG V 19 -22.28 20.15 -19.02
N LEU V 20 -21.06 20.26 -19.54
CA LEU V 20 -20.04 19.22 -19.42
C LEU V 20 -18.77 19.80 -18.81
N SER V 21 -18.30 19.18 -17.74
CA SER V 21 -17.08 19.60 -17.07
C SER V 21 -16.25 18.36 -16.75
N TYR V 22 -15.02 18.33 -17.25
CA TYR V 22 -14.06 17.30 -16.85
C TYR V 22 -13.18 17.84 -15.73
N GLY V 23 -13.13 17.10 -14.63
CA GLY V 23 -12.33 17.55 -13.50
C GLY V 23 -13.02 18.67 -12.76
N ASP V 24 -12.30 19.77 -12.58
CA ASP V 24 -12.86 20.99 -12.00
C ASP V 24 -13.08 22.09 -13.04
N PHE V 25 -13.04 21.75 -14.32
CA PHE V 25 -13.02 22.74 -15.40
C PHE V 25 -14.12 22.43 -16.40
N VAL V 26 -14.90 23.45 -16.75
CA VAL V 26 -15.98 23.32 -17.72
C VAL V 26 -15.39 23.39 -19.12
N LEU V 27 -15.56 22.32 -19.90
CA LEU V 27 -15.14 22.33 -21.29
C LEU V 27 -16.18 22.96 -22.21
N SER V 28 -17.47 22.81 -21.90
CA SER V 28 -18.52 23.25 -22.81
C SER V 28 -19.75 23.68 -22.02
N LYS V 29 -20.31 24.83 -22.39
CA LYS V 29 -21.57 25.30 -21.85
C LYS V 29 -22.77 24.76 -22.61
N SER V 30 -22.56 24.03 -23.70
CA SER V 30 -23.64 23.52 -24.55
C SER V 30 -23.30 22.08 -24.92
N ALA V 31 -23.67 21.14 -24.05
CA ALA V 31 -23.51 19.71 -24.31
C ALA V 31 -24.88 19.06 -24.16
N ARG V 32 -25.44 18.60 -25.27
CA ARG V 32 -26.78 18.03 -25.26
C ARG V 32 -26.77 16.68 -24.56
N LYS V 33 -27.61 16.55 -23.52
CA LYS V 33 -27.78 15.29 -22.81
C LYS V 33 -29.19 14.75 -22.92
N VAL V 34 -30.04 15.39 -23.73
CA VAL V 34 -31.38 14.91 -24.03
C VAL V 34 -31.46 14.68 -25.53
N PHE V 35 -31.94 13.51 -25.93
CA PHE V 35 -31.99 13.13 -27.33
C PHE V 35 -33.37 12.57 -27.67
N LYS V 36 -33.90 12.96 -28.81
CA LYS V 36 -35.10 12.35 -29.35
C LYS V 36 -34.72 11.20 -30.27
N LEU V 37 -35.47 10.10 -30.17
CA LEU V 37 -35.33 8.97 -31.08
C LEU V 37 -36.49 8.87 -32.06
N GLY V 38 -37.33 9.90 -32.14
CA GLY V 38 -38.63 9.78 -32.73
C GLY V 38 -39.65 9.30 -31.72
N ARG V 39 -40.81 9.97 -31.66
CA ARG V 39 -42.03 9.51 -31.00
C ARG V 39 -41.82 9.28 -29.50
N PHE V 40 -40.59 9.43 -29.03
CA PHE V 40 -40.23 9.43 -27.62
C PHE V 40 -38.78 9.91 -27.51
N GLY V 41 -38.25 9.88 -26.28
CA GLY V 41 -36.93 10.43 -26.05
C GLY V 41 -36.24 9.76 -24.88
N ILE V 42 -34.92 9.85 -24.88
CA ILE V 42 -34.10 9.42 -23.75
C ILE V 42 -33.23 10.58 -23.30
N ALA V 43 -32.75 10.47 -22.06
CA ALA V 43 -31.83 11.45 -21.50
C ALA V 43 -31.14 10.82 -20.29
N GLY V 44 -29.82 10.97 -20.21
CA GLY V 44 -29.06 10.35 -19.15
C GLY V 44 -27.88 11.22 -18.75
N ALA V 45 -27.09 10.69 -17.81
CA ALA V 45 -25.92 11.39 -17.30
C ALA V 45 -24.76 10.40 -17.18
N GLY V 46 -23.55 10.96 -17.16
CA GLY V 46 -22.35 10.16 -17.14
C GLY V 46 -21.35 10.62 -18.17
N ILE V 47 -20.59 9.69 -18.75
CA ILE V 47 -19.69 10.04 -19.86
C ILE V 47 -20.53 10.33 -21.10
N VAL V 48 -20.17 11.39 -21.81
CA VAL V 48 -20.99 11.85 -22.93
C VAL V 48 -20.87 10.89 -24.11
N GLY V 49 -19.69 10.32 -24.32
CA GLY V 49 -19.49 9.48 -25.49
C GLY V 49 -20.28 8.19 -25.43
N ASP V 50 -20.42 7.62 -24.24
CA ASP V 50 -21.26 6.43 -24.09
C ASP V 50 -22.72 6.77 -24.34
N ILE V 51 -23.18 7.93 -23.87
CA ILE V 51 -24.57 8.31 -24.09
C ILE V 51 -24.82 8.60 -25.57
N GLN V 52 -23.87 9.25 -26.24
CA GLN V 52 -24.06 9.59 -27.65
C GLN V 52 -24.10 8.34 -28.52
N THR V 53 -23.21 7.37 -28.27
CA THR V 53 -23.22 6.14 -29.05
C THR V 53 -24.42 5.26 -28.73
N LEU V 54 -25.00 5.40 -27.54
CA LEU V 54 -26.22 4.66 -27.23
C LEU V 54 -27.45 5.28 -27.87
N THR V 55 -27.48 6.60 -28.05
CA THR V 55 -28.54 7.22 -28.82
C THR V 55 -28.49 6.77 -30.27
N ARG V 56 -27.28 6.62 -30.82
CA ARG V 56 -27.12 6.27 -32.22
C ARG V 56 -27.38 4.78 -32.45
N ILE V 57 -26.85 3.92 -31.56
CA ILE V 57 -27.09 2.49 -31.66
C ILE V 57 -28.57 2.17 -31.48
N MET V 58 -29.20 2.77 -30.46
CA MET V 58 -30.62 2.52 -30.24
C MET V 58 -31.48 3.07 -31.35
N ASN V 59 -31.08 4.20 -31.95
CA ASN V 59 -31.81 4.71 -33.11
C ASN V 59 -31.72 3.74 -34.28
N VAL V 60 -30.54 3.13 -34.49
CA VAL V 60 -30.37 2.17 -35.57
C VAL V 60 -31.25 0.94 -35.33
N GLU V 61 -31.22 0.41 -34.10
CA GLU V 61 -31.95 -0.82 -33.82
C GLU V 61 -33.44 -0.59 -33.63
N ILE V 62 -33.86 0.64 -33.32
CA ILE V 62 -35.27 0.98 -33.43
C ILE V 62 -35.73 0.91 -34.88
N LYS V 63 -34.90 1.41 -35.79
CA LYS V 63 -35.19 1.29 -37.21
C LYS V 63 -35.10 -0.17 -37.68
N TYR V 64 -34.23 -0.96 -37.05
CA TYR V 64 -34.15 -2.38 -37.36
C TYR V 64 -35.47 -3.09 -37.06
N TYR V 65 -35.96 -2.92 -35.83
CA TYR V 65 -37.22 -3.57 -35.43
C TYR V 65 -38.40 -3.03 -36.23
N GLU V 66 -38.40 -1.74 -36.53
CA GLU V 66 -39.55 -1.11 -37.18
C GLU V 66 -39.67 -1.50 -38.65
N MET V 67 -38.55 -1.78 -39.32
CA MET V 67 -38.61 -2.19 -40.72
C MET V 67 -38.94 -3.67 -40.92
N TYR V 68 -38.73 -4.52 -39.92
CA TYR V 68 -39.06 -5.94 -40.09
C TYR V 68 -40.49 -6.27 -39.69
N ASN V 69 -40.85 -6.05 -38.44
CA ASN V 69 -42.00 -6.74 -37.86
C ASN V 69 -43.31 -6.01 -38.09
N SER V 70 -43.30 -4.92 -38.85
CA SER V 70 -44.49 -4.24 -39.35
C SER V 70 -45.35 -3.62 -38.25
N ARG V 71 -44.97 -3.82 -36.99
CA ARG V 71 -45.63 -3.17 -35.86
C ARG V 71 -44.67 -2.23 -35.17
N LYS V 72 -45.16 -1.07 -34.76
CA LYS V 72 -44.32 -0.07 -34.15
C LYS V 72 -43.95 -0.50 -32.72
N ILE V 73 -42.96 0.17 -32.15
CA ILE V 73 -42.23 -0.36 -31.01
C ILE V 73 -42.95 0.02 -29.73
N SER V 74 -43.06 -0.94 -28.81
CA SER V 74 -43.49 -0.69 -27.45
C SER V 74 -42.31 -0.32 -26.58
N ALA V 75 -42.53 0.60 -25.64
CA ALA V 75 -41.42 1.13 -24.85
C ALA V 75 -40.78 0.05 -23.99
N ARG V 76 -41.57 -0.95 -23.56
CA ARG V 76 -41.01 -2.06 -22.82
C ARG V 76 -40.03 -2.85 -23.67
N ALA V 77 -40.31 -2.99 -24.98
CA ALA V 77 -39.42 -3.74 -25.85
C ALA V 77 -38.12 -3.01 -26.07
N ALA V 78 -38.18 -1.69 -26.28
CA ALA V 78 -36.96 -0.91 -26.44
C ALA V 78 -36.18 -0.79 -25.13
N ALA V 79 -36.88 -0.86 -23.99
CA ALA V 79 -36.21 -0.82 -22.71
C ALA V 79 -35.47 -2.13 -22.43
N LYS V 80 -36.14 -3.26 -22.67
CA LYS V 80 -35.47 -4.55 -22.50
C LYS V 80 -34.33 -4.72 -23.49
N LEU V 81 -34.48 -4.20 -24.70
CA LEU V 81 -33.39 -4.19 -25.65
C LEU V 81 -32.20 -3.39 -25.11
N LEU V 82 -32.46 -2.21 -24.56
CA LEU V 82 -31.37 -1.36 -24.09
C LEU V 82 -30.74 -1.95 -22.84
N SER V 83 -31.51 -2.70 -22.05
CA SER V 83 -30.93 -3.39 -20.90
C SER V 83 -29.98 -4.49 -21.33
N VAL V 84 -30.29 -5.18 -22.43
CA VAL V 84 -29.41 -6.23 -22.93
C VAL V 84 -28.15 -5.61 -23.55
N ILE V 85 -28.30 -4.48 -24.23
CA ILE V 85 -27.15 -3.81 -24.82
C ILE V 85 -26.18 -3.34 -23.74
N LEU V 86 -26.71 -2.82 -22.64
CA LEU V 86 -25.87 -2.46 -21.51
C LEU V 86 -25.28 -3.68 -20.83
N TYR V 87 -25.98 -4.82 -20.88
CA TYR V 87 -25.60 -5.98 -20.08
C TYR V 87 -24.59 -6.85 -20.79
N GLN V 88 -24.61 -6.89 -22.12
CA GLN V 88 -23.63 -7.69 -22.86
C GLN V 88 -22.22 -7.16 -22.63
N ASN V 89 -22.07 -5.85 -22.48
CA ASN V 89 -20.76 -5.24 -22.21
C ASN V 89 -20.58 -4.99 -20.71
N LYS V 90 -20.75 -6.04 -19.90
CA LYS V 90 -20.55 -5.89 -18.47
C LYS V 90 -19.07 -5.77 -18.12
N VAL V 91 -18.20 -6.39 -18.92
CA VAL V 91 -16.77 -6.33 -18.65
C VAL V 91 -16.26 -4.90 -18.83
N LEU V 92 -16.72 -4.22 -19.86
CA LEU V 92 -16.36 -2.82 -20.14
C LEU V 92 -17.68 -2.05 -20.18
N PRO V 93 -18.19 -1.64 -19.02
CA PRO V 93 -19.55 -1.07 -18.97
C PRO V 93 -19.60 0.32 -19.58
N TYR V 94 -20.68 0.57 -20.32
CA TYR V 94 -21.02 1.92 -20.75
C TYR V 94 -21.29 2.78 -19.53
N ILE V 95 -20.35 3.66 -19.18
CA ILE V 95 -20.44 4.36 -17.91
C ILE V 95 -21.44 5.49 -18.04
N SER V 96 -22.72 5.17 -17.81
CA SER V 96 -23.81 6.11 -18.04
C SER V 96 -25.09 5.57 -17.42
N GLU V 97 -25.75 6.38 -16.59
CA GLU V 97 -27.09 6.05 -16.09
C GLU V 97 -28.11 6.81 -16.93
N LEU V 98 -29.17 6.11 -17.34
CA LEU V 98 -30.05 6.59 -18.39
C LEU V 98 -31.50 6.62 -17.90
N LEU V 99 -32.27 7.53 -18.49
CA LEU V 99 -33.72 7.61 -18.28
C LEU V 99 -34.38 7.40 -19.63
N PHE V 100 -35.29 6.42 -19.70
CA PHE V 100 -35.98 6.08 -20.94
C PHE V 100 -37.46 6.40 -20.76
N GLY V 101 -37.98 7.27 -21.63
CA GLY V 101 -39.35 7.74 -21.48
C GLY V 101 -40.15 7.69 -22.76
N GLY V 102 -41.35 7.14 -22.68
CA GLY V 102 -42.23 7.06 -23.83
C GLY V 102 -43.65 6.81 -23.37
N VAL V 103 -44.56 6.78 -24.36
CA VAL V 103 -45.96 6.48 -24.12
C VAL V 103 -46.39 5.38 -25.08
N ASP V 104 -46.97 4.31 -24.54
CA ASP V 104 -47.50 3.21 -25.32
C ASP V 104 -49.02 3.16 -25.17
N GLU V 105 -49.63 2.17 -25.82
CA GLU V 105 -51.06 1.96 -25.67
C GLU V 105 -51.41 1.51 -24.27
N ASP V 106 -50.47 0.89 -23.55
CA ASP V 106 -50.68 0.59 -22.13
C ASP V 106 -50.69 1.85 -21.30
N GLY V 107 -50.03 2.91 -21.76
CA GLY V 107 -50.01 4.17 -21.07
C GLY V 107 -48.63 4.80 -21.07
N PRO V 108 -48.45 5.85 -20.27
CA PRO V 108 -47.12 6.46 -20.16
C PRO V 108 -46.18 5.57 -19.38
N LYS V 109 -44.93 5.49 -19.84
CA LYS V 109 -43.94 4.60 -19.25
C LYS V 109 -42.63 5.34 -19.09
N LEU V 110 -42.03 5.23 -17.90
CA LEU V 110 -40.75 5.84 -17.60
C LEU V 110 -39.85 4.78 -16.98
N PHE V 111 -38.56 4.82 -17.33
CA PHE V 111 -37.67 3.71 -17.09
C PHE V 111 -36.30 4.23 -16.63
N ILE V 112 -35.69 3.49 -15.71
CA ILE V 112 -34.36 3.79 -15.19
C ILE V 112 -33.42 2.66 -15.57
N LEU V 113 -32.26 3.00 -16.13
CA LEU V 113 -31.27 2.03 -16.57
C LEU V 113 -29.93 2.31 -15.91
N ASP V 114 -29.27 1.25 -15.48
CA ASP V 114 -27.94 1.31 -14.89
C ASP V 114 -26.89 0.89 -15.90
N PRO V 115 -25.62 1.24 -15.68
CA PRO V 115 -24.56 0.78 -16.60
C PRO V 115 -24.44 -0.73 -16.67
N ILE V 116 -24.86 -1.45 -15.63
CA ILE V 116 -24.95 -2.90 -15.73
C ILE V 116 -26.11 -3.32 -16.60
N GLY V 117 -27.24 -2.60 -16.50
CA GLY V 117 -28.37 -2.87 -17.35
C GLY V 117 -29.65 -3.22 -16.62
N SER V 118 -29.79 -2.77 -15.38
CA SER V 118 -30.98 -3.06 -14.60
C SER V 118 -32.10 -2.11 -14.99
N LEU V 119 -33.28 -2.65 -15.27
CA LEU V 119 -34.43 -1.87 -15.71
C LEU V 119 -35.38 -1.67 -14.53
N ILE V 120 -35.75 -0.41 -14.28
CA ILE V 120 -36.65 -0.06 -13.20
C ILE V 120 -37.77 0.80 -13.77
N GLU V 121 -39.01 0.46 -13.45
CA GLU V 121 -40.17 1.31 -13.72
C GLU V 121 -40.48 2.13 -12.48
N ASP V 122 -40.59 3.45 -12.66
CA ASP V 122 -41.01 4.34 -11.58
C ASP V 122 -41.66 5.57 -12.18
N SER V 123 -42.34 6.33 -11.32
CA SER V 123 -43.07 7.51 -11.80
C SER V 123 -42.12 8.68 -12.05
N TYR V 124 -41.39 9.10 -11.02
CA TYR V 124 -40.52 10.26 -11.09
C TYR V 124 -39.11 9.83 -10.68
N ALA V 125 -38.12 10.41 -11.34
CA ALA V 125 -36.74 9.99 -11.12
C ALA V 125 -35.79 11.11 -11.53
N ALA V 126 -34.59 11.06 -10.97
CA ALA V 126 -33.49 11.89 -11.42
C ALA V 126 -32.21 11.07 -11.41
N VAL V 127 -31.24 11.50 -12.21
CA VAL V 127 -30.05 10.71 -12.50
C VAL V 127 -28.87 11.66 -12.64
N GLY V 128 -27.79 11.37 -11.89
CA GLY V 128 -26.54 12.09 -12.08
C GLY V 128 -26.00 12.73 -10.82
N SER V 129 -25.27 13.83 -10.99
CA SER V 129 -24.61 14.48 -9.85
C SER V 129 -25.65 15.11 -8.92
N GLY V 130 -26.42 16.07 -9.44
CA GLY V 130 -27.41 16.74 -8.63
C GLY V 130 -28.73 16.03 -8.48
N ALA V 131 -28.78 14.75 -8.84
CA ALA V 131 -30.05 14.01 -8.78
C ALA V 131 -30.58 13.94 -7.36
N ARG V 132 -29.67 13.74 -6.39
CA ARG V 132 -30.05 13.80 -4.97
C ARG V 132 -30.86 15.05 -4.66
N VAL V 133 -30.32 16.22 -5.03
CA VAL V 133 -31.01 17.48 -4.76
C VAL V 133 -32.34 17.53 -5.49
N ALA V 134 -32.34 17.13 -6.77
CA ALA V 134 -33.53 17.31 -7.60
C ALA V 134 -34.66 16.38 -7.16
N ILE V 135 -34.33 15.15 -6.77
CA ILE V 135 -35.34 14.23 -6.26
C ILE V 135 -35.94 14.76 -4.96
N GLY V 136 -35.16 15.50 -4.18
CA GLY V 136 -35.72 16.17 -3.02
C GLY V 136 -36.88 17.08 -3.37
N VAL V 137 -36.71 17.90 -4.41
CA VAL V 137 -37.78 18.77 -4.86
C VAL V 137 -38.97 17.94 -5.35
N LEU V 138 -38.69 16.85 -6.08
CA LEU V 138 -39.76 16.00 -6.59
C LEU V 138 -40.49 15.30 -5.45
N GLU V 139 -39.77 14.90 -4.41
CA GLU V 139 -40.40 14.20 -3.29
C GLU V 139 -41.28 15.12 -2.45
N ALA V 140 -41.02 16.44 -2.49
CA ALA V 140 -41.88 17.39 -1.79
C ALA V 140 -43.16 17.70 -2.55
N GLU V 141 -43.08 17.84 -3.88
CA GLU V 141 -44.10 18.54 -4.64
C GLU V 141 -44.87 17.65 -5.61
N TYR V 142 -44.55 16.36 -5.69
CA TYR V 142 -45.16 15.50 -6.69
C TYR V 142 -46.55 15.06 -6.26
N ASN V 143 -47.42 14.86 -7.25
CA ASN V 143 -48.67 14.13 -7.09
C ASN V 143 -48.93 13.31 -8.35
N GLU V 144 -49.76 12.29 -8.20
CA GLU V 144 -50.05 11.41 -9.33
C GLU V 144 -50.90 12.09 -10.39
N SER V 145 -51.72 13.07 -10.00
CA SER V 145 -52.62 13.76 -10.93
C SER V 145 -52.04 15.12 -11.29
N LEU V 146 -51.21 15.14 -12.33
CA LEU V 146 -50.62 16.37 -12.84
C LEU V 146 -51.04 16.56 -14.30
N THR V 147 -50.78 17.76 -14.81
CA THR V 147 -50.85 18.03 -16.24
C THR V 147 -49.44 18.12 -16.82
N SER V 148 -49.37 18.09 -18.16
CA SER V 148 -48.08 18.04 -18.81
C SER V 148 -47.28 19.32 -18.60
N GLU V 149 -47.93 20.48 -18.71
CA GLU V 149 -47.23 21.75 -18.59
C GLU V 149 -47.01 22.16 -17.13
N ALA V 150 -47.84 21.68 -16.21
CA ALA V 150 -47.54 21.86 -14.79
C ALA V 150 -46.34 21.03 -14.37
N ALA V 151 -46.19 19.84 -14.95
CA ALA V 151 -45.02 19.02 -14.66
C ALA V 151 -43.75 19.62 -15.28
N LYS V 152 -43.90 20.36 -16.38
CA LYS V 152 -42.78 21.13 -16.92
C LYS V 152 -42.30 22.14 -15.89
N GLU V 153 -43.23 22.84 -15.23
CA GLU V 153 -42.85 23.83 -14.23
C GLU V 153 -42.22 23.18 -13.01
N LEU V 154 -42.66 21.97 -12.66
CA LEU V 154 -42.02 21.22 -11.58
C LEU V 154 -40.61 20.82 -11.95
N ALA V 155 -40.38 20.46 -13.22
CA ALA V 155 -39.05 20.11 -13.67
C ALA V 155 -38.12 21.31 -13.69
N ILE V 156 -38.66 22.50 -13.95
CA ILE V 156 -37.83 23.71 -13.94
C ILE V 156 -37.42 24.06 -12.51
N LYS V 157 -38.32 23.88 -11.55
CA LYS V 157 -37.97 24.16 -10.16
C LYS V 157 -36.91 23.19 -9.64
N SER V 158 -37.08 21.90 -9.96
CA SER V 158 -36.15 20.90 -9.45
C SER V 158 -34.77 21.04 -10.12
N MET V 159 -34.75 21.27 -11.43
CA MET V 159 -33.49 21.49 -12.12
C MET V 159 -32.83 22.79 -11.67
N LYS V 160 -33.62 23.81 -11.34
CA LYS V 160 -33.05 25.06 -10.86
C LYS V 160 -32.44 24.89 -9.47
N SER V 161 -33.06 24.08 -8.63
CA SER V 161 -32.46 23.73 -7.34
C SER V 161 -31.15 22.98 -7.54
N ALA V 162 -31.09 22.07 -8.51
CA ALA V 162 -29.86 21.33 -8.77
C ALA V 162 -28.79 22.21 -9.38
N VAL V 163 -29.18 23.28 -10.10
CA VAL V 163 -28.19 24.21 -10.62
C VAL V 163 -27.55 25.00 -9.50
N GLU V 164 -28.36 25.45 -8.54
CA GLU V 164 -27.84 26.28 -7.45
C GLU V 164 -27.05 25.49 -6.42
N ARG V 165 -27.20 24.17 -6.35
CA ARG V 165 -26.60 23.39 -5.29
C ARG V 165 -25.74 22.23 -5.77
N ASP V 166 -25.49 22.10 -7.07
CA ASP V 166 -24.60 21.08 -7.59
C ASP V 166 -23.54 21.71 -8.48
N VAL V 167 -22.27 21.36 -8.23
CA VAL V 167 -21.16 21.97 -8.96
C VAL V 167 -21.02 21.40 -10.36
N MET V 168 -21.56 20.21 -10.62
CA MET V 168 -21.38 19.54 -11.90
C MET V 168 -22.47 19.90 -12.90
N SER V 169 -23.58 20.47 -12.43
CA SER V 169 -24.66 20.94 -13.27
C SER V 169 -24.57 22.45 -13.45
N GLY V 170 -25.42 22.98 -14.31
CA GLY V 170 -25.42 24.43 -14.52
C GLY V 170 -26.32 24.84 -15.66
N ASP V 171 -25.93 25.95 -16.30
CA ASP V 171 -26.84 26.73 -17.12
C ASP V 171 -27.29 25.97 -18.36
N GLY V 172 -28.53 26.21 -18.75
CA GLY V 172 -29.18 25.52 -19.84
C GLY V 172 -30.07 24.38 -19.36
N ILE V 173 -31.17 24.17 -20.07
CA ILE V 173 -32.11 23.10 -19.76
C ILE V 173 -32.79 22.67 -21.05
N ASP V 174 -33.00 21.36 -21.18
CA ASP V 174 -33.53 20.75 -22.41
C ASP V 174 -34.72 19.88 -22.03
N ILE V 175 -35.91 20.48 -22.03
CA ILE V 175 -37.13 19.78 -21.63
C ILE V 175 -37.75 19.12 -22.85
N LEU V 176 -38.12 17.86 -22.72
CA LEU V 176 -39.00 17.18 -23.66
C LEU V 176 -40.37 16.95 -23.04
N ILE V 177 -41.41 17.17 -23.84
CA ILE V 177 -42.77 16.72 -23.52
C ILE V 177 -43.14 15.64 -24.53
N ILE V 178 -43.55 14.48 -24.03
CA ILE V 178 -43.79 13.31 -24.85
C ILE V 178 -45.23 12.88 -24.68
N ASN V 179 -45.99 12.87 -25.77
CA ASN V 179 -47.38 12.44 -25.78
C ASN V 179 -47.64 11.56 -26.99
N LYS V 180 -48.77 10.87 -26.97
CA LYS V 180 -49.23 10.16 -28.16
C LYS V 180 -49.49 11.11 -29.31
N ASN V 181 -50.05 12.29 -29.01
CA ASN V 181 -50.40 13.25 -30.05
C ASN V 181 -49.15 13.82 -30.72
N ASN V 182 -48.32 14.54 -29.95
CA ASN V 182 -47.12 15.17 -30.49
C ASN V 182 -46.01 15.09 -29.47
N ILE V 183 -44.86 15.69 -29.81
CA ILE V 183 -43.70 15.74 -28.95
C ILE V 183 -43.16 17.17 -28.99
N TYR V 184 -42.97 17.76 -27.81
CA TYR V 184 -42.58 19.15 -27.70
C TYR V 184 -41.14 19.26 -27.20
N GLU V 185 -40.57 20.44 -27.40
CA GLU V 185 -39.21 20.72 -26.92
C GLU V 185 -39.16 22.07 -26.21
N THR W 2 -2.03 22.68 -26.22
CA THR W 2 -2.79 23.90 -26.46
C THR W 2 -3.21 24.00 -27.92
N ALA W 3 -4.50 24.20 -28.14
CA ALA W 3 -5.06 24.36 -29.48
C ALA W 3 -6.39 25.08 -29.37
N ILE W 4 -6.63 26.04 -30.26
CA ILE W 4 -7.76 26.95 -30.15
C ILE W 4 -8.52 26.97 -31.47
N GLY W 5 -9.83 26.79 -31.40
CA GLY W 5 -10.70 27.02 -32.54
C GLY W 5 -11.70 28.11 -32.24
N ILE W 6 -11.91 28.99 -33.22
CA ILE W 6 -12.85 30.11 -33.09
C ILE W 6 -13.79 30.09 -34.29
N LYS W 7 -15.09 30.10 -34.02
CA LYS W 7 -16.12 30.05 -35.04
C LYS W 7 -16.55 31.48 -35.38
N THR W 8 -16.37 31.88 -36.63
CA THR W 8 -16.82 33.18 -37.11
C THR W 8 -17.98 33.02 -38.08
N LYS W 9 -18.60 34.17 -38.38
CA LYS W 9 -19.76 34.22 -39.28
C LYS W 9 -19.52 33.44 -40.57
N ASP W 10 -18.35 33.63 -41.20
CA ASP W 10 -17.99 32.92 -42.44
C ASP W 10 -16.53 32.47 -42.32
N GLY W 11 -16.33 31.31 -41.73
CA GLY W 11 -14.99 30.77 -41.57
C GLY W 11 -14.65 30.30 -40.18
N VAL W 12 -13.75 29.34 -40.09
CA VAL W 12 -13.28 28.78 -38.83
C VAL W 12 -11.77 28.98 -38.77
N VAL W 13 -11.28 29.45 -37.62
CA VAL W 13 -9.86 29.72 -37.42
C VAL W 13 -9.32 28.75 -36.39
N LEU W 14 -8.24 28.07 -36.74
CA LEU W 14 -7.56 27.15 -35.84
C LEU W 14 -6.12 27.62 -35.62
N ALA W 15 -5.63 27.38 -34.41
CA ALA W 15 -4.26 27.75 -34.05
C ALA W 15 -3.83 26.89 -32.86
N ALA W 16 -2.56 26.49 -32.85
CA ALA W 16 -2.04 25.69 -31.77
C ALA W 16 -0.54 25.93 -31.63
N GLU W 17 0.03 25.34 -30.59
CA GLU W 17 1.45 25.50 -30.28
C GLU W 17 2.31 24.75 -31.30
N ARG W 18 3.62 24.87 -31.14
CA ARG W 18 4.58 24.07 -31.88
C ARG W 18 5.70 23.62 -30.94
N ARG W 19 5.31 23.14 -29.76
CA ARG W 19 6.25 22.78 -28.72
C ARG W 19 5.90 21.41 -28.15
N LEU W 20 6.89 20.54 -28.04
CA LEU W 20 6.73 19.24 -27.41
C LEU W 20 7.76 19.06 -26.31
N SER W 21 7.30 18.73 -25.11
CA SER W 21 8.18 18.51 -23.97
C SER W 21 7.71 17.24 -23.25
N TYR W 22 8.61 16.27 -23.14
CA TYR W 22 8.36 15.10 -22.30
C TYR W 22 8.96 15.32 -20.92
N GLY W 23 8.14 15.18 -19.89
CA GLY W 23 8.62 15.40 -18.54
C GLY W 23 8.76 16.88 -18.27
N ASP W 24 9.95 17.28 -17.80
CA ASP W 24 10.28 18.69 -17.61
C ASP W 24 11.25 19.20 -18.68
N PHE W 25 11.43 18.47 -19.78
CA PHE W 25 12.48 18.76 -20.74
C PHE W 25 11.90 18.87 -22.13
N VAL W 26 12.26 19.94 -22.84
CA VAL W 26 11.80 20.18 -24.21
C VAL W 26 12.65 19.36 -25.16
N LEU W 27 12.01 18.45 -25.90
CA LEU W 27 12.72 17.70 -26.94
C LEU W 27 12.79 18.47 -28.25
N SER W 28 11.78 19.27 -28.58
CA SER W 28 11.71 19.92 -29.89
C SER W 28 10.99 21.26 -29.76
N LYS W 29 11.56 22.29 -30.37
CA LYS W 29 10.90 23.59 -30.49
C LYS W 29 10.00 23.69 -31.71
N SER W 30 9.96 22.66 -32.56
CA SER W 30 9.17 22.69 -33.80
C SER W 30 8.47 21.35 -33.95
N ALA W 31 7.29 21.23 -33.33
CA ALA W 31 6.45 20.04 -33.47
C ALA W 31 5.08 20.49 -33.95
N ARG W 32 4.74 20.13 -35.19
CA ARG W 32 3.49 20.58 -35.79
C ARG W 32 2.30 19.89 -35.12
N LYS W 33 1.37 20.70 -34.61
CA LYS W 33 0.15 20.19 -34.02
C LYS W 33 -1.10 20.67 -34.75
N VAL W 34 -0.94 21.35 -35.88
CA VAL W 34 -2.04 21.74 -36.74
C VAL W 34 -1.83 21.11 -38.11
N PHE W 35 -2.88 20.46 -38.63
CA PHE W 35 -2.76 19.76 -39.90
C PHE W 35 -3.93 20.09 -40.82
N ILE W 42 -7.49 20.05 -39.04
CA ILE W 42 -7.69 19.63 -37.66
C ILE W 42 -6.48 20.01 -36.82
N ALA W 43 -6.66 20.09 -35.50
CA ALA W 43 -5.57 20.38 -34.58
C ALA W 43 -5.99 19.96 -33.18
N GLY W 44 -5.09 19.25 -32.49
CA GLY W 44 -5.40 18.74 -31.16
C GLY W 44 -4.16 18.76 -30.29
N ALA W 45 -4.32 18.24 -29.07
CA ALA W 45 -3.24 18.20 -28.10
C ALA W 45 -3.23 16.84 -27.41
N GLY W 46 -2.08 16.49 -26.84
CA GLY W 46 -1.89 15.20 -26.23
C GLY W 46 -0.60 14.55 -26.68
N ILE W 47 -0.60 13.22 -26.80
CA ILE W 47 0.56 12.54 -27.37
C ILE W 47 0.61 12.81 -28.87
N VAL W 48 1.81 13.09 -29.37
CA VAL W 48 1.96 13.52 -30.76
C VAL W 48 1.72 12.36 -31.71
N GLY W 49 2.14 11.15 -31.32
CA GLY W 49 2.04 10.02 -32.22
C GLY W 49 0.59 9.61 -32.50
N ASP W 50 -0.27 9.72 -31.49
CA ASP W 50 -1.68 9.45 -31.69
C ASP W 50 -2.30 10.48 -32.63
N ILE W 51 -1.93 11.75 -32.48
CA ILE W 51 -2.47 12.80 -33.34
C ILE W 51 -1.98 12.63 -34.78
N GLN W 52 -0.70 12.29 -34.95
CA GLN W 52 -0.15 12.16 -36.30
C GLN W 52 -0.79 11.00 -37.05
N THR W 53 -0.97 9.85 -36.38
CA THR W 53 -1.62 8.72 -37.04
C THR W 53 -3.10 8.95 -37.28
N LEU W 54 -3.74 9.83 -36.49
CA LEU W 54 -5.13 10.17 -36.74
C LEU W 54 -5.29 11.16 -37.88
N THR W 55 -4.31 12.05 -38.08
CA THR W 55 -4.34 12.89 -39.27
C THR W 55 -4.18 12.05 -40.53
N ARG W 56 -3.35 11.01 -40.46
CA ARG W 56 -3.06 10.19 -41.62
C ARG W 56 -4.19 9.22 -41.92
N ILE W 57 -4.75 8.59 -40.87
CA ILE W 57 -5.89 7.68 -41.06
C ILE W 57 -7.10 8.44 -41.58
N MET W 58 -7.40 9.59 -40.97
CA MET W 58 -8.54 10.37 -41.42
C MET W 58 -8.34 10.93 -42.82
N ASN W 59 -7.10 11.27 -43.19
CA ASN W 59 -6.82 11.70 -44.55
C ASN W 59 -7.10 10.57 -45.54
N VAL W 60 -6.73 9.34 -45.18
CA VAL W 60 -6.99 8.20 -46.06
C VAL W 60 -8.49 8.01 -46.24
N GLU W 61 -9.24 8.02 -45.14
CA GLU W 61 -10.68 7.76 -45.22
C GLU W 61 -11.47 8.97 -45.70
N ILE W 62 -10.93 10.18 -45.57
CA ILE W 62 -11.52 11.31 -46.28
C ILE W 62 -11.40 11.11 -47.78
N LYS W 63 -10.23 10.64 -48.23
CA LYS W 63 -10.06 10.30 -49.64
C LYS W 63 -10.90 9.09 -50.01
N TYR W 64 -11.14 8.19 -49.05
CA TYR W 64 -12.01 7.06 -49.28
C TYR W 64 -13.42 7.51 -49.63
N TYR W 65 -14.03 8.35 -48.79
CA TYR W 65 -15.41 8.77 -49.05
C TYR W 65 -15.51 9.58 -50.34
N GLU W 66 -14.49 10.39 -50.63
CA GLU W 66 -14.56 11.28 -51.79
C GLU W 66 -14.42 10.53 -53.11
N MET W 67 -13.68 9.42 -53.15
CA MET W 67 -13.54 8.68 -54.39
C MET W 67 -14.71 7.73 -54.72
N TYR W 68 -15.69 7.57 -53.83
CA TYR W 68 -16.76 6.60 -54.06
C TYR W 68 -18.14 7.20 -54.30
N ASN W 69 -18.43 8.39 -53.76
CA ASN W 69 -19.82 8.78 -53.60
C ASN W 69 -20.14 10.13 -54.26
N SER W 70 -19.30 10.57 -55.19
CA SER W 70 -19.58 11.73 -56.05
C SER W 70 -19.72 13.06 -55.30
N ARG W 71 -19.61 13.03 -53.97
CA ARG W 71 -19.96 14.19 -53.16
C ARG W 71 -19.08 14.21 -51.92
N LYS W 72 -18.54 15.39 -51.61
CA LYS W 72 -17.49 15.51 -50.61
C LYS W 72 -18.07 15.29 -49.21
N ILE W 73 -17.16 15.00 -48.27
CA ILE W 73 -17.56 14.85 -46.87
C ILE W 73 -18.08 16.17 -46.32
N SER W 74 -19.26 16.12 -45.70
CA SER W 74 -19.69 17.18 -44.81
C SER W 74 -19.00 17.01 -43.45
N ALA W 75 -18.63 18.13 -42.83
CA ALA W 75 -17.83 18.09 -41.61
C ALA W 75 -18.50 17.28 -40.52
N ARG W 76 -19.84 17.25 -40.49
CA ARG W 76 -20.54 16.41 -39.53
C ARG W 76 -20.26 14.94 -39.78
N ALA W 77 -20.14 14.54 -41.05
CA ALA W 77 -19.88 13.15 -41.38
C ALA W 77 -18.48 12.73 -40.97
N ALA W 78 -17.49 13.59 -41.21
CA ALA W 78 -16.12 13.27 -40.81
C ALA W 78 -15.96 13.28 -39.30
N ALA W 79 -16.78 14.06 -38.60
CA ALA W 79 -16.72 14.08 -37.14
C ALA W 79 -17.26 12.78 -36.56
N LYS W 80 -18.41 12.33 -37.06
CA LYS W 80 -18.97 11.06 -36.59
C LYS W 80 -18.08 9.89 -36.96
N LEU W 81 -17.43 9.96 -38.13
CA LEU W 81 -16.43 8.95 -38.50
C LEU W 81 -15.28 8.96 -37.50
N LEU W 82 -14.77 10.14 -37.16
CA LEU W 82 -13.63 10.23 -36.27
C LEU W 82 -14.01 9.86 -34.84
N SER W 83 -15.28 10.08 -34.47
CA SER W 83 -15.75 9.64 -33.16
C SER W 83 -15.82 8.12 -33.06
N VAL W 84 -16.20 7.45 -34.16
CA VAL W 84 -16.24 5.99 -34.14
C VAL W 84 -14.84 5.41 -34.16
N ILE W 85 -13.91 6.05 -34.88
CA ILE W 85 -12.53 5.57 -34.90
C ILE W 85 -11.92 5.69 -33.52
N LEU W 86 -12.20 6.79 -32.82
CA LEU W 86 -11.75 6.93 -31.44
C LEU W 86 -12.47 5.95 -30.51
N TYR W 87 -13.71 5.59 -30.83
CA TYR W 87 -14.54 4.84 -29.88
C TYR W 87 -14.34 3.34 -29.98
N GLN W 88 -13.99 2.84 -31.17
CA GLN W 88 -13.74 1.41 -31.32
C GLN W 88 -12.55 0.97 -30.48
N ASN W 89 -11.56 1.84 -30.33
CA ASN W 89 -10.38 1.55 -29.49
C ASN W 89 -10.55 2.15 -28.10
N LYS W 90 -11.65 1.81 -27.43
CA LYS W 90 -11.86 2.29 -26.07
C LYS W 90 -10.96 1.57 -25.08
N VAL W 91 -10.61 0.32 -25.36
CA VAL W 91 -9.76 -0.43 -24.45
C VAL W 91 -8.37 0.18 -24.38
N LEU W 92 -7.82 0.57 -25.53
CA LEU W 92 -6.52 1.23 -25.63
C LEU W 92 -6.76 2.56 -26.34
N PRO W 93 -7.17 3.59 -25.59
CA PRO W 93 -7.63 4.82 -26.24
C PRO W 93 -6.49 5.61 -26.84
N TYR W 94 -6.75 6.18 -28.02
CA TYR W 94 -5.86 7.17 -28.62
C TYR W 94 -5.80 8.37 -27.70
N ILE W 95 -4.68 8.55 -26.99
CA ILE W 95 -4.61 9.53 -25.92
C ILE W 95 -4.41 10.91 -26.54
N SER W 96 -5.52 11.56 -26.90
CA SER W 96 -5.48 12.83 -27.62
C SER W 96 -6.87 13.48 -27.63
N GLU W 97 -6.95 14.73 -27.21
CA GLU W 97 -8.16 15.53 -27.35
C GLU W 97 -8.02 16.42 -28.58
N LEU W 98 -9.06 16.46 -29.40
CA LEU W 98 -8.97 17.00 -30.74
C LEU W 98 -9.98 18.11 -30.96
N LEU W 99 -9.62 19.03 -31.87
CA LEU W 99 -10.52 20.08 -32.35
C LEU W 99 -10.67 19.91 -33.86
N PHE W 100 -11.90 19.78 -34.32
CA PHE W 100 -12.20 19.57 -35.73
C PHE W 100 -12.94 20.79 -36.28
N GLY W 101 -12.37 21.39 -37.31
CA GLY W 101 -12.91 22.62 -37.86
C GLY W 101 -13.06 22.60 -39.36
N GLY W 102 -14.23 23.00 -39.86
CA GLY W 102 -14.48 23.04 -41.28
C GLY W 102 -15.67 23.92 -41.59
N VAL W 103 -15.96 24.07 -42.87
CA VAL W 103 -17.11 24.83 -43.34
C VAL W 103 -17.89 23.97 -44.34
N ASP W 104 -19.18 23.80 -44.09
CA ASP W 104 -20.09 23.10 -44.98
C ASP W 104 -21.12 24.08 -45.53
N GLU W 105 -22.02 23.55 -46.36
CA GLU W 105 -23.12 24.36 -46.88
C GLU W 105 -24.10 24.76 -45.78
N ASP W 106 -24.18 23.99 -44.70
CA ASP W 106 -24.99 24.39 -43.55
C ASP W 106 -24.38 25.60 -42.84
N GLY W 107 -23.07 25.78 -42.96
CA GLY W 107 -22.40 26.91 -42.35
C GLY W 107 -21.08 26.50 -41.73
N PRO W 108 -20.47 27.40 -40.96
CA PRO W 108 -19.23 27.05 -40.27
C PRO W 108 -19.50 26.09 -39.13
N LYS W 109 -18.62 25.09 -38.98
CA LYS W 109 -18.81 24.06 -37.98
C LYS W 109 -17.49 23.80 -37.26
N LEU W 110 -17.55 23.76 -35.94
CA LEU W 110 -16.40 23.49 -35.09
C LEU W 110 -16.77 22.39 -34.11
N PHE W 111 -15.82 21.51 -33.82
CA PHE W 111 -16.10 20.25 -33.15
C PHE W 111 -15.03 19.93 -32.13
N ILE W 112 -15.45 19.36 -31.00
CA ILE W 112 -14.55 18.94 -29.94
C ILE W 112 -14.66 17.42 -29.79
N LEU W 113 -13.52 16.74 -29.75
CA LEU W 113 -13.47 15.30 -29.65
C LEU W 113 -12.64 14.88 -28.45
N ASP W 114 -13.12 13.88 -27.72
CA ASP W 114 -12.44 13.29 -26.58
C ASP W 114 -11.77 11.99 -26.98
N PRO W 115 -10.80 11.50 -26.19
CA PRO W 115 -10.20 10.20 -26.51
C PRO W 115 -11.18 9.05 -26.49
N ILE W 116 -12.29 9.18 -25.76
CA ILE W 116 -13.36 8.18 -25.86
C ILE W 116 -14.11 8.34 -27.18
N GLY W 117 -14.33 9.58 -27.62
CA GLY W 117 -14.95 9.82 -28.90
C GLY W 117 -16.23 10.64 -28.84
N SER W 118 -16.37 11.47 -27.81
CA SER W 118 -17.56 12.29 -27.66
C SER W 118 -17.46 13.52 -28.56
N LEU W 119 -18.51 13.78 -29.34
CA LEU W 119 -18.55 14.89 -30.27
C LEU W 119 -19.32 16.05 -29.67
N ILE W 120 -18.71 17.23 -29.66
CA ILE W 120 -19.32 18.45 -29.12
C ILE W 120 -19.21 19.54 -30.18
N GLU W 121 -20.31 20.24 -30.41
CA GLU W 121 -20.33 21.41 -31.29
C GLU W 121 -20.44 22.67 -30.44
N ASP W 122 -19.40 23.50 -30.51
CA ASP W 122 -19.36 24.79 -29.80
C ASP W 122 -18.93 25.88 -30.76
N SER W 123 -18.81 27.10 -30.23
CA SER W 123 -18.30 28.23 -30.98
C SER W 123 -16.79 28.36 -30.78
N TYR W 124 -16.36 28.50 -29.53
CA TYR W 124 -14.96 28.74 -29.19
C TYR W 124 -14.52 27.65 -28.21
N ALA W 125 -13.28 27.21 -28.35
CA ALA W 125 -12.80 26.09 -27.55
C ALA W 125 -11.28 26.13 -27.47
N ALA W 126 -10.76 25.52 -26.41
CA ALA W 126 -9.34 25.24 -26.31
C ALA W 126 -9.14 23.86 -25.70
N VAL W 127 -7.97 23.27 -25.97
CA VAL W 127 -7.70 21.88 -25.66
C VAL W 127 -6.24 21.75 -25.26
N GLY W 128 -5.99 21.14 -24.10
CA GLY W 128 -4.64 20.80 -23.70
C GLY W 128 -4.23 21.35 -22.35
N SER W 129 -2.93 21.62 -22.19
CA SER W 129 -2.42 22.07 -20.90
C SER W 129 -2.91 23.47 -20.58
N GLY W 130 -2.55 24.45 -21.41
CA GLY W 130 -2.94 25.83 -21.20
C GLY W 130 -4.32 26.20 -21.66
N ALA W 131 -5.17 25.21 -21.97
CA ALA W 131 -6.50 25.50 -22.48
C ALA W 131 -7.32 26.31 -21.49
N ARG W 132 -7.20 25.98 -20.20
CA ARG W 132 -7.82 26.77 -19.14
C ARG W 132 -7.52 28.25 -19.30
N VAL W 133 -6.24 28.59 -19.44
CA VAL W 133 -5.83 29.98 -19.59
C VAL W 133 -6.43 30.58 -20.86
N ALA W 134 -6.36 29.83 -21.97
CA ALA W 134 -6.77 30.39 -23.26
C ALA W 134 -8.27 30.58 -23.33
N ILE W 135 -9.05 29.66 -22.77
CA ILE W 135 -10.51 29.83 -22.75
C ILE W 135 -10.89 31.03 -21.88
N GLY W 136 -10.08 31.33 -20.85
CA GLY W 136 -10.31 32.55 -20.10
C GLY W 136 -10.27 33.79 -20.98
N VAL W 137 -9.26 33.87 -21.85
CA VAL W 137 -9.16 35.00 -22.77
C VAL W 137 -10.36 35.00 -23.72
N LEU W 138 -10.75 33.82 -24.20
CA LEU W 138 -11.89 33.74 -25.11
C LEU W 138 -13.19 34.13 -24.41
N GLU W 139 -13.32 33.78 -23.12
CA GLU W 139 -14.54 34.11 -22.39
C GLU W 139 -14.65 35.60 -22.09
N ALA W 140 -13.52 36.33 -22.09
CA ALA W 140 -13.55 37.76 -21.82
C ALA W 140 -14.07 38.56 -23.00
N GLU W 141 -13.69 38.21 -24.23
CA GLU W 141 -13.73 39.14 -25.35
C GLU W 141 -14.37 38.55 -26.59
N TYR W 142 -15.24 37.55 -26.43
CA TYR W 142 -15.84 36.90 -27.59
C TYR W 142 -17.18 37.53 -27.92
N ASN W 143 -17.46 37.64 -29.22
CA ASN W 143 -18.80 37.95 -29.70
C ASN W 143 -19.13 37.04 -30.87
N GLU W 144 -20.43 36.87 -31.11
CA GLU W 144 -20.87 36.04 -32.22
C GLU W 144 -20.55 36.68 -33.58
N SER W 145 -20.45 38.00 -33.62
CA SER W 145 -20.21 38.74 -34.86
C SER W 145 -18.75 39.19 -34.90
N LEU W 146 -17.89 38.33 -35.44
CA LEU W 146 -16.49 38.63 -35.63
C LEU W 146 -16.14 38.56 -37.11
N THR W 147 -14.96 39.09 -37.45
CA THR W 147 -14.36 38.86 -38.76
C THR W 147 -13.21 37.86 -38.65
N SER W 148 -12.77 37.38 -39.82
CA SER W 148 -11.77 36.32 -39.85
C SER W 148 -10.43 36.81 -39.32
N GLU W 149 -10.00 38.01 -39.72
CA GLU W 149 -8.70 38.51 -39.30
C GLU W 149 -8.71 39.12 -37.91
N ALA W 150 -9.86 39.58 -37.43
CA ALA W 150 -9.98 39.96 -36.02
C ALA W 150 -9.93 38.72 -35.12
N ALA W 151 -10.50 37.61 -35.59
CA ALA W 151 -10.41 36.37 -34.82
C ALA W 151 -9.00 35.81 -34.84
N LYS W 152 -8.22 36.10 -35.89
CA LYS W 152 -6.81 35.76 -35.88
C LYS W 152 -6.08 36.48 -34.74
N GLU W 153 -6.37 37.76 -34.55
CA GLU W 153 -5.73 38.51 -33.47
C GLU W 153 -6.21 38.05 -32.10
N LEU W 154 -7.47 37.63 -31.99
CA LEU W 154 -7.94 37.07 -30.73
C LEU W 154 -7.25 35.75 -30.43
N ALA W 155 -6.99 34.94 -31.45
CA ALA W 155 -6.29 33.68 -31.23
C ALA W 155 -4.83 33.92 -30.87
N ILE W 156 -4.22 34.98 -31.39
CA ILE W 156 -2.85 35.32 -31.03
C ILE W 156 -2.78 35.82 -29.58
N LYS W 157 -3.77 36.60 -29.16
CA LYS W 157 -3.79 37.09 -27.78
C LYS W 157 -4.00 35.95 -26.79
N SER W 158 -4.91 35.02 -27.10
CA SER W 158 -5.21 33.94 -26.18
C SER W 158 -4.06 32.94 -26.10
N MET W 159 -3.46 32.60 -27.25
CA MET W 159 -2.30 31.72 -27.23
C MET W 159 -1.10 32.37 -26.56
N LYS W 160 -0.94 33.69 -26.68
CA LYS W 160 0.17 34.37 -26.02
C LYS W 160 -0.01 34.37 -24.51
N SER W 161 -1.25 34.51 -24.04
CA SER W 161 -1.51 34.37 -22.62
C SER W 161 -1.18 32.97 -22.13
N ALA W 162 -1.51 31.95 -22.93
CA ALA W 162 -1.19 30.58 -22.55
C ALA W 162 0.31 30.30 -22.63
N VAL W 163 1.03 31.03 -23.47
CA VAL W 163 2.49 30.87 -23.52
C VAL W 163 3.12 31.42 -22.25
N GLU W 164 2.65 32.59 -21.80
CA GLU W 164 3.24 33.23 -20.62
C GLU W 164 2.87 32.54 -19.32
N ARG W 165 1.80 31.73 -19.30
CA ARG W 165 1.29 31.19 -18.04
C ARG W 165 1.16 29.66 -18.03
N ASP W 166 1.63 28.98 -19.07
CA ASP W 166 1.64 27.52 -19.08
C ASP W 166 3.04 27.02 -19.39
N VAL W 167 3.54 26.09 -18.58
CA VAL W 167 4.90 25.59 -18.73
C VAL W 167 5.04 24.63 -19.90
N MET W 168 3.94 24.01 -20.33
CA MET W 168 3.99 22.99 -21.36
C MET W 168 3.83 23.56 -22.76
N SER W 169 3.36 24.80 -22.88
CA SER W 169 3.23 25.49 -24.15
C SER W 169 4.39 26.45 -24.37
N GLY W 170 4.45 27.00 -25.58
CA GLY W 170 5.48 27.96 -25.92
C GLY W 170 5.50 28.31 -27.40
N THR X 2 22.54 8.69 -25.16
CA THR X 2 22.96 9.97 -25.72
C THR X 2 23.23 9.84 -27.23
N ALA X 3 22.60 10.70 -28.01
CA ALA X 3 22.80 10.72 -29.45
C ALA X 3 22.39 12.10 -29.98
N ILE X 4 23.21 12.64 -30.88
CA ILE X 4 23.07 14.02 -31.32
C ILE X 4 23.05 14.07 -32.84
N GLY X 5 22.07 14.75 -33.40
CA GLY X 5 22.05 15.09 -34.82
C GLY X 5 22.04 16.59 -35.00
N ILE X 6 22.83 17.07 -35.95
CA ILE X 6 22.93 18.50 -36.25
C ILE X 6 22.70 18.71 -37.73
N LYS X 7 21.77 19.60 -38.06
CA LYS X 7 21.41 19.93 -39.44
C LYS X 7 22.21 21.15 -39.89
N THR X 8 23.03 20.98 -40.92
CA THR X 8 23.81 22.08 -41.48
C THR X 8 23.18 22.59 -42.77
N LYS X 9 24.02 23.07 -43.70
CA LYS X 9 23.54 23.58 -44.97
C LYS X 9 22.86 22.47 -45.76
N ASP X 10 23.63 21.51 -46.25
CA ASP X 10 23.11 20.38 -47.01
C ASP X 10 23.79 19.10 -46.56
N GLY X 11 23.58 18.75 -45.28
CA GLY X 11 24.18 17.55 -44.72
C GLY X 11 23.78 17.34 -43.27
N VAL X 12 23.55 16.07 -42.90
CA VAL X 12 23.15 15.70 -41.55
C VAL X 12 24.34 15.02 -40.87
N VAL X 13 24.64 15.43 -39.65
CA VAL X 13 25.75 14.87 -38.87
C VAL X 13 25.14 14.17 -37.65
N LEU X 14 25.44 12.88 -37.49
CA LEU X 14 24.98 12.11 -36.35
C LEU X 14 26.16 11.62 -35.52
N ALA X 15 25.94 11.53 -34.21
CA ALA X 15 26.96 11.07 -33.28
C ALA X 15 26.28 10.58 -32.02
N ALA X 16 26.83 9.52 -31.42
CA ALA X 16 26.27 8.98 -30.19
C ALA X 16 27.36 8.28 -29.39
N GLU X 17 26.99 7.85 -28.19
CA GLU X 17 27.91 7.21 -27.27
C GLU X 17 28.26 5.81 -27.74
N ARG X 18 29.13 5.14 -26.97
CA ARG X 18 29.44 3.73 -27.16
C ARG X 18 29.53 3.06 -25.79
N ARG X 19 28.54 3.32 -24.94
CA ARG X 19 28.55 2.84 -23.55
C ARG X 19 27.22 2.19 -23.21
N LEU X 20 27.29 1.00 -22.61
CA LEU X 20 26.12 0.30 -22.10
C LEU X 20 26.36 -0.07 -20.64
N SER X 21 25.43 0.35 -19.77
CA SER X 21 25.51 0.04 -18.35
C SER X 21 24.12 -0.36 -17.89
N TYR X 22 23.99 -1.57 -17.35
CA TYR X 22 22.76 -2.01 -16.70
C TYR X 22 22.88 -1.78 -15.20
N GLY X 23 21.92 -1.06 -14.63
CA GLY X 23 21.95 -0.77 -13.21
C GLY X 23 22.97 0.30 -12.91
N ASP X 24 23.87 0.00 -11.97
CA ASP X 24 24.98 0.89 -11.65
C ASP X 24 26.33 0.36 -12.15
N PHE X 25 26.32 -0.64 -13.03
CA PHE X 25 27.53 -1.36 -13.40
C PHE X 25 27.66 -1.38 -14.92
N VAL X 26 28.85 -1.02 -15.41
CA VAL X 26 29.11 -1.00 -16.84
C VAL X 26 29.43 -2.42 -17.30
N LEU X 27 28.61 -2.94 -18.22
CA LEU X 27 28.90 -4.25 -18.81
C LEU X 27 29.86 -4.16 -19.99
N SER X 28 29.83 -3.06 -20.75
CA SER X 28 30.63 -2.98 -21.97
C SER X 28 31.04 -1.53 -22.23
N LYS X 29 32.32 -1.35 -22.57
CA LYS X 29 32.84 -0.06 -23.01
C LYS X 29 32.67 0.15 -24.52
N SER X 30 32.18 -0.85 -25.25
CA SER X 30 32.06 -0.77 -26.71
C SER X 30 30.70 -1.35 -27.11
N ALA X 31 29.67 -0.50 -27.10
CA ALA X 31 28.34 -0.87 -27.56
C ALA X 31 27.91 0.13 -28.64
N ARG X 32 27.84 -0.35 -29.89
CA ARG X 32 27.53 0.52 -31.01
C ARG X 32 26.07 0.97 -30.96
N LYS X 33 25.85 2.28 -30.95
CA LYS X 33 24.51 2.84 -30.98
C LYS X 33 24.25 3.69 -32.22
N VAL X 34 25.18 3.72 -33.17
CA VAL X 34 25.00 4.41 -34.45
C VAL X 34 25.11 3.38 -35.56
N PHE X 35 24.16 3.40 -36.49
CA PHE X 35 24.09 2.43 -37.57
C PHE X 35 23.85 3.16 -38.89
N LYS X 36 24.46 2.63 -39.96
CA LYS X 36 24.39 3.24 -41.28
C LYS X 36 23.50 2.39 -42.18
N LEU X 37 22.61 3.04 -42.92
CA LEU X 37 21.75 2.37 -43.91
C LEU X 37 21.87 3.13 -45.23
N GLY X 38 22.88 2.77 -46.02
CA GLY X 38 22.95 3.20 -47.41
C GLY X 38 23.13 4.69 -47.61
N ARG X 39 22.09 5.35 -48.13
CA ARG X 39 22.09 6.79 -48.36
C ARG X 39 22.04 7.59 -47.07
N PHE X 40 21.75 6.95 -45.93
CA PHE X 40 21.50 7.66 -44.68
C PHE X 40 21.83 6.73 -43.52
N GLY X 41 21.45 7.15 -42.31
CA GLY X 41 21.80 6.42 -41.11
C GLY X 41 20.94 6.84 -39.95
N ILE X 42 20.86 5.96 -38.95
CA ILE X 42 20.06 6.19 -37.76
C ILE X 42 20.92 5.96 -36.52
N ALA X 43 20.48 6.54 -35.41
CA ALA X 43 21.13 6.36 -34.12
C ALA X 43 20.16 6.75 -33.02
N GLY X 44 20.05 5.93 -31.99
CA GLY X 44 19.10 6.17 -30.92
C GLY X 44 19.64 5.72 -29.59
N ALA X 45 18.80 5.85 -28.56
CA ALA X 45 19.16 5.48 -27.20
C ALA X 45 18.00 4.74 -26.56
N GLY X 46 18.32 3.98 -25.52
CA GLY X 46 17.34 3.13 -24.87
C GLY X 46 17.86 1.72 -24.67
N ILE X 47 16.97 0.73 -24.76
CA ILE X 47 17.42 -0.66 -24.73
C ILE X 47 18.13 -0.99 -26.03
N VAL X 48 19.25 -1.71 -25.93
CA VAL X 48 20.09 -1.94 -27.10
C VAL X 48 19.43 -2.93 -28.04
N GLY X 49 18.73 -3.93 -27.49
CA GLY X 49 18.15 -4.96 -28.34
C GLY X 49 17.04 -4.44 -29.22
N ASP X 50 16.24 -3.51 -28.70
CA ASP X 50 15.22 -2.88 -29.52
C ASP X 50 15.83 -2.06 -30.66
N ILE X 51 16.91 -1.34 -30.38
CA ILE X 51 17.56 -0.53 -31.41
C ILE X 51 18.20 -1.41 -32.46
N GLN X 52 18.85 -2.51 -32.04
CA GLN X 52 19.51 -3.38 -33.01
C GLN X 52 18.52 -4.08 -33.92
N THR X 53 17.42 -4.58 -33.36
CA THR X 53 16.40 -5.23 -34.19
C THR X 53 15.67 -4.25 -35.09
N LEU X 54 15.62 -2.97 -34.72
CA LEU X 54 15.02 -1.96 -35.59
C LEU X 54 15.95 -1.55 -36.71
N THR X 55 17.26 -1.56 -36.48
CA THR X 55 18.20 -1.33 -37.58
C THR X 55 18.11 -2.45 -38.61
N ARG X 56 17.93 -3.69 -38.15
CA ARG X 56 17.91 -4.83 -39.05
C ARG X 56 16.59 -4.93 -39.80
N ILE X 57 15.47 -4.71 -39.10
CA ILE X 57 14.16 -4.72 -39.75
C ILE X 57 14.07 -3.60 -40.77
N MET X 58 14.51 -2.39 -40.39
CA MET X 58 14.46 -1.27 -41.32
C MET X 58 15.40 -1.48 -42.50
N ASN X 59 16.53 -2.15 -42.28
CA ASN X 59 17.41 -2.49 -43.39
C ASN X 59 16.73 -3.44 -44.38
N VAL X 60 15.96 -4.40 -43.85
CA VAL X 60 15.26 -5.35 -44.71
C VAL X 60 14.23 -4.63 -45.57
N GLU X 61 13.42 -3.76 -44.96
CA GLU X 61 12.34 -3.11 -45.67
C GLU X 61 12.81 -1.95 -46.55
N ILE X 62 13.98 -1.38 -46.26
CA ILE X 62 14.61 -0.48 -47.23
C ILE X 62 14.97 -1.22 -48.50
N LYS X 63 15.52 -2.43 -48.35
CA LYS X 63 15.78 -3.26 -49.52
C LYS X 63 14.50 -3.73 -50.18
N TYR X 64 13.44 -3.91 -49.38
CA TYR X 64 12.13 -4.25 -49.93
C TYR X 64 11.62 -3.15 -50.86
N TYR X 65 11.58 -1.91 -50.37
CA TYR X 65 11.09 -0.80 -51.17
C TYR X 65 12.01 -0.52 -52.36
N GLU X 66 13.32 -0.66 -52.19
CA GLU X 66 14.25 -0.31 -53.25
C GLU X 66 14.21 -1.32 -54.39
N MET X 67 13.92 -2.59 -54.09
CA MET X 67 13.78 -3.61 -55.11
C MET X 67 12.41 -3.57 -55.77
N ILE X 73 14.17 6.02 -53.03
CA ILE X 73 13.85 6.08 -51.62
C ILE X 73 13.97 7.52 -51.11
N SER X 74 13.08 7.91 -50.21
CA SER X 74 13.12 9.21 -49.56
C SER X 74 13.25 9.01 -48.06
N ALA X 75 13.64 10.09 -47.37
CA ALA X 75 13.79 10.01 -45.91
C ALA X 75 12.46 10.19 -45.21
N ARG X 76 11.55 10.99 -45.77
CA ARG X 76 10.22 11.12 -45.19
C ARG X 76 9.46 9.80 -45.26
N ALA X 77 9.66 9.03 -46.35
CA ALA X 77 8.96 7.76 -46.49
C ALA X 77 9.46 6.73 -45.49
N ALA X 78 10.79 6.66 -45.31
CA ALA X 78 11.35 5.72 -44.34
C ALA X 78 11.02 6.14 -42.92
N ALA X 79 10.84 7.43 -42.67
CA ALA X 79 10.47 7.89 -41.33
C ALA X 79 9.03 7.53 -41.01
N LYS X 80 8.12 7.75 -41.96
CA LYS X 80 6.72 7.38 -41.73
C LYS X 80 6.57 5.87 -41.61
N LEU X 81 7.37 5.11 -42.36
CA LEU X 81 7.41 3.67 -42.18
C LEU X 81 7.84 3.30 -40.77
N LEU X 82 8.92 3.93 -40.28
CA LEU X 82 9.43 3.59 -38.96
C LEU X 82 8.48 4.06 -37.87
N SER X 83 7.72 5.13 -38.14
CA SER X 83 6.71 5.56 -37.18
C SER X 83 5.56 4.56 -37.10
N VAL X 84 5.21 3.93 -38.23
CA VAL X 84 4.16 2.92 -38.23
C VAL X 84 4.68 1.63 -37.59
N ILE X 85 5.94 1.30 -37.82
CA ILE X 85 6.52 0.10 -37.22
C ILE X 85 6.58 0.24 -35.70
N LEU X 86 6.93 1.44 -35.23
CA LEU X 86 6.88 1.69 -33.78
C LEU X 86 5.46 1.72 -33.26
N TYR X 87 4.50 2.13 -34.10
CA TYR X 87 3.15 2.39 -33.60
C TYR X 87 2.28 1.15 -33.60
N GLN X 88 2.54 0.19 -34.49
CA GLN X 88 1.76 -1.05 -34.50
C GLN X 88 1.98 -1.82 -33.21
N ASN X 89 3.17 -1.75 -32.63
CA ASN X 89 3.48 -2.39 -31.35
C ASN X 89 3.34 -1.40 -30.20
N LYS X 90 2.18 -0.74 -30.10
CA LYS X 90 1.96 0.18 -28.99
C LYS X 90 1.74 -0.57 -27.69
N VAL X 91 1.17 -1.76 -27.74
CA VAL X 91 0.92 -2.54 -26.53
C VAL X 91 2.23 -2.95 -25.88
N LEU X 92 3.18 -3.39 -26.70
CA LEU X 92 4.53 -3.78 -26.25
C LEU X 92 5.51 -2.89 -27.00
N PRO X 93 5.74 -1.67 -26.51
CA PRO X 93 6.49 -0.70 -27.31
C PRO X 93 7.98 -1.03 -27.36
N TYR X 94 8.56 -0.83 -28.54
CA TYR X 94 10.01 -0.86 -28.69
C TYR X 94 10.61 0.26 -27.85
N ILE X 95 11.22 -0.08 -26.72
CA ILE X 95 11.62 0.94 -25.75
C ILE X 95 12.91 1.58 -26.24
N SER X 96 12.77 2.60 -27.08
CA SER X 96 13.91 3.24 -27.73
C SER X 96 13.47 4.54 -28.38
N GLU X 97 14.18 5.63 -28.08
CA GLU X 97 14.00 6.90 -28.77
C GLU X 97 15.09 7.02 -29.83
N LEU X 98 14.69 7.43 -31.03
CA LEU X 98 15.54 7.30 -32.21
C LEU X 98 15.73 8.64 -32.90
N LEU X 99 16.87 8.78 -33.58
CA LEU X 99 17.15 9.92 -34.44
C LEU X 99 17.36 9.41 -35.86
N PHE X 100 16.59 9.94 -36.80
CA PHE X 100 16.64 9.52 -38.20
C PHE X 100 17.17 10.68 -39.03
N GLY X 101 18.27 10.44 -39.74
CA GLY X 101 18.93 11.49 -40.48
C GLY X 101 19.29 11.09 -41.90
N GLY X 102 18.94 11.94 -42.86
CA GLY X 102 19.25 11.66 -44.25
C GLY X 102 19.18 12.93 -45.08
N VAL X 103 19.51 12.78 -46.36
CA VAL X 103 19.43 13.86 -47.32
C VAL X 103 18.66 13.38 -48.54
N ASP X 104 17.62 14.12 -48.91
CA ASP X 104 16.82 13.87 -50.10
C ASP X 104 17.02 15.01 -51.10
N GLU X 105 16.32 14.92 -52.23
CA GLU X 105 16.37 16.00 -53.20
C GLU X 105 15.71 17.27 -52.67
N ASP X 106 14.79 17.14 -51.72
CA ASP X 106 14.23 18.31 -51.06
C ASP X 106 15.26 18.99 -50.16
N GLY X 107 16.24 18.23 -49.68
CA GLY X 107 17.30 18.79 -48.85
C GLY X 107 17.65 17.88 -47.68
N PRO X 108 18.45 18.40 -46.76
CA PRO X 108 18.78 17.61 -45.56
C PRO X 108 17.58 17.52 -44.62
N LYS X 109 17.39 16.33 -44.05
CA LYS X 109 16.25 16.06 -43.20
C LYS X 109 16.69 15.29 -41.97
N LEU X 110 16.24 15.74 -40.80
CA LEU X 110 16.55 15.09 -39.53
C LEU X 110 15.25 14.88 -38.77
N PHE X 111 15.16 13.73 -38.09
CA PHE X 111 13.88 13.25 -37.59
C PHE X 111 14.05 12.64 -36.20
N ILE X 112 13.07 12.86 -35.34
CA ILE X 112 13.03 12.30 -33.99
C ILE X 112 11.84 11.37 -33.89
N LEU X 113 12.06 10.18 -33.34
CA LEU X 113 11.02 9.16 -33.20
C LEU X 113 10.94 8.74 -31.75
N ASP X 114 9.71 8.59 -31.26
CA ASP X 114 9.41 8.13 -29.91
C ASP X 114 9.02 6.66 -29.93
N PRO X 115 9.07 5.99 -28.78
CA PRO X 115 8.64 4.58 -28.74
C PRO X 115 7.19 4.39 -29.15
N ILE X 116 6.35 5.41 -29.01
CA ILE X 116 5.01 5.34 -29.56
C ILE X 116 5.04 5.50 -31.08
N GLY X 117 5.91 6.37 -31.58
CA GLY X 117 6.07 6.52 -33.01
C GLY X 117 5.82 7.91 -33.55
N SER X 118 6.00 8.94 -32.72
CA SER X 118 5.76 10.31 -33.16
C SER X 118 6.97 10.83 -33.94
N LEU X 119 6.70 11.39 -35.12
CA LEU X 119 7.73 11.91 -36.01
C LEU X 119 7.81 13.43 -35.87
N ILE X 120 9.01 13.94 -35.63
CA ILE X 120 9.23 15.38 -35.47
C ILE X 120 10.38 15.80 -36.38
N GLU X 121 10.18 16.87 -37.14
CA GLU X 121 11.19 17.41 -38.04
C GLU X 121 11.85 18.62 -37.38
N ASP X 122 13.15 18.53 -37.12
CA ASP X 122 13.89 19.62 -36.48
C ASP X 122 15.36 19.43 -36.80
N SER X 123 16.16 20.43 -36.42
CA SER X 123 17.60 20.38 -36.67
C SER X 123 18.34 19.75 -35.51
N TYR X 124 19.12 20.54 -34.78
CA TYR X 124 19.88 19.99 -33.66
C TYR X 124 18.96 19.49 -32.56
N ALA X 125 19.28 18.32 -32.01
CA ALA X 125 18.50 17.72 -30.93
C ALA X 125 19.17 16.45 -30.40
N ALA X 126 19.40 16.40 -29.10
CA ALA X 126 19.93 15.20 -28.47
C ALA X 126 18.80 14.27 -28.03
N VAL X 127 19.16 13.09 -27.57
CA VAL X 127 18.22 12.02 -27.18
C VAL X 127 18.91 11.06 -26.22
N GLY X 128 18.26 10.77 -25.09
CA GLY X 128 18.76 9.80 -24.14
C GLY X 128 18.94 10.39 -22.75
N SER X 129 19.89 9.82 -22.01
CA SER X 129 20.12 10.22 -20.63
C SER X 129 20.70 11.63 -20.54
N GLY X 130 21.88 11.83 -21.12
CA GLY X 130 22.54 13.12 -21.08
C GLY X 130 22.07 14.11 -22.11
N ALA X 131 20.93 13.85 -22.75
CA ALA X 131 20.43 14.72 -23.81
C ALA X 131 20.18 16.13 -23.29
N ARG X 132 19.64 16.23 -22.08
CA ARG X 132 19.47 17.53 -21.42
C ARG X 132 20.75 18.34 -21.46
N VAL X 133 21.86 17.75 -21.00
CA VAL X 133 23.14 18.43 -20.98
C VAL X 133 23.59 18.79 -22.39
N ALA X 134 23.49 17.85 -23.32
CA ALA X 134 24.06 18.03 -24.65
C ALA X 134 23.30 19.09 -25.45
N ILE X 135 21.97 19.13 -25.33
CA ILE X 135 21.21 20.16 -26.03
C ILE X 135 21.55 21.55 -25.49
N GLY X 136 21.93 21.64 -24.20
CA GLY X 136 22.42 22.90 -23.68
C GLY X 136 23.58 23.46 -24.48
N VAL X 137 24.55 22.60 -24.79
CA VAL X 137 25.69 23.04 -25.60
C VAL X 137 25.22 23.45 -26.98
N LEU X 138 24.28 22.70 -27.57
CA LEU X 138 23.78 23.01 -28.89
C LEU X 138 23.00 24.32 -28.90
N GLU X 139 22.25 24.60 -27.83
CA GLU X 139 21.48 25.83 -27.77
C GLU X 139 22.34 27.07 -27.57
N ALA X 140 23.61 26.89 -27.18
CA ALA X 140 24.51 28.02 -26.98
C ALA X 140 25.16 28.48 -28.27
N GLU X 141 25.57 27.54 -29.13
CA GLU X 141 26.36 27.86 -30.31
C GLU X 141 25.53 27.63 -31.56
N TYR X 142 24.29 28.09 -31.54
CA TYR X 142 23.36 27.92 -32.65
C TYR X 142 23.83 28.65 -33.89
N ASN X 143 23.73 27.98 -35.04
CA ASN X 143 23.66 28.62 -36.35
C ASN X 143 22.89 27.71 -37.28
N GLU X 144 22.05 28.32 -38.13
CA GLU X 144 21.54 27.60 -39.31
C GLU X 144 22.62 27.46 -40.38
N SER X 145 23.58 28.38 -40.41
CA SER X 145 24.62 28.38 -41.44
C SER X 145 25.91 27.83 -40.82
N LEU X 146 26.06 26.51 -40.90
CA LEU X 146 27.25 25.80 -40.43
C LEU X 146 27.88 25.05 -41.60
N THR X 147 29.10 24.58 -41.37
CA THR X 147 29.73 23.60 -42.24
C THR X 147 29.69 22.22 -41.59
N SER X 148 29.98 21.20 -42.39
CA SER X 148 29.85 19.83 -41.92
C SER X 148 30.87 19.51 -40.83
N GLU X 149 32.12 19.93 -41.01
CA GLU X 149 33.16 19.60 -40.05
C GLU X 149 33.17 20.53 -38.84
N ALA X 150 32.63 21.74 -38.97
CA ALA X 150 32.41 22.57 -37.78
C ALA X 150 31.29 22.00 -36.92
N ALA X 151 30.26 21.42 -37.55
CA ALA X 151 29.21 20.75 -36.78
C ALA X 151 29.71 19.47 -36.16
N LYS X 152 30.72 18.83 -36.76
CA LYS X 152 31.39 17.71 -36.12
C LYS X 152 32.02 18.15 -34.80
N GLU X 153 32.69 19.30 -34.82
CA GLU X 153 33.34 19.81 -33.61
C GLU X 153 32.31 20.25 -32.58
N LEU X 154 31.17 20.79 -33.03
CA LEU X 154 30.09 21.11 -32.11
C LEU X 154 29.50 19.86 -31.49
N ALA X 155 29.38 18.78 -32.27
CA ALA X 155 28.85 17.53 -31.74
C ALA X 155 29.83 16.89 -30.76
N ILE X 156 31.14 17.07 -30.99
CA ILE X 156 32.13 16.55 -30.06
C ILE X 156 32.13 17.35 -28.76
N LYS X 157 31.94 18.68 -28.86
CA LYS X 157 31.88 19.49 -27.65
C LYS X 157 30.65 19.16 -26.81
N SER X 158 29.50 18.99 -27.48
CA SER X 158 28.26 18.72 -26.75
C SER X 158 28.27 17.31 -26.16
N MET X 159 28.75 16.32 -26.92
CA MET X 159 28.87 14.97 -26.39
C MET X 159 29.90 14.89 -25.28
N LYS X 160 30.97 15.69 -25.35
CA LYS X 160 31.97 15.68 -24.29
C LYS X 160 31.42 16.29 -23.01
N SER X 161 30.58 17.32 -23.14
CA SER X 161 29.90 17.85 -21.97
C SER X 161 28.98 16.81 -21.33
N ALA X 162 28.27 16.03 -22.17
CA ALA X 162 27.41 14.98 -21.64
C ALA X 162 28.21 13.83 -21.04
N VAL X 163 29.44 13.62 -21.51
CA VAL X 163 30.27 12.58 -20.92
C VAL X 163 30.69 12.98 -19.50
N GLU X 164 31.08 14.24 -19.31
CA GLU X 164 31.58 14.70 -18.02
C GLU X 164 30.48 14.87 -16.97
N ARG X 165 29.21 14.99 -17.38
CA ARG X 165 28.15 15.32 -16.45
C ARG X 165 26.98 14.34 -16.46
N ASP X 166 27.09 13.22 -17.18
CA ASP X 166 26.08 12.18 -17.13
C ASP X 166 26.76 10.85 -16.82
N VAL X 167 26.23 10.13 -15.83
CA VAL X 167 26.87 8.90 -15.39
C VAL X 167 26.63 7.75 -16.36
N MET X 168 25.59 7.83 -17.19
CA MET X 168 25.24 6.78 -18.15
C MET X 168 25.71 7.14 -19.55
N SER X 169 26.93 7.66 -19.69
CA SER X 169 27.45 8.04 -21.00
C SER X 169 28.96 8.23 -20.91
N GLY X 170 29.60 8.09 -22.06
CA GLY X 170 31.04 8.27 -22.21
C GLY X 170 31.83 7.06 -22.64
N ASP X 171 33.15 7.13 -22.46
CA ASP X 171 34.11 6.07 -22.83
C ASP X 171 33.77 5.44 -24.18
N GLY X 172 33.93 6.22 -25.25
CA GLY X 172 33.63 5.78 -26.61
C GLY X 172 32.62 6.70 -27.26
N ILE X 173 32.91 7.07 -28.51
CA ILE X 173 32.09 7.98 -29.29
C ILE X 173 32.29 7.74 -30.78
N ASP X 174 31.27 7.25 -31.46
CA ASP X 174 31.33 7.00 -32.89
C ASP X 174 30.42 7.97 -33.63
N ILE X 175 30.88 8.41 -34.81
CA ILE X 175 30.28 9.50 -35.55
C ILE X 175 30.08 9.07 -36.99
N LEU X 176 28.88 9.31 -37.53
CA LEU X 176 28.61 9.12 -38.94
C LEU X 176 28.27 10.46 -39.59
N ILE X 177 28.80 10.68 -40.79
CA ILE X 177 28.57 11.89 -41.57
C ILE X 177 27.71 11.53 -42.76
N ILE X 178 26.62 12.26 -42.95
CA ILE X 178 25.69 11.96 -44.03
C ILE X 178 25.74 13.10 -45.06
N ASN X 179 26.95 13.62 -45.29
CA ASN X 179 27.19 14.37 -46.52
C ASN X 179 27.05 13.45 -47.74
N LYS X 180 27.59 12.24 -47.64
CA LYS X 180 27.60 11.30 -48.75
C LYS X 180 27.47 9.86 -48.25
N THR Y 2 28.72 -16.26 -12.64
CA THR Y 2 30.05 -15.81 -13.04
C THR Y 2 30.59 -16.59 -14.23
N ALA Y 3 31.00 -15.86 -15.25
CA ALA Y 3 31.57 -16.44 -16.45
C ALA Y 3 32.42 -15.38 -17.14
N ILE Y 4 33.59 -15.77 -17.63
CA ILE Y 4 34.59 -14.83 -18.13
C ILE Y 4 35.02 -15.26 -19.51
N GLY Y 5 35.01 -14.32 -20.45
CA GLY Y 5 35.61 -14.52 -21.75
C GLY Y 5 36.73 -13.52 -21.99
N ILE Y 6 37.83 -14.01 -22.56
CA ILE Y 6 39.00 -13.19 -22.84
C ILE Y 6 39.37 -13.38 -24.31
N LYS Y 7 39.47 -12.28 -25.04
CA LYS Y 7 39.79 -12.31 -26.47
C LYS Y 7 41.29 -12.14 -26.65
N THR Y 8 41.94 -13.14 -27.22
CA THR Y 8 43.34 -13.09 -27.59
C THR Y 8 43.48 -13.08 -29.10
N LYS Y 9 44.65 -12.64 -29.56
CA LYS Y 9 44.97 -12.76 -30.99
C LYS Y 9 45.10 -14.22 -31.41
N ASP Y 10 45.38 -15.12 -30.47
CA ASP Y 10 45.44 -16.54 -30.77
C ASP Y 10 44.04 -17.15 -30.89
N GLY Y 11 43.24 -17.00 -29.84
CA GLY Y 11 41.89 -17.51 -29.85
C GLY Y 11 41.06 -16.87 -28.76
N VAL Y 12 39.99 -17.57 -28.38
CA VAL Y 12 39.05 -17.10 -27.37
C VAL Y 12 39.03 -18.10 -26.23
N VAL Y 13 39.12 -17.59 -25.00
CA VAL Y 13 39.14 -18.40 -23.79
C VAL Y 13 37.88 -18.11 -22.99
N LEU Y 14 37.15 -19.16 -22.62
CA LEU Y 14 35.96 -19.04 -21.79
C LEU Y 14 36.15 -19.82 -20.50
N ALA Y 15 35.58 -19.31 -19.42
CA ALA Y 15 35.68 -19.95 -18.11
C ALA Y 15 34.53 -19.46 -17.25
N ALA Y 16 33.99 -20.37 -16.43
CA ALA Y 16 32.90 -20.02 -15.53
C ALA Y 16 32.92 -20.95 -14.31
N GLU Y 17 32.03 -20.63 -13.37
CA GLU Y 17 31.91 -21.35 -12.11
C GLU Y 17 31.30 -22.73 -12.35
N ARG Y 18 31.18 -23.49 -11.26
CA ARG Y 18 30.44 -24.75 -11.24
C ARG Y 18 29.64 -24.85 -9.95
N ARG Y 19 28.96 -23.77 -9.58
CA ARG Y 19 28.23 -23.68 -8.33
C ARG Y 19 26.83 -23.13 -8.57
N LEU Y 20 25.83 -23.80 -8.01
CA LEU Y 20 24.45 -23.34 -8.07
C LEU Y 20 23.88 -23.28 -6.65
N SER Y 21 23.33 -22.12 -6.29
CA SER Y 21 22.73 -21.93 -4.98
C SER Y 21 21.42 -21.18 -5.15
N TYR Y 22 20.32 -21.79 -4.69
CA TYR Y 22 19.04 -21.10 -4.59
C TYR Y 22 18.88 -20.53 -3.19
N GLY Y 23 18.61 -19.23 -3.12
CA GLY Y 23 18.46 -18.58 -1.83
C GLY Y 23 19.80 -18.37 -1.17
N ASP Y 24 19.93 -18.83 0.07
CA ASP Y 24 21.20 -18.82 0.79
C ASP Y 24 21.82 -20.21 0.92
N PHE Y 25 21.34 -21.19 0.15
CA PHE Y 25 21.71 -22.59 0.37
C PHE Y 25 22.21 -23.19 -0.94
N VAL Y 26 23.35 -23.87 -0.88
CA VAL Y 26 23.95 -24.51 -2.05
C VAL Y 26 23.26 -25.86 -2.25
N LEU Y 27 22.62 -26.02 -3.41
CA LEU Y 27 22.04 -27.30 -3.77
C LEU Y 27 23.04 -28.26 -4.41
N SER Y 28 24.02 -27.76 -5.15
CA SER Y 28 24.92 -28.62 -5.90
C SER Y 28 26.31 -28.00 -6.02
N LYS Y 29 27.33 -28.82 -5.79
CA LYS Y 29 28.71 -28.41 -6.00
C LYS Y 29 29.19 -28.62 -7.43
N SER Y 30 28.37 -29.23 -8.29
CA SER Y 30 28.76 -29.53 -9.67
C SER Y 30 27.59 -29.19 -10.60
N ALA Y 31 27.54 -27.93 -11.03
CA ALA Y 31 26.55 -27.47 -11.99
C ALA Y 31 27.29 -26.84 -13.16
N ARG Y 32 27.24 -27.50 -14.31
CA ARG Y 32 27.97 -27.06 -15.49
C ARG Y 32 27.35 -25.78 -16.05
N LYS Y 33 28.15 -24.73 -16.15
CA LYS Y 33 27.71 -23.47 -16.76
C LYS Y 33 28.52 -23.11 -17.99
N VAL Y 34 29.39 -24.00 -18.44
CA VAL Y 34 30.13 -23.85 -19.68
C VAL Y 34 29.76 -25.03 -20.57
N PHE Y 35 29.42 -24.75 -21.82
CA PHE Y 35 28.95 -25.80 -22.72
C PHE Y 35 29.67 -25.72 -24.06
N LYS Y 36 29.67 -26.86 -24.74
CA LYS Y 36 30.55 -27.14 -25.86
C LYS Y 36 29.71 -27.39 -27.10
N LEU Y 37 29.94 -26.61 -28.16
CA LEU Y 37 29.11 -26.71 -29.35
C LEU Y 37 29.96 -27.01 -30.58
N GLY Y 38 30.76 -28.06 -30.51
CA GLY Y 38 31.64 -28.42 -31.60
C GLY Y 38 32.76 -27.40 -31.76
N ARG Y 39 32.65 -26.55 -32.78
CA ARG Y 39 33.60 -25.48 -33.01
C ARG Y 39 33.19 -24.18 -32.32
N PHE Y 40 32.07 -24.17 -31.63
CA PHE Y 40 31.63 -23.04 -30.83
C PHE Y 40 31.63 -23.39 -29.35
N GLY Y 41 31.65 -22.35 -28.52
CA GLY Y 41 31.51 -22.50 -27.09
C GLY Y 41 30.73 -21.36 -26.48
N ILE Y 42 29.75 -21.66 -25.63
CA ILE Y 42 29.01 -20.63 -24.92
C ILE Y 42 29.06 -20.92 -23.42
N ALA Y 43 28.84 -19.86 -22.64
CA ALA Y 43 28.77 -19.96 -21.19
C ALA Y 43 28.09 -18.72 -20.65
N GLY Y 44 27.14 -18.91 -19.73
CA GLY Y 44 26.37 -17.79 -19.21
C GLY Y 44 26.03 -17.99 -17.75
N ALA Y 45 25.26 -17.04 -17.22
CA ALA Y 45 24.85 -17.07 -15.82
C ALA Y 45 23.38 -16.69 -15.74
N GLY Y 46 22.75 -17.10 -14.65
CA GLY Y 46 21.32 -16.89 -14.48
C GLY Y 46 20.63 -18.17 -14.04
N ILE Y 47 19.39 -18.37 -14.49
CA ILE Y 47 18.71 -19.62 -14.23
C ILE Y 47 19.34 -20.71 -15.09
N VAL Y 48 19.57 -21.89 -14.51
CA VAL Y 48 20.29 -22.94 -15.20
C VAL Y 48 19.44 -23.54 -16.31
N GLY Y 49 18.14 -23.65 -16.09
CA GLY Y 49 17.29 -24.31 -17.07
C GLY Y 49 17.17 -23.51 -18.36
N ASP Y 50 17.15 -22.18 -18.26
CA ASP Y 50 17.18 -21.35 -19.45
C ASP Y 50 18.48 -21.51 -20.21
N ILE Y 51 19.60 -21.58 -19.48
CA ILE Y 51 20.90 -21.75 -20.12
C ILE Y 51 21.02 -23.13 -20.77
N GLN Y 52 20.53 -24.17 -20.08
CA GLN Y 52 20.64 -25.52 -20.61
C GLN Y 52 19.79 -25.70 -21.87
N THR Y 53 18.56 -25.18 -21.86
CA THR Y 53 17.71 -25.30 -23.03
C THR Y 53 18.20 -24.45 -24.20
N LEU Y 54 18.95 -23.39 -23.93
CA LEU Y 54 19.52 -22.60 -25.01
C LEU Y 54 20.74 -23.27 -25.63
N THR Y 55 21.50 -24.04 -24.82
CA THR Y 55 22.58 -24.83 -25.40
C THR Y 55 22.01 -25.91 -26.32
N ARG Y 56 20.87 -26.49 -25.95
CA ARG Y 56 20.29 -27.58 -26.72
C ARG Y 56 19.58 -27.05 -27.97
N ILE Y 57 18.85 -25.95 -27.84
CA ILE Y 57 18.19 -25.34 -28.98
C ILE Y 57 19.24 -24.85 -30.00
N MET Y 58 20.28 -24.17 -29.51
CA MET Y 58 21.31 -23.68 -30.40
C MET Y 58 22.10 -24.82 -31.04
N ASN Y 59 22.30 -25.91 -30.30
CA ASN Y 59 22.96 -27.08 -30.89
C ASN Y 59 22.13 -27.67 -32.02
N VAL Y 60 20.81 -27.74 -31.82
CA VAL Y 60 19.92 -28.27 -32.86
C VAL Y 60 19.96 -27.39 -34.10
N GLU Y 61 19.83 -26.07 -33.91
CA GLU Y 61 19.74 -25.17 -35.05
C GLU Y 61 21.10 -24.88 -35.68
N ILE Y 62 22.20 -25.10 -34.96
CA ILE Y 62 23.51 -25.12 -35.61
C ILE Y 62 23.57 -26.29 -36.57
N LYS Y 63 23.05 -27.45 -36.16
CA LYS Y 63 22.94 -28.60 -37.05
C LYS Y 63 21.96 -28.35 -38.18
N TYR Y 64 20.93 -27.53 -37.93
CA TYR Y 64 19.99 -27.15 -38.97
C TYR Y 64 20.71 -26.40 -40.10
N TYR Y 65 21.44 -25.33 -39.75
CA TYR Y 65 22.14 -24.55 -40.75
C TYR Y 65 23.25 -25.34 -41.42
N GLU Y 66 23.93 -26.21 -40.65
CA GLU Y 66 25.07 -26.94 -41.18
C GLU Y 66 24.67 -28.03 -42.16
N MET Y 67 23.47 -28.60 -42.00
CA MET Y 67 23.02 -29.64 -42.93
C MET Y 67 22.48 -29.06 -44.23
N TYR Y 68 21.79 -27.92 -44.17
CA TYR Y 68 21.24 -27.33 -45.38
C TYR Y 68 22.26 -26.53 -46.17
N ASN Y 69 23.36 -26.14 -45.54
CA ASN Y 69 24.55 -25.73 -46.28
C ASN Y 69 25.47 -26.93 -46.50
N ALA Y 75 30.45 -17.09 -36.63
CA ALA Y 75 30.02 -16.85 -35.26
C ALA Y 75 29.04 -15.68 -35.21
N ARG Y 76 29.20 -14.72 -36.12
CA ARG Y 76 28.26 -13.62 -36.20
C ARG Y 76 26.86 -14.10 -36.58
N ALA Y 77 26.79 -15.12 -37.45
CA ALA Y 77 25.49 -15.63 -37.87
C ALA Y 77 24.80 -16.36 -36.73
N ALA Y 78 25.55 -17.17 -35.97
CA ALA Y 78 24.97 -17.85 -34.82
C ALA Y 78 24.65 -16.88 -33.70
N ALA Y 79 25.37 -15.77 -33.61
CA ALA Y 79 25.09 -14.77 -32.59
C ALA Y 79 23.80 -14.02 -32.89
N LYS Y 80 23.62 -13.60 -34.15
CA LYS Y 80 22.38 -12.93 -34.53
C LYS Y 80 21.19 -13.87 -34.42
N LEU Y 81 21.40 -15.15 -34.72
CA LEU Y 81 20.36 -16.15 -34.48
C LEU Y 81 19.99 -16.22 -33.01
N LEU Y 82 21.00 -16.23 -32.12
CA LEU Y 82 20.72 -16.36 -30.70
C LEU Y 82 20.10 -15.08 -30.13
N SER Y 83 20.41 -13.93 -30.75
CA SER Y 83 19.77 -12.69 -30.34
C SER Y 83 18.30 -12.67 -30.73
N VAL Y 84 17.95 -13.26 -31.88
CA VAL Y 84 16.56 -13.32 -32.29
C VAL Y 84 15.78 -14.33 -31.44
N ILE Y 85 16.43 -15.45 -31.09
CA ILE Y 85 15.79 -16.45 -30.24
C ILE Y 85 15.50 -15.87 -28.87
N LEU Y 86 16.43 -15.08 -28.32
CA LEU Y 86 16.17 -14.40 -27.06
C LEU Y 86 15.12 -13.31 -27.20
N TYR Y 87 15.01 -12.70 -28.38
CA TYR Y 87 14.19 -11.50 -28.52
C TYR Y 87 12.73 -11.82 -28.83
N GLN Y 88 12.47 -12.94 -29.50
CA GLN Y 88 11.08 -13.31 -29.78
C GLN Y 88 10.31 -13.57 -28.48
N ASN Y 89 10.98 -14.09 -27.47
CA ASN Y 89 10.37 -14.34 -26.16
C ASN Y 89 10.64 -13.19 -25.20
N LYS Y 90 10.32 -11.96 -25.62
CA LYS Y 90 10.50 -10.82 -24.72
C LYS Y 90 9.44 -10.80 -23.63
N VAL Y 91 8.25 -11.33 -23.93
CA VAL Y 91 7.17 -11.34 -22.94
C VAL Y 91 7.54 -12.23 -21.77
N LEU Y 92 8.12 -13.40 -22.05
CA LEU Y 92 8.59 -14.35 -21.05
C LEU Y 92 10.08 -14.54 -21.30
N PRO Y 93 10.92 -13.64 -20.77
CA PRO Y 93 12.33 -13.65 -21.16
C PRO Y 93 13.08 -14.81 -20.53
N TYR Y 94 13.97 -15.41 -21.34
CA TYR Y 94 14.95 -16.36 -20.84
C TYR Y 94 15.88 -15.66 -19.85
N ILE Y 95 15.70 -15.93 -18.56
CA ILE Y 95 16.41 -15.13 -17.55
C ILE Y 95 17.84 -15.63 -17.45
N SER Y 96 18.70 -15.07 -18.32
CA SER Y 96 20.08 -15.53 -18.44
C SER Y 96 20.89 -14.56 -19.27
N GLU Y 97 22.03 -14.12 -18.76
CA GLU Y 97 22.99 -13.35 -19.53
C GLU Y 97 24.08 -14.29 -20.01
N LEU Y 98 24.45 -14.18 -21.29
CA LEU Y 98 25.25 -15.19 -21.97
C LEU Y 98 26.52 -14.59 -22.56
N LEU Y 99 27.55 -15.44 -22.67
CA LEU Y 99 28.78 -15.11 -23.37
C LEU Y 99 28.96 -16.09 -24.52
N PHE Y 100 29.11 -15.58 -25.73
CA PHE Y 100 29.25 -16.38 -26.93
C PHE Y 100 30.65 -16.20 -27.50
N GLY Y 101 31.38 -17.30 -27.64
CA GLY Y 101 32.76 -17.24 -28.07
C GLY Y 101 33.11 -18.21 -29.17
N GLY Y 102 33.79 -17.73 -30.21
CA GLY Y 102 34.19 -18.56 -31.31
C GLY Y 102 35.29 -17.90 -32.12
N VAL Y 103 35.77 -18.61 -33.12
CA VAL Y 103 36.79 -18.11 -34.05
C VAL Y 103 36.31 -18.34 -35.47
N ASP Y 104 36.29 -17.28 -36.26
CA ASP Y 104 35.95 -17.34 -37.68
C ASP Y 104 37.17 -16.99 -38.53
N GLU Y 105 36.97 -17.00 -39.84
CA GLU Y 105 38.05 -16.58 -40.74
C GLU Y 105 38.35 -15.09 -40.62
N ASP Y 106 37.37 -14.30 -40.17
CA ASP Y 106 37.65 -12.90 -39.87
C ASP Y 106 38.53 -12.75 -38.64
N GLY Y 107 38.49 -13.73 -37.74
CA GLY Y 107 39.32 -13.72 -36.56
C GLY Y 107 38.56 -14.20 -35.34
N PRO Y 108 39.16 -14.03 -34.16
CA PRO Y 108 38.45 -14.40 -32.93
C PRO Y 108 37.36 -13.40 -32.61
N LYS Y 109 36.22 -13.92 -32.16
CA LYS Y 109 35.04 -13.11 -31.89
C LYS Y 109 34.44 -13.51 -30.55
N LEU Y 110 34.13 -12.53 -29.72
CA LEU Y 110 33.51 -12.75 -28.42
C LEU Y 110 32.30 -11.84 -28.29
N PHE Y 111 31.25 -12.35 -27.67
CA PHE Y 111 29.93 -11.75 -27.76
C PHE Y 111 29.24 -11.78 -26.40
N ILE Y 112 28.49 -10.72 -26.10
CA ILE Y 112 27.71 -10.60 -24.87
C ILE Y 112 26.24 -10.56 -25.26
N LEU Y 113 25.43 -11.35 -24.58
CA LEU Y 113 24.00 -11.43 -24.86
C LEU Y 113 23.21 -11.17 -23.60
N ASP Y 114 22.16 -10.38 -23.72
CA ASP Y 114 21.24 -10.06 -22.65
C ASP Y 114 19.96 -10.88 -22.76
N PRO Y 115 19.19 -11.01 -21.68
CA PRO Y 115 17.91 -11.73 -21.78
C PRO Y 115 16.93 -11.09 -22.76
N ILE Y 116 17.06 -9.78 -23.03
CA ILE Y 116 16.28 -9.17 -24.09
C ILE Y 116 16.82 -9.58 -25.46
N GLY Y 117 18.14 -9.68 -25.59
CA GLY Y 117 18.74 -10.13 -26.83
C GLY Y 117 19.69 -9.15 -27.48
N SER Y 118 20.28 -8.26 -26.68
CA SER Y 118 21.20 -7.27 -27.21
C SER Y 118 22.59 -7.90 -27.43
N LEU Y 119 23.14 -7.69 -28.61
CA LEU Y 119 24.43 -8.26 -28.99
C LEU Y 119 25.53 -7.21 -28.85
N ILE Y 120 26.60 -7.58 -28.15
CA ILE Y 120 27.73 -6.68 -27.93
C ILE Y 120 29.02 -7.33 -28.37
N SER Y 123 36.12 -7.25 -26.16
CA SER Y 123 37.27 -8.14 -26.03
C SER Y 123 37.12 -9.04 -24.80
N TYR Y 124 36.96 -8.44 -23.63
CA TYR Y 124 36.90 -9.17 -22.37
C TYR Y 124 35.60 -8.83 -21.67
N ALA Y 125 35.03 -9.81 -20.99
CA ALA Y 125 33.72 -9.62 -20.37
C ALA Y 125 33.55 -10.61 -19.22
N ALA Y 126 32.68 -10.25 -18.30
CA ALA Y 126 32.20 -11.16 -17.28
C ALA Y 126 30.72 -10.95 -17.06
N VAL Y 127 30.05 -11.98 -16.54
CA VAL Y 127 28.60 -12.04 -16.50
C VAL Y 127 28.18 -12.74 -15.22
N GLY Y 128 27.30 -12.10 -14.44
CA GLY Y 128 26.69 -12.77 -13.31
C GLY Y 128 26.84 -12.03 -11.99
N SER Y 129 26.86 -12.79 -10.89
CA SER Y 129 26.92 -12.18 -9.56
C SER Y 129 28.28 -11.53 -9.32
N GLY Y 130 29.34 -12.33 -9.34
CA GLY Y 130 30.68 -11.84 -9.07
C GLY Y 130 31.38 -11.21 -10.26
N ALA Y 131 30.65 -10.90 -11.33
CA ALA Y 131 31.28 -10.34 -12.52
C ALA Y 131 31.94 -9.00 -12.21
N ARG Y 132 31.29 -8.19 -11.38
CA ARG Y 132 31.89 -6.94 -10.90
C ARG Y 132 33.31 -7.16 -10.39
N VAL Y 133 33.48 -8.12 -9.48
CA VAL Y 133 34.80 -8.41 -8.91
C VAL Y 133 35.75 -8.87 -10.00
N ALA Y 134 35.29 -9.78 -10.86
CA ALA Y 134 36.17 -10.42 -11.83
C ALA Y 134 36.62 -9.45 -12.91
N ILE Y 135 35.72 -8.57 -13.35
CA ILE Y 135 36.10 -7.56 -14.34
C ILE Y 135 37.14 -6.60 -13.77
N GLY Y 136 37.11 -6.37 -12.46
CA GLY Y 136 38.16 -5.59 -11.83
C GLY Y 136 39.53 -6.17 -12.08
N VAL Y 137 39.68 -7.49 -11.91
CA VAL Y 137 40.95 -8.14 -12.19
C VAL Y 137 41.30 -8.01 -13.67
N LEU Y 138 40.30 -8.17 -14.54
CA LEU Y 138 40.54 -8.04 -15.98
C LEU Y 138 40.92 -6.61 -16.34
N GLU Y 139 40.33 -5.63 -15.67
CA GLU Y 139 40.64 -4.23 -15.96
C GLU Y 139 42.03 -3.84 -15.48
N ALA Y 140 42.66 -4.66 -14.63
CA ALA Y 140 43.98 -4.38 -14.12
C ALA Y 140 45.06 -4.74 -15.14
N GLU Y 141 45.59 -5.97 -15.04
CA GLU Y 141 46.63 -6.44 -15.95
C GLU Y 141 45.98 -7.12 -17.15
N TYR Y 142 45.96 -6.42 -18.28
CA TYR Y 142 45.37 -6.95 -19.51
C TYR Y 142 45.83 -6.10 -20.67
N ASN Y 143 46.17 -6.75 -21.78
CA ASN Y 143 46.62 -6.06 -22.99
C ASN Y 143 45.94 -6.71 -24.19
N GLU Y 144 46.25 -6.18 -25.37
CA GLU Y 144 45.68 -6.70 -26.61
C GLU Y 144 46.48 -7.88 -27.15
N SER Y 145 47.79 -7.88 -26.96
CA SER Y 145 48.67 -8.94 -27.44
C SER Y 145 48.90 -9.92 -26.29
N LEU Y 146 48.06 -10.95 -26.22
CA LEU Y 146 48.16 -11.97 -25.19
C LEU Y 146 48.08 -13.35 -25.83
N THR Y 147 48.72 -14.31 -25.15
CA THR Y 147 48.68 -15.70 -25.59
C THR Y 147 47.52 -16.43 -24.92
N SER Y 148 47.22 -17.62 -25.45
CA SER Y 148 46.05 -18.36 -24.99
C SER Y 148 46.21 -18.86 -23.57
N GLU Y 149 47.39 -19.39 -23.22
CA GLU Y 149 47.59 -19.96 -21.90
C GLU Y 149 47.89 -18.91 -20.83
N ALA Y 150 48.42 -17.74 -21.22
CA ALA Y 150 48.52 -16.65 -20.28
C ALA Y 150 47.14 -16.09 -19.93
N ALA Y 151 46.23 -16.07 -20.90
CA ALA Y 151 44.85 -15.66 -20.62
C ALA Y 151 44.11 -16.70 -19.80
N LYS Y 152 44.50 -17.97 -19.90
CA LYS Y 152 43.97 -18.99 -19.00
C LYS Y 152 44.34 -18.67 -17.55
N GLU Y 153 45.59 -18.30 -17.31
CA GLU Y 153 46.01 -17.97 -15.96
C GLU Y 153 45.39 -16.66 -15.48
N LEU Y 154 45.16 -15.72 -16.40
CA LEU Y 154 44.44 -14.51 -16.03
C LEU Y 154 42.99 -14.81 -15.65
N ALA Y 155 42.37 -15.76 -16.36
CA ALA Y 155 41.01 -16.15 -16.03
C ALA Y 155 40.94 -16.89 -14.70
N ILE Y 156 41.99 -17.64 -14.35
CA ILE Y 156 42.02 -18.32 -13.07
C ILE Y 156 42.20 -17.31 -11.94
N LYS Y 157 43.03 -16.29 -12.15
CA LYS Y 157 43.22 -15.26 -11.13
C LYS Y 157 41.96 -14.45 -10.93
N SER Y 158 41.28 -14.07 -12.02
CA SER Y 158 40.08 -13.25 -11.90
C SER Y 158 38.92 -14.05 -11.32
N MET Y 159 38.75 -15.30 -11.75
CA MET Y 159 37.72 -16.15 -11.16
C MET Y 159 38.03 -16.48 -9.69
N LYS Y 160 39.31 -16.61 -9.34
CA LYS Y 160 39.66 -16.88 -7.95
C LYS Y 160 39.38 -15.67 -7.06
N SER Y 161 39.60 -14.46 -7.58
CA SER Y 161 39.20 -13.26 -6.87
C SER Y 161 37.68 -13.23 -6.66
N ALA Y 162 36.92 -13.63 -7.68
CA ALA Y 162 35.47 -13.68 -7.55
C ALA Y 162 35.03 -14.77 -6.59
N VAL Y 163 35.85 -15.82 -6.42
CA VAL Y 163 35.51 -16.87 -5.47
C VAL Y 163 35.60 -16.33 -4.04
N GLU Y 164 36.65 -15.57 -3.74
CA GLU Y 164 36.88 -15.07 -2.39
C GLU Y 164 35.96 -13.93 -1.98
N ARG Y 165 35.34 -13.23 -2.93
CA ARG Y 165 34.59 -12.02 -2.60
C ARG Y 165 33.16 -12.00 -3.10
N ASP Y 166 32.64 -13.11 -3.65
CA ASP Y 166 31.24 -13.18 -4.03
C ASP Y 166 30.61 -14.41 -3.39
N VAL Y 167 29.46 -14.22 -2.74
CA VAL Y 167 28.75 -15.29 -2.06
C VAL Y 167 27.87 -16.06 -3.04
N MET Y 168 28.27 -16.08 -4.31
CA MET Y 168 27.49 -16.77 -5.33
C MET Y 168 28.41 -17.33 -6.42
N SER Y 169 29.68 -17.57 -6.12
CA SER Y 169 30.61 -18.10 -7.10
C SER Y 169 31.70 -18.89 -6.39
N GLY Y 170 32.32 -19.78 -7.15
CA GLY Y 170 33.38 -20.62 -6.65
C GLY Y 170 33.05 -22.09 -6.79
N ASP Y 171 33.64 -22.90 -5.92
CA ASP Y 171 33.39 -24.34 -5.89
C ASP Y 171 33.59 -24.96 -7.28
N GLY Y 172 34.82 -24.85 -7.76
CA GLY Y 172 35.20 -25.33 -9.06
C GLY Y 172 35.13 -24.24 -10.12
N ILE Y 173 35.91 -24.43 -11.18
CA ILE Y 173 35.97 -23.42 -12.25
C ILE Y 173 36.22 -24.10 -13.58
N ASP Y 174 35.17 -24.24 -14.39
CA ASP Y 174 35.31 -24.83 -15.71
C ASP Y 174 36.05 -23.88 -16.65
N ILE Y 175 36.81 -24.45 -17.58
CA ILE Y 175 37.58 -23.67 -18.55
C ILE Y 175 37.49 -24.34 -19.91
N LEU Y 176 37.01 -23.61 -20.91
CA LEU Y 176 37.19 -23.97 -22.31
C LEU Y 176 38.23 -23.06 -22.94
N ILE Y 177 39.17 -23.66 -23.67
CA ILE Y 177 40.08 -22.92 -24.54
C ILE Y 177 39.69 -23.23 -25.98
N ILE Y 178 39.24 -22.21 -26.70
CA ILE Y 178 38.91 -22.34 -28.12
C ILE Y 178 40.04 -21.66 -28.87
N ASN Y 179 41.03 -22.46 -29.27
CA ASN Y 179 42.24 -21.92 -29.90
C ASN Y 179 42.58 -22.62 -31.20
N LYS Y 180 42.56 -23.95 -31.19
CA LYS Y 180 43.17 -24.77 -32.22
C LYS Y 180 42.07 -25.53 -32.97
N ASN Y 181 42.47 -26.19 -34.06
CA ASN Y 181 41.53 -27.02 -34.80
C ASN Y 181 40.93 -28.11 -33.90
N ASN Y 182 41.75 -28.70 -33.04
CA ASN Y 182 41.22 -29.45 -31.91
C ASN Y 182 40.98 -28.51 -30.72
N ILE Y 183 39.97 -28.83 -29.92
CA ILE Y 183 39.40 -27.90 -28.96
C ILE Y 183 39.49 -28.52 -27.56
N TYR Y 184 39.88 -27.70 -26.60
CA TYR Y 184 40.41 -28.15 -25.31
C TYR Y 184 39.40 -27.87 -24.20
N GLU Y 185 39.04 -28.91 -23.45
CA GLU Y 185 38.26 -28.73 -22.23
C GLU Y 185 39.05 -29.20 -21.02
N THR Z 2 11.49 -33.27 2.08
CA THR Z 2 12.77 -33.93 2.27
C THR Z 2 12.89 -35.20 1.45
N ALA Z 3 13.97 -35.28 0.67
CA ALA Z 3 14.25 -36.45 -0.15
C ALA Z 3 15.74 -36.46 -0.45
N ILE Z 4 16.36 -37.63 -0.35
CA ILE Z 4 17.81 -37.76 -0.40
C ILE Z 4 18.19 -38.83 -1.42
N GLY Z 5 19.10 -38.48 -2.31
CA GLY Z 5 19.73 -39.45 -3.20
C GLY Z 5 21.22 -39.52 -2.97
N ILE Z 6 21.76 -40.74 -2.94
CA ILE Z 6 23.18 -40.98 -2.73
C ILE Z 6 23.69 -41.87 -3.86
N LYS Z 7 24.73 -41.40 -4.54
CA LYS Z 7 25.30 -42.12 -5.68
C LYS Z 7 26.46 -42.99 -5.22
N THR Z 8 26.32 -44.31 -5.40
CA THR Z 8 27.38 -45.26 -5.14
C THR Z 8 27.90 -45.84 -6.45
N LYS Z 9 29.08 -46.47 -6.39
CA LYS Z 9 29.53 -47.30 -7.49
C LYS Z 9 28.58 -48.46 -7.77
N ASP Z 10 27.96 -49.02 -6.73
CA ASP Z 10 27.05 -50.14 -6.90
C ASP Z 10 25.67 -49.73 -7.37
N GLY Z 11 25.30 -48.47 -7.23
CA GLY Z 11 23.98 -48.03 -7.64
C GLY Z 11 23.59 -46.72 -6.96
N VAL Z 12 22.30 -46.41 -7.06
CA VAL Z 12 21.74 -45.16 -6.55
C VAL Z 12 20.72 -45.50 -5.48
N VAL Z 13 20.80 -44.81 -4.35
CA VAL Z 13 19.89 -45.01 -3.22
C VAL Z 13 19.06 -43.76 -3.04
N LEU Z 14 17.74 -43.92 -3.00
CA LEU Z 14 16.81 -42.82 -2.77
C LEU Z 14 16.01 -43.06 -1.51
N ALA Z 15 15.68 -41.97 -0.81
CA ALA Z 15 14.89 -42.03 0.42
C ALA Z 15 14.23 -40.68 0.65
N ALA Z 16 13.01 -40.71 1.16
CA ALA Z 16 12.28 -39.48 1.45
C ALA Z 16 11.26 -39.70 2.57
N GLU Z 17 10.64 -38.60 2.98
CA GLU Z 17 9.67 -38.58 4.07
C GLU Z 17 8.36 -39.24 3.64
N ARG Z 18 7.41 -39.31 4.57
CA ARG Z 18 6.05 -39.73 4.28
C ARG Z 18 5.04 -38.86 5.03
N ARG Z 19 5.24 -37.54 4.97
CA ARG Z 19 4.40 -36.61 5.73
C ARG Z 19 3.96 -35.45 4.84
N LEU Z 20 2.67 -35.13 4.90
CA LEU Z 20 2.12 -33.96 4.24
C LEU Z 20 1.38 -33.12 5.26
N SER Z 21 1.76 -31.84 5.34
CA SER Z 21 1.14 -30.90 6.26
C SER Z 21 0.89 -29.61 5.51
N TYR Z 22 -0.37 -29.18 5.46
CA TYR Z 22 -0.72 -27.88 4.92
C TYR Z 22 -0.81 -26.87 6.06
N GLY Z 23 -0.06 -25.79 5.93
CA GLY Z 23 -0.05 -24.77 6.97
C GLY Z 23 0.78 -25.24 8.15
N ASP Z 24 0.18 -25.20 9.34
CA ASP Z 24 0.81 -25.72 10.56
C ASP Z 24 0.19 -27.03 11.03
N PHE Z 25 -0.59 -27.70 10.19
CA PHE Z 25 -1.40 -28.84 10.62
C PHE Z 25 -1.13 -30.04 9.73
N VAL Z 26 -0.89 -31.19 10.34
CA VAL Z 26 -0.61 -32.44 9.64
C VAL Z 26 -1.92 -33.05 9.16
N LEU Z 27 -2.07 -33.19 7.84
CA LEU Z 27 -3.23 -33.90 7.31
C LEU Z 27 -3.03 -35.41 7.27
N SER Z 28 -1.81 -35.89 7.05
CA SER Z 28 -1.58 -37.31 6.86
C SER Z 28 -0.19 -37.70 7.35
N LYS Z 29 -0.11 -38.80 8.09
CA LYS Z 29 1.16 -39.39 8.49
C LYS Z 29 1.71 -40.37 7.45
N SER Z 30 0.96 -40.64 6.38
CA SER Z 30 1.37 -41.61 5.37
C SER Z 30 1.07 -41.04 3.99
N ALA Z 31 2.01 -40.24 3.46
CA ALA Z 31 1.92 -39.70 2.11
C ALA Z 31 3.18 -40.10 1.37
N ARG Z 32 3.04 -40.99 0.38
CA ARG Z 32 4.19 -41.52 -0.33
C ARG Z 32 4.82 -40.46 -1.20
N LYS Z 33 6.12 -40.20 -1.00
CA LYS Z 33 6.88 -39.27 -1.81
C LYS Z 33 8.01 -39.94 -2.57
N VAL Z 34 8.10 -41.26 -2.52
CA VAL Z 34 9.06 -42.04 -3.30
C VAL Z 34 8.25 -42.98 -4.20
N PHE Z 35 8.58 -43.00 -5.48
CA PHE Z 35 7.85 -43.81 -6.45
C PHE Z 35 8.81 -44.59 -7.32
N LYS Z 36 8.50 -45.86 -7.55
CA LYS Z 36 9.31 -46.73 -8.38
C LYS Z 36 8.56 -47.03 -9.68
N LEU Z 37 9.26 -46.87 -10.80
CA LEU Z 37 8.82 -47.39 -12.09
C LEU Z 37 9.90 -48.27 -12.68
N GLY Z 38 9.54 -49.49 -13.08
CA GLY Z 38 10.41 -50.33 -13.88
C GLY Z 38 11.77 -50.53 -13.27
N ARG Z 39 12.76 -49.81 -13.79
CA ARG Z 39 14.11 -49.81 -13.26
C ARG Z 39 14.46 -48.53 -12.50
N PHE Z 40 13.78 -47.43 -12.77
CA PHE Z 40 14.14 -46.13 -12.23
C PHE Z 40 13.30 -45.78 -11.01
N GLY Z 41 13.87 -44.99 -10.13
CA GLY Z 41 13.13 -44.38 -9.02
C GLY Z 41 13.23 -42.87 -9.10
N ILE Z 42 12.10 -42.20 -8.88
CA ILE Z 42 12.11 -40.77 -8.62
C ILE Z 42 11.54 -40.51 -7.24
N ALA Z 43 11.88 -39.34 -6.69
CA ALA Z 43 11.36 -38.87 -5.41
C ALA Z 43 11.60 -37.38 -5.31
N GLY Z 44 10.59 -36.63 -4.90
CA GLY Z 44 10.71 -35.19 -4.84
C GLY Z 44 9.92 -34.61 -3.69
N ALA Z 45 9.92 -33.28 -3.60
CA ALA Z 45 9.23 -32.57 -2.55
C ALA Z 45 8.49 -31.37 -3.16
N GLY Z 46 7.48 -30.90 -2.43
CA GLY Z 46 6.64 -29.83 -2.92
C GLY Z 46 5.17 -30.17 -2.77
N ILE Z 47 4.34 -29.70 -3.70
CA ILE Z 47 2.95 -30.11 -3.72
C ILE Z 47 2.85 -31.57 -4.16
N VAL Z 48 2.01 -32.33 -3.47
CA VAL Z 48 1.96 -33.77 -3.71
C VAL Z 48 1.30 -34.07 -5.05
N GLY Z 49 0.30 -33.26 -5.44
CA GLY Z 49 -0.43 -33.56 -6.65
C GLY Z 49 0.40 -33.36 -7.90
N ASP Z 50 1.29 -32.37 -7.89
CA ASP Z 50 2.22 -32.20 -9.00
C ASP Z 50 3.19 -33.38 -9.10
N ILE Z 51 3.68 -33.86 -7.97
CA ILE Z 51 4.62 -34.98 -7.98
C ILE Z 51 3.92 -36.26 -8.43
N GLN Z 52 2.70 -36.49 -7.96
CA GLN Z 52 1.99 -37.72 -8.32
C GLN Z 52 1.64 -37.76 -9.79
N THR Z 53 1.18 -36.63 -10.35
CA THR Z 53 0.87 -36.61 -11.77
C THR Z 53 2.12 -36.69 -12.63
N LEU Z 54 3.28 -36.29 -12.11
CA LEU Z 54 4.52 -36.44 -12.86
C LEU Z 54 5.03 -37.87 -12.81
N THR Z 55 4.78 -38.60 -11.73
CA THR Z 55 5.08 -40.02 -11.71
C THR Z 55 4.21 -40.76 -12.73
N ARG Z 56 2.95 -40.34 -12.87
CA ARG Z 56 2.01 -41.00 -13.76
C ARG Z 56 2.27 -40.64 -15.21
N ILE Z 57 2.55 -39.37 -15.49
CA ILE Z 57 2.87 -38.94 -16.85
C ILE Z 57 4.17 -39.62 -17.31
N MET Z 58 5.19 -39.62 -16.45
CA MET Z 58 6.45 -40.23 -16.82
C MET Z 58 6.32 -41.74 -16.99
N ASN Z 59 5.44 -42.39 -16.22
CA ASN Z 59 5.20 -43.81 -16.41
C ASN Z 59 4.58 -44.09 -17.78
N VAL Z 60 3.65 -43.23 -18.21
CA VAL Z 60 3.01 -43.42 -19.50
C VAL Z 60 4.02 -43.26 -20.64
N GLU Z 61 4.83 -42.19 -20.60
CA GLU Z 61 5.74 -41.92 -21.70
C GLU Z 61 6.99 -42.79 -21.67
N ILE Z 62 7.34 -43.34 -20.51
CA ILE Z 62 8.35 -44.39 -20.48
C ILE Z 62 7.87 -45.63 -21.22
N LYS Z 63 6.60 -45.99 -21.00
CA LYS Z 63 6.00 -47.09 -21.75
C LYS Z 63 5.83 -46.73 -23.22
N TYR Z 64 5.65 -45.43 -23.52
CA TYR Z 64 5.56 -44.99 -24.90
C TYR Z 64 6.83 -45.31 -25.69
N TYR Z 65 7.98 -44.87 -25.18
CA TYR Z 65 9.23 -45.16 -25.88
C TYR Z 65 9.56 -46.65 -25.86
N GLU Z 66 9.26 -47.33 -24.74
CA GLU Z 66 9.66 -48.71 -24.59
C GLU Z 66 8.85 -49.64 -25.49
N MET Z 67 7.59 -49.30 -25.75
CA MET Z 67 6.81 -50.11 -26.68
C MET Z 67 7.11 -49.74 -28.12
N TYR Z 68 7.65 -48.54 -28.34
CA TYR Z 68 8.03 -48.10 -29.67
C TYR Z 68 9.33 -48.77 -30.12
N ASN Z 69 10.35 -48.71 -29.27
CA ASN Z 69 11.72 -49.07 -29.62
C ASN Z 69 12.03 -50.52 -29.28
N SER Z 70 11.52 -51.00 -28.14
CA SER Z 70 11.89 -52.23 -27.46
C SER Z 70 13.26 -52.14 -26.78
N ARG Z 71 13.95 -51.01 -26.89
CA ARG Z 71 15.16 -50.74 -26.11
C ARG Z 71 14.78 -49.76 -25.00
N LYS Z 72 14.67 -50.28 -23.78
CA LYS Z 72 14.33 -49.48 -22.61
C LYS Z 72 15.16 -48.20 -22.56
N ILE Z 73 14.55 -47.12 -22.05
CA ILE Z 73 15.22 -45.84 -21.98
C ILE Z 73 16.26 -45.85 -20.86
N SER Z 74 17.21 -44.93 -20.97
CA SER Z 74 18.26 -44.80 -19.97
C SER Z 74 17.83 -43.72 -18.96
N ALA Z 75 18.78 -43.18 -18.20
CA ALA Z 75 18.49 -42.15 -17.22
C ALA Z 75 18.51 -40.76 -17.85
N ARG Z 76 19.59 -40.46 -18.59
CA ARG Z 76 19.70 -39.17 -19.27
C ARG Z 76 18.52 -38.92 -20.20
N ALA Z 77 18.14 -39.92 -20.99
CA ALA Z 77 17.01 -39.77 -21.91
C ALA Z 77 15.74 -39.40 -21.16
N ALA Z 78 15.46 -40.09 -20.05
CA ALA Z 78 14.27 -39.77 -19.27
C ALA Z 78 14.42 -38.45 -18.53
N ALA Z 79 15.65 -38.07 -18.20
CA ALA Z 79 15.88 -36.80 -17.51
C ALA Z 79 15.61 -35.62 -18.43
N LYS Z 80 16.10 -35.69 -19.67
CA LYS Z 80 15.87 -34.59 -20.61
C LYS Z 80 14.39 -34.52 -20.98
N LEU Z 81 13.73 -35.67 -21.08
CA LEU Z 81 12.27 -35.67 -21.29
C LEU Z 81 11.56 -34.97 -20.14
N LEU Z 82 11.93 -35.29 -18.90
CA LEU Z 82 11.26 -34.70 -17.75
C LEU Z 82 11.59 -33.22 -17.60
N SER Z 83 12.77 -32.81 -18.08
CA SER Z 83 13.11 -31.39 -18.08
C SER Z 83 12.27 -30.62 -19.08
N VAL Z 84 11.95 -31.23 -20.23
CA VAL Z 84 11.11 -30.58 -21.22
C VAL Z 84 9.65 -30.55 -20.75
N ILE Z 85 9.20 -31.60 -20.07
CA ILE Z 85 7.84 -31.63 -19.57
C ILE Z 85 7.64 -30.55 -18.51
N LEU Z 86 8.63 -30.35 -17.64
CA LEU Z 86 8.56 -29.27 -16.67
C LEU Z 86 8.68 -27.91 -17.35
N TYR Z 87 9.40 -27.82 -18.47
CA TYR Z 87 9.73 -26.53 -19.04
C TYR Z 87 8.65 -26.00 -19.97
N GLN Z 88 7.89 -26.89 -20.62
CA GLN Z 88 6.80 -26.44 -21.47
C GLN Z 88 5.74 -25.71 -20.68
N ASN Z 89 5.52 -26.11 -19.43
CA ASN Z 89 4.56 -25.44 -18.54
C ASN Z 89 5.27 -24.44 -17.65
N LYS Z 90 6.03 -23.53 -18.27
CA LYS Z 90 6.72 -22.49 -17.50
C LYS Z 90 5.75 -21.43 -17.00
N VAL Z 91 4.67 -21.18 -17.74
CA VAL Z 91 3.70 -20.16 -17.34
C VAL Z 91 2.99 -20.59 -16.06
N LEU Z 92 2.61 -21.87 -15.99
CA LEU Z 92 1.95 -22.45 -14.81
C LEU Z 92 2.83 -23.60 -14.35
N PRO Z 93 3.86 -23.31 -13.56
CA PRO Z 93 4.88 -24.32 -13.26
C PRO Z 93 4.37 -25.39 -12.30
N TYR Z 94 4.75 -26.63 -12.59
CA TYR Z 94 4.59 -27.73 -11.65
C TYR Z 94 5.41 -27.45 -10.40
N ILE Z 95 4.76 -27.08 -9.30
CA ILE Z 95 5.50 -26.58 -8.14
C ILE Z 95 6.05 -27.78 -7.38
N SER Z 96 7.24 -28.24 -7.79
CA SER Z 96 7.84 -29.45 -7.25
C SER Z 96 9.30 -29.56 -7.68
N GLU Z 97 10.20 -29.76 -6.72
CA GLU Z 97 11.59 -30.09 -7.02
C GLU Z 97 11.78 -31.59 -6.88
N LEU Z 98 12.47 -32.18 -7.86
CA LEU Z 98 12.48 -33.63 -8.03
C LEU Z 98 13.90 -34.16 -8.04
N LEU Z 99 14.04 -35.42 -7.63
CA LEU Z 99 15.29 -36.17 -7.72
C LEU Z 99 15.05 -37.37 -8.62
N PHE Z 100 15.85 -37.51 -9.66
CA PHE Z 100 15.70 -38.59 -10.64
C PHE Z 100 16.90 -39.51 -10.54
N GLY Z 101 16.64 -40.79 -10.27
CA GLY Z 101 17.70 -41.73 -10.02
C GLY Z 101 17.57 -43.03 -10.80
N GLY Z 102 18.66 -43.45 -11.42
CA GLY Z 102 18.68 -44.69 -12.17
C GLY Z 102 20.10 -45.13 -12.39
N VAL Z 103 20.24 -46.30 -13.02
CA VAL Z 103 21.55 -46.85 -13.38
C VAL Z 103 21.49 -47.24 -14.84
N ASP Z 104 22.43 -46.75 -15.63
CA ASP Z 104 22.55 -47.08 -17.05
C ASP Z 104 23.82 -47.89 -17.30
N GLU Z 105 24.03 -48.23 -18.57
CA GLU Z 105 25.27 -48.89 -18.95
C GLU Z 105 26.46 -47.96 -18.82
N ASP Z 106 26.23 -46.65 -18.89
CA ASP Z 106 27.29 -45.69 -18.60
C ASP Z 106 27.63 -45.70 -17.12
N GLY Z 107 26.69 -46.08 -16.27
CA GLY Z 107 26.91 -46.18 -14.85
C GLY Z 107 25.74 -45.65 -14.06
N PRO Z 108 25.91 -45.49 -12.75
CA PRO Z 108 24.85 -44.91 -11.93
C PRO Z 108 24.72 -43.42 -12.20
N LYS Z 109 23.48 -42.94 -12.27
CA LYS Z 109 23.19 -41.56 -12.62
C LYS Z 109 22.15 -41.01 -11.66
N LEU Z 110 22.41 -39.82 -11.11
CA LEU Z 110 21.50 -39.14 -10.22
C LEU Z 110 21.32 -37.71 -10.71
N PHE Z 111 20.10 -37.19 -10.60
CA PHE Z 111 19.71 -35.98 -11.31
C PHE Z 111 18.85 -35.10 -10.41
N ILE Z 112 19.02 -33.80 -10.52
CA ILE Z 112 18.25 -32.81 -9.77
C ILE Z 112 17.44 -31.99 -10.77
N LEU Z 113 16.15 -31.83 -10.50
CA LEU Z 113 15.25 -31.09 -11.38
C LEU Z 113 14.55 -29.99 -10.61
N ASP Z 114 14.44 -28.82 -11.23
CA ASP Z 114 13.74 -27.67 -10.70
C ASP Z 114 12.36 -27.53 -11.32
N PRO Z 115 11.45 -26.78 -10.71
CA PRO Z 115 10.13 -26.58 -11.32
C PRO Z 115 10.17 -25.91 -12.68
N ILE Z 116 11.24 -25.15 -12.98
CA ILE Z 116 11.41 -24.65 -14.34
C ILE Z 116 11.84 -25.78 -15.27
N GLY Z 117 12.68 -26.68 -14.78
CA GLY Z 117 13.08 -27.83 -15.59
C GLY Z 117 14.57 -27.94 -15.81
N SER Z 118 15.37 -27.39 -14.89
CA SER Z 118 16.82 -27.45 -15.02
C SER Z 118 17.34 -28.81 -14.57
N LEU Z 119 18.17 -29.42 -15.40
CA LEU Z 119 18.73 -30.74 -15.12
C LEU Z 119 20.15 -30.57 -14.58
N ILE Z 120 20.41 -31.18 -13.43
CA ILE Z 120 21.73 -31.11 -12.80
C ILE Z 120 22.19 -32.53 -12.48
N GLU Z 121 23.43 -32.84 -12.82
CA GLU Z 121 24.10 -34.04 -12.33
C GLU Z 121 24.81 -33.72 -11.02
N ASP Z 122 24.62 -34.57 -10.02
CA ASP Z 122 25.40 -34.48 -8.79
C ASP Z 122 25.38 -35.83 -8.09
N SER Z 123 26.42 -36.08 -7.29
CA SER Z 123 26.52 -37.35 -6.58
C SER Z 123 25.47 -37.47 -5.49
N TYR Z 124 25.45 -36.54 -4.55
CA TYR Z 124 24.57 -36.59 -3.40
C TYR Z 124 23.75 -35.31 -3.34
N ALA Z 125 22.48 -35.43 -2.93
CA ALA Z 125 21.59 -34.28 -2.96
C ALA Z 125 20.45 -34.51 -1.98
N ALA Z 126 19.86 -33.40 -1.55
CA ALA Z 126 18.59 -33.43 -0.83
C ALA Z 126 17.72 -32.28 -1.31
N VAL Z 127 16.42 -32.43 -1.13
CA VAL Z 127 15.41 -31.57 -1.74
C VAL Z 127 14.26 -31.41 -0.77
N GLY Z 128 13.88 -30.16 -0.50
CA GLY Z 128 12.67 -29.90 0.27
C GLY Z 128 12.88 -29.01 1.48
N SER Z 129 12.06 -29.21 2.51
CA SER Z 129 12.13 -28.35 3.69
C SER Z 129 13.42 -28.58 4.47
N GLY Z 130 13.62 -29.79 4.97
CA GLY Z 130 14.80 -30.11 5.75
C GLY Z 130 16.03 -30.46 4.93
N ALA Z 131 16.02 -30.18 3.63
CA ALA Z 131 17.14 -30.55 2.77
C ALA Z 131 18.43 -29.86 3.22
N ARG Z 132 18.33 -28.59 3.63
CA ARG Z 132 19.46 -27.87 4.20
C ARG Z 132 20.14 -28.70 5.28
N VAL Z 133 19.36 -29.16 6.25
CA VAL Z 133 19.90 -29.95 7.36
C VAL Z 133 20.50 -31.25 6.84
N ALA Z 134 19.77 -31.94 5.95
CA ALA Z 134 20.17 -33.28 5.53
C ALA Z 134 21.45 -33.26 4.70
N ILE Z 135 21.60 -32.27 3.81
CA ILE Z 135 22.83 -32.17 3.03
C ILE Z 135 24.00 -31.86 3.96
N GLY Z 136 23.76 -31.16 5.06
CA GLY Z 136 24.80 -30.98 6.06
C GLY Z 136 25.36 -32.30 6.57
N VAL Z 137 24.48 -33.26 6.88
CA VAL Z 137 24.93 -34.58 7.32
C VAL Z 137 25.70 -35.26 6.19
N LEU Z 138 25.23 -35.10 4.96
CA LEU Z 138 25.93 -35.71 3.82
C LEU Z 138 27.30 -35.06 3.62
N GLU Z 139 27.40 -33.77 3.89
CA GLU Z 139 28.65 -33.03 3.73
C GLU Z 139 29.65 -33.41 4.82
N GLU Z 144 33.15 -40.99 -2.31
CA GLU Z 144 32.82 -41.47 -3.64
C GLU Z 144 32.76 -43.00 -3.67
N SER Z 145 33.49 -43.64 -2.76
CA SER Z 145 33.59 -45.10 -2.69
C SER Z 145 32.70 -45.55 -1.54
N LEU Z 146 31.43 -45.80 -1.86
CA LEU Z 146 30.46 -46.29 -0.89
C LEU Z 146 29.92 -47.64 -1.35
N THR Z 147 29.25 -48.33 -0.44
CA THR Z 147 28.42 -49.49 -0.78
C THR Z 147 26.95 -49.10 -0.70
N SER Z 148 26.10 -49.97 -1.24
CA SER Z 148 24.67 -49.65 -1.33
C SER Z 148 24.02 -49.58 0.03
N GLU Z 149 24.32 -50.55 0.91
CA GLU Z 149 23.68 -50.59 2.21
C GLU Z 149 24.34 -49.68 3.24
N ALA Z 150 25.62 -49.34 3.07
CA ALA Z 150 26.21 -48.30 3.90
C ALA Z 150 25.65 -46.93 3.55
N ALA Z 151 25.35 -46.69 2.27
CA ALA Z 151 24.72 -45.44 1.88
C ALA Z 151 23.27 -45.39 2.36
N LYS Z 152 22.64 -46.55 2.51
CA LYS Z 152 21.32 -46.61 3.15
C LYS Z 152 21.40 -46.10 4.59
N GLU Z 153 22.42 -46.55 5.33
CA GLU Z 153 22.57 -46.11 6.71
C GLU Z 153 22.95 -44.65 6.82
N LEU Z 154 23.73 -44.14 5.84
CA LEU Z 154 24.02 -42.72 5.81
C LEU Z 154 22.75 -41.91 5.51
N ALA Z 155 21.89 -42.45 4.63
CA ALA Z 155 20.64 -41.77 4.33
C ALA Z 155 19.68 -41.79 5.52
N ILE Z 156 19.73 -42.85 6.33
CA ILE Z 156 18.88 -42.92 7.51
C ILE Z 156 19.36 -41.91 8.56
N LYS Z 157 20.68 -41.75 8.69
CA LYS Z 157 21.21 -40.77 9.64
C LYS Z 157 20.85 -39.36 9.22
N SER Z 158 20.98 -39.05 7.92
CA SER Z 158 20.70 -37.71 7.45
C SER Z 158 19.21 -37.40 7.49
N MET Z 159 18.37 -38.35 7.09
CA MET Z 159 16.93 -38.15 7.19
C MET Z 159 16.47 -38.05 8.63
N LYS Z 160 17.12 -38.76 9.55
CA LYS Z 160 16.75 -38.67 10.96
C LYS Z 160 17.13 -37.32 11.55
N SER Z 161 18.26 -36.75 11.11
CA SER Z 161 18.62 -35.39 11.51
C SER Z 161 17.60 -34.38 11.01
N ALA Z 162 17.11 -34.57 9.77
CA ALA Z 162 16.11 -33.65 9.24
C ALA Z 162 14.77 -33.81 9.96
N VAL Z 163 14.50 -34.98 10.52
CA VAL Z 163 13.28 -35.17 11.30
C VAL Z 163 13.35 -34.37 12.60
N GLU Z 164 14.50 -34.39 13.27
CA GLU Z 164 14.65 -33.72 14.55
C GLU Z 164 14.72 -32.21 14.44
N ARG Z 165 15.04 -31.66 13.27
CA ARG Z 165 15.30 -30.23 13.16
C ARG Z 165 14.49 -29.54 12.08
N ASP Z 166 13.54 -30.22 11.45
CA ASP Z 166 12.62 -29.60 10.50
C ASP Z 166 11.19 -29.92 10.92
N VAL Z 167 10.36 -28.89 10.99
CA VAL Z 167 8.99 -29.06 11.46
C VAL Z 167 8.11 -29.71 10.38
N MET Z 168 8.50 -29.60 9.12
CA MET Z 168 7.67 -30.08 8.02
C MET Z 168 7.96 -31.53 7.64
N SER Z 169 9.08 -32.08 8.10
CA SER Z 169 9.47 -33.46 7.80
C SER Z 169 9.11 -34.36 8.98
N GLY Z 170 8.24 -35.33 8.73
CA GLY Z 170 7.79 -36.30 9.73
C GLY Z 170 8.54 -37.60 9.70
N ASP Z 171 7.79 -38.70 9.80
CA ASP Z 171 8.35 -40.05 9.80
C ASP Z 171 8.31 -40.67 8.41
N GLY Z 172 7.94 -41.95 8.33
CA GLY Z 172 7.87 -42.63 7.06
C GLY Z 172 9.23 -43.11 6.59
N ILE Z 173 10.09 -42.16 6.23
CA ILE Z 173 11.45 -42.38 5.75
C ILE Z 173 11.56 -43.58 4.83
N ASP Z 174 10.77 -43.57 3.75
CA ASP Z 174 10.81 -44.67 2.78
C ASP Z 174 12.20 -44.78 2.16
N ILE Z 175 12.67 -46.00 2.00
CA ILE Z 175 14.00 -46.27 1.44
C ILE Z 175 13.84 -47.09 0.17
N LEU Z 176 14.58 -46.71 -0.87
CA LEU Z 176 14.54 -47.38 -2.17
C LEU Z 176 15.96 -47.51 -2.69
N ILE Z 177 16.28 -48.68 -3.25
CA ILE Z 177 17.62 -49.01 -3.70
C ILE Z 177 17.57 -49.39 -5.18
N ILE Z 178 18.20 -48.57 -6.02
CA ILE Z 178 18.31 -48.83 -7.45
C ILE Z 178 19.61 -49.57 -7.71
N ASN Z 179 19.55 -50.66 -8.47
CA ASN Z 179 20.66 -51.62 -8.46
C ASN Z 179 21.17 -52.02 -9.85
N LYS Z 180 20.28 -52.04 -10.85
CA LYS Z 180 20.38 -52.88 -12.06
C LYS Z 180 20.06 -54.34 -11.75
N ASN Z 181 19.98 -54.69 -10.48
CA ASN Z 181 19.87 -56.08 -10.07
C ASN Z 181 18.58 -56.40 -9.32
N ASN Z 182 18.00 -55.44 -8.61
CA ASN Z 182 16.88 -55.71 -7.73
C ASN Z 182 15.83 -54.62 -7.87
N ILE Z 183 14.58 -55.00 -7.64
CA ILE Z 183 13.48 -54.06 -7.46
C ILE Z 183 13.69 -53.22 -6.21
N THR AA 2 -15.95 -29.80 8.35
CA THR AA 2 -15.66 -30.99 9.13
C THR AA 2 -16.24 -32.24 8.50
N ALA AA 3 -15.38 -33.24 8.30
CA ALA AA 3 -15.76 -34.52 7.74
C ALA AA 3 -14.73 -35.55 8.15
N ILE AA 4 -15.18 -36.72 8.55
CA ILE AA 4 -14.33 -37.74 9.17
C ILE AA 4 -14.52 -39.06 8.45
N GLY AA 5 -13.43 -39.70 8.06
CA GLY AA 5 -13.45 -41.06 7.57
C GLY AA 5 -12.63 -41.98 8.46
N ILE AA 6 -13.17 -43.17 8.73
CA ILE AA 6 -12.52 -44.17 9.56
C ILE AA 6 -12.48 -45.48 8.79
N LYS AA 7 -11.28 -46.05 8.67
CA LYS AA 7 -11.08 -47.28 7.92
C LYS AA 7 -11.15 -48.47 8.87
N THR AA 8 -12.11 -49.37 8.63
CA THR AA 8 -12.21 -50.61 9.39
C THR AA 8 -11.85 -51.81 8.53
N VAL AA 12 -15.51 -48.91 5.66
CA VAL AA 12 -15.16 -47.51 5.82
C VAL AA 12 -16.38 -46.72 6.30
N VAL AA 13 -16.19 -45.88 7.31
CA VAL AA 13 -17.25 -45.07 7.89
C VAL AA 13 -16.94 -43.61 7.63
N LEU AA 14 -17.92 -42.89 7.07
CA LEU AA 14 -17.80 -41.46 6.81
C LEU AA 14 -18.87 -40.71 7.58
N ALA AA 15 -18.53 -39.50 8.01
CA ALA AA 15 -19.44 -38.65 8.75
C ALA AA 15 -18.99 -37.20 8.61
N ALA AA 16 -19.96 -36.29 8.51
CA ALA AA 16 -19.65 -34.88 8.40
C ALA AA 16 -20.79 -34.05 8.94
N GLU AA 17 -20.56 -32.74 8.99
CA GLU AA 17 -21.52 -31.79 9.55
C GLU AA 17 -22.71 -31.61 8.61
N ARG AA 18 -23.66 -30.80 9.06
CA ARG AA 18 -24.76 -30.34 8.21
C ARG AA 18 -25.03 -28.86 8.47
N ARG AA 19 -23.96 -28.07 8.51
CA ARG AA 19 -24.05 -26.65 8.85
C ARG AA 19 -23.26 -25.83 7.84
N LEU AA 20 -23.86 -24.78 7.31
CA LEU AA 20 -23.21 -23.85 6.40
C LEU AA 20 -23.37 -22.42 6.91
N SER AA 21 -22.25 -21.72 7.04
CA SER AA 21 -22.26 -20.33 7.50
C SER AA 21 -21.33 -19.52 6.61
N TYR AA 22 -21.87 -18.48 5.98
CA TYR AA 22 -21.05 -17.51 5.27
C TYR AA 22 -20.75 -16.33 6.20
N GLY AA 23 -19.47 -16.03 6.34
CA GLY AA 23 -19.07 -14.94 7.22
C GLY AA 23 -19.18 -15.37 8.67
N ASP AA 24 -19.90 -14.58 9.47
CA ASP AA 24 -20.20 -14.92 10.85
C ASP AA 24 -21.65 -15.34 11.05
N PHE AA 25 -22.38 -15.63 9.98
CA PHE AA 25 -23.83 -15.83 10.05
C PHE AA 25 -24.19 -17.15 9.41
N VAL AA 26 -25.02 -17.93 10.10
CA VAL AA 26 -25.47 -19.23 9.61
C VAL AA 26 -26.63 -19.00 8.63
N LEU AA 27 -26.44 -19.42 7.38
CA LEU AA 27 -27.53 -19.36 6.41
C LEU AA 27 -28.46 -20.57 6.50
N SER AA 28 -27.96 -21.74 6.86
CA SER AA 28 -28.76 -22.95 6.82
C SER AA 28 -28.30 -23.93 7.89
N LYS AA 29 -29.25 -24.50 8.62
CA LYS AA 29 -28.98 -25.56 9.58
C LYS AA 29 -28.99 -26.94 8.94
N SER AA 30 -29.31 -27.04 7.64
CA SER AA 30 -29.42 -28.33 6.95
C SER AA 30 -28.75 -28.20 5.58
N ALA AA 31 -27.44 -28.42 5.55
CA ALA AA 31 -26.67 -28.44 4.30
C ALA AA 31 -25.95 -29.77 4.22
N ARG AA 32 -26.36 -30.62 3.29
CA ARG AA 32 -25.80 -31.96 3.17
C ARG AA 32 -24.37 -31.89 2.65
N LYS AA 33 -23.44 -32.47 3.40
CA LYS AA 33 -22.04 -32.54 2.98
C LYS AA 33 -21.55 -33.97 2.83
N VAL AA 34 -22.43 -34.97 2.95
CA VAL AA 34 -22.09 -36.37 2.70
C VAL AA 34 -23.00 -36.87 1.59
N PHE AA 35 -22.42 -37.52 0.59
CA PHE AA 35 -23.17 -37.97 -0.58
C PHE AA 35 -22.85 -39.43 -0.91
N LYS AA 36 -23.87 -40.15 -1.35
CA LYS AA 36 -23.76 -41.58 -1.64
C LYS AA 36 -23.53 -41.81 -3.13
N LEU AA 37 -22.63 -42.75 -3.45
CA LEU AA 37 -22.46 -43.24 -4.82
C LEU AA 37 -22.40 -44.77 -4.79
N GLY AA 38 -23.56 -45.41 -4.69
CA GLY AA 38 -23.59 -46.86 -4.71
C GLY AA 38 -22.89 -47.43 -3.49
N ARG AA 39 -21.90 -48.30 -3.73
CA ARG AA 39 -20.98 -48.74 -2.68
C ARG AA 39 -19.86 -47.75 -2.43
N PHE AA 40 -19.90 -46.56 -3.02
CA PHE AA 40 -18.99 -45.49 -2.71
C PHE AA 40 -19.70 -44.41 -1.90
N GLY AA 41 -18.91 -43.63 -1.17
CA GLY AA 41 -19.40 -42.43 -0.54
C GLY AA 41 -18.30 -41.39 -0.48
N ILE AA 42 -18.63 -40.14 -0.78
CA ILE AA 42 -17.69 -39.05 -0.59
C ILE AA 42 -18.30 -38.03 0.38
N ALA AA 43 -17.42 -37.25 0.99
CA ALA AA 43 -17.82 -36.16 1.88
C ALA AA 43 -16.63 -35.24 2.04
N GLY AA 44 -16.87 -33.93 1.91
CA GLY AA 44 -15.79 -32.97 1.96
C GLY AA 44 -16.23 -31.68 2.62
N ALA AA 45 -15.31 -30.72 2.64
CA ALA AA 45 -15.55 -29.41 3.23
C ALA AA 45 -14.98 -28.35 2.31
N GLY AA 46 -15.50 -27.13 2.47
CA GLY AA 46 -15.12 -26.03 1.60
C GLY AA 46 -16.34 -25.31 1.09
N ILE AA 47 -16.27 -24.79 -0.14
CA ILE AA 47 -17.46 -24.22 -0.77
C ILE AA 47 -18.41 -25.34 -1.17
N VAL AA 48 -19.70 -25.14 -0.90
CA VAL AA 48 -20.66 -26.22 -1.10
C VAL AA 48 -20.92 -26.45 -2.57
N GLY AA 49 -20.90 -25.39 -3.39
CA GLY AA 49 -21.25 -25.54 -4.79
C GLY AA 49 -20.22 -26.36 -5.55
N ASP AA 50 -18.94 -26.20 -5.21
CA ASP AA 50 -17.91 -27.04 -5.82
C ASP AA 50 -18.10 -28.51 -5.44
N ILE AA 51 -18.46 -28.77 -4.18
CA ILE AA 51 -18.65 -30.15 -3.74
C ILE AA 51 -19.85 -30.77 -4.43
N GLN AA 52 -20.95 -30.02 -4.55
CA GLN AA 52 -22.15 -30.57 -5.18
C GLN AA 52 -21.94 -30.87 -6.65
N THR AA 53 -21.27 -29.98 -7.38
CA THR AA 53 -21.02 -30.25 -8.80
C THR AA 53 -20.01 -31.36 -9.00
N LEU AA 54 -19.14 -31.61 -8.00
CA LEU AA 54 -18.22 -32.75 -8.09
C LEU AA 54 -18.91 -34.07 -7.76
N THR AA 55 -19.92 -34.06 -6.89
CA THR AA 55 -20.72 -35.25 -6.70
C THR AA 55 -21.49 -35.61 -7.96
N ARG AA 56 -21.95 -34.59 -8.68
CA ARG AA 56 -22.77 -34.81 -9.87
C ARG AA 56 -21.91 -35.24 -11.06
N ILE AA 57 -20.76 -34.59 -11.24
CA ILE AA 57 -19.84 -34.97 -12.31
C ILE AA 57 -19.32 -36.39 -12.08
N MET AA 58 -18.91 -36.70 -10.85
CA MET AA 58 -18.39 -38.03 -10.55
C MET AA 58 -19.46 -39.10 -10.68
N ASN AA 59 -20.71 -38.77 -10.35
CA ASN AA 59 -21.80 -39.73 -10.55
C ASN AA 59 -21.99 -40.02 -12.04
N VAL AA 60 -21.89 -38.98 -12.88
CA VAL AA 60 -22.04 -39.17 -14.32
C VAL AA 60 -20.93 -40.05 -14.87
N GLU AA 61 -19.68 -39.76 -14.49
CA GLU AA 61 -18.55 -40.49 -15.06
C GLU AA 61 -18.36 -41.87 -14.46
N ILE AA 62 -18.88 -42.11 -13.26
CA ILE AA 62 -18.98 -43.48 -12.77
C ILE AA 62 -19.94 -44.28 -13.64
N LYS AA 63 -21.08 -43.67 -14.00
CA LYS AA 63 -22.02 -44.31 -14.92
C LYS AA 63 -21.42 -44.44 -16.32
N TYR AA 64 -20.57 -43.49 -16.70
CA TYR AA 64 -19.85 -43.58 -17.97
C TYR AA 64 -18.97 -44.83 -18.01
N TYR AA 65 -18.12 -44.99 -16.99
CA TYR AA 65 -17.22 -46.14 -16.93
C TYR AA 65 -17.99 -47.45 -16.78
N GLU AA 66 -19.08 -47.43 -16.00
CA GLU AA 66 -19.83 -48.65 -15.72
C GLU AA 66 -20.63 -49.14 -16.93
N MET AA 67 -21.08 -48.22 -17.79
CA MET AA 67 -21.81 -48.63 -18.98
C MET AA 67 -20.91 -49.09 -20.11
N TYR AA 68 -19.66 -48.63 -20.15
CA TYR AA 68 -18.75 -49.03 -21.22
C TYR AA 68 -17.97 -50.30 -20.88
N ASN AA 69 -17.21 -50.26 -19.79
CA ASN AA 69 -16.25 -51.32 -19.53
C ASN AA 69 -16.84 -52.48 -18.74
N SER AA 70 -18.13 -52.43 -18.40
CA SER AA 70 -18.92 -53.59 -17.99
C SER AA 70 -18.39 -54.22 -16.71
N ARG AA 71 -17.95 -53.38 -15.77
CA ARG AA 71 -17.71 -53.84 -14.41
C ARG AA 71 -17.82 -52.66 -13.45
N LYS AA 72 -17.80 -52.96 -12.16
CA LYS AA 72 -17.81 -51.92 -11.16
C LYS AA 72 -16.46 -51.25 -11.08
N ILE AA 73 -16.46 -49.93 -10.91
CA ILE AA 73 -15.22 -49.16 -10.95
C ILE AA 73 -14.46 -49.34 -9.65
N SER AA 74 -13.15 -49.49 -9.76
CA SER AA 74 -12.29 -49.51 -8.59
C SER AA 74 -12.27 -48.16 -7.90
N ALA AA 75 -12.15 -48.18 -6.57
CA ALA AA 75 -12.06 -46.93 -5.83
C ALA AA 75 -10.79 -46.16 -6.18
N ARG AA 76 -9.70 -46.88 -6.49
CA ARG AA 76 -8.49 -46.22 -6.94
C ARG AA 76 -8.72 -45.55 -8.29
N ALA AA 77 -9.51 -46.18 -9.17
CA ALA AA 77 -9.74 -45.61 -10.49
C ALA AA 77 -10.58 -44.35 -10.40
N ALA AA 78 -11.61 -44.35 -9.56
CA ALA AA 78 -12.42 -43.14 -9.38
C ALA AA 78 -11.63 -42.06 -8.66
N ALA AA 79 -10.66 -42.45 -7.82
CA ALA AA 79 -9.83 -41.47 -7.15
C ALA AA 79 -8.86 -40.82 -8.13
N LYS AA 80 -8.20 -41.62 -8.96
CA LYS AA 80 -7.30 -41.08 -9.96
C LYS AA 80 -8.06 -40.24 -10.98
N LEU AA 81 -9.27 -40.66 -11.33
CA LEU AA 81 -10.14 -39.84 -12.17
C LEU AA 81 -10.45 -38.52 -11.49
N LEU AA 82 -10.81 -38.56 -10.20
CA LEU AA 82 -11.19 -37.34 -9.51
C LEU AA 82 -9.99 -36.44 -9.28
N SER AA 83 -8.79 -37.02 -9.19
CA SER AA 83 -7.58 -36.21 -9.07
C SER AA 83 -7.32 -35.46 -10.37
N VAL AA 84 -7.61 -36.07 -11.52
CA VAL AA 84 -7.43 -35.40 -12.79
C VAL AA 84 -8.49 -34.32 -12.98
N ILE AA 85 -9.72 -34.58 -12.52
CA ILE AA 85 -10.78 -33.58 -12.63
C ILE AA 85 -10.44 -32.35 -11.79
N LEU AA 86 -9.90 -32.57 -10.58
CA LEU AA 86 -9.44 -31.46 -9.78
C LEU AA 86 -8.21 -30.78 -10.38
N TYR AA 87 -7.38 -31.54 -11.09
CA TYR AA 87 -6.08 -31.02 -11.51
C TYR AA 87 -6.14 -30.29 -12.83
N GLN AA 88 -7.07 -30.66 -13.72
CA GLN AA 88 -7.21 -29.96 -14.99
C GLN AA 88 -7.60 -28.50 -14.77
N ASN AA 89 -8.39 -28.23 -13.73
CA ASN AA 89 -8.80 -26.87 -13.38
C ASN AA 89 -7.89 -26.31 -12.28
N LYS AA 90 -6.58 -26.34 -12.52
CA LYS AA 90 -5.65 -25.78 -11.54
C LYS AA 90 -5.68 -24.26 -11.56
N VAL AA 91 -5.99 -23.66 -12.71
CA VAL AA 91 -6.04 -22.20 -12.80
C VAL AA 91 -7.17 -21.65 -11.96
N LEU AA 92 -8.34 -22.32 -12.02
CA LEU AA 92 -9.52 -21.96 -11.24
C LEU AA 92 -9.88 -23.19 -10.41
N PRO AA 93 -9.24 -23.37 -9.25
CA PRO AA 93 -9.38 -24.64 -8.53
C PRO AA 93 -10.74 -24.77 -7.87
N TYR AA 94 -11.27 -25.99 -7.94
CA TYR AA 94 -12.44 -26.37 -7.17
C TYR AA 94 -12.12 -26.26 -5.68
N ILE AA 95 -12.62 -25.22 -5.01
CA ILE AA 95 -12.18 -24.92 -3.66
C ILE AA 95 -12.88 -25.85 -2.69
N SER AA 96 -12.29 -27.03 -2.48
CA SER AA 96 -12.91 -28.08 -1.67
C SER AA 96 -11.91 -29.18 -1.36
N GLU AA 97 -11.77 -29.54 -0.09
CA GLU AA 97 -11.00 -30.71 0.31
C GLU AA 97 -11.96 -31.85 0.56
N LEU AA 98 -11.62 -33.03 0.02
CA LEU AA 98 -12.57 -34.12 -0.10
C LEU AA 98 -12.04 -35.39 0.57
N LEU AA 99 -12.98 -36.22 1.03
CA LEU AA 99 -12.68 -37.55 1.54
C LEU AA 99 -13.42 -38.57 0.67
N PHE AA 100 -12.68 -39.51 0.11
CA PHE AA 100 -13.23 -40.53 -0.78
C PHE AA 100 -13.11 -41.89 -0.11
N GLY AA 101 -14.25 -42.57 0.07
CA GLY AA 101 -14.28 -43.82 0.79
C GLY AA 101 -15.06 -44.90 0.08
N GLY AA 102 -14.47 -46.10 -0.04
CA GLY AA 102 -15.14 -47.21 -0.67
C GLY AA 102 -14.49 -48.52 -0.29
N VAL AA 103 -15.06 -49.61 -0.79
CA VAL AA 103 -14.54 -50.95 -0.57
C VAL AA 103 -14.44 -51.65 -1.93
N ASP AA 104 -13.26 -52.16 -2.24
CA ASP AA 104 -13.01 -52.95 -3.44
C ASP AA 104 -12.66 -54.38 -3.05
N GLU AA 105 -12.38 -55.20 -4.06
CA GLU AA 105 -11.95 -56.57 -3.79
C GLU AA 105 -10.58 -56.61 -3.13
N ASP AA 106 -9.75 -55.58 -3.34
CA ASP AA 106 -8.49 -55.48 -2.61
C ASP AA 106 -8.69 -55.20 -1.13
N GLY AA 107 -9.81 -54.57 -0.78
CA GLY AA 107 -10.12 -54.30 0.60
C GLY AA 107 -10.72 -52.91 0.79
N PRO AA 108 -10.84 -52.48 2.05
CA PRO AA 108 -11.34 -51.13 2.31
C PRO AA 108 -10.30 -50.08 1.94
N LYS AA 109 -10.77 -48.99 1.33
CA LYS AA 109 -9.90 -47.94 0.83
C LYS AA 109 -10.47 -46.58 1.21
N LEU AA 110 -9.61 -45.72 1.76
CA LEU AA 110 -9.98 -44.37 2.13
C LEU AA 110 -8.97 -43.39 1.54
N PHE AA 111 -9.46 -42.23 1.09
CA PHE AA 111 -8.68 -41.36 0.23
C PHE AA 111 -8.91 -39.91 0.63
N ILE AA 112 -7.85 -39.12 0.54
CA ILE AA 112 -7.89 -37.68 0.83
C ILE AA 112 -7.54 -36.93 -0.45
N LEU AA 113 -8.34 -35.94 -0.81
CA LEU AA 113 -8.14 -35.16 -2.02
C LEU AA 113 -8.06 -33.68 -1.68
N ASP AA 114 -7.11 -33.00 -2.31
CA ASP AA 114 -6.91 -31.56 -2.17
C ASP AA 114 -7.49 -30.82 -3.36
N PRO AA 115 -7.73 -29.51 -3.22
CA PRO AA 115 -8.24 -28.74 -4.37
C PRO AA 115 -7.29 -28.73 -5.55
N ILE AA 116 -5.98 -28.94 -5.34
CA ILE AA 116 -5.07 -29.14 -6.46
C ILE AA 116 -5.26 -30.52 -7.06
N GLY AA 117 -5.50 -31.53 -6.23
CA GLY AA 117 -5.78 -32.86 -6.73
C GLY AA 117 -4.83 -33.94 -6.24
N SER AA 118 -4.22 -33.72 -5.08
CA SER AA 118 -3.28 -34.70 -4.52
C SER AA 118 -4.05 -35.83 -3.84
N LEU AA 119 -3.69 -37.06 -4.18
CA LEU AA 119 -4.35 -38.25 -3.64
C LEU AA 119 -3.51 -38.85 -2.51
N ILE AA 120 -4.14 -39.06 -1.36
CA ILE AA 120 -3.48 -39.63 -0.20
C ILE AA 120 -4.33 -40.79 0.31
N GLU AA 121 -3.68 -41.91 0.64
CA GLU AA 121 -4.33 -43.02 1.31
C GLU AA 121 -3.95 -43.00 2.78
N ASP AA 122 -4.95 -42.87 3.66
CA ASP AA 122 -4.75 -42.91 5.09
C ASP AA 122 -5.89 -43.69 5.73
N SER AA 123 -5.64 -44.18 6.94
CA SER AA 123 -6.65 -44.92 7.68
C SER AA 123 -7.75 -43.98 8.18
N TYR AA 124 -7.37 -42.99 8.97
CA TYR AA 124 -8.30 -42.06 9.61
C TYR AA 124 -7.94 -40.64 9.22
N ALA AA 125 -8.96 -39.81 9.03
CA ALA AA 125 -8.72 -38.45 8.55
C ALA AA 125 -9.89 -37.56 8.92
N ALA AA 126 -9.61 -36.26 8.99
CA ALA AA 126 -10.65 -35.25 9.07
C ALA AA 126 -10.26 -34.07 8.20
N VAL AA 127 -11.26 -33.31 7.79
CA VAL AA 127 -11.10 -32.28 6.75
C VAL AA 127 -12.00 -31.11 7.09
N GLY AA 128 -11.42 -29.90 7.13
CA GLY AA 128 -12.22 -28.70 7.24
C GLY AA 128 -11.82 -27.80 8.40
N SER AA 129 -12.79 -27.07 8.94
CA SER AA 129 -12.50 -26.11 10.00
C SER AA 129 -12.10 -26.82 11.29
N GLY AA 130 -13.02 -27.63 11.84
CA GLY AA 130 -12.77 -28.33 13.08
C GLY AA 130 -11.99 -29.62 12.94
N ALA AA 131 -11.37 -29.85 11.78
CA ALA AA 131 -10.65 -31.11 11.55
C ALA AA 131 -9.52 -31.27 12.55
N ARG AA 132 -8.81 -30.18 12.84
CA ARG AA 132 -7.77 -30.18 13.88
C ARG AA 132 -8.30 -30.81 15.17
N VAL AA 133 -9.44 -30.32 15.65
CA VAL AA 133 -10.02 -30.83 16.88
C VAL AA 133 -10.40 -32.31 16.72
N ALA AA 134 -11.03 -32.65 15.60
CA ALA AA 134 -11.57 -34.00 15.44
C ALA AA 134 -10.47 -35.05 15.29
N ILE AA 135 -9.40 -34.72 14.57
CA ILE AA 135 -8.29 -35.66 14.44
C ILE AA 135 -7.62 -35.90 15.78
N GLY AA 136 -7.64 -34.91 16.68
CA GLY AA 136 -7.15 -35.13 18.02
C GLY AA 136 -7.83 -36.29 18.72
N VAL AA 137 -9.17 -36.32 18.65
CA VAL AA 137 -9.91 -37.43 19.24
C VAL AA 137 -9.56 -38.74 18.55
N LEU AA 138 -9.42 -38.71 17.22
CA LEU AA 138 -9.10 -39.93 16.47
C LEU AA 138 -7.69 -40.40 16.80
N GLU AA 139 -6.76 -39.48 17.02
CA GLU AA 139 -5.38 -39.87 17.32
C GLU AA 139 -5.27 -40.47 18.73
N ALA AA 140 -6.18 -40.09 19.63
CA ALA AA 140 -6.20 -40.69 20.96
C ALA AA 140 -6.67 -42.14 20.94
N GLU AA 141 -7.67 -42.47 20.11
CA GLU AA 141 -8.38 -43.73 20.25
C GLU AA 141 -8.34 -44.66 19.04
N TYR AA 142 -7.70 -44.28 17.93
CA TYR AA 142 -7.74 -45.13 16.75
C TYR AA 142 -6.62 -46.17 16.81
N ASN AA 143 -6.98 -47.41 16.53
CA ASN AA 143 -6.05 -48.43 16.05
C ASN AA 143 -6.74 -49.21 14.93
N GLU AA 144 -6.15 -50.34 14.55
CA GLU AA 144 -6.40 -50.91 13.24
C GLU AA 144 -7.53 -51.94 13.24
N SER AA 145 -7.80 -52.58 14.37
CA SER AA 145 -8.82 -53.63 14.46
C SER AA 145 -10.07 -53.05 15.11
N LEU AA 146 -10.96 -52.48 14.29
CA LEU AA 146 -12.23 -51.94 14.74
C LEU AA 146 -13.38 -52.66 14.05
N THR AA 147 -14.58 -52.45 14.57
CA THR AA 147 -15.81 -52.81 13.87
C THR AA 147 -16.49 -51.57 13.31
N SER AA 148 -17.48 -51.80 12.44
CA SER AA 148 -18.12 -50.69 11.74
C SER AA 148 -18.91 -49.80 12.68
N GLU AA 149 -19.68 -50.39 13.59
CA GLU AA 149 -20.53 -49.59 14.47
C GLU AA 149 -19.76 -49.02 15.65
N ALA AA 150 -18.65 -49.64 16.05
CA ALA AA 150 -17.76 -49.00 17.03
C ALA AA 150 -17.08 -47.78 16.43
N ALA AA 151 -16.74 -47.84 15.14
CA ALA AA 151 -16.17 -46.68 14.46
C ALA AA 151 -17.22 -45.59 14.25
N LYS AA 152 -18.50 -45.98 14.12
CA LYS AA 152 -19.58 -45.00 14.13
C LYS AA 152 -19.60 -44.24 15.44
N GLU AA 153 -19.45 -44.95 16.55
CA GLU AA 153 -19.46 -44.34 17.87
C GLU AA 153 -18.22 -43.48 18.10
N LEU AA 154 -17.08 -43.87 17.51
CA LEU AA 154 -15.90 -43.02 17.54
C LEU AA 154 -16.11 -41.76 16.72
N ALA AA 155 -16.82 -41.86 15.59
CA ALA AA 155 -17.10 -40.70 14.78
C ALA AA 155 -18.07 -39.74 15.46
N ILE AA 156 -18.98 -40.27 16.27
CA ILE AA 156 -19.90 -39.41 17.00
C ILE AA 156 -19.16 -38.65 18.10
N LYS AA 157 -18.22 -39.31 18.77
CA LYS AA 157 -17.44 -38.62 19.80
C LYS AA 157 -16.54 -37.55 19.20
N SER AA 158 -15.87 -37.87 18.09
CA SER AA 158 -14.93 -36.93 17.49
C SER AA 158 -15.67 -35.75 16.85
N MET AA 159 -16.77 -36.01 16.14
CA MET AA 159 -17.54 -34.91 15.58
C MET AA 159 -18.20 -34.06 16.66
N LYS AA 160 -18.58 -34.67 17.79
CA LYS AA 160 -19.18 -33.90 18.87
C LYS AA 160 -18.15 -32.99 19.54
N SER AA 161 -16.91 -33.46 19.64
CA SER AA 161 -15.83 -32.59 20.11
C SER AA 161 -15.63 -31.40 19.17
N ALA AA 162 -15.70 -31.65 17.86
CA ALA AA 162 -15.56 -30.56 16.90
C ALA AA 162 -16.76 -29.63 16.92
N VAL AA 163 -17.93 -30.11 17.35
CA VAL AA 163 -19.10 -29.26 17.49
C VAL AA 163 -18.90 -28.26 18.63
N GLU AA 164 -18.38 -28.74 19.76
CA GLU AA 164 -18.24 -27.89 20.93
C GLU AA 164 -17.09 -26.88 20.82
N ARG AA 165 -16.14 -27.11 19.92
CA ARG AA 165 -14.93 -26.28 19.90
C ARG AA 165 -14.62 -25.66 18.55
N ASP AA 166 -15.50 -25.76 17.56
CA ASP AA 166 -15.30 -25.09 16.29
C ASP AA 166 -16.53 -24.25 15.96
N VAL AA 167 -16.31 -22.99 15.61
CA VAL AA 167 -17.41 -22.07 15.36
C VAL AA 167 -18.07 -22.33 14.01
N MET AA 168 -17.36 -22.95 13.08
CA MET AA 168 -17.85 -23.16 11.73
C MET AA 168 -18.61 -24.48 11.59
N SER AA 169 -18.50 -25.36 12.57
CA SER AA 169 -19.17 -26.66 12.58
C SER AA 169 -20.13 -26.76 13.75
N GLY AA 170 -20.96 -27.80 13.71
CA GLY AA 170 -21.93 -28.07 14.75
C GLY AA 170 -23.27 -28.57 14.25
N ASP AA 171 -24.34 -28.22 14.97
CA ASP AA 171 -25.71 -28.61 14.65
C ASP AA 171 -25.77 -30.11 14.44
N GLY AA 172 -26.36 -30.61 13.35
CA GLY AA 172 -26.45 -32.04 13.09
C GLY AA 172 -25.24 -32.58 12.36
N ILE AA 173 -25.13 -33.91 12.34
CA ILE AA 173 -24.01 -34.59 11.71
C ILE AA 173 -24.52 -35.85 11.01
N ASP AA 174 -24.25 -35.96 9.72
CA ASP AA 174 -24.64 -37.13 8.95
C ASP AA 174 -23.64 -38.25 9.16
N ILE AA 175 -24.12 -39.49 9.12
CA ILE AA 175 -23.26 -40.66 9.32
C ILE AA 175 -23.59 -41.69 8.25
N LEU AA 176 -22.55 -42.17 7.57
CA LEU AA 176 -22.68 -43.18 6.52
C LEU AA 176 -21.74 -44.35 6.81
N ILE AA 177 -22.23 -45.55 6.52
CA ILE AA 177 -21.49 -46.79 6.77
C ILE AA 177 -21.27 -47.49 5.43
N ILE AA 178 -20.02 -47.75 5.10
CA ILE AA 178 -19.67 -48.43 3.86
C ILE AA 178 -18.92 -49.72 4.15
N THR BA 2 -33.22 -8.29 0.96
CA THR BA 2 -34.09 -9.02 1.88
C THR BA 2 -35.19 -9.78 1.15
N ALA BA 3 -35.27 -11.07 1.45
CA ALA BA 3 -36.28 -11.95 0.87
C ALA BA 3 -36.44 -13.15 1.79
N ILE BA 4 -37.69 -13.55 2.02
CA ILE BA 4 -38.01 -14.54 3.05
C ILE BA 4 -38.87 -15.63 2.43
N GLY BA 5 -38.48 -16.88 2.64
CA GLY BA 5 -39.31 -18.02 2.30
C GLY BA 5 -39.65 -18.84 3.54
N ILE BA 6 -40.91 -19.26 3.63
CA ILE BA 6 -41.42 -20.06 4.73
C ILE BA 6 -42.09 -21.30 4.15
N LYS BA 7 -41.67 -22.48 4.62
CA LYS BA 7 -42.19 -23.74 4.13
C LYS BA 7 -43.31 -24.23 5.04
N THR BA 8 -44.51 -24.36 4.49
CA THR BA 8 -45.66 -24.94 5.18
C THR BA 8 -45.99 -26.30 4.58
N LYS BA 9 -46.71 -27.11 5.36
CA LYS BA 9 -47.09 -28.44 4.89
C LYS BA 9 -48.02 -28.41 3.68
N ASP BA 10 -48.68 -27.28 3.42
CA ASP BA 10 -49.54 -27.15 2.26
C ASP BA 10 -48.98 -26.24 1.17
N GLY BA 11 -47.80 -25.67 1.34
CA GLY BA 11 -47.24 -24.81 0.32
C GLY BA 11 -46.11 -23.95 0.86
N VAL BA 12 -45.62 -23.07 -0.01
CA VAL BA 12 -44.44 -22.27 0.23
C VAL BA 12 -44.82 -20.80 0.08
N VAL BA 13 -44.39 -19.97 1.02
CA VAL BA 13 -44.68 -18.54 1.04
C VAL BA 13 -43.38 -17.78 0.84
N LEU BA 14 -43.37 -16.86 -0.13
CA LEU BA 14 -42.23 -16.00 -0.39
C LEU BA 14 -42.63 -14.54 -0.22
N ALA BA 15 -41.69 -13.73 0.25
CA ALA BA 15 -41.91 -12.31 0.45
C ALA BA 15 -40.55 -11.60 0.43
N ALA BA 16 -40.53 -10.40 -0.14
CA ALA BA 16 -39.31 -9.63 -0.21
C ALA BA 16 -39.60 -8.13 -0.27
N GLU BA 17 -38.53 -7.36 -0.22
CA GLU BA 17 -38.59 -5.91 -0.20
C GLU BA 17 -39.02 -5.35 -1.56
N ARG BA 18 -39.17 -4.04 -1.62
CA ARG BA 18 -39.37 -3.32 -2.88
C ARG BA 18 -38.56 -2.03 -2.86
N ARG BA 19 -37.31 -2.12 -2.43
CA ARG BA 19 -36.45 -0.96 -2.24
C ARG BA 19 -35.09 -1.21 -2.87
N LEU BA 20 -34.60 -0.25 -3.65
CA LEU BA 20 -33.27 -0.30 -4.23
C LEU BA 20 -32.51 0.97 -3.88
N SER BA 21 -31.33 0.82 -3.29
CA SER BA 21 -30.48 1.95 -2.93
C SER BA 21 -29.05 1.62 -3.32
N TYR BA 22 -28.46 2.46 -4.17
CA TYR BA 22 -27.04 2.40 -4.47
C TYR BA 22 -26.30 3.38 -3.58
N GLY BA 23 -25.30 2.89 -2.85
CA GLY BA 23 -24.55 3.75 -1.96
C GLY BA 23 -25.35 4.05 -0.71
N ASP BA 24 -25.51 5.34 -0.42
CA ASP BA 24 -26.34 5.80 0.69
C ASP BA 24 -27.64 6.45 0.21
N PHE BA 25 -28.00 6.27 -1.06
CA PHE BA 25 -29.09 7.01 -1.67
C PHE BA 25 -30.09 6.06 -2.32
N VAL BA 26 -31.37 6.27 -2.02
CA VAL BA 26 -32.44 5.46 -2.58
C VAL BA 26 -32.75 5.95 -4.00
N LEU BA 27 -32.57 5.07 -4.98
CA LEU BA 27 -32.97 5.41 -6.35
C LEU BA 27 -34.45 5.17 -6.62
N SER BA 28 -35.05 4.15 -5.99
CA SER BA 28 -36.42 3.78 -6.32
C SER BA 28 -37.12 3.20 -5.10
N LYS BA 29 -38.34 3.64 -4.87
CA LYS BA 29 -39.21 3.08 -3.84
C LYS BA 29 -40.01 1.88 -4.33
N SER BA 30 -39.92 1.55 -5.62
CA SER BA 30 -40.69 0.45 -6.21
C SER BA 30 -39.78 -0.34 -7.15
N ALA BA 31 -39.05 -1.30 -6.59
CA ALA BA 31 -38.21 -2.22 -7.36
C ALA BA 31 -38.63 -3.64 -7.02
N ARG BA 32 -39.25 -4.32 -7.97
CA ARG BA 32 -39.77 -5.66 -7.74
C ARG BA 32 -38.62 -6.66 -7.61
N LYS BA 33 -38.58 -7.38 -6.50
CA LYS BA 33 -37.59 -8.42 -6.27
C LYS BA 33 -38.21 -9.80 -6.11
N VAL BA 34 -39.52 -9.93 -6.34
CA VAL BA 34 -40.21 -11.22 -6.34
C VAL BA 34 -40.80 -11.41 -7.73
N PHE BA 35 -40.57 -12.58 -8.31
CA PHE BA 35 -41.02 -12.86 -9.67
C PHE BA 35 -41.71 -14.21 -9.72
N LYS BA 36 -42.74 -14.29 -10.56
CA LYS BA 36 -43.55 -15.49 -10.73
C LYS BA 36 -43.26 -16.11 -12.08
N LEU BA 37 -43.02 -17.42 -12.11
CA LEU BA 37 -42.59 -18.11 -13.32
C LEU BA 37 -43.50 -19.29 -13.65
N GLY BA 38 -44.72 -19.29 -13.15
CA GLY BA 38 -45.64 -20.40 -13.33
C GLY BA 38 -46.24 -20.81 -12.01
N ARG BA 39 -46.02 -22.06 -11.62
CA ARG BA 39 -46.19 -22.46 -10.22
C ARG BA 39 -44.90 -22.26 -9.44
N PHE BA 40 -43.88 -21.66 -10.05
CA PHE BA 40 -42.61 -21.40 -9.40
C PHE BA 40 -42.52 -19.91 -9.06
N GLY BA 41 -42.28 -19.61 -7.79
CA GLY BA 41 -41.82 -18.29 -7.38
C GLY BA 41 -40.35 -18.34 -7.10
N ILE BA 42 -39.62 -17.35 -7.63
CA ILE BA 42 -38.29 -17.03 -7.14
C ILE BA 42 -38.26 -15.61 -6.61
N ALA BA 43 -37.30 -15.34 -5.74
CA ALA BA 43 -37.07 -14.01 -5.19
C ALA BA 43 -35.67 -14.00 -4.59
N GLY BA 44 -34.89 -12.95 -4.90
CA GLY BA 44 -33.53 -12.89 -4.42
C GLY BA 44 -33.12 -11.47 -4.11
N ALA BA 45 -31.84 -11.33 -3.73
CA ALA BA 45 -31.27 -10.04 -3.38
C ALA BA 45 -29.89 -9.94 -3.99
N GLY BA 46 -29.42 -8.70 -4.15
CA GLY BA 46 -28.16 -8.44 -4.81
C GLY BA 46 -28.29 -7.37 -5.86
N ILE BA 47 -27.52 -7.48 -6.94
CA ILE BA 47 -27.69 -6.58 -8.07
C ILE BA 47 -28.99 -6.89 -8.79
N VAL BA 48 -29.73 -5.85 -9.16
CA VAL BA 48 -31.06 -6.06 -9.71
C VAL BA 48 -30.98 -6.63 -11.12
N GLY BA 49 -29.97 -6.20 -11.88
CA GLY BA 49 -29.88 -6.63 -13.27
C GLY BA 49 -29.57 -8.11 -13.40
N ASP BA 50 -28.74 -8.63 -12.48
CA ASP BA 50 -28.48 -10.06 -12.47
C ASP BA 50 -29.74 -10.84 -12.12
N ILE BA 51 -30.52 -10.34 -11.15
CA ILE BA 51 -31.76 -11.02 -10.78
C ILE BA 51 -32.78 -10.98 -11.90
N GLN BA 52 -32.89 -9.82 -12.57
CA GLN BA 52 -33.87 -9.68 -13.64
C GLN BA 52 -33.54 -10.57 -14.84
N THR BA 53 -32.26 -10.64 -15.22
CA THR BA 53 -31.88 -11.50 -16.33
C THR BA 53 -31.96 -12.97 -15.98
N LEU BA 54 -31.87 -13.33 -14.70
CA LEU BA 54 -32.06 -14.71 -14.30
C LEU BA 54 -33.53 -15.12 -14.26
N THR BA 55 -34.43 -14.18 -13.96
CA THR BA 55 -35.85 -14.47 -14.09
C THR BA 55 -36.23 -14.71 -15.54
N ARG BA 56 -35.62 -13.95 -16.46
CA ARG BA 56 -35.98 -14.06 -17.87
C ARG BA 56 -35.35 -15.29 -18.51
N ILE BA 57 -34.09 -15.57 -18.20
CA ILE BA 57 -33.43 -16.77 -18.71
C ILE BA 57 -34.12 -18.02 -18.20
N MET BA 58 -34.42 -18.06 -16.91
CA MET BA 58 -35.08 -19.23 -16.34
C MET BA 58 -36.50 -19.39 -16.88
N ASN BA 59 -37.19 -18.27 -17.15
CA ASN BA 59 -38.50 -18.36 -17.78
C ASN BA 59 -38.40 -18.96 -19.17
N VAL BA 60 -37.36 -18.60 -19.93
CA VAL BA 60 -37.18 -19.15 -21.27
C VAL BA 60 -36.91 -20.64 -21.20
N GLU BA 61 -36.01 -21.06 -20.32
CA GLU BA 61 -35.63 -22.47 -20.28
C GLU BA 61 -36.64 -23.35 -19.56
N ILE BA 62 -37.49 -22.79 -18.71
CA ILE BA 62 -38.65 -23.54 -18.23
C ILE BA 62 -39.58 -23.84 -19.39
N LYS BA 63 -39.78 -22.86 -20.27
CA LYS BA 63 -40.57 -23.09 -21.48
C LYS BA 63 -39.86 -24.04 -22.42
N TYR BA 64 -38.52 -24.03 -22.41
CA TYR BA 64 -37.75 -24.98 -23.20
C TYR BA 64 -38.06 -26.41 -22.78
N TYR BA 65 -37.94 -26.70 -21.48
CA TYR BA 65 -38.19 -28.05 -20.98
C TYR BA 65 -39.64 -28.44 -21.16
N GLU BA 66 -40.57 -27.51 -20.99
CA GLU BA 66 -41.99 -27.84 -21.04
C GLU BA 66 -42.46 -28.11 -22.47
N MET BA 67 -41.82 -27.49 -23.47
CA MET BA 67 -42.20 -27.75 -24.86
C MET BA 67 -41.57 -29.03 -25.39
N TYR BA 68 -40.35 -29.37 -24.97
CA TYR BA 68 -39.62 -30.48 -25.56
C TYR BA 68 -39.88 -31.78 -24.80
N ASN BA 69 -39.71 -31.75 -23.48
CA ASN BA 69 -39.90 -32.92 -22.62
C ASN BA 69 -41.32 -32.88 -22.08
N SER BA 70 -42.22 -33.60 -22.76
CA SER BA 70 -43.67 -33.39 -22.73
C SER BA 70 -44.23 -32.98 -21.38
N ARG BA 71 -43.74 -33.59 -20.30
CA ARG BA 71 -44.22 -33.30 -18.96
C ARG BA 71 -43.99 -31.84 -18.58
N LYS BA 72 -44.62 -31.43 -17.49
CA LYS BA 72 -44.24 -30.19 -16.84
C LYS BA 72 -42.95 -30.41 -16.03
N ILE BA 73 -42.38 -29.33 -15.54
CA ILE BA 73 -41.05 -29.36 -14.97
C ILE BA 73 -41.17 -29.40 -13.45
N SER BA 74 -40.22 -30.07 -12.81
CA SER BA 74 -40.17 -30.16 -11.36
C SER BA 74 -39.29 -29.06 -10.80
N ALA BA 75 -39.43 -28.83 -9.48
CA ALA BA 75 -38.68 -27.75 -8.86
C ALA BA 75 -37.22 -28.14 -8.63
N ARG BA 76 -36.97 -29.43 -8.36
CA ARG BA 76 -35.58 -29.89 -8.24
C ARG BA 76 -34.85 -29.76 -9.57
N ALA BA 77 -35.56 -30.01 -10.68
CA ALA BA 77 -34.92 -29.93 -11.99
C ALA BA 77 -34.61 -28.49 -12.36
N ALA BA 78 -35.53 -27.57 -12.08
CA ALA BA 78 -35.27 -26.16 -12.36
C ALA BA 78 -34.22 -25.60 -11.40
N ALA BA 79 -34.12 -26.16 -10.19
CA ALA BA 79 -33.10 -25.72 -9.26
C ALA BA 79 -31.72 -26.18 -9.71
N LYS BA 80 -31.60 -27.45 -10.10
CA LYS BA 80 -30.32 -27.95 -10.60
C LYS BA 80 -29.93 -27.24 -11.89
N LEU BA 81 -30.91 -26.92 -12.73
CA LEU BA 81 -30.64 -26.10 -13.91
C LEU BA 81 -30.12 -24.73 -13.51
N LEU BA 82 -30.76 -24.10 -12.53
CA LEU BA 82 -30.35 -22.76 -12.13
C LEU BA 82 -29.01 -22.78 -11.42
N SER BA 83 -28.68 -23.89 -10.75
CA SER BA 83 -27.37 -24.03 -10.15
C SER BA 83 -26.28 -24.14 -11.21
N VAL BA 84 -26.58 -24.81 -12.33
CA VAL BA 84 -25.60 -24.92 -13.41
C VAL BA 84 -25.46 -23.59 -14.13
N ILE BA 85 -26.56 -22.85 -14.28
CA ILE BA 85 -26.49 -21.53 -14.91
C ILE BA 85 -25.65 -20.58 -14.06
N LEU BA 86 -25.80 -20.65 -12.74
CA LEU BA 86 -24.96 -19.85 -11.86
C LEU BA 86 -23.51 -20.34 -11.86
N TYR BA 87 -23.29 -21.65 -12.09
CA TYR BA 87 -21.97 -22.22 -11.89
C TYR BA 87 -21.10 -22.12 -13.14
N GLN BA 88 -21.70 -22.12 -14.34
CA GLN BA 88 -20.92 -21.99 -15.56
C GLN BA 88 -20.22 -20.63 -15.63
N ASN BA 89 -20.86 -19.60 -15.10
CA ASN BA 89 -20.27 -18.26 -15.05
C ASN BA 89 -19.63 -17.99 -13.69
N LYS BA 90 -18.74 -18.89 -13.26
CA LYS BA 90 -18.03 -18.70 -12.01
C LYS BA 90 -16.98 -17.61 -12.12
N VAL BA 91 -16.41 -17.42 -13.31
CA VAL BA 91 -15.37 -16.40 -13.49
C VAL BA 91 -15.96 -15.02 -13.30
N LEU BA 92 -17.15 -14.78 -13.86
CA LEU BA 92 -17.87 -13.52 -13.73
C LEU BA 92 -19.21 -13.85 -13.10
N PRO BA 93 -19.26 -13.96 -11.77
CA PRO BA 93 -20.46 -14.51 -11.12
C PRO BA 93 -21.62 -13.53 -11.15
N TYR BA 94 -22.81 -14.08 -11.38
CA TYR BA 94 -24.06 -13.35 -11.19
C TYR BA 94 -24.17 -12.96 -9.72
N ILE BA 95 -23.95 -11.69 -9.40
CA ILE BA 95 -23.83 -11.28 -8.01
C ILE BA 95 -25.22 -11.18 -7.40
N SER BA 96 -25.72 -12.31 -6.91
CA SER BA 96 -27.10 -12.41 -6.42
C SER BA 96 -27.30 -13.70 -5.64
N GLU BA 97 -27.83 -13.60 -4.43
CA GLU BA 97 -28.26 -14.76 -3.66
C GLU BA 97 -29.76 -14.92 -3.84
N LEU BA 98 -30.20 -16.15 -4.09
CA LEU BA 98 -31.54 -16.41 -4.60
C LEU BA 98 -32.30 -17.39 -3.70
N LEU BA 99 -33.62 -17.24 -3.70
CA LEU BA 99 -34.54 -18.17 -3.07
C LEU BA 99 -35.46 -18.74 -4.14
N PHE BA 100 -35.49 -20.07 -4.25
CA PHE BA 100 -36.29 -20.76 -5.26
C PHE BA 100 -37.40 -21.55 -4.55
N GLY BA 101 -38.65 -21.26 -4.91
CA GLY BA 101 -39.78 -21.86 -4.22
C GLY BA 101 -40.84 -22.42 -5.15
N GLY BA 102 -41.27 -23.64 -4.89
CA GLY BA 102 -42.29 -24.28 -5.69
C GLY BA 102 -42.90 -25.44 -4.94
N VAL BA 103 -43.90 -26.06 -5.57
CA VAL BA 103 -44.57 -27.24 -5.03
C VAL BA 103 -44.60 -28.31 -6.11
N ASP BA 104 -44.09 -29.49 -5.79
CA ASP BA 104 -44.13 -30.66 -6.66
C ASP BA 104 -45.02 -31.73 -6.04
N GLU BA 105 -45.12 -32.87 -6.74
CA GLU BA 105 -45.86 -34.00 -6.20
C GLU BA 105 -45.15 -34.62 -4.99
N ASP BA 106 -43.83 -34.43 -4.89
CA ASP BA 106 -43.11 -34.86 -3.69
C ASP BA 106 -43.47 -34.00 -2.49
N GLY BA 107 -43.89 -32.76 -2.72
CA GLY BA 107 -44.31 -31.88 -1.65
C GLY BA 107 -43.81 -30.46 -1.84
N PRO BA 108 -43.94 -29.63 -0.81
CA PRO BA 108 -43.42 -28.27 -0.89
C PRO BA 108 -41.91 -28.26 -0.82
N LYS BA 109 -41.30 -27.42 -1.65
CA LYS BA 109 -39.84 -27.37 -1.76
C LYS BA 109 -39.37 -25.92 -1.76
N LEU BA 110 -38.37 -25.62 -0.94
CA LEU BA 110 -37.77 -24.29 -0.86
C LEU BA 110 -36.26 -24.45 -0.96
N PHE BA 111 -35.62 -23.51 -1.66
CA PHE BA 111 -34.25 -23.68 -2.10
C PHE BA 111 -33.48 -22.37 -1.94
N ILE BA 112 -32.20 -22.50 -1.57
CA ILE BA 112 -31.29 -21.37 -1.43
C ILE BA 112 -30.17 -21.54 -2.44
N LEU BA 113 -29.88 -20.47 -3.18
CA LEU BA 113 -28.84 -20.50 -4.20
C LEU BA 113 -27.83 -19.38 -3.94
N ASP BA 114 -26.56 -19.71 -4.12
CA ASP BA 114 -25.46 -18.77 -3.99
C ASP BA 114 -24.98 -18.31 -5.36
N PRO BA 115 -24.25 -17.18 -5.43
CA PRO BA 115 -23.72 -16.75 -6.72
C PRO BA 115 -22.77 -17.75 -7.36
N ILE BA 116 -22.13 -18.62 -6.57
CA ILE BA 116 -21.37 -19.72 -7.13
C ILE BA 116 -22.30 -20.79 -7.70
N GLY BA 117 -23.41 -21.05 -7.00
CA GLY BA 117 -24.39 -21.98 -7.50
C GLY BA 117 -24.70 -23.15 -6.60
N SER BA 118 -24.48 -22.99 -5.29
CA SER BA 118 -24.74 -24.06 -4.33
C SER BA 118 -26.23 -24.14 -4.02
N LEU BA 119 -26.80 -25.34 -4.12
CA LEU BA 119 -28.21 -25.57 -3.88
C LEU BA 119 -28.41 -26.14 -2.48
N ILE BA 120 -29.29 -25.51 -1.71
CA ILE BA 120 -29.59 -25.93 -0.35
C ILE BA 120 -31.10 -26.05 -0.21
N GLU BA 121 -31.57 -27.15 0.37
CA GLU BA 121 -32.96 -27.30 0.77
C GLU BA 121 -33.10 -27.00 2.25
N ASP BA 122 -33.99 -26.06 2.58
CA ASP BA 122 -34.29 -25.75 3.97
C ASP BA 122 -35.74 -25.30 4.08
N SER BA 123 -36.27 -25.37 5.30
CA SER BA 123 -37.67 -24.99 5.53
C SER BA 123 -37.84 -23.48 5.41
N TYR BA 124 -37.12 -22.72 6.24
CA TYR BA 124 -37.27 -21.27 6.31
C TYR BA 124 -35.92 -20.63 6.07
N ALA BA 125 -35.93 -19.49 5.39
CA ALA BA 125 -34.68 -18.84 5.00
C ALA BA 125 -34.93 -17.36 4.74
N ALA BA 126 -33.86 -16.59 4.87
CA ALA BA 126 -33.85 -15.21 4.41
C ALA BA 126 -32.51 -14.92 3.75
N VAL BA 127 -32.50 -13.90 2.89
CA VAL BA 127 -31.39 -13.62 1.99
C VAL BA 127 -31.27 -12.12 1.83
N GLY BA 128 -30.06 -11.60 2.05
CA GLY BA 128 -29.77 -10.21 1.75
C GLY BA 128 -29.23 -9.40 2.90
N SER BA 129 -29.50 -8.10 2.91
CA SER BA 129 -28.94 -7.22 3.93
C SER BA 129 -29.54 -7.51 5.29
N GLY BA 130 -30.85 -7.33 5.43
CA GLY BA 130 -31.53 -7.55 6.68
C GLY BA 130 -31.89 -8.99 6.99
N ALA BA 131 -31.33 -9.94 6.24
CA ALA BA 131 -31.69 -11.35 6.43
C ALA BA 131 -31.33 -11.82 7.84
N ARG BA 132 -30.18 -11.36 8.35
CA ARG BA 132 -29.81 -11.63 9.73
C ARG BA 132 -30.94 -11.30 10.69
N VAL BA 133 -31.48 -10.08 10.59
CA VAL BA 133 -32.57 -9.65 11.45
C VAL BA 133 -33.80 -10.52 11.23
N ALA BA 134 -34.13 -10.77 9.96
CA ALA BA 134 -35.40 -11.44 9.65
C ALA BA 134 -35.37 -12.91 10.06
N ILE BA 135 -34.23 -13.58 9.88
CA ILE BA 135 -34.13 -14.97 10.33
C ILE BA 135 -34.24 -15.06 11.84
N GLY BA 136 -33.81 -14.01 12.55
CA GLY BA 136 -34.05 -13.94 13.98
C GLY BA 136 -35.53 -14.08 14.32
N VAL BA 137 -36.37 -13.33 13.61
CA VAL BA 137 -37.81 -13.43 13.83
C VAL BA 137 -38.31 -14.82 13.49
N LEU BA 138 -37.79 -15.40 12.40
CA LEU BA 138 -38.20 -16.75 12.01
C LEU BA 138 -37.71 -17.78 13.02
N GLU BA 139 -36.51 -17.58 13.57
CA GLU BA 139 -35.97 -18.52 14.55
C GLU BA 139 -36.69 -18.45 15.90
N ALA BA 140 -37.41 -17.35 16.16
CA ALA BA 140 -38.15 -17.22 17.41
C ALA BA 140 -39.33 -18.17 17.44
N GLU BA 141 -40.26 -18.02 16.49
CA GLU BA 141 -41.49 -18.82 16.44
C GLU BA 141 -41.63 -19.43 15.04
N TYR BA 142 -40.97 -20.57 14.83
CA TYR BA 142 -41.17 -21.39 13.64
C TYR BA 142 -41.70 -22.74 14.06
N ASN BA 143 -42.86 -23.12 13.53
CA ASN BA 143 -43.38 -24.47 13.63
C ASN BA 143 -43.37 -25.13 12.26
N GLU BA 144 -43.11 -26.45 12.25
CA GLU BA 144 -43.31 -27.21 11.03
C GLU BA 144 -44.77 -27.27 10.61
N SER BA 145 -45.69 -27.13 11.57
CA SER BA 145 -47.13 -27.21 11.30
C SER BA 145 -47.72 -25.80 11.30
N LEU BA 146 -47.69 -25.15 10.14
CA LEU BA 146 -48.28 -23.83 9.96
C LEU BA 146 -49.36 -23.89 8.88
N THR BA 147 -50.15 -22.83 8.79
CA THR BA 147 -51.02 -22.60 7.65
C THR BA 147 -50.44 -21.53 6.75
N SER BA 148 -51.01 -21.42 5.55
CA SER BA 148 -50.44 -20.52 4.55
C SER BA 148 -50.59 -19.06 4.96
N GLU BA 149 -51.76 -18.68 5.48
CA GLU BA 149 -52.00 -17.29 5.83
C GLU BA 149 -51.42 -16.91 7.19
N ALA BA 150 -51.23 -17.89 8.09
CA ALA BA 150 -50.46 -17.63 9.30
C ALA BA 150 -48.99 -17.44 8.97
N ALA BA 151 -48.47 -18.17 7.99
CA ALA BA 151 -47.10 -17.96 7.55
C ALA BA 151 -46.97 -16.64 6.81
N LYS BA 152 -48.03 -16.18 6.15
CA LYS BA 152 -48.05 -14.83 5.61
C LYS BA 152 -47.86 -13.79 6.69
N GLU BA 153 -48.57 -13.95 7.81
CA GLU BA 153 -48.45 -13.00 8.91
C GLU BA 153 -47.09 -13.09 9.58
N LEU BA 154 -46.49 -14.28 9.63
CA LEU BA 154 -45.13 -14.41 10.13
C LEU BA 154 -44.15 -13.71 9.21
N ALA BA 155 -44.37 -13.80 7.89
CA ALA BA 155 -43.49 -13.12 6.95
C ALA BA 155 -43.63 -11.61 7.02
N ILE BA 156 -44.83 -11.11 7.35
CA ILE BA 156 -45.01 -9.67 7.51
C ILE BA 156 -44.31 -9.17 8.77
N LYS BA 157 -44.36 -9.96 9.85
CA LYS BA 157 -43.68 -9.57 11.08
C LYS BA 157 -42.17 -9.57 10.88
N SER BA 158 -41.63 -10.59 10.21
CA SER BA 158 -40.19 -10.68 10.02
C SER BA 158 -39.69 -9.62 9.04
N MET BA 159 -40.43 -9.38 7.95
CA MET BA 159 -40.04 -8.32 7.02
C MET BA 159 -40.17 -6.94 7.65
N LYS BA 160 -41.14 -6.75 8.55
CA LYS BA 160 -41.29 -5.46 9.21
C LYS BA 160 -40.15 -5.21 10.20
N SER BA 161 -39.68 -6.27 10.87
CA SER BA 161 -38.50 -6.15 11.71
C SER BA 161 -37.27 -5.76 10.89
N ALA BA 162 -37.11 -6.35 9.71
CA ALA BA 162 -35.97 -6.03 8.85
C ALA BA 162 -36.08 -4.62 8.28
N VAL BA 163 -37.30 -4.09 8.15
CA VAL BA 163 -37.47 -2.72 7.69
C VAL BA 163 -36.99 -1.74 8.76
N GLU BA 164 -37.31 -2.00 10.02
CA GLU BA 164 -36.98 -1.07 11.10
C GLU BA 164 -35.50 -1.08 11.48
N ARG BA 165 -34.74 -2.12 11.13
CA ARG BA 165 -33.36 -2.28 11.59
C ARG BA 165 -32.35 -2.46 10.47
N ASP BA 166 -32.75 -2.35 9.21
CA ASP BA 166 -31.81 -2.40 8.11
C ASP BA 166 -32.00 -1.18 7.24
N VAL BA 167 -30.89 -0.50 6.93
CA VAL BA 167 -30.95 0.74 6.18
C VAL BA 167 -31.21 0.48 4.71
N MET BA 168 -30.91 -0.73 4.25
CA MET BA 168 -31.01 -1.07 2.84
C MET BA 168 -32.38 -1.59 2.44
N SER BA 169 -33.20 -2.04 3.39
CA SER BA 169 -34.53 -2.56 3.09
C SER BA 169 -35.62 -1.88 3.89
N GLY BA 170 -36.62 -1.34 3.20
CA GLY BA 170 -37.73 -0.72 3.89
C GLY BA 170 -38.96 -0.50 3.03
N ASP BA 171 -40.09 -0.35 3.71
CA ASP BA 171 -41.38 0.02 3.11
C ASP BA 171 -41.76 -0.84 1.89
N GLY BA 172 -41.66 -2.16 2.04
CA GLY BA 172 -42.03 -3.02 0.93
C GLY BA 172 -43.11 -4.04 1.25
N ILE BA 173 -44.15 -4.11 0.41
CA ILE BA 173 -45.22 -5.10 0.57
C ILE BA 173 -45.25 -5.93 -0.71
N ASP BA 174 -44.47 -7.01 -0.72
CA ASP BA 174 -44.49 -8.01 -1.80
C ASP BA 174 -44.52 -9.39 -1.16
N ILE BA 175 -45.68 -10.06 -1.22
CA ILE BA 175 -45.84 -11.38 -0.62
C ILE BA 175 -46.41 -12.32 -1.68
N LEU BA 176 -45.65 -13.37 -1.99
CA LEU BA 176 -46.05 -14.38 -2.96
C LEU BA 176 -46.26 -15.72 -2.26
N ILE BA 177 -47.16 -16.53 -2.80
CA ILE BA 177 -47.39 -17.88 -2.30
C ILE BA 177 -47.37 -18.88 -3.46
#